data_2MLX
#
_entry.id   2MLX
#
loop_
_entity.id
_entity.type
_entity.pdbx_description
1 polymer 'Trigger factor'
2 polymer 'Alkaline phosphatase'
#
loop_
_entity_poly.entity_id
_entity_poly.type
_entity_poly.pdbx_seq_one_letter_code
_entity_poly.pdbx_strand_id
1 'polypeptide(L)'
;MNHKVHHHHHHMQVSVETTQGLGRRVTITIAADSIETAVKSELVNVAKKVRIDGFRKGKVPMNIVAQRYGASVRQDVLGD
LMSRNFIDAIIKEKINPAGAPTYVPGEYKLGEDFTYSVEFEVYPEVELQGLEAIEVEKPIVEVTDADVDGMLDTLRKQQA
TWKEKDGAVEAEDRVTIDFTGSVDGEEFEGGKASDFVLAMGQGRMIPGFEDGIKGHKAGEEFTIDVTFPEEYHAENLKGK
AAKFAINLKKVEERELPELTAEFIKRFGVEDGSVEGLRAEVRKNMERELKSAIRNRVKSQAIEGLVKANDIDVPAALIDS
EIDVLRRQAAQRFGGNEKQALELPRELFEEQAKRRVVVGLLLGEVIRTNELKADEERVKGLIEEMASAYEDPKEVIEFYS
KNKELMDNMRNVALEEQAVEAVLAKAKVTEKETTFNELMNQQA
;
A
2 'polypeptide(L)'
;HMARADVTLGGGAKTFAETATAGEWQGKTLREQAQARGYQLVSDAASLNSVTEANQQKPLLGLFADGNMPVRWLGPKATY
HGNIDKPAVTCTP
;
B
#
# COMPACT_ATOMS: atom_id res chain seq x y z
N MET A 12 23.68 -7.05 -39.60
CA MET A 12 23.15 -5.79 -39.00
C MET A 12 24.26 -5.10 -38.19
N GLN A 13 24.49 -3.81 -38.49
CA GLN A 13 25.44 -2.98 -37.73
C GLN A 13 24.75 -2.42 -36.49
N VAL A 14 25.12 -2.93 -35.30
CA VAL A 14 24.58 -2.47 -34.02
C VAL A 14 25.60 -1.56 -33.30
N SER A 15 25.10 -0.49 -32.66
CA SER A 15 25.94 0.43 -31.85
C SER A 15 25.65 0.23 -30.34
N VAL A 16 26.28 1.06 -29.49
CA VAL A 16 26.14 1.00 -28.02
C VAL A 16 26.15 2.43 -27.45
N GLU A 17 25.67 3.37 -28.30
CA GLU A 17 25.74 4.83 -28.07
C GLU A 17 25.16 5.25 -26.71
N THR A 18 26.02 5.25 -25.69
CA THR A 18 25.67 5.64 -24.32
C THR A 18 25.51 7.17 -24.28
N THR A 19 24.29 7.62 -24.61
CA THR A 19 23.95 9.04 -24.77
C THR A 19 23.53 9.64 -23.41
N GLN A 20 22.43 9.12 -22.86
CA GLN A 20 21.83 9.63 -21.61
C GLN A 20 22.40 8.87 -20.37
N GLY A 21 23.58 8.26 -20.52
CA GLY A 21 24.23 7.50 -19.44
C GLY A 21 23.55 6.16 -19.21
N LEU A 22 22.36 6.20 -18.62
CA LEU A 22 21.44 5.07 -18.52
C LEU A 22 20.95 4.72 -19.94
N GLY A 23 20.49 5.77 -20.65
CA GLY A 23 19.99 5.65 -22.02
C GLY A 23 21.07 5.30 -23.03
N ARG A 24 21.12 4.01 -23.41
CA ARG A 24 21.99 3.50 -24.48
C ARG A 24 21.19 3.30 -25.77
N ARG A 25 21.80 3.69 -26.89
CA ARG A 25 21.21 3.62 -28.23
C ARG A 25 21.90 2.52 -29.03
N VAL A 26 21.21 1.38 -29.18
CA VAL A 26 21.66 0.32 -30.10
C VAL A 26 20.95 0.55 -31.45
N THR A 27 21.61 1.36 -32.29
CA THR A 27 21.19 1.63 -33.66
C THR A 27 21.44 0.38 -34.52
N ILE A 28 20.39 -0.44 -34.66
CA ILE A 28 20.44 -1.69 -35.44
C ILE A 28 20.19 -1.35 -36.92
N THR A 29 21.23 -1.54 -37.73
CA THR A 29 21.23 -1.20 -39.15
C THR A 29 21.11 -2.51 -39.95
N ILE A 30 19.87 -3.04 -40.01
CA ILE A 30 19.54 -4.27 -40.76
C ILE A 30 19.72 -4.02 -42.27
N ALA A 31 20.80 -4.58 -42.85
CA ALA A 31 21.08 -4.47 -44.28
C ALA A 31 20.10 -5.32 -45.11
N ALA A 32 20.06 -5.06 -46.43
CA ALA A 32 19.08 -5.63 -47.37
C ALA A 32 19.12 -7.16 -47.45
N ASP A 33 20.24 -7.78 -47.02
CA ASP A 33 20.40 -9.24 -46.98
C ASP A 33 19.40 -9.88 -45.99
N SER A 34 19.22 -9.21 -44.84
CA SER A 34 18.33 -9.69 -43.78
C SER A 34 16.90 -9.14 -43.96
N ILE A 35 16.78 -7.94 -44.57
CA ILE A 35 15.47 -7.35 -44.94
C ILE A 35 14.73 -8.30 -45.89
N GLU A 36 15.29 -8.46 -47.10
CA GLU A 36 14.63 -9.12 -48.23
C GLU A 36 14.41 -10.63 -47.98
N THR A 37 15.22 -11.24 -47.09
CA THR A 37 15.04 -12.65 -46.69
C THR A 37 13.86 -12.79 -45.69
N ALA A 38 13.85 -11.95 -44.63
CA ALA A 38 12.84 -12.03 -43.54
C ALA A 38 11.42 -11.62 -44.01
N VAL A 39 11.36 -10.65 -44.94
CA VAL A 39 10.09 -10.27 -45.60
C VAL A 39 9.58 -11.44 -46.45
N LYS A 40 10.52 -12.04 -47.20
CA LYS A 40 10.23 -13.19 -48.09
C LYS A 40 9.83 -14.45 -47.28
N SER A 41 10.32 -14.55 -46.03
CA SER A 41 9.96 -15.65 -45.11
C SER A 41 8.44 -15.64 -44.83
N GLU A 42 7.89 -14.43 -44.67
CA GLU A 42 6.45 -14.25 -44.46
C GLU A 42 5.68 -14.49 -45.77
N LEU A 43 6.20 -13.95 -46.88
CA LEU A 43 5.55 -14.01 -48.20
C LEU A 43 5.35 -15.45 -48.70
N VAL A 44 6.38 -16.31 -48.53
CA VAL A 44 6.29 -17.72 -48.92
C VAL A 44 5.30 -18.48 -48.01
N ASN A 45 5.20 -18.03 -46.74
CA ASN A 45 4.23 -18.57 -45.77
C ASN A 45 2.80 -18.12 -46.09
N VAL A 46 2.62 -16.90 -46.66
CA VAL A 46 1.28 -16.39 -47.04
C VAL A 46 0.65 -17.30 -48.10
N ALA A 47 1.48 -17.71 -49.08
CA ALA A 47 1.08 -18.64 -50.15
C ALA A 47 0.60 -19.98 -49.57
N LYS A 48 1.32 -20.47 -48.56
CA LYS A 48 1.03 -21.78 -47.91
C LYS A 48 -0.15 -21.68 -46.93
N LYS A 49 -0.34 -20.49 -46.36
CA LYS A 49 -1.37 -20.20 -45.34
C LYS A 49 -2.75 -20.11 -45.99
N VAL A 50 -2.79 -19.59 -47.22
CA VAL A 50 -4.03 -19.49 -48.02
C VAL A 50 -4.11 -20.68 -49.04
N ARG A 51 -3.06 -21.53 -49.06
CA ARG A 51 -2.94 -22.76 -49.89
C ARG A 51 -2.72 -22.45 -51.40
N ILE A 52 -2.44 -21.17 -51.72
CA ILE A 52 -2.18 -20.70 -53.10
C ILE A 52 -0.85 -21.29 -53.66
N ASP A 53 0.03 -21.75 -52.74
CA ASP A 53 1.33 -22.39 -53.09
C ASP A 53 1.13 -23.65 -53.96
N GLY A 54 0.01 -24.37 -53.72
CA GLY A 54 -0.37 -25.55 -54.50
C GLY A 54 -0.70 -25.21 -55.96
N PHE A 55 -1.19 -23.98 -56.17
CA PHE A 55 -1.56 -23.46 -57.50
C PHE A 55 -0.37 -22.72 -58.14
N ARG A 56 0.53 -22.20 -57.29
CA ARG A 56 1.72 -21.48 -57.74
C ARG A 56 2.77 -22.47 -58.25
N LYS A 57 2.90 -22.55 -59.58
CA LYS A 57 3.83 -23.46 -60.28
C LYS A 57 5.31 -23.08 -60.01
N GLY A 58 5.53 -21.83 -59.57
CA GLY A 58 6.88 -21.30 -59.36
C GLY A 58 7.46 -20.63 -60.60
N LYS A 59 6.61 -20.51 -61.64
CA LYS A 59 6.96 -19.85 -62.93
C LYS A 59 7.42 -18.41 -62.68
N VAL A 60 6.61 -17.66 -61.92
CA VAL A 60 6.91 -16.29 -61.49
C VAL A 60 7.95 -16.37 -60.34
N PRO A 61 9.21 -15.84 -60.51
CA PRO A 61 10.22 -15.83 -59.45
C PRO A 61 9.78 -14.95 -58.26
N MET A 62 10.15 -15.37 -57.04
CA MET A 62 9.64 -14.79 -55.78
C MET A 62 9.98 -13.29 -55.67
N ASN A 63 11.09 -12.87 -56.29
CA ASN A 63 11.55 -11.47 -56.28
C ASN A 63 10.50 -10.48 -56.81
N ILE A 64 9.75 -10.88 -57.87
CA ILE A 64 8.67 -10.06 -58.44
C ILE A 64 7.57 -9.80 -57.40
N VAL A 65 7.09 -10.89 -56.78
CA VAL A 65 5.99 -10.83 -55.80
C VAL A 65 6.49 -10.42 -54.39
N ALA A 66 7.82 -10.24 -54.24
CA ALA A 66 8.45 -9.85 -52.95
C ALA A 66 8.58 -8.34 -52.82
N GLN A 67 9.13 -7.71 -53.87
CA GLN A 67 9.36 -6.25 -53.88
C GLN A 67 8.11 -5.47 -54.35
N ARG A 68 7.44 -5.98 -55.40
CA ARG A 68 6.29 -5.30 -56.04
C ARG A 68 5.00 -5.59 -55.25
N TYR A 69 4.54 -6.84 -55.34
CA TYR A 69 3.27 -7.28 -54.71
C TYR A 69 3.41 -7.38 -53.18
N GLY A 70 4.63 -7.70 -52.73
CA GLY A 70 4.93 -7.81 -51.32
C GLY A 70 5.21 -6.47 -50.65
N ALA A 71 5.19 -5.36 -51.43
CA ALA A 71 5.48 -3.98 -50.92
C ALA A 71 4.58 -3.60 -49.73
N SER A 72 3.31 -4.03 -49.79
CA SER A 72 2.33 -3.83 -48.72
C SER A 72 2.72 -4.64 -47.46
N VAL A 73 3.20 -5.88 -47.69
CA VAL A 73 3.54 -6.84 -46.63
C VAL A 73 4.87 -6.46 -45.92
N ARG A 74 5.74 -5.69 -46.61
CA ARG A 74 7.04 -5.23 -46.05
C ARG A 74 6.84 -4.38 -44.78
N GLN A 75 5.66 -3.70 -44.74
CA GLN A 75 5.22 -2.92 -43.58
C GLN A 75 4.91 -3.84 -42.38
N ASP A 76 4.25 -4.97 -42.66
CA ASP A 76 3.86 -5.99 -41.64
C ASP A 76 5.11 -6.63 -41.00
N VAL A 77 6.21 -6.71 -41.76
CA VAL A 77 7.46 -7.36 -41.29
C VAL A 77 8.34 -6.38 -40.47
N LEU A 78 8.01 -5.06 -40.49
CA LEU A 78 8.78 -4.01 -39.77
C LEU A 78 8.89 -4.31 -38.26
N GLY A 79 7.75 -4.63 -37.63
CA GLY A 79 7.70 -4.93 -36.19
C GLY A 79 8.43 -6.24 -35.83
N ASP A 80 8.36 -7.21 -36.76
CA ASP A 80 9.09 -8.50 -36.64
C ASP A 80 10.61 -8.28 -36.63
N LEU A 81 11.06 -7.39 -37.54
CA LEU A 81 12.47 -6.99 -37.66
C LEU A 81 12.93 -6.22 -36.40
N MET A 82 12.11 -5.26 -35.97
CA MET A 82 12.44 -4.39 -34.82
C MET A 82 12.47 -5.17 -33.50
N SER A 83 11.58 -6.16 -33.36
CA SER A 83 11.41 -6.91 -32.09
C SER A 83 12.51 -7.98 -31.92
N ARG A 84 12.51 -8.97 -32.83
CA ARG A 84 13.33 -10.18 -32.67
C ARG A 84 14.84 -9.89 -32.82
N ASN A 85 15.18 -9.00 -33.77
CA ASN A 85 16.59 -8.62 -34.03
C ASN A 85 17.15 -7.75 -32.88
N PHE A 86 16.25 -7.05 -32.15
CA PHE A 86 16.64 -6.25 -30.97
C PHE A 86 17.02 -7.15 -29.80
N ILE A 87 16.10 -8.04 -29.41
CA ILE A 87 16.28 -8.91 -28.25
C ILE A 87 17.47 -9.88 -28.48
N ASP A 88 17.67 -10.28 -29.75
CA ASP A 88 18.83 -11.07 -30.19
C ASP A 88 20.14 -10.28 -29.95
N ALA A 89 20.14 -9.01 -30.41
CA ALA A 89 21.31 -8.12 -30.34
C ALA A 89 21.78 -7.89 -28.89
N ILE A 90 20.89 -7.38 -28.04
CA ILE A 90 21.23 -6.93 -26.66
C ILE A 90 21.77 -8.07 -25.76
N ILE A 91 21.32 -9.31 -26.00
CA ILE A 91 21.78 -10.49 -25.23
C ILE A 91 23.27 -10.79 -25.54
N LYS A 92 23.61 -10.87 -26.83
CA LYS A 92 25.01 -11.15 -27.26
C LYS A 92 25.93 -9.93 -27.03
N GLU A 93 25.32 -8.72 -26.97
CA GLU A 93 26.03 -7.47 -26.63
C GLU A 93 26.16 -7.28 -25.10
N LYS A 94 25.56 -8.21 -24.32
CA LYS A 94 25.64 -8.26 -22.84
C LYS A 94 24.94 -7.03 -22.19
N ILE A 95 24.11 -6.33 -22.98
CA ILE A 95 23.36 -5.14 -22.54
C ILE A 95 21.99 -5.57 -22.00
N ASN A 96 21.77 -5.47 -20.69
CA ASN A 96 20.46 -5.73 -20.07
C ASN A 96 19.63 -4.44 -20.02
N PRO A 97 18.43 -4.38 -20.70
CA PRO A 97 17.54 -3.19 -20.67
C PRO A 97 16.81 -3.01 -19.31
N ALA A 98 16.15 -1.85 -19.17
CA ALA A 98 15.35 -1.49 -17.99
C ALA A 98 14.18 -0.59 -18.41
N GLY A 99 12.96 -0.94 -17.96
CA GLY A 99 11.75 -0.19 -18.29
C GLY A 99 11.18 -0.60 -19.66
N ALA A 100 11.49 0.20 -20.72
CA ALA A 100 10.92 -0.02 -22.07
C ALA A 100 11.83 0.64 -23.15
N PRO A 101 12.03 -0.03 -24.33
CA PRO A 101 12.86 0.51 -25.44
C PRO A 101 12.08 1.41 -26.45
N THR A 102 12.70 2.54 -26.83
CA THR A 102 12.15 3.49 -27.82
C THR A 102 12.83 3.28 -29.19
N TYR A 103 12.06 2.79 -30.18
CA TYR A 103 12.58 2.52 -31.54
C TYR A 103 12.43 3.78 -32.40
N VAL A 104 13.56 4.35 -32.83
CA VAL A 104 13.59 5.51 -33.75
C VAL A 104 13.93 4.99 -35.16
N PRO A 105 12.91 4.65 -36.02
CA PRO A 105 13.18 4.07 -37.34
C PRO A 105 13.69 5.13 -38.33
N GLY A 106 15.02 5.16 -38.54
CA GLY A 106 15.69 6.09 -39.46
C GLY A 106 15.11 6.05 -40.86
N GLU A 107 15.15 4.87 -41.50
CA GLU A 107 14.54 4.63 -42.83
C GLU A 107 14.44 3.13 -43.12
N TYR A 108 13.40 2.78 -43.91
CA TYR A 108 13.22 1.44 -44.45
C TYR A 108 13.05 1.57 -45.97
N LYS A 109 13.98 0.96 -46.73
CA LYS A 109 13.95 0.94 -48.20
C LYS A 109 14.49 -0.40 -48.70
N LEU A 110 14.16 -0.72 -49.96
CA LEU A 110 14.77 -1.84 -50.68
C LEU A 110 16.13 -1.39 -51.23
N GLY A 111 17.16 -2.22 -51.04
CA GLY A 111 18.53 -1.88 -51.44
C GLY A 111 19.30 -1.22 -50.31
N GLU A 112 18.71 -0.18 -49.70
CA GLU A 112 19.33 0.52 -48.55
C GLU A 112 19.04 -0.25 -47.24
N ASP A 113 19.68 0.21 -46.16
CA ASP A 113 19.67 -0.48 -44.87
C ASP A 113 18.52 0.04 -43.97
N PHE A 114 17.73 -0.91 -43.42
CA PHE A 114 16.72 -0.62 -42.39
C PHE A 114 17.42 -0.25 -41.08
N THR A 115 17.70 1.04 -40.94
CA THR A 115 18.38 1.61 -39.78
C THR A 115 17.32 2.07 -38.76
N TYR A 116 17.42 1.61 -37.50
CA TYR A 116 16.51 2.03 -36.42
C TYR A 116 17.29 2.10 -35.08
N SER A 117 17.32 3.32 -34.52
CA SER A 117 18.03 3.63 -33.28
C SER A 117 17.16 3.31 -32.05
N VAL A 118 17.38 2.13 -31.45
CA VAL A 118 16.62 1.73 -30.26
C VAL A 118 17.28 2.31 -29.00
N GLU A 119 16.71 3.42 -28.50
CA GLU A 119 17.19 4.11 -27.31
C GLU A 119 16.42 3.61 -26.06
N PHE A 120 17.10 2.88 -25.20
CA PHE A 120 16.55 2.27 -23.98
C PHE A 120 17.53 2.46 -22.83
N GLU A 121 17.00 2.55 -21.62
CA GLU A 121 17.81 2.76 -20.41
C GLU A 121 18.20 1.42 -19.78
N VAL A 122 19.38 1.38 -19.14
CA VAL A 122 19.95 0.16 -18.51
C VAL A 122 20.27 0.45 -17.03
N TYR A 123 20.67 -0.60 -16.28
CA TYR A 123 21.08 -0.45 -14.87
C TYR A 123 22.49 0.18 -14.77
N PRO A 124 22.74 1.12 -13.81
CA PRO A 124 24.09 1.65 -13.52
C PRO A 124 24.88 0.79 -12.51
N GLU A 125 26.11 1.22 -12.20
CA GLU A 125 26.92 0.59 -11.16
C GLU A 125 26.37 1.03 -9.79
N VAL A 126 25.55 0.14 -9.17
CA VAL A 126 24.87 0.42 -7.91
C VAL A 126 25.88 0.55 -6.76
N GLU A 127 26.14 1.80 -6.36
CA GLU A 127 27.05 2.12 -5.26
C GLU A 127 26.43 1.67 -3.91
N LEU A 128 27.07 0.67 -3.29
CA LEU A 128 26.74 0.21 -1.94
C LEU A 128 27.85 0.65 -0.98
N GLN A 129 27.48 1.27 0.16
CA GLN A 129 28.42 1.80 1.16
C GLN A 129 27.75 1.84 2.54
N GLY A 130 28.59 1.74 3.61
CA GLY A 130 28.14 1.90 5.00
C GLY A 130 27.02 0.97 5.42
N LEU A 131 26.89 -0.18 4.73
CA LEU A 131 25.80 -1.14 4.97
C LEU A 131 25.94 -1.83 6.34
N GLU A 132 27.16 -1.80 6.87
CA GLU A 132 27.48 -2.24 8.23
C GLU A 132 27.18 -1.13 9.24
N ALA A 133 27.24 0.13 8.78
CA ALA A 133 27.05 1.31 9.64
C ALA A 133 25.55 1.55 9.94
N ILE A 134 24.69 1.02 9.07
CA ILE A 134 23.22 1.13 9.19
C ILE A 134 22.74 0.44 10.48
N GLU A 135 22.20 1.22 11.42
CA GLU A 135 21.66 0.71 12.69
C GLU A 135 20.13 0.53 12.57
N VAL A 136 19.68 -0.73 12.48
CA VAL A 136 18.26 -1.07 12.34
C VAL A 136 17.72 -1.62 13.66
N GLU A 137 16.60 -1.05 14.14
CA GLU A 137 15.95 -1.47 15.39
C GLU A 137 15.17 -2.78 15.18
N LYS A 138 15.29 -3.69 16.16
CA LYS A 138 14.56 -4.96 16.19
C LYS A 138 13.73 -5.03 17.49
N PRO A 139 12.42 -4.65 17.45
CA PRO A 139 11.55 -4.75 18.62
C PRO A 139 11.05 -6.20 18.85
N ILE A 140 11.60 -6.85 19.88
CA ILE A 140 11.11 -8.15 20.38
C ILE A 140 9.79 -7.90 21.13
N VAL A 141 8.72 -7.86 20.34
CA VAL A 141 7.36 -7.60 20.80
C VAL A 141 6.63 -8.95 20.98
N GLU A 142 5.85 -9.11 22.07
CA GLU A 142 4.94 -10.25 22.24
C GLU A 142 3.74 -9.86 23.10
N VAL A 143 2.70 -10.71 23.08
CA VAL A 143 1.44 -10.46 23.80
C VAL A 143 1.50 -11.07 25.22
N THR A 144 2.14 -10.31 26.16
CA THR A 144 2.24 -10.71 27.58
C THR A 144 0.86 -10.65 28.26
N ASP A 145 0.75 -11.12 29.52
CA ASP A 145 -0.52 -11.05 30.29
C ASP A 145 -1.01 -9.61 30.44
N ALA A 146 -0.07 -8.66 30.57
CA ALA A 146 -0.37 -7.22 30.62
C ALA A 146 -1.11 -6.77 29.33
N ASP A 147 -0.61 -7.28 28.19
CA ASP A 147 -1.18 -6.98 26.86
C ASP A 147 -2.51 -7.70 26.64
N VAL A 148 -2.65 -8.94 27.16
CA VAL A 148 -3.88 -9.73 26.99
C VAL A 148 -5.03 -9.06 27.76
N ASP A 149 -4.82 -8.83 29.07
CA ASP A 149 -5.79 -8.14 29.94
C ASP A 149 -6.08 -6.74 29.40
N GLY A 150 -5.02 -6.01 29.02
CA GLY A 150 -5.15 -4.68 28.41
C GLY A 150 -6.00 -4.69 27.13
N MET A 151 -5.79 -5.73 26.30
CA MET A 151 -6.52 -5.92 25.02
C MET A 151 -8.01 -6.14 25.27
N LEU A 152 -8.33 -7.12 26.14
CA LEU A 152 -9.72 -7.51 26.46
C LEU A 152 -10.48 -6.33 27.09
N ASP A 153 -9.78 -5.62 27.99
CA ASP A 153 -10.32 -4.43 28.68
C ASP A 153 -10.64 -3.30 27.69
N THR A 154 -9.71 -3.07 26.74
CA THR A 154 -9.91 -2.08 25.66
C THR A 154 -11.12 -2.45 24.78
N LEU A 155 -11.25 -3.75 24.45
CA LEU A 155 -12.37 -4.27 23.64
C LEU A 155 -13.71 -3.96 24.33
N ARG A 156 -13.78 -4.28 25.64
CA ARG A 156 -14.98 -4.04 26.45
C ARG A 156 -15.27 -2.54 26.61
N LYS A 157 -14.23 -1.71 26.71
CA LYS A 157 -14.37 -0.22 26.81
C LYS A 157 -14.85 0.40 25.50
N GLN A 158 -14.37 -0.11 24.36
CA GLN A 158 -14.74 0.40 23.02
C GLN A 158 -16.17 -0.06 22.65
N GLN A 159 -16.56 -1.26 23.12
CA GLN A 159 -17.91 -1.83 22.89
C GLN A 159 -18.82 -1.62 24.12
N ALA A 160 -18.48 -0.65 24.98
CA ALA A 160 -19.22 -0.38 26.23
C ALA A 160 -20.51 0.40 25.99
N THR A 161 -21.56 0.02 26.74
CA THR A 161 -22.88 0.68 26.69
C THR A 161 -22.87 1.90 27.62
N TRP A 162 -23.33 3.05 27.11
CA TRP A 162 -23.32 4.32 27.83
C TRP A 162 -24.46 4.38 28.86
N LYS A 163 -24.09 4.33 30.15
CA LYS A 163 -25.01 4.35 31.29
C LYS A 163 -24.96 5.72 31.98
N GLU A 164 -26.07 6.48 31.91
CA GLU A 164 -26.18 7.80 32.56
C GLU A 164 -26.06 7.64 34.10
N LYS A 165 -25.05 8.31 34.66
CA LYS A 165 -24.77 8.31 36.11
C LYS A 165 -24.67 9.74 36.63
N ASP A 166 -24.34 9.85 37.92
CA ASP A 166 -24.11 11.13 38.60
C ASP A 166 -22.97 10.95 39.62
N GLY A 167 -22.32 12.05 40.01
CA GLY A 167 -21.38 12.04 41.13
C GLY A 167 -19.96 12.43 40.76
N ALA A 168 -19.37 11.80 39.72
CA ALA A 168 -17.93 11.98 39.41
C ALA A 168 -17.63 11.79 37.91
N VAL A 169 -16.81 12.72 37.36
CA VAL A 169 -16.24 12.60 36.00
C VAL A 169 -14.94 11.78 36.07
N GLU A 170 -14.90 10.62 35.38
CA GLU A 170 -13.67 9.86 35.16
C GLU A 170 -13.04 10.33 33.82
N ALA A 171 -11.76 10.02 33.65
CA ALA A 171 -10.90 10.57 32.58
C ALA A 171 -11.34 10.15 31.16
N GLU A 172 -12.09 9.05 31.06
CA GLU A 172 -12.48 8.44 29.77
C GLU A 172 -14.00 8.30 29.64
N ASP A 173 -14.76 9.05 30.47
CA ASP A 173 -16.23 8.96 30.49
C ASP A 173 -16.89 9.64 29.27
N ARG A 174 -18.22 9.64 29.28
CA ARG A 174 -19.05 10.36 28.32
C ARG A 174 -19.86 11.41 29.10
N VAL A 175 -19.41 12.66 29.07
CA VAL A 175 -20.00 13.73 29.89
C VAL A 175 -20.85 14.67 29.03
N THR A 176 -22.06 14.98 29.51
CA THR A 176 -22.98 15.93 28.88
C THR A 176 -22.82 17.34 29.52
N ILE A 177 -22.63 18.38 28.67
CA ILE A 177 -22.53 19.80 29.08
C ILE A 177 -23.35 20.69 28.13
N ASP A 178 -23.41 21.99 28.45
CA ASP A 178 -23.83 23.04 27.52
C ASP A 178 -22.71 24.08 27.50
N PHE A 179 -21.94 24.19 26.41
CA PHE A 179 -20.85 25.18 26.33
C PHE A 179 -21.18 26.25 25.30
N THR A 180 -20.90 27.50 25.64
CA THR A 180 -21.20 28.67 24.81
C THR A 180 -20.07 29.68 24.95
N GLY A 181 -19.63 30.23 23.81
CA GLY A 181 -18.56 31.23 23.80
C GLY A 181 -18.13 31.58 22.39
N SER A 182 -16.90 32.09 22.25
CA SER A 182 -16.34 32.49 20.95
C SER A 182 -14.86 32.10 20.86
N VAL A 183 -14.42 31.77 19.63
CA VAL A 183 -13.05 31.33 19.36
C VAL A 183 -12.18 32.54 19.01
N ASP A 184 -11.11 32.75 19.82
CA ASP A 184 -10.18 33.90 19.68
C ASP A 184 -10.91 35.24 19.97
N GLY A 185 -12.01 35.15 20.74
CA GLY A 185 -12.88 36.30 21.04
C GLY A 185 -13.70 36.77 19.83
N GLU A 186 -13.85 35.89 18.83
CA GLU A 186 -14.54 36.19 17.57
C GLU A 186 -15.59 35.12 17.27
N GLU A 187 -16.68 35.53 16.60
CA GLU A 187 -17.78 34.63 16.22
C GLU A 187 -17.29 33.52 15.26
N PHE A 188 -17.34 32.28 15.74
CA PHE A 188 -17.10 31.08 14.94
C PHE A 188 -18.16 30.04 15.35
N GLU A 189 -18.51 29.13 14.42
CA GLU A 189 -19.36 27.96 14.74
C GLU A 189 -18.56 26.98 15.63
N GLY A 190 -19.24 25.97 16.18
CA GLY A 190 -18.58 24.95 17.01
C GLY A 190 -18.20 25.43 18.41
N GLY A 191 -18.33 26.75 18.65
CA GLY A 191 -18.08 27.36 19.96
C GLY A 191 -19.35 27.52 20.78
N LYS A 192 -20.35 26.71 20.42
CA LYS A 192 -21.69 26.77 20.99
C LYS A 192 -22.39 25.44 20.71
N ALA A 193 -22.78 24.72 21.76
CA ALA A 193 -23.50 23.44 21.65
C ALA A 193 -24.23 23.13 22.97
N SER A 194 -25.56 23.16 22.90
CA SER A 194 -26.44 22.81 24.03
C SER A 194 -26.70 21.29 24.05
N ASP A 195 -26.75 20.74 25.27
CA ASP A 195 -26.97 19.28 25.53
C ASP A 195 -25.83 18.43 24.90
N PHE A 196 -24.68 19.10 24.73
CA PHE A 196 -23.46 18.57 24.09
C PHE A 196 -22.96 17.36 24.87
N VAL A 197 -22.40 16.37 24.18
CA VAL A 197 -21.89 15.18 24.88
C VAL A 197 -20.49 14.82 24.34
N LEU A 198 -19.62 14.37 25.26
CA LEU A 198 -18.18 14.22 25.05
C LEU A 198 -17.67 12.89 25.60
N ALA A 199 -17.34 11.94 24.72
CA ALA A 199 -16.58 10.74 25.10
C ALA A 199 -15.09 11.14 25.22
N MET A 200 -14.72 11.61 26.42
CA MET A 200 -13.35 12.06 26.75
C MET A 200 -12.39 10.87 26.88
N GLY A 201 -11.08 11.17 26.91
CA GLY A 201 -10.03 10.14 26.89
C GLY A 201 -9.85 9.50 25.51
N GLN A 202 -10.77 9.80 24.58
CA GLN A 202 -10.80 9.25 23.24
C GLN A 202 -10.36 10.35 22.26
N GLY A 203 -9.62 9.99 21.20
CA GLY A 203 -9.20 10.95 20.16
C GLY A 203 -10.37 11.41 19.29
N ARG A 204 -11.18 12.32 19.88
CA ARG A 204 -12.45 12.79 19.32
C ARG A 204 -12.53 14.33 19.39
N MET A 205 -12.00 14.89 20.49
CA MET A 205 -12.05 16.34 20.79
C MET A 205 -10.66 16.80 21.27
N ILE A 206 -10.51 18.12 21.50
CA ILE A 206 -9.26 18.76 21.99
C ILE A 206 -8.87 18.20 23.40
N PRO A 207 -7.64 17.61 23.55
CA PRO A 207 -7.03 17.39 24.89
C PRO A 207 -6.76 18.75 25.57
N GLY A 208 -7.43 18.99 26.70
CA GLY A 208 -7.49 20.31 27.34
C GLY A 208 -8.92 20.80 27.49
N PHE A 209 -9.75 20.56 26.44
CA PHE A 209 -11.20 20.85 26.49
C PHE A 209 -11.86 19.90 27.50
N GLU A 210 -11.55 18.61 27.34
CA GLU A 210 -12.06 17.56 28.21
C GLU A 210 -11.55 17.72 29.65
N ASP A 211 -10.30 18.17 29.81
CA ASP A 211 -9.64 18.33 31.11
C ASP A 211 -10.29 19.44 31.94
N GLY A 212 -10.86 20.44 31.25
CA GLY A 212 -11.70 21.45 31.89
C GLY A 212 -12.85 20.84 32.69
N ILE A 213 -13.45 19.80 32.10
CA ILE A 213 -14.53 19.03 32.72
C ILE A 213 -13.98 18.02 33.75
N LYS A 214 -12.84 17.37 33.42
CA LYS A 214 -12.25 16.28 34.21
C LYS A 214 -11.81 16.71 35.62
N GLY A 215 -11.57 18.02 35.81
CA GLY A 215 -11.30 18.58 37.13
C GLY A 215 -12.59 18.92 37.91
N HIS A 216 -13.71 18.25 37.56
CA HIS A 216 -15.04 18.50 38.16
C HIS A 216 -15.83 17.18 38.32
N LYS A 217 -17.08 17.26 38.85
CA LYS A 217 -17.81 16.05 39.30
C LYS A 217 -19.09 15.75 38.50
N ALA A 218 -20.11 16.61 38.59
CA ALA A 218 -21.45 16.30 38.01
C ALA A 218 -22.17 17.52 37.44
N GLY A 219 -22.46 18.53 38.29
CA GLY A 219 -23.44 19.57 37.95
C GLY A 219 -23.08 20.97 38.42
N GLU A 220 -21.81 21.38 38.22
CA GLU A 220 -21.37 22.76 38.47
C GLU A 220 -21.40 23.58 37.16
N GLU A 221 -20.91 24.83 37.22
CA GLU A 221 -20.80 25.73 36.04
C GLU A 221 -19.54 26.58 36.16
N PHE A 222 -18.80 26.66 35.04
CA PHE A 222 -17.49 27.33 34.98
C PHE A 222 -17.21 27.77 33.53
N THR A 223 -16.04 28.37 33.31
CA THR A 223 -15.59 28.84 31.99
C THR A 223 -14.08 28.57 31.84
N ILE A 224 -13.70 27.86 30.76
CA ILE A 224 -12.29 27.51 30.48
C ILE A 224 -11.79 28.15 29.18
N ASP A 225 -10.47 28.33 29.10
CA ASP A 225 -9.77 28.73 27.86
C ASP A 225 -9.09 27.49 27.27
N VAL A 226 -9.57 27.04 26.11
CA VAL A 226 -8.95 25.93 25.37
C VAL A 226 -8.01 26.47 24.31
N THR A 227 -6.77 25.98 24.31
CA THR A 227 -5.82 26.26 23.24
C THR A 227 -5.90 25.12 22.23
N PHE A 228 -6.54 25.40 21.08
CA PHE A 228 -6.52 24.54 19.89
C PHE A 228 -5.07 24.12 19.55
N PRO A 229 -4.86 22.84 19.14
CA PRO A 229 -3.52 22.30 18.87
C PRO A 229 -2.98 22.72 17.48
N GLU A 230 -1.66 22.60 17.31
CA GLU A 230 -0.98 22.70 15.99
C GLU A 230 -1.19 21.42 15.16
N GLU A 231 -1.93 20.46 15.74
CA GLU A 231 -2.25 19.17 15.14
C GLU A 231 -3.50 19.32 14.27
N TYR A 232 -4.33 20.32 14.64
CA TYR A 232 -5.52 20.74 13.92
C TYR A 232 -5.14 21.24 12.50
N HIS A 233 -5.77 20.63 11.47
CA HIS A 233 -5.58 21.02 10.05
C HIS A 233 -6.35 22.31 9.74
N ALA A 234 -7.26 22.71 10.64
CA ALA A 234 -7.95 23.99 10.58
C ALA A 234 -6.94 25.14 10.72
N GLU A 235 -6.61 25.74 9.57
CA GLU A 235 -5.40 26.57 9.37
C GLU A 235 -5.36 27.82 10.28
N ASN A 236 -6.49 28.51 10.45
CA ASN A 236 -6.56 29.75 11.25
C ASN A 236 -7.02 29.47 12.69
N LEU A 237 -7.33 28.21 13.01
CA LEU A 237 -7.74 27.79 14.36
C LEU A 237 -6.57 27.18 15.12
N LYS A 238 -5.64 26.57 14.40
CA LYS A 238 -4.51 25.85 14.99
C LYS A 238 -3.62 26.80 15.83
N GLY A 239 -3.67 26.60 17.16
CA GLY A 239 -2.91 27.42 18.12
C GLY A 239 -3.71 28.59 18.70
N LYS A 240 -5.04 28.66 18.44
CA LYS A 240 -5.92 29.72 18.99
C LYS A 240 -6.42 29.36 20.40
N ALA A 241 -6.90 30.39 21.13
CA ALA A 241 -7.46 30.25 22.49
C ALA A 241 -8.94 30.70 22.49
N ALA A 242 -9.84 29.75 22.75
CA ALA A 242 -11.29 29.98 22.78
C ALA A 242 -11.83 29.93 24.21
N LYS A 243 -12.83 30.78 24.50
CA LYS A 243 -13.41 30.92 25.86
C LYS A 243 -14.82 30.30 25.87
N PHE A 244 -15.00 29.16 26.56
CA PHE A 244 -16.28 28.40 26.57
C PHE A 244 -16.84 28.27 28.00
N ALA A 245 -18.11 28.68 28.19
CA ALA A 245 -18.83 28.59 29.47
C ALA A 245 -19.42 27.18 29.61
N ILE A 246 -18.65 26.29 30.25
CA ILE A 246 -19.01 24.88 30.42
C ILE A 246 -20.07 24.73 31.53
N ASN A 247 -21.32 24.49 31.13
CA ASN A 247 -22.42 24.19 32.06
C ASN A 247 -22.45 22.68 32.26
N LEU A 248 -21.75 22.19 33.29
CA LEU A 248 -21.60 20.74 33.54
C LEU A 248 -22.95 20.16 33.99
N LYS A 249 -23.48 19.18 33.23
CA LYS A 249 -24.83 18.62 33.45
C LYS A 249 -24.76 17.28 34.18
N LYS A 250 -24.30 16.24 33.45
CA LYS A 250 -24.29 14.85 33.91
C LYS A 250 -23.04 14.15 33.40
N VAL A 251 -22.82 12.94 33.93
CA VAL A 251 -21.75 12.05 33.47
C VAL A 251 -22.42 10.75 33.00
N GLU A 252 -21.79 10.02 32.08
CA GLU A 252 -22.29 8.72 31.58
C GLU A 252 -21.10 7.74 31.53
N GLU A 253 -21.18 6.70 32.35
CA GLU A 253 -20.14 5.67 32.45
C GLU A 253 -20.13 4.80 31.20
N ARG A 254 -18.93 4.42 30.74
CA ARG A 254 -18.79 3.39 29.72
C ARG A 254 -18.94 2.01 30.41
N GLU A 255 -20.21 1.63 30.66
CA GLU A 255 -20.54 0.38 31.35
C GLU A 255 -20.22 -0.82 30.43
N LEU A 256 -19.27 -1.64 30.88
CA LEU A 256 -18.69 -2.72 30.08
C LEU A 256 -19.73 -3.84 29.83
N PRO A 257 -19.81 -4.39 28.57
CA PRO A 257 -20.80 -5.42 28.22
C PRO A 257 -20.44 -6.80 28.80
N GLU A 258 -21.34 -7.76 28.58
CA GLU A 258 -21.20 -9.13 29.09
C GLU A 258 -20.10 -9.91 28.32
N LEU A 259 -19.81 -11.11 28.82
CA LEU A 259 -18.86 -12.06 28.20
C LEU A 259 -19.45 -13.48 28.36
N THR A 260 -20.79 -13.54 28.31
CA THR A 260 -21.58 -14.78 28.50
C THR A 260 -21.39 -15.73 27.29
N ALA A 261 -21.75 -17.03 27.46
CA ALA A 261 -21.47 -18.10 26.46
C ALA A 261 -21.87 -17.72 25.02
N GLU A 262 -23.11 -17.22 24.86
CA GLU A 262 -23.68 -16.82 23.56
C GLU A 262 -22.95 -15.59 22.96
N PHE A 263 -22.34 -14.77 23.82
CA PHE A 263 -21.58 -13.58 23.38
C PHE A 263 -20.20 -14.02 22.88
N ILE A 264 -19.43 -14.69 23.75
CA ILE A 264 -18.02 -15.04 23.50
C ILE A 264 -17.89 -16.03 22.31
N LYS A 265 -18.89 -16.95 22.13
CA LYS A 265 -18.88 -17.90 21.00
C LYS A 265 -19.13 -17.21 19.64
N ARG A 266 -19.78 -16.02 19.69
CA ARG A 266 -20.24 -15.31 18.48
C ARG A 266 -19.04 -14.77 17.69
N PHE A 267 -17.92 -14.56 18.40
CA PHE A 267 -16.65 -14.10 17.84
C PHE A 267 -15.82 -15.26 17.28
N GLY A 268 -16.22 -16.51 17.63
CA GLY A 268 -15.50 -17.71 17.21
C GLY A 268 -15.01 -18.55 18.36
N VAL A 269 -14.78 -17.90 19.53
CA VAL A 269 -14.31 -18.59 20.75
C VAL A 269 -15.46 -19.46 21.34
N GLU A 270 -15.58 -20.67 20.80
CA GLU A 270 -16.67 -21.62 21.09
C GLU A 270 -16.75 -22.00 22.58
N ASP A 271 -15.61 -21.95 23.25
CA ASP A 271 -15.52 -22.26 24.68
C ASP A 271 -15.86 -21.00 25.50
N GLY A 272 -16.64 -21.20 26.59
CA GLY A 272 -17.01 -20.10 27.49
C GLY A 272 -15.88 -19.65 28.41
N SER A 273 -14.83 -20.49 28.53
CA SER A 273 -13.66 -20.18 29.36
C SER A 273 -12.86 -19.01 28.76
N VAL A 274 -12.68 -17.95 29.57
CA VAL A 274 -12.03 -16.70 29.12
C VAL A 274 -10.57 -16.97 28.69
N GLU A 275 -9.94 -17.98 29.33
CA GLU A 275 -8.57 -18.46 29.01
C GLU A 275 -8.43 -18.89 27.53
N GLY A 276 -9.56 -19.26 26.90
CA GLY A 276 -9.58 -19.57 25.48
C GLY A 276 -9.50 -18.32 24.62
N LEU A 277 -10.12 -17.22 25.11
CA LEU A 277 -10.07 -15.92 24.42
C LEU A 277 -8.69 -15.27 24.64
N ARG A 278 -8.06 -15.56 25.79
CA ARG A 278 -6.68 -15.14 26.11
C ARG A 278 -5.68 -15.85 25.19
N ALA A 279 -5.90 -17.17 25.04
CA ALA A 279 -5.12 -18.02 24.14
C ALA A 279 -5.31 -17.57 22.68
N GLU A 280 -6.55 -17.17 22.36
CA GLU A 280 -6.93 -16.65 21.03
C GLU A 280 -6.14 -15.37 20.69
N VAL A 281 -6.12 -14.42 21.65
CA VAL A 281 -5.37 -13.16 21.53
C VAL A 281 -3.87 -13.44 21.31
N ARG A 282 -3.30 -14.38 22.10
CA ARG A 282 -1.90 -14.82 21.95
C ARG A 282 -1.61 -15.32 20.51
N LYS A 283 -2.25 -16.43 20.10
CA LYS A 283 -1.94 -17.13 18.83
C LYS A 283 -2.22 -16.25 17.59
N ASN A 284 -3.34 -15.51 17.60
CA ASN A 284 -3.74 -14.64 16.48
C ASN A 284 -2.87 -13.40 16.42
N MET A 285 -2.80 -12.63 17.52
CA MET A 285 -2.07 -11.35 17.49
C MET A 285 -0.58 -11.56 17.21
N GLU A 286 -0.01 -12.74 17.59
CA GLU A 286 1.39 -13.11 17.22
C GLU A 286 1.50 -13.52 15.73
N ARG A 287 0.43 -14.12 15.18
CA ARG A 287 0.36 -14.46 13.73
C ARG A 287 0.45 -13.19 12.88
N GLU A 288 -0.34 -12.17 13.27
CA GLU A 288 -0.27 -10.83 12.68
C GLU A 288 1.06 -10.11 13.04
N LEU A 289 1.52 -10.31 14.30
CA LEU A 289 2.69 -9.61 14.89
C LEU A 289 3.98 -9.90 14.15
N LYS A 290 4.24 -11.18 13.82
CA LYS A 290 5.52 -11.57 13.15
C LYS A 290 5.66 -10.86 11.79
N SER A 291 4.53 -10.76 11.07
CA SER A 291 4.46 -10.07 9.78
C SER A 291 4.64 -8.55 9.99
N ALA A 292 4.04 -8.03 11.07
CA ALA A 292 4.14 -6.60 11.45
C ALA A 292 5.58 -6.22 11.87
N ILE A 293 6.27 -7.12 12.60
CA ILE A 293 7.67 -6.92 13.06
C ILE A 293 8.61 -7.05 11.86
N ARG A 294 8.27 -7.95 10.93
CA ARG A 294 9.06 -8.13 9.70
C ARG A 294 9.02 -6.84 8.88
N ASN A 295 7.80 -6.28 8.70
CA ASN A 295 7.59 -5.00 7.99
C ASN A 295 8.15 -3.79 8.79
N ARG A 296 8.17 -3.90 10.12
CA ARG A 296 8.74 -2.87 11.02
C ARG A 296 10.26 -2.74 10.80
N VAL A 297 10.98 -3.83 11.09
CA VAL A 297 12.45 -3.91 10.92
C VAL A 297 12.83 -3.67 9.44
N LYS A 298 11.97 -4.13 8.51
CA LYS A 298 12.11 -3.92 7.06
C LYS A 298 12.11 -2.42 6.71
N SER A 299 11.04 -1.71 7.14
CA SER A 299 10.85 -0.29 6.78
C SER A 299 11.98 0.58 7.36
N GLN A 300 12.42 0.25 8.59
CA GLN A 300 13.55 0.95 9.25
C GLN A 300 14.88 0.66 8.53
N ALA A 301 15.06 -0.60 8.10
CA ALA A 301 16.26 -1.03 7.35
C ALA A 301 16.36 -0.29 6.00
N ILE A 302 15.21 -0.21 5.32
CA ILE A 302 15.09 0.45 4.01
C ILE A 302 15.31 1.97 4.15
N GLU A 303 14.74 2.54 5.23
CA GLU A 303 14.91 3.96 5.57
C GLU A 303 16.40 4.30 5.72
N GLY A 304 17.08 3.51 6.57
CA GLY A 304 18.51 3.68 6.82
C GLY A 304 19.40 3.30 5.63
N LEU A 305 18.92 2.33 4.82
CA LEU A 305 19.67 1.82 3.64
C LEU A 305 19.83 2.96 2.63
N VAL A 306 18.67 3.51 2.22
CA VAL A 306 18.63 4.61 1.25
C VAL A 306 19.23 5.89 1.88
N LYS A 307 18.99 6.12 3.18
CA LYS A 307 19.56 7.30 3.90
C LYS A 307 21.11 7.25 3.93
N ALA A 308 21.68 6.03 3.93
CA ALA A 308 23.14 5.82 3.90
C ALA A 308 23.68 5.56 2.47
N ASN A 309 22.80 5.53 1.44
CA ASN A 309 23.21 5.14 0.06
C ASN A 309 22.59 6.05 -1.01
N ASP A 310 23.24 6.09 -2.19
CA ASP A 310 22.80 6.92 -3.33
C ASP A 310 23.00 6.14 -4.63
N ILE A 311 22.01 6.25 -5.54
CA ILE A 311 22.10 5.66 -6.88
C ILE A 311 21.05 6.33 -7.79
N ASP A 312 21.51 6.74 -9.00
CA ASP A 312 20.62 7.30 -10.02
C ASP A 312 19.80 6.18 -10.66
N VAL A 313 18.51 6.44 -10.83
CA VAL A 313 17.55 5.49 -11.40
C VAL A 313 17.29 5.84 -12.87
N PRO A 314 17.23 4.81 -13.80
CA PRO A 314 16.65 4.98 -15.15
C PRO A 314 15.24 5.61 -15.08
N ALA A 315 15.05 6.71 -15.82
CA ALA A 315 13.79 7.49 -15.80
C ALA A 315 12.56 6.61 -16.11
N ALA A 316 12.75 5.61 -16.99
CA ALA A 316 11.69 4.66 -17.39
C ALA A 316 11.08 3.92 -16.18
N LEU A 317 11.95 3.55 -15.23
CA LEU A 317 11.55 2.82 -14.00
C LEU A 317 10.76 3.75 -13.06
N ILE A 318 11.19 5.02 -13.00
CA ILE A 318 10.52 6.05 -12.20
C ILE A 318 9.12 6.31 -12.78
N ASP A 319 9.05 6.41 -14.12
CA ASP A 319 7.79 6.57 -14.87
C ASP A 319 6.82 5.42 -14.57
N SER A 320 7.35 4.18 -14.57
CA SER A 320 6.57 2.97 -14.25
C SER A 320 5.93 3.07 -12.84
N GLU A 321 6.76 3.37 -11.83
CA GLU A 321 6.30 3.44 -10.41
C GLU A 321 5.26 4.60 -10.23
N ILE A 322 5.58 5.79 -10.78
CA ILE A 322 4.67 6.97 -10.83
C ILE A 322 3.31 6.57 -11.42
N ASP A 323 3.35 5.84 -12.54
CA ASP A 323 2.15 5.42 -13.27
C ASP A 323 1.28 4.48 -12.44
N VAL A 324 1.92 3.51 -11.74
CA VAL A 324 1.21 2.59 -10.82
C VAL A 324 0.52 3.40 -9.70
N LEU A 325 1.24 4.41 -9.17
CA LEU A 325 0.70 5.34 -8.15
C LEU A 325 -0.47 6.17 -8.69
N ARG A 326 -0.42 6.55 -9.97
CA ARG A 326 -1.47 7.34 -10.63
C ARG A 326 -2.76 6.51 -10.76
N ARG A 327 -2.61 5.24 -11.21
CA ARG A 327 -3.74 4.29 -11.33
C ARG A 327 -4.41 4.07 -9.96
N GLN A 328 -3.56 3.77 -8.95
CA GLN A 328 -3.99 3.52 -7.56
C GLN A 328 -4.67 4.76 -6.96
N ALA A 329 -4.11 5.95 -7.25
CA ALA A 329 -4.64 7.23 -6.77
C ALA A 329 -6.07 7.43 -7.29
N ALA A 330 -6.19 7.47 -8.63
CA ALA A 330 -7.47 7.66 -9.34
C ALA A 330 -8.55 6.66 -8.90
N GLN A 331 -8.12 5.40 -8.69
CA GLN A 331 -8.98 4.29 -8.21
C GLN A 331 -9.57 4.65 -6.82
N ARG A 332 -8.72 5.22 -5.94
CA ARG A 332 -9.10 5.52 -4.54
C ARG A 332 -9.67 6.96 -4.42
N PHE A 333 -9.51 7.76 -5.48
CA PHE A 333 -10.00 9.14 -5.53
C PHE A 333 -11.47 9.17 -5.98
N GLY A 334 -11.85 8.21 -6.83
CA GLY A 334 -13.21 8.09 -7.33
C GLY A 334 -13.40 6.85 -8.20
N GLY A 335 -12.42 6.62 -9.07
CA GLY A 335 -12.39 5.45 -9.97
C GLY A 335 -12.13 5.88 -11.40
N ASN A 336 -11.23 6.86 -11.56
CA ASN A 336 -10.95 7.49 -12.86
C ASN A 336 -10.06 6.58 -13.74
N GLU A 337 -10.48 6.38 -14.99
CA GLU A 337 -9.77 5.55 -15.97
C GLU A 337 -8.79 6.39 -16.81
N LYS A 338 -7.48 6.26 -16.50
CA LYS A 338 -6.36 6.86 -17.26
C LYS A 338 -6.36 8.41 -17.28
N GLN A 339 -7.29 9.04 -16.54
CA GLN A 339 -7.31 10.52 -16.32
C GLN A 339 -6.09 10.94 -15.50
N ALA A 340 -5.68 10.01 -14.61
CA ALA A 340 -4.58 10.18 -13.66
C ALA A 340 -3.22 10.44 -14.34
N LEU A 341 -3.12 10.09 -15.63
CA LEU A 341 -1.93 10.38 -16.48
C LEU A 341 -1.54 11.89 -16.42
N GLU A 342 -2.56 12.75 -16.18
CA GLU A 342 -2.40 14.22 -16.14
C GLU A 342 -2.07 14.73 -14.71
N LEU A 343 -2.26 13.88 -13.66
CA LEU A 343 -2.00 14.26 -12.25
C LEU A 343 -0.54 14.78 -12.06
N PRO A 344 -0.32 15.85 -11.22
CA PRO A 344 1.02 16.48 -11.05
C PRO A 344 2.14 15.47 -10.69
N ARG A 345 3.07 15.27 -11.65
CA ARG A 345 4.13 14.25 -11.56
C ARG A 345 4.99 14.41 -10.31
N GLU A 346 5.25 15.68 -9.93
CA GLU A 346 6.12 16.00 -8.76
C GLU A 346 5.54 15.46 -7.43
N LEU A 347 4.22 15.18 -7.38
CA LEU A 347 3.59 14.57 -6.18
C LEU A 347 4.04 13.10 -6.03
N PHE A 348 4.37 12.46 -7.17
CA PHE A 348 4.76 11.04 -7.23
C PHE A 348 6.28 10.87 -7.44
N GLU A 349 6.92 11.89 -8.05
CA GLU A 349 8.33 11.83 -8.55
C GLU A 349 9.32 11.34 -7.48
N GLU A 350 9.32 12.06 -6.33
CA GLU A 350 10.26 11.85 -5.23
C GLU A 350 10.14 10.42 -4.65
N GLN A 351 8.91 10.06 -4.23
CA GLN A 351 8.64 8.78 -3.53
C GLN A 351 8.83 7.57 -4.47
N ALA A 352 8.41 7.73 -5.74
CA ALA A 352 8.52 6.68 -6.76
C ALA A 352 9.99 6.35 -7.02
N LYS A 353 10.76 7.39 -7.42
CA LYS A 353 12.21 7.28 -7.65
C LYS A 353 12.91 6.67 -6.44
N ARG A 354 12.48 7.09 -5.23
CA ARG A 354 13.01 6.60 -3.95
C ARG A 354 12.74 5.10 -3.81
N ARG A 355 11.54 4.63 -4.25
CA ARG A 355 11.17 3.20 -4.15
C ARG A 355 11.96 2.35 -5.15
N VAL A 356 12.33 2.95 -6.30
CA VAL A 356 13.18 2.26 -7.28
C VAL A 356 14.66 2.28 -6.81
N VAL A 357 15.07 3.34 -6.06
CA VAL A 357 16.39 3.38 -5.38
C VAL A 357 16.49 2.19 -4.42
N VAL A 358 15.40 1.96 -3.65
CA VAL A 358 15.24 0.75 -2.81
C VAL A 358 15.41 -0.53 -3.66
N GLY A 359 14.75 -0.55 -4.83
CA GLY A 359 14.78 -1.70 -5.75
C GLY A 359 16.16 -1.98 -6.37
N LEU A 360 16.99 -0.92 -6.53
CA LEU A 360 18.35 -1.05 -7.10
C LEU A 360 19.38 -1.47 -6.02
N LEU A 361 19.26 -0.87 -4.82
CA LEU A 361 20.14 -1.19 -3.67
C LEU A 361 19.90 -2.64 -3.20
N LEU A 362 18.60 -2.97 -2.98
CA LEU A 362 18.16 -4.35 -2.72
C LEU A 362 18.49 -5.24 -3.93
N GLY A 363 18.36 -4.70 -5.15
CA GLY A 363 18.69 -5.44 -6.38
C GLY A 363 20.12 -5.96 -6.41
N GLU A 364 21.05 -5.09 -6.00
CA GLU A 364 22.48 -5.42 -5.99
C GLU A 364 22.83 -6.36 -4.82
N VAL A 365 22.34 -6.08 -3.58
CA VAL A 365 22.64 -6.97 -2.43
C VAL A 365 22.05 -8.40 -2.66
N ILE A 366 20.88 -8.44 -3.33
CA ILE A 366 20.25 -9.69 -3.77
C ILE A 366 21.18 -10.42 -4.74
N ARG A 367 21.57 -9.73 -5.83
CA ARG A 367 22.41 -10.29 -6.89
C ARG A 367 23.69 -10.92 -6.31
N THR A 368 24.41 -10.12 -5.53
CA THR A 368 25.69 -10.50 -4.89
C THR A 368 25.51 -11.71 -3.95
N ASN A 369 24.45 -11.67 -3.12
CA ASN A 369 24.13 -12.78 -2.19
C ASN A 369 23.22 -13.86 -2.84
N GLU A 370 23.05 -13.82 -4.20
CA GLU A 370 22.23 -14.77 -5.02
C GLU A 370 20.86 -15.14 -4.36
N LEU A 371 20.06 -14.11 -4.04
CA LEU A 371 18.75 -14.29 -3.35
C LEU A 371 17.61 -14.60 -4.35
N LYS A 372 16.49 -15.08 -3.79
CA LYS A 372 15.39 -15.67 -4.57
C LYS A 372 14.06 -15.54 -3.80
N ALA A 373 12.93 -15.78 -4.50
CA ALA A 373 11.64 -16.01 -3.83
C ALA A 373 11.62 -17.48 -3.35
N ASP A 374 12.18 -17.69 -2.14
CA ASP A 374 12.46 -19.02 -1.57
C ASP A 374 11.16 -19.84 -1.40
N GLU A 375 11.07 -20.97 -2.13
CA GLU A 375 9.88 -21.84 -2.20
C GLU A 375 9.39 -22.28 -0.81
N GLU A 376 10.34 -22.63 0.07
CA GLU A 376 10.05 -23.09 1.42
C GLU A 376 9.55 -21.94 2.31
N ARG A 377 9.93 -20.69 1.95
CA ARG A 377 9.49 -19.49 2.68
C ARG A 377 8.06 -19.13 2.27
N VAL A 378 7.82 -19.13 0.96
CA VAL A 378 6.49 -18.85 0.38
C VAL A 378 5.48 -19.86 0.94
N LYS A 379 5.80 -21.16 0.77
CA LYS A 379 4.97 -22.27 1.29
C LYS A 379 4.87 -22.26 2.82
N GLY A 380 5.98 -21.91 3.52
CA GLY A 380 5.97 -21.77 4.97
C GLY A 380 4.91 -20.80 5.46
N LEU A 381 4.92 -19.61 4.84
CA LEU A 381 3.97 -18.54 5.13
C LEU A 381 2.55 -18.89 4.64
N ILE A 382 2.44 -19.72 3.56
CA ILE A 382 1.15 -20.20 3.04
C ILE A 382 0.44 -21.12 4.06
N GLU A 383 1.21 -22.01 4.73
CA GLU A 383 0.65 -22.87 5.79
C GLU A 383 0.27 -22.03 7.03
N GLU A 384 1.20 -21.17 7.50
CA GLU A 384 0.95 -20.26 8.65
C GLU A 384 -0.28 -19.35 8.41
N MET A 385 -0.46 -18.96 7.14
CA MET A 385 -1.62 -18.19 6.67
C MET A 385 -2.89 -19.04 6.78
N ALA A 386 -2.97 -20.04 5.91
CA ALA A 386 -4.21 -20.77 5.60
C ALA A 386 -4.76 -21.54 6.79
N SER A 387 -3.86 -22.17 7.55
CA SER A 387 -4.23 -22.97 8.73
C SER A 387 -4.89 -22.10 9.81
N ALA A 388 -4.52 -20.81 9.85
CA ALA A 388 -5.07 -19.84 10.83
C ALA A 388 -6.55 -19.47 10.52
N TYR A 389 -7.03 -19.85 9.32
CA TYR A 389 -8.43 -19.60 8.91
C TYR A 389 -9.34 -20.78 9.27
N GLU A 390 -10.60 -20.66 8.84
CA GLU A 390 -11.59 -21.74 8.87
C GLU A 390 -11.14 -22.93 7.97
N ASP A 391 -10.98 -22.66 6.67
CA ASP A 391 -10.79 -23.70 5.65
C ASP A 391 -9.55 -23.37 4.81
N PRO A 392 -8.35 -23.91 5.19
CA PRO A 392 -7.10 -23.74 4.44
C PRO A 392 -7.26 -24.04 2.94
N LYS A 393 -7.96 -25.17 2.65
CA LYS A 393 -8.05 -25.77 1.31
C LYS A 393 -8.42 -24.71 0.25
N GLU A 394 -9.64 -24.15 0.39
CA GLU A 394 -10.17 -23.19 -0.58
C GLU A 394 -9.44 -21.84 -0.52
N VAL A 395 -8.71 -21.57 0.59
CA VAL A 395 -7.96 -20.30 0.73
C VAL A 395 -6.68 -20.37 -0.11
N ILE A 396 -6.02 -21.55 -0.12
CA ILE A 396 -4.79 -21.80 -0.89
C ILE A 396 -5.12 -21.89 -2.39
N GLU A 397 -6.24 -22.56 -2.71
CA GLU A 397 -6.75 -22.67 -4.10
C GLU A 397 -7.09 -21.28 -4.66
N PHE A 398 -7.90 -20.51 -3.91
CA PHE A 398 -8.23 -19.11 -4.24
C PHE A 398 -6.97 -18.24 -4.33
N TYR A 399 -6.00 -18.47 -3.42
CA TYR A 399 -4.77 -17.66 -3.32
C TYR A 399 -3.94 -17.77 -4.60
N SER A 400 -3.60 -19.03 -4.96
CA SER A 400 -2.74 -19.34 -6.12
C SER A 400 -3.35 -18.82 -7.43
N LYS A 401 -4.69 -18.75 -7.46
CA LYS A 401 -5.47 -18.24 -8.60
C LYS A 401 -5.67 -16.70 -8.50
N ASN A 402 -5.56 -16.14 -7.28
CA ASN A 402 -5.67 -14.68 -7.07
C ASN A 402 -4.27 -14.10 -7.25
N LYS A 403 -3.91 -13.87 -8.52
CA LYS A 403 -2.56 -13.45 -8.94
C LYS A 403 -2.15 -12.11 -8.29
N GLU A 404 -3.15 -11.27 -8.01
CA GLU A 404 -2.98 -10.00 -7.29
C GLU A 404 -2.30 -10.20 -5.91
N LEU A 405 -2.70 -11.29 -5.24
CA LEU A 405 -2.23 -11.63 -3.88
C LEU A 405 -1.09 -12.66 -3.91
N MET A 406 -1.08 -13.52 -4.94
CA MET A 406 -0.05 -14.56 -5.12
C MET A 406 1.28 -13.87 -5.45
N ASP A 407 1.18 -12.79 -6.27
CA ASP A 407 2.27 -11.82 -6.50
C ASP A 407 2.80 -11.28 -5.16
N ASN A 408 1.88 -10.73 -4.34
CA ASN A 408 2.20 -10.13 -3.02
C ASN A 408 2.99 -11.12 -2.12
N MET A 409 2.65 -12.43 -2.24
CA MET A 409 3.33 -13.51 -1.48
C MET A 409 4.79 -13.72 -1.93
N ARG A 410 5.02 -13.67 -3.26
CA ARG A 410 6.37 -13.78 -3.85
C ARG A 410 7.21 -12.57 -3.42
N ASN A 411 6.56 -11.40 -3.56
CA ASN A 411 7.16 -10.08 -3.36
C ASN A 411 7.61 -9.91 -1.91
N VAL A 412 6.75 -10.31 -0.95
CA VAL A 412 7.08 -10.18 0.48
C VAL A 412 8.23 -11.14 0.83
N ALA A 413 8.20 -12.38 0.31
CA ALA A 413 9.24 -13.41 0.60
C ALA A 413 10.63 -12.93 0.14
N LEU A 414 10.64 -12.39 -1.09
CA LEU A 414 11.85 -11.85 -1.72
C LEU A 414 12.35 -10.60 -0.98
N GLU A 415 11.42 -9.69 -0.64
CA GLU A 415 11.73 -8.44 0.08
C GLU A 415 12.26 -8.73 1.50
N GLU A 416 11.69 -9.75 2.16
CA GLU A 416 12.11 -10.17 3.51
C GLU A 416 13.55 -10.65 3.46
N GLN A 417 13.82 -11.63 2.58
CA GLN A 417 15.16 -12.23 2.41
C GLN A 417 16.19 -11.16 1.96
N ALA A 418 15.73 -10.22 1.10
CA ALA A 418 16.54 -9.10 0.57
C ALA A 418 17.03 -8.19 1.70
N VAL A 419 16.07 -7.78 2.55
CA VAL A 419 16.33 -6.91 3.70
C VAL A 419 17.18 -7.64 4.76
N GLU A 420 16.86 -8.91 5.04
CA GLU A 420 17.55 -9.70 6.08
C GLU A 420 19.00 -10.03 5.69
N ALA A 421 19.28 -10.06 4.38
CA ALA A 421 20.66 -10.11 3.87
C ALA A 421 21.43 -8.80 4.19
N VAL A 422 20.69 -7.66 4.24
CA VAL A 422 21.26 -6.36 4.61
C VAL A 422 21.36 -6.27 6.14
N LEU A 423 20.43 -6.94 6.86
CA LEU A 423 20.42 -6.99 8.35
C LEU A 423 21.62 -7.81 8.87
N ALA A 424 21.96 -8.88 8.13
CA ALA A 424 23.16 -9.69 8.39
C ALA A 424 24.44 -8.82 8.34
N LYS A 425 24.38 -7.77 7.51
CA LYS A 425 25.47 -6.79 7.35
C LYS A 425 25.32 -5.64 8.38
N ALA A 426 24.08 -5.26 8.66
CA ALA A 426 23.74 -4.05 9.44
C ALA A 426 23.71 -4.31 10.96
N LYS A 427 23.84 -3.23 11.73
CA LYS A 427 23.77 -3.26 13.20
C LYS A 427 22.33 -3.39 13.67
N VAL A 428 21.89 -4.65 13.87
CA VAL A 428 20.55 -4.96 14.38
C VAL A 428 20.49 -4.71 15.90
N THR A 429 20.12 -3.48 16.28
CA THR A 429 19.96 -3.09 17.70
C THR A 429 18.63 -3.64 18.25
N GLU A 430 18.73 -4.85 18.85
CA GLU A 430 17.58 -5.58 19.39
C GLU A 430 17.17 -5.02 20.78
N LYS A 431 15.85 -4.96 21.04
CA LYS A 431 15.30 -4.51 22.33
C LYS A 431 14.14 -5.44 22.74
N GLU A 432 13.88 -5.56 24.05
CA GLU A 432 12.77 -6.38 24.60
C GLU A 432 11.62 -5.44 24.99
N THR A 433 10.37 -5.77 24.56
CA THR A 433 9.20 -4.89 24.79
C THR A 433 7.85 -5.64 24.60
N THR A 434 6.76 -5.08 25.17
CA THR A 434 5.40 -5.66 25.13
C THR A 434 4.67 -5.30 23.81
N PHE A 435 3.46 -5.88 23.62
CA PHE A 435 2.62 -5.68 22.39
C PHE A 435 2.11 -4.24 22.24
N ASN A 436 2.10 -3.50 23.36
CA ASN A 436 1.82 -2.04 23.36
C ASN A 436 2.77 -1.25 22.43
N GLU A 437 4.02 -1.74 22.28
CA GLU A 437 5.08 -1.11 21.44
C GLU A 437 4.58 -0.86 19.99
N LEU A 438 4.00 -1.91 19.41
CA LEU A 438 3.51 -1.91 18.02
C LEU A 438 2.32 -0.93 17.86
N MET A 439 1.54 -0.78 18.95
CA MET A 439 0.34 0.08 18.97
C MET A 439 0.70 1.56 19.22
N ASN A 440 1.82 1.83 19.92
CA ASN A 440 2.29 3.21 20.20
C ASN A 440 3.06 3.79 18.99
N GLN A 441 2.53 3.57 17.77
CA GLN A 441 3.11 4.10 16.52
C GLN A 441 2.10 5.06 15.86
N GLN A 442 2.07 6.30 16.35
CA GLN A 442 1.19 7.37 15.81
C GLN A 442 1.95 8.16 14.75
N ALA A 443 3.01 8.86 15.18
CA ALA A 443 3.87 9.68 14.30
C ALA A 443 5.19 9.99 15.02
N ALA B 3 -14.23 20.40 -24.38
CA ALA B 3 -14.42 21.23 -23.18
C ALA B 3 -13.53 22.49 -23.25
N ARG B 4 -14.05 23.63 -22.75
CA ARG B 4 -13.30 24.89 -22.70
C ARG B 4 -12.45 24.92 -21.41
N ALA B 5 -13.08 25.26 -20.26
CA ALA B 5 -12.45 25.25 -18.93
C ALA B 5 -13.50 25.65 -17.88
N ASP B 6 -14.21 24.64 -17.35
CA ASP B 6 -15.24 24.84 -16.32
C ASP B 6 -14.56 25.07 -14.96
N VAL B 7 -14.66 26.30 -14.45
CA VAL B 7 -14.12 26.67 -13.14
C VAL B 7 -15.20 26.49 -12.07
N THR B 8 -15.08 25.42 -11.28
CA THR B 8 -15.88 25.18 -10.08
C THR B 8 -14.96 25.25 -8.86
N LEU B 9 -14.95 26.41 -8.18
CA LEU B 9 -14.18 26.61 -6.95
C LEU B 9 -15.04 27.46 -6.00
N GLY B 10 -15.69 26.79 -5.04
CA GLY B 10 -16.61 27.42 -4.11
C GLY B 10 -15.94 27.91 -2.83
N GLY B 11 -14.86 28.68 -3.00
CA GLY B 11 -14.14 29.27 -1.88
C GLY B 11 -13.18 28.30 -1.21
N GLY B 12 -13.62 27.72 -0.07
CA GLY B 12 -12.79 26.83 0.73
C GLY B 12 -13.39 26.64 2.12
N ALA B 13 -13.79 27.77 2.74
CA ALA B 13 -14.49 27.83 4.05
C ALA B 13 -13.67 27.17 5.19
N LYS B 14 -12.35 27.38 5.17
CA LYS B 14 -11.43 26.82 6.20
C LYS B 14 -11.43 27.67 7.51
N THR B 15 -12.39 28.61 7.62
CA THR B 15 -12.58 29.52 8.77
C THR B 15 -12.69 28.73 10.10
N PHE B 16 -13.80 28.01 10.30
CA PHE B 16 -13.91 27.04 11.41
C PHE B 16 -14.13 25.66 10.80
N ALA B 17 -13.02 24.98 10.49
CA ALA B 17 -13.01 23.60 10.01
C ALA B 17 -12.72 22.65 11.19
N GLU B 18 -13.06 21.36 11.01
CA GLU B 18 -12.89 20.30 12.03
C GLU B 18 -13.62 20.69 13.34
N THR B 19 -14.94 20.95 13.19
CA THR B 19 -15.83 21.31 14.32
C THR B 19 -15.80 20.22 15.42
N ALA B 20 -15.63 18.96 14.96
CA ALA B 20 -15.47 17.75 15.80
C ALA B 20 -16.79 17.38 16.52
N THR B 21 -17.25 18.26 17.42
CA THR B 21 -18.47 18.09 18.23
C THR B 21 -18.30 16.83 19.13
N ALA B 22 -17.03 16.62 19.57
CA ALA B 22 -16.58 15.50 20.40
C ALA B 22 -16.79 14.12 19.73
N GLY B 23 -17.12 14.14 18.43
CA GLY B 23 -17.39 12.93 17.65
C GLY B 23 -18.48 12.03 18.24
N GLU B 24 -19.37 12.62 19.07
CA GLU B 24 -20.34 11.86 19.85
C GLU B 24 -21.64 12.66 20.04
N TRP B 25 -22.77 12.06 19.61
CA TRP B 25 -24.14 12.49 19.96
C TRP B 25 -25.15 11.40 19.51
N GLN B 26 -24.63 10.17 19.32
CA GLN B 26 -25.41 9.02 18.83
C GLN B 26 -25.92 8.15 20.00
N GLY B 27 -25.05 7.86 20.98
CA GLY B 27 -25.39 6.98 22.12
C GLY B 27 -26.44 7.58 23.06
N LYS B 28 -27.69 7.62 22.59
CA LYS B 28 -28.83 8.28 23.25
C LYS B 28 -30.11 7.45 23.00
N THR B 29 -29.98 6.11 23.22
CA THR B 29 -31.07 5.10 23.15
C THR B 29 -31.45 4.71 21.69
N LEU B 30 -31.80 5.72 20.88
CA LEU B 30 -32.38 5.55 19.52
C LEU B 30 -31.44 4.80 18.53
N ARG B 31 -30.13 5.13 18.58
CA ARG B 31 -29.16 4.69 17.53
C ARG B 31 -28.56 3.30 17.87
N GLU B 32 -28.56 2.94 19.15
CA GLU B 32 -28.00 1.65 19.62
C GLU B 32 -28.93 0.48 19.23
N GLN B 33 -30.20 0.81 18.96
CA GLN B 33 -31.21 -0.14 18.45
C GLN B 33 -30.81 -0.57 17.03
N ALA B 34 -30.29 0.40 16.23
CA ALA B 34 -29.84 0.16 14.85
C ALA B 34 -28.60 -0.75 14.81
N GLN B 35 -27.75 -0.65 15.85
CA GLN B 35 -26.58 -1.54 16.03
C GLN B 35 -27.03 -2.94 16.45
N ALA B 36 -28.07 -3.00 17.30
CA ALA B 36 -28.63 -4.26 17.82
C ALA B 36 -29.69 -4.86 16.88
N ARG B 37 -29.91 -4.20 15.73
CA ARG B 37 -30.92 -4.60 14.73
C ARG B 37 -30.40 -5.84 13.96
N GLY B 38 -30.87 -7.01 14.36
CA GLY B 38 -30.44 -8.29 13.80
C GLY B 38 -30.41 -9.35 14.88
N TYR B 39 -29.62 -9.05 15.94
CA TYR B 39 -29.53 -9.83 17.19
C TYR B 39 -29.07 -11.29 16.97
N GLN B 40 -29.98 -12.15 16.49
CA GLN B 40 -29.71 -13.59 16.32
C GLN B 40 -28.93 -13.81 15.01
N LEU B 41 -27.73 -14.40 15.12
CA LEU B 41 -26.90 -14.81 13.96
C LEU B 41 -25.96 -15.95 14.37
N VAL B 42 -25.87 -16.98 13.50
CA VAL B 42 -25.00 -18.19 13.63
C VAL B 42 -24.95 -18.80 15.05
N SER B 43 -25.88 -19.73 15.34
CA SER B 43 -25.91 -20.46 16.62
C SER B 43 -25.11 -21.78 16.50
N ASP B 44 -25.79 -22.89 16.09
CA ASP B 44 -25.21 -24.26 16.04
C ASP B 44 -24.77 -24.77 17.44
N ALA B 45 -24.57 -26.08 17.57
CA ALA B 45 -23.97 -26.70 18.77
C ALA B 45 -22.54 -26.16 19.00
N ALA B 46 -21.76 -26.10 17.92
CA ALA B 46 -20.39 -25.58 17.93
C ALA B 46 -20.31 -24.21 17.19
N SER B 47 -20.18 -24.26 15.84
CA SER B 47 -19.95 -23.07 14.98
C SER B 47 -19.96 -23.52 13.49
N LEU B 48 -20.92 -24.42 13.18
CA LEU B 48 -21.08 -25.10 11.89
C LEU B 48 -19.94 -26.11 11.65
N ASN B 49 -20.20 -27.40 11.95
CA ASN B 49 -19.25 -28.51 11.70
C ASN B 49 -19.38 -29.03 10.26
N SER B 50 -18.84 -28.24 9.34
CA SER B 50 -18.61 -28.64 7.94
C SER B 50 -17.25 -28.06 7.49
N VAL B 51 -16.48 -27.61 8.49
CA VAL B 51 -15.21 -26.89 8.30
C VAL B 51 -14.03 -27.85 8.57
N THR B 52 -12.90 -27.62 7.86
CA THR B 52 -11.67 -28.43 8.05
C THR B 52 -11.09 -28.27 9.48
N GLU B 53 -11.08 -27.02 9.99
CA GLU B 53 -10.57 -26.72 11.34
C GLU B 53 -11.15 -25.42 11.88
N ALA B 54 -11.27 -25.35 13.21
CA ALA B 54 -11.90 -24.23 13.92
C ALA B 54 -10.85 -23.25 14.49
N ASN B 55 -9.62 -23.27 13.92
CA ASN B 55 -8.44 -22.46 14.37
C ASN B 55 -8.83 -20.98 14.56
N GLN B 56 -9.45 -20.41 13.51
CA GLN B 56 -10.25 -19.19 13.61
C GLN B 56 -11.29 -19.20 12.49
N GLN B 57 -12.45 -19.79 12.78
CA GLN B 57 -13.57 -19.87 11.84
C GLN B 57 -14.21 -18.48 11.59
N LYS B 58 -14.31 -17.67 12.65
CA LYS B 58 -14.91 -16.32 12.57
C LYS B 58 -13.82 -15.27 12.86
N PRO B 59 -13.47 -14.37 11.87
CA PRO B 59 -12.39 -13.37 12.06
C PRO B 59 -12.79 -12.26 13.08
N LEU B 60 -12.52 -12.52 14.37
CA LEU B 60 -12.81 -11.56 15.46
C LEU B 60 -11.79 -10.39 15.49
N LEU B 61 -10.63 -10.61 14.85
CA LEU B 61 -9.51 -9.66 14.85
C LEU B 61 -9.76 -8.55 13.81
N GLY B 62 -9.63 -7.28 14.26
CA GLY B 62 -9.90 -6.11 13.41
C GLY B 62 -8.66 -5.50 12.77
N LEU B 63 -8.67 -4.17 12.59
CA LEU B 63 -7.62 -3.43 11.84
C LEU B 63 -6.39 -3.10 12.74
N PHE B 64 -5.86 -4.14 13.40
CA PHE B 64 -4.73 -4.01 14.34
C PHE B 64 -3.38 -4.10 13.61
N ALA B 65 -2.90 -2.92 13.15
CA ALA B 65 -1.56 -2.71 12.56
C ALA B 65 -1.39 -3.40 11.19
N ASP B 66 -1.17 -4.73 11.20
CA ASP B 66 -0.93 -5.53 9.98
C ASP B 66 -1.53 -6.94 10.18
N GLY B 67 -1.70 -7.69 9.10
CA GLY B 67 -2.37 -9.00 9.16
C GLY B 67 -3.88 -8.86 9.00
N ASN B 68 -4.57 -8.43 10.09
CA ASN B 68 -6.02 -8.04 10.09
C ASN B 68 -7.01 -9.26 10.06
N MET B 69 -6.58 -10.36 9.39
CA MET B 69 -7.34 -11.63 9.13
C MET B 69 -7.82 -11.74 7.65
N PRO B 70 -8.65 -10.78 7.04
CA PRO B 70 -8.99 -10.83 5.57
C PRO B 70 -7.77 -11.06 4.65
N VAL B 71 -7.87 -12.09 3.77
CA VAL B 71 -6.80 -12.49 2.82
C VAL B 71 -6.35 -11.30 1.91
N ARG B 72 -5.34 -10.55 2.39
CA ARG B 72 -4.70 -9.45 1.63
C ARG B 72 -3.43 -9.03 2.37
N TRP B 73 -3.62 -8.41 3.57
CA TRP B 73 -2.54 -7.95 4.50
C TRP B 73 -1.37 -7.22 3.77
N LEU B 74 -0.22 -7.04 4.48
CA LEU B 74 1.04 -6.54 3.89
C LEU B 74 0.86 -5.19 3.16
N GLY B 75 1.64 -4.94 2.09
CA GLY B 75 1.52 -3.72 1.29
C GLY B 75 2.87 -3.19 0.83
N PRO B 76 3.74 -2.69 1.78
CA PRO B 76 5.09 -2.18 1.45
C PRO B 76 5.96 -3.26 0.75
N LYS B 77 6.30 -3.01 -0.52
CA LYS B 77 7.16 -3.87 -1.34
C LYS B 77 8.23 -3.02 -2.04
N ALA B 78 9.05 -3.67 -2.89
CA ALA B 78 10.08 -3.03 -3.73
C ALA B 78 10.05 -3.69 -5.11
N THR B 79 10.28 -5.01 -5.11
CA THR B 79 10.06 -5.92 -6.26
C THR B 79 10.98 -5.53 -7.47
N TYR B 80 10.74 -6.17 -8.64
CA TYR B 80 11.47 -5.90 -9.90
C TYR B 80 12.93 -6.39 -9.78
N HIS B 81 13.83 -5.50 -9.27
CA HIS B 81 15.28 -5.77 -9.09
C HIS B 81 15.98 -6.10 -10.43
N GLY B 82 15.77 -7.34 -10.93
CA GLY B 82 16.28 -7.78 -12.23
C GLY B 82 15.45 -8.93 -12.81
N ASN B 83 14.15 -8.96 -12.42
CA ASN B 83 13.17 -10.00 -12.83
C ASN B 83 13.66 -11.43 -12.45
N ILE B 84 14.21 -11.52 -11.22
CA ILE B 84 14.73 -12.79 -10.64
C ILE B 84 13.60 -13.67 -10.08
N ASP B 85 12.36 -13.14 -10.09
CA ASP B 85 11.16 -13.74 -9.46
C ASP B 85 10.92 -15.20 -9.91
N LYS B 86 10.11 -15.95 -9.14
CA LYS B 86 9.76 -17.37 -9.41
C LYS B 86 9.26 -17.49 -10.87
N PRO B 87 9.90 -18.36 -11.74
CA PRO B 87 9.57 -18.45 -13.19
C PRO B 87 8.18 -19.05 -13.46
N ALA B 88 7.17 -18.22 -13.20
CA ALA B 88 5.77 -18.50 -13.51
C ALA B 88 5.05 -17.14 -13.53
N VAL B 89 5.27 -16.38 -14.60
CA VAL B 89 4.85 -14.96 -14.70
C VAL B 89 4.18 -14.72 -16.06
N THR B 90 2.98 -14.10 -16.04
CA THR B 90 2.31 -13.65 -17.27
C THR B 90 2.80 -12.25 -17.64
N CYS B 91 3.21 -12.07 -18.91
CA CYS B 91 3.63 -10.77 -19.45
C CYS B 91 2.40 -9.86 -19.66
N THR B 92 1.96 -9.26 -18.53
CA THR B 92 0.77 -8.41 -18.47
C THR B 92 1.15 -7.04 -17.84
N PRO B 93 1.44 -5.98 -18.68
CA PRO B 93 1.84 -4.64 -18.18
C PRO B 93 0.63 -3.87 -17.56
N MET A 12 23.06 -7.18 -38.76
CA MET A 12 22.60 -5.90 -38.16
C MET A 12 23.79 -4.94 -38.03
N GLN A 13 23.60 -3.71 -38.51
CA GLN A 13 24.54 -2.59 -38.30
C GLN A 13 24.04 -1.76 -37.10
N VAL A 14 24.94 -1.36 -36.20
CA VAL A 14 24.59 -0.61 -34.97
C VAL A 14 25.44 0.66 -34.83
N SER A 15 24.90 1.65 -34.11
CA SER A 15 25.59 2.90 -33.79
C SER A 15 25.04 3.46 -32.46
N VAL A 16 25.78 3.17 -31.36
CA VAL A 16 25.39 3.58 -29.99
C VAL A 16 25.63 5.09 -29.77
N GLU A 17 24.66 5.75 -29.12
CA GLU A 17 24.73 7.18 -28.79
C GLU A 17 24.28 7.39 -27.33
N THR A 18 25.25 7.43 -26.43
CA THR A 18 25.02 7.61 -24.98
C THR A 18 24.50 9.04 -24.71
N THR A 19 23.17 9.20 -24.71
CA THR A 19 22.50 10.50 -24.59
C THR A 19 22.29 10.88 -23.10
N GLN A 20 21.57 10.02 -22.37
CA GLN A 20 21.19 10.27 -20.95
C GLN A 20 22.13 9.48 -19.99
N GLY A 21 23.27 9.00 -20.52
CA GLY A 21 24.21 8.17 -19.74
C GLY A 21 23.72 6.73 -19.63
N LEU A 22 22.63 6.55 -18.87
CA LEU A 22 21.89 5.29 -18.78
C LEU A 22 21.14 5.08 -20.11
N GLY A 23 20.59 6.20 -20.64
CA GLY A 23 19.96 6.23 -21.96
C GLY A 23 20.98 6.12 -23.09
N ARG A 24 21.03 4.96 -23.73
CA ARG A 24 21.98 4.64 -24.79
C ARG A 24 21.21 4.26 -26.06
N ARG A 25 21.21 5.19 -27.02
CA ARG A 25 20.54 5.03 -28.32
C ARG A 25 21.33 4.07 -29.23
N VAL A 26 20.94 2.78 -29.21
CA VAL A 26 21.52 1.77 -30.11
C VAL A 26 20.78 1.85 -31.45
N THR A 27 21.24 2.74 -32.35
CA THR A 27 20.63 2.94 -33.67
C THR A 27 21.00 1.78 -34.60
N ILE A 28 20.06 0.84 -34.77
CA ILE A 28 20.24 -0.34 -35.62
C ILE A 28 19.79 -0.03 -37.06
N THR A 29 20.73 -0.06 -38.01
CA THR A 29 20.43 -0.10 -39.43
C THR A 29 20.30 -1.57 -39.87
N ILE A 30 19.06 -2.00 -40.15
CA ILE A 30 18.78 -3.32 -40.71
C ILE A 30 19.04 -3.23 -42.22
N ALA A 31 20.15 -3.82 -42.68
CA ALA A 31 20.50 -3.82 -44.11
C ALA A 31 19.54 -4.68 -44.93
N ALA A 32 19.53 -4.42 -46.25
CA ALA A 32 18.57 -4.99 -47.21
C ALA A 32 18.61 -6.54 -47.26
N ASP A 33 19.72 -7.15 -46.81
CA ASP A 33 19.86 -8.63 -46.78
C ASP A 33 18.84 -9.26 -45.81
N SER A 34 18.71 -8.67 -44.61
CA SER A 34 17.85 -9.18 -43.54
C SER A 34 16.38 -8.83 -43.80
N ILE A 35 16.15 -7.66 -44.42
CA ILE A 35 14.80 -7.22 -44.79
C ILE A 35 14.22 -8.14 -45.87
N GLU A 36 14.92 -8.19 -47.01
CA GLU A 36 14.47 -8.87 -48.24
C GLU A 36 14.17 -10.38 -48.01
N THR A 37 14.93 -11.00 -47.10
CA THR A 37 14.71 -12.40 -46.71
C THR A 37 13.45 -12.53 -45.85
N ALA A 38 13.32 -11.67 -44.82
CA ALA A 38 12.17 -11.68 -43.89
C ALA A 38 10.85 -11.29 -44.59
N VAL A 39 10.95 -10.59 -45.73
CA VAL A 39 9.81 -10.33 -46.63
C VAL A 39 9.27 -11.66 -47.16
N LYS A 40 10.18 -12.49 -47.69
CA LYS A 40 9.85 -13.83 -48.23
C LYS A 40 9.47 -14.82 -47.12
N SER A 41 9.96 -14.58 -45.89
CA SER A 41 9.58 -15.35 -44.69
C SER A 41 8.10 -15.10 -44.38
N GLU A 42 7.67 -13.84 -44.52
CA GLU A 42 6.27 -13.45 -44.32
C GLU A 42 5.39 -13.94 -45.50
N LEU A 43 5.93 -13.90 -46.72
CA LEU A 43 5.22 -14.31 -47.94
C LEU A 43 4.94 -15.82 -47.96
N VAL A 44 5.91 -16.62 -47.48
CA VAL A 44 5.74 -18.10 -47.39
C VAL A 44 4.76 -18.45 -46.25
N ASN A 45 4.66 -17.55 -45.23
CA ASN A 45 3.61 -17.66 -44.19
C ASN A 45 2.23 -17.49 -44.85
N VAL A 46 1.99 -16.31 -45.46
CA VAL A 46 0.68 -15.94 -46.07
C VAL A 46 0.24 -16.99 -47.12
N ALA A 47 1.22 -17.42 -47.95
CA ALA A 47 0.98 -18.42 -49.01
C ALA A 47 0.49 -19.75 -48.43
N LYS A 48 1.28 -20.34 -47.52
CA LYS A 48 0.99 -21.69 -46.96
C LYS A 48 -0.15 -21.67 -45.94
N LYS A 49 -0.42 -20.50 -45.34
CA LYS A 49 -1.44 -20.33 -44.29
C LYS A 49 -2.85 -20.34 -44.92
N VAL A 50 -3.00 -19.58 -46.03
CA VAL A 50 -4.27 -19.48 -46.77
C VAL A 50 -4.28 -20.53 -47.93
N ARG A 51 -3.20 -21.36 -47.98
CA ARG A 51 -3.01 -22.49 -48.93
C ARG A 51 -2.86 -22.01 -50.40
N ILE A 52 -2.52 -20.71 -50.57
CA ILE A 52 -2.24 -20.06 -51.87
C ILE A 52 -0.99 -20.70 -52.55
N ASP A 53 -0.11 -21.30 -51.73
CA ASP A 53 1.10 -22.04 -52.21
C ASP A 53 0.70 -23.27 -53.04
N GLY A 54 -0.46 -23.88 -52.69
CA GLY A 54 -1.03 -24.99 -53.44
C GLY A 54 -1.57 -24.57 -54.80
N PHE A 55 -1.93 -23.27 -54.91
CA PHE A 55 -2.40 -22.67 -56.18
C PHE A 55 -1.21 -22.10 -56.98
N ARG A 56 -0.04 -21.93 -56.31
CA ARG A 56 1.18 -21.41 -56.96
C ARG A 56 1.62 -22.35 -58.10
N LYS A 57 1.53 -21.84 -59.35
CA LYS A 57 1.91 -22.58 -60.57
C LYS A 57 3.43 -22.48 -60.83
N GLY A 58 4.08 -21.51 -60.17
CA GLY A 58 5.54 -21.34 -60.20
C GLY A 58 6.04 -20.51 -61.38
N LYS A 59 5.08 -19.97 -62.20
CA LYS A 59 5.41 -19.11 -63.36
C LYS A 59 6.16 -17.86 -62.90
N VAL A 60 5.64 -17.22 -61.84
CA VAL A 60 6.29 -16.07 -61.21
C VAL A 60 7.15 -16.61 -60.04
N PRO A 61 8.51 -16.59 -60.18
CA PRO A 61 9.44 -17.09 -59.12
C PRO A 61 9.25 -16.40 -57.74
N MET A 62 9.56 -17.15 -56.67
CA MET A 62 9.25 -16.75 -55.27
C MET A 62 10.10 -15.54 -54.80
N ASN A 63 11.16 -15.22 -55.55
CA ASN A 63 11.96 -14.01 -55.32
C ASN A 63 11.30 -12.77 -55.97
N ILE A 64 10.69 -12.96 -57.15
CA ILE A 64 10.04 -11.87 -57.92
C ILE A 64 8.69 -11.47 -57.28
N VAL A 65 8.04 -12.39 -56.54
CA VAL A 65 6.80 -12.07 -55.78
C VAL A 65 7.11 -11.13 -54.59
N ALA A 66 8.40 -11.03 -54.20
CA ALA A 66 8.86 -10.20 -53.06
C ALA A 66 9.04 -8.72 -53.44
N GLN A 67 9.46 -8.47 -54.69
CA GLN A 67 9.62 -7.11 -55.22
C GLN A 67 8.29 -6.55 -55.76
N ARG A 68 7.34 -7.47 -56.05
CA ARG A 68 6.01 -7.10 -56.56
C ARG A 68 4.97 -7.09 -55.42
N TYR A 69 4.55 -8.28 -54.97
CA TYR A 69 3.45 -8.46 -53.98
C TYR A 69 3.96 -8.21 -52.55
N GLY A 70 5.24 -8.51 -52.32
CA GLY A 70 5.87 -8.38 -51.01
C GLY A 70 6.35 -6.98 -50.72
N ALA A 71 6.33 -6.10 -51.75
CA ALA A 71 6.83 -4.71 -51.65
C ALA A 71 6.08 -3.87 -50.59
N SER A 72 4.77 -4.10 -50.47
CA SER A 72 3.92 -3.46 -49.45
C SER A 72 4.13 -4.11 -48.08
N VAL A 73 4.29 -5.45 -48.11
CA VAL A 73 4.42 -6.32 -46.92
C VAL A 73 5.70 -5.98 -46.10
N ARG A 74 6.70 -5.36 -46.77
CA ARG A 74 8.00 -4.97 -46.16
C ARG A 74 7.82 -4.12 -44.89
N GLN A 75 6.71 -3.34 -44.85
CA GLN A 75 6.31 -2.51 -43.69
C GLN A 75 6.18 -3.36 -42.41
N ASP A 76 5.36 -4.42 -42.49
CA ASP A 76 5.06 -5.32 -41.36
C ASP A 76 6.29 -6.14 -40.97
N VAL A 77 7.06 -6.49 -42.02
CA VAL A 77 8.35 -7.20 -41.89
C VAL A 77 9.31 -6.41 -40.98
N LEU A 78 9.30 -5.06 -41.08
CA LEU A 78 10.14 -4.18 -40.23
C LEU A 78 9.85 -4.38 -38.74
N GLY A 79 8.56 -4.53 -38.41
CA GLY A 79 8.12 -4.76 -37.02
C GLY A 79 8.68 -6.05 -36.43
N ASP A 80 8.64 -7.11 -37.26
CA ASP A 80 9.23 -8.43 -36.94
C ASP A 80 10.77 -8.33 -36.79
N LEU A 81 11.40 -7.55 -37.69
CA LEU A 81 12.85 -7.33 -37.72
C LEU A 81 13.35 -6.64 -36.42
N MET A 82 12.62 -5.59 -35.98
CA MET A 82 13.01 -4.76 -34.81
C MET A 82 13.10 -5.60 -33.52
N SER A 83 12.15 -6.53 -33.38
CA SER A 83 12.08 -7.45 -32.24
C SER A 83 13.28 -8.42 -32.24
N ARG A 84 13.56 -9.00 -33.42
CA ARG A 84 14.61 -10.03 -33.59
C ARG A 84 16.01 -9.42 -33.56
N ASN A 85 16.16 -8.14 -33.94
CA ASN A 85 17.47 -7.44 -33.90
C ASN A 85 17.78 -6.97 -32.47
N PHE A 86 16.72 -6.60 -31.71
CA PHE A 86 16.89 -6.14 -30.32
C PHE A 86 17.31 -7.31 -29.40
N ILE A 87 16.58 -8.44 -29.50
CA ILE A 87 16.89 -9.64 -28.69
C ILE A 87 18.30 -10.17 -29.04
N ASP A 88 18.68 -10.04 -30.32
CA ASP A 88 20.01 -10.45 -30.82
C ASP A 88 21.10 -9.56 -30.19
N ALA A 89 20.79 -8.24 -30.10
CA ALA A 89 21.70 -7.21 -29.57
C ALA A 89 21.96 -7.37 -28.06
N ILE A 90 20.89 -7.67 -27.28
CA ILE A 90 21.00 -7.76 -25.80
C ILE A 90 21.73 -9.05 -25.35
N ILE A 91 21.73 -10.07 -26.22
CA ILE A 91 22.47 -11.32 -25.96
C ILE A 91 23.99 -11.10 -26.18
N LYS A 92 24.35 -10.49 -27.33
CA LYS A 92 25.77 -10.31 -27.72
C LYS A 92 26.47 -9.25 -26.84
N GLU A 93 25.71 -8.20 -26.43
CA GLU A 93 26.25 -7.07 -25.64
C GLU A 93 25.89 -7.20 -24.13
N LYS A 94 25.18 -8.29 -23.75
CA LYS A 94 24.83 -8.60 -22.33
C LYS A 94 24.02 -7.45 -21.67
N ILE A 95 23.10 -6.88 -22.44
CA ILE A 95 22.28 -5.73 -22.02
C ILE A 95 20.96 -6.21 -21.39
N ASN A 96 20.61 -5.63 -20.23
CA ASN A 96 19.30 -5.82 -19.58
C ASN A 96 18.51 -4.48 -19.67
N PRO A 97 17.49 -4.38 -20.59
CA PRO A 97 16.70 -3.13 -20.79
C PRO A 97 15.79 -2.79 -19.58
N ALA A 98 15.73 -1.50 -19.23
CA ALA A 98 14.91 -0.99 -18.14
C ALA A 98 13.45 -0.82 -18.59
N GLY A 99 12.65 -1.87 -18.39
CA GLY A 99 11.24 -1.88 -18.76
C GLY A 99 11.03 -2.21 -20.24
N ALA A 100 11.06 -1.19 -21.10
CA ALA A 100 10.78 -1.33 -22.55
C ALA A 100 11.68 -0.39 -23.37
N PRO A 101 12.11 -0.80 -24.61
CA PRO A 101 12.89 0.07 -25.52
C PRO A 101 12.01 0.91 -26.48
N THR A 102 12.38 2.19 -26.64
CA THR A 102 11.71 3.09 -27.59
C THR A 102 12.35 2.93 -28.99
N TYR A 103 11.65 2.25 -29.89
CA TYR A 103 12.06 2.12 -31.30
C TYR A 103 11.62 3.39 -32.05
N VAL A 104 12.59 4.26 -32.39
CA VAL A 104 12.35 5.50 -33.13
C VAL A 104 12.78 5.30 -34.60
N PRO A 105 11.83 4.96 -35.53
CA PRO A 105 12.17 4.71 -36.95
C PRO A 105 12.75 5.96 -37.62
N GLY A 106 14.08 5.96 -37.84
CA GLY A 106 14.79 7.04 -38.50
C GLY A 106 14.26 7.28 -39.90
N GLU A 107 14.20 6.20 -40.70
CA GLU A 107 13.63 6.21 -42.06
C GLU A 107 13.52 4.80 -42.63
N TYR A 108 12.66 4.65 -43.65
CA TYR A 108 12.61 3.46 -44.51
C TYR A 108 12.41 3.90 -45.97
N LYS A 109 13.26 3.39 -46.86
CA LYS A 109 13.16 3.64 -48.31
C LYS A 109 12.52 2.42 -48.99
N LEU A 110 11.86 2.67 -50.13
CA LEU A 110 11.12 1.63 -50.88
C LEU A 110 12.07 0.50 -51.36
N GLY A 111 12.08 -0.60 -50.59
CA GLY A 111 12.87 -1.79 -50.92
C GLY A 111 14.24 -1.84 -50.24
N GLU A 112 14.79 -0.64 -49.96
CA GLU A 112 16.16 -0.48 -49.42
C GLU A 112 16.23 -0.74 -47.90
N ASP A 113 17.37 -0.35 -47.30
CA ASP A 113 17.71 -0.58 -45.89
C ASP A 113 16.77 0.22 -44.95
N PHE A 114 16.57 -0.32 -43.74
CA PHE A 114 15.80 0.33 -42.66
C PHE A 114 16.77 0.82 -41.57
N THR A 115 16.43 1.92 -40.90
CA THR A 115 17.21 2.48 -39.78
C THR A 115 16.24 2.95 -38.69
N TYR A 116 16.54 2.60 -37.42
CA TYR A 116 15.74 3.01 -36.26
C TYR A 116 16.63 3.11 -35.01
N SER A 117 16.44 4.22 -34.28
CA SER A 117 17.14 4.52 -33.04
C SER A 117 16.46 3.82 -31.84
N VAL A 118 17.07 2.73 -31.34
CA VAL A 118 16.57 2.02 -30.14
C VAL A 118 17.05 2.78 -28.89
N GLU A 119 16.27 3.78 -28.49
CA GLU A 119 16.54 4.60 -27.30
C GLU A 119 15.92 3.93 -26.06
N PHE A 120 16.78 3.46 -25.16
CA PHE A 120 16.37 2.84 -23.90
C PHE A 120 17.48 2.99 -22.88
N GLU A 121 17.13 2.80 -21.61
CA GLU A 121 18.07 2.84 -20.49
C GLU A 121 18.37 1.43 -19.99
N VAL A 122 19.50 1.28 -19.29
CA VAL A 122 19.96 0.00 -18.73
C VAL A 122 20.02 0.09 -17.20
N TYR A 123 20.00 -1.07 -16.52
CA TYR A 123 20.14 -1.15 -15.05
C TYR A 123 21.59 -0.80 -14.64
N PRO A 124 21.80 0.25 -13.79
CA PRO A 124 23.15 0.71 -13.39
C PRO A 124 23.79 -0.18 -12.28
N GLU A 125 25.13 -0.14 -12.23
CA GLU A 125 25.91 -0.79 -11.18
C GLU A 125 25.78 0.05 -9.89
N VAL A 126 25.16 -0.53 -8.86
CA VAL A 126 24.86 0.17 -7.61
C VAL A 126 26.08 0.09 -6.65
N GLU A 127 26.47 1.25 -6.10
CA GLU A 127 27.58 1.36 -5.14
C GLU A 127 27.03 1.25 -3.71
N LEU A 128 27.23 0.06 -3.08
CA LEU A 128 26.82 -0.20 -1.70
C LEU A 128 27.90 0.30 -0.72
N GLN A 129 27.46 1.05 0.29
CA GLN A 129 28.33 1.74 1.25
C GLN A 129 27.59 1.92 2.58
N GLY A 130 28.35 1.86 3.69
CA GLY A 130 27.84 2.11 5.04
C GLY A 130 26.82 1.08 5.54
N LEU A 131 26.76 -0.10 4.87
CA LEU A 131 25.79 -1.17 5.20
C LEU A 131 25.97 -1.68 6.63
N GLU A 132 27.23 -1.74 7.07
CA GLU A 132 27.62 -2.19 8.43
C GLU A 132 27.28 -1.13 9.48
N ALA A 133 27.08 0.13 9.04
CA ALA A 133 26.81 1.27 9.93
C ALA A 133 25.29 1.50 10.14
N ILE A 134 24.46 0.85 9.29
CA ILE A 134 22.99 0.97 9.35
C ILE A 134 22.46 0.30 10.64
N GLU A 135 21.95 1.11 11.59
CA GLU A 135 21.35 0.62 12.84
C GLU A 135 19.83 0.51 12.68
N VAL A 136 19.36 -0.73 12.48
CA VAL A 136 17.93 -1.06 12.32
C VAL A 136 17.39 -1.60 13.66
N GLU A 137 16.17 -1.16 14.03
CA GLU A 137 15.52 -1.56 15.28
C GLU A 137 14.82 -2.92 15.13
N LYS A 138 14.76 -3.66 16.24
CA LYS A 138 14.05 -4.94 16.35
C LYS A 138 13.21 -4.92 17.64
N PRO A 139 11.93 -4.42 17.57
CA PRO A 139 11.03 -4.42 18.73
C PRO A 139 10.41 -5.83 18.98
N ILE A 140 10.81 -6.45 20.11
CA ILE A 140 10.15 -7.66 20.61
C ILE A 140 8.78 -7.27 21.17
N VAL A 141 7.82 -7.19 20.24
CA VAL A 141 6.42 -6.88 20.55
C VAL A 141 5.69 -8.20 20.77
N GLU A 142 4.93 -8.31 21.86
CA GLU A 142 4.04 -9.45 22.08
C GLU A 142 2.82 -9.03 22.88
N VAL A 143 1.77 -9.84 22.77
CA VAL A 143 0.51 -9.63 23.50
C VAL A 143 0.61 -10.34 24.85
N THR A 144 1.20 -9.64 25.83
CA THR A 144 1.32 -10.14 27.21
C THR A 144 -0.07 -10.13 27.87
N ASP A 145 -0.17 -10.66 29.09
CA ASP A 145 -1.43 -10.66 29.89
C ASP A 145 -1.94 -9.22 30.10
N ALA A 146 -0.99 -8.27 30.18
CA ALA A 146 -1.28 -6.83 30.32
C ALA A 146 -1.93 -6.26 29.04
N ASP A 147 -1.47 -6.75 27.88
CA ASP A 147 -2.00 -6.33 26.56
C ASP A 147 -3.35 -6.98 26.29
N VAL A 148 -3.55 -8.22 26.80
CA VAL A 148 -4.84 -8.93 26.66
C VAL A 148 -5.92 -8.21 27.49
N ASP A 149 -5.61 -7.95 28.78
CA ASP A 149 -6.49 -7.16 29.67
C ASP A 149 -6.75 -5.76 29.09
N GLY A 150 -5.67 -5.14 28.58
CA GLY A 150 -5.76 -3.81 27.97
C GLY A 150 -6.61 -3.78 26.70
N MET A 151 -6.53 -4.86 25.91
CA MET A 151 -7.29 -5.02 24.65
C MET A 151 -8.80 -5.13 24.96
N LEU A 152 -9.14 -6.09 25.85
CA LEU A 152 -10.53 -6.34 26.27
C LEU A 152 -11.13 -5.09 26.93
N ASP A 153 -10.29 -4.40 27.73
CA ASP A 153 -10.62 -3.13 28.42
C ASP A 153 -11.07 -2.07 27.40
N THR A 154 -10.22 -1.85 26.38
CA THR A 154 -10.47 -0.89 25.30
C THR A 154 -11.77 -1.22 24.54
N LEU A 155 -11.95 -2.51 24.19
CA LEU A 155 -13.16 -2.99 23.48
C LEU A 155 -14.43 -2.67 24.29
N ARG A 156 -14.37 -2.98 25.60
CA ARG A 156 -15.50 -2.82 26.53
C ARG A 156 -15.76 -1.35 26.90
N LYS A 157 -14.76 -0.46 26.77
CA LYS A 157 -14.93 0.98 27.04
C LYS A 157 -15.37 1.76 25.79
N GLN A 158 -15.02 1.28 24.60
CA GLN A 158 -15.52 1.85 23.33
C GLN A 158 -17.00 1.45 23.14
N GLN A 159 -17.28 0.15 23.40
CA GLN A 159 -18.63 -0.44 23.27
C GLN A 159 -19.36 -0.45 24.63
N ALA A 160 -19.03 0.52 25.50
CA ALA A 160 -19.63 0.65 26.83
C ALA A 160 -20.99 1.35 26.75
N THR A 161 -21.91 0.90 27.60
CA THR A 161 -23.25 1.47 27.71
C THR A 161 -23.19 2.73 28.59
N TRP A 162 -23.95 3.76 28.22
CA TRP A 162 -23.95 5.07 28.91
C TRP A 162 -24.89 5.01 30.13
N LYS A 163 -24.47 5.62 31.24
CA LYS A 163 -25.19 5.56 32.53
C LYS A 163 -25.10 6.91 33.23
N GLU A 164 -26.21 7.68 33.24
CA GLU A 164 -26.27 9.00 33.89
C GLU A 164 -25.97 8.88 35.39
N LYS A 165 -24.89 9.55 35.81
CA LYS A 165 -24.47 9.61 37.21
C LYS A 165 -24.30 11.07 37.67
N ASP A 166 -23.87 11.23 38.92
CA ASP A 166 -23.78 12.52 39.60
C ASP A 166 -22.54 12.54 40.51
N GLY A 167 -21.99 13.75 40.76
CA GLY A 167 -20.94 13.97 41.74
C GLY A 167 -19.54 13.54 41.31
N ALA A 168 -19.35 13.16 40.04
CA ALA A 168 -18.05 12.63 39.57
C ALA A 168 -17.85 12.84 38.06
N VAL A 169 -16.80 13.61 37.67
CA VAL A 169 -16.28 13.61 36.27
C VAL A 169 -14.91 12.90 36.25
N GLU A 170 -14.72 12.04 35.26
CA GLU A 170 -13.51 11.20 35.09
C GLU A 170 -13.05 11.28 33.63
N ALA A 171 -11.90 10.64 33.33
CA ALA A 171 -11.17 10.82 32.06
C ALA A 171 -11.94 10.32 30.83
N GLU A 172 -12.84 9.36 31.04
CA GLU A 172 -13.56 8.67 29.97
C GLU A 172 -15.08 8.76 30.19
N ASP A 173 -15.53 9.88 30.79
CA ASP A 173 -16.97 10.09 31.03
C ASP A 173 -17.65 10.79 29.84
N ARG A 174 -18.96 10.96 29.97
CA ARG A 174 -19.83 11.53 28.94
C ARG A 174 -20.65 12.66 29.59
N VAL A 175 -20.16 13.90 29.43
CA VAL A 175 -20.69 15.07 30.16
C VAL A 175 -21.53 15.98 29.24
N THR A 176 -22.70 16.38 29.73
CA THR A 176 -23.62 17.28 29.01
C THR A 176 -23.44 18.72 29.53
N ILE A 177 -23.07 19.65 28.64
CA ILE A 177 -22.79 21.06 28.99
C ILE A 177 -23.57 22.01 28.07
N ASP A 178 -23.75 23.26 28.52
CA ASP A 178 -23.93 24.40 27.61
C ASP A 178 -22.66 25.24 27.73
N PHE A 179 -21.77 25.20 26.72
CA PHE A 179 -20.49 25.95 26.80
C PHE A 179 -20.64 27.26 26.03
N THR A 180 -20.51 28.38 26.76
CA THR A 180 -20.87 29.74 26.28
C THR A 180 -19.70 30.71 26.52
N GLY A 181 -18.90 31.02 25.49
CA GLY A 181 -17.70 31.85 25.70
C GLY A 181 -17.14 32.50 24.45
N SER A 182 -15.92 33.06 24.61
CA SER A 182 -15.26 33.90 23.59
C SER A 182 -13.81 33.42 23.36
N VAL A 183 -13.44 33.23 22.08
CA VAL A 183 -12.07 32.85 21.67
C VAL A 183 -11.28 34.12 21.35
N ASP A 184 -10.10 34.30 22.00
CA ASP A 184 -9.25 35.50 21.83
C ASP A 184 -10.00 36.79 22.29
N GLY A 185 -11.03 36.60 23.14
CA GLY A 185 -11.82 37.72 23.67
C GLY A 185 -12.98 38.15 22.78
N GLU A 186 -13.22 37.40 21.68
CA GLU A 186 -14.34 37.66 20.75
C GLU A 186 -15.12 36.35 20.50
N GLU A 187 -16.45 36.47 20.34
CA GLU A 187 -17.32 35.32 20.07
C GLU A 187 -17.31 34.98 18.57
N PHE A 188 -17.07 33.70 18.27
CA PHE A 188 -17.06 33.15 16.90
C PHE A 188 -18.13 32.06 16.78
N GLU A 189 -18.06 31.28 15.68
CA GLU A 189 -18.87 30.06 15.47
C GLU A 189 -18.60 29.10 16.64
N GLY A 190 -19.63 28.41 17.15
CA GLY A 190 -19.45 27.52 18.30
C GLY A 190 -19.16 28.26 19.61
N GLY A 191 -19.43 29.60 19.62
CA GLY A 191 -19.29 30.44 20.82
C GLY A 191 -20.39 30.16 21.84
N LYS A 192 -21.41 29.41 21.40
CA LYS A 192 -22.48 28.90 22.27
C LYS A 192 -22.96 27.56 21.71
N ALA A 193 -23.01 26.53 22.56
CA ALA A 193 -23.51 25.19 22.19
C ALA A 193 -24.16 24.53 23.41
N SER A 194 -25.49 24.44 23.39
CA SER A 194 -26.29 23.90 24.49
C SER A 194 -26.43 22.37 24.37
N ASP A 195 -26.34 21.68 25.53
CA ASP A 195 -26.58 20.23 25.67
C ASP A 195 -25.53 19.40 24.89
N PHE A 196 -24.32 19.97 24.78
CA PHE A 196 -23.14 19.34 24.17
C PHE A 196 -22.69 18.14 25.04
N VAL A 197 -23.02 16.91 24.60
CA VAL A 197 -22.72 15.67 25.34
C VAL A 197 -21.34 15.12 24.90
N LEU A 198 -20.28 15.61 25.55
CA LEU A 198 -18.90 15.21 25.25
C LEU A 198 -18.56 13.83 25.86
N ALA A 199 -18.36 12.81 25.01
CA ALA A 199 -17.71 11.55 25.42
C ALA A 199 -16.18 11.77 25.37
N MET A 200 -15.63 12.23 26.51
CA MET A 200 -14.18 12.49 26.67
C MET A 200 -13.39 11.17 26.80
N GLY A 201 -12.06 11.27 26.77
CA GLY A 201 -11.17 10.10 26.69
C GLY A 201 -11.12 9.53 25.29
N GLN A 202 -11.67 10.28 24.33
CA GLN A 202 -11.73 9.95 22.90
C GLN A 202 -11.41 11.23 22.11
N GLY A 203 -10.66 11.08 21.00
CA GLY A 203 -10.19 12.22 20.20
C GLY A 203 -11.30 12.89 19.40
N ARG A 204 -12.16 13.62 20.10
CA ARG A 204 -13.35 14.27 19.54
C ARG A 204 -13.20 15.79 19.67
N MET A 205 -12.95 16.23 20.91
CA MET A 205 -12.82 17.67 21.25
C MET A 205 -11.34 18.02 21.50
N ILE A 206 -11.08 19.32 21.70
CA ILE A 206 -9.75 19.82 22.08
C ILE A 206 -9.36 19.32 23.50
N PRO A 207 -8.13 18.72 23.68
CA PRO A 207 -7.57 18.40 25.01
C PRO A 207 -7.37 19.67 25.86
N GLY A 208 -7.80 19.61 27.13
CA GLY A 208 -7.87 20.78 28.00
C GLY A 208 -9.31 21.19 28.25
N PHE A 209 -10.16 21.03 27.22
CA PHE A 209 -11.61 21.26 27.34
C PHE A 209 -12.21 20.22 28.29
N GLU A 210 -11.92 18.95 28.00
CA GLU A 210 -12.36 17.84 28.85
C GLU A 210 -11.77 17.93 30.26
N ASP A 211 -10.48 18.32 30.35
CA ASP A 211 -9.73 18.39 31.61
C ASP A 211 -10.27 19.49 32.52
N GLY A 212 -10.78 20.58 31.92
CA GLY A 212 -11.46 21.64 32.66
C GLY A 212 -12.70 21.15 33.39
N ILE A 213 -13.41 20.22 32.74
CA ILE A 213 -14.61 19.56 33.28
C ILE A 213 -14.21 18.51 34.36
N LYS A 214 -13.06 17.82 34.10
CA LYS A 214 -12.51 16.75 34.96
C LYS A 214 -11.91 17.29 36.28
N GLY A 215 -11.91 18.63 36.43
CA GLY A 215 -11.64 19.26 37.71
C GLY A 215 -12.91 19.55 38.51
N HIS A 216 -14.04 18.94 38.08
CA HIS A 216 -15.40 19.20 38.63
C HIS A 216 -16.20 17.89 38.75
N LYS A 217 -17.50 17.98 39.13
CA LYS A 217 -18.29 16.81 39.57
C LYS A 217 -19.55 16.52 38.73
N ALA A 218 -20.55 17.43 38.72
CA ALA A 218 -21.83 17.17 37.97
C ALA A 218 -22.51 18.41 37.40
N GLY A 219 -22.87 19.35 38.30
CA GLY A 219 -23.87 20.37 37.98
C GLY A 219 -23.48 21.74 38.45
N GLU A 220 -22.27 22.17 38.07
CA GLU A 220 -21.69 23.45 38.50
C GLU A 220 -21.25 24.29 37.30
N GLU A 221 -21.33 25.61 37.48
CA GLU A 221 -20.98 26.62 36.46
C GLU A 221 -19.56 27.13 36.71
N PHE A 222 -18.75 27.17 35.65
CA PHE A 222 -17.37 27.66 35.70
C PHE A 222 -16.93 28.12 34.32
N THR A 223 -15.71 28.66 34.25
CA THR A 223 -15.08 29.13 33.01
C THR A 223 -13.68 28.54 32.91
N ILE A 224 -13.34 27.98 31.73
CA ILE A 224 -12.00 27.42 31.46
C ILE A 224 -11.41 28.08 30.21
N ASP A 225 -10.09 28.33 30.26
CA ASP A 225 -9.31 28.90 29.15
C ASP A 225 -8.60 27.76 28.42
N VAL A 226 -9.13 27.34 27.26
CA VAL A 226 -8.56 26.25 26.46
C VAL A 226 -7.56 26.78 25.42
N THR A 227 -6.29 26.40 25.58
CA THR A 227 -5.22 26.79 24.66
C THR A 227 -5.20 25.80 23.48
N PHE A 228 -5.87 26.22 22.39
CA PHE A 228 -5.94 25.48 21.11
C PHE A 228 -4.56 24.97 20.63
N PRO A 229 -4.51 23.77 19.98
CA PRO A 229 -3.27 23.17 19.46
C PRO A 229 -2.85 23.80 18.13
N GLU A 230 -1.55 23.72 17.84
CA GLU A 230 -0.98 24.11 16.53
C GLU A 230 -1.32 23.07 15.44
N GLU A 231 -1.97 21.96 15.87
CA GLU A 231 -2.43 20.89 14.98
C GLU A 231 -3.62 21.39 14.16
N TYR A 232 -4.43 22.24 14.80
CA TYR A 232 -5.66 22.77 14.23
C TYR A 232 -5.32 23.87 13.22
N HIS A 233 -5.95 23.78 12.03
CA HIS A 233 -5.63 24.63 10.86
C HIS A 233 -6.47 25.91 10.80
N ALA A 234 -7.42 26.07 11.72
CA ALA A 234 -8.15 27.34 11.88
C ALA A 234 -7.19 28.36 12.50
N GLU A 235 -6.74 29.32 11.67
CA GLU A 235 -5.63 30.24 11.96
C GLU A 235 -5.88 31.12 13.19
N ASN A 236 -7.11 31.65 13.32
CA ASN A 236 -7.50 32.54 14.44
C ASN A 236 -7.73 31.74 15.73
N LEU A 237 -7.88 30.41 15.63
CA LEU A 237 -8.10 29.55 16.81
C LEU A 237 -6.77 29.04 17.39
N LYS A 238 -5.89 28.55 16.50
CA LYS A 238 -4.69 27.79 16.90
C LYS A 238 -3.76 28.61 17.85
N GLY A 239 -3.42 28.03 19.01
CA GLY A 239 -2.60 28.70 20.02
C GLY A 239 -3.34 29.69 20.91
N LYS A 240 -4.65 29.88 20.70
CA LYS A 240 -5.45 30.88 21.47
C LYS A 240 -6.08 30.23 22.70
N ALA A 241 -6.30 31.04 23.74
CA ALA A 241 -7.01 30.61 24.96
C ALA A 241 -8.47 31.12 24.91
N ALA A 242 -9.40 30.18 24.68
CA ALA A 242 -10.83 30.48 24.62
C ALA A 242 -11.47 30.32 26.01
N LYS A 243 -12.13 31.37 26.46
CA LYS A 243 -12.76 31.40 27.78
C LYS A 243 -14.21 30.93 27.61
N PHE A 244 -14.46 29.63 27.84
CA PHE A 244 -15.80 29.03 27.70
C PHE A 244 -16.45 28.88 29.08
N ALA A 245 -17.64 29.49 29.26
CA ALA A 245 -18.43 29.33 30.48
C ALA A 245 -19.18 27.98 30.41
N ILE A 246 -18.53 26.97 30.99
CA ILE A 246 -19.03 25.61 31.05
C ILE A 246 -20.22 25.53 32.02
N ASN A 247 -21.43 25.40 31.45
CA ASN A 247 -22.67 25.22 32.23
C ASN A 247 -22.92 23.72 32.32
N LEU A 248 -22.08 23.05 33.14
CA LEU A 248 -22.04 21.60 33.26
C LEU A 248 -23.36 21.11 33.89
N LYS A 249 -24.17 20.44 33.07
CA LYS A 249 -25.48 19.89 33.51
C LYS A 249 -25.32 18.51 34.16
N LYS A 250 -24.90 17.51 33.35
CA LYS A 250 -24.89 16.09 33.75
C LYS A 250 -23.54 15.43 33.46
N VAL A 251 -23.38 14.23 34.03
CA VAL A 251 -22.29 13.28 33.71
C VAL A 251 -22.93 11.92 33.45
N GLU A 252 -22.30 11.11 32.58
CA GLU A 252 -22.73 9.74 32.27
C GLU A 252 -21.48 8.87 32.17
N GLU A 253 -21.38 7.86 33.04
CA GLU A 253 -20.28 6.89 33.02
C GLU A 253 -20.45 5.94 31.84
N ARG A 254 -19.34 5.61 31.17
CA ARG A 254 -19.32 4.54 30.17
C ARG A 254 -19.13 3.20 30.93
N GLU A 255 -20.23 2.72 31.55
CA GLU A 255 -20.18 1.48 32.33
C GLU A 255 -19.96 0.29 31.38
N LEU A 256 -19.03 -0.58 31.76
CA LEU A 256 -18.64 -1.76 30.98
C LEU A 256 -19.86 -2.67 30.70
N PRO A 257 -20.04 -3.15 29.43
CA PRO A 257 -21.21 -3.95 29.03
C PRO A 257 -21.20 -5.35 29.67
N GLU A 258 -22.09 -6.22 29.20
CA GLU A 258 -22.22 -7.59 29.70
C GLU A 258 -20.94 -8.40 29.39
N LEU A 259 -20.71 -9.46 30.16
CA LEU A 259 -19.68 -10.47 29.88
C LEU A 259 -20.36 -11.87 29.96
N THR A 260 -21.70 -11.83 29.83
CA THR A 260 -22.60 -12.99 29.93
C THR A 260 -22.41 -13.91 28.69
N ALA A 261 -22.91 -15.17 28.80
CA ALA A 261 -22.77 -16.23 27.77
C ALA A 261 -23.04 -15.70 26.34
N GLU A 262 -24.18 -14.99 26.18
CA GLU A 262 -24.61 -14.46 24.86
C GLU A 262 -23.71 -13.31 24.35
N PHE A 263 -23.00 -12.63 25.25
CA PHE A 263 -22.02 -11.57 24.89
C PHE A 263 -20.71 -12.23 24.42
N ILE A 264 -20.19 -13.13 25.25
CA ILE A 264 -18.86 -13.73 25.06
C ILE A 264 -18.86 -14.73 23.87
N LYS A 265 -20.05 -15.26 23.50
CA LYS A 265 -20.22 -16.08 22.27
C LYS A 265 -20.52 -15.19 21.03
N ARG A 266 -20.89 -13.91 21.27
CA ARG A 266 -21.35 -12.96 20.21
C ARG A 266 -20.21 -12.64 19.21
N PHE A 267 -18.97 -12.74 19.70
CA PHE A 267 -17.76 -12.62 18.88
C PHE A 267 -17.71 -13.73 17.81
N GLY A 268 -18.28 -14.89 18.16
CA GLY A 268 -18.32 -16.06 17.28
C GLY A 268 -17.30 -17.11 17.70
N VAL A 269 -16.89 -17.07 18.98
CA VAL A 269 -15.94 -18.03 19.57
C VAL A 269 -16.61 -19.42 19.70
N GLU A 270 -15.82 -20.50 19.59
CA GLU A 270 -16.29 -21.91 19.61
C GLU A 270 -17.18 -22.21 20.83
N ASP A 271 -16.88 -21.56 21.95
CA ASP A 271 -17.71 -21.61 23.16
C ASP A 271 -17.60 -20.29 23.93
N GLY A 272 -18.62 -19.97 24.72
CA GLY A 272 -18.66 -18.73 25.49
C GLY A 272 -17.72 -18.75 26.70
N SER A 273 -16.43 -18.51 26.46
CA SER A 273 -15.38 -18.57 27.49
C SER A 273 -14.53 -17.29 27.43
N VAL A 274 -14.45 -16.56 28.57
CA VAL A 274 -13.68 -15.29 28.68
C VAL A 274 -12.20 -15.55 28.37
N GLU A 275 -11.63 -16.54 29.07
CA GLU A 275 -10.26 -17.05 28.81
C GLU A 275 -10.12 -17.64 27.39
N GLY A 276 -11.26 -17.95 26.75
CA GLY A 276 -11.29 -18.38 25.35
C GLY A 276 -11.20 -17.21 24.41
N LEU A 277 -11.69 -16.02 24.86
CA LEU A 277 -11.56 -14.76 24.11
C LEU A 277 -10.15 -14.18 24.31
N ARG A 278 -9.56 -14.47 25.49
CA ARG A 278 -8.17 -14.12 25.78
C ARG A 278 -7.22 -14.93 24.90
N ALA A 279 -7.55 -16.23 24.72
CA ALA A 279 -6.82 -17.15 23.83
C ALA A 279 -7.13 -16.86 22.35
N GLU A 280 -8.35 -16.36 22.07
CA GLU A 280 -8.78 -15.90 20.73
C GLU A 280 -7.87 -14.76 20.26
N VAL A 281 -7.87 -13.67 21.07
CA VAL A 281 -7.02 -12.50 20.89
C VAL A 281 -5.55 -12.91 20.76
N ARG A 282 -5.04 -13.69 21.73
CA ARG A 282 -3.63 -14.14 21.77
C ARG A 282 -3.22 -14.88 20.47
N LYS A 283 -3.94 -15.96 20.13
CA LYS A 283 -3.54 -16.89 19.04
C LYS A 283 -3.62 -16.20 17.65
N ASN A 284 -4.67 -15.36 17.44
CA ASN A 284 -4.82 -14.60 16.18
C ASN A 284 -3.72 -13.53 16.08
N MET A 285 -3.51 -12.82 17.21
CA MET A 285 -2.55 -11.74 17.27
C MET A 285 -1.14 -12.22 16.99
N GLU A 286 -0.72 -13.38 17.51
CA GLU A 286 0.66 -13.92 17.24
C GLU A 286 0.93 -14.03 15.72
N ARG A 287 -0.11 -14.44 14.96
CA ARG A 287 -0.06 -14.59 13.49
C ARG A 287 0.05 -13.21 12.79
N GLU A 288 -0.93 -12.33 13.06
CA GLU A 288 -0.98 -10.97 12.47
C GLU A 288 0.22 -10.08 12.95
N LEU A 289 0.68 -10.33 14.17
CA LEU A 289 1.74 -9.53 14.85
C LEU A 289 3.11 -9.98 14.36
N LYS A 290 3.28 -11.27 14.03
CA LYS A 290 4.50 -11.75 13.36
C LYS A 290 4.69 -10.97 12.04
N SER A 291 3.59 -10.83 11.28
CA SER A 291 3.55 -10.07 10.02
C SER A 291 3.78 -8.57 10.26
N ALA A 292 3.24 -8.05 11.38
CA ALA A 292 3.37 -6.64 11.77
C ALA A 292 4.83 -6.26 12.10
N ILE A 293 5.47 -7.05 13.00
CA ILE A 293 6.88 -6.88 13.40
C ILE A 293 7.79 -7.15 12.19
N ARG A 294 7.34 -8.05 11.31
CA ARG A 294 8.02 -8.36 10.05
C ARG A 294 8.16 -7.06 9.23
N ASN A 295 7.00 -6.45 8.91
CA ASN A 295 6.94 -5.19 8.14
C ASN A 295 7.54 -4.00 8.93
N ARG A 296 7.57 -4.10 10.27
CA ARG A 296 8.16 -3.06 11.14
C ARG A 296 9.70 -2.99 10.97
N VAL A 297 10.38 -4.11 11.29
CA VAL A 297 11.84 -4.23 11.16
C VAL A 297 12.25 -4.04 9.69
N LYS A 298 11.40 -4.57 8.78
CA LYS A 298 11.58 -4.48 7.33
C LYS A 298 11.56 -3.01 6.86
N SER A 299 10.54 -2.24 7.29
CA SER A 299 10.38 -0.82 6.88
C SER A 299 11.50 0.07 7.45
N GLN A 300 11.92 -0.22 8.70
CA GLN A 300 13.04 0.50 9.35
C GLN A 300 14.39 0.14 8.68
N ALA A 301 14.49 -1.12 8.19
CA ALA A 301 15.65 -1.60 7.44
C ALA A 301 15.76 -0.89 6.10
N ILE A 302 14.63 -0.83 5.39
CA ILE A 302 14.51 -0.18 4.07
C ILE A 302 14.78 1.33 4.20
N GLU A 303 14.26 1.93 5.29
CA GLU A 303 14.46 3.35 5.60
C GLU A 303 15.96 3.65 5.77
N GLY A 304 16.61 2.88 6.67
CA GLY A 304 18.03 3.03 6.94
C GLY A 304 18.93 2.68 5.74
N LEU A 305 18.47 1.70 4.92
CA LEU A 305 19.23 1.19 3.76
C LEU A 305 19.33 2.28 2.70
N VAL A 306 18.15 2.79 2.29
CA VAL A 306 18.05 3.83 1.25
C VAL A 306 18.68 5.15 1.75
N LYS A 307 18.50 5.44 3.06
CA LYS A 307 19.14 6.59 3.74
C LYS A 307 20.68 6.53 3.62
N ALA A 308 21.22 5.31 3.75
CA ALA A 308 22.66 5.07 3.62
C ALA A 308 23.10 4.86 2.15
N ASN A 309 22.14 4.56 1.24
CA ASN A 309 22.45 4.06 -0.11
C ASN A 309 21.42 4.57 -1.11
N ASP A 310 21.82 5.53 -1.94
CA ASP A 310 20.96 6.05 -3.02
C ASP A 310 21.58 5.64 -4.35
N ILE A 311 20.74 5.32 -5.33
CA ILE A 311 21.14 5.05 -6.70
C ILE A 311 20.15 5.77 -7.63
N ASP A 312 20.66 6.47 -8.65
CA ASP A 312 19.81 7.15 -9.63
C ASP A 312 19.21 6.09 -10.56
N VAL A 313 17.91 5.90 -10.40
CA VAL A 313 17.14 4.94 -11.19
C VAL A 313 16.96 5.44 -12.65
N PRO A 314 17.01 4.53 -13.68
CA PRO A 314 16.56 4.85 -15.06
C PRO A 314 15.15 5.48 -15.08
N ALA A 315 15.00 6.60 -15.81
CA ALA A 315 13.76 7.38 -15.91
C ALA A 315 12.58 6.53 -16.42
N ALA A 316 12.88 5.55 -17.31
CA ALA A 316 11.89 4.62 -17.87
C ALA A 316 11.16 3.87 -16.73
N LEU A 317 11.97 3.30 -15.81
CA LEU A 317 11.47 2.58 -14.62
C LEU A 317 10.60 3.50 -13.75
N ILE A 318 11.13 4.71 -13.48
CA ILE A 318 10.47 5.70 -12.60
C ILE A 318 9.08 6.07 -13.16
N ASP A 319 9.07 6.68 -14.36
CA ASP A 319 7.84 7.11 -15.07
C ASP A 319 6.76 6.01 -15.10
N SER A 320 7.17 4.79 -15.52
CA SER A 320 6.27 3.63 -15.58
C SER A 320 5.66 3.32 -14.19
N GLU A 321 6.51 3.21 -13.16
CA GLU A 321 6.09 2.81 -11.79
C GLU A 321 5.31 3.93 -11.07
N ILE A 322 5.57 5.21 -11.44
CA ILE A 322 4.76 6.35 -10.98
C ILE A 322 3.34 6.12 -11.44
N ASP A 323 3.20 5.87 -12.77
CA ASP A 323 1.91 5.67 -13.42
C ASP A 323 1.17 4.44 -12.84
N VAL A 324 1.92 3.35 -12.54
CA VAL A 324 1.35 2.13 -11.92
C VAL A 324 0.77 2.46 -10.51
N LEU A 325 1.52 3.25 -9.72
CA LEU A 325 1.06 3.72 -8.38
C LEU A 325 -0.14 4.68 -8.52
N ARG A 326 -0.19 5.43 -9.64
CA ARG A 326 -1.30 6.34 -9.97
C ARG A 326 -2.57 5.53 -10.35
N ARG A 327 -2.38 4.35 -10.97
CA ARG A 327 -3.49 3.43 -11.31
C ARG A 327 -4.06 2.81 -10.02
N GLN A 328 -3.14 2.39 -9.13
CA GLN A 328 -3.47 1.84 -7.80
C GLN A 328 -4.25 2.87 -6.96
N ALA A 329 -3.87 4.15 -7.11
CA ALA A 329 -4.58 5.28 -6.51
C ALA A 329 -5.97 5.44 -7.12
N ALA A 330 -6.01 5.60 -8.47
CA ALA A 330 -7.24 5.88 -9.25
C ALA A 330 -8.30 4.77 -9.11
N GLN A 331 -7.82 3.55 -8.79
CA GLN A 331 -8.65 2.37 -8.46
C GLN A 331 -9.64 2.71 -7.33
N ARG A 332 -9.14 3.40 -6.29
CA ARG A 332 -9.94 3.81 -5.11
C ARG A 332 -10.44 5.27 -5.27
N PHE A 333 -9.65 6.07 -6.01
CA PHE A 333 -9.97 7.46 -6.33
C PHE A 333 -10.94 7.48 -7.52
N GLY A 334 -12.22 7.20 -7.21
CA GLY A 334 -13.29 7.19 -8.19
C GLY A 334 -13.45 5.86 -8.94
N GLY A 335 -12.33 5.14 -9.18
CA GLY A 335 -12.35 3.89 -9.97
C GLY A 335 -12.22 4.19 -11.45
N ASN A 336 -11.25 5.06 -11.79
CA ASN A 336 -11.07 5.60 -13.15
C ASN A 336 -9.95 4.87 -13.90
N GLU A 337 -10.27 4.31 -15.07
CA GLU A 337 -9.32 3.63 -15.97
C GLU A 337 -8.38 4.63 -16.66
N LYS A 338 -7.08 4.58 -16.27
CA LYS A 338 -5.97 5.27 -16.96
C LYS A 338 -6.07 6.82 -16.95
N GLN A 339 -7.03 7.35 -16.17
CA GLN A 339 -7.09 8.78 -15.76
C GLN A 339 -5.91 9.08 -14.81
N ALA A 340 -5.33 7.99 -14.28
CA ALA A 340 -4.06 7.96 -13.54
C ALA A 340 -2.97 8.85 -14.18
N LEU A 341 -2.90 8.81 -15.53
CA LEU A 341 -1.92 9.56 -16.33
C LEU A 341 -1.95 11.08 -16.05
N GLU A 342 -3.12 11.59 -15.64
CA GLU A 342 -3.33 13.02 -15.33
C GLU A 342 -2.74 13.39 -13.95
N LEU A 343 -2.72 12.43 -13.00
CA LEU A 343 -2.33 12.70 -11.59
C LEU A 343 -0.87 13.24 -11.52
N PRO A 344 -0.64 14.44 -10.88
CA PRO A 344 0.71 15.10 -10.80
C PRO A 344 1.87 14.15 -10.36
N ARG A 345 2.93 14.14 -11.19
CA ARG A 345 4.06 13.19 -11.15
C ARG A 345 4.64 13.04 -9.73
N GLU A 346 5.05 14.18 -9.16
CA GLU A 346 5.76 14.27 -7.86
C GLU A 346 4.93 13.70 -6.69
N LEU A 347 3.58 13.64 -6.84
CA LEU A 347 2.70 13.10 -5.77
C LEU A 347 2.97 11.60 -5.55
N PHE A 348 3.52 10.93 -6.58
CA PHE A 348 3.77 9.48 -6.57
C PHE A 348 5.26 9.16 -6.78
N GLU A 349 6.02 10.10 -7.39
CA GLU A 349 7.45 9.90 -7.69
C GLU A 349 8.30 9.83 -6.42
N GLU A 350 7.93 10.67 -5.43
CA GLU A 350 8.64 10.79 -4.13
C GLU A 350 8.81 9.40 -3.46
N GLN A 351 7.78 8.55 -3.59
CA GLN A 351 7.84 7.16 -3.09
C GLN A 351 8.28 6.20 -4.22
N ALA A 352 7.88 6.48 -5.49
CA ALA A 352 8.10 5.57 -6.64
C ALA A 352 9.59 5.30 -6.85
N LYS A 353 10.37 6.37 -7.14
CA LYS A 353 11.81 6.27 -7.39
C LYS A 353 12.51 5.63 -6.19
N ARG A 354 12.05 5.98 -4.97
CA ARG A 354 12.54 5.42 -3.70
C ARG A 354 12.33 3.90 -3.66
N ARG A 355 11.15 3.43 -4.15
CA ARG A 355 10.79 2.00 -4.14
C ARG A 355 11.67 1.24 -5.15
N VAL A 356 11.98 1.90 -6.29
CA VAL A 356 12.87 1.30 -7.30
C VAL A 356 14.32 1.24 -6.77
N VAL A 357 14.74 2.31 -6.01
CA VAL A 357 16.05 2.36 -5.35
C VAL A 357 16.19 1.16 -4.42
N VAL A 358 15.15 0.91 -3.58
CA VAL A 358 15.05 -0.29 -2.69
C VAL A 358 15.38 -1.57 -3.47
N GLY A 359 14.73 -1.71 -4.63
CA GLY A 359 14.85 -2.89 -5.48
C GLY A 359 16.24 -3.07 -6.09
N LEU A 360 16.88 -1.95 -6.46
CA LEU A 360 18.22 -1.95 -7.07
C LEU A 360 19.31 -2.21 -5.99
N LEU A 361 19.08 -1.71 -4.75
CA LEU A 361 19.99 -1.89 -3.60
C LEU A 361 20.01 -3.38 -3.19
N LEU A 362 18.80 -3.89 -2.88
CA LEU A 362 18.57 -5.29 -2.50
C LEU A 362 18.97 -6.25 -3.65
N GLY A 363 18.72 -5.81 -4.91
CA GLY A 363 19.12 -6.57 -6.10
C GLY A 363 20.63 -6.68 -6.24
N GLU A 364 21.32 -5.58 -5.89
CA GLU A 364 22.78 -5.55 -5.84
C GLU A 364 23.32 -6.46 -4.72
N VAL A 365 22.63 -6.46 -3.57
CA VAL A 365 22.95 -7.36 -2.43
C VAL A 365 22.71 -8.83 -2.82
N ILE A 366 21.68 -9.06 -3.66
CA ILE A 366 21.35 -10.41 -4.18
C ILE A 366 22.50 -10.92 -5.06
N ARG A 367 22.98 -10.06 -5.96
CA ARG A 367 24.10 -10.40 -6.86
C ARG A 367 25.38 -10.70 -6.02
N THR A 368 25.78 -9.72 -5.20
CA THR A 368 27.00 -9.79 -4.36
C THR A 368 27.00 -11.05 -3.43
N ASN A 369 25.84 -11.31 -2.79
CA ASN A 369 25.69 -12.42 -1.82
C ASN A 369 25.08 -13.68 -2.49
N GLU A 370 25.07 -13.72 -3.86
CA GLU A 370 24.55 -14.86 -4.69
C GLU A 370 23.19 -15.42 -4.19
N LEU A 371 22.34 -14.54 -3.63
CA LEU A 371 21.04 -14.90 -3.04
C LEU A 371 20.07 -15.49 -4.07
N LYS A 372 19.17 -16.34 -3.58
CA LYS A 372 18.04 -16.89 -4.33
C LYS A 372 16.83 -16.99 -3.40
N ALA A 373 15.64 -17.20 -3.98
CA ALA A 373 14.44 -17.47 -3.20
C ALA A 373 14.59 -18.85 -2.53
N ASP A 374 15.04 -18.84 -1.25
CA ASP A 374 15.38 -20.05 -0.47
C ASP A 374 14.18 -20.98 -0.33
N GLU A 375 14.24 -22.14 -1.01
CA GLU A 375 13.11 -23.09 -1.09
C GLU A 375 12.60 -23.55 0.27
N GLU A 376 13.48 -23.63 1.29
CA GLU A 376 13.08 -24.01 2.67
C GLU A 376 12.11 -22.95 3.25
N ARG A 377 12.42 -21.69 2.92
CA ARG A 377 11.69 -20.51 3.39
C ARG A 377 10.36 -20.36 2.63
N VAL A 378 10.44 -20.56 1.30
CA VAL A 378 9.27 -20.50 0.40
C VAL A 378 8.24 -21.57 0.83
N LYS A 379 8.76 -22.78 1.11
CA LYS A 379 7.97 -23.90 1.64
C LYS A 379 7.33 -23.52 2.97
N GLY A 380 8.15 -23.03 3.93
CA GLY A 380 7.69 -22.63 5.27
C GLY A 380 6.49 -21.69 5.24
N LEU A 381 6.59 -20.63 4.40
CA LEU A 381 5.50 -19.67 4.16
C LEU A 381 4.25 -20.39 3.61
N ILE A 382 4.45 -21.15 2.50
CA ILE A 382 3.36 -21.84 1.78
C ILE A 382 2.66 -22.91 2.65
N GLU A 383 3.40 -23.51 3.60
CA GLU A 383 2.88 -24.60 4.45
C GLU A 383 2.07 -24.06 5.64
N GLU A 384 2.61 -23.00 6.31
CA GLU A 384 1.86 -22.28 7.38
C GLU A 384 0.55 -21.68 6.79
N MET A 385 0.68 -21.15 5.57
CA MET A 385 -0.43 -20.59 4.79
C MET A 385 -1.48 -21.67 4.49
N ALA A 386 -1.02 -22.78 3.84
CA ALA A 386 -1.89 -23.84 3.32
C ALA A 386 -2.62 -24.61 4.45
N SER A 387 -1.97 -24.67 5.64
CA SER A 387 -2.56 -25.27 6.86
C SER A 387 -3.89 -24.59 7.27
N ALA A 388 -4.08 -23.34 6.83
CA ALA A 388 -5.32 -22.58 7.05
C ALA A 388 -6.43 -23.02 6.07
N TYR A 389 -6.05 -23.42 4.84
CA TYR A 389 -7.01 -23.71 3.74
C TYR A 389 -7.65 -25.10 3.92
N GLU A 390 -8.80 -25.28 3.25
CA GLU A 390 -9.59 -26.53 3.25
C GLU A 390 -8.78 -27.67 2.62
N ASP A 391 -8.13 -27.35 1.49
CA ASP A 391 -7.25 -28.28 0.79
C ASP A 391 -5.97 -27.54 0.37
N PRO A 392 -4.79 -27.88 0.99
CA PRO A 392 -3.48 -27.32 0.58
C PRO A 392 -3.16 -27.55 -0.90
N LYS A 393 -3.47 -28.78 -1.36
CA LYS A 393 -3.00 -29.33 -2.64
C LYS A 393 -3.47 -28.48 -3.83
N GLU A 394 -4.75 -28.07 -3.82
CA GLU A 394 -5.34 -27.25 -4.88
C GLU A 394 -4.70 -25.85 -4.93
N VAL A 395 -4.17 -25.38 -3.77
CA VAL A 395 -3.56 -24.04 -3.66
C VAL A 395 -2.10 -24.11 -4.15
N ILE A 396 -1.40 -25.22 -3.81
CA ILE A 396 -0.03 -25.52 -4.29
C ILE A 396 -0.04 -25.65 -5.83
N GLU A 397 -1.09 -26.31 -6.34
CA GLU A 397 -1.37 -26.40 -7.78
C GLU A 397 -1.63 -25.01 -8.36
N PHE A 398 -2.49 -24.25 -7.69
CA PHE A 398 -2.84 -22.87 -8.09
C PHE A 398 -1.58 -21.96 -8.14
N TYR A 399 -0.58 -22.26 -7.29
CA TYR A 399 0.74 -21.61 -7.36
C TYR A 399 1.43 -22.00 -8.68
N SER A 400 1.63 -23.32 -8.88
CA SER A 400 2.34 -23.86 -10.06
C SER A 400 1.58 -23.61 -11.40
N LYS A 401 0.30 -23.20 -11.31
CA LYS A 401 -0.56 -22.89 -12.48
C LYS A 401 -0.81 -21.37 -12.61
N ASN A 402 -0.40 -20.59 -11.59
CA ASN A 402 -0.59 -19.13 -11.57
C ASN A 402 0.64 -18.49 -10.92
N LYS A 403 1.64 -18.18 -11.78
CA LYS A 403 2.91 -17.56 -11.36
C LYS A 403 2.69 -16.08 -10.92
N GLU A 404 1.50 -15.54 -11.20
CA GLU A 404 1.07 -14.23 -10.67
C GLU A 404 1.07 -14.26 -9.12
N LEU A 405 0.77 -15.44 -8.55
CA LEU A 405 0.81 -15.67 -7.09
C LEU A 405 2.13 -16.34 -6.66
N MET A 406 2.63 -17.29 -7.49
CA MET A 406 3.84 -18.09 -7.18
C MET A 406 5.05 -17.15 -7.04
N ASP A 407 5.26 -16.30 -8.07
CA ASP A 407 6.34 -15.28 -8.08
C ASP A 407 6.18 -14.29 -6.92
N ASN A 408 4.91 -13.95 -6.56
CA ASN A 408 4.62 -13.03 -5.46
C ASN A 408 5.20 -13.56 -4.14
N MET A 409 4.66 -14.70 -3.67
CA MET A 409 5.07 -15.30 -2.37
C MET A 409 6.57 -15.68 -2.34
N ARG A 410 7.09 -16.13 -3.50
CA ARG A 410 8.49 -16.58 -3.64
C ARG A 410 9.46 -15.39 -3.62
N ASN A 411 9.02 -14.25 -4.21
CA ASN A 411 9.82 -13.00 -4.22
C ASN A 411 9.53 -12.14 -2.97
N VAL A 412 8.50 -12.51 -2.16
CA VAL A 412 8.32 -11.96 -0.80
C VAL A 412 9.33 -12.64 0.15
N ALA A 413 9.45 -13.97 -0.02
CA ALA A 413 10.50 -14.77 0.63
C ALA A 413 11.87 -14.15 0.31
N LEU A 414 12.13 -14.03 -1.01
CA LEU A 414 13.35 -13.42 -1.55
C LEU A 414 13.52 -11.94 -1.12
N GLU A 415 12.40 -11.19 -1.04
CA GLU A 415 12.40 -9.75 -0.67
C GLU A 415 13.05 -9.58 0.71
N GLU A 416 12.38 -10.18 1.71
CA GLU A 416 12.74 -10.02 3.12
C GLU A 416 14.04 -10.77 3.42
N GLN A 417 14.35 -11.82 2.63
CA GLN A 417 15.64 -12.54 2.68
C GLN A 417 16.79 -11.62 2.26
N ALA A 418 16.56 -10.88 1.16
CA ALA A 418 17.54 -9.91 0.63
C ALA A 418 17.74 -8.75 1.62
N VAL A 419 16.64 -8.35 2.31
CA VAL A 419 16.67 -7.35 3.39
C VAL A 419 17.53 -7.88 4.57
N GLU A 420 17.23 -9.13 5.00
CA GLU A 420 17.90 -9.78 6.16
C GLU A 420 19.37 -10.11 5.87
N ALA A 421 19.71 -10.22 4.57
CA ALA A 421 21.11 -10.34 4.12
C ALA A 421 21.88 -9.03 4.33
N VAL A 422 21.16 -7.88 4.31
CA VAL A 422 21.75 -6.56 4.63
C VAL A 422 21.80 -6.39 6.15
N LEU A 423 20.75 -6.92 6.84
CA LEU A 423 20.65 -6.93 8.31
C LEU A 423 21.77 -7.78 8.95
N ALA A 424 22.18 -8.82 8.22
CA ALA A 424 23.33 -9.68 8.59
C ALA A 424 24.64 -8.88 8.58
N LYS A 425 24.71 -7.89 7.69
CA LYS A 425 25.86 -6.97 7.55
C LYS A 425 25.72 -5.78 8.52
N ALA A 426 24.46 -5.38 8.77
CA ALA A 426 24.10 -4.18 9.55
C ALA A 426 24.04 -4.49 11.06
N LYS A 427 23.57 -3.50 11.85
CA LYS A 427 23.36 -3.64 13.29
C LYS A 427 21.86 -3.69 13.61
N VAL A 428 21.34 -4.91 13.86
CA VAL A 428 19.96 -5.13 14.28
C VAL A 428 19.89 -4.99 15.82
N THR A 429 19.66 -3.74 16.27
CA THR A 429 19.55 -3.40 17.69
C THR A 429 18.15 -3.77 18.22
N GLU A 430 18.10 -4.76 19.13
CA GLU A 430 16.85 -5.27 19.71
C GLU A 430 16.43 -4.43 20.94
N LYS A 431 15.12 -4.21 21.11
CA LYS A 431 14.55 -3.73 22.37
C LYS A 431 13.26 -4.50 22.65
N GLU A 432 13.04 -4.89 23.90
CA GLU A 432 11.87 -5.67 24.34
C GLU A 432 10.74 -4.72 24.77
N THR A 433 9.49 -5.06 24.43
CA THR A 433 8.33 -4.18 24.63
C THR A 433 6.99 -4.96 24.56
N THR A 434 5.87 -4.25 24.78
CA THR A 434 4.50 -4.81 24.74
C THR A 434 3.83 -4.53 23.38
N PHE A 435 2.57 -5.03 23.22
CA PHE A 435 1.76 -4.85 22.00
C PHE A 435 1.36 -3.38 21.76
N ASN A 436 1.43 -2.57 22.85
CA ASN A 436 1.25 -1.10 22.78
C ASN A 436 2.20 -0.45 21.74
N GLU A 437 3.43 -1.00 21.63
CA GLU A 437 4.48 -0.52 20.69
C GLU A 437 3.95 -0.38 19.25
N LEU A 438 3.15 -1.37 18.86
CA LEU A 438 2.61 -1.50 17.51
C LEU A 438 1.42 -0.56 17.28
N MET A 439 0.52 -0.50 18.28
CA MET A 439 -0.78 0.19 18.15
C MET A 439 -0.64 1.72 18.23
N ASN A 440 0.33 2.20 19.02
CA ASN A 440 0.61 3.64 19.18
C ASN A 440 1.53 4.13 18.02
N GLN A 441 1.17 3.76 16.76
CA GLN A 441 1.87 4.19 15.54
C GLN A 441 0.85 4.75 14.55
N GLN A 442 0.63 6.07 14.62
CA GLN A 442 -0.26 6.81 13.71
C GLN A 442 0.56 7.45 12.56
N ALA A 443 1.72 6.84 12.27
CA ALA A 443 2.61 7.21 11.16
C ALA A 443 3.30 5.94 10.65
N ALA B 3 6.50 23.53 -8.15
CA ALA B 3 5.18 24.15 -7.92
C ALA B 3 4.06 23.23 -8.46
N ARG B 4 4.10 22.99 -9.79
CA ARG B 4 3.07 22.24 -10.55
C ARG B 4 1.73 23.00 -10.57
N ALA B 5 0.99 22.91 -9.45
CA ALA B 5 -0.30 23.59 -9.27
C ALA B 5 -0.58 23.70 -7.77
N ASP B 6 -0.94 24.91 -7.31
CA ASP B 6 -1.24 25.18 -5.89
C ASP B 6 -2.50 24.41 -5.46
N VAL B 7 -2.29 23.30 -4.73
CA VAL B 7 -3.37 22.57 -4.08
C VAL B 7 -3.81 23.38 -2.83
N THR B 8 -5.00 24.01 -2.93
CA THR B 8 -5.51 24.94 -1.91
C THR B 8 -5.83 24.18 -0.60
N LEU B 9 -4.81 24.12 0.29
CA LEU B 9 -4.88 23.42 1.59
C LEU B 9 -4.64 24.41 2.73
N GLY B 10 -4.77 23.92 3.98
CA GLY B 10 -4.62 24.74 5.17
C GLY B 10 -5.94 25.31 5.63
N GLY B 11 -6.58 26.09 4.74
CA GLY B 11 -7.85 26.73 5.04
C GLY B 11 -7.66 28.06 5.75
N GLY B 12 -7.06 28.01 6.96
CA GLY B 12 -6.77 29.22 7.74
C GLY B 12 -8.03 29.92 8.23
N ALA B 13 -9.00 29.12 8.70
CA ALA B 13 -10.32 29.61 9.13
C ALA B 13 -10.23 30.50 10.39
N LYS B 14 -11.05 31.56 10.42
CA LYS B 14 -11.11 32.49 11.57
C LYS B 14 -12.22 32.05 12.54
N THR B 15 -13.46 32.02 12.04
CA THR B 15 -14.64 31.69 12.83
C THR B 15 -14.91 30.16 12.78
N PHE B 16 -13.93 29.40 13.33
CA PHE B 16 -13.95 27.92 13.46
C PHE B 16 -13.95 27.19 12.08
N ALA B 17 -13.08 26.17 11.97
CA ALA B 17 -13.16 25.20 10.87
C ALA B 17 -14.30 24.23 11.17
N GLU B 18 -14.31 23.76 12.43
CA GLU B 18 -15.35 22.91 12.99
C GLU B 18 -15.30 23.12 14.53
N THR B 19 -16.45 22.94 15.22
CA THR B 19 -16.54 23.17 16.69
C THR B 19 -15.95 22.00 17.50
N ALA B 20 -15.61 20.88 16.78
CA ALA B 20 -15.23 19.58 17.39
C ALA B 20 -16.47 19.00 18.09
N THR B 21 -17.61 19.07 17.37
CA THR B 21 -18.94 18.84 17.92
C THR B 21 -19.20 17.35 18.23
N ALA B 22 -18.84 16.94 19.44
CA ALA B 22 -19.31 15.68 20.03
C ALA B 22 -20.69 15.93 20.67
N GLY B 23 -21.73 15.92 19.82
CA GLY B 23 -23.11 16.12 20.25
C GLY B 23 -23.63 14.93 21.02
N GLU B 24 -23.33 13.72 20.49
CA GLU B 24 -23.67 12.41 21.09
C GLU B 24 -25.16 12.24 21.46
N TRP B 25 -26.03 12.96 20.73
CA TRP B 25 -27.47 12.73 20.75
C TRP B 25 -27.78 11.66 19.68
N GLN B 26 -27.44 10.41 20.01
CA GLN B 26 -27.66 9.26 19.13
C GLN B 26 -29.16 9.00 19.01
N GLY B 27 -29.71 9.19 17.79
CA GLY B 27 -31.15 9.09 17.52
C GLY B 27 -31.69 7.66 17.61
N LYS B 28 -30.75 6.69 17.62
CA LYS B 28 -31.02 5.24 17.70
C LYS B 28 -31.93 4.78 16.53
N THR B 29 -31.69 5.44 15.39
CA THR B 29 -32.42 5.21 14.14
C THR B 29 -31.84 3.99 13.39
N LEU B 30 -32.52 3.60 12.29
CA LEU B 30 -32.13 2.45 11.46
C LEU B 30 -30.83 2.72 10.66
N ARG B 31 -30.31 3.96 10.75
CA ARG B 31 -28.95 4.30 10.29
C ARG B 31 -27.90 3.54 11.14
N GLU B 32 -28.09 3.58 12.47
CA GLU B 32 -27.18 2.93 13.45
C GLU B 32 -27.34 1.40 13.44
N GLN B 33 -28.43 0.89 12.83
CA GLN B 33 -28.70 -0.55 12.70
C GLN B 33 -28.36 -1.05 11.26
N ALA B 34 -29.24 -0.73 10.30
CA ALA B 34 -29.21 -1.29 8.93
C ALA B 34 -28.21 -0.59 8.00
N GLN B 35 -27.89 0.69 8.27
CA GLN B 35 -26.98 1.50 7.42
C GLN B 35 -25.58 1.63 8.07
N ALA B 36 -25.39 0.95 9.21
CA ALA B 36 -24.15 1.03 10.01
C ALA B 36 -23.00 0.27 9.33
N ARG B 37 -23.22 -1.03 9.11
CA ARG B 37 -22.17 -1.96 8.62
C ARG B 37 -22.78 -3.08 7.75
N GLY B 38 -24.02 -2.84 7.30
CA GLY B 38 -24.83 -3.86 6.65
C GLY B 38 -26.21 -3.93 7.28
N TYR B 39 -27.18 -4.54 6.57
CA TYR B 39 -28.61 -4.53 6.94
C TYR B 39 -28.88 -5.38 8.18
N GLN B 40 -28.81 -4.70 9.35
CA GLN B 40 -29.22 -5.22 10.68
C GLN B 40 -28.19 -6.23 11.23
N LEU B 41 -28.11 -7.40 10.58
CA LEU B 41 -27.21 -8.49 10.97
C LEU B 41 -26.75 -9.19 9.69
N VAL B 42 -25.43 -9.13 9.41
CA VAL B 42 -24.79 -9.85 8.29
C VAL B 42 -24.16 -11.15 8.81
N SER B 43 -24.35 -12.26 8.09
CA SER B 43 -23.86 -13.58 8.50
C SER B 43 -23.68 -14.50 7.28
N ASP B 44 -22.56 -14.28 6.55
CA ASP B 44 -22.12 -15.12 5.42
C ASP B 44 -23.20 -15.22 4.33
N ALA B 45 -23.39 -14.14 3.55
CA ALA B 45 -24.35 -14.10 2.42
C ALA B 45 -23.89 -15.04 1.28
N ALA B 46 -22.55 -15.24 1.19
CA ALA B 46 -21.95 -16.23 0.30
C ALA B 46 -22.24 -17.66 0.79
N SER B 47 -22.13 -17.86 2.13
CA SER B 47 -22.38 -19.14 2.84
C SER B 47 -21.23 -20.15 2.57
N LEU B 48 -21.08 -20.58 1.30
CA LEU B 48 -20.02 -21.51 0.87
C LEU B 48 -18.64 -20.85 1.09
N ASN B 49 -18.03 -21.21 2.23
CA ASN B 49 -16.71 -20.75 2.68
C ASN B 49 -16.74 -19.26 3.11
N SER B 50 -17.01 -18.36 2.14
CA SER B 50 -17.12 -16.89 2.33
C SER B 50 -15.73 -16.19 2.49
N VAL B 51 -14.73 -16.94 3.01
CA VAL B 51 -13.33 -16.51 3.20
C VAL B 51 -13.22 -15.35 4.21
N THR B 52 -12.52 -15.60 5.33
CA THR B 52 -12.26 -14.60 6.37
C THR B 52 -11.19 -13.59 5.90
N GLU B 53 -11.24 -12.35 6.42
CA GLU B 53 -10.26 -11.30 6.08
C GLU B 53 -9.14 -11.20 7.15
N ALA B 54 -9.17 -12.10 8.16
CA ALA B 54 -8.17 -12.15 9.23
C ALA B 54 -7.03 -13.13 8.89
N ASN B 55 -7.24 -14.42 9.22
CA ASN B 55 -6.23 -15.49 9.00
C ASN B 55 -6.96 -16.77 8.54
N GLN B 56 -7.99 -17.15 9.31
CA GLN B 56 -8.83 -18.34 9.11
C GLN B 56 -9.96 -18.29 10.15
N GLN B 57 -9.60 -17.80 11.35
CA GLN B 57 -10.52 -17.60 12.47
C GLN B 57 -11.31 -16.29 12.25
N LYS B 58 -12.65 -16.42 12.20
CA LYS B 58 -13.57 -15.33 11.81
C LYS B 58 -13.72 -14.19 12.88
N PRO B 59 -14.02 -14.50 14.22
CA PRO B 59 -14.40 -13.52 15.28
C PRO B 59 -13.94 -12.05 15.10
N LEU B 60 -12.62 -11.82 15.04
CA LEU B 60 -12.04 -10.47 14.88
C LEU B 60 -10.60 -10.54 14.32
N LEU B 61 -9.96 -9.36 14.23
CA LEU B 61 -8.60 -9.13 13.65
C LEU B 61 -8.61 -9.06 12.10
N GLY B 62 -7.40 -8.86 11.51
CA GLY B 62 -7.23 -8.68 10.06
C GLY B 62 -7.36 -7.22 9.65
N LEU B 63 -8.49 -6.62 10.04
CA LEU B 63 -8.87 -5.24 9.67
C LEU B 63 -8.10 -4.19 10.49
N PHE B 64 -7.40 -4.62 11.56
CA PHE B 64 -6.61 -3.72 12.44
C PHE B 64 -5.37 -3.16 11.69
N ALA B 65 -4.64 -4.05 11.01
CA ALA B 65 -3.42 -3.67 10.26
C ALA B 65 -3.04 -4.79 9.27
N ASP B 66 -2.48 -5.87 9.81
CA ASP B 66 -2.06 -7.05 9.03
C ASP B 66 -3.15 -8.12 9.10
N GLY B 67 -3.15 -9.02 8.10
CA GLY B 67 -4.12 -10.10 7.99
C GLY B 67 -4.61 -10.27 6.56
N ASN B 68 -4.73 -11.54 6.10
CA ASN B 68 -5.23 -11.89 4.76
C ASN B 68 -5.48 -13.42 4.70
N MET B 69 -6.17 -13.87 3.65
CA MET B 69 -6.61 -15.28 3.49
C MET B 69 -7.11 -15.59 2.04
N PRO B 70 -7.82 -14.66 1.27
CA PRO B 70 -8.15 -14.90 -0.17
C PRO B 70 -6.93 -14.68 -1.12
N VAL B 71 -5.78 -15.30 -0.77
CA VAL B 71 -4.48 -15.27 -1.53
C VAL B 71 -4.07 -13.83 -1.97
N ARG B 72 -3.10 -13.73 -2.92
CA ARG B 72 -2.60 -12.45 -3.50
C ARG B 72 -1.59 -11.75 -2.56
N TRP B 73 -1.96 -11.61 -1.27
CA TRP B 73 -1.05 -11.21 -0.17
C TRP B 73 -0.54 -9.76 -0.37
N LEU B 74 0.63 -9.43 0.20
CA LEU B 74 1.27 -8.12 0.01
C LEU B 74 1.64 -7.89 -1.50
N GLY B 75 0.67 -7.32 -2.22
CA GLY B 75 0.78 -6.96 -3.64
C GLY B 75 1.75 -5.82 -3.96
N PRO B 76 1.74 -4.67 -3.20
CA PRO B 76 2.75 -3.58 -3.38
C PRO B 76 4.15 -3.96 -2.82
N LYS B 77 4.73 -5.03 -3.39
CA LYS B 77 6.10 -5.47 -3.10
C LYS B 77 7.09 -4.57 -3.87
N ALA B 78 8.33 -4.48 -3.38
CA ALA B 78 9.37 -3.69 -4.04
C ALA B 78 9.92 -4.49 -5.24
N THR B 79 10.73 -5.48 -4.92
CA THR B 79 11.35 -6.41 -5.86
C THR B 79 12.28 -5.66 -6.84
N TYR B 80 11.85 -5.38 -8.09
CA TYR B 80 12.76 -4.83 -9.16
C TYR B 80 14.04 -5.67 -9.34
N HIS B 81 14.03 -6.91 -8.84
CA HIS B 81 15.20 -7.80 -8.81
C HIS B 81 15.29 -8.54 -10.15
N GLY B 82 16.51 -8.98 -10.52
CA GLY B 82 16.68 -9.93 -11.62
C GLY B 82 16.02 -11.25 -11.26
N ASN B 83 15.09 -11.74 -12.12
CA ASN B 83 14.32 -12.96 -11.85
C ASN B 83 15.25 -14.18 -11.80
N ILE B 84 15.66 -14.51 -10.58
CA ILE B 84 16.60 -15.61 -10.27
C ILE B 84 15.83 -16.91 -9.94
N ASP B 85 14.58 -16.99 -10.44
CA ASP B 85 13.70 -18.16 -10.27
C ASP B 85 14.34 -19.37 -11.00
N LYS B 86 14.27 -20.55 -10.34
CA LYS B 86 14.89 -21.78 -10.84
C LYS B 86 14.03 -23.00 -10.45
N PRO B 87 13.11 -23.45 -11.36
CA PRO B 87 12.33 -24.70 -11.19
C PRO B 87 13.06 -25.90 -11.85
N ALA B 88 12.38 -27.07 -11.88
CA ALA B 88 12.90 -28.27 -12.54
C ALA B 88 12.92 -28.05 -14.07
N VAL B 89 14.12 -27.76 -14.61
CA VAL B 89 14.31 -27.40 -16.03
C VAL B 89 14.03 -28.61 -16.95
N THR B 90 13.19 -28.39 -17.98
CA THR B 90 12.86 -29.37 -19.02
C THR B 90 12.50 -28.60 -20.31
N CYS B 91 12.72 -29.23 -21.48
CA CYS B 91 12.43 -28.65 -22.79
C CYS B 91 10.90 -28.47 -22.99
N THR B 92 10.37 -27.34 -22.49
CA THR B 92 8.95 -26.97 -22.60
C THR B 92 8.56 -26.48 -24.03
N PRO B 93 9.40 -25.64 -24.74
CA PRO B 93 9.14 -25.28 -26.16
C PRO B 93 9.13 -26.54 -27.09
N MET A 12 24.01 -6.16 -40.68
CA MET A 12 23.26 -5.34 -39.70
C MET A 12 24.21 -4.38 -38.97
N GLN A 13 24.44 -3.21 -39.60
CA GLN A 13 25.36 -2.16 -39.09
C GLN A 13 24.87 -1.62 -37.72
N VAL A 14 25.46 -2.13 -36.63
CA VAL A 14 25.12 -1.69 -35.27
C VAL A 14 25.97 -0.46 -34.87
N SER A 15 25.32 0.54 -34.26
CA SER A 15 25.98 1.76 -33.77
C SER A 15 25.28 2.23 -32.47
N VAL A 16 25.90 1.91 -31.33
CA VAL A 16 25.39 2.32 -30.01
C VAL A 16 25.59 3.84 -29.79
N GLU A 17 24.53 4.51 -29.32
CA GLU A 17 24.55 5.92 -28.94
C GLU A 17 24.11 6.06 -27.47
N THR A 18 24.52 7.15 -26.83
CA THR A 18 24.22 7.42 -25.40
C THR A 18 23.44 8.73 -25.29
N THR A 19 22.13 8.64 -25.03
CA THR A 19 21.21 9.79 -24.99
C THR A 19 20.89 10.21 -23.54
N GLN A 20 20.35 9.26 -22.77
CA GLN A 20 19.93 9.45 -21.36
C GLN A 20 20.92 8.74 -20.39
N GLY A 21 22.18 8.60 -20.83
CA GLY A 21 23.24 8.02 -20.00
C GLY A 21 23.11 6.51 -19.86
N LEU A 22 22.31 6.09 -18.86
CA LEU A 22 21.91 4.68 -18.68
C LEU A 22 20.95 4.30 -19.82
N GLY A 23 20.08 5.27 -20.18
CA GLY A 23 19.23 5.17 -21.35
C GLY A 23 20.02 5.31 -22.64
N ARG A 24 20.49 4.18 -23.17
CA ARG A 24 21.30 4.13 -24.40
C ARG A 24 20.40 3.94 -25.64
N ARG A 25 21.04 3.66 -26.77
CA ARG A 25 20.40 3.45 -28.08
C ARG A 25 21.28 2.49 -28.88
N VAL A 26 20.67 1.64 -29.73
CA VAL A 26 21.40 0.85 -30.74
C VAL A 26 20.72 1.07 -32.10
N THR A 27 21.38 1.89 -32.93
CA THR A 27 20.95 2.19 -34.29
C THR A 27 21.48 1.10 -35.25
N ILE A 28 20.57 0.30 -35.82
CA ILE A 28 20.93 -0.80 -36.73
C ILE A 28 20.46 -0.47 -38.16
N THR A 29 21.42 -0.24 -39.07
CA THR A 29 21.16 -0.16 -40.50
C THR A 29 21.21 -1.59 -41.08
N ILE A 30 20.04 -2.24 -41.19
CA ILE A 30 19.94 -3.55 -41.85
C ILE A 30 20.05 -3.34 -43.37
N ALA A 31 21.06 -3.97 -43.97
CA ALA A 31 21.31 -3.88 -45.41
C ALA A 31 20.18 -4.52 -46.22
N ALA A 32 19.96 -3.97 -47.42
CA ALA A 32 18.87 -4.36 -48.35
C ALA A 32 18.82 -5.87 -48.61
N ASP A 33 20.02 -6.48 -48.77
CA ASP A 33 20.15 -7.91 -49.09
C ASP A 33 19.54 -8.79 -47.96
N SER A 34 19.75 -8.38 -46.72
CA SER A 34 19.27 -9.13 -45.53
C SER A 34 17.75 -9.02 -45.40
N ILE A 35 17.21 -7.83 -45.70
CA ILE A 35 15.76 -7.57 -45.68
C ILE A 35 15.06 -8.39 -46.77
N GLU A 36 15.58 -8.29 -48.00
CA GLU A 36 15.01 -8.92 -49.19
C GLU A 36 15.04 -10.46 -49.10
N THR A 37 16.13 -11.01 -48.50
CA THR A 37 16.25 -12.44 -48.19
C THR A 37 15.12 -12.87 -47.23
N ALA A 38 14.90 -12.03 -46.19
CA ALA A 38 13.88 -12.29 -45.15
C ALA A 38 12.45 -12.17 -45.70
N VAL A 39 12.21 -11.24 -46.66
CA VAL A 39 10.90 -11.04 -47.30
C VAL A 39 10.55 -12.24 -48.18
N LYS A 40 11.53 -12.63 -48.99
CA LYS A 40 11.40 -13.75 -49.94
C LYS A 40 11.22 -15.10 -49.20
N SER A 41 11.87 -15.20 -48.01
CA SER A 41 11.74 -16.37 -47.12
C SER A 41 10.46 -16.27 -46.26
N GLU A 42 9.92 -15.05 -46.10
CA GLU A 42 8.67 -14.84 -45.35
C GLU A 42 7.49 -15.33 -46.18
N LEU A 43 7.53 -15.04 -47.49
CA LEU A 43 6.42 -15.31 -48.42
C LEU A 43 6.16 -16.80 -48.63
N VAL A 44 7.17 -17.67 -48.40
CA VAL A 44 6.96 -19.13 -48.46
C VAL A 44 6.17 -19.60 -47.22
N ASN A 45 6.40 -18.91 -46.07
CA ASN A 45 5.64 -19.14 -44.82
C ASN A 45 4.18 -18.68 -45.00
N VAL A 46 4.04 -17.46 -45.58
CA VAL A 46 2.75 -16.83 -45.87
C VAL A 46 1.97 -17.64 -46.92
N ALA A 47 2.70 -18.24 -47.88
CA ALA A 47 2.12 -19.08 -48.94
C ALA A 47 1.48 -20.35 -48.35
N LYS A 48 2.20 -20.98 -47.41
CA LYS A 48 1.75 -22.22 -46.73
C LYS A 48 0.54 -21.96 -45.83
N LYS A 49 0.50 -20.75 -45.25
CA LYS A 49 -0.62 -20.28 -44.42
C LYS A 49 -1.90 -20.14 -45.26
N VAL A 50 -1.82 -19.33 -46.33
CA VAL A 50 -2.96 -19.00 -47.22
C VAL A 50 -3.23 -20.15 -48.24
N ARG A 51 -2.40 -21.22 -48.16
CA ARG A 51 -2.50 -22.47 -48.99
C ARG A 51 -2.04 -22.26 -50.44
N ILE A 52 -1.45 -21.06 -50.71
CA ILE A 52 -0.91 -20.68 -52.04
C ILE A 52 0.19 -21.66 -52.51
N ASP A 53 0.94 -22.22 -51.55
CA ASP A 53 2.07 -23.14 -51.79
C ASP A 53 1.61 -24.42 -52.54
N GLY A 54 0.40 -24.90 -52.21
CA GLY A 54 -0.19 -26.08 -52.83
C GLY A 54 -0.58 -25.86 -54.28
N PHE A 55 -0.86 -24.58 -54.61
CA PHE A 55 -1.19 -24.16 -55.99
C PHE A 55 0.06 -23.62 -56.70
N ARG A 56 1.12 -23.30 -55.92
CA ARG A 56 2.36 -22.72 -56.44
C ARG A 56 3.20 -23.81 -57.12
N LYS A 57 3.13 -23.85 -58.45
CA LYS A 57 3.90 -24.78 -59.28
C LYS A 57 5.37 -24.32 -59.33
N GLY A 58 5.56 -22.99 -59.34
CA GLY A 58 6.87 -22.36 -59.43
C GLY A 58 7.21 -21.90 -60.84
N LYS A 59 6.17 -21.82 -61.70
CA LYS A 59 6.28 -21.28 -63.07
C LYS A 59 6.72 -19.81 -63.02
N VAL A 60 6.13 -19.07 -62.07
CA VAL A 60 6.53 -17.71 -61.73
C VAL A 60 7.64 -17.78 -60.66
N PRO A 61 8.92 -17.36 -61.00
CA PRO A 61 10.03 -17.25 -60.03
C PRO A 61 9.68 -16.49 -58.73
N MET A 62 10.37 -16.86 -57.63
CA MET A 62 10.08 -16.38 -56.27
C MET A 62 10.53 -14.91 -56.08
N ASN A 63 11.47 -14.43 -56.92
CA ASN A 63 11.94 -13.02 -56.87
C ASN A 63 10.86 -12.07 -57.39
N ILE A 64 10.10 -12.54 -58.41
CA ILE A 64 9.00 -11.80 -59.02
C ILE A 64 7.91 -11.54 -57.97
N VAL A 65 7.53 -12.59 -57.22
CA VAL A 65 6.49 -12.47 -56.18
C VAL A 65 7.03 -11.73 -54.93
N ALA A 66 8.36 -11.76 -54.73
CA ALA A 66 9.01 -11.10 -53.57
C ALA A 66 8.96 -9.58 -53.68
N GLN A 67 9.17 -9.06 -54.89
CA GLN A 67 9.20 -7.61 -55.15
C GLN A 67 7.79 -7.05 -55.41
N ARG A 68 6.83 -7.92 -55.80
CA ARG A 68 5.44 -7.50 -56.13
C ARG A 68 4.48 -7.79 -54.97
N TYR A 69 4.27 -9.09 -54.64
CA TYR A 69 3.38 -9.51 -53.53
C TYR A 69 3.99 -9.16 -52.17
N GLY A 70 5.33 -9.30 -52.08
CA GLY A 70 6.08 -9.01 -50.88
C GLY A 70 6.33 -7.54 -50.64
N ALA A 71 5.94 -6.67 -51.61
CA ALA A 71 6.05 -5.21 -51.48
C ALA A 71 5.14 -4.67 -50.35
N SER A 72 3.99 -5.35 -50.17
CA SER A 72 3.00 -5.02 -49.13
C SER A 72 3.23 -5.85 -47.84
N VAL A 73 4.15 -6.83 -47.90
CA VAL A 73 4.49 -7.69 -46.73
C VAL A 73 5.80 -7.18 -46.05
N ARG A 74 6.44 -6.16 -46.67
CA ARG A 74 7.70 -5.55 -46.19
C ARG A 74 7.58 -5.11 -44.71
N GLN A 75 6.44 -4.48 -44.38
CA GLN A 75 6.11 -3.96 -43.04
C GLN A 75 6.25 -5.07 -41.96
N ASP A 76 5.59 -6.21 -42.22
CA ASP A 76 5.60 -7.39 -41.33
C ASP A 76 7.03 -7.85 -41.08
N VAL A 77 7.80 -7.96 -42.18
CA VAL A 77 9.19 -8.43 -42.16
C VAL A 77 10.07 -7.48 -41.31
N LEU A 78 9.87 -6.16 -41.50
CA LEU A 78 10.63 -5.11 -40.78
C LEU A 78 10.42 -5.21 -39.26
N GLY A 79 9.15 -5.44 -38.85
CA GLY A 79 8.80 -5.61 -37.44
C GLY A 79 9.50 -6.80 -36.80
N ASP A 80 9.53 -7.90 -37.57
CA ASP A 80 10.21 -9.16 -37.18
C ASP A 80 11.74 -8.98 -37.14
N LEU A 81 12.26 -8.14 -38.06
CA LEU A 81 13.70 -7.82 -38.13
C LEU A 81 14.13 -6.95 -36.94
N MET A 82 13.24 -6.03 -36.50
CA MET A 82 13.51 -5.14 -35.35
C MET A 82 13.48 -5.92 -34.02
N SER A 83 12.95 -7.14 -34.05
CA SER A 83 12.95 -8.04 -32.88
C SER A 83 14.23 -8.90 -32.89
N ARG A 84 14.44 -9.65 -34.00
CA ARG A 84 15.51 -10.67 -34.09
C ARG A 84 16.92 -10.04 -34.19
N ASN A 85 17.07 -8.97 -34.99
CA ASN A 85 18.37 -8.26 -35.11
C ASN A 85 18.69 -7.47 -33.84
N PHE A 86 17.64 -7.02 -33.12
CA PHE A 86 17.80 -6.28 -31.86
C PHE A 86 18.38 -7.18 -30.75
N ILE A 87 17.75 -8.34 -30.52
CA ILE A 87 18.19 -9.29 -29.48
C ILE A 87 19.59 -9.84 -29.83
N ASP A 88 19.86 -10.02 -31.13
CA ASP A 88 21.18 -10.45 -31.62
C ASP A 88 22.25 -9.37 -31.32
N ALA A 89 21.87 -8.11 -31.51
CA ALA A 89 22.75 -6.94 -31.29
C ALA A 89 23.15 -6.80 -29.81
N ILE A 90 22.16 -6.77 -28.92
CA ILE A 90 22.39 -6.51 -27.47
C ILE A 90 23.29 -7.60 -26.81
N ILE A 91 23.28 -8.82 -27.38
CA ILE A 91 24.12 -9.94 -26.92
C ILE A 91 25.60 -9.68 -27.28
N LYS A 92 25.87 -9.34 -28.55
CA LYS A 92 27.26 -9.13 -29.04
C LYS A 92 27.86 -7.85 -28.44
N GLU A 93 27.00 -6.84 -28.21
CA GLU A 93 27.38 -5.56 -27.60
C GLU A 93 27.52 -5.70 -26.07
N LYS A 94 26.85 -6.73 -25.51
CA LYS A 94 26.82 -7.03 -24.04
C LYS A 94 26.04 -5.97 -23.26
N ILE A 95 25.26 -5.14 -23.96
CA ILE A 95 24.46 -4.08 -23.35
C ILE A 95 23.09 -4.67 -22.94
N ASN A 96 22.95 -4.93 -21.64
CA ASN A 96 21.79 -5.63 -21.06
C ASN A 96 20.61 -4.63 -20.87
N PRO A 97 19.50 -4.76 -21.69
CA PRO A 97 18.36 -3.81 -21.68
C PRO A 97 17.56 -3.76 -20.36
N ALA A 98 16.92 -2.61 -20.15
CA ALA A 98 16.05 -2.32 -19.00
C ALA A 98 15.08 -1.18 -19.41
N GLY A 99 14.08 -0.92 -18.56
CA GLY A 99 13.10 0.13 -18.84
C GLY A 99 12.16 -0.24 -19.99
N ALA A 100 11.77 0.77 -20.79
CA ALA A 100 10.84 0.61 -21.92
C ALA A 100 11.61 0.65 -23.26
N PRO A 101 11.54 -0.44 -24.10
CA PRO A 101 12.19 -0.46 -25.44
C PRO A 101 11.48 0.51 -26.42
N THR A 102 12.14 1.63 -26.69
CA THR A 102 11.63 2.71 -27.53
C THR A 102 12.10 2.52 -28.98
N TYR A 103 11.27 1.85 -29.79
CA TYR A 103 11.55 1.61 -31.22
C TYR A 103 11.24 2.88 -32.02
N VAL A 104 12.29 3.62 -32.40
CA VAL A 104 12.19 4.81 -33.26
C VAL A 104 12.77 4.45 -34.66
N PRO A 105 11.94 3.96 -35.62
CA PRO A 105 12.42 3.62 -36.98
C PRO A 105 12.66 4.90 -37.83
N GLY A 106 13.74 4.90 -38.62
CA GLY A 106 14.03 5.97 -39.56
C GLY A 106 13.07 5.93 -40.75
N GLU A 107 13.33 4.99 -41.67
CA GLU A 107 12.48 4.73 -42.85
C GLU A 107 12.97 3.49 -43.59
N TYR A 108 12.09 2.94 -44.44
CA TYR A 108 12.43 1.87 -45.39
C TYR A 108 12.11 2.32 -46.80
N LYS A 109 12.99 1.96 -47.74
CA LYS A 109 12.78 2.13 -49.18
C LYS A 109 12.67 0.73 -49.81
N LEU A 110 11.82 0.56 -50.85
CA LEU A 110 11.54 -0.77 -51.45
C LEU A 110 12.83 -1.43 -51.97
N GLY A 111 13.22 -2.56 -51.31
CA GLY A 111 14.40 -3.33 -51.69
C GLY A 111 15.72 -2.64 -51.37
N GLU A 112 15.66 -1.64 -50.46
CA GLU A 112 16.83 -0.86 -50.00
C GLU A 112 16.98 -1.01 -48.48
N ASP A 113 17.86 -0.19 -47.86
CA ASP A 113 18.25 -0.33 -46.45
C ASP A 113 17.13 0.16 -45.49
N PHE A 114 17.18 -0.33 -44.25
CA PHE A 114 16.27 0.07 -43.17
C PHE A 114 17.07 0.32 -41.89
N THR A 115 17.24 1.61 -41.56
CA THR A 115 17.90 2.05 -40.32
C THR A 115 16.82 2.33 -39.27
N TYR A 116 17.01 1.78 -38.05
CA TYR A 116 16.10 2.02 -36.92
C TYR A 116 16.91 2.17 -35.62
N SER A 117 16.49 3.11 -34.79
CA SER A 117 17.15 3.48 -33.53
C SER A 117 16.30 3.05 -32.33
N VAL A 118 16.61 1.86 -31.75
CA VAL A 118 15.92 1.39 -30.54
C VAL A 118 16.64 1.93 -29.30
N GLU A 119 16.02 2.90 -28.63
CA GLU A 119 16.51 3.44 -27.37
C GLU A 119 16.00 2.59 -26.20
N PHE A 120 16.90 2.18 -25.32
CA PHE A 120 16.58 1.37 -24.15
C PHE A 120 17.59 1.66 -23.06
N GLU A 121 17.19 1.43 -21.81
CA GLU A 121 18.02 1.71 -20.64
C GLU A 121 18.79 0.46 -20.24
N VAL A 122 19.68 0.58 -19.26
CA VAL A 122 20.52 -0.55 -18.81
C VAL A 122 20.40 -0.74 -17.30
N TYR A 123 20.75 -1.94 -16.82
CA TYR A 123 20.91 -2.23 -15.40
C TYR A 123 22.27 -1.68 -14.94
N PRO A 124 22.30 -0.60 -14.09
CA PRO A 124 23.56 -0.04 -13.60
C PRO A 124 24.15 -0.90 -12.46
N GLU A 125 25.48 -0.97 -12.40
CA GLU A 125 26.20 -1.60 -11.28
C GLU A 125 25.90 -0.80 -9.99
N VAL A 126 25.06 -1.40 -9.14
CA VAL A 126 24.51 -0.74 -7.97
C VAL A 126 25.56 -0.69 -6.85
N GLU A 127 26.04 0.52 -6.55
CA GLU A 127 27.15 0.75 -5.62
C GLU A 127 26.71 0.52 -4.17
N LEU A 128 26.86 -0.75 -3.71
CA LEU A 128 26.56 -1.16 -2.34
C LEU A 128 27.75 -0.82 -1.42
N GLN A 129 27.45 -0.03 -0.37
CA GLN A 129 28.44 0.47 0.59
C GLN A 129 27.73 0.85 1.89
N GLY A 130 28.47 0.81 3.01
CA GLY A 130 27.93 1.18 4.32
C GLY A 130 26.88 0.21 4.84
N LEU A 131 26.78 -0.99 4.21
CA LEU A 131 25.77 -2.01 4.54
C LEU A 131 25.97 -2.55 5.97
N GLU A 132 27.23 -2.52 6.43
CA GLU A 132 27.62 -2.90 7.79
C GLU A 132 27.34 -1.75 8.77
N ALA A 133 27.28 -0.51 8.26
CA ALA A 133 27.05 0.69 9.07
C ALA A 133 25.54 0.98 9.23
N ILE A 134 24.71 0.25 8.46
CA ILE A 134 23.24 0.27 8.61
C ILE A 134 22.88 -0.38 9.97
N GLU A 135 22.38 0.44 10.90
CA GLU A 135 22.01 -0.02 12.26
C GLU A 135 20.50 -0.18 12.33
N VAL A 136 20.04 -1.43 12.24
CA VAL A 136 18.62 -1.79 12.20
C VAL A 136 18.13 -2.19 13.60
N GLU A 137 17.01 -1.59 14.02
CA GLU A 137 16.37 -1.91 15.30
C GLU A 137 15.61 -3.25 15.19
N LYS A 138 15.82 -4.13 16.18
CA LYS A 138 15.14 -5.42 16.30
C LYS A 138 14.31 -5.41 17.60
N PRO A 139 13.00 -5.03 17.54
CA PRO A 139 12.11 -5.06 18.71
C PRO A 139 11.59 -6.48 19.01
N ILE A 140 12.27 -7.18 19.94
CA ILE A 140 11.76 -8.42 20.54
C ILE A 140 10.56 -8.06 21.43
N VAL A 141 9.37 -8.28 20.89
CA VAL A 141 8.12 -7.93 21.55
C VAL A 141 7.26 -9.20 21.68
N GLU A 142 6.68 -9.40 22.86
CA GLU A 142 5.73 -10.48 23.12
C GLU A 142 4.48 -9.90 23.79
N VAL A 143 3.32 -10.45 23.43
CA VAL A 143 2.04 -10.05 24.03
C VAL A 143 1.94 -10.67 25.44
N THR A 144 2.53 -9.98 26.44
CA THR A 144 2.51 -10.42 27.85
C THR A 144 1.09 -10.35 28.41
N ASP A 145 0.84 -10.98 29.58
CA ASP A 145 -0.49 -10.90 30.24
C ASP A 145 -0.84 -9.45 30.63
N ALA A 146 0.18 -8.57 30.70
CA ALA A 146 -0.02 -7.11 30.82
C ALA A 146 -0.72 -6.57 29.56
N ASP A 147 -0.22 -7.00 28.38
CA ASP A 147 -0.79 -6.62 27.07
C ASP A 147 -2.14 -7.32 26.82
N VAL A 148 -2.28 -8.58 27.30
CA VAL A 148 -3.51 -9.39 27.12
C VAL A 148 -4.64 -8.80 27.95
N ASP A 149 -4.36 -8.51 29.24
CA ASP A 149 -5.33 -7.86 30.15
C ASP A 149 -5.66 -6.44 29.66
N GLY A 150 -4.62 -5.72 29.20
CA GLY A 150 -4.80 -4.39 28.63
C GLY A 150 -5.66 -4.40 27.36
N MET A 151 -5.50 -5.48 26.57
CA MET A 151 -6.24 -5.66 25.31
C MET A 151 -7.71 -5.94 25.59
N LEU A 152 -7.98 -6.92 26.49
CA LEU A 152 -9.34 -7.32 26.90
C LEU A 152 -10.09 -6.14 27.54
N ASP A 153 -9.34 -5.36 28.33
CA ASP A 153 -9.79 -4.10 28.95
C ASP A 153 -10.32 -3.15 27.85
N THR A 154 -9.45 -2.87 26.84
CA THR A 154 -9.79 -2.02 25.69
C THR A 154 -11.02 -2.55 24.91
N LEU A 155 -11.03 -3.88 24.62
CA LEU A 155 -12.10 -4.56 23.84
C LEU A 155 -13.47 -4.37 24.53
N ARG A 156 -13.50 -4.68 25.83
CA ARG A 156 -14.72 -4.64 26.64
C ARG A 156 -15.13 -3.21 27.00
N LYS A 157 -14.19 -2.25 26.91
CA LYS A 157 -14.53 -0.81 27.08
C LYS A 157 -15.04 -0.18 25.77
N GLN A 158 -14.63 -0.72 24.62
CA GLN A 158 -15.15 -0.26 23.30
C GLN A 158 -16.52 -0.91 23.00
N GLN A 159 -16.71 -2.15 23.48
CA GLN A 159 -18.00 -2.89 23.36
C GLN A 159 -18.84 -2.75 24.65
N ALA A 160 -18.53 -1.72 25.44
CA ALA A 160 -19.19 -1.46 26.72
C ALA A 160 -20.55 -0.78 26.53
N THR A 161 -21.48 -1.07 27.46
CA THR A 161 -22.79 -0.45 27.49
C THR A 161 -22.72 0.83 28.35
N TRP A 162 -23.06 1.98 27.74
CA TRP A 162 -22.98 3.30 28.40
C TRP A 162 -24.12 3.49 29.39
N LYS A 163 -23.75 3.70 30.66
CA LYS A 163 -24.67 3.85 31.78
C LYS A 163 -24.54 5.27 32.36
N GLU A 164 -25.58 6.08 32.18
CA GLU A 164 -25.66 7.44 32.74
C GLU A 164 -25.45 7.38 34.28
N LYS A 165 -24.25 7.78 34.75
CA LYS A 165 -23.83 7.62 36.16
C LYS A 165 -23.90 8.95 36.93
N ASP A 166 -24.09 8.83 38.26
CA ASP A 166 -24.37 9.96 39.16
C ASP A 166 -23.07 10.57 39.75
N GLY A 167 -22.87 11.88 39.50
CA GLY A 167 -21.90 12.71 40.24
C GLY A 167 -20.45 12.24 40.20
N ALA A 168 -20.01 11.71 39.05
CA ALA A 168 -18.62 11.23 38.89
C ALA A 168 -18.19 11.29 37.43
N VAL A 169 -17.35 12.29 37.06
CA VAL A 169 -16.71 12.36 35.73
C VAL A 169 -15.35 11.65 35.78
N GLU A 170 -15.09 10.77 34.80
CA GLU A 170 -13.78 10.10 34.64
C GLU A 170 -13.21 10.40 33.23
N ALA A 171 -11.88 10.25 33.08
CA ALA A 171 -11.12 10.74 31.90
C ALA A 171 -11.15 9.76 30.71
N GLU A 172 -11.85 8.64 30.85
CA GLU A 172 -12.03 7.64 29.79
C GLU A 172 -13.51 7.52 29.40
N ASP A 173 -14.35 8.39 29.98
CA ASP A 173 -15.82 8.30 29.85
C ASP A 173 -16.40 9.45 29.01
N ARG A 174 -17.74 9.45 28.90
CA ARG A 174 -18.47 10.32 27.96
C ARG A 174 -19.55 11.09 28.73
N VAL A 175 -19.55 12.42 28.63
CA VAL A 175 -20.49 13.31 29.36
C VAL A 175 -21.50 13.94 28.40
N THR A 176 -22.45 14.70 28.98
CA THR A 176 -23.38 15.55 28.23
C THR A 176 -23.29 16.97 28.80
N ILE A 177 -22.91 17.95 27.96
CA ILE A 177 -22.68 19.35 28.37
C ILE A 177 -23.41 20.32 27.44
N ASP A 178 -23.56 21.57 27.89
CA ASP A 178 -23.95 22.69 27.02
C ASP A 178 -22.83 23.71 27.07
N PHE A 179 -22.05 23.81 26.01
CA PHE A 179 -20.93 24.77 25.96
C PHE A 179 -21.43 26.04 25.28
N THR A 180 -21.34 27.17 25.98
CA THR A 180 -21.90 28.46 25.55
C THR A 180 -20.86 29.56 25.79
N GLY A 181 -20.14 29.94 24.75
CA GLY A 181 -19.07 30.93 24.87
C GLY A 181 -18.72 31.58 23.55
N SER A 182 -17.69 32.42 23.57
CA SER A 182 -17.25 33.22 22.43
C SER A 182 -15.75 33.00 22.17
N VAL A 183 -15.39 32.65 20.93
CA VAL A 183 -14.00 32.47 20.49
C VAL A 183 -13.54 33.77 19.81
N ASP A 184 -12.47 34.37 20.37
CA ASP A 184 -11.88 35.65 19.93
C ASP A 184 -12.89 36.83 20.11
N GLY A 185 -14.01 36.58 20.83
CA GLY A 185 -15.01 37.60 21.12
C GLY A 185 -16.30 37.47 20.32
N GLU A 186 -16.46 36.35 19.59
CA GLU A 186 -17.70 36.07 18.81
C GLU A 186 -18.05 34.57 18.88
N GLU A 187 -19.36 34.26 18.89
CA GLU A 187 -19.86 32.87 18.91
C GLU A 187 -19.86 32.31 17.47
N PHE A 188 -18.98 31.35 17.20
CA PHE A 188 -18.92 30.63 15.90
C PHE A 188 -19.57 29.25 16.03
N GLU A 189 -19.49 28.43 14.94
CA GLU A 189 -19.80 26.99 15.01
C GLU A 189 -18.66 26.33 15.79
N GLY A 190 -18.95 25.85 17.00
CA GLY A 190 -17.91 25.48 17.97
C GLY A 190 -17.82 26.48 19.10
N GLY A 191 -18.72 27.47 19.07
CA GLY A 191 -18.86 28.47 20.13
C GLY A 191 -20.00 28.13 21.07
N LYS A 192 -21.04 27.44 20.55
CA LYS A 192 -22.28 27.18 21.30
C LYS A 192 -23.04 25.95 20.77
N ALA A 193 -23.22 24.92 21.63
CA ALA A 193 -24.08 23.75 21.35
C ALA A 193 -24.70 23.26 22.67
N SER A 194 -25.92 22.69 22.57
CA SER A 194 -26.71 22.25 23.74
C SER A 194 -26.85 20.72 23.79
N ASP A 195 -26.73 20.14 25.01
CA ASP A 195 -26.82 18.69 25.29
C ASP A 195 -25.80 17.89 24.46
N PHE A 196 -24.68 18.57 24.15
CA PHE A 196 -23.57 18.05 23.37
C PHE A 196 -22.87 16.91 24.13
N VAL A 197 -23.11 15.68 23.69
CA VAL A 197 -22.48 14.49 24.27
C VAL A 197 -21.05 14.34 23.69
N LEU A 198 -20.06 14.18 24.57
CA LEU A 198 -18.64 14.23 24.21
C LEU A 198 -17.83 13.22 25.05
N ALA A 199 -17.10 12.32 24.36
CA ALA A 199 -16.08 11.46 24.97
C ALA A 199 -14.81 12.30 25.22
N MET A 200 -14.72 12.85 26.43
CA MET A 200 -13.63 13.75 26.85
C MET A 200 -12.61 12.96 27.68
N GLY A 201 -11.44 13.59 27.90
CA GLY A 201 -10.35 12.98 28.64
C GLY A 201 -9.41 12.17 27.75
N GLN A 202 -9.95 11.69 26.61
CA GLN A 202 -9.16 11.10 25.52
C GLN A 202 -8.75 12.21 24.53
N GLY A 203 -7.95 11.85 23.52
CA GLY A 203 -7.49 12.80 22.49
C GLY A 203 -8.50 13.03 21.38
N ARG A 204 -9.75 13.34 21.76
CA ARG A 204 -10.88 13.61 20.84
C ARG A 204 -11.43 15.05 21.07
N MET A 205 -10.66 15.84 21.84
CA MET A 205 -11.04 17.20 22.27
C MET A 205 -9.79 17.98 22.72
N ILE A 206 -9.90 19.33 22.74
CA ILE A 206 -8.88 20.27 23.24
C ILE A 206 -8.40 19.85 24.66
N PRO A 207 -7.05 19.62 24.85
CA PRO A 207 -6.44 19.50 26.18
C PRO A 207 -6.68 20.80 26.99
N GLY A 208 -7.49 20.71 28.05
CA GLY A 208 -7.96 21.89 28.80
C GLY A 208 -9.48 21.97 28.82
N PHE A 209 -10.12 21.74 27.65
CA PHE A 209 -11.60 21.67 27.55
C PHE A 209 -12.09 20.42 28.29
N GLU A 210 -11.37 19.31 28.05
CA GLU A 210 -11.61 18.02 28.69
C GLU A 210 -11.46 18.13 30.23
N ASP A 211 -10.38 18.81 30.68
CA ASP A 211 -10.02 18.92 32.10
C ASP A 211 -11.01 19.81 32.87
N GLY A 212 -11.60 20.78 32.13
CA GLY A 212 -12.68 21.58 32.66
C GLY A 212 -13.85 20.74 33.14
N ILE A 213 -14.15 19.69 32.37
CA ILE A 213 -15.23 18.73 32.67
C ILE A 213 -14.78 17.72 33.75
N LYS A 214 -13.51 17.22 33.62
CA LYS A 214 -12.94 16.16 34.49
C LYS A 214 -12.86 16.60 35.97
N GLY A 215 -12.62 17.90 36.18
CA GLY A 215 -12.48 18.46 37.53
C GLY A 215 -13.80 18.71 38.25
N HIS A 216 -14.92 18.27 37.66
CA HIS A 216 -16.28 18.43 38.23
C HIS A 216 -17.02 17.10 38.22
N LYS A 217 -18.29 17.07 38.70
CA LYS A 217 -18.99 15.81 39.02
C LYS A 217 -20.15 15.47 38.08
N ALA A 218 -21.22 16.31 38.07
CA ALA A 218 -22.42 16.01 37.24
C ALA A 218 -23.13 17.24 36.69
N GLY A 219 -23.69 18.08 37.56
CA GLY A 219 -24.79 18.99 37.21
C GLY A 219 -24.52 20.43 37.57
N GLU A 220 -23.40 20.95 37.11
CA GLU A 220 -22.88 22.27 37.54
C GLU A 220 -22.41 23.09 36.34
N GLU A 221 -22.70 24.41 36.38
CA GLU A 221 -22.26 25.37 35.36
C GLU A 221 -20.99 26.09 35.83
N PHE A 222 -20.05 26.27 34.89
CA PHE A 222 -18.76 26.93 35.13
C PHE A 222 -18.22 27.50 33.83
N THR A 223 -17.17 28.32 33.93
CA THR A 223 -16.54 28.97 32.76
C THR A 223 -15.07 28.56 32.71
N ILE A 224 -14.68 27.88 31.63
CA ILE A 224 -13.29 27.45 31.40
C ILE A 224 -12.66 28.27 30.26
N ASP A 225 -11.37 28.57 30.41
CA ASP A 225 -10.58 29.27 29.40
C ASP A 225 -9.71 28.23 28.69
N VAL A 226 -10.16 27.80 27.50
CA VAL A 226 -9.49 26.76 26.72
C VAL A 226 -8.44 27.37 25.81
N THR A 227 -7.26 26.75 25.80
CA THR A 227 -6.19 27.13 24.89
C THR A 227 -6.20 26.13 23.73
N PHE A 228 -6.81 26.56 22.61
CA PHE A 228 -6.86 25.79 21.35
C PHE A 228 -5.48 25.22 20.98
N PRO A 229 -5.43 23.92 20.55
CA PRO A 229 -4.18 23.17 20.39
C PRO A 229 -3.31 23.71 19.24
N GLU A 230 -1.98 23.64 19.43
CA GLU A 230 -1.01 23.92 18.36
C GLU A 230 -1.12 22.87 17.22
N GLU A 231 -1.76 21.73 17.54
CA GLU A 231 -1.92 20.61 16.59
C GLU A 231 -3.16 20.82 15.70
N TYR A 232 -3.95 21.84 16.04
CA TYR A 232 -5.18 22.18 15.32
C TYR A 232 -4.80 22.91 14.01
N HIS A 233 -5.29 22.38 12.88
CA HIS A 233 -4.93 22.86 11.52
C HIS A 233 -5.58 24.21 11.20
N ALA A 234 -6.65 24.56 11.93
CA ALA A 234 -7.30 25.86 11.82
C ALA A 234 -6.38 26.93 12.45
N GLU A 235 -5.68 27.64 11.57
CA GLU A 235 -4.70 28.69 11.95
C GLU A 235 -5.36 29.88 12.67
N ASN A 236 -6.67 30.09 12.44
CA ASN A 236 -7.45 31.16 13.09
C ASN A 236 -7.82 30.77 14.55
N LEU A 237 -7.68 29.47 14.89
CA LEU A 237 -8.02 28.94 16.22
C LEU A 237 -6.79 28.61 17.05
N LYS A 238 -5.79 27.95 16.43
CA LYS A 238 -4.62 27.42 17.16
C LYS A 238 -3.86 28.54 17.93
N GLY A 239 -3.75 28.36 19.25
CA GLY A 239 -3.12 29.36 20.13
C GLY A 239 -4.06 30.47 20.60
N LYS A 240 -5.39 30.29 20.42
CA LYS A 240 -6.41 31.21 20.99
C LYS A 240 -6.84 30.68 22.37
N ALA A 241 -7.22 31.60 23.26
CA ALA A 241 -7.76 31.25 24.58
C ALA A 241 -9.22 31.70 24.68
N ALA A 242 -10.16 30.78 24.36
CA ALA A 242 -11.61 31.08 24.34
C ALA A 242 -12.26 30.74 25.69
N LYS A 243 -13.38 31.41 25.98
CA LYS A 243 -14.12 31.24 27.24
C LYS A 243 -15.47 30.58 26.95
N PHE A 244 -15.78 29.47 27.64
CA PHE A 244 -17.02 28.70 27.47
C PHE A 244 -17.71 28.48 28.82
N ALA A 245 -18.98 28.86 28.93
CA ALA A 245 -19.83 28.53 30.08
C ALA A 245 -20.35 27.09 29.90
N ILE A 246 -19.57 26.13 30.41
CA ILE A 246 -19.88 24.70 30.35
C ILE A 246 -20.95 24.36 31.39
N ASN A 247 -22.16 24.08 30.89
CA ASN A 247 -23.26 23.56 31.69
C ASN A 247 -23.14 22.04 31.70
N LEU A 248 -22.24 21.53 32.55
CA LEU A 248 -22.08 20.08 32.74
C LEU A 248 -23.39 19.53 33.31
N LYS A 249 -24.02 18.59 32.60
CA LYS A 249 -25.35 18.03 32.95
C LYS A 249 -25.23 16.58 33.42
N LYS A 250 -24.73 15.70 32.53
CA LYS A 250 -24.73 14.26 32.75
C LYS A 250 -23.33 13.69 32.57
N VAL A 251 -23.18 12.44 33.03
CA VAL A 251 -21.99 11.60 32.78
C VAL A 251 -22.48 10.19 32.41
N GLU A 252 -21.69 9.47 31.62
CA GLU A 252 -21.92 8.04 31.27
C GLU A 252 -20.71 7.23 31.70
N GLU A 253 -20.92 5.94 31.92
CA GLU A 253 -19.87 4.99 32.27
C GLU A 253 -19.82 3.91 31.20
N ARG A 254 -18.63 3.65 30.66
CA ARG A 254 -18.41 2.54 29.73
C ARG A 254 -18.34 1.24 30.55
N GLU A 255 -19.53 0.81 31.00
CA GLU A 255 -19.69 -0.36 31.88
C GLU A 255 -19.46 -1.61 31.05
N LEU A 256 -18.45 -2.42 31.47
CA LEU A 256 -18.03 -3.66 30.78
C LEU A 256 -19.26 -4.56 30.49
N PRO A 257 -19.38 -5.11 29.24
CA PRO A 257 -20.60 -5.83 28.79
C PRO A 257 -20.74 -7.21 29.47
N GLU A 258 -21.66 -8.02 28.95
CA GLU A 258 -21.87 -9.38 29.43
C GLU A 258 -20.66 -10.29 29.10
N LEU A 259 -20.58 -11.40 29.82
CA LEU A 259 -19.57 -12.45 29.62
C LEU A 259 -20.27 -13.77 29.26
N THR A 260 -21.61 -13.67 29.03
CA THR A 260 -22.50 -14.80 28.72
C THR A 260 -21.95 -15.65 27.56
N ALA A 261 -22.08 -17.00 27.69
CA ALA A 261 -21.52 -17.98 26.72
C ALA A 261 -21.85 -17.61 25.27
N GLU A 262 -23.13 -17.25 25.03
CA GLU A 262 -23.67 -16.91 23.71
C GLU A 262 -22.98 -15.64 23.13
N PHE A 263 -22.58 -14.72 24.01
CA PHE A 263 -21.96 -13.43 23.63
C PHE A 263 -20.45 -13.62 23.36
N ILE A 264 -19.71 -14.17 24.35
CA ILE A 264 -18.24 -14.34 24.26
C ILE A 264 -17.86 -15.36 23.15
N LYS A 265 -18.77 -16.31 22.84
CA LYS A 265 -18.53 -17.30 21.76
C LYS A 265 -18.69 -16.67 20.37
N ARG A 266 -19.31 -15.48 20.30
CA ARG A 266 -19.60 -14.79 19.02
C ARG A 266 -18.30 -14.29 18.35
N PHE A 267 -17.21 -14.25 19.15
CA PHE A 267 -15.86 -13.90 18.69
C PHE A 267 -15.20 -15.09 17.93
N GLY A 268 -15.82 -16.28 18.03
CA GLY A 268 -15.35 -17.49 17.35
C GLY A 268 -15.05 -18.64 18.31
N VAL A 269 -14.72 -18.32 19.57
CA VAL A 269 -14.39 -19.33 20.59
C VAL A 269 -15.65 -20.13 20.97
N GLU A 270 -15.76 -21.40 20.47
CA GLU A 270 -16.96 -22.29 20.62
C GLU A 270 -17.56 -22.26 22.04
N ASP A 271 -16.69 -22.44 23.02
CA ASP A 271 -17.05 -22.48 24.44
C ASP A 271 -16.82 -21.11 25.08
N GLY A 272 -17.71 -20.73 26.02
CA GLY A 272 -17.63 -19.43 26.67
C GLY A 272 -16.67 -19.41 27.87
N SER A 273 -15.37 -19.60 27.59
CA SER A 273 -14.34 -19.70 28.63
C SER A 273 -13.29 -18.60 28.43
N VAL A 274 -13.16 -17.72 29.45
CA VAL A 274 -12.34 -16.48 29.38
C VAL A 274 -10.89 -16.79 29.03
N GLU A 275 -10.28 -17.79 29.69
CA GLU A 275 -8.86 -18.15 29.47
C GLU A 275 -8.62 -18.62 28.02
N GLY A 276 -9.72 -19.08 27.36
CA GLY A 276 -9.69 -19.46 25.95
C GLY A 276 -9.77 -18.24 25.04
N LEU A 277 -10.48 -17.19 25.52
CA LEU A 277 -10.56 -15.90 24.81
C LEU A 277 -9.18 -15.23 24.87
N ARG A 278 -8.51 -15.37 26.04
CA ARG A 278 -7.17 -14.83 26.30
C ARG A 278 -6.11 -15.54 25.43
N ALA A 279 -6.27 -16.87 25.30
CA ALA A 279 -5.40 -17.72 24.48
C ALA A 279 -5.54 -17.36 22.99
N GLU A 280 -6.79 -17.14 22.56
CA GLU A 280 -7.13 -16.77 21.18
C GLU A 280 -6.59 -15.36 20.85
N VAL A 281 -6.72 -14.43 21.84
CA VAL A 281 -6.16 -13.06 21.75
C VAL A 281 -4.64 -13.12 21.56
N ARG A 282 -3.96 -13.90 22.43
CA ARG A 282 -2.51 -14.09 22.40
C ARG A 282 -2.06 -14.59 21.00
N LYS A 283 -2.73 -15.64 20.53
CA LYS A 283 -2.51 -16.27 19.21
C LYS A 283 -2.58 -15.25 18.04
N ASN A 284 -3.73 -14.55 17.91
CA ASN A 284 -3.97 -13.60 16.79
C ASN A 284 -3.06 -12.38 16.87
N MET A 285 -2.82 -11.90 18.09
CA MET A 285 -1.98 -10.73 18.33
C MET A 285 -0.51 -11.08 18.14
N GLU A 286 -0.13 -12.37 18.25
CA GLU A 286 1.24 -12.85 17.88
C GLU A 286 1.45 -12.77 16.37
N ARG A 287 0.41 -13.11 15.59
CA ARG A 287 0.44 -13.00 14.11
C ARG A 287 0.59 -11.53 13.72
N GLU A 288 -0.26 -10.70 14.32
CA GLU A 288 -0.28 -9.25 14.10
C GLU A 288 1.05 -8.59 14.52
N LEU A 289 1.58 -9.03 15.67
CA LEU A 289 2.79 -8.46 16.30
C LEU A 289 4.05 -8.84 15.51
N LYS A 290 4.15 -10.12 15.13
CA LYS A 290 5.28 -10.64 14.32
C LYS A 290 5.36 -9.88 12.99
N SER A 291 4.18 -9.57 12.44
CA SER A 291 3.99 -8.81 11.21
C SER A 291 4.41 -7.32 11.39
N ALA A 292 4.03 -6.74 12.54
CA ALA A 292 4.40 -5.36 12.92
C ALA A 292 5.93 -5.22 13.02
N ILE A 293 6.55 -6.18 13.74
CA ILE A 293 8.01 -6.28 13.94
C ILE A 293 8.70 -6.55 12.59
N ARG A 294 8.05 -7.36 11.75
CA ARG A 294 8.57 -7.76 10.43
C ARG A 294 8.79 -6.52 9.56
N ASN A 295 7.70 -5.75 9.38
CA ASN A 295 7.72 -4.51 8.58
C ASN A 295 8.45 -3.37 9.31
N ARG A 296 8.59 -3.47 10.66
CA ARG A 296 9.40 -2.50 11.44
C ARG A 296 10.89 -2.66 11.11
N VAL A 297 11.47 -3.85 11.41
CA VAL A 297 12.87 -4.19 11.13
C VAL A 297 13.20 -3.94 9.65
N LYS A 298 12.25 -4.37 8.79
CA LYS A 298 12.28 -4.10 7.35
C LYS A 298 12.45 -2.59 7.05
N SER A 299 11.52 -1.75 7.56
CA SER A 299 11.50 -0.30 7.24
C SER A 299 12.75 0.43 7.75
N GLN A 300 13.31 -0.04 8.91
CA GLN A 300 14.55 0.52 9.47
C GLN A 300 15.74 0.17 8.56
N ALA A 301 15.72 -1.06 8.00
CA ALA A 301 16.73 -1.54 7.04
C ALA A 301 16.62 -0.81 5.69
N ILE A 302 15.38 -0.50 5.25
CA ILE A 302 15.12 0.22 3.97
C ILE A 302 15.67 1.66 4.06
N GLU A 303 15.32 2.32 5.18
CA GLU A 303 15.74 3.69 5.48
C GLU A 303 17.28 3.76 5.57
N GLY A 304 17.86 2.80 6.32
CA GLY A 304 19.31 2.68 6.48
C GLY A 304 20.02 2.39 5.16
N LEU A 305 19.37 1.55 4.30
CA LEU A 305 19.85 1.20 2.96
C LEU A 305 20.10 2.47 2.15
N VAL A 306 19.05 3.27 1.95
CA VAL A 306 19.15 4.49 1.14
C VAL A 306 20.07 5.53 1.82
N LYS A 307 19.99 5.62 3.15
CA LYS A 307 20.79 6.58 3.94
C LYS A 307 22.31 6.28 3.82
N ALA A 308 22.66 4.99 3.58
CA ALA A 308 24.06 4.56 3.40
C ALA A 308 24.44 4.37 1.92
N ASN A 309 23.46 4.41 0.99
CA ASN A 309 23.66 3.97 -0.43
C ASN A 309 22.97 4.91 -1.42
N ASP A 310 23.37 4.84 -2.69
CA ASP A 310 22.75 5.62 -3.77
C ASP A 310 22.94 4.89 -5.11
N ILE A 311 21.96 5.04 -6.01
CA ILE A 311 22.03 4.48 -7.37
C ILE A 311 21.00 5.19 -8.28
N ASP A 312 21.47 5.64 -9.47
CA ASP A 312 20.60 6.24 -10.49
C ASP A 312 19.72 5.16 -11.10
N VAL A 313 18.41 5.43 -11.08
CA VAL A 313 17.39 4.51 -11.57
C VAL A 313 17.06 4.81 -13.05
N PRO A 314 16.92 3.76 -13.93
CA PRO A 314 16.29 3.88 -15.26
C PRO A 314 14.90 4.59 -15.18
N ALA A 315 14.77 5.66 -15.98
CA ALA A 315 13.62 6.59 -15.99
C ALA A 315 12.26 5.90 -16.13
N ALA A 316 12.15 4.96 -17.09
CA ALA A 316 10.89 4.26 -17.39
C ALA A 316 10.38 3.42 -16.20
N LEU A 317 11.32 2.89 -15.38
CA LEU A 317 10.98 2.13 -14.15
C LEU A 317 10.37 3.08 -13.09
N ILE A 318 10.95 4.30 -13.02
CA ILE A 318 10.46 5.38 -12.16
C ILE A 318 9.03 5.74 -12.56
N ASP A 319 8.83 5.97 -13.88
CA ASP A 319 7.52 6.33 -14.48
C ASP A 319 6.46 5.25 -14.26
N SER A 320 6.89 3.96 -14.27
CA SER A 320 6.02 2.83 -13.93
C SER A 320 5.52 2.95 -12.48
N GLU A 321 6.46 3.13 -11.53
CA GLU A 321 6.13 3.28 -10.10
C GLU A 321 5.37 4.60 -9.82
N ILE A 322 5.65 5.65 -10.63
CA ILE A 322 4.92 6.94 -10.57
C ILE A 322 3.46 6.66 -10.87
N ASP A 323 3.24 5.92 -11.98
CA ASP A 323 1.90 5.57 -12.47
C ASP A 323 1.13 4.71 -11.45
N VAL A 324 1.82 3.77 -10.79
CA VAL A 324 1.24 2.92 -9.72
C VAL A 324 0.79 3.82 -8.53
N LEU A 325 1.65 4.79 -8.16
CA LEU A 325 1.36 5.75 -7.08
C LEU A 325 0.27 6.76 -7.49
N ARG A 326 0.18 7.06 -8.81
CA ARG A 326 -0.84 7.98 -9.37
C ARG A 326 -2.20 7.29 -9.34
N ARG A 327 -2.21 5.99 -9.67
CA ARG A 327 -3.44 5.16 -9.67
C ARG A 327 -3.94 4.96 -8.23
N GLN A 328 -2.98 4.73 -7.30
CA GLN A 328 -3.27 4.58 -5.86
C GLN A 328 -3.82 5.89 -5.27
N ALA A 329 -3.25 7.03 -5.73
CA ALA A 329 -3.67 8.38 -5.29
C ALA A 329 -5.06 8.72 -5.83
N ALA A 330 -5.24 8.56 -7.16
CA ALA A 330 -6.51 8.84 -7.86
C ALA A 330 -7.65 7.96 -7.35
N GLN A 331 -7.30 6.73 -6.92
CA GLN A 331 -8.23 5.80 -6.24
C GLN A 331 -8.81 6.44 -4.96
N ARG A 332 -7.98 7.19 -4.23
CA ARG A 332 -8.38 7.87 -2.99
C ARG A 332 -9.14 9.17 -3.34
N PHE A 333 -8.59 9.90 -4.33
CA PHE A 333 -9.09 11.20 -4.78
C PHE A 333 -10.17 10.99 -5.86
N GLY A 334 -11.40 10.68 -5.40
CA GLY A 334 -12.56 10.52 -6.27
C GLY A 334 -12.74 9.11 -6.83
N GLY A 335 -11.62 8.41 -7.13
CA GLY A 335 -11.64 7.11 -7.79
C GLY A 335 -11.58 7.26 -9.31
N ASN A 336 -10.65 8.12 -9.77
CA ASN A 336 -10.52 8.53 -11.18
C ASN A 336 -10.00 7.38 -12.06
N GLU A 337 -10.73 7.11 -13.16
CA GLU A 337 -10.53 5.97 -14.07
C GLU A 337 -9.40 6.30 -15.08
N LYS A 338 -8.14 5.96 -14.71
CA LYS A 338 -6.90 6.21 -15.54
C LYS A 338 -6.58 7.70 -15.77
N GLN A 339 -7.42 8.62 -15.24
CA GLN A 339 -7.20 10.08 -15.28
C GLN A 339 -5.93 10.47 -14.48
N ALA A 340 -5.47 9.51 -13.65
CA ALA A 340 -4.25 9.57 -12.85
C ALA A 340 -2.99 10.12 -13.58
N LEU A 341 -2.93 9.97 -14.92
CA LEU A 341 -1.82 10.45 -15.76
C LEU A 341 -1.61 11.99 -15.61
N GLU A 342 -2.70 12.71 -15.29
CA GLU A 342 -2.69 14.18 -15.10
C GLU A 342 -2.13 14.59 -13.70
N LEU A 343 -2.06 13.64 -12.75
CA LEU A 343 -1.57 13.92 -11.37
C LEU A 343 -0.07 14.30 -11.38
N PRO A 344 0.33 15.39 -10.63
CA PRO A 344 1.69 16.01 -10.73
C PRO A 344 2.86 15.03 -10.46
N ARG A 345 3.67 14.80 -11.51
CA ARG A 345 4.80 13.83 -11.53
C ARG A 345 5.70 13.95 -10.30
N GLU A 346 6.14 15.18 -10.00
CA GLU A 346 7.11 15.47 -8.93
C GLU A 346 6.60 15.10 -7.52
N LEU A 347 5.26 14.98 -7.35
CA LEU A 347 4.68 14.54 -6.07
C LEU A 347 4.95 13.04 -5.86
N PHE A 348 5.08 12.30 -6.98
CA PHE A 348 5.22 10.83 -7.00
C PHE A 348 6.65 10.41 -7.39
N GLU A 349 7.40 11.28 -8.09
CA GLU A 349 8.68 10.92 -8.72
C GLU A 349 9.76 10.56 -7.69
N GLU A 350 9.90 11.42 -6.65
CA GLU A 350 10.88 11.24 -5.57
C GLU A 350 10.68 9.88 -4.87
N GLN A 351 9.45 9.67 -4.36
CA GLN A 351 9.10 8.45 -3.60
C GLN A 351 9.16 7.18 -4.48
N ALA A 352 8.72 7.30 -5.75
CA ALA A 352 8.73 6.19 -6.72
C ALA A 352 10.17 5.73 -6.95
N LYS A 353 10.99 6.67 -7.49
CA LYS A 353 12.42 6.46 -7.77
C LYS A 353 13.15 5.91 -6.53
N ARG A 354 12.78 6.42 -5.34
CA ARG A 354 13.37 6.02 -4.04
C ARG A 354 13.04 4.53 -3.76
N ARG A 355 11.80 4.12 -4.12
CA ARG A 355 11.37 2.70 -3.98
C ARG A 355 12.16 1.82 -4.95
N VAL A 356 12.46 2.35 -6.16
CA VAL A 356 13.25 1.61 -7.16
C VAL A 356 14.76 1.65 -6.80
N VAL A 357 15.20 2.72 -6.06
CA VAL A 357 16.59 2.83 -5.56
C VAL A 357 16.84 1.65 -4.63
N VAL A 358 15.92 1.45 -3.67
CA VAL A 358 15.95 0.29 -2.76
C VAL A 358 15.81 -1.01 -3.57
N GLY A 359 14.97 -0.98 -4.63
CA GLY A 359 14.76 -2.13 -5.51
C GLY A 359 16.03 -2.53 -6.28
N LEU A 360 16.93 -1.56 -6.51
CA LEU A 360 18.24 -1.81 -7.14
C LEU A 360 19.28 -2.24 -6.09
N LEU A 361 19.21 -1.65 -4.87
CA LEU A 361 20.11 -2.00 -3.73
C LEU A 361 19.90 -3.47 -3.35
N LEU A 362 18.62 -3.80 -3.13
CA LEU A 362 18.15 -5.15 -2.89
C LEU A 362 18.37 -6.02 -4.12
N GLY A 363 18.16 -5.45 -5.33
CA GLY A 363 18.43 -6.16 -6.58
C GLY A 363 19.89 -6.62 -6.70
N GLU A 364 20.81 -5.81 -6.16
CA GLU A 364 22.25 -6.07 -6.21
C GLU A 364 22.67 -7.07 -5.11
N VAL A 365 22.09 -6.97 -3.90
CA VAL A 365 22.37 -7.95 -2.82
C VAL A 365 21.78 -9.33 -3.19
N ILE A 366 20.62 -9.31 -3.89
CA ILE A 366 19.99 -10.50 -4.49
C ILE A 366 20.91 -11.09 -5.55
N ARG A 367 21.45 -10.22 -6.41
CA ARG A 367 22.35 -10.59 -7.51
C ARG A 367 23.58 -11.34 -6.96
N THR A 368 24.37 -10.63 -6.14
CA THR A 368 25.63 -11.15 -5.55
C THR A 368 25.41 -12.41 -4.69
N ASN A 369 24.35 -12.40 -3.87
CA ASN A 369 24.03 -13.53 -2.95
C ASN A 369 23.00 -14.48 -3.56
N GLU A 370 22.76 -14.38 -4.91
CA GLU A 370 21.88 -15.29 -5.72
C GLU A 370 20.58 -15.73 -4.98
N LEU A 371 19.84 -14.72 -4.48
CA LEU A 371 18.62 -14.94 -3.70
C LEU A 371 17.45 -15.45 -4.55
N LYS A 372 16.44 -15.96 -3.86
CA LYS A 372 15.28 -16.63 -4.47
C LYS A 372 14.04 -16.38 -3.61
N ALA A 373 12.86 -16.38 -4.24
CA ALA A 373 11.58 -16.37 -3.54
C ALA A 373 11.14 -17.82 -3.31
N ASP A 374 11.52 -18.36 -2.13
CA ASP A 374 11.38 -19.78 -1.79
C ASP A 374 9.88 -20.18 -1.70
N GLU A 375 9.45 -21.02 -2.66
CA GLU A 375 8.05 -21.45 -2.85
C GLU A 375 7.41 -21.97 -1.55
N GLU A 376 8.14 -22.79 -0.81
CA GLU A 376 7.62 -23.42 0.42
C GLU A 376 7.36 -22.36 1.51
N ARG A 377 8.15 -21.28 1.48
CA ARG A 377 8.02 -20.16 2.42
C ARG A 377 6.82 -19.26 2.02
N VAL A 378 6.73 -18.96 0.71
CA VAL A 378 5.64 -18.14 0.14
C VAL A 378 4.28 -18.81 0.44
N LYS A 379 4.16 -20.07 0.00
CA LYS A 379 2.96 -20.90 0.16
C LYS A 379 2.70 -21.22 1.64
N GLY A 380 3.77 -21.40 2.44
CA GLY A 380 3.64 -21.60 3.90
C GLY A 380 2.91 -20.44 4.57
N LEU A 381 3.35 -19.20 4.22
CA LEU A 381 2.72 -17.96 4.70
C LEU A 381 1.24 -17.89 4.23
N ILE A 382 1.01 -18.23 2.94
CA ILE A 382 -0.34 -18.29 2.34
C ILE A 382 -1.25 -19.25 3.12
N GLU A 383 -0.70 -20.40 3.57
CA GLU A 383 -1.44 -21.43 4.32
C GLU A 383 -1.83 -20.91 5.73
N GLU A 384 -0.85 -20.29 6.44
CA GLU A 384 -1.06 -19.70 7.79
C GLU A 384 -2.23 -18.70 7.78
N MET A 385 -2.17 -17.78 6.81
CA MET A 385 -3.15 -16.69 6.61
C MET A 385 -4.52 -17.23 6.14
N ALA A 386 -4.49 -18.18 5.18
CA ALA A 386 -5.72 -18.77 4.57
C ALA A 386 -6.46 -19.68 5.56
N SER A 387 -5.71 -20.23 6.53
CA SER A 387 -6.23 -21.09 7.60
C SER A 387 -7.29 -20.37 8.46
N ALA A 388 -7.31 -19.02 8.41
CA ALA A 388 -8.32 -18.20 9.11
C ALA A 388 -9.72 -18.38 8.52
N TYR A 389 -9.79 -18.69 7.21
CA TYR A 389 -11.07 -18.89 6.48
C TYR A 389 -11.54 -20.34 6.57
N GLU A 390 -12.80 -20.57 6.13
CA GLU A 390 -13.51 -21.86 6.24
C GLU A 390 -12.74 -23.01 5.57
N ASP A 391 -11.93 -22.68 4.57
CA ASP A 391 -11.05 -23.62 3.87
C ASP A 391 -9.81 -22.87 3.32
N PRO A 392 -8.57 -23.33 3.65
CA PRO A 392 -7.34 -22.72 3.10
C PRO A 392 -7.10 -23.06 1.61
N LYS A 393 -7.42 -24.32 1.24
CA LYS A 393 -7.00 -24.93 -0.04
C LYS A 393 -7.46 -24.11 -1.26
N GLU A 394 -8.76 -23.73 -1.28
CA GLU A 394 -9.37 -22.95 -2.36
C GLU A 394 -8.70 -21.56 -2.50
N VAL A 395 -8.16 -21.05 -1.37
CA VAL A 395 -7.51 -19.74 -1.31
C VAL A 395 -6.06 -19.82 -1.80
N ILE A 396 -5.38 -20.94 -1.50
CA ILE A 396 -3.99 -21.19 -1.97
C ILE A 396 -4.00 -21.32 -3.52
N GLU A 397 -5.01 -22.08 -4.01
CA GLU A 397 -5.27 -22.27 -5.45
C GLU A 397 -5.68 -20.95 -6.11
N PHE A 398 -6.51 -20.15 -5.39
CA PHE A 398 -6.89 -18.78 -5.82
C PHE A 398 -5.63 -17.94 -6.06
N TYR A 399 -4.73 -17.90 -5.05
CA TYR A 399 -3.48 -17.11 -5.10
C TYR A 399 -2.65 -17.50 -6.34
N SER A 400 -2.29 -18.80 -6.42
CA SER A 400 -1.41 -19.32 -7.50
C SER A 400 -1.96 -19.03 -8.93
N LYS A 401 -3.28 -18.84 -9.05
CA LYS A 401 -3.95 -18.47 -10.32
C LYS A 401 -4.14 -16.94 -10.44
N ASN A 402 -4.28 -16.25 -9.30
CA ASN A 402 -4.53 -14.80 -9.25
C ASN A 402 -3.19 -14.11 -9.03
N LYS A 403 -2.47 -13.90 -10.14
CA LYS A 403 -1.13 -13.29 -10.13
C LYS A 403 -1.17 -11.85 -9.58
N GLU A 404 -2.37 -11.22 -9.64
CA GLU A 404 -2.62 -9.90 -9.05
C GLU A 404 -2.16 -9.86 -7.56
N LEU A 405 -2.53 -10.90 -6.79
CA LEU A 405 -2.16 -11.02 -5.37
C LEU A 405 -1.00 -12.01 -5.15
N MET A 406 -0.74 -12.91 -6.14
CA MET A 406 0.33 -13.93 -6.03
C MET A 406 1.69 -13.25 -6.16
N ASP A 407 1.81 -12.40 -7.22
CA ASP A 407 2.98 -11.53 -7.43
C ASP A 407 3.26 -10.70 -6.18
N ASN A 408 2.18 -10.09 -5.63
CA ASN A 408 2.27 -9.21 -4.46
C ASN A 408 2.79 -9.99 -3.23
N MET A 409 2.25 -11.21 -3.03
CA MET A 409 2.63 -12.10 -1.90
C MET A 409 4.08 -12.61 -2.09
N ARG A 410 4.49 -12.76 -3.35
CA ARG A 410 5.84 -13.25 -3.69
C ARG A 410 6.84 -12.09 -3.67
N ASN A 411 6.33 -10.86 -3.89
CA ASN A 411 7.12 -9.62 -3.85
C ASN A 411 7.42 -9.23 -2.41
N VAL A 412 6.44 -9.47 -1.49
CA VAL A 412 6.63 -9.20 -0.05
C VAL A 412 7.48 -10.31 0.61
N ALA A 413 7.34 -11.56 0.11
CA ALA A 413 8.20 -12.70 0.54
C ALA A 413 9.66 -12.42 0.18
N LEU A 414 9.85 -12.04 -1.10
CA LEU A 414 11.17 -11.63 -1.64
C LEU A 414 11.68 -10.36 -0.94
N GLU A 415 10.75 -9.44 -0.62
CA GLU A 415 11.04 -8.17 0.07
C GLU A 415 11.76 -8.50 1.38
N GLU A 416 11.12 -9.39 2.17
CA GLU A 416 11.67 -9.87 3.45
C GLU A 416 13.06 -10.50 3.25
N GLN A 417 13.17 -11.49 2.32
CA GLN A 417 14.44 -12.23 2.07
C GLN A 417 15.60 -11.30 1.64
N ALA A 418 15.27 -10.31 0.81
CA ALA A 418 16.23 -9.34 0.27
C ALA A 418 16.74 -8.42 1.40
N VAL A 419 15.79 -7.97 2.24
CA VAL A 419 16.09 -7.18 3.45
C VAL A 419 16.95 -8.01 4.42
N GLU A 420 16.59 -9.29 4.61
CA GLU A 420 17.27 -10.22 5.55
C GLU A 420 18.72 -10.51 5.13
N ALA A 421 18.97 -10.49 3.81
CA ALA A 421 20.33 -10.55 3.26
C ALA A 421 21.17 -9.32 3.68
N VAL A 422 20.49 -8.16 3.82
CA VAL A 422 21.15 -6.92 4.28
C VAL A 422 21.31 -6.96 5.81
N LEU A 423 20.31 -7.56 6.50
CA LEU A 423 20.31 -7.73 7.98
C LEU A 423 21.47 -8.61 8.43
N ALA A 424 21.78 -9.63 7.61
CA ALA A 424 22.94 -10.53 7.82
C ALA A 424 24.27 -9.75 7.83
N LYS A 425 24.30 -8.62 7.10
CA LYS A 425 25.48 -7.75 6.94
C LYS A 425 25.43 -6.52 7.87
N ALA A 426 24.20 -6.13 8.26
CA ALA A 426 23.93 -4.89 9.01
C ALA A 426 23.95 -5.14 10.53
N LYS A 427 24.11 -4.05 11.31
CA LYS A 427 24.06 -4.10 12.77
C LYS A 427 22.60 -4.24 13.24
N VAL A 428 22.11 -5.47 13.35
CA VAL A 428 20.78 -5.76 13.88
C VAL A 428 20.84 -5.71 15.42
N THR A 429 20.70 -4.48 15.96
CA THR A 429 20.76 -4.22 17.40
C THR A 429 19.40 -4.59 18.04
N GLU A 430 19.45 -5.47 19.05
CA GLU A 430 18.26 -6.11 19.62
C GLU A 430 17.85 -5.44 20.95
N LYS A 431 16.54 -5.24 21.16
CA LYS A 431 15.98 -4.76 22.43
C LYS A 431 14.62 -5.42 22.68
N GLU A 432 14.17 -5.44 23.93
CA GLU A 432 12.87 -6.05 24.33
C GLU A 432 11.86 -4.96 24.72
N THR A 433 10.56 -5.24 24.48
CA THR A 433 9.45 -4.36 24.93
C THR A 433 8.07 -5.07 24.80
N THR A 434 7.01 -4.41 25.29
CA THR A 434 5.62 -4.94 25.30
C THR A 434 4.84 -4.53 24.03
N PHE A 435 3.74 -5.28 23.71
CA PHE A 435 2.92 -5.08 22.49
C PHE A 435 2.47 -3.62 22.38
N ASN A 436 1.70 -3.17 23.39
CA ASN A 436 1.09 -1.83 23.42
C ASN A 436 2.16 -0.72 23.35
N GLU A 437 3.37 -1.02 23.83
CA GLU A 437 4.50 -0.07 23.81
C GLU A 437 5.04 0.11 22.37
N LEU A 438 5.07 -1.00 21.59
CA LEU A 438 5.48 -0.96 20.16
C LEU A 438 4.39 -0.24 19.32
N MET A 439 3.13 -0.28 19.79
CA MET A 439 1.99 0.38 19.09
C MET A 439 2.05 1.91 19.28
N ASN A 440 2.85 2.38 20.26
CA ASN A 440 3.00 3.80 20.60
C ASN A 440 3.94 4.55 19.61
N GLN A 441 3.88 4.18 18.33
CA GLN A 441 4.62 4.87 17.25
C GLN A 441 3.70 5.94 16.63
N GLN A 442 3.63 7.09 17.31
CA GLN A 442 2.85 8.27 16.84
C GLN A 442 3.71 9.11 15.88
N ALA A 443 5.01 9.21 16.19
CA ALA A 443 5.99 9.97 15.40
C ALA A 443 7.40 9.38 15.64
N ALA B 3 -23.44 54.12 24.61
CA ALA B 3 -24.76 54.21 25.27
C ALA B 3 -25.81 54.77 24.28
N ARG B 4 -27.09 54.33 24.46
CA ARG B 4 -28.27 54.82 23.72
C ARG B 4 -28.20 54.44 22.21
N ALA B 5 -27.42 55.20 21.42
CA ALA B 5 -27.23 54.95 19.99
C ALA B 5 -26.01 54.02 19.79
N ASP B 6 -26.18 52.76 20.24
CA ASP B 6 -25.07 51.78 20.31
C ASP B 6 -25.04 50.89 19.06
N VAL B 7 -23.81 50.53 18.65
CA VAL B 7 -23.54 49.74 17.44
C VAL B 7 -23.37 48.25 17.78
N THR B 8 -23.19 47.40 16.76
CA THR B 8 -22.97 45.95 16.93
C THR B 8 -21.53 45.65 17.38
N LEU B 9 -21.24 44.36 17.64
CA LEU B 9 -19.89 43.90 17.99
C LEU B 9 -19.69 42.49 17.42
N GLY B 10 -18.56 42.30 16.74
CA GLY B 10 -18.15 41.00 16.21
C GLY B 10 -16.71 40.67 16.60
N GLY B 11 -16.24 39.49 16.18
CA GLY B 11 -14.87 39.04 16.48
C GLY B 11 -14.47 37.84 15.63
N GLY B 12 -13.19 37.42 15.75
CA GLY B 12 -12.63 36.33 14.95
C GLY B 12 -12.35 36.75 13.51
N ALA B 13 -13.45 37.03 12.76
CA ALA B 13 -13.45 37.59 11.40
C ALA B 13 -12.88 36.62 10.35
N LYS B 14 -12.84 35.31 10.70
CA LYS B 14 -12.44 34.25 9.78
C LYS B 14 -12.86 32.89 10.33
N THR B 15 -14.18 32.59 10.19
CA THR B 15 -14.76 31.24 10.44
C THR B 15 -14.35 30.64 11.82
N PHE B 16 -14.45 29.32 11.94
CA PHE B 16 -13.91 28.56 13.07
C PHE B 16 -13.09 27.39 12.48
N ALA B 17 -13.79 26.26 12.23
CA ALA B 17 -13.24 25.06 11.61
C ALA B 17 -14.36 24.02 11.57
N GLU B 18 -14.58 23.38 12.74
CA GLU B 18 -15.53 22.27 12.92
C GLU B 18 -15.49 21.81 14.39
N THR B 19 -16.63 21.35 14.89
CA THR B 19 -16.72 20.67 16.19
C THR B 19 -16.31 19.19 16.01
N ALA B 20 -15.56 18.66 17.01
CA ALA B 20 -15.12 17.25 17.03
C ALA B 20 -16.31 16.27 16.99
N THR B 21 -17.36 16.62 17.78
CA THR B 21 -18.64 15.86 17.92
C THR B 21 -18.44 14.37 18.28
N ALA B 22 -17.24 14.03 18.81
CA ALA B 22 -16.85 12.66 19.14
C ALA B 22 -17.47 12.23 20.47
N GLY B 23 -18.77 11.87 20.39
CA GLY B 23 -19.54 11.49 21.57
C GLY B 23 -20.71 10.59 21.20
N GLU B 24 -21.95 11.14 21.22
CA GLU B 24 -23.18 10.37 20.95
C GLU B 24 -24.31 11.31 20.51
N TRP B 25 -25.30 10.72 19.81
CA TRP B 25 -26.63 11.28 19.43
C TRP B 25 -27.21 10.45 18.27
N GLN B 26 -26.33 9.72 17.55
CA GLN B 26 -26.70 8.94 16.36
C GLN B 26 -25.66 7.83 16.05
N GLY B 27 -24.81 7.52 17.04
CA GLY B 27 -23.80 6.46 16.91
C GLY B 27 -24.41 5.06 16.88
N LYS B 28 -25.61 4.92 17.50
CA LYS B 28 -26.36 3.65 17.53
C LYS B 28 -27.54 3.73 16.54
N THR B 29 -27.30 3.34 15.26
CA THR B 29 -28.37 3.24 14.22
C THR B 29 -27.86 2.70 12.85
N LEU B 30 -26.54 2.79 12.60
CA LEU B 30 -25.96 2.44 11.28
C LEU B 30 -25.91 0.90 11.10
N ARG B 31 -25.56 0.19 12.18
CA ARG B 31 -25.48 -1.29 12.20
C ARG B 31 -26.80 -1.92 12.70
N GLU B 32 -27.83 -1.07 12.89
CA GLU B 32 -29.14 -1.44 13.46
C GLU B 32 -29.79 -2.61 12.69
N GLN B 33 -29.76 -2.53 11.34
CA GLN B 33 -30.46 -3.48 10.45
C GLN B 33 -30.03 -4.95 10.70
N ALA B 34 -28.79 -5.15 11.17
CA ALA B 34 -28.26 -6.48 11.47
C ALA B 34 -29.05 -7.16 12.60
N GLN B 35 -29.12 -6.46 13.76
CA GLN B 35 -29.82 -6.97 14.97
C GLN B 35 -31.34 -6.66 14.92
N ALA B 36 -31.78 -5.89 13.91
CA ALA B 36 -33.21 -5.62 13.67
C ALA B 36 -33.83 -6.74 12.83
N ARG B 37 -33.09 -7.18 11.79
CA ARG B 37 -33.47 -8.33 10.96
C ARG B 37 -33.44 -9.58 11.85
N GLY B 38 -32.26 -9.84 12.44
CA GLY B 38 -32.07 -10.91 13.41
C GLY B 38 -32.70 -10.54 14.74
N TYR B 39 -34.00 -10.85 14.88
CA TYR B 39 -34.80 -10.56 16.10
C TYR B 39 -34.20 -11.24 17.36
N GLN B 40 -34.81 -10.96 18.53
CA GLN B 40 -34.30 -11.42 19.83
C GLN B 40 -34.35 -12.97 19.94
N LEU B 41 -33.27 -13.60 19.47
CA LEU B 41 -33.04 -15.05 19.54
C LEU B 41 -31.77 -15.28 20.37
N VAL B 42 -30.69 -14.57 19.96
CA VAL B 42 -29.43 -14.41 20.72
C VAL B 42 -28.96 -12.95 20.58
N SER B 43 -28.44 -12.37 21.67
CA SER B 43 -27.98 -10.96 21.70
C SER B 43 -26.69 -10.79 20.87
N ASP B 44 -26.67 -9.74 20.03
CA ASP B 44 -25.52 -9.42 19.17
C ASP B 44 -25.39 -7.89 19.05
N ALA B 45 -24.30 -7.34 19.59
CA ALA B 45 -23.96 -5.92 19.48
C ALA B 45 -22.79 -5.71 18.49
N ALA B 46 -22.32 -6.82 17.88
CA ALA B 46 -21.13 -6.83 17.00
C ALA B 46 -21.48 -6.55 15.53
N SER B 47 -22.80 -6.70 15.19
CA SER B 47 -23.33 -6.64 13.80
C SER B 47 -22.80 -7.83 12.97
N LEU B 48 -22.34 -8.90 13.70
CA LEU B 48 -21.54 -10.01 13.14
C LEU B 48 -20.25 -9.46 12.50
N ASN B 49 -20.39 -8.96 11.26
CA ASN B 49 -19.35 -8.19 10.55
C ASN B 49 -20.06 -6.97 9.95
N SER B 50 -21.00 -7.26 9.03
CA SER B 50 -21.84 -6.27 8.32
C SER B 50 -22.79 -7.05 7.40
N VAL B 51 -22.16 -7.89 6.56
CA VAL B 51 -22.83 -8.90 5.74
C VAL B 51 -23.01 -10.19 6.60
N THR B 52 -23.92 -11.10 6.19
CA THR B 52 -24.11 -12.38 6.87
C THR B 52 -22.88 -13.27 6.65
N GLU B 53 -22.05 -13.34 7.69
CA GLU B 53 -20.85 -14.19 7.72
C GLU B 53 -21.24 -15.68 7.81
N ALA B 54 -20.42 -16.53 7.18
CA ALA B 54 -20.54 -18.00 7.22
C ALA B 54 -19.39 -18.62 8.02
N ASN B 55 -18.31 -17.84 8.22
CA ASN B 55 -17.08 -18.32 8.87
C ASN B 55 -17.32 -18.67 10.34
N GLN B 56 -17.86 -17.67 11.10
CA GLN B 56 -18.07 -17.74 12.57
C GLN B 56 -16.75 -17.54 13.36
N GLN B 57 -15.62 -17.94 12.76
CA GLN B 57 -14.29 -17.82 13.37
C GLN B 57 -13.58 -16.56 12.82
N LYS B 58 -13.56 -15.47 13.60
CA LYS B 58 -12.90 -14.20 13.21
C LYS B 58 -11.58 -14.04 13.99
N PRO B 59 -10.49 -13.52 13.34
CA PRO B 59 -9.29 -13.03 14.07
C PRO B 59 -9.68 -11.91 15.05
N LEU B 60 -9.19 -12.00 16.30
CA LEU B 60 -9.58 -11.07 17.39
C LEU B 60 -8.86 -9.71 17.33
N LEU B 61 -8.36 -9.35 16.14
CA LEU B 61 -7.73 -8.06 15.89
C LEU B 61 -7.79 -7.77 14.37
N GLY B 62 -6.79 -8.24 13.60
CA GLY B 62 -6.83 -8.20 12.13
C GLY B 62 -6.86 -6.80 11.52
N LEU B 63 -6.41 -5.78 12.27
CA LEU B 63 -6.49 -4.35 11.83
C LEU B 63 -5.20 -3.56 12.17
N PHE B 64 -4.37 -4.10 13.08
CA PHE B 64 -3.21 -3.36 13.65
C PHE B 64 -1.91 -3.50 12.83
N ALA B 65 -1.84 -4.49 11.91
CA ALA B 65 -0.64 -4.69 11.06
C ALA B 65 -1.02 -5.20 9.66
N ASP B 66 -1.30 -6.51 9.53
CA ASP B 66 -1.56 -7.16 8.21
C ASP B 66 -3.06 -7.45 8.03
N GLY B 67 -3.66 -8.21 8.95
CA GLY B 67 -5.08 -8.58 8.86
C GLY B 67 -5.36 -10.02 9.24
N ASN B 68 -4.41 -10.93 8.95
CA ASN B 68 -4.54 -12.39 9.16
C ASN B 68 -5.65 -12.99 8.24
N MET B 69 -6.15 -12.17 7.29
CA MET B 69 -7.26 -12.52 6.39
C MET B 69 -6.79 -12.38 4.93
N PRO B 70 -6.85 -13.47 4.11
CA PRO B 70 -6.39 -13.46 2.69
C PRO B 70 -7.40 -12.85 1.70
N VAL B 71 -7.04 -12.93 0.40
CA VAL B 71 -7.92 -12.62 -0.76
C VAL B 71 -8.27 -11.12 -0.80
N ARG B 72 -7.40 -10.36 -1.48
CA ARG B 72 -7.33 -8.89 -1.47
C ARG B 72 -7.03 -8.37 -0.04
N TRP B 73 -6.48 -7.14 0.03
CA TRP B 73 -5.44 -6.69 1.02
C TRP B 73 -4.03 -6.86 0.39
N LEU B 74 -3.02 -6.42 1.19
CA LEU B 74 -1.58 -6.58 0.92
C LEU B 74 -1.04 -5.42 0.06
N GLY B 75 -0.77 -4.31 0.75
CA GLY B 75 0.01 -3.18 0.24
C GLY B 75 1.51 -3.14 0.70
N PRO B 76 1.98 -3.90 1.77
CA PRO B 76 3.44 -3.98 2.12
C PRO B 76 4.46 -4.37 1.00
N LYS B 77 4.05 -4.51 -0.28
CA LYS B 77 5.04 -4.60 -1.37
C LYS B 77 5.63 -3.18 -1.57
N ALA B 78 6.80 -2.95 -0.97
CA ALA B 78 7.35 -1.60 -0.77
C ALA B 78 8.06 -1.10 -2.04
N THR B 79 8.92 -1.94 -2.60
CA THR B 79 9.90 -1.53 -3.62
C THR B 79 9.70 -2.28 -4.95
N TYR B 80 10.15 -1.66 -6.05
CA TYR B 80 10.12 -2.29 -7.38
C TYR B 80 11.15 -3.42 -7.45
N HIS B 81 10.65 -4.65 -7.60
CA HIS B 81 11.48 -5.82 -7.87
C HIS B 81 11.13 -6.33 -9.28
N GLY B 82 12.13 -6.33 -10.19
CA GLY B 82 11.94 -6.85 -11.55
C GLY B 82 11.79 -8.37 -11.59
N ASN B 83 11.75 -8.94 -12.82
CA ASN B 83 11.64 -10.40 -13.03
C ASN B 83 12.84 -11.13 -12.39
N ILE B 84 12.54 -12.13 -11.57
CA ILE B 84 13.53 -12.80 -10.70
C ILE B 84 13.03 -14.21 -10.33
N ASP B 85 13.99 -15.08 -9.91
CA ASP B 85 13.75 -16.41 -9.35
C ASP B 85 13.30 -17.41 -10.44
N LYS B 86 13.85 -18.62 -10.35
CA LYS B 86 13.38 -19.77 -11.10
C LYS B 86 12.73 -20.73 -10.08
N PRO B 87 11.37 -20.97 -10.20
CA PRO B 87 10.49 -21.58 -9.15
C PRO B 87 11.22 -22.44 -8.10
N ALA B 88 11.54 -21.81 -6.95
CA ALA B 88 12.34 -22.44 -5.88
C ALA B 88 11.55 -23.55 -5.16
N VAL B 89 11.51 -24.71 -5.81
CA VAL B 89 10.73 -25.89 -5.37
C VAL B 89 11.62 -26.82 -4.51
N THR B 90 10.99 -27.71 -3.71
CA THR B 90 11.72 -28.73 -2.93
C THR B 90 12.41 -29.71 -3.89
N CYS B 91 13.71 -29.50 -4.09
CA CYS B 91 14.59 -30.36 -4.89
C CYS B 91 15.75 -30.82 -4.00
N THR B 92 16.41 -31.93 -4.39
CA THR B 92 17.56 -32.47 -3.66
C THR B 92 18.89 -31.80 -4.16
N PRO B 93 19.47 -30.81 -3.37
CA PRO B 93 20.67 -30.07 -3.79
C PRO B 93 21.97 -30.77 -3.29
N MET A 12 22.81 -6.71 -42.07
CA MET A 12 22.41 -5.61 -41.17
C MET A 12 23.65 -4.87 -40.66
N GLN A 13 23.45 -3.63 -40.21
CA GLN A 13 24.50 -2.79 -39.60
C GLN A 13 23.90 -2.10 -38.37
N VAL A 14 24.74 -1.85 -37.34
CA VAL A 14 24.33 -1.15 -36.11
C VAL A 14 25.36 -0.05 -35.78
N SER A 15 24.93 0.96 -35.00
CA SER A 15 25.80 2.02 -34.47
C SER A 15 25.25 2.46 -33.11
N VAL A 16 26.11 2.46 -32.08
CA VAL A 16 25.71 2.80 -30.70
C VAL A 16 26.07 4.27 -30.39
N GLU A 17 25.13 4.95 -29.72
CA GLU A 17 25.29 6.34 -29.21
C GLU A 17 24.91 6.36 -27.72
N THR A 18 25.21 7.48 -27.06
CA THR A 18 24.87 7.68 -25.63
C THR A 18 24.24 9.07 -25.47
N THR A 19 23.00 9.11 -24.97
CA THR A 19 22.24 10.34 -24.78
C THR A 19 22.50 10.93 -23.37
N GLN A 20 22.35 10.09 -22.34
CA GLN A 20 22.65 10.44 -20.94
C GLN A 20 22.84 9.15 -20.10
N GLY A 21 24.11 8.72 -20.00
CA GLY A 21 24.52 7.65 -19.10
C GLY A 21 23.91 6.29 -19.41
N LEU A 22 22.72 6.05 -18.82
CA LEU A 22 21.96 4.80 -19.02
C LEU A 22 21.34 4.77 -20.42
N GLY A 23 20.85 5.95 -20.86
CA GLY A 23 20.24 6.13 -22.17
C GLY A 23 21.22 5.87 -23.32
N ARG A 24 20.96 4.82 -24.09
CA ARG A 24 21.80 4.35 -25.22
C ARG A 24 20.95 4.27 -26.49
N ARG A 25 21.40 4.96 -27.53
CA ARG A 25 20.73 5.01 -28.84
C ARG A 25 21.42 4.05 -29.82
N VAL A 26 20.93 2.79 -29.87
CA VAL A 26 21.45 1.78 -30.80
C VAL A 26 20.72 1.94 -32.16
N THR A 27 21.27 2.84 -32.98
CA THR A 27 20.78 3.15 -34.32
C THR A 27 21.12 1.99 -35.30
N ILE A 28 20.16 1.07 -35.47
CA ILE A 28 20.31 -0.12 -36.33
C ILE A 28 19.89 0.22 -37.78
N THR A 29 20.86 0.19 -38.71
CA THR A 29 20.59 0.28 -40.15
C THR A 29 20.43 -1.14 -40.74
N ILE A 30 19.19 -1.64 -40.73
CA ILE A 30 18.84 -2.89 -41.44
C ILE A 30 18.87 -2.60 -42.96
N ALA A 31 19.99 -2.93 -43.62
CA ALA A 31 20.13 -2.78 -45.08
C ALA A 31 19.41 -3.95 -45.80
N ALA A 32 19.39 -3.89 -47.15
CA ALA A 32 18.59 -4.79 -48.02
C ALA A 32 18.93 -6.28 -47.83
N ASP A 33 20.17 -6.57 -47.39
CA ASP A 33 20.64 -7.94 -47.13
C ASP A 33 19.83 -8.62 -46.01
N SER A 34 19.18 -7.80 -45.16
CA SER A 34 18.34 -8.27 -44.04
C SER A 34 16.86 -7.85 -44.23
N ILE A 35 16.60 -6.73 -44.95
CA ILE A 35 15.23 -6.29 -45.28
C ILE A 35 14.59 -7.34 -46.20
N GLU A 36 15.16 -7.43 -47.41
CA GLU A 36 14.58 -8.18 -48.53
C GLU A 36 14.57 -9.69 -48.25
N THR A 37 15.57 -10.16 -47.48
CA THR A 37 15.64 -11.57 -47.03
C THR A 37 14.46 -11.91 -46.10
N ALA A 38 14.18 -11.01 -45.12
CA ALA A 38 13.12 -11.22 -44.12
C ALA A 38 11.72 -11.11 -44.74
N VAL A 39 11.55 -10.10 -45.64
CA VAL A 39 10.30 -9.89 -46.39
C VAL A 39 9.97 -11.13 -47.21
N LYS A 40 10.98 -11.58 -47.98
CA LYS A 40 10.89 -12.76 -48.86
C LYS A 40 10.55 -14.05 -48.08
N SER A 41 11.23 -14.25 -46.93
CA SER A 41 11.00 -15.41 -46.05
C SER A 41 9.61 -15.36 -45.40
N GLU A 42 9.04 -14.14 -45.27
CA GLU A 42 7.68 -13.94 -44.76
C GLU A 42 6.64 -14.07 -45.89
N LEU A 43 7.04 -13.77 -47.14
CA LEU A 43 6.14 -13.85 -48.32
C LEU A 43 5.79 -15.31 -48.64
N VAL A 44 6.75 -16.24 -48.39
CA VAL A 44 6.51 -17.68 -48.56
C VAL A 44 5.62 -18.23 -47.41
N ASN A 45 5.72 -17.60 -46.20
CA ASN A 45 4.84 -17.90 -45.04
C ASN A 45 3.39 -17.49 -45.35
N VAL A 46 3.23 -16.24 -45.82
CA VAL A 46 1.93 -15.66 -46.21
C VAL A 46 1.34 -16.41 -47.42
N ALA A 47 2.23 -16.88 -48.32
CA ALA A 47 1.82 -17.68 -49.50
C ALA A 47 1.09 -18.95 -49.06
N LYS A 48 1.70 -19.67 -48.11
CA LYS A 48 1.15 -20.94 -47.59
C LYS A 48 -0.11 -20.69 -46.74
N LYS A 49 -0.07 -19.60 -45.97
CA LYS A 49 -1.12 -19.24 -45.01
C LYS A 49 -2.43 -18.81 -45.71
N VAL A 50 -2.27 -18.08 -46.83
CA VAL A 50 -3.41 -17.57 -47.64
C VAL A 50 -3.66 -18.50 -48.86
N ARG A 51 -2.89 -19.61 -48.94
CA ARG A 51 -3.02 -20.69 -49.96
C ARG A 51 -2.59 -20.23 -51.38
N ILE A 52 -1.87 -19.08 -51.43
CA ILE A 52 -1.28 -18.53 -52.67
C ILE A 52 -0.23 -19.50 -53.26
N ASP A 53 0.44 -20.27 -52.37
CA ASP A 53 1.51 -21.23 -52.72
C ASP A 53 0.97 -22.34 -53.67
N GLY A 54 -0.30 -22.74 -53.46
CA GLY A 54 -0.97 -23.70 -54.31
C GLY A 54 -1.22 -23.16 -55.71
N PHE A 55 -1.68 -21.88 -55.76
CA PHE A 55 -1.94 -21.15 -57.02
C PHE A 55 -0.62 -20.70 -57.69
N ARG A 56 0.47 -20.68 -56.91
CA ARG A 56 1.81 -20.26 -57.38
C ARG A 56 2.41 -21.34 -58.29
N LYS A 57 2.42 -21.05 -59.59
CA LYS A 57 2.81 -21.99 -60.66
C LYS A 57 4.34 -21.96 -60.93
N GLY A 58 5.06 -21.08 -60.22
CA GLY A 58 6.49 -20.87 -60.45
C GLY A 58 6.77 -19.91 -61.60
N LYS A 59 5.73 -19.18 -62.02
CA LYS A 59 5.79 -18.23 -63.15
C LYS A 59 6.71 -17.05 -62.80
N VAL A 60 6.36 -16.32 -61.73
CA VAL A 60 7.08 -15.13 -61.29
C VAL A 60 8.15 -15.52 -60.24
N PRO A 61 9.48 -15.23 -60.48
CA PRO A 61 10.56 -15.54 -59.52
C PRO A 61 10.42 -14.76 -58.19
N MET A 62 11.05 -15.31 -57.14
CA MET A 62 10.81 -14.92 -55.74
C MET A 62 11.31 -13.49 -55.40
N ASN A 63 12.15 -12.92 -56.28
CA ASN A 63 12.61 -11.51 -56.16
C ASN A 63 11.53 -10.54 -56.69
N ILE A 64 10.87 -10.94 -57.79
CA ILE A 64 9.86 -10.09 -58.47
C ILE A 64 8.49 -10.19 -57.74
N VAL A 65 8.24 -11.29 -57.00
CA VAL A 65 7.03 -11.40 -56.15
C VAL A 65 7.09 -10.39 -54.97
N ALA A 66 8.31 -9.91 -54.67
CA ALA A 66 8.55 -8.95 -53.57
C ALA A 66 8.27 -7.50 -54.00
N GLN A 67 8.73 -7.14 -55.20
CA GLN A 67 8.61 -5.77 -55.73
C GLN A 67 7.21 -5.48 -56.29
N ARG A 68 6.41 -6.55 -56.55
CA ARG A 68 5.04 -6.41 -57.08
C ARG A 68 3.99 -6.81 -56.02
N TYR A 69 3.92 -8.12 -55.73
CA TYR A 69 2.86 -8.71 -54.88
C TYR A 69 3.07 -8.30 -53.40
N GLY A 70 4.30 -8.47 -52.92
CA GLY A 70 4.65 -8.25 -51.51
C GLY A 70 5.09 -6.83 -51.23
N ALA A 71 4.94 -5.94 -52.23
CA ALA A 71 5.28 -4.50 -52.12
C ALA A 71 4.37 -3.78 -51.11
N SER A 72 3.18 -4.37 -50.88
CA SER A 72 2.20 -3.87 -49.90
C SER A 72 2.52 -4.33 -48.46
N VAL A 73 3.10 -5.54 -48.33
CA VAL A 73 3.41 -6.16 -47.03
C VAL A 73 4.94 -6.22 -46.81
N ARG A 74 5.50 -5.14 -46.27
CA ARG A 74 6.94 -5.04 -45.92
C ARG A 74 7.09 -4.40 -44.52
N GLN A 75 6.09 -3.57 -44.11
CA GLN A 75 6.10 -2.84 -42.81
C GLN A 75 5.91 -3.83 -41.64
N ASP A 76 5.06 -4.86 -41.87
CA ASP A 76 4.78 -5.94 -40.90
C ASP A 76 6.07 -6.67 -40.52
N VAL A 77 6.91 -6.86 -41.55
CA VAL A 77 8.21 -7.50 -41.44
C VAL A 77 9.18 -6.62 -40.64
N LEU A 78 9.11 -5.28 -40.86
CA LEU A 78 9.96 -4.29 -40.16
C LEU A 78 9.66 -4.31 -38.65
N GLY A 79 8.37 -4.43 -38.29
CA GLY A 79 7.94 -4.52 -36.88
C GLY A 79 8.48 -5.77 -36.20
N ASP A 80 8.50 -6.87 -36.97
CA ASP A 80 9.07 -8.17 -36.56
C ASP A 80 10.61 -8.07 -36.43
N LEU A 81 11.23 -7.30 -37.33
CA LEU A 81 12.70 -7.13 -37.39
C LEU A 81 13.21 -6.38 -36.15
N MET A 82 12.56 -5.24 -35.79
CA MET A 82 12.93 -4.42 -34.61
C MET A 82 12.93 -5.26 -33.33
N SER A 83 11.94 -6.17 -33.25
CA SER A 83 11.77 -7.11 -32.15
C SER A 83 12.95 -8.13 -32.12
N ARG A 84 13.18 -8.81 -33.26
CA ARG A 84 14.17 -9.91 -33.36
C ARG A 84 15.61 -9.42 -33.62
N ASN A 85 15.81 -8.08 -33.67
CA ASN A 85 17.16 -7.47 -33.70
C ASN A 85 17.55 -6.99 -32.29
N PHE A 86 16.55 -6.50 -31.54
CA PHE A 86 16.76 -6.01 -30.17
C PHE A 86 17.05 -7.19 -29.22
N ILE A 87 16.12 -8.18 -29.17
CA ILE A 87 16.25 -9.36 -28.29
C ILE A 87 17.55 -10.13 -28.61
N ASP A 88 17.90 -10.16 -29.90
CA ASP A 88 19.11 -10.79 -30.42
C ASP A 88 20.36 -10.13 -29.78
N ALA A 89 20.41 -8.79 -29.89
CA ALA A 89 21.56 -7.99 -29.44
C ALA A 89 21.75 -8.04 -27.91
N ILE A 90 20.64 -7.92 -27.14
CA ILE A 90 20.70 -7.77 -25.67
C ILE A 90 21.08 -9.10 -24.96
N ILE A 91 20.70 -10.24 -25.55
CA ILE A 91 21.03 -11.57 -25.01
C ILE A 91 22.53 -11.85 -25.13
N LYS A 92 23.09 -11.69 -26.35
CA LYS A 92 24.50 -11.99 -26.63
C LYS A 92 25.44 -11.04 -25.88
N GLU A 93 25.12 -9.73 -25.91
CA GLU A 93 25.93 -8.67 -25.30
C GLU A 93 25.59 -8.47 -23.80
N LYS A 94 24.63 -9.29 -23.28
CA LYS A 94 24.22 -9.29 -21.85
C LYS A 94 23.72 -7.90 -21.38
N ILE A 95 23.24 -7.10 -22.33
CA ILE A 95 22.68 -5.76 -22.05
C ILE A 95 21.30 -5.94 -21.40
N ASN A 96 21.21 -5.57 -20.10
CA ASN A 96 19.97 -5.68 -19.32
C ASN A 96 19.17 -4.35 -19.43
N PRO A 97 18.10 -4.31 -20.31
CA PRO A 97 17.37 -3.07 -20.62
C PRO A 97 16.34 -2.72 -19.54
N ALA A 98 16.28 -1.42 -19.20
CA ALA A 98 15.35 -0.88 -18.21
C ALA A 98 14.10 -0.32 -18.92
N GLY A 99 12.96 -1.01 -18.72
CA GLY A 99 11.67 -0.60 -19.28
C GLY A 99 11.52 -0.93 -20.77
N ALA A 100 10.56 -0.25 -21.42
CA ALA A 100 10.24 -0.46 -22.84
C ALA A 100 11.17 0.39 -23.73
N PRO A 101 11.96 -0.26 -24.67
CA PRO A 101 12.86 0.47 -25.61
C PRO A 101 12.07 1.34 -26.62
N THR A 102 12.61 2.53 -26.92
CA THR A 102 12.00 3.50 -27.83
C THR A 102 12.50 3.26 -29.26
N TYR A 103 11.66 2.64 -30.11
CA TYR A 103 11.97 2.40 -31.52
C TYR A 103 11.58 3.64 -32.34
N VAL A 104 12.59 4.37 -32.82
CA VAL A 104 12.39 5.62 -33.60
C VAL A 104 12.76 5.37 -35.08
N PRO A 105 11.76 5.03 -35.97
CA PRO A 105 12.00 4.83 -37.42
C PRO A 105 12.53 6.12 -38.11
N GLY A 106 13.85 6.13 -38.37
CA GLY A 106 14.50 7.24 -39.05
C GLY A 106 14.15 7.28 -40.54
N GLU A 107 14.34 6.14 -41.21
CA GLU A 107 14.11 6.00 -42.66
C GLU A 107 13.78 4.54 -43.03
N TYR A 108 13.07 4.40 -44.16
CA TYR A 108 12.89 3.12 -44.84
C TYR A 108 12.82 3.36 -46.36
N LYS A 109 13.84 2.88 -47.06
CA LYS A 109 13.90 2.86 -48.52
C LYS A 109 13.37 1.49 -49.01
N LEU A 110 12.77 1.46 -50.21
CA LEU A 110 12.14 0.25 -50.78
C LEU A 110 13.22 -0.80 -51.12
N GLY A 111 13.61 -1.59 -50.08
CA GLY A 111 14.62 -2.63 -50.22
C GLY A 111 16.04 -2.07 -50.41
N GLU A 112 16.42 -1.07 -49.58
CA GLU A 112 17.80 -0.52 -49.56
C GLU A 112 18.31 -0.44 -48.11
N ASP A 113 17.66 0.43 -47.29
CA ASP A 113 18.07 0.70 -45.88
C ASP A 113 16.82 0.89 -44.99
N PHE A 114 16.97 0.55 -43.70
CA PHE A 114 15.95 0.77 -42.67
C PHE A 114 16.68 1.14 -41.38
N THR A 115 17.01 2.43 -41.26
CA THR A 115 17.70 2.98 -40.10
C THR A 115 16.68 3.42 -39.04
N TYR A 116 16.81 2.89 -37.81
CA TYR A 116 15.94 3.24 -36.68
C TYR A 116 16.75 3.25 -35.38
N SER A 117 16.51 4.26 -34.53
CA SER A 117 17.23 4.47 -33.28
C SER A 117 16.50 3.80 -32.11
N VAL A 118 17.07 2.69 -31.60
CA VAL A 118 16.55 1.98 -30.41
C VAL A 118 17.11 2.67 -29.15
N GLU A 119 16.39 3.68 -28.66
CA GLU A 119 16.77 4.46 -27.48
C GLU A 119 16.19 3.83 -26.20
N PHE A 120 17.03 3.10 -25.48
CA PHE A 120 16.64 2.43 -24.22
C PHE A 120 17.70 2.67 -23.15
N GLU A 121 17.26 2.66 -21.89
CA GLU A 121 18.13 2.77 -20.72
C GLU A 121 18.53 1.37 -20.23
N VAL A 122 19.44 1.30 -19.24
CA VAL A 122 19.91 0.03 -18.64
C VAL A 122 19.95 0.14 -17.11
N TYR A 123 20.09 -1.02 -16.45
CA TYR A 123 20.29 -1.11 -14.99
C TYR A 123 21.79 -0.87 -14.66
N PRO A 124 22.13 0.19 -13.85
CA PRO A 124 23.53 0.44 -13.43
C PRO A 124 23.96 -0.39 -12.20
N GLU A 125 25.28 -0.42 -11.95
CA GLU A 125 25.88 -1.05 -10.76
C GLU A 125 25.59 -0.19 -9.52
N VAL A 126 25.03 -0.83 -8.48
CA VAL A 126 24.56 -0.15 -7.26
C VAL A 126 25.71 0.11 -6.27
N GLU A 127 25.70 1.29 -5.62
CA GLU A 127 26.67 1.63 -4.56
C GLU A 127 26.18 1.10 -3.20
N LEU A 128 26.53 -0.15 -2.88
CA LEU A 128 26.35 -0.68 -1.51
C LEU A 128 27.45 -0.08 -0.61
N GLN A 129 27.01 0.70 0.38
CA GLN A 129 27.87 1.46 1.28
C GLN A 129 27.08 1.90 2.52
N GLY A 130 27.77 2.07 3.66
CA GLY A 130 27.12 2.47 4.92
C GLY A 130 26.24 1.38 5.52
N LEU A 131 26.42 0.13 5.03
CA LEU A 131 25.65 -1.05 5.47
C LEU A 131 25.92 -1.37 6.96
N GLU A 132 27.13 -1.03 7.42
CA GLU A 132 27.51 -1.15 8.84
C GLU A 132 26.96 0.02 9.69
N ALA A 133 26.59 1.13 9.03
CA ALA A 133 26.09 2.34 9.72
C ALA A 133 24.58 2.27 9.95
N ILE A 134 23.87 1.41 9.18
CA ILE A 134 22.39 1.27 9.26
C ILE A 134 21.94 0.81 10.67
N GLU A 135 21.50 1.78 11.49
CA GLU A 135 21.02 1.52 12.86
C GLU A 135 19.54 1.10 12.84
N VAL A 136 19.33 -0.22 12.69
CA VAL A 136 17.99 -0.83 12.66
C VAL A 136 17.48 -1.02 14.10
N GLU A 137 16.59 -0.10 14.53
CA GLU A 137 15.95 -0.15 15.85
C GLU A 137 14.91 -1.28 15.86
N LYS A 138 15.34 -2.46 16.32
CA LYS A 138 14.51 -3.68 16.34
C LYS A 138 13.80 -3.85 17.69
N PRO A 139 12.44 -3.68 17.75
CA PRO A 139 11.66 -3.91 18.97
C PRO A 139 11.06 -5.34 19.02
N ILE A 140 11.79 -6.26 19.65
CA ILE A 140 11.29 -7.61 19.96
C ILE A 140 10.23 -7.51 21.05
N VAL A 141 9.03 -8.01 20.75
CA VAL A 141 7.86 -7.90 21.62
C VAL A 141 7.16 -9.25 21.72
N GLU A 142 6.70 -9.59 22.93
CA GLU A 142 5.76 -10.70 23.17
C GLU A 142 4.56 -10.13 23.95
N VAL A 143 3.41 -10.82 23.86
CA VAL A 143 2.20 -10.41 24.57
C VAL A 143 2.29 -10.92 26.03
N THR A 144 2.37 -9.98 26.97
CA THR A 144 2.36 -10.27 28.42
C THR A 144 0.93 -10.18 28.95
N ASP A 145 0.71 -10.61 30.21
CA ASP A 145 -0.63 -10.51 30.88
C ASP A 145 -1.11 -9.04 30.95
N ALA A 146 -0.15 -8.11 31.07
CA ALA A 146 -0.42 -6.66 31.02
C ALA A 146 -1.05 -6.27 29.68
N ASP A 147 -0.46 -6.81 28.59
CA ASP A 147 -0.91 -6.57 27.21
C ASP A 147 -2.27 -7.25 26.92
N VAL A 148 -2.47 -8.49 27.46
CA VAL A 148 -3.69 -9.27 27.25
C VAL A 148 -4.88 -8.58 27.91
N ASP A 149 -4.74 -8.33 29.22
CA ASP A 149 -5.80 -7.70 30.04
C ASP A 149 -6.00 -6.23 29.65
N GLY A 150 -4.93 -5.59 29.14
CA GLY A 150 -5.04 -4.27 28.53
C GLY A 150 -5.93 -4.30 27.29
N MET A 151 -5.71 -5.31 26.43
CA MET A 151 -6.50 -5.54 25.21
C MET A 151 -7.97 -5.82 25.55
N LEU A 152 -8.19 -6.72 26.54
CA LEU A 152 -9.55 -7.14 26.99
C LEU A 152 -10.32 -5.93 27.57
N ASP A 153 -9.60 -5.10 28.36
CA ASP A 153 -10.13 -3.86 28.95
C ASP A 153 -10.60 -2.89 27.86
N THR A 154 -9.73 -2.70 26.84
CA THR A 154 -10.03 -1.85 25.66
C THR A 154 -11.31 -2.33 24.95
N LEU A 155 -11.37 -3.65 24.67
CA LEU A 155 -12.49 -4.30 23.97
C LEU A 155 -13.82 -4.09 24.73
N ARG A 156 -13.79 -4.29 26.06
CA ARG A 156 -14.98 -4.13 26.92
C ARG A 156 -15.39 -2.65 27.06
N LYS A 157 -14.42 -1.72 26.96
CA LYS A 157 -14.72 -0.27 26.93
C LYS A 157 -15.32 0.16 25.57
N GLN A 158 -14.88 -0.50 24.48
CA GLN A 158 -15.39 -0.25 23.12
C GLN A 158 -16.83 -0.77 23.00
N GLN A 159 -17.09 -1.90 23.70
CA GLN A 159 -18.41 -2.56 23.73
C GLN A 159 -19.19 -2.19 25.00
N ALA A 160 -18.75 -1.12 25.69
CA ALA A 160 -19.33 -0.70 26.97
C ALA A 160 -20.72 -0.09 26.78
N THR A 161 -21.65 -0.51 27.65
CA THR A 161 -22.99 0.05 27.74
C THR A 161 -22.90 1.44 28.38
N TRP A 162 -23.34 2.47 27.64
CA TRP A 162 -23.32 3.86 28.10
C TRP A 162 -24.47 4.04 29.11
N LYS A 163 -24.19 4.70 30.24
CA LYS A 163 -25.15 4.80 31.35
C LYS A 163 -24.94 6.12 32.11
N GLU A 164 -25.98 6.95 32.18
CA GLU A 164 -25.94 8.26 32.86
C GLU A 164 -25.66 8.09 34.37
N LYS A 165 -24.66 8.82 34.88
CA LYS A 165 -24.21 8.77 36.28
C LYS A 165 -24.03 10.20 36.85
N ASP A 166 -23.60 10.29 38.11
CA ASP A 166 -23.41 11.58 38.82
C ASP A 166 -22.26 11.45 39.83
N GLY A 167 -21.54 12.55 40.08
CA GLY A 167 -20.55 12.61 41.17
C GLY A 167 -19.14 12.94 40.73
N ALA A 168 -18.70 12.39 39.59
CA ALA A 168 -17.33 12.63 39.08
C ALA A 168 -17.26 12.46 37.56
N VAL A 169 -16.31 13.16 36.92
CA VAL A 169 -15.90 12.94 35.53
C VAL A 169 -14.55 12.21 35.53
N GLU A 170 -14.53 10.96 35.03
CA GLU A 170 -13.27 10.18 34.84
C GLU A 170 -12.73 10.46 33.42
N ALA A 171 -11.53 9.89 33.15
CA ALA A 171 -10.72 10.24 31.96
C ALA A 171 -11.38 9.89 30.63
N GLU A 172 -11.94 8.69 30.57
CA GLU A 172 -12.37 8.06 29.30
C GLU A 172 -13.90 8.02 29.15
N ASP A 173 -14.65 8.73 30.04
CA ASP A 173 -16.14 8.76 30.00
C ASP A 173 -16.66 9.56 28.78
N ARG A 174 -17.98 9.85 28.78
CA ARG A 174 -18.64 10.62 27.73
C ARG A 174 -19.63 11.64 28.36
N VAL A 175 -19.25 12.93 28.32
CA VAL A 175 -19.94 14.02 29.03
C VAL A 175 -20.83 14.85 28.07
N THR A 176 -22.07 15.11 28.54
CA THR A 176 -23.05 15.97 27.85
C THR A 176 -22.90 17.42 28.36
N ILE A 177 -22.65 18.38 27.44
CA ILE A 177 -22.49 19.81 27.80
C ILE A 177 -23.43 20.70 26.95
N ASP A 178 -23.67 21.93 27.46
CA ASP A 178 -24.00 23.12 26.63
C ASP A 178 -22.79 24.04 26.74
N PHE A 179 -21.95 24.12 25.72
CA PHE A 179 -20.73 24.94 25.79
C PHE A 179 -20.93 26.19 24.93
N THR A 180 -20.81 27.37 25.55
CA THR A 180 -21.19 28.66 24.94
C THR A 180 -20.09 29.71 25.18
N GLY A 181 -19.30 29.97 24.14
CA GLY A 181 -18.23 30.95 24.19
C GLY A 181 -17.93 31.53 22.83
N SER A 182 -16.69 31.97 22.62
CA SER A 182 -16.21 32.52 21.33
C SER A 182 -14.71 32.25 21.17
N VAL A 183 -14.27 32.19 19.91
CA VAL A 183 -12.87 31.92 19.54
C VAL A 183 -12.13 33.23 19.24
N ASP A 184 -10.87 33.33 19.73
CA ASP A 184 -9.91 34.41 19.39
C ASP A 184 -10.38 35.81 19.91
N GLY A 185 -11.45 35.82 20.72
CA GLY A 185 -12.05 37.05 21.24
C GLY A 185 -12.89 37.79 20.20
N GLU A 186 -13.63 37.03 19.37
CA GLU A 186 -14.55 37.60 18.37
C GLU A 186 -15.67 36.58 18.05
N GLU A 187 -16.76 37.06 17.44
CA GLU A 187 -17.89 36.25 16.99
C GLU A 187 -17.45 35.28 15.86
N PHE A 188 -16.93 34.13 16.26
CA PHE A 188 -16.60 33.01 15.35
C PHE A 188 -17.54 31.82 15.66
N GLU A 189 -17.39 30.70 14.93
CA GLU A 189 -18.21 29.49 15.17
C GLU A 189 -17.53 28.64 16.28
N GLY A 190 -18.04 27.42 16.53
CA GLY A 190 -17.48 26.55 17.58
C GLY A 190 -17.87 26.97 18.99
N GLY A 191 -18.52 28.15 19.12
CA GLY A 191 -18.83 28.75 20.39
C GLY A 191 -20.22 28.42 20.91
N LYS A 192 -20.83 27.34 20.39
CA LYS A 192 -22.16 26.90 20.84
C LYS A 192 -22.52 25.51 20.32
N ALA A 193 -22.86 24.60 21.25
CA ALA A 193 -23.57 23.34 20.98
C ALA A 193 -24.25 22.86 22.26
N SER A 194 -25.48 22.38 22.13
CA SER A 194 -26.32 21.91 23.24
C SER A 194 -26.44 20.38 23.20
N ASP A 195 -26.46 19.76 24.41
CA ASP A 195 -26.60 18.29 24.59
C ASP A 195 -25.49 17.50 23.89
N PHE A 196 -24.32 18.15 23.73
CA PHE A 196 -23.18 17.56 23.06
C PHE A 196 -22.48 16.56 23.98
N VAL A 197 -22.77 15.26 23.75
CA VAL A 197 -22.03 14.18 24.40
C VAL A 197 -20.67 14.02 23.68
N LEU A 198 -19.61 13.86 24.48
CA LEU A 198 -18.23 13.78 24.00
C LEU A 198 -17.47 12.75 24.82
N ALA A 199 -17.05 11.66 24.17
CA ALA A 199 -16.19 10.63 24.79
C ALA A 199 -14.75 11.17 24.87
N MET A 200 -14.27 11.44 26.10
CA MET A 200 -12.91 11.99 26.34
C MET A 200 -11.88 10.86 26.52
N GLY A 201 -10.62 11.25 26.80
CA GLY A 201 -9.52 10.30 27.00
C GLY A 201 -9.07 9.60 25.72
N GLN A 202 -9.50 10.18 24.60
CA GLN A 202 -9.32 9.61 23.26
C GLN A 202 -9.34 10.73 22.22
N GLY A 203 -9.00 10.38 20.96
CA GLY A 203 -8.88 11.37 19.89
C GLY A 203 -10.20 11.76 19.24
N ARG A 204 -11.06 12.43 20.02
CA ARG A 204 -12.36 12.99 19.55
C ARG A 204 -12.45 14.49 19.88
N MET A 205 -11.42 15.02 20.56
CA MET A 205 -11.29 16.46 20.90
C MET A 205 -9.84 16.76 21.31
N ILE A 206 -9.54 18.05 21.53
CA ILE A 206 -8.22 18.53 21.97
C ILE A 206 -7.97 18.21 23.48
N PRO A 207 -6.77 17.65 23.86
CA PRO A 207 -6.34 17.56 25.29
C PRO A 207 -6.28 18.95 25.95
N GLY A 208 -6.87 19.07 27.14
CA GLY A 208 -7.03 20.35 27.83
C GLY A 208 -8.48 20.74 27.95
N PHE A 209 -9.23 20.55 26.84
CA PHE A 209 -10.69 20.75 26.80
C PHE A 209 -11.35 19.72 27.74
N GLU A 210 -10.95 18.45 27.51
CA GLU A 210 -11.46 17.32 28.28
C GLU A 210 -11.06 17.39 29.76
N ASP A 211 -9.83 17.89 30.03
CA ASP A 211 -9.30 17.98 31.40
C ASP A 211 -9.99 19.11 32.19
N GLY A 212 -10.45 20.14 31.46
CA GLY A 212 -11.31 21.17 32.04
C GLY A 212 -12.60 20.58 32.60
N ILE A 213 -13.18 19.65 31.82
CA ILE A 213 -14.38 18.87 32.18
C ILE A 213 -14.09 17.97 33.40
N LYS A 214 -12.95 17.25 33.31
CA LYS A 214 -12.49 16.27 34.33
C LYS A 214 -12.06 16.95 35.64
N GLY A 215 -11.91 18.29 35.60
CA GLY A 215 -11.66 19.09 36.81
C GLY A 215 -12.93 19.40 37.60
N HIS A 216 -14.07 18.79 37.20
CA HIS A 216 -15.40 19.00 37.82
C HIS A 216 -16.15 17.66 37.92
N LYS A 217 -17.45 17.68 38.34
CA LYS A 217 -18.17 16.45 38.74
C LYS A 217 -19.31 16.05 37.80
N ALA A 218 -20.41 16.83 37.74
CA ALA A 218 -21.58 16.49 36.88
C ALA A 218 -22.35 17.72 36.36
N GLY A 219 -22.84 18.57 37.30
CA GLY A 219 -23.85 19.59 36.98
C GLY A 219 -23.46 21.01 37.39
N GLU A 220 -22.28 21.48 36.93
CA GLU A 220 -21.75 22.79 37.35
C GLU A 220 -21.11 23.56 36.15
N GLU A 221 -21.48 24.84 35.97
CA GLU A 221 -20.95 25.67 34.85
C GLU A 221 -19.55 26.25 35.22
N PHE A 222 -18.72 26.44 34.18
CA PHE A 222 -17.38 27.04 34.27
C PHE A 222 -16.95 27.53 32.89
N THR A 223 -15.69 27.98 32.76
CA THR A 223 -15.12 28.43 31.47
C THR A 223 -13.63 27.99 31.38
N ILE A 224 -13.25 27.41 30.23
CA ILE A 224 -11.87 26.92 30.00
C ILE A 224 -11.30 27.55 28.70
N ASP A 225 -10.01 27.90 28.77
CA ASP A 225 -9.26 28.54 27.68
C ASP A 225 -8.47 27.48 26.91
N VAL A 226 -8.99 27.08 25.74
CA VAL A 226 -8.36 26.05 24.88
C VAL A 226 -7.59 26.69 23.71
N THR A 227 -6.30 26.37 23.63
CA THR A 227 -5.45 26.77 22.51
C THR A 227 -5.47 25.65 21.46
N PHE A 228 -6.34 25.83 20.42
CA PHE A 228 -6.48 24.91 19.27
C PHE A 228 -5.13 24.31 18.78
N PRO A 229 -5.13 23.00 18.37
CA PRO A 229 -3.89 22.24 18.07
C PRO A 229 -3.04 22.85 16.93
N GLU A 230 -1.74 22.56 16.97
CA GLU A 230 -0.79 22.87 15.87
C GLU A 230 -1.01 21.89 14.70
N GLU A 231 -1.70 20.79 15.02
CA GLU A 231 -2.06 19.69 14.11
C GLU A 231 -3.34 20.04 13.34
N TYR A 232 -4.07 21.07 13.85
CA TYR A 232 -5.36 21.50 13.34
C TYR A 232 -5.17 22.09 11.94
N HIS A 233 -5.69 21.36 10.94
CA HIS A 233 -5.53 21.69 9.51
C HIS A 233 -6.31 22.94 9.10
N ALA A 234 -7.20 23.42 10.01
CA ALA A 234 -7.82 24.74 9.87
C ALA A 234 -6.73 25.79 10.17
N GLU A 235 -6.17 26.37 9.09
CA GLU A 235 -5.05 27.33 9.13
C GLU A 235 -5.38 28.53 10.03
N ASN A 236 -6.63 29.01 9.93
CA ASN A 236 -7.11 30.17 10.70
C ASN A 236 -7.13 29.89 12.21
N LEU A 237 -7.37 28.60 12.59
CA LEU A 237 -7.59 28.20 14.00
C LEU A 237 -6.36 27.63 14.69
N LYS A 238 -5.39 27.08 13.94
CA LYS A 238 -4.23 26.41 14.57
C LYS A 238 -3.44 27.40 15.46
N GLY A 239 -3.50 27.16 16.80
CA GLY A 239 -2.85 28.00 17.80
C GLY A 239 -3.72 29.15 18.33
N LYS A 240 -5.03 29.11 18.06
CA LYS A 240 -5.99 30.15 18.55
C LYS A 240 -6.53 29.77 19.93
N ALA A 241 -6.70 30.77 20.80
CA ALA A 241 -7.23 30.59 22.16
C ALA A 241 -8.73 30.95 22.20
N ALA A 242 -9.55 29.97 22.55
CA ALA A 242 -11.01 30.11 22.65
C ALA A 242 -11.46 29.90 24.10
N LYS A 243 -12.52 30.61 24.50
CA LYS A 243 -13.06 30.57 25.87
C LYS A 243 -14.53 30.13 25.80
N PHE A 244 -14.81 28.90 26.24
CA PHE A 244 -16.18 28.32 26.20
C PHE A 244 -16.73 28.14 27.60
N ALA A 245 -17.98 28.63 27.83
CA ALA A 245 -18.68 28.41 29.11
C ALA A 245 -19.27 27.00 29.10
N ILE A 246 -18.51 26.08 29.68
CA ILE A 246 -18.89 24.67 29.77
C ILE A 246 -20.01 24.50 30.82
N ASN A 247 -21.25 24.35 30.34
CA ASN A 247 -22.40 24.10 31.23
C ASN A 247 -22.46 22.60 31.41
N LEU A 248 -21.69 22.11 32.40
CA LEU A 248 -21.56 20.67 32.66
C LEU A 248 -22.95 20.12 33.02
N LYS A 249 -23.56 19.33 32.13
CA LYS A 249 -24.91 18.78 32.35
C LYS A 249 -24.83 17.36 32.93
N LYS A 250 -24.27 16.44 32.13
CA LYS A 250 -24.28 15.00 32.44
C LYS A 250 -22.89 14.41 32.30
N VAL A 251 -22.71 13.24 32.93
CA VAL A 251 -21.57 12.35 32.73
C VAL A 251 -22.17 10.97 32.51
N GLU A 252 -21.85 10.31 31.42
CA GLU A 252 -22.33 8.96 31.15
C GLU A 252 -21.14 7.99 31.29
N GLU A 253 -21.25 7.07 32.25
CA GLU A 253 -20.27 5.99 32.45
C GLU A 253 -20.28 5.04 31.25
N ARG A 254 -19.07 4.63 30.85
CA ARG A 254 -18.91 3.53 29.90
C ARG A 254 -18.81 2.21 30.70
N GLU A 255 -19.97 1.77 31.22
CA GLU A 255 -20.05 0.57 32.06
C GLU A 255 -19.78 -0.69 31.22
N LEU A 256 -18.86 -1.54 31.71
CA LEU A 256 -18.44 -2.78 31.04
C LEU A 256 -19.67 -3.68 30.75
N PRO A 257 -19.73 -4.33 29.54
CA PRO A 257 -20.91 -5.14 29.14
C PRO A 257 -21.00 -6.45 29.93
N GLU A 258 -22.10 -7.17 29.71
CA GLU A 258 -22.44 -8.40 30.43
C GLU A 258 -21.66 -9.58 29.81
N LEU A 259 -21.36 -10.58 30.64
CA LEU A 259 -20.72 -11.82 30.20
C LEU A 259 -21.81 -12.76 29.63
N THR A 260 -22.34 -12.37 28.47
CA THR A 260 -23.36 -13.14 27.75
C THR A 260 -22.66 -14.01 26.69
N ALA A 261 -22.95 -15.32 26.71
CA ALA A 261 -22.30 -16.32 25.83
C ALA A 261 -22.39 -15.90 24.35
N GLU A 262 -23.62 -15.59 23.91
CA GLU A 262 -23.92 -15.17 22.52
C GLU A 262 -23.23 -13.85 22.13
N PHE A 263 -22.78 -13.08 23.13
CA PHE A 263 -22.04 -11.82 22.91
C PHE A 263 -20.55 -12.16 22.69
N ILE A 264 -19.94 -12.73 23.74
CA ILE A 264 -18.48 -12.98 23.81
C ILE A 264 -17.97 -13.92 22.66
N LYS A 265 -18.81 -14.91 22.28
CA LYS A 265 -18.44 -15.89 21.22
C LYS A 265 -18.70 -15.34 19.81
N ARG A 266 -19.55 -14.27 19.72
CA ARG A 266 -19.97 -13.72 18.40
C ARG A 266 -18.78 -13.02 17.71
N PHE A 267 -17.80 -12.62 18.53
CA PHE A 267 -16.55 -12.01 18.07
C PHE A 267 -15.66 -13.04 17.32
N GLY A 268 -15.92 -14.35 17.52
CA GLY A 268 -15.22 -15.42 16.82
C GLY A 268 -14.49 -16.36 17.76
N VAL A 269 -15.25 -16.96 18.70
CA VAL A 269 -14.74 -17.99 19.64
C VAL A 269 -15.53 -19.30 19.39
N GLU A 270 -14.80 -20.44 19.37
CA GLU A 270 -15.37 -21.75 19.00
C GLU A 270 -16.28 -22.28 20.14
N ASP A 271 -15.79 -22.11 21.37
CA ASP A 271 -16.47 -22.58 22.60
C ASP A 271 -17.43 -21.50 23.14
N GLY A 272 -16.87 -20.34 23.49
CA GLY A 272 -17.63 -19.22 24.05
C GLY A 272 -17.22 -18.81 25.46
N SER A 273 -16.31 -19.60 26.08
CA SER A 273 -15.81 -19.34 27.45
C SER A 273 -14.75 -18.23 27.43
N VAL A 274 -14.60 -17.54 28.59
CA VAL A 274 -13.66 -16.41 28.76
C VAL A 274 -12.23 -16.82 28.39
N GLU A 275 -11.79 -17.96 28.95
CA GLU A 275 -10.44 -18.51 28.68
C GLU A 275 -10.26 -18.87 27.19
N GLY A 276 -11.38 -19.12 26.48
CA GLY A 276 -11.36 -19.36 25.04
C GLY A 276 -11.17 -18.07 24.28
N LEU A 277 -11.73 -16.96 24.83
CA LEU A 277 -11.61 -15.63 24.23
C LEU A 277 -10.18 -15.13 24.45
N ARG A 278 -9.61 -15.44 25.62
CA ARG A 278 -8.26 -15.03 26.00
C ARG A 278 -7.22 -15.78 25.13
N ALA A 279 -7.51 -17.06 24.87
CA ALA A 279 -6.69 -17.92 23.98
C ALA A 279 -6.77 -17.41 22.52
N GLU A 280 -8.00 -16.97 22.12
CA GLU A 280 -8.24 -16.38 20.80
C GLU A 280 -7.45 -15.06 20.63
N VAL A 281 -7.57 -14.20 21.66
CA VAL A 281 -6.84 -12.93 21.74
C VAL A 281 -5.33 -13.19 21.79
N ARG A 282 -4.90 -14.32 22.37
CA ARG A 282 -3.46 -14.71 22.42
C ARG A 282 -2.93 -14.95 20.99
N LYS A 283 -3.53 -15.94 20.30
CA LYS A 283 -3.07 -16.38 18.97
C LYS A 283 -3.18 -15.25 17.93
N ASN A 284 -4.22 -14.40 18.08
CA ASN A 284 -4.47 -13.27 17.15
C ASN A 284 -3.55 -12.07 17.45
N MET A 285 -3.32 -11.76 18.74
CA MET A 285 -2.38 -10.67 19.13
C MET A 285 -0.99 -10.97 18.62
N GLU A 286 -0.52 -12.23 18.81
CA GLU A 286 0.83 -12.68 18.38
C GLU A 286 0.90 -12.87 16.84
N ARG A 287 -0.26 -13.13 16.19
CA ARG A 287 -0.39 -13.15 14.71
C ARG A 287 -0.06 -11.75 14.14
N GLU A 288 -0.79 -10.74 14.66
CA GLU A 288 -0.62 -9.33 14.29
C GLU A 288 0.75 -8.81 14.74
N LEU A 289 1.22 -9.31 15.89
CA LEU A 289 2.44 -8.84 16.55
C LEU A 289 3.67 -9.22 15.74
N LYS A 290 3.73 -10.50 15.32
CA LYS A 290 4.81 -11.02 14.46
C LYS A 290 4.85 -10.23 13.14
N SER A 291 3.66 -9.99 12.56
CA SER A 291 3.49 -9.22 11.31
C SER A 291 4.00 -7.77 11.49
N ALA A 292 3.62 -7.17 12.64
CA ALA A 292 3.94 -5.77 12.97
C ALA A 292 5.47 -5.61 13.09
N ILE A 293 6.09 -6.46 13.93
CA ILE A 293 7.55 -6.47 14.18
C ILE A 293 8.33 -6.77 12.89
N ARG A 294 7.81 -7.72 12.08
CA ARG A 294 8.49 -8.18 10.86
C ARG A 294 8.59 -7.03 9.83
N ASN A 295 7.45 -6.38 9.55
CA ASN A 295 7.38 -5.26 8.60
C ASN A 295 8.00 -3.98 9.21
N ARG A 296 8.05 -3.90 10.55
CA ARG A 296 8.72 -2.81 11.29
C ARG A 296 10.24 -2.84 11.01
N VAL A 297 10.87 -3.97 11.34
CA VAL A 297 12.32 -4.20 11.15
C VAL A 297 12.69 -4.07 9.66
N LYS A 298 11.82 -4.64 8.78
CA LYS A 298 11.99 -4.56 7.31
C LYS A 298 12.04 -3.09 6.86
N SER A 299 10.98 -2.31 7.20
CA SER A 299 10.82 -0.91 6.73
C SER A 299 11.94 0.01 7.26
N GLN A 300 12.43 -0.24 8.50
CA GLN A 300 13.53 0.54 9.11
C GLN A 300 14.87 0.23 8.45
N ALA A 301 15.09 -1.07 8.15
CA ALA A 301 16.30 -1.52 7.44
C ALA A 301 16.34 -0.96 6.03
N ILE A 302 15.15 -0.87 5.39
CA ILE A 302 14.96 -0.29 4.06
C ILE A 302 15.23 1.22 4.08
N GLU A 303 14.67 1.90 5.10
CA GLU A 303 14.83 3.34 5.30
C GLU A 303 16.32 3.69 5.45
N GLY A 304 16.98 2.95 6.36
CA GLY A 304 18.41 3.11 6.63
C GLY A 304 19.28 2.68 5.47
N LEU A 305 18.79 1.69 4.67
CA LEU A 305 19.49 1.21 3.45
C LEU A 305 19.61 2.37 2.46
N VAL A 306 18.48 2.93 2.04
CA VAL A 306 18.46 4.07 1.09
C VAL A 306 19.28 5.24 1.66
N LYS A 307 19.01 5.57 2.94
CA LYS A 307 19.63 6.69 3.68
C LYS A 307 21.17 6.60 3.69
N ALA A 308 21.70 5.38 3.84
CA ALA A 308 23.16 5.14 3.93
C ALA A 308 23.78 4.79 2.55
N ASN A 309 22.95 4.51 1.53
CA ASN A 309 23.42 3.99 0.22
C ASN A 309 23.10 4.98 -0.91
N ASP A 310 23.48 4.60 -2.14
CA ASP A 310 23.34 5.46 -3.33
C ASP A 310 23.08 4.58 -4.57
N ILE A 311 22.05 4.97 -5.36
CA ILE A 311 21.78 4.44 -6.71
C ILE A 311 20.65 5.27 -7.36
N ASP A 312 20.85 5.63 -8.62
CA ASP A 312 19.86 6.38 -9.41
C ASP A 312 19.05 5.39 -10.26
N VAL A 313 17.80 5.75 -10.55
CA VAL A 313 16.88 4.90 -11.31
C VAL A 313 16.64 5.48 -12.72
N PRO A 314 16.88 4.68 -13.81
CA PRO A 314 16.44 5.03 -15.19
C PRO A 314 14.91 5.36 -15.25
N ALA A 315 14.59 6.43 -16.02
CA ALA A 315 13.27 7.07 -16.07
C ALA A 315 12.13 6.11 -16.47
N ALA A 316 12.45 5.13 -17.34
CA ALA A 316 11.45 4.16 -17.87
C ALA A 316 10.78 3.37 -16.74
N LEU A 317 11.63 2.90 -15.77
CA LEU A 317 11.18 2.15 -14.59
C LEU A 317 10.22 3.01 -13.75
N ILE A 318 10.60 4.30 -13.60
CA ILE A 318 9.88 5.28 -12.78
C ILE A 318 8.47 5.49 -13.34
N ASP A 319 8.37 5.83 -14.64
CA ASP A 319 7.09 6.03 -15.37
C ASP A 319 6.16 4.81 -15.22
N SER A 320 6.73 3.60 -15.41
CA SER A 320 5.99 2.33 -15.23
C SER A 320 5.37 2.23 -13.82
N GLU A 321 6.23 2.40 -12.79
CA GLU A 321 5.82 2.27 -11.38
C GLU A 321 4.86 3.40 -10.96
N ILE A 322 4.98 4.59 -11.59
CA ILE A 322 4.07 5.73 -11.35
C ILE A 322 2.66 5.34 -11.80
N ASP A 323 2.55 4.87 -13.07
CA ASP A 323 1.27 4.43 -13.67
C ASP A 323 0.59 3.33 -12.84
N VAL A 324 1.40 2.36 -12.35
CA VAL A 324 0.92 1.28 -11.46
C VAL A 324 0.36 1.86 -10.13
N LEU A 325 1.15 2.75 -9.48
CA LEU A 325 0.76 3.37 -8.20
C LEU A 325 -0.44 4.30 -8.36
N ARG A 326 -0.58 4.92 -9.56
CA ARG A 326 -1.67 5.84 -9.86
C ARG A 326 -2.98 5.07 -10.03
N ARG A 327 -2.93 3.92 -10.74
CA ARG A 327 -4.11 3.03 -10.91
C ARG A 327 -4.55 2.42 -9.56
N GLN A 328 -3.56 2.00 -8.76
CA GLN A 328 -3.77 1.41 -7.42
C GLN A 328 -4.42 2.44 -6.46
N ALA A 329 -3.96 3.70 -6.58
CA ALA A 329 -4.49 4.82 -5.78
C ALA A 329 -5.91 5.17 -6.24
N ALA A 330 -6.08 5.28 -7.56
CA ALA A 330 -7.34 5.69 -8.21
C ALA A 330 -8.47 4.69 -7.92
N GLN A 331 -8.11 3.40 -7.79
CA GLN A 331 -9.03 2.31 -7.39
C GLN A 331 -9.73 2.64 -6.03
N ARG A 332 -9.00 3.37 -5.16
CA ARG A 332 -9.52 3.83 -3.87
C ARG A 332 -10.13 5.25 -4.01
N PHE A 333 -9.50 6.08 -4.85
CA PHE A 333 -9.88 7.48 -5.07
C PHE A 333 -10.94 7.55 -6.19
N GLY A 334 -12.18 7.19 -5.83
CA GLY A 334 -13.32 7.23 -6.76
C GLY A 334 -13.51 5.94 -7.56
N GLY A 335 -12.46 5.09 -7.66
CA GLY A 335 -12.50 3.87 -8.47
C GLY A 335 -12.36 4.20 -9.95
N ASN A 336 -11.29 4.95 -10.27
CA ASN A 336 -11.09 5.56 -11.58
C ASN A 336 -10.37 4.61 -12.55
N GLU A 337 -11.04 4.34 -13.68
CA GLU A 337 -10.61 3.35 -14.69
C GLU A 337 -9.67 4.07 -15.70
N LYS A 338 -8.35 3.99 -15.43
CA LYS A 338 -7.26 4.63 -16.24
C LYS A 338 -7.29 6.18 -16.24
N GLN A 339 -8.23 6.79 -15.47
CA GLN A 339 -8.25 8.25 -15.22
C GLN A 339 -7.04 8.63 -14.34
N ALA A 340 -6.46 7.60 -13.71
CA ALA A 340 -5.17 7.63 -13.02
C ALA A 340 -4.05 8.32 -13.83
N LEU A 341 -4.13 8.19 -15.16
CA LEU A 341 -3.17 8.80 -16.11
C LEU A 341 -3.12 10.34 -15.93
N GLU A 342 -4.23 10.93 -15.47
CA GLU A 342 -4.37 12.38 -15.22
C GLU A 342 -3.71 12.80 -13.88
N LEU A 343 -3.61 11.83 -12.91
CA LEU A 343 -3.08 12.12 -11.55
C LEU A 343 -1.61 12.63 -11.63
N PRO A 344 -1.25 13.70 -10.83
CA PRO A 344 0.10 14.32 -10.87
C PRO A 344 1.22 13.29 -10.59
N ARG A 345 2.02 12.98 -11.64
CA ARG A 345 3.07 11.95 -11.58
C ARG A 345 4.03 12.19 -10.41
N GLU A 346 4.42 13.47 -10.21
CA GLU A 346 5.39 13.89 -9.20
C GLU A 346 4.91 13.64 -7.76
N LEU A 347 3.57 13.54 -7.57
CA LEU A 347 2.96 13.22 -6.25
C LEU A 347 3.40 11.80 -5.83
N PHE A 348 3.56 10.93 -6.85
CA PHE A 348 3.95 9.53 -6.67
C PHE A 348 5.46 9.38 -6.85
N GLU A 349 6.02 10.12 -7.83
CA GLU A 349 7.39 9.93 -8.37
C GLU A 349 8.48 10.08 -7.32
N GLU A 350 8.28 11.04 -6.40
CA GLU A 350 9.26 11.39 -5.35
C GLU A 350 9.61 10.16 -4.47
N GLN A 351 8.57 9.37 -4.14
CA GLN A 351 8.71 8.13 -3.34
C GLN A 351 8.69 6.87 -4.23
N ALA A 352 8.16 7.00 -5.48
CA ALA A 352 8.07 5.87 -6.44
C ALA A 352 9.49 5.46 -6.85
N LYS A 353 10.24 6.46 -7.35
CA LYS A 353 11.65 6.30 -7.72
C LYS A 353 12.46 5.74 -6.54
N ARG A 354 12.11 6.16 -5.30
CA ARG A 354 12.76 5.68 -4.08
C ARG A 354 12.41 4.20 -3.82
N ARG A 355 11.18 3.77 -4.21
CA ARG A 355 10.78 2.33 -4.10
C ARG A 355 11.58 1.48 -5.11
N VAL A 356 11.85 2.08 -6.30
CA VAL A 356 12.68 1.42 -7.33
C VAL A 356 14.17 1.43 -6.90
N VAL A 357 14.58 2.48 -6.14
CA VAL A 357 15.93 2.57 -5.51
C VAL A 357 16.11 1.37 -4.57
N VAL A 358 15.10 1.12 -3.72
CA VAL A 358 15.05 -0.07 -2.84
C VAL A 358 15.11 -1.37 -3.68
N GLY A 359 14.41 -1.34 -4.83
CA GLY A 359 14.40 -2.43 -5.79
C GLY A 359 15.80 -2.79 -6.28
N LEU A 360 16.60 -1.75 -6.59
CA LEU A 360 17.98 -1.90 -7.09
C LEU A 360 18.95 -2.29 -5.95
N LEU A 361 18.72 -1.73 -4.74
CA LEU A 361 19.54 -2.00 -3.53
C LEU A 361 19.46 -3.49 -3.16
N LEU A 362 18.22 -3.97 -2.94
CA LEU A 362 17.95 -5.37 -2.57
C LEU A 362 18.30 -6.32 -3.73
N GLY A 363 18.13 -5.84 -4.98
CA GLY A 363 18.54 -6.60 -6.16
C GLY A 363 20.05 -6.86 -6.20
N GLU A 364 20.81 -5.83 -5.78
CA GLU A 364 22.27 -5.91 -5.66
C GLU A 364 22.65 -6.87 -4.53
N VAL A 365 21.96 -6.78 -3.38
CA VAL A 365 22.19 -7.67 -2.22
C VAL A 365 21.93 -9.15 -2.60
N ILE A 366 20.86 -9.37 -3.39
CA ILE A 366 20.47 -10.71 -3.87
C ILE A 366 21.53 -11.27 -4.83
N ARG A 367 22.02 -10.44 -5.78
CA ARG A 367 23.05 -10.84 -6.75
C ARG A 367 24.36 -11.19 -6.02
N THR A 368 24.88 -10.19 -5.28
CA THR A 368 26.15 -10.25 -4.53
C THR A 368 26.20 -11.43 -3.53
N ASN A 369 25.09 -11.65 -2.81
CA ASN A 369 25.01 -12.73 -1.78
C ASN A 369 24.34 -14.01 -2.36
N GLU A 370 24.14 -14.06 -3.72
CA GLU A 370 23.57 -15.22 -4.48
C GLU A 370 22.37 -15.90 -3.77
N LEU A 371 21.41 -15.06 -3.35
CA LEU A 371 20.25 -15.48 -2.52
C LEU A 371 19.17 -16.17 -3.36
N LYS A 372 18.18 -16.76 -2.65
CA LYS A 372 17.05 -17.49 -3.27
C LYS A 372 15.77 -17.25 -2.44
N ALA A 373 14.61 -17.52 -3.08
CA ALA A 373 13.31 -17.65 -2.39
C ALA A 373 13.06 -19.14 -2.17
N ASP A 374 13.51 -19.65 -1.00
CA ASP A 374 13.41 -21.08 -0.64
C ASP A 374 11.95 -21.54 -0.70
N GLU A 375 11.66 -22.47 -1.63
CA GLU A 375 10.28 -22.96 -1.91
C GLU A 375 9.59 -23.59 -0.69
N GLU A 376 10.38 -24.07 0.27
CA GLU A 376 9.84 -24.66 1.51
C GLU A 376 9.53 -23.58 2.55
N ARG A 377 10.20 -22.41 2.43
CA ARG A 377 9.93 -21.21 3.23
C ARG A 377 8.64 -20.54 2.71
N VAL A 378 8.50 -20.56 1.36
CA VAL A 378 7.28 -20.14 0.65
C VAL A 378 6.10 -20.99 1.13
N LYS A 379 6.28 -22.34 1.05
CA LYS A 379 5.33 -23.35 1.57
C LYS A 379 4.96 -23.08 3.04
N GLY A 380 6.02 -22.80 3.83
CA GLY A 380 5.89 -22.50 5.24
C GLY A 380 4.88 -21.39 5.50
N LEU A 381 5.17 -20.21 4.93
CA LEU A 381 4.35 -19.00 5.09
C LEU A 381 2.95 -19.17 4.45
N ILE A 382 2.86 -19.98 3.34
CA ILE A 382 1.58 -20.35 2.67
C ILE A 382 0.61 -20.89 3.71
N GLU A 383 0.95 -22.05 4.29
CA GLU A 383 0.03 -22.80 5.17
C GLU A 383 -0.08 -22.13 6.55
N GLU A 384 1.02 -21.50 7.00
CA GLU A 384 1.12 -20.83 8.31
C GLU A 384 0.11 -19.66 8.40
N MET A 385 0.09 -18.81 7.34
CA MET A 385 -0.83 -17.66 7.28
C MET A 385 -2.24 -18.11 6.85
N ALA A 386 -2.32 -19.11 5.94
CA ALA A 386 -3.60 -19.63 5.42
C ALA A 386 -4.42 -20.34 6.51
N SER A 387 -3.73 -20.87 7.56
CA SER A 387 -4.37 -21.47 8.75
C SER A 387 -5.31 -20.49 9.48
N ALA A 388 -5.06 -19.17 9.29
CA ALA A 388 -5.88 -18.11 9.90
C ALA A 388 -7.23 -17.93 9.15
N TYR A 389 -7.34 -18.47 7.91
CA TYR A 389 -8.59 -18.46 7.14
C TYR A 389 -9.50 -19.64 7.56
N GLU A 390 -10.82 -19.49 7.33
CA GLU A 390 -11.83 -20.49 7.73
C GLU A 390 -11.82 -21.72 6.79
N ASP A 391 -11.05 -21.63 5.68
CA ASP A 391 -10.61 -22.77 4.87
C ASP A 391 -9.28 -22.38 4.20
N PRO A 392 -8.12 -22.95 4.66
CA PRO A 392 -6.80 -22.70 4.02
C PRO A 392 -6.76 -23.16 2.55
N LYS A 393 -7.34 -24.34 2.31
CA LYS A 393 -7.06 -25.19 1.13
C LYS A 393 -7.39 -24.50 -0.20
N GLU A 394 -8.58 -23.88 -0.27
CA GLU A 394 -9.03 -23.17 -1.48
C GLU A 394 -8.20 -21.89 -1.71
N VAL A 395 -7.62 -21.33 -0.63
CA VAL A 395 -6.82 -20.10 -0.69
C VAL A 395 -5.38 -20.45 -1.15
N ILE A 396 -4.92 -21.65 -0.75
CA ILE A 396 -3.64 -22.23 -1.22
C ILE A 396 -3.69 -22.46 -2.74
N GLU A 397 -4.81 -23.09 -3.18
CA GLU A 397 -5.10 -23.30 -4.60
C GLU A 397 -5.25 -21.94 -5.31
N PHE A 398 -5.85 -20.96 -4.63
CA PHE A 398 -5.99 -19.58 -5.14
C PHE A 398 -4.62 -18.91 -5.34
N TYR A 399 -3.60 -19.24 -4.48
CA TYR A 399 -2.21 -18.77 -4.69
C TYR A 399 -1.66 -19.38 -5.99
N SER A 400 -1.68 -20.73 -6.06
CA SER A 400 -1.09 -21.50 -7.16
C SER A 400 -1.76 -21.21 -8.52
N LYS A 401 -3.02 -20.72 -8.50
CA LYS A 401 -3.78 -20.34 -9.70
C LYS A 401 -3.61 -18.84 -10.02
N ASN A 402 -3.25 -18.03 -9.02
CA ASN A 402 -3.17 -16.55 -9.18
C ASN A 402 -1.78 -16.09 -8.71
N LYS A 403 -0.88 -15.95 -9.68
CA LYS A 403 0.55 -15.68 -9.48
C LYS A 403 0.82 -14.30 -8.83
N GLU A 404 -0.21 -13.46 -8.67
CA GLU A 404 -0.11 -12.21 -7.90
C GLU A 404 0.22 -12.53 -6.42
N LEU A 405 -0.47 -13.56 -5.87
CA LEU A 405 -0.25 -14.01 -4.48
C LEU A 405 0.94 -14.96 -4.39
N MET A 406 1.17 -15.77 -5.44
CA MET A 406 2.34 -16.68 -5.51
C MET A 406 3.66 -15.86 -5.57
N ASP A 407 3.58 -14.66 -6.21
CA ASP A 407 4.65 -13.64 -6.16
C ASP A 407 4.85 -13.24 -4.71
N ASN A 408 3.78 -12.63 -4.15
CA ASN A 408 3.79 -11.92 -2.86
C ASN A 408 4.21 -12.85 -1.68
N MET A 409 3.95 -14.17 -1.84
CA MET A 409 4.33 -15.20 -0.84
C MET A 409 5.82 -15.58 -0.99
N ARG A 410 6.28 -15.77 -2.24
CA ARG A 410 7.72 -15.94 -2.56
C ARG A 410 8.50 -14.66 -2.20
N ASN A 411 7.79 -13.53 -2.27
CA ASN A 411 8.35 -12.20 -2.14
C ASN A 411 8.54 -11.81 -0.68
N VAL A 412 7.59 -12.19 0.20
CA VAL A 412 7.79 -11.98 1.64
C VAL A 412 8.98 -12.85 2.12
N ALA A 413 9.00 -14.14 1.69
CA ALA A 413 10.09 -15.08 1.99
C ALA A 413 11.48 -14.52 1.54
N LEU A 414 11.53 -14.10 0.26
CA LEU A 414 12.75 -13.61 -0.39
C LEU A 414 13.23 -12.29 0.22
N GLU A 415 12.33 -11.29 0.30
CA GLU A 415 12.68 -9.93 0.78
C GLU A 415 12.99 -9.94 2.28
N GLU A 416 12.41 -10.89 3.04
CA GLU A 416 12.85 -11.15 4.42
C GLU A 416 14.33 -11.54 4.38
N GLN A 417 14.63 -12.65 3.67
CA GLN A 417 16.00 -13.21 3.58
C GLN A 417 17.02 -12.19 3.02
N ALA A 418 16.55 -11.35 2.08
CA ALA A 418 17.37 -10.35 1.37
C ALA A 418 17.70 -9.16 2.28
N VAL A 419 16.69 -8.68 3.02
CA VAL A 419 16.86 -7.62 4.04
C VAL A 419 17.68 -8.15 5.25
N GLU A 420 17.49 -9.44 5.59
CA GLU A 420 18.18 -10.09 6.73
C GLU A 420 19.67 -10.29 6.43
N ALA A 421 20.00 -10.46 5.13
CA ALA A 421 21.40 -10.43 4.65
C ALA A 421 22.04 -9.03 4.87
N VAL A 422 21.19 -7.97 4.91
CA VAL A 422 21.65 -6.59 5.20
C VAL A 422 21.69 -6.37 6.73
N LEU A 423 20.74 -7.02 7.46
CA LEU A 423 20.64 -6.95 8.94
C LEU A 423 21.88 -7.58 9.60
N ALA A 424 22.38 -8.67 8.97
CA ALA A 424 23.63 -9.35 9.39
C ALA A 424 24.86 -8.42 9.32
N LYS A 425 24.74 -7.35 8.50
CA LYS A 425 25.79 -6.34 8.32
C LYS A 425 25.46 -5.04 9.06
N ALA A 426 24.15 -4.84 9.35
CA ALA A 426 23.62 -3.59 9.94
C ALA A 426 23.65 -3.65 11.48
N LYS A 427 23.65 -2.46 12.10
CA LYS A 427 23.54 -2.30 13.55
C LYS A 427 22.11 -2.59 13.98
N VAL A 428 21.81 -3.86 14.24
CA VAL A 428 20.51 -4.28 14.75
C VAL A 428 20.48 -4.04 16.27
N THR A 429 20.21 -2.78 16.62
CA THR A 429 20.04 -2.35 18.00
C THR A 429 18.66 -2.85 18.50
N GLU A 430 18.69 -4.07 19.08
CA GLU A 430 17.48 -4.81 19.49
C GLU A 430 17.19 -4.58 20.98
N LYS A 431 15.90 -4.35 21.30
CA LYS A 431 15.39 -4.35 22.68
C LYS A 431 14.18 -5.28 22.78
N GLU A 432 13.86 -5.68 24.01
CA GLU A 432 12.68 -6.51 24.32
C GLU A 432 11.71 -5.67 25.16
N THR A 433 10.44 -5.60 24.73
CA THR A 433 9.43 -4.74 25.36
C THR A 433 8.00 -5.27 25.10
N THR A 434 6.98 -4.57 25.64
CA THR A 434 5.57 -5.01 25.59
C THR A 434 4.83 -4.45 24.36
N PHE A 435 3.64 -5.03 24.10
CA PHE A 435 2.74 -4.69 22.98
C PHE A 435 2.26 -3.23 23.10
N ASN A 436 1.96 -2.80 24.35
CA ASN A 436 1.55 -1.40 24.65
C ASN A 436 2.62 -0.40 24.17
N GLU A 437 3.91 -0.78 24.35
CA GLU A 437 5.05 0.06 23.94
C GLU A 437 5.20 0.09 22.41
N LEU A 438 4.99 -1.06 21.75
CA LEU A 438 5.12 -1.18 20.28
C LEU A 438 4.05 -0.32 19.56
N MET A 439 2.84 -0.28 20.14
CA MET A 439 1.71 0.50 19.59
C MET A 439 1.75 1.98 20.02
N ASN A 440 2.68 2.33 20.93
CA ASN A 440 2.80 3.68 21.52
C ASN A 440 3.63 4.62 20.60
N GLN A 441 3.45 4.47 19.27
CA GLN A 441 4.28 5.17 18.24
C GLN A 441 3.53 6.38 17.65
N GLN A 442 2.73 7.07 18.48
CA GLN A 442 1.99 8.28 18.06
C GLN A 442 2.93 9.49 18.07
N ALA A 443 3.43 9.86 16.88
CA ALA A 443 4.30 11.02 16.68
C ALA A 443 3.88 11.74 15.38
N ALA B 3 -9.39 55.13 5.16
CA ALA B 3 -10.03 55.48 3.87
C ALA B 3 -11.43 56.08 4.12
N ARG B 4 -11.75 57.19 3.41
CA ARG B 4 -13.07 57.83 3.43
C ARG B 4 -14.04 57.01 2.56
N ALA B 5 -15.33 57.01 2.92
CA ALA B 5 -16.39 56.19 2.28
C ALA B 5 -16.13 54.68 2.53
N ASP B 6 -15.08 54.14 1.86
CA ASP B 6 -14.50 52.80 2.12
C ASP B 6 -15.48 51.66 1.70
N VAL B 7 -14.98 50.42 1.67
CA VAL B 7 -15.78 49.23 1.35
C VAL B 7 -15.68 48.24 2.53
N THR B 8 -16.67 47.35 2.66
CA THR B 8 -16.64 46.24 3.61
C THR B 8 -15.42 45.34 3.31
N LEU B 9 -14.29 45.68 3.97
CA LEU B 9 -13.01 44.99 3.80
C LEU B 9 -13.07 43.65 4.54
N GLY B 10 -13.54 42.63 3.81
CA GLY B 10 -13.74 41.29 4.34
C GLY B 10 -14.78 40.55 3.52
N GLY B 11 -14.35 39.48 2.82
CA GLY B 11 -15.25 38.65 1.99
C GLY B 11 -15.97 37.57 2.80
N GLY B 12 -15.66 37.49 4.11
CA GLY B 12 -16.25 36.50 5.02
C GLY B 12 -15.20 35.69 5.74
N ALA B 13 -15.61 34.52 6.28
CA ALA B 13 -14.72 33.59 6.99
C ALA B 13 -13.81 32.83 6.00
N LYS B 14 -12.76 32.20 6.53
CA LYS B 14 -11.80 31.39 5.75
C LYS B 14 -11.50 30.16 6.58
N THR B 15 -12.22 29.04 6.30
CA THR B 15 -12.06 27.74 7.00
C THR B 15 -12.53 27.84 8.49
N PHE B 16 -12.81 26.70 9.15
CA PHE B 16 -13.06 26.67 10.60
C PHE B 16 -12.95 25.24 11.14
N ALA B 17 -13.74 24.32 10.55
CA ALA B 17 -14.00 22.97 11.13
C ALA B 17 -14.66 23.15 12.52
N GLU B 18 -15.92 23.58 12.47
CA GLU B 18 -16.59 24.24 13.59
C GLU B 18 -17.18 23.26 14.61
N THR B 19 -16.97 23.56 15.90
CA THR B 19 -17.68 22.95 17.05
C THR B 19 -17.18 21.50 17.36
N ALA B 20 -16.43 20.88 16.41
CA ALA B 20 -15.94 19.49 16.49
C ALA B 20 -17.09 18.52 16.84
N THR B 21 -18.25 18.73 16.18
CA THR B 21 -19.49 18.03 16.50
C THR B 21 -19.41 16.55 16.08
N ALA B 22 -18.95 15.71 17.03
CA ALA B 22 -19.01 14.25 16.92
C ALA B 22 -20.48 13.78 16.87
N GLY B 23 -21.37 14.60 17.48
CA GLY B 23 -22.83 14.35 17.47
C GLY B 23 -23.19 13.05 18.14
N GLU B 24 -22.51 12.80 19.28
CA GLU B 24 -22.66 11.55 20.02
C GLU B 24 -23.91 11.56 20.90
N TRP B 25 -24.63 10.43 20.86
CA TRP B 25 -25.73 10.10 21.78
C TRP B 25 -25.78 8.57 21.94
N GLN B 26 -26.68 8.09 22.80
CA GLN B 26 -26.92 6.65 23.01
C GLN B 26 -27.94 6.12 21.99
N GLY B 27 -27.89 4.80 21.72
CA GLY B 27 -28.75 4.15 20.72
C GLY B 27 -30.24 4.35 21.00
N LYS B 28 -30.76 3.64 22.02
CA LYS B 28 -32.15 3.81 22.54
C LYS B 28 -33.22 3.36 21.53
N THR B 29 -33.49 2.04 21.52
CA THR B 29 -34.72 1.40 20.97
C THR B 29 -34.91 1.52 19.43
N LEU B 30 -35.17 2.73 18.93
CA LEU B 30 -35.69 2.97 17.56
C LEU B 30 -34.68 3.67 16.63
N ARG B 31 -33.44 3.95 17.11
CA ARG B 31 -32.50 4.85 16.39
C ARG B 31 -32.08 4.32 14.99
N GLU B 32 -31.08 3.41 14.91
CA GLU B 32 -30.52 2.97 13.60
C GLU B 32 -31.09 1.59 13.20
N GLN B 33 -30.52 0.49 13.75
CA GLN B 33 -30.98 -0.88 13.47
C GLN B 33 -31.82 -1.38 14.67
N ALA B 34 -31.12 -1.76 15.76
CA ALA B 34 -31.76 -2.24 16.99
C ALA B 34 -31.60 -1.17 18.08
N GLN B 35 -30.39 -1.10 18.70
CA GLN B 35 -30.02 0.01 19.58
C GLN B 35 -29.33 1.05 18.67
N ALA B 36 -28.06 0.74 18.33
CA ALA B 36 -27.30 1.45 17.30
C ALA B 36 -27.03 0.46 16.14
N ARG B 37 -25.93 -0.33 16.26
CA ARG B 37 -25.49 -1.34 15.25
C ARG B 37 -25.20 -0.73 13.85
N GLY B 38 -25.01 0.60 13.80
CA GLY B 38 -24.72 1.30 12.54
C GLY B 38 -23.50 2.20 12.65
N TYR B 39 -23.68 3.33 13.37
CA TYR B 39 -22.66 4.37 13.57
C TYR B 39 -22.26 5.04 12.23
N GLN B 40 -21.25 5.93 12.26
CA GLN B 40 -20.76 6.59 11.04
C GLN B 40 -19.77 5.66 10.32
N LEU B 41 -20.32 4.61 9.69
CA LEU B 41 -19.59 3.66 8.87
C LEU B 41 -19.76 4.09 7.40
N VAL B 42 -18.65 4.10 6.64
CA VAL B 42 -18.66 4.48 5.21
C VAL B 42 -19.48 3.44 4.40
N SER B 43 -20.77 3.74 4.24
CA SER B 43 -21.75 2.86 3.58
C SER B 43 -22.51 3.66 2.52
N ASP B 44 -22.49 3.18 1.27
CA ASP B 44 -23.14 3.85 0.14
C ASP B 44 -24.66 3.54 0.11
N ALA B 45 -25.02 2.34 -0.36
CA ALA B 45 -26.41 1.88 -0.44
C ALA B 45 -26.65 0.74 0.58
N ALA B 46 -26.11 -0.45 0.26
CA ALA B 46 -26.23 -1.65 1.11
C ALA B 46 -24.87 -1.96 1.76
N SER B 47 -23.82 -1.99 0.91
CA SER B 47 -22.42 -2.30 1.27
C SER B 47 -22.17 -3.81 1.51
N LEU B 48 -23.05 -4.45 2.33
CA LEU B 48 -22.97 -5.89 2.67
C LEU B 48 -21.62 -6.22 3.35
N ASN B 49 -21.21 -7.53 3.32
CA ASN B 49 -19.93 -8.05 3.87
C ASN B 49 -19.96 -8.15 5.40
N SER B 50 -20.17 -7.00 6.07
CA SER B 50 -20.35 -6.92 7.52
C SER B 50 -21.65 -7.63 7.94
N VAL B 51 -21.54 -8.95 8.16
CA VAL B 51 -22.62 -9.81 8.65
C VAL B 51 -21.99 -10.97 9.44
N THR B 52 -22.53 -11.27 10.63
CA THR B 52 -21.99 -12.30 11.54
C THR B 52 -22.73 -13.66 11.32
N GLU B 53 -22.89 -13.98 10.02
CA GLU B 53 -23.57 -15.22 9.55
C GLU B 53 -22.67 -16.47 9.83
N ALA B 54 -22.96 -17.63 9.19
CA ALA B 54 -22.23 -18.91 9.41
C ALA B 54 -20.69 -18.76 9.36
N ASN B 55 -20.22 -17.80 8.54
CA ASN B 55 -18.78 -17.50 8.36
C ASN B 55 -18.25 -16.48 9.42
N GLN B 56 -18.86 -16.50 10.64
CA GLN B 56 -18.40 -15.68 11.80
C GLN B 56 -17.12 -16.25 12.45
N GLN B 57 -16.50 -17.27 11.80
CA GLN B 57 -15.21 -17.85 12.20
C GLN B 57 -14.04 -16.84 12.06
N LYS B 58 -14.34 -15.61 11.57
CA LYS B 58 -13.46 -14.45 11.72
C LYS B 58 -13.21 -14.20 13.24
N PRO B 59 -11.93 -14.25 13.72
CA PRO B 59 -11.61 -14.12 15.17
C PRO B 59 -11.66 -12.66 15.66
N LEU B 60 -11.57 -12.47 16.99
CA LEU B 60 -11.54 -11.12 17.60
C LEU B 60 -10.08 -10.61 17.62
N LEU B 61 -9.86 -9.48 16.93
CA LEU B 61 -8.54 -8.86 16.81
C LEU B 61 -8.68 -7.38 16.42
N GLY B 62 -7.91 -6.51 17.09
CA GLY B 62 -7.85 -5.08 16.79
C GLY B 62 -6.58 -4.75 16.05
N LEU B 63 -6.67 -4.55 14.72
CA LEU B 63 -5.53 -4.39 13.79
C LEU B 63 -4.82 -3.02 13.92
N PHE B 64 -4.33 -2.71 15.14
CA PHE B 64 -3.69 -1.42 15.46
C PHE B 64 -2.45 -1.13 14.57
N ALA B 65 -1.78 -2.21 14.10
CA ALA B 65 -0.73 -2.12 13.07
C ALA B 65 -1.02 -3.15 11.95
N ASP B 66 -0.39 -4.35 12.03
CA ASP B 66 -0.42 -5.42 10.98
C ASP B 66 -0.02 -4.88 9.58
N GLY B 67 -0.98 -4.23 8.91
CA GLY B 67 -0.83 -3.75 7.54
C GLY B 67 -2.17 -3.72 6.80
N ASN B 68 -3.21 -4.33 7.44
CA ASN B 68 -4.58 -4.47 6.89
C ASN B 68 -4.57 -5.37 5.64
N MET B 69 -4.85 -6.66 5.86
CA MET B 69 -4.71 -7.69 4.82
C MET B 69 -6.09 -8.21 4.35
N PRO B 70 -6.42 -8.07 3.03
CA PRO B 70 -7.47 -8.87 2.36
C PRO B 70 -6.87 -10.21 1.88
N VAL B 71 -7.61 -10.95 1.03
CA VAL B 71 -7.06 -12.14 0.36
C VAL B 71 -6.20 -11.68 -0.85
N ARG B 72 -5.06 -11.06 -0.48
CA ARG B 72 -4.11 -10.37 -1.37
C ARG B 72 -2.89 -10.03 -0.50
N TRP B 73 -3.23 -9.57 0.75
CA TRP B 73 -2.34 -9.44 1.96
C TRP B 73 -1.01 -8.67 1.76
N LEU B 74 -0.33 -8.43 2.92
CA LEU B 74 0.95 -7.65 3.03
C LEU B 74 0.73 -6.17 2.60
N GLY B 75 1.81 -5.49 2.17
CA GLY B 75 1.72 -4.09 1.76
C GLY B 75 3.09 -3.50 1.46
N PRO B 76 3.97 -3.34 2.51
CA PRO B 76 5.36 -2.88 2.32
C PRO B 76 6.24 -3.98 1.66
N LYS B 77 6.21 -3.99 0.31
CA LYS B 77 7.00 -4.91 -0.52
C LYS B 77 7.58 -4.13 -1.71
N ALA B 78 8.93 -4.14 -1.85
CA ALA B 78 9.65 -3.40 -2.91
C ALA B 78 9.56 -4.18 -4.21
N THR B 79 10.03 -5.43 -4.15
CA THR B 79 9.67 -6.51 -5.09
C THR B 79 10.35 -6.43 -6.49
N TYR B 80 10.82 -5.22 -6.91
CA TYR B 80 11.39 -5.01 -8.25
C TYR B 80 12.86 -5.53 -8.30
N HIS B 81 12.96 -6.87 -8.23
CA HIS B 81 14.20 -7.67 -8.15
C HIS B 81 13.85 -9.17 -8.07
N GLY B 82 12.67 -9.54 -8.62
CA GLY B 82 12.18 -10.91 -8.60
C GLY B 82 12.70 -11.74 -9.77
N ASN B 83 14.01 -11.63 -10.03
CA ASN B 83 14.71 -12.31 -11.13
C ASN B 83 14.74 -13.83 -10.90
N ILE B 84 14.90 -14.23 -9.63
CA ILE B 84 15.14 -15.65 -9.19
C ILE B 84 14.03 -16.63 -9.68
N ASP B 85 12.81 -16.11 -9.82
CA ASP B 85 11.63 -16.86 -10.31
C ASP B 85 11.87 -17.48 -11.71
N LYS B 86 12.59 -16.74 -12.56
CA LYS B 86 12.71 -17.07 -13.99
C LYS B 86 13.76 -18.22 -14.23
N PRO B 87 15.09 -18.10 -13.80
CA PRO B 87 16.05 -19.24 -13.88
C PRO B 87 15.96 -20.16 -12.63
N ALA B 88 15.97 -21.48 -12.86
CA ALA B 88 16.03 -22.48 -11.79
C ALA B 88 17.43 -22.46 -11.14
N VAL B 89 17.46 -22.20 -9.81
CA VAL B 89 18.70 -22.13 -9.02
C VAL B 89 19.29 -23.56 -8.93
N THR B 90 20.13 -23.87 -9.93
CA THR B 90 20.68 -25.21 -10.17
C THR B 90 22.06 -25.07 -10.85
N CYS B 91 23.02 -25.96 -10.53
CA CYS B 91 24.35 -25.95 -11.16
C CYS B 91 24.25 -26.57 -12.57
N THR B 92 23.85 -25.73 -13.55
CA THR B 92 23.64 -26.14 -14.96
C THR B 92 23.95 -24.94 -15.90
N PRO B 93 24.71 -25.17 -17.02
CA PRO B 93 25.05 -24.08 -17.98
C PRO B 93 23.82 -23.64 -18.82
N MET A 12 23.91 -5.59 -40.37
CA MET A 12 23.11 -4.64 -39.57
C MET A 12 24.04 -3.82 -38.64
N GLN A 13 24.42 -2.62 -39.11
CA GLN A 13 25.31 -1.70 -38.38
C GLN A 13 24.64 -1.22 -37.07
N VAL A 14 25.02 -1.83 -35.95
CA VAL A 14 24.46 -1.51 -34.62
C VAL A 14 25.46 -0.63 -33.81
N SER A 15 25.18 0.67 -33.75
CA SER A 15 26.00 1.63 -32.99
C SER A 15 25.32 1.95 -31.65
N VAL A 16 25.80 1.30 -30.57
CA VAL A 16 25.35 1.59 -29.19
C VAL A 16 25.97 2.93 -28.72
N GLU A 17 25.11 3.94 -28.58
CA GLU A 17 25.52 5.32 -28.25
C GLU A 17 24.91 5.72 -26.91
N THR A 18 25.78 5.95 -25.91
CA THR A 18 25.36 6.33 -24.55
C THR A 18 24.86 7.79 -24.56
N THR A 19 23.57 7.96 -24.90
CA THR A 19 22.95 9.28 -25.12
C THR A 19 22.31 9.84 -23.83
N GLN A 20 21.92 8.95 -22.90
CA GLN A 20 21.16 9.33 -21.69
C GLN A 20 21.82 8.74 -20.42
N GLY A 21 23.10 8.31 -20.54
CA GLY A 21 23.86 7.73 -19.41
C GLY A 21 23.49 6.27 -19.16
N LEU A 22 22.28 6.07 -18.60
CA LEU A 22 21.65 4.74 -18.47
C LEU A 22 21.04 4.36 -19.83
N GLY A 23 20.52 5.39 -20.52
CA GLY A 23 19.95 5.23 -21.84
C GLY A 23 20.98 5.15 -22.94
N ARG A 24 20.83 4.16 -23.82
CA ARG A 24 21.71 3.93 -24.97
C ARG A 24 20.86 3.75 -26.23
N ARG A 25 21.10 4.64 -27.20
CA ARG A 25 20.50 4.58 -28.53
C ARG A 25 21.32 3.63 -29.41
N VAL A 26 20.81 2.42 -29.65
CA VAL A 26 21.40 1.50 -30.62
C VAL A 26 20.78 1.81 -32.01
N THR A 27 21.49 2.66 -32.77
CA THR A 27 21.09 3.04 -34.13
C THR A 27 21.45 1.90 -35.09
N ILE A 28 20.44 1.10 -35.45
CA ILE A 28 20.58 -0.07 -36.31
C ILE A 28 20.31 0.31 -37.78
N THR A 29 21.29 0.05 -38.66
CA THR A 29 21.16 0.22 -40.11
C THR A 29 21.21 -1.18 -40.76
N ILE A 30 20.03 -1.73 -41.09
CA ILE A 30 19.93 -3.06 -41.72
C ILE A 30 20.03 -2.91 -43.25
N ALA A 31 20.84 -3.78 -43.88
CA ALA A 31 21.08 -3.77 -45.33
C ALA A 31 19.79 -4.08 -46.10
N ALA A 32 19.57 -3.33 -47.20
CA ALA A 32 18.36 -3.42 -48.04
C ALA A 32 18.14 -4.82 -48.62
N ASP A 33 19.24 -5.42 -49.11
CA ASP A 33 19.24 -6.79 -49.67
C ASP A 33 18.86 -7.83 -48.60
N SER A 34 19.23 -7.57 -47.34
CA SER A 34 18.94 -8.46 -46.21
C SER A 34 17.45 -8.36 -45.82
N ILE A 35 16.89 -7.14 -45.90
CA ILE A 35 15.45 -6.88 -45.69
C ILE A 35 14.64 -7.56 -46.81
N GLU A 36 15.17 -7.48 -48.03
CA GLU A 36 14.54 -8.02 -49.24
C GLU A 36 14.53 -9.57 -49.20
N THR A 37 15.60 -10.15 -48.61
CA THR A 37 15.70 -11.59 -48.31
C THR A 37 14.70 -12.00 -47.22
N ALA A 38 14.53 -11.11 -46.21
CA ALA A 38 13.62 -11.34 -45.08
C ALA A 38 12.15 -11.34 -45.53
N VAL A 39 11.80 -10.43 -46.49
CA VAL A 39 10.45 -10.37 -47.09
C VAL A 39 10.17 -11.63 -47.90
N LYS A 40 11.18 -12.05 -48.65
CA LYS A 40 11.12 -13.21 -49.55
C LYS A 40 10.90 -14.52 -48.75
N SER A 41 11.59 -14.61 -47.60
CA SER A 41 11.49 -15.75 -46.67
C SER A 41 10.27 -15.58 -45.72
N GLU A 42 9.59 -14.42 -45.80
CA GLU A 42 8.38 -14.14 -44.99
C GLU A 42 7.12 -14.59 -45.73
N LEU A 43 7.09 -14.29 -47.06
CA LEU A 43 5.93 -14.52 -47.93
C LEU A 43 5.50 -15.99 -47.93
N VAL A 44 6.48 -16.91 -47.85
CA VAL A 44 6.24 -18.36 -47.87
C VAL A 44 5.29 -18.80 -46.72
N ASN A 45 5.46 -18.19 -45.52
CA ASN A 45 4.65 -18.52 -44.33
C ASN A 45 3.23 -17.93 -44.47
N VAL A 46 3.19 -16.64 -44.80
CA VAL A 46 1.96 -15.86 -44.92
C VAL A 46 1.06 -16.40 -46.06
N ALA A 47 1.72 -16.90 -47.13
CA ALA A 47 1.04 -17.50 -48.29
C ALA A 47 0.42 -18.84 -47.90
N LYS A 48 1.23 -19.73 -47.29
CA LYS A 48 0.76 -21.09 -46.87
C LYS A 48 -0.40 -21.04 -45.89
N LYS A 49 -0.44 -19.99 -45.04
CA LYS A 49 -1.52 -19.79 -44.06
C LYS A 49 -2.90 -19.69 -44.77
N VAL A 50 -2.90 -19.07 -45.97
CA VAL A 50 -4.13 -18.88 -46.80
C VAL A 50 -4.10 -19.82 -48.04
N ARG A 51 -2.99 -20.58 -48.20
CA ARG A 51 -2.71 -21.49 -49.34
C ARG A 51 -2.56 -20.74 -50.69
N ILE A 52 -2.07 -19.47 -50.61
CA ILE A 52 -1.72 -18.63 -51.78
C ILE A 52 -0.50 -19.23 -52.54
N ASP A 53 0.34 -19.97 -51.79
CA ASP A 53 1.53 -20.67 -52.33
C ASP A 53 1.15 -21.76 -53.36
N GLY A 54 -0.07 -22.31 -53.22
CA GLY A 54 -0.61 -23.28 -54.16
C GLY A 54 -0.87 -22.70 -55.55
N PHE A 55 -1.13 -21.38 -55.60
CA PHE A 55 -1.34 -20.63 -56.87
C PHE A 55 0.00 -20.28 -57.53
N ARG A 56 1.10 -20.33 -56.75
CA ARG A 56 2.45 -20.09 -57.27
C ARG A 56 2.84 -21.21 -58.26
N LYS A 57 2.74 -20.87 -59.56
CA LYS A 57 3.09 -21.77 -60.67
C LYS A 57 4.61 -21.88 -60.84
N GLY A 58 5.34 -20.85 -60.35
CA GLY A 58 6.80 -20.77 -60.48
C GLY A 58 7.24 -19.95 -61.68
N LYS A 59 6.26 -19.59 -62.56
CA LYS A 59 6.50 -18.79 -63.76
C LYS A 59 6.87 -17.34 -63.39
N VAL A 60 6.06 -16.76 -62.48
CA VAL A 60 6.35 -15.44 -61.90
C VAL A 60 7.48 -15.59 -60.84
N PRO A 61 8.67 -14.94 -61.06
CA PRO A 61 9.78 -14.93 -60.07
C PRO A 61 9.35 -14.48 -58.66
N MET A 62 9.90 -15.15 -57.63
CA MET A 62 9.60 -14.89 -56.22
C MET A 62 10.19 -13.52 -55.78
N ASN A 63 11.24 -13.08 -56.50
CA ASN A 63 11.88 -11.77 -56.24
C ASN A 63 10.98 -10.60 -56.69
N ILE A 64 10.13 -10.86 -57.71
CA ILE A 64 9.13 -9.89 -58.19
C ILE A 64 8.04 -9.69 -57.13
N VAL A 65 7.44 -10.82 -56.67
CA VAL A 65 6.31 -10.79 -55.72
C VAL A 65 6.73 -10.29 -54.33
N ALA A 66 8.05 -10.34 -54.04
CA ALA A 66 8.62 -9.86 -52.75
C ALA A 66 8.45 -8.35 -52.58
N GLN A 67 8.59 -7.61 -53.69
CA GLN A 67 8.62 -6.14 -53.66
C GLN A 67 7.42 -5.51 -54.39
N ARG A 68 6.45 -6.35 -54.83
CA ARG A 68 5.26 -5.88 -55.61
C ARG A 68 3.96 -6.48 -55.03
N TYR A 69 3.73 -7.79 -55.27
CA TYR A 69 2.46 -8.47 -54.87
C TYR A 69 2.37 -8.67 -53.33
N GLY A 70 3.54 -8.71 -52.69
CA GLY A 70 3.66 -8.84 -51.24
C GLY A 70 4.35 -7.62 -50.62
N ALA A 71 4.14 -6.44 -51.25
CA ALA A 71 4.71 -5.15 -50.80
C ALA A 71 4.10 -4.67 -49.47
N SER A 72 2.90 -5.18 -49.15
CA SER A 72 2.17 -4.89 -47.89
C SER A 72 2.73 -5.73 -46.72
N VAL A 73 3.24 -6.94 -47.04
CA VAL A 73 3.80 -7.90 -46.04
C VAL A 73 5.17 -7.40 -45.52
N ARG A 74 5.81 -6.49 -46.30
CA ARG A 74 7.11 -5.87 -45.94
C ARG A 74 7.02 -5.08 -44.62
N GLN A 75 5.79 -4.64 -44.28
CA GLN A 75 5.46 -3.94 -43.03
C GLN A 75 5.65 -4.87 -41.81
N ASP A 76 5.20 -6.13 -41.97
CA ASP A 76 5.32 -7.17 -40.94
C ASP A 76 6.78 -7.59 -40.74
N VAL A 77 7.54 -7.57 -41.86
CA VAL A 77 8.98 -7.83 -41.88
C VAL A 77 9.73 -6.78 -41.03
N LEU A 78 9.28 -5.50 -41.12
CA LEU A 78 9.81 -4.40 -40.30
C LEU A 78 9.63 -4.70 -38.80
N GLY A 79 8.49 -5.32 -38.44
CA GLY A 79 8.22 -5.78 -37.06
C GLY A 79 9.29 -6.74 -36.54
N ASP A 80 9.72 -7.67 -37.41
CA ASP A 80 10.81 -8.63 -37.15
C ASP A 80 12.16 -7.89 -37.02
N LEU A 81 12.39 -6.92 -37.92
CA LEU A 81 13.66 -6.16 -38.00
C LEU A 81 13.91 -5.35 -36.73
N MET A 82 12.90 -4.55 -36.33
CA MET A 82 13.00 -3.59 -35.23
C MET A 82 13.04 -4.28 -33.86
N SER A 83 12.31 -5.41 -33.73
CA SER A 83 12.14 -6.10 -32.44
C SER A 83 13.00 -7.37 -32.34
N ARG A 84 12.81 -8.32 -33.28
CA ARG A 84 13.43 -9.66 -33.20
C ARG A 84 14.95 -9.56 -33.45
N ASN A 85 15.37 -8.87 -34.52
CA ASN A 85 16.81 -8.66 -34.82
C ASN A 85 17.48 -7.77 -33.74
N PHE A 86 16.67 -6.98 -33.00
CA PHE A 86 17.14 -6.16 -31.88
C PHE A 86 17.57 -7.02 -30.67
N ILE A 87 16.75 -8.03 -30.30
CA ILE A 87 17.08 -8.92 -29.16
C ILE A 87 18.34 -9.77 -29.50
N ASP A 88 18.45 -10.22 -30.76
CA ASP A 88 19.67 -10.91 -31.25
C ASP A 88 20.91 -10.01 -31.15
N ALA A 89 20.71 -8.71 -31.41
CA ALA A 89 21.77 -7.70 -31.33
C ALA A 89 22.26 -7.49 -29.88
N ILE A 90 21.32 -7.35 -28.93
CA ILE A 90 21.67 -7.00 -27.52
C ILE A 90 22.26 -8.20 -26.74
N ILE A 91 21.94 -9.44 -27.17
CA ILE A 91 22.51 -10.68 -26.57
C ILE A 91 24.04 -10.71 -26.78
N LYS A 92 24.47 -10.52 -28.05
CA LYS A 92 25.90 -10.54 -28.43
C LYS A 92 26.65 -9.30 -27.87
N GLU A 93 25.96 -8.13 -27.88
CA GLU A 93 26.53 -6.84 -27.40
C GLU A 93 26.47 -6.73 -25.87
N LYS A 94 25.83 -7.72 -25.20
CA LYS A 94 25.77 -7.85 -23.73
C LYS A 94 25.04 -6.65 -23.08
N ILE A 95 24.07 -6.12 -23.83
CA ILE A 95 23.22 -5.01 -23.38
C ILE A 95 21.92 -5.59 -22.78
N ASN A 96 21.70 -5.36 -21.49
CA ASN A 96 20.48 -5.79 -20.77
C ASN A 96 19.53 -4.59 -20.64
N PRO A 97 18.41 -4.54 -21.42
CA PRO A 97 17.48 -3.39 -21.43
C PRO A 97 16.59 -3.31 -20.18
N ALA A 98 16.03 -2.11 -19.94
CA ALA A 98 15.21 -1.80 -18.76
C ALA A 98 13.99 -0.98 -19.20
N GLY A 99 12.82 -1.31 -18.64
CA GLY A 99 11.57 -0.63 -18.99
C GLY A 99 11.01 -1.12 -20.31
N ALA A 100 11.40 -0.48 -21.43
CA ALA A 100 10.90 -0.79 -22.77
C ALA A 100 11.72 -0.06 -23.87
N PRO A 101 12.01 -0.72 -25.04
CA PRO A 101 12.74 -0.09 -26.17
C PRO A 101 11.83 0.76 -27.10
N THR A 102 12.30 1.97 -27.43
CA THR A 102 11.60 2.90 -28.32
C THR A 102 12.13 2.74 -29.75
N TYR A 103 11.37 2.06 -30.62
CA TYR A 103 11.76 1.86 -32.02
C TYR A 103 11.44 3.13 -32.82
N VAL A 104 12.36 4.11 -32.76
CA VAL A 104 12.27 5.34 -33.57
C VAL A 104 12.57 4.94 -35.04
N PRO A 105 11.56 4.99 -35.97
CA PRO A 105 11.74 4.53 -37.37
C PRO A 105 12.56 5.53 -38.21
N GLY A 106 12.66 5.23 -39.51
CA GLY A 106 13.35 6.10 -40.45
C GLY A 106 12.83 5.90 -41.86
N GLU A 107 13.54 6.46 -42.83
CA GLU A 107 13.22 6.28 -44.25
C GLU A 107 13.76 4.93 -44.75
N TYR A 108 12.86 4.13 -45.36
CA TYR A 108 13.24 2.90 -46.06
C TYR A 108 12.86 3.06 -47.53
N LYS A 109 13.86 3.41 -48.34
CA LYS A 109 13.73 3.48 -49.79
C LYS A 109 13.90 2.05 -50.36
N LEU A 110 13.08 1.70 -51.35
CA LEU A 110 13.14 0.40 -52.01
C LEU A 110 14.51 0.23 -52.73
N GLY A 111 15.40 -0.59 -52.16
CA GLY A 111 16.76 -0.80 -52.70
C GLY A 111 17.85 -0.15 -51.86
N GLU A 112 17.46 0.71 -50.89
CA GLU A 112 18.40 1.42 -49.99
C GLU A 112 18.15 1.04 -48.51
N ASP A 113 19.20 1.23 -47.68
CA ASP A 113 19.29 0.66 -46.30
C ASP A 113 18.35 1.38 -45.31
N PHE A 114 17.68 0.59 -44.44
CA PHE A 114 16.75 1.13 -43.42
C PHE A 114 17.52 1.40 -42.11
N THR A 115 17.82 2.68 -41.88
CA THR A 115 18.36 3.17 -40.62
C THR A 115 17.18 3.51 -39.67
N TYR A 116 17.28 3.04 -38.42
CA TYR A 116 16.31 3.34 -37.36
C TYR A 116 17.04 3.25 -36.01
N SER A 117 16.61 4.06 -35.04
CA SER A 117 17.31 4.22 -33.75
C SER A 117 16.44 3.69 -32.60
N VAL A 118 16.83 2.55 -32.03
CA VAL A 118 16.14 1.98 -30.85
C VAL A 118 16.72 2.64 -29.58
N GLU A 119 15.99 3.63 -29.05
CA GLU A 119 16.36 4.35 -27.81
C GLU A 119 15.70 3.69 -26.59
N PHE A 120 16.51 3.18 -25.68
CA PHE A 120 16.05 2.51 -24.46
C PHE A 120 17.07 2.76 -23.35
N GLU A 121 16.78 2.27 -22.14
CA GLU A 121 17.71 2.33 -21.00
C GLU A 121 18.14 0.92 -20.61
N VAL A 122 19.22 0.82 -19.84
CA VAL A 122 19.79 -0.47 -19.41
C VAL A 122 19.72 -0.58 -17.88
N TYR A 123 19.85 -1.82 -17.37
CA TYR A 123 20.07 -2.07 -15.93
C TYR A 123 21.56 -1.83 -15.61
N PRO A 124 21.89 -0.84 -14.73
CA PRO A 124 23.28 -0.62 -14.28
C PRO A 124 23.66 -1.55 -13.10
N GLU A 125 24.97 -1.76 -12.91
CA GLU A 125 25.51 -2.51 -11.76
C GLU A 125 25.39 -1.63 -10.51
N VAL A 126 24.72 -2.14 -9.48
CA VAL A 126 24.28 -1.32 -8.34
C VAL A 126 25.33 -1.32 -7.22
N GLU A 127 25.57 -0.13 -6.67
CA GLU A 127 26.53 0.07 -5.60
C GLU A 127 25.89 -0.22 -4.24
N LEU A 128 26.62 -0.98 -3.40
CA LEU A 128 26.21 -1.30 -2.02
C LEU A 128 27.30 -0.76 -1.07
N GLN A 129 26.89 0.01 -0.06
CA GLN A 129 27.82 0.67 0.87
C GLN A 129 27.13 0.98 2.21
N GLY A 130 27.91 0.88 3.30
CA GLY A 130 27.45 1.24 4.65
C GLY A 130 26.38 0.32 5.22
N LEU A 131 26.15 -0.84 4.56
CA LEU A 131 25.10 -1.80 4.92
C LEU A 131 25.31 -2.34 6.35
N GLU A 132 26.58 -2.53 6.73
CA GLU A 132 26.99 -3.01 8.06
C GLU A 132 26.84 -1.91 9.14
N ALA A 133 26.78 -0.64 8.70
CA ALA A 133 26.66 0.52 9.61
C ALA A 133 25.18 0.87 9.90
N ILE A 134 24.27 0.38 9.04
CA ILE A 134 22.81 0.62 9.18
C ILE A 134 22.27 -0.07 10.46
N GLU A 135 21.71 0.73 11.37
CA GLU A 135 21.15 0.24 12.64
C GLU A 135 19.62 0.21 12.54
N VAL A 136 19.06 -1.02 12.56
CA VAL A 136 17.62 -1.25 12.41
C VAL A 136 17.05 -1.79 13.73
N GLU A 137 16.03 -1.11 14.27
CA GLU A 137 15.40 -1.50 15.54
C GLU A 137 14.60 -2.80 15.38
N LYS A 138 14.77 -3.71 16.35
CA LYS A 138 14.03 -4.96 16.45
C LYS A 138 13.19 -4.92 17.74
N PRO A 139 11.90 -4.44 17.66
CA PRO A 139 11.02 -4.39 18.82
C PRO A 139 10.42 -5.77 19.15
N ILE A 140 11.08 -6.50 20.08
CA ILE A 140 10.56 -7.73 20.69
C ILE A 140 9.36 -7.38 21.58
N VAL A 141 8.19 -7.32 20.95
CA VAL A 141 6.96 -6.95 21.60
C VAL A 141 6.39 -8.15 22.37
N GLU A 142 6.47 -8.07 23.70
CA GLU A 142 5.83 -9.02 24.61
C GLU A 142 4.44 -8.48 24.98
N VAL A 143 3.40 -9.20 24.52
CA VAL A 143 1.99 -8.85 24.79
C VAL A 143 1.58 -9.50 26.13
N THR A 144 1.99 -8.86 27.24
CA THR A 144 1.73 -9.36 28.61
C THR A 144 0.23 -9.33 28.93
N ASP A 145 -0.14 -9.85 30.11
CA ASP A 145 -1.54 -9.79 30.61
C ASP A 145 -2.07 -8.35 30.64
N ALA A 146 -1.17 -7.37 30.89
CA ALA A 146 -1.51 -5.95 30.91
C ALA A 146 -1.94 -5.45 29.51
N ASP A 147 -1.23 -5.94 28.46
CA ASP A 147 -1.54 -5.58 27.05
C ASP A 147 -2.82 -6.28 26.58
N VAL A 148 -3.01 -7.54 27.01
CA VAL A 148 -4.22 -8.34 26.70
C VAL A 148 -5.45 -7.70 27.35
N ASP A 149 -5.34 -7.37 28.66
CA ASP A 149 -6.40 -6.67 29.43
C ASP A 149 -6.61 -5.26 28.90
N GLY A 150 -5.54 -4.66 28.35
CA GLY A 150 -5.63 -3.38 27.66
C GLY A 150 -6.57 -3.44 26.45
N MET A 151 -6.35 -4.48 25.60
CA MET A 151 -7.17 -4.75 24.41
C MET A 151 -8.64 -5.05 24.80
N LEU A 152 -8.82 -5.95 25.79
CA LEU A 152 -10.14 -6.40 26.28
C LEU A 152 -10.95 -5.22 26.87
N ASP A 153 -10.24 -4.36 27.63
CA ASP A 153 -10.82 -3.15 28.24
C ASP A 153 -11.23 -2.14 27.17
N THR A 154 -10.38 -1.99 26.13
CA THR A 154 -10.66 -1.11 24.98
C THR A 154 -11.94 -1.59 24.24
N LEU A 155 -12.11 -2.93 24.11
CA LEU A 155 -13.34 -3.55 23.56
C LEU A 155 -14.54 -3.13 24.39
N ARG A 156 -14.39 -3.31 25.71
CA ARG A 156 -15.46 -3.01 26.69
C ARG A 156 -15.75 -1.50 26.76
N LYS A 157 -14.80 -0.65 26.36
CA LYS A 157 -14.99 0.81 26.30
C LYS A 157 -15.72 1.25 24.99
N GLN A 158 -15.35 0.64 23.85
CA GLN A 158 -15.93 0.99 22.52
C GLN A 158 -17.34 0.40 22.36
N GLN A 159 -17.55 -0.80 22.93
CA GLN A 159 -18.84 -1.54 22.85
C GLN A 159 -19.68 -1.30 24.11
N ALA A 160 -19.36 -0.21 24.84
CA ALA A 160 -20.06 0.18 26.07
C ALA A 160 -21.38 0.93 25.75
N THR A 161 -22.19 1.15 26.79
CA THR A 161 -23.49 1.79 26.70
C THR A 161 -23.47 3.08 27.54
N TRP A 162 -23.84 4.21 26.92
CA TRP A 162 -23.81 5.53 27.58
C TRP A 162 -25.01 5.67 28.52
N LYS A 163 -24.73 5.44 29.81
CA LYS A 163 -25.70 5.48 30.90
C LYS A 163 -25.61 6.84 31.61
N GLU A 164 -26.73 7.59 31.58
CA GLU A 164 -26.88 8.86 32.33
C GLU A 164 -26.67 8.60 33.83
N LYS A 165 -25.59 9.15 34.37
CA LYS A 165 -25.18 8.96 35.76
C LYS A 165 -25.04 10.31 36.47
N ASP A 166 -24.71 10.26 37.76
CA ASP A 166 -24.60 11.44 38.64
C ASP A 166 -23.54 11.18 39.73
N GLY A 167 -22.86 12.24 40.19
CA GLY A 167 -21.88 12.14 41.29
C GLY A 167 -20.49 12.63 40.92
N ALA A 168 -19.92 12.15 39.79
CA ALA A 168 -18.58 12.59 39.31
C ALA A 168 -18.41 12.41 37.80
N VAL A 169 -17.60 13.29 37.18
CA VAL A 169 -17.13 13.14 35.79
C VAL A 169 -15.85 12.29 35.80
N GLU A 170 -15.85 11.13 35.12
CA GLU A 170 -14.63 10.33 34.91
C GLU A 170 -13.89 10.80 33.65
N ALA A 171 -12.77 10.14 33.32
CA ALA A 171 -11.78 10.65 32.35
C ALA A 171 -12.13 10.33 30.89
N GLU A 172 -12.95 9.29 30.69
CA GLU A 172 -13.18 8.69 29.36
C GLU A 172 -14.65 8.82 28.92
N ASP A 173 -15.52 9.37 29.78
CA ASP A 173 -16.98 9.32 29.58
C ASP A 173 -17.49 10.38 28.60
N ARG A 174 -18.79 10.32 28.31
CA ARG A 174 -19.51 11.42 27.66
C ARG A 174 -20.03 12.34 28.76
N VAL A 175 -20.04 13.66 28.49
CA VAL A 175 -20.57 14.68 29.42
C VAL A 175 -21.39 15.70 28.63
N THR A 176 -22.70 15.72 28.86
CA THR A 176 -23.61 16.68 28.23
C THR A 176 -23.48 18.06 28.92
N ILE A 177 -23.11 19.08 28.11
CA ILE A 177 -23.02 20.47 28.55
C ILE A 177 -23.86 21.36 27.62
N ASP A 178 -24.14 22.60 28.04
CA ASP A 178 -24.33 23.73 27.10
C ASP A 178 -23.14 24.65 27.36
N PHE A 179 -22.14 24.69 26.46
CA PHE A 179 -20.94 25.50 26.71
C PHE A 179 -21.03 26.76 25.85
N THR A 180 -21.10 27.92 26.52
CA THR A 180 -21.41 29.21 25.88
C THR A 180 -20.31 30.23 26.20
N GLY A 181 -19.38 30.45 25.26
CA GLY A 181 -18.29 31.39 25.46
C GLY A 181 -17.72 31.91 24.16
N SER A 182 -17.27 33.18 24.20
CA SER A 182 -16.64 33.84 23.07
C SER A 182 -15.13 33.56 23.10
N VAL A 183 -14.51 33.55 21.91
CA VAL A 183 -13.06 33.43 21.75
C VAL A 183 -12.48 34.85 21.70
N ASP A 184 -11.66 35.19 22.73
CA ASP A 184 -10.94 36.48 22.89
C ASP A 184 -11.85 37.74 22.82
N GLY A 185 -13.18 37.55 22.97
CA GLY A 185 -14.15 38.65 22.93
C GLY A 185 -15.18 38.53 21.82
N GLU A 186 -14.82 37.84 20.72
CA GLU A 186 -15.73 37.65 19.57
C GLU A 186 -16.33 36.24 19.58
N GLU A 187 -17.63 36.15 19.23
CA GLU A 187 -18.35 34.86 19.14
C GLU A 187 -18.07 34.18 17.79
N PHE A 188 -18.01 32.85 17.83
CA PHE A 188 -17.79 31.99 16.65
C PHE A 188 -18.75 30.78 16.77
N GLU A 189 -18.91 30.00 15.67
CA GLU A 189 -19.73 28.77 15.71
C GLU A 189 -19.04 27.73 16.61
N GLY A 190 -19.85 26.90 17.29
CA GLY A 190 -19.31 25.87 18.15
C GLY A 190 -19.04 26.37 19.57
N GLY A 191 -18.41 27.58 19.69
CA GLY A 191 -18.10 28.21 20.98
C GLY A 191 -19.34 28.37 21.87
N LYS A 192 -20.49 28.52 21.22
CA LYS A 192 -21.80 28.37 21.82
C LYS A 192 -22.48 27.12 21.23
N ALA A 193 -22.63 26.06 22.05
CA ALA A 193 -23.23 24.79 21.61
C ALA A 193 -24.00 24.14 22.76
N SER A 194 -25.29 23.83 22.52
CA SER A 194 -26.20 23.19 23.48
C SER A 194 -26.17 21.67 23.28
N ASP A 195 -26.22 20.92 24.40
CA ASP A 195 -26.16 19.44 24.43
C ASP A 195 -24.90 18.91 23.74
N PHE A 196 -23.78 19.55 24.09
CA PHE A 196 -22.44 19.10 23.69
C PHE A 196 -22.04 17.93 24.59
N VAL A 197 -22.26 16.72 24.08
CA VAL A 197 -22.07 15.47 24.86
C VAL A 197 -20.64 14.95 24.61
N LEU A 198 -19.65 15.58 25.28
CA LEU A 198 -18.21 15.36 25.02
C LEU A 198 -17.75 13.95 25.44
N ALA A 199 -17.47 13.08 24.45
CA ALA A 199 -16.77 11.81 24.69
C ALA A 199 -15.27 12.12 24.88
N MET A 200 -14.90 12.39 26.14
CA MET A 200 -13.51 12.72 26.55
C MET A 200 -12.66 11.43 26.67
N GLY A 201 -11.38 11.60 27.08
CA GLY A 201 -10.41 10.49 27.12
C GLY A 201 -9.85 10.16 25.75
N GLN A 202 -10.17 11.02 24.77
CA GLN A 202 -9.68 10.93 23.39
C GLN A 202 -9.01 12.25 23.03
N GLY A 203 -7.87 12.19 22.33
CA GLY A 203 -7.09 13.38 21.95
C GLY A 203 -7.58 14.05 20.68
N ARG A 204 -8.90 14.32 20.64
CA ARG A 204 -9.59 14.95 19.50
C ARG A 204 -9.99 16.39 19.87
N MET A 205 -10.20 16.60 21.18
CA MET A 205 -10.60 17.90 21.77
C MET A 205 -9.35 18.67 22.26
N ILE A 206 -9.52 19.99 22.53
CA ILE A 206 -8.50 20.86 23.17
C ILE A 206 -7.94 20.18 24.45
N PRO A 207 -6.58 19.98 24.53
CA PRO A 207 -5.92 19.52 25.77
C PRO A 207 -6.12 20.56 26.90
N GLY A 208 -6.97 20.21 27.88
CA GLY A 208 -7.35 21.13 28.96
C GLY A 208 -8.85 21.39 29.04
N PHE A 209 -9.54 21.34 27.87
CA PHE A 209 -11.01 21.50 27.81
C PHE A 209 -11.70 20.41 28.64
N GLU A 210 -11.40 19.14 28.31
CA GLU A 210 -12.00 17.99 29.00
C GLU A 210 -11.59 17.94 30.48
N ASP A 211 -10.33 18.32 30.76
CA ASP A 211 -9.76 18.25 32.12
C ASP A 211 -10.42 19.27 33.06
N GLY A 212 -10.82 20.42 32.48
CA GLY A 212 -11.59 21.44 33.19
C GLY A 212 -12.93 20.93 33.70
N ILE A 213 -13.52 20.00 32.92
CA ILE A 213 -14.79 19.33 33.23
C ILE A 213 -14.59 18.21 34.29
N LYS A 214 -13.47 17.48 34.16
CA LYS A 214 -13.11 16.33 35.02
C LYS A 214 -12.78 16.74 36.47
N GLY A 215 -12.52 18.04 36.68
CA GLY A 215 -12.38 18.62 38.02
C GLY A 215 -13.73 18.95 38.68
N HIS A 216 -14.83 18.57 38.01
CA HIS A 216 -16.22 18.80 38.47
C HIS A 216 -17.04 17.50 38.36
N LYS A 217 -18.33 17.53 38.80
CA LYS A 217 -19.06 16.30 39.13
C LYS A 217 -20.22 15.95 38.16
N ALA A 218 -21.27 16.77 38.11
CA ALA A 218 -22.48 16.43 37.30
C ALA A 218 -23.19 17.66 36.72
N GLY A 219 -23.69 18.54 37.60
CA GLY A 219 -24.62 19.60 37.20
C GLY A 219 -24.32 20.98 37.77
N GLU A 220 -23.04 21.38 37.73
CA GLU A 220 -22.58 22.66 38.31
C GLU A 220 -22.04 23.60 37.23
N GLU A 221 -22.44 24.88 37.28
CA GLU A 221 -21.97 25.91 36.34
C GLU A 221 -20.54 26.38 36.70
N PHE A 222 -19.70 26.54 35.68
CA PHE A 222 -18.35 27.10 35.81
C PHE A 222 -17.88 27.64 34.45
N THR A 223 -16.62 28.09 34.41
CA THR A 223 -15.97 28.60 33.18
C THR A 223 -14.54 28.07 33.10
N ILE A 224 -14.14 27.57 31.92
CA ILE A 224 -12.77 27.11 31.66
C ILE A 224 -12.14 27.96 30.55
N ASP A 225 -10.90 28.40 30.80
CA ASP A 225 -10.09 29.17 29.84
C ASP A 225 -9.19 28.20 29.08
N VAL A 226 -9.30 28.18 27.74
CA VAL A 226 -8.52 27.28 26.86
C VAL A 226 -7.54 28.07 25.98
N THR A 227 -6.26 27.69 26.01
CA THR A 227 -5.25 28.18 25.08
C THR A 227 -5.28 27.26 23.85
N PHE A 228 -5.87 27.75 22.76
CA PHE A 228 -5.84 27.07 21.46
C PHE A 228 -4.38 26.85 20.96
N PRO A 229 -4.11 25.72 20.24
CA PRO A 229 -2.76 25.40 19.75
C PRO A 229 -2.42 26.16 18.45
N GLU A 230 -1.11 26.38 18.22
CA GLU A 230 -0.59 26.92 16.93
C GLU A 230 -0.73 25.87 15.80
N GLU A 231 -1.00 24.62 16.21
CA GLU A 231 -1.15 23.46 15.32
C GLU A 231 -2.44 23.54 14.52
N TYR A 232 -3.47 24.11 15.17
CA TYR A 232 -4.83 24.18 14.67
C TYR A 232 -4.92 25.09 13.41
N HIS A 233 -5.62 24.61 12.38
CA HIS A 233 -5.58 25.20 11.02
C HIS A 233 -6.52 26.44 10.85
N ALA A 234 -6.72 27.22 11.93
CA ALA A 234 -7.48 28.49 11.87
C ALA A 234 -6.67 29.60 12.54
N GLU A 235 -6.40 30.67 11.77
CA GLU A 235 -5.62 31.83 12.23
C GLU A 235 -6.39 32.63 13.30
N ASN A 236 -7.74 32.52 13.29
CA ASN A 236 -8.62 33.26 14.20
C ASN A 236 -8.40 32.82 15.66
N LEU A 237 -8.30 31.50 15.87
CA LEU A 237 -8.35 30.90 17.20
C LEU A 237 -6.94 30.52 17.71
N LYS A 238 -5.99 30.23 16.80
CA LYS A 238 -4.65 29.67 17.19
C LYS A 238 -3.93 30.60 18.20
N GLY A 239 -3.64 30.04 19.40
CA GLY A 239 -2.96 30.79 20.47
C GLY A 239 -3.83 31.81 21.18
N LYS A 240 -5.17 31.71 21.02
CA LYS A 240 -6.12 32.57 21.75
C LYS A 240 -6.56 31.88 23.05
N ALA A 241 -7.18 32.65 23.95
CA ALA A 241 -7.75 32.15 25.20
C ALA A 241 -9.26 32.42 25.20
N ALA A 242 -10.05 31.35 25.05
CA ALA A 242 -11.52 31.42 25.06
C ALA A 242 -12.07 31.03 26.43
N LYS A 243 -13.09 31.76 26.88
CA LYS A 243 -13.72 31.54 28.19
C LYS A 243 -15.11 30.96 27.96
N PHE A 244 -15.20 29.62 28.01
CA PHE A 244 -16.46 28.90 27.77
C PHE A 244 -17.21 28.69 29.09
N ALA A 245 -18.43 29.27 29.19
CA ALA A 245 -19.30 29.10 30.36
C ALA A 245 -19.95 27.72 30.28
N ILE A 246 -19.31 26.75 30.95
CA ILE A 246 -19.74 25.36 30.97
C ILE A 246 -21.00 25.22 31.84
N ASN A 247 -22.15 25.00 31.20
CA ASN A 247 -23.40 24.70 31.92
C ASN A 247 -23.47 23.17 32.00
N LEU A 248 -22.70 22.62 32.96
CA LEU A 248 -22.55 21.18 33.15
C LEU A 248 -23.93 20.58 33.46
N LYS A 249 -24.43 19.70 32.57
CA LYS A 249 -25.78 19.12 32.69
C LYS A 249 -25.71 17.73 33.33
N LYS A 250 -25.14 16.79 32.56
CA LYS A 250 -25.16 15.34 32.88
C LYS A 250 -23.84 14.69 32.49
N VAL A 251 -23.62 13.45 32.96
CA VAL A 251 -22.45 12.62 32.62
C VAL A 251 -22.93 11.24 32.21
N GLU A 252 -22.62 10.84 30.99
CA GLU A 252 -22.97 9.51 30.49
C GLU A 252 -21.74 8.60 30.60
N GLU A 253 -21.78 7.69 31.57
CA GLU A 253 -20.75 6.67 31.77
C GLU A 253 -20.73 5.69 30.61
N ARG A 254 -19.54 5.30 30.15
CA ARG A 254 -19.40 4.18 29.21
C ARG A 254 -19.48 2.87 30.01
N GLU A 255 -20.73 2.51 30.39
CA GLU A 255 -21.01 1.28 31.14
C GLU A 255 -20.70 0.06 30.28
N LEU A 256 -19.65 -0.67 30.69
CA LEU A 256 -19.06 -1.78 29.93
C LEU A 256 -20.12 -2.89 29.63
N PRO A 257 -20.05 -3.57 28.43
CA PRO A 257 -21.06 -4.56 27.99
C PRO A 257 -21.03 -5.88 28.80
N GLU A 258 -21.74 -6.89 28.31
CA GLU A 258 -21.85 -8.20 28.94
C GLU A 258 -20.52 -8.98 28.88
N LEU A 259 -20.49 -10.09 29.60
CA LEU A 259 -19.44 -11.12 29.54
C LEU A 259 -20.12 -12.51 29.32
N THR A 260 -21.43 -12.45 28.98
CA THR A 260 -22.27 -13.64 28.75
C THR A 260 -21.81 -14.39 27.49
N ALA A 261 -22.08 -15.72 27.45
CA ALA A 261 -21.66 -16.62 26.36
C ALA A 261 -22.05 -16.09 24.97
N GLU A 262 -23.29 -15.55 24.87
CA GLU A 262 -23.85 -15.01 23.60
C GLU A 262 -23.08 -13.75 23.11
N PHE A 263 -22.39 -13.07 24.04
CA PHE A 263 -21.54 -11.91 23.71
C PHE A 263 -20.14 -12.38 23.30
N ILE A 264 -19.47 -13.14 24.19
CA ILE A 264 -18.05 -13.53 24.04
C ILE A 264 -17.86 -14.55 22.88
N LYS A 265 -18.94 -15.24 22.45
CA LYS A 265 -18.88 -16.18 21.30
C LYS A 265 -18.77 -15.41 19.96
N ARG A 266 -19.08 -14.08 19.98
CA ARG A 266 -18.86 -13.19 18.81
C ARG A 266 -17.36 -13.18 18.43
N PHE A 267 -16.51 -13.39 19.45
CA PHE A 267 -15.04 -13.44 19.32
C PHE A 267 -14.55 -14.88 19.02
N GLY A 268 -15.48 -15.77 18.61
CA GLY A 268 -15.12 -17.13 18.17
C GLY A 268 -15.11 -18.15 19.31
N VAL A 269 -15.14 -17.67 20.58
CA VAL A 269 -15.16 -18.55 21.78
C VAL A 269 -16.58 -19.06 22.00
N GLU A 270 -16.93 -20.11 21.22
CA GLU A 270 -18.31 -20.58 21.03
C GLU A 270 -18.97 -20.99 22.37
N ASP A 271 -18.18 -21.60 23.26
CA ASP A 271 -18.61 -21.96 24.61
C ASP A 271 -18.82 -20.68 25.48
N GLY A 272 -17.71 -19.96 25.81
CA GLY A 272 -17.80 -18.72 26.59
C GLY A 272 -16.70 -18.53 27.63
N SER A 273 -15.63 -19.35 27.56
CA SER A 273 -14.51 -19.33 28.54
C SER A 273 -13.65 -18.06 28.35
N VAL A 274 -13.54 -17.22 29.41
CA VAL A 274 -12.76 -15.96 29.39
C VAL A 274 -11.27 -16.25 29.07
N GLU A 275 -10.69 -17.21 29.81
CA GLU A 275 -9.32 -17.68 29.57
C GLU A 275 -9.18 -18.36 28.18
N GLY A 276 -10.33 -18.75 27.59
CA GLY A 276 -10.36 -19.27 26.22
C GLY A 276 -10.29 -18.14 25.19
N LEU A 277 -10.84 -16.96 25.59
CA LEU A 277 -10.77 -15.74 24.77
C LEU A 277 -9.34 -15.24 24.75
N ARG A 278 -8.72 -15.19 25.94
CA ARG A 278 -7.34 -14.74 26.10
C ARG A 278 -6.37 -15.69 25.35
N ALA A 279 -6.68 -17.00 25.38
CA ALA A 279 -5.92 -18.03 24.63
C ALA A 279 -5.98 -17.76 23.12
N GLU A 280 -7.22 -17.53 22.61
CA GLU A 280 -7.48 -17.27 21.18
C GLU A 280 -6.73 -15.99 20.72
N VAL A 281 -6.88 -14.93 21.53
CA VAL A 281 -6.24 -13.63 21.31
C VAL A 281 -4.72 -13.81 21.23
N ARG A 282 -4.13 -14.57 22.18
CA ARG A 282 -2.66 -14.73 22.28
C ARG A 282 -2.08 -15.50 21.07
N LYS A 283 -2.67 -16.67 20.74
CA LYS A 283 -2.17 -17.53 19.63
C LYS A 283 -2.26 -16.81 18.28
N ASN A 284 -3.33 -16.01 18.10
CA ASN A 284 -3.49 -15.20 16.89
C ASN A 284 -2.65 -13.90 16.98
N MET A 285 -2.38 -13.43 18.23
CA MET A 285 -1.63 -12.17 18.45
C MET A 285 -0.22 -12.35 17.92
N GLU A 286 0.48 -13.40 18.38
CA GLU A 286 1.89 -13.65 18.01
C GLU A 286 2.07 -13.83 16.47
N ARG A 287 0.99 -14.28 15.79
CA ARG A 287 0.94 -14.39 14.32
C ARG A 287 0.87 -12.99 13.67
N GLU A 288 -0.14 -12.20 14.10
CA GLU A 288 -0.36 -10.81 13.60
C GLU A 288 0.82 -9.88 14.03
N LEU A 289 1.43 -10.25 15.15
CA LEU A 289 2.48 -9.49 15.82
C LEU A 289 3.80 -9.72 15.09
N LYS A 290 4.05 -10.99 14.71
CA LYS A 290 5.21 -11.35 13.88
C LYS A 290 5.17 -10.54 12.58
N SER A 291 3.97 -10.45 11.98
CA SER A 291 3.71 -9.67 10.75
C SER A 291 3.97 -8.16 10.95
N ALA A 292 3.49 -7.63 12.09
CA ALA A 292 3.66 -6.21 12.47
C ALA A 292 5.16 -5.85 12.59
N ILE A 293 5.87 -6.64 13.40
CA ILE A 293 7.33 -6.49 13.64
C ILE A 293 8.12 -6.79 12.35
N ARG A 294 7.57 -7.65 11.48
CA ARG A 294 8.22 -8.04 10.21
C ARG A 294 8.30 -6.82 9.28
N ASN A 295 7.12 -6.19 9.08
CA ASN A 295 6.98 -4.99 8.22
C ASN A 295 7.61 -3.75 8.87
N ARG A 296 7.68 -3.76 10.22
CA ARG A 296 8.33 -2.69 11.00
C ARG A 296 9.85 -2.69 10.74
N VAL A 297 10.50 -3.82 11.07
CA VAL A 297 11.96 -4.01 10.87
C VAL A 297 12.31 -3.86 9.37
N LYS A 298 11.41 -4.35 8.49
CA LYS A 298 11.57 -4.23 7.03
C LYS A 298 11.61 -2.75 6.61
N SER A 299 10.57 -1.98 7.03
CA SER A 299 10.41 -0.57 6.61
C SER A 299 11.57 0.31 7.10
N GLN A 300 12.05 0.02 8.33
CA GLN A 300 13.23 0.71 8.92
C GLN A 300 14.53 0.35 8.17
N ALA A 301 14.63 -0.93 7.75
CA ALA A 301 15.76 -1.41 6.93
C ALA A 301 15.78 -0.72 5.56
N ILE A 302 14.58 -0.56 4.95
CA ILE A 302 14.41 0.08 3.63
C ILE A 302 14.85 1.57 3.70
N GLU A 303 14.34 2.24 4.75
CA GLU A 303 14.63 3.65 5.07
C GLU A 303 16.15 3.87 5.22
N GLY A 304 16.77 3.02 6.07
CA GLY A 304 18.20 3.09 6.35
C GLY A 304 19.08 2.69 5.18
N LEU A 305 18.56 1.76 4.34
CA LEU A 305 19.27 1.23 3.16
C LEU A 305 19.45 2.35 2.15
N VAL A 306 18.33 2.98 1.77
CA VAL A 306 18.33 4.11 0.82
C VAL A 306 19.17 5.27 1.39
N LYS A 307 18.95 5.57 2.69
CA LYS A 307 19.65 6.63 3.45
C LYS A 307 21.18 6.51 3.31
N ALA A 308 21.68 5.27 3.48
CA ALA A 308 23.12 4.96 3.44
C ALA A 308 23.69 4.90 2.02
N ASN A 309 22.82 4.70 1.02
CA ASN A 309 23.24 4.31 -0.36
C ASN A 309 22.81 5.33 -1.41
N ASP A 310 23.35 5.13 -2.64
CA ASP A 310 23.01 5.90 -3.86
C ASP A 310 23.16 4.96 -5.08
N ILE A 311 22.41 5.25 -6.16
CA ILE A 311 22.45 4.46 -7.41
C ILE A 311 21.90 5.31 -8.59
N ASP A 312 22.51 5.14 -9.77
CA ASP A 312 21.98 5.65 -11.04
C ASP A 312 20.72 4.86 -11.41
N VAL A 313 19.56 5.53 -11.28
CA VAL A 313 18.25 4.91 -11.50
C VAL A 313 17.78 5.22 -12.95
N PRO A 314 17.48 4.17 -13.79
CA PRO A 314 16.85 4.37 -15.12
C PRO A 314 15.40 4.92 -14.99
N ALA A 315 15.10 5.98 -15.79
CA ALA A 315 13.83 6.74 -15.70
C ALA A 315 12.62 5.87 -16.05
N ALA A 316 12.82 4.87 -16.91
CA ALA A 316 11.77 3.95 -17.38
C ALA A 316 11.07 3.22 -16.21
N LEU A 317 11.88 2.71 -15.27
CA LEU A 317 11.39 1.99 -14.08
C LEU A 317 10.67 2.96 -13.11
N ILE A 318 11.20 4.21 -13.02
CA ILE A 318 10.59 5.29 -12.22
C ILE A 318 9.16 5.53 -12.71
N ASP A 319 9.04 5.72 -14.04
CA ASP A 319 7.75 5.99 -14.72
C ASP A 319 6.76 4.84 -14.56
N SER A 320 7.28 3.59 -14.52
CA SER A 320 6.47 2.41 -14.21
C SER A 320 5.81 2.53 -12.82
N GLU A 321 6.64 2.79 -11.78
CA GLU A 321 6.16 2.94 -10.38
C GLU A 321 5.21 4.15 -10.23
N ILE A 322 5.58 5.28 -10.90
CA ILE A 322 4.78 6.51 -10.95
C ILE A 322 3.38 6.20 -11.48
N ASP A 323 3.35 5.46 -12.62
CA ASP A 323 2.11 5.13 -13.33
C ASP A 323 1.18 4.28 -12.47
N VAL A 324 1.77 3.27 -11.77
CA VAL A 324 1.02 2.43 -10.80
C VAL A 324 0.37 3.32 -9.71
N LEU A 325 1.15 4.29 -9.20
CA LEU A 325 0.69 5.25 -8.18
C LEU A 325 -0.32 6.28 -8.74
N ARG A 326 -0.22 6.58 -10.05
CA ARG A 326 -1.14 7.51 -10.74
C ARG A 326 -2.51 6.85 -10.90
N ARG A 327 -2.51 5.55 -11.21
CA ARG A 327 -3.75 4.76 -11.35
C ARG A 327 -4.43 4.60 -9.97
N GLN A 328 -3.61 4.28 -8.96
CA GLN A 328 -4.04 4.18 -7.54
C GLN A 328 -4.70 5.49 -7.07
N ALA A 329 -4.04 6.63 -7.42
CA ALA A 329 -4.51 7.97 -7.05
C ALA A 329 -5.82 8.34 -7.75
N ALA A 330 -5.83 8.22 -9.10
CA ALA A 330 -7.00 8.55 -9.95
C ALA A 330 -8.23 7.72 -9.56
N GLN A 331 -7.97 6.49 -9.09
CA GLN A 331 -9.00 5.59 -8.53
C GLN A 331 -9.59 6.20 -7.23
N ARG A 332 -8.70 6.76 -6.37
CA ARG A 332 -9.10 7.36 -5.08
C ARG A 332 -9.61 8.81 -5.27
N PHE A 333 -9.31 9.41 -6.44
CA PHE A 333 -9.65 10.79 -6.76
C PHE A 333 -10.56 10.82 -8.01
N GLY A 334 -11.88 10.67 -7.77
CA GLY A 334 -12.89 10.78 -8.82
C GLY A 334 -13.18 9.48 -9.58
N GLY A 335 -12.12 8.66 -9.80
CA GLY A 335 -12.20 7.50 -10.70
C GLY A 335 -12.00 7.96 -12.14
N ASN A 336 -10.99 8.83 -12.31
CA ASN A 336 -10.72 9.53 -13.58
C ASN A 336 -10.27 8.53 -14.65
N GLU A 337 -11.17 8.26 -15.64
CA GLU A 337 -10.98 7.27 -16.72
C GLU A 337 -9.66 7.47 -17.49
N LYS A 338 -8.60 6.77 -17.02
CA LYS A 338 -7.26 6.74 -17.67
C LYS A 338 -6.58 8.13 -17.75
N GLN A 339 -7.14 9.11 -17.01
CA GLN A 339 -6.56 10.48 -16.86
C GLN A 339 -5.36 10.42 -15.90
N ALA A 340 -5.17 9.24 -15.26
CA ALA A 340 -4.01 8.92 -14.41
C ALA A 340 -2.67 9.33 -15.05
N LEU A 341 -2.56 9.05 -16.37
CA LEU A 341 -1.37 9.37 -17.19
C LEU A 341 -0.93 10.86 -17.06
N GLU A 342 -1.93 11.76 -16.92
CA GLU A 342 -1.72 13.21 -16.82
C GLU A 342 -1.30 13.66 -15.39
N LEU A 343 -1.65 12.85 -14.36
CA LEU A 343 -1.43 13.21 -12.94
C LEU A 343 0.08 13.53 -12.66
N PRO A 344 0.38 14.72 -12.01
CA PRO A 344 1.75 15.32 -11.91
C PRO A 344 2.86 14.35 -11.40
N ARG A 345 3.89 14.17 -12.27
CA ARG A 345 4.99 13.19 -12.11
C ARG A 345 5.57 13.16 -10.68
N GLU A 346 6.07 14.32 -10.24
CA GLU A 346 6.84 14.47 -8.98
C GLU A 346 5.98 14.24 -7.73
N LEU A 347 4.62 14.26 -7.88
CA LEU A 347 3.70 14.00 -6.76
C LEU A 347 3.65 12.49 -6.42
N PHE A 348 4.20 11.67 -7.33
CA PHE A 348 4.27 10.21 -7.17
C PHE A 348 5.74 9.77 -7.10
N GLU A 349 6.60 10.48 -7.88
CA GLU A 349 8.03 10.19 -8.04
C GLU A 349 8.79 10.32 -6.70
N GLU A 350 8.28 11.21 -5.81
CA GLU A 350 8.84 11.44 -4.47
C GLU A 350 9.11 10.10 -3.72
N GLN A 351 8.10 9.20 -3.76
CA GLN A 351 8.23 7.84 -3.19
C GLN A 351 8.64 6.82 -4.29
N ALA A 352 8.14 7.02 -5.53
CA ALA A 352 8.27 6.03 -6.64
C ALA A 352 9.73 5.80 -7.01
N LYS A 353 10.42 6.90 -7.35
CA LYS A 353 11.86 6.88 -7.70
C LYS A 353 12.69 6.25 -6.59
N ARG A 354 12.29 6.58 -5.33
CA ARG A 354 12.94 6.04 -4.12
C ARG A 354 12.67 4.53 -3.99
N ARG A 355 11.48 4.07 -4.48
CA ARG A 355 11.14 2.65 -4.49
C ARG A 355 12.06 1.93 -5.48
N VAL A 356 12.29 2.56 -6.66
CA VAL A 356 13.17 1.99 -7.69
C VAL A 356 14.63 1.93 -7.17
N VAL A 357 15.01 2.92 -6.34
CA VAL A 357 16.29 2.89 -5.59
C VAL A 357 16.36 1.59 -4.76
N VAL A 358 15.29 1.32 -3.96
CA VAL A 358 15.15 0.04 -3.19
C VAL A 358 15.19 -1.19 -4.13
N GLY A 359 14.57 -1.04 -5.31
CA GLY A 359 14.47 -2.09 -6.32
C GLY A 359 15.84 -2.55 -6.81
N LEU A 360 16.69 -1.57 -7.11
CA LEU A 360 18.03 -1.79 -7.63
C LEU A 360 18.98 -2.28 -6.51
N LEU A 361 18.89 -1.65 -5.31
CA LEU A 361 19.73 -1.98 -4.14
C LEU A 361 19.53 -3.46 -3.73
N LEU A 362 18.27 -3.82 -3.40
CA LEU A 362 17.90 -5.20 -3.02
C LEU A 362 18.04 -6.17 -4.22
N GLY A 363 17.93 -5.65 -5.45
CA GLY A 363 18.16 -6.46 -6.67
C GLY A 363 19.61 -6.93 -6.78
N GLU A 364 20.54 -6.01 -6.45
CA GLU A 364 21.97 -6.31 -6.38
C GLU A 364 22.26 -7.27 -5.24
N VAL A 365 21.62 -7.03 -4.07
CA VAL A 365 21.72 -7.92 -2.91
C VAL A 365 21.26 -9.36 -3.27
N ILE A 366 20.19 -9.46 -4.08
CA ILE A 366 19.68 -10.75 -4.59
C ILE A 366 20.73 -11.47 -5.44
N ARG A 367 21.33 -10.73 -6.40
CA ARG A 367 22.34 -11.29 -7.31
C ARG A 367 23.63 -11.70 -6.53
N THR A 368 24.25 -10.70 -5.89
CA THR A 368 25.50 -10.84 -5.10
C THR A 368 25.41 -11.96 -4.02
N ASN A 369 24.29 -12.02 -3.28
CA ASN A 369 24.09 -13.00 -2.19
C ASN A 369 23.37 -14.28 -2.68
N GLU A 370 23.31 -14.50 -4.03
CA GLU A 370 22.71 -15.70 -4.69
C GLU A 370 21.31 -16.07 -4.12
N LEU A 371 20.56 -15.02 -3.69
CA LEU A 371 19.25 -15.16 -3.05
C LEU A 371 18.22 -15.79 -4.00
N LYS A 372 17.49 -16.76 -3.47
CA LYS A 372 16.34 -17.37 -4.12
C LYS A 372 15.29 -17.64 -3.04
N ALA A 373 14.01 -17.68 -3.42
CA ALA A 373 12.92 -18.01 -2.49
C ALA A 373 13.06 -19.48 -2.03
N ASP A 374 13.69 -19.67 -0.84
CA ASP A 374 14.04 -20.99 -0.30
C ASP A 374 12.80 -21.90 -0.19
N GLU A 375 12.86 -23.06 -0.89
CA GLU A 375 11.75 -24.02 -1.01
C GLU A 375 11.13 -24.38 0.34
N GLU A 376 11.99 -24.68 1.32
CA GLU A 376 11.57 -25.11 2.67
C GLU A 376 10.82 -23.98 3.40
N ARG A 377 11.23 -22.74 3.12
CA ARG A 377 10.69 -21.54 3.77
C ARG A 377 9.31 -21.19 3.19
N VAL A 378 9.21 -21.27 1.85
CA VAL A 378 7.96 -21.04 1.10
C VAL A 378 6.93 -22.09 1.52
N LYS A 379 7.36 -23.38 1.49
CA LYS A 379 6.52 -24.53 1.90
C LYS A 379 6.21 -24.49 3.40
N GLY A 380 7.11 -23.85 4.19
CA GLY A 380 6.84 -23.57 5.60
C GLY A 380 5.61 -22.69 5.79
N LEU A 381 5.59 -21.56 5.04
CA LEU A 381 4.44 -20.63 4.98
C LEU A 381 3.18 -21.34 4.43
N ILE A 382 3.38 -22.24 3.43
CA ILE A 382 2.30 -23.06 2.83
C ILE A 382 1.69 -24.02 3.89
N GLU A 383 2.55 -24.62 4.75
CA GLU A 383 2.12 -25.58 5.79
C GLU A 383 1.42 -24.85 6.96
N GLU A 384 1.87 -23.62 7.29
CA GLU A 384 1.23 -22.78 8.32
C GLU A 384 -0.19 -22.38 7.87
N MET A 385 -0.29 -21.98 6.59
CA MET A 385 -1.58 -21.68 5.91
C MET A 385 -2.52 -22.90 5.94
N ALA A 386 -1.99 -24.03 5.46
CA ALA A 386 -2.77 -25.24 5.21
C ALA A 386 -3.30 -25.86 6.52
N SER A 387 -2.43 -25.92 7.54
CA SER A 387 -2.75 -26.43 8.89
C SER A 387 -3.74 -25.49 9.62
N ALA A 388 -3.80 -24.22 9.18
CA ALA A 388 -4.78 -23.23 9.69
C ALA A 388 -6.20 -23.46 9.10
N TYR A 389 -6.31 -24.45 8.18
CA TYR A 389 -7.61 -24.96 7.66
C TYR A 389 -7.78 -26.43 8.07
N GLU A 390 -8.96 -27.00 7.77
CA GLU A 390 -9.32 -28.38 8.18
C GLU A 390 -8.46 -29.39 7.43
N ASP A 391 -8.68 -29.48 6.10
CA ASP A 391 -7.86 -30.30 5.20
C ASP A 391 -6.73 -29.43 4.63
N PRO A 392 -5.44 -29.74 4.94
CA PRO A 392 -4.28 -28.98 4.42
C PRO A 392 -4.14 -29.08 2.89
N LYS A 393 -4.28 -30.32 2.39
CA LYS A 393 -3.81 -30.72 1.05
C LYS A 393 -4.54 -30.01 -0.08
N GLU A 394 -5.84 -29.72 0.12
CA GLU A 394 -6.65 -28.94 -0.85
C GLU A 394 -6.12 -27.51 -0.98
N VAL A 395 -5.65 -26.92 0.14
CA VAL A 395 -5.21 -25.52 0.16
C VAL A 395 -3.79 -25.44 -0.45
N ILE A 396 -2.95 -26.45 -0.12
CA ILE A 396 -1.60 -26.63 -0.70
C ILE A 396 -1.68 -26.69 -2.24
N GLU A 397 -2.53 -27.62 -2.73
CA GLU A 397 -2.70 -27.87 -4.17
C GLU A 397 -3.29 -26.64 -4.90
N PHE A 398 -4.42 -26.15 -4.39
CA PHE A 398 -5.12 -24.95 -4.94
C PHE A 398 -4.17 -23.73 -5.07
N TYR A 399 -3.38 -23.49 -4.01
CA TYR A 399 -2.44 -22.38 -3.94
C TYR A 399 -1.32 -22.54 -5.01
N SER A 400 -0.62 -23.71 -4.94
CA SER A 400 0.55 -24.00 -5.80
C SER A 400 0.19 -23.99 -7.30
N LYS A 401 -1.00 -24.54 -7.63
CA LYS A 401 -1.50 -24.64 -9.02
C LYS A 401 -1.92 -23.27 -9.58
N ASN A 402 -1.94 -22.23 -8.73
CA ASN A 402 -2.11 -20.83 -9.16
C ASN A 402 -0.76 -20.13 -8.91
N LYS A 403 0.11 -20.09 -9.95
CA LYS A 403 1.44 -19.43 -9.85
C LYS A 403 1.30 -17.92 -9.55
N GLU A 404 0.17 -17.33 -9.93
CA GLU A 404 -0.14 -15.92 -9.65
C GLU A 404 -0.13 -15.65 -8.12
N LEU A 405 -0.56 -16.67 -7.35
CA LEU A 405 -0.61 -16.62 -5.88
C LEU A 405 0.61 -17.34 -5.24
N MET A 406 1.15 -18.34 -5.95
CA MET A 406 2.29 -19.16 -5.45
C MET A 406 3.58 -18.31 -5.46
N ASP A 407 3.75 -17.55 -6.56
CA ASP A 407 4.84 -16.57 -6.75
C ASP A 407 4.76 -15.48 -5.66
N ASN A 408 3.51 -15.11 -5.30
CA ASN A 408 3.21 -14.16 -4.20
C ASN A 408 3.77 -14.70 -2.87
N MET A 409 3.47 -15.98 -2.53
CA MET A 409 4.00 -16.61 -1.28
C MET A 409 5.53 -16.73 -1.31
N ARG A 410 6.07 -17.02 -2.50
CA ARG A 410 7.53 -17.06 -2.72
C ARG A 410 8.12 -15.66 -2.55
N ASN A 411 7.36 -14.65 -2.97
CA ASN A 411 7.79 -13.23 -2.92
C ASN A 411 7.68 -12.72 -1.47
N VAL A 412 6.82 -13.35 -0.62
CA VAL A 412 6.83 -13.08 0.83
C VAL A 412 8.23 -13.44 1.36
N ALA A 413 8.57 -14.73 1.21
CA ALA A 413 9.83 -15.32 1.65
C ALA A 413 11.04 -14.60 1.02
N LEU A 414 10.90 -14.24 -0.27
CA LEU A 414 11.99 -13.68 -1.10
C LEU A 414 12.28 -12.22 -0.74
N GLU A 415 11.23 -11.39 -0.64
CA GLU A 415 11.34 -9.96 -0.32
C GLU A 415 11.92 -9.81 1.11
N GLU A 416 11.39 -10.63 2.05
CA GLU A 416 11.90 -10.69 3.43
C GLU A 416 13.39 -11.08 3.43
N GLN A 417 13.71 -12.18 2.71
CA GLN A 417 15.09 -12.74 2.61
C GLN A 417 16.05 -11.73 1.96
N ALA A 418 15.54 -10.95 1.00
CA ALA A 418 16.30 -9.91 0.28
C ALA A 418 16.71 -8.79 1.25
N VAL A 419 15.74 -8.35 2.05
CA VAL A 419 15.97 -7.38 3.14
C VAL A 419 16.90 -7.97 4.22
N GLU A 420 16.67 -9.26 4.58
CA GLU A 420 17.39 -9.96 5.68
C GLU A 420 18.85 -10.24 5.32
N ALA A 421 19.15 -10.32 4.03
CA ALA A 421 20.54 -10.42 3.55
C ALA A 421 21.31 -9.10 3.80
N VAL A 422 20.58 -7.97 3.91
CA VAL A 422 21.15 -6.67 4.29
C VAL A 422 21.19 -6.57 5.83
N LEU A 423 20.12 -7.09 6.48
CA LEU A 423 19.99 -7.11 7.95
C LEU A 423 21.09 -7.98 8.60
N ALA A 424 21.50 -9.04 7.89
CA ALA A 424 22.57 -9.94 8.34
C ALA A 424 23.89 -9.18 8.44
N LYS A 425 24.11 -8.29 7.47
CA LYS A 425 25.28 -7.39 7.41
C LYS A 425 25.12 -6.26 8.45
N ALA A 426 23.88 -5.79 8.61
CA ALA A 426 23.52 -4.59 9.40
C ALA A 426 23.50 -4.87 10.92
N LYS A 427 23.44 -3.77 11.68
CA LYS A 427 23.31 -3.78 13.14
C LYS A 427 21.82 -3.78 13.53
N VAL A 428 21.23 -4.96 13.60
CA VAL A 428 19.84 -5.13 14.06
C VAL A 428 19.82 -5.04 15.60
N THR A 429 19.48 -3.85 16.13
CA THR A 429 19.51 -3.56 17.56
C THR A 429 18.20 -4.04 18.26
N GLU A 430 18.31 -5.16 18.99
CA GLU A 430 17.18 -5.85 19.62
C GLU A 430 16.86 -5.25 21.00
N LYS A 431 15.58 -4.89 21.21
CA LYS A 431 15.06 -4.44 22.52
C LYS A 431 13.68 -5.04 22.75
N GLU A 432 13.33 -5.30 24.02
CA GLU A 432 11.99 -5.79 24.39
C GLU A 432 11.09 -4.61 24.76
N THR A 433 9.78 -4.73 24.47
CA THR A 433 8.81 -3.63 24.68
C THR A 433 7.37 -4.20 24.75
N THR A 434 6.38 -3.32 24.99
CA THR A 434 4.96 -3.71 25.13
C THR A 434 4.20 -3.56 23.80
N PHE A 435 2.98 -4.16 23.75
CA PHE A 435 2.08 -4.09 22.59
C PHE A 435 1.56 -2.66 22.37
N ASN A 436 1.25 -1.98 23.49
CA ASN A 436 0.84 -0.57 23.47
C ASN A 436 1.92 0.30 22.82
N GLU A 437 3.20 0.06 23.20
CA GLU A 437 4.34 0.85 22.68
C GLU A 437 4.49 0.70 21.15
N LEU A 438 4.31 -0.53 20.64
CA LEU A 438 4.37 -0.83 19.19
C LEU A 438 3.29 -0.02 18.43
N MET A 439 2.13 0.18 19.09
CA MET A 439 0.97 0.86 18.49
C MET A 439 0.95 2.38 18.79
N ASN A 440 1.92 2.87 19.61
CA ASN A 440 2.03 4.32 19.97
C ASN A 440 2.62 5.18 18.82
N GLN A 441 2.53 4.68 17.58
CA GLN A 441 3.15 5.33 16.41
C GLN A 441 2.11 6.18 15.66
N GLN A 442 1.52 7.14 16.41
CA GLN A 442 0.55 8.12 15.89
C GLN A 442 1.26 9.19 15.03
N ALA A 443 2.48 9.56 15.44
CA ALA A 443 3.33 10.50 14.70
C ALA A 443 3.92 9.80 13.45
N ALA B 3 -41.72 30.85 15.13
CA ALA B 3 -43.01 31.12 15.80
C ALA B 3 -43.45 32.56 15.49
N ARG B 4 -44.52 32.68 14.63
CA ARG B 4 -45.10 33.97 14.20
C ARG B 4 -44.10 34.78 13.33
N ALA B 5 -43.23 35.57 13.98
CA ALA B 5 -42.29 36.47 13.27
C ALA B 5 -41.15 36.86 14.24
N ASP B 6 -40.02 36.16 14.13
CA ASP B 6 -38.84 36.37 15.00
C ASP B 6 -37.58 36.48 14.12
N VAL B 7 -36.82 37.59 14.31
CA VAL B 7 -35.53 37.78 13.62
C VAL B 7 -34.49 36.86 14.26
N THR B 8 -34.21 35.74 13.60
CA THR B 8 -33.22 34.75 14.05
C THR B 8 -31.82 35.14 13.53
N LEU B 9 -30.79 34.95 14.37
CA LEU B 9 -29.40 35.25 14.03
C LEU B 9 -28.85 34.19 13.05
N GLY B 10 -28.96 34.48 11.75
CA GLY B 10 -28.48 33.60 10.69
C GLY B 10 -27.09 33.97 10.23
N GLY B 11 -26.06 33.23 10.70
CA GLY B 11 -24.66 33.43 10.29
C GLY B 11 -23.70 33.60 11.47
N GLY B 12 -22.59 34.29 11.22
CA GLY B 12 -21.54 34.53 12.23
C GLY B 12 -20.36 35.30 11.65
N ALA B 13 -19.16 35.12 12.23
CA ALA B 13 -17.92 35.78 11.79
C ALA B 13 -16.79 34.73 11.68
N LYS B 14 -16.23 34.56 10.45
CA LYS B 14 -15.18 33.54 10.11
C LYS B 14 -15.79 32.10 10.14
N THR B 15 -17.02 31.97 10.68
CA THR B 15 -17.56 30.74 11.29
C THR B 15 -16.64 30.26 12.44
N PHE B 16 -15.62 29.41 12.15
CA PHE B 16 -14.64 28.86 13.13
C PHE B 16 -13.77 27.84 12.34
N ALA B 17 -13.57 26.60 12.85
CA ALA B 17 -12.85 25.54 12.11
C ALA B 17 -13.10 24.17 12.77
N GLU B 18 -14.23 23.52 12.40
CA GLU B 18 -14.63 22.16 12.85
C GLU B 18 -15.21 22.18 14.29
N THR B 19 -14.45 22.77 15.23
CA THR B 19 -14.77 22.92 16.67
C THR B 19 -14.50 21.60 17.46
N ALA B 20 -14.36 20.46 16.73
CA ALA B 20 -14.29 19.11 17.30
C ALA B 20 -15.57 18.82 18.11
N THR B 21 -16.73 18.92 17.42
CA THR B 21 -18.06 18.78 18.02
C THR B 21 -18.36 17.31 18.41
N ALA B 22 -17.91 16.94 19.62
CA ALA B 22 -18.23 15.65 20.22
C ALA B 22 -19.61 15.74 20.90
N GLY B 23 -20.62 15.18 20.22
CA GLY B 23 -21.98 15.08 20.73
C GLY B 23 -22.64 13.84 20.17
N GLU B 24 -23.42 13.13 21.00
CA GLU B 24 -24.11 11.91 20.57
C GLU B 24 -25.41 12.28 19.85
N TRP B 25 -25.32 12.41 18.52
CA TRP B 25 -26.46 12.75 17.65
C TRP B 25 -26.75 11.56 16.72
N GLN B 26 -27.53 10.61 17.23
CA GLN B 26 -27.99 9.43 16.46
C GLN B 26 -29.41 9.70 15.94
N GLY B 27 -30.24 10.29 16.82
CA GLY B 27 -31.64 10.59 16.52
C GLY B 27 -31.79 11.78 15.56
N LYS B 28 -31.59 11.51 14.26
CA LYS B 28 -31.82 12.49 13.19
C LYS B 28 -33.29 12.37 12.75
N THR B 29 -34.01 13.51 12.76
CA THR B 29 -35.47 13.56 12.54
C THR B 29 -35.91 13.19 11.10
N LEU B 30 -34.96 12.90 10.19
CA LEU B 30 -35.26 12.63 8.77
C LEU B 30 -35.01 11.16 8.35
N ARG B 31 -34.35 10.35 9.21
CA ARG B 31 -33.85 8.98 8.85
C ARG B 31 -35.00 8.06 8.38
N GLU B 32 -35.92 7.85 9.31
CA GLU B 32 -37.04 6.91 9.19
C GLU B 32 -38.09 7.40 8.18
N GLN B 33 -38.13 8.72 7.92
CA GLN B 33 -39.00 9.31 6.87
C GLN B 33 -38.41 9.05 5.47
N ALA B 34 -37.10 9.35 5.35
CA ALA B 34 -36.36 9.24 4.10
C ALA B 34 -36.28 7.77 3.63
N GLN B 35 -36.09 6.86 4.59
CA GLN B 35 -36.05 5.41 4.34
C GLN B 35 -37.47 4.88 3.98
N ALA B 36 -38.51 5.51 4.55
CA ALA B 36 -39.92 5.11 4.34
C ALA B 36 -40.40 5.44 2.91
N ARG B 37 -40.50 6.74 2.62
CA ARG B 37 -41.07 7.26 1.35
C ARG B 37 -40.43 8.58 0.91
N GLY B 38 -39.37 9.00 1.65
CA GLY B 38 -38.66 10.24 1.35
C GLY B 38 -37.60 10.06 0.28
N TYR B 39 -37.24 8.79 0.02
CA TYR B 39 -36.18 8.37 -0.89
C TYR B 39 -34.81 8.75 -0.27
N GLN B 40 -34.25 7.82 0.53
CA GLN B 40 -32.89 7.93 1.06
C GLN B 40 -31.96 7.08 0.20
N LEU B 41 -30.95 7.73 -0.40
CA LEU B 41 -29.87 7.04 -1.13
C LEU B 41 -29.01 6.25 -0.12
N VAL B 42 -28.52 5.06 -0.53
CA VAL B 42 -27.70 4.18 0.33
C VAL B 42 -26.45 4.95 0.83
N SER B 43 -26.29 5.01 2.17
CA SER B 43 -25.21 5.75 2.83
C SER B 43 -23.83 5.17 2.45
N ASP B 44 -23.77 3.83 2.38
CA ASP B 44 -22.60 3.08 1.89
C ASP B 44 -23.03 1.63 1.54
N ALA B 45 -22.68 1.19 0.33
CA ALA B 45 -22.92 -0.20 -0.14
C ALA B 45 -21.76 -1.14 0.30
N ALA B 46 -20.65 -0.53 0.79
CA ALA B 46 -19.47 -1.25 1.27
C ALA B 46 -19.83 -2.10 2.51
N SER B 47 -20.24 -1.39 3.60
CA SER B 47 -20.66 -1.99 4.89
C SER B 47 -19.63 -3.00 5.42
N LEU B 48 -18.48 -2.45 5.88
CA LEU B 48 -17.33 -3.22 6.42
C LEU B 48 -16.64 -4.07 5.30
N ASN B 49 -17.03 -3.81 4.02
CA ASN B 49 -16.59 -4.58 2.83
C ASN B 49 -16.92 -6.08 3.00
N SER B 50 -18.09 -6.34 3.63
CA SER B 50 -18.55 -7.68 4.01
C SER B 50 -18.88 -8.55 2.77
N VAL B 51 -17.90 -9.37 2.36
CA VAL B 51 -18.04 -10.32 1.23
C VAL B 51 -17.22 -11.59 1.51
N THR B 52 -16.01 -11.43 2.08
CA THR B 52 -15.14 -12.56 2.49
C THR B 52 -15.33 -12.88 3.98
N GLU B 53 -16.05 -12.00 4.70
CA GLU B 53 -16.47 -12.21 6.09
C GLU B 53 -17.86 -11.57 6.28
N ALA B 54 -18.90 -12.37 6.02
CA ALA B 54 -20.31 -12.00 6.20
C ALA B 54 -20.96 -12.81 7.34
N ASN B 55 -20.20 -13.78 7.90
CA ASN B 55 -20.65 -14.61 9.05
C ASN B 55 -20.70 -13.76 10.34
N GLN B 56 -19.85 -12.72 10.36
CA GLN B 56 -19.73 -11.74 11.47
C GLN B 56 -19.19 -12.41 12.75
N GLN B 57 -18.30 -13.41 12.56
CA GLN B 57 -17.65 -14.14 13.66
C GLN B 57 -16.22 -14.48 13.24
N LYS B 58 -15.25 -13.77 13.84
CA LYS B 58 -13.81 -13.99 13.62
C LYS B 58 -13.07 -13.62 14.93
N PRO B 59 -12.07 -14.48 15.41
CA PRO B 59 -11.31 -14.33 16.69
C PRO B 59 -11.34 -12.92 17.36
N LEU B 60 -10.58 -11.94 16.83
CA LEU B 60 -10.56 -10.56 17.37
C LEU B 60 -9.53 -9.69 16.61
N LEU B 61 -8.26 -9.91 16.95
CA LEU B 61 -7.15 -8.97 16.67
C LEU B 61 -6.63 -9.06 15.24
N GLY B 62 -7.26 -9.91 14.40
CA GLY B 62 -6.86 -10.11 13.01
C GLY B 62 -7.37 -9.00 12.10
N LEU B 63 -6.96 -7.76 12.39
CA LEU B 63 -7.28 -6.57 11.58
C LEU B 63 -6.08 -5.58 11.53
N PHE B 64 -5.05 -5.81 12.38
CA PHE B 64 -3.96 -4.82 12.62
C PHE B 64 -2.95 -4.74 11.45
N ALA B 65 -2.09 -5.78 11.31
CA ALA B 65 -0.96 -5.76 10.37
C ALA B 65 -1.38 -6.28 8.99
N ASP B 66 -1.48 -7.62 8.86
CA ASP B 66 -1.96 -8.27 7.62
C ASP B 66 -3.49 -8.25 7.63
N GLY B 67 -4.06 -8.66 8.79
CA GLY B 67 -5.49 -8.56 9.07
C GLY B 67 -6.39 -9.20 8.02
N ASN B 68 -5.98 -10.38 7.52
CA ASN B 68 -6.67 -11.05 6.41
C ASN B 68 -6.40 -12.57 6.45
N MET B 69 -7.48 -13.35 6.58
CA MET B 69 -7.42 -14.83 6.55
C MET B 69 -7.45 -15.39 5.09
N PRO B 70 -8.30 -14.85 4.12
CA PRO B 70 -8.27 -15.27 2.69
C PRO B 70 -6.85 -15.43 2.10
N VAL B 71 -6.62 -16.58 1.44
CA VAL B 71 -5.29 -17.01 0.95
C VAL B 71 -4.70 -16.09 -0.14
N ARG B 72 -5.49 -15.12 -0.64
CA ARG B 72 -4.99 -14.10 -1.60
C ARG B 72 -4.05 -13.11 -0.86
N TRP B 73 -4.54 -12.65 0.33
CA TRP B 73 -3.82 -11.78 1.32
C TRP B 73 -2.90 -10.69 0.74
N LEU B 74 -1.60 -11.02 0.59
CA LEU B 74 -0.49 -10.06 0.57
C LEU B 74 -0.17 -9.55 -0.84
N GLY B 75 0.71 -8.55 -0.86
CA GLY B 75 1.27 -7.99 -2.08
C GLY B 75 2.72 -7.61 -1.81
N PRO B 76 3.64 -8.64 -1.68
CA PRO B 76 5.02 -8.45 -1.14
C PRO B 76 5.99 -7.82 -2.15
N LYS B 77 5.49 -7.51 -3.36
CA LYS B 77 6.24 -6.80 -4.38
C LYS B 77 6.29 -5.31 -4.00
N ALA B 78 7.22 -4.98 -3.07
CA ALA B 78 7.35 -3.61 -2.49
C ALA B 78 7.87 -2.60 -3.53
N THR B 79 8.43 -3.14 -4.63
CA THR B 79 8.83 -2.35 -5.80
C THR B 79 8.72 -3.23 -7.06
N TYR B 80 9.73 -4.10 -7.22
CA TYR B 80 10.02 -4.79 -8.48
C TYR B 80 11.21 -5.73 -8.22
N HIS B 81 12.43 -5.12 -8.11
CA HIS B 81 13.74 -5.82 -7.93
C HIS B 81 14.05 -6.71 -9.15
N GLY B 82 13.33 -7.82 -9.22
CA GLY B 82 13.42 -8.83 -10.26
C GLY B 82 12.74 -10.09 -9.76
N ASN B 83 13.12 -11.25 -10.31
CA ASN B 83 12.69 -12.55 -9.76
C ASN B 83 13.60 -13.65 -10.31
N ILE B 84 13.95 -14.59 -9.45
CA ILE B 84 14.90 -15.68 -9.74
C ILE B 84 14.22 -16.77 -10.61
N ASP B 85 12.87 -16.85 -10.50
CA ASP B 85 12.04 -17.84 -11.21
C ASP B 85 12.28 -17.82 -12.73
N LYS B 86 12.04 -16.66 -13.38
CA LYS B 86 12.10 -16.54 -14.86
C LYS B 86 12.53 -15.13 -15.37
N PRO B 87 12.07 -13.95 -14.78
CA PRO B 87 12.63 -12.60 -15.13
C PRO B 87 14.17 -12.54 -15.13
N ALA B 88 14.79 -13.37 -14.27
CA ALA B 88 16.22 -13.68 -14.33
C ALA B 88 16.42 -14.76 -15.41
N VAL B 89 16.48 -14.32 -16.68
CA VAL B 89 16.67 -15.20 -17.83
C VAL B 89 18.13 -15.68 -17.95
N THR B 90 18.36 -16.68 -18.79
CA THR B 90 19.71 -17.23 -19.06
C THR B 90 20.17 -16.79 -20.46
N CYS B 91 21.50 -16.78 -20.67
CA CYS B 91 22.09 -16.36 -21.96
C CYS B 91 22.18 -17.54 -22.95
N THR B 92 22.03 -18.78 -22.42
CA THR B 92 22.12 -20.01 -23.24
C THR B 92 20.68 -20.50 -23.63
N PRO B 93 20.41 -20.74 -24.97
CA PRO B 93 19.11 -21.28 -25.44
C PRO B 93 18.92 -22.77 -25.04
N MET A 12 23.93 -8.08 -39.89
CA MET A 12 23.26 -6.85 -39.39
C MET A 12 24.33 -5.84 -38.93
N GLN A 13 24.27 -4.63 -39.49
CA GLN A 13 25.12 -3.51 -39.07
C GLN A 13 24.56 -2.92 -37.77
N VAL A 14 25.44 -2.68 -36.78
CA VAL A 14 25.05 -2.15 -35.46
C VAL A 14 26.02 -1.07 -34.99
N SER A 15 25.54 -0.21 -34.07
CA SER A 15 26.33 0.84 -33.44
C SER A 15 25.66 1.25 -32.12
N VAL A 16 26.18 0.73 -30.99
CA VAL A 16 25.68 1.07 -29.66
C VAL A 16 26.23 2.46 -29.21
N GLU A 17 25.53 3.51 -29.64
CA GLU A 17 25.80 4.90 -29.23
C GLU A 17 25.24 5.12 -27.81
N THR A 18 25.80 6.09 -27.07
CA THR A 18 25.34 6.42 -25.70
C THR A 18 25.05 7.93 -25.62
N THR A 19 23.79 8.28 -25.26
CA THR A 19 23.35 9.67 -25.13
C THR A 19 23.83 10.27 -23.77
N GLN A 20 23.39 9.66 -22.66
CA GLN A 20 23.85 10.03 -21.31
C GLN A 20 23.60 8.87 -20.33
N GLY A 21 24.70 8.41 -19.68
CA GLY A 21 24.63 7.50 -18.54
C GLY A 21 24.00 6.14 -18.85
N LEU A 22 22.68 6.08 -18.68
CA LEU A 22 21.88 4.87 -18.90
C LEU A 22 21.47 4.79 -20.38
N GLY A 23 21.03 5.96 -20.92
CA GLY A 23 20.48 6.07 -22.26
C GLY A 23 21.47 5.71 -23.36
N ARG A 24 21.04 4.81 -24.27
CA ARG A 24 21.87 4.27 -25.37
C ARG A 24 21.05 4.14 -26.64
N ARG A 25 21.56 4.75 -27.71
CA ARG A 25 20.96 4.75 -29.04
C ARG A 25 21.62 3.65 -29.90
N VAL A 26 21.12 2.41 -29.76
CA VAL A 26 21.63 1.25 -30.52
C VAL A 26 21.07 1.29 -31.95
N THR A 27 21.77 2.01 -32.83
CA THR A 27 21.36 2.19 -34.23
C THR A 27 21.73 0.95 -35.07
N ILE A 28 20.70 0.19 -35.47
CA ILE A 28 20.85 -1.00 -36.31
C ILE A 28 20.48 -0.63 -37.76
N THR A 29 21.36 -0.96 -38.70
CA THR A 29 21.14 -0.75 -40.14
C THR A 29 21.03 -2.13 -40.85
N ILE A 30 19.79 -2.57 -41.13
CA ILE A 30 19.53 -3.85 -41.84
C ILE A 30 19.82 -3.66 -43.34
N ALA A 31 20.74 -4.48 -43.89
CA ALA A 31 21.15 -4.42 -45.31
C ALA A 31 19.96 -4.72 -46.26
N ALA A 32 19.97 -4.09 -47.46
CA ALA A 32 18.84 -4.12 -48.42
C ALA A 32 18.53 -5.55 -48.92
N ASP A 33 19.58 -6.32 -49.20
CA ASP A 33 19.48 -7.72 -49.61
C ASP A 33 18.94 -8.57 -48.45
N SER A 34 19.36 -8.20 -47.23
CA SER A 34 18.95 -8.87 -46.00
C SER A 34 17.47 -8.65 -45.70
N ILE A 35 16.96 -7.44 -46.07
CA ILE A 35 15.52 -7.08 -45.94
C ILE A 35 14.70 -7.94 -46.92
N GLU A 36 15.16 -7.96 -48.20
CA GLU A 36 14.51 -8.70 -49.30
C GLU A 36 14.28 -10.17 -48.92
N THR A 37 15.28 -10.75 -48.23
CA THR A 37 15.26 -12.15 -47.80
C THR A 37 14.45 -12.33 -46.49
N ALA A 38 14.61 -11.39 -45.53
CA ALA A 38 13.99 -11.51 -44.17
C ALA A 38 12.46 -11.36 -44.21
N VAL A 39 11.96 -10.49 -45.09
CA VAL A 39 10.53 -10.34 -45.34
C VAL A 39 10.01 -11.54 -46.14
N LYS A 40 10.86 -12.06 -47.06
CA LYS A 40 10.53 -13.21 -47.91
C LYS A 40 10.32 -14.49 -47.09
N SER A 41 10.94 -14.53 -45.89
CA SER A 41 10.69 -15.59 -44.88
C SER A 41 9.19 -15.64 -44.52
N GLU A 42 8.56 -14.43 -44.44
CA GLU A 42 7.11 -14.29 -44.20
C GLU A 42 6.30 -14.45 -45.50
N LEU A 43 6.86 -13.99 -46.63
CA LEU A 43 6.15 -14.05 -47.93
C LEU A 43 5.98 -15.50 -48.42
N VAL A 44 6.87 -16.41 -47.98
CA VAL A 44 6.74 -17.85 -48.24
C VAL A 44 5.82 -18.51 -47.18
N ASN A 45 5.71 -17.89 -45.97
CA ASN A 45 4.68 -18.28 -44.97
C ASN A 45 3.29 -18.01 -45.55
N VAL A 46 3.11 -16.80 -46.14
CA VAL A 46 1.85 -16.37 -46.77
C VAL A 46 1.47 -17.30 -47.94
N ALA A 47 2.50 -17.78 -48.67
CA ALA A 47 2.32 -18.75 -49.76
C ALA A 47 1.64 -20.03 -49.23
N LYS A 48 2.23 -20.63 -48.19
CA LYS A 48 1.76 -21.91 -47.61
C LYS A 48 0.42 -21.73 -46.86
N LYS A 49 0.28 -20.57 -46.21
CA LYS A 49 -0.85 -20.22 -45.32
C LYS A 49 -2.14 -19.97 -46.11
N VAL A 50 -2.04 -19.17 -47.20
CA VAL A 50 -3.18 -18.87 -48.09
C VAL A 50 -3.23 -19.90 -49.26
N ARG A 51 -2.40 -20.97 -49.15
CA ARG A 51 -2.37 -22.15 -50.06
C ARG A 51 -1.85 -21.81 -51.48
N ILE A 52 -1.27 -20.59 -51.63
CA ILE A 52 -0.69 -20.08 -52.90
C ILE A 52 0.54 -20.91 -53.33
N ASP A 53 1.16 -21.62 -52.36
CA ASP A 53 2.36 -22.46 -52.58
C ASP A 53 2.09 -23.55 -53.62
N GLY A 54 0.90 -24.18 -53.53
CA GLY A 54 0.48 -25.23 -54.45
C GLY A 54 0.23 -24.69 -55.85
N PHE A 55 -0.25 -23.44 -55.90
CA PHE A 55 -0.52 -22.71 -57.15
C PHE A 55 0.79 -22.23 -57.80
N ARG A 56 1.81 -21.96 -56.97
CA ARG A 56 3.14 -21.53 -57.44
C ARG A 56 3.89 -22.72 -58.07
N LYS A 57 4.02 -22.70 -59.41
CA LYS A 57 4.74 -23.73 -60.18
C LYS A 57 6.22 -23.37 -60.36
N GLY A 58 6.60 -22.16 -59.89
CA GLY A 58 7.99 -21.69 -59.94
C GLY A 58 8.40 -21.24 -61.34
N LYS A 59 7.47 -20.60 -62.07
CA LYS A 59 7.71 -20.06 -63.41
C LYS A 59 8.55 -18.77 -63.30
N VAL A 60 7.99 -17.79 -62.57
CA VAL A 60 8.66 -16.53 -62.26
C VAL A 60 9.36 -16.68 -60.89
N PRO A 61 10.69 -16.34 -60.75
CA PRO A 61 11.41 -16.47 -59.45
C PRO A 61 10.73 -15.65 -58.31
N MET A 62 10.83 -16.20 -57.09
CA MET A 62 10.07 -15.73 -55.91
C MET A 62 10.40 -14.26 -55.58
N ASN A 63 11.66 -13.84 -55.80
CA ASN A 63 12.13 -12.47 -55.47
C ASN A 63 11.35 -11.39 -56.22
N ILE A 64 11.02 -11.67 -57.50
CA ILE A 64 10.29 -10.74 -58.38
C ILE A 64 8.85 -10.55 -57.87
N VAL A 65 8.10 -11.66 -57.71
CA VAL A 65 6.69 -11.61 -57.27
C VAL A 65 6.57 -11.14 -55.80
N ALA A 66 7.65 -11.33 -55.02
CA ALA A 66 7.72 -10.93 -53.61
C ALA A 66 7.78 -9.40 -53.46
N GLN A 67 8.66 -8.78 -54.25
CA GLN A 67 8.87 -7.32 -54.21
C GLN A 67 7.78 -6.57 -54.99
N ARG A 68 7.03 -7.30 -55.86
CA ARG A 68 5.81 -6.77 -56.51
C ARG A 68 4.67 -6.62 -55.48
N TYR A 69 4.06 -7.77 -55.13
CA TYR A 69 2.77 -7.81 -54.41
C TYR A 69 2.96 -7.61 -52.91
N GLY A 70 4.08 -8.13 -52.39
CA GLY A 70 4.40 -8.03 -50.97
C GLY A 70 5.03 -6.70 -50.58
N ALA A 71 5.02 -5.70 -51.50
CA ALA A 71 5.66 -4.38 -51.28
C ALA A 71 5.19 -3.68 -49.99
N SER A 72 3.89 -3.79 -49.72
CA SER A 72 3.27 -3.24 -48.50
C SER A 72 3.56 -4.12 -47.28
N VAL A 73 3.57 -5.46 -47.50
CA VAL A 73 3.86 -6.47 -46.46
C VAL A 73 5.28 -6.27 -45.87
N ARG A 74 6.19 -5.75 -46.72
CA ARG A 74 7.59 -5.47 -46.33
C ARG A 74 7.68 -4.46 -45.18
N GLN A 75 6.69 -3.55 -45.12
CA GLN A 75 6.58 -2.53 -44.07
C GLN A 75 5.98 -3.14 -42.78
N ASP A 76 5.08 -4.13 -42.93
CA ASP A 76 4.46 -4.84 -41.77
C ASP A 76 5.50 -5.68 -41.01
N VAL A 77 6.27 -6.50 -41.77
CA VAL A 77 7.23 -7.48 -41.21
C VAL A 77 8.35 -6.79 -40.41
N LEU A 78 8.58 -5.47 -40.67
CA LEU A 78 9.56 -4.65 -39.92
C LEU A 78 9.34 -4.71 -38.39
N GLY A 79 8.07 -4.82 -37.96
CA GLY A 79 7.71 -4.93 -36.54
C GLY A 79 8.33 -6.17 -35.88
N ASP A 80 8.35 -7.28 -36.62
CA ASP A 80 9.00 -8.53 -36.22
C ASP A 80 10.53 -8.40 -36.34
N LEU A 81 10.98 -7.76 -37.45
CA LEU A 81 12.42 -7.65 -37.79
C LEU A 81 13.19 -6.83 -36.75
N MET A 82 12.57 -5.77 -36.20
CA MET A 82 13.21 -4.92 -35.16
C MET A 82 13.48 -5.76 -33.90
N SER A 83 12.51 -6.62 -33.54
CA SER A 83 12.61 -7.53 -32.38
C SER A 83 13.62 -8.65 -32.66
N ARG A 84 13.66 -9.12 -33.92
CA ARG A 84 14.56 -10.20 -34.37
C ARG A 84 16.03 -9.75 -34.33
N ASN A 85 16.28 -8.52 -34.75
CA ASN A 85 17.61 -7.91 -34.72
C ASN A 85 18.01 -7.58 -33.26
N PHE A 86 17.02 -7.08 -32.49
CA PHE A 86 17.23 -6.60 -31.11
C PHE A 86 17.67 -7.74 -30.16
N ILE A 87 16.94 -8.87 -30.21
CA ILE A 87 17.14 -10.00 -29.27
C ILE A 87 18.56 -10.58 -29.41
N ASP A 88 19.02 -10.78 -30.66
CA ASP A 88 20.36 -11.30 -30.95
C ASP A 88 21.42 -10.27 -30.51
N ALA A 89 21.16 -8.99 -30.81
CA ALA A 89 22.09 -7.88 -30.52
C ALA A 89 22.41 -7.77 -29.02
N ILE A 90 21.37 -7.77 -28.17
CA ILE A 90 21.54 -7.59 -26.70
C ILE A 90 22.21 -8.81 -26.03
N ILE A 91 22.04 -10.00 -26.63
CA ILE A 91 22.67 -11.25 -26.14
C ILE A 91 24.19 -11.24 -26.45
N LYS A 92 24.54 -10.92 -27.71
CA LYS A 92 25.94 -11.01 -28.19
C LYS A 92 26.79 -9.79 -27.76
N GLU A 93 26.16 -8.61 -27.66
CA GLU A 93 26.85 -7.35 -27.29
C GLU A 93 26.78 -7.09 -25.78
N LYS A 94 26.05 -7.98 -25.04
CA LYS A 94 25.90 -7.92 -23.57
C LYS A 94 25.29 -6.58 -23.11
N ILE A 95 24.12 -6.29 -23.67
CA ILE A 95 23.31 -5.12 -23.33
C ILE A 95 22.08 -5.58 -22.51
N ASN A 96 21.88 -4.99 -21.32
CA ASN A 96 20.78 -5.38 -20.40
C ASN A 96 19.75 -4.23 -20.31
N PRO A 97 18.67 -4.26 -21.17
CA PRO A 97 17.69 -3.13 -21.30
C PRO A 97 16.83 -2.94 -20.04
N ALA A 98 16.51 -1.68 -19.73
CA ALA A 98 15.75 -1.29 -18.54
C ALA A 98 14.36 -0.80 -18.92
N GLY A 99 13.32 -1.49 -18.42
CA GLY A 99 11.94 -1.13 -18.70
C GLY A 99 11.48 -1.61 -20.08
N ALA A 100 11.62 -0.72 -21.08
CA ALA A 100 11.19 -0.99 -22.46
C ALA A 100 12.12 -0.27 -23.46
N PRO A 101 12.48 -0.92 -24.62
CA PRO A 101 13.26 -0.28 -25.68
C PRO A 101 12.38 0.58 -26.63
N THR A 102 12.66 1.89 -26.67
CA THR A 102 11.98 2.82 -27.57
C THR A 102 12.52 2.65 -29.00
N TYR A 103 11.85 1.77 -29.77
CA TYR A 103 12.16 1.56 -31.19
C TYR A 103 11.78 2.82 -32.00
N VAL A 104 12.78 3.45 -32.61
CA VAL A 104 12.59 4.57 -33.53
C VAL A 104 12.81 4.04 -34.97
N PRO A 105 11.71 3.58 -35.68
CA PRO A 105 11.83 3.02 -37.05
C PRO A 105 12.14 4.12 -38.08
N GLY A 106 13.23 3.95 -38.82
CA GLY A 106 13.71 4.98 -39.75
C GLY A 106 13.03 4.94 -41.11
N GLU A 107 13.73 5.45 -42.13
CA GLU A 107 13.23 5.51 -43.52
C GLU A 107 13.48 4.17 -44.24
N TYR A 108 12.37 3.46 -44.54
CA TYR A 108 12.42 2.14 -45.17
C TYR A 108 12.71 2.26 -46.67
N LYS A 109 13.75 1.54 -47.15
CA LYS A 109 14.20 1.61 -48.56
C LYS A 109 14.66 0.23 -49.07
N LEU A 110 14.55 0.04 -50.39
CA LEU A 110 15.14 -1.10 -51.12
C LEU A 110 16.34 -0.58 -51.93
N GLY A 111 17.40 -1.39 -52.04
CA GLY A 111 18.68 -0.96 -52.64
C GLY A 111 19.57 -0.27 -51.61
N GLU A 112 18.99 0.69 -50.88
CA GLU A 112 19.60 1.29 -49.68
C GLU A 112 19.15 0.51 -48.45
N ASP A 113 19.93 0.64 -47.36
CA ASP A 113 19.77 -0.18 -46.14
C ASP A 113 18.90 0.55 -45.09
N PHE A 114 17.93 -0.19 -44.50
CA PHE A 114 16.98 0.36 -43.49
C PHE A 114 17.71 0.64 -42.16
N THR A 115 17.97 1.94 -41.94
CA THR A 115 18.60 2.44 -40.70
C THR A 115 17.51 2.83 -39.69
N TYR A 116 17.65 2.39 -38.43
CA TYR A 116 16.73 2.76 -37.33
C TYR A 116 17.49 2.70 -35.99
N SER A 117 17.07 3.55 -35.04
CA SER A 117 17.72 3.67 -33.73
C SER A 117 16.82 3.08 -32.63
N VAL A 118 17.34 2.11 -31.88
CA VAL A 118 16.64 1.58 -30.70
C VAL A 118 17.21 2.27 -29.45
N GLU A 119 16.52 3.35 -29.01
CA GLU A 119 16.94 4.13 -27.84
C GLU A 119 16.32 3.56 -26.55
N PHE A 120 17.15 3.29 -25.55
CA PHE A 120 16.72 2.76 -24.26
C PHE A 120 17.83 2.91 -23.23
N GLU A 121 17.42 2.92 -21.97
CA GLU A 121 18.33 2.92 -20.83
C GLU A 121 18.68 1.48 -20.45
N VAL A 122 19.84 1.30 -19.81
CA VAL A 122 20.32 -0.03 -19.35
C VAL A 122 20.40 -0.04 -17.82
N TYR A 123 20.63 -1.25 -17.26
CA TYR A 123 20.86 -1.45 -15.83
C TYR A 123 22.34 -1.21 -15.48
N PRO A 124 22.65 -0.24 -14.56
CA PRO A 124 24.03 0.02 -14.10
C PRO A 124 24.43 -0.91 -12.93
N GLU A 125 25.73 -0.90 -12.59
CA GLU A 125 26.26 -1.68 -11.46
C GLU A 125 26.12 -0.86 -10.17
N VAL A 126 25.22 -1.31 -9.29
CA VAL A 126 24.80 -0.56 -8.09
C VAL A 126 25.89 -0.65 -7.01
N GLU A 127 26.46 0.51 -6.64
CA GLU A 127 27.51 0.58 -5.60
C GLU A 127 26.86 0.78 -4.22
N LEU A 128 26.66 -0.35 -3.52
CA LEU A 128 26.08 -0.39 -2.16
C LEU A 128 27.09 0.19 -1.14
N GLN A 129 26.58 0.99 -0.18
CA GLN A 129 27.40 1.64 0.85
C GLN A 129 26.52 2.03 2.05
N GLY A 130 27.15 2.12 3.23
CA GLY A 130 26.46 2.52 4.46
C GLY A 130 25.44 1.51 4.96
N LEU A 131 25.57 0.25 4.50
CA LEU A 131 24.66 -0.84 4.86
C LEU A 131 24.82 -1.19 6.35
N GLU A 132 26.02 -0.93 6.88
CA GLU A 132 26.33 -1.06 8.32
C GLU A 132 25.79 0.12 9.13
N ALA A 133 25.53 1.26 8.45
CA ALA A 133 25.04 2.49 9.10
C ALA A 133 23.51 2.45 9.30
N ILE A 134 22.86 1.48 8.64
CA ILE A 134 21.40 1.28 8.71
C ILE A 134 21.00 0.78 10.12
N GLU A 135 20.43 1.69 10.92
CA GLU A 135 19.96 1.41 12.28
C GLU A 135 18.52 0.82 12.24
N VAL A 136 18.44 -0.51 12.45
CA VAL A 136 17.16 -1.24 12.52
C VAL A 136 16.86 -1.61 13.98
N GLU A 137 15.77 -1.06 14.53
CA GLU A 137 15.37 -1.31 15.92
C GLU A 137 14.38 -2.49 15.93
N LYS A 138 14.87 -3.67 16.30
CA LYS A 138 14.10 -4.91 16.33
C LYS A 138 13.46 -5.10 17.73
N PRO A 139 12.12 -4.95 17.87
CA PRO A 139 11.43 -5.18 19.14
C PRO A 139 10.89 -6.63 19.25
N ILE A 140 11.52 -7.43 20.15
CA ILE A 140 11.01 -8.76 20.52
C ILE A 140 9.72 -8.57 21.35
N VAL A 141 8.61 -8.52 20.64
CA VAL A 141 7.28 -8.33 21.22
C VAL A 141 6.51 -9.66 21.24
N GLU A 142 5.75 -9.87 22.31
CA GLU A 142 4.68 -10.87 22.37
C GLU A 142 3.47 -10.23 23.06
N VAL A 143 2.30 -10.86 22.93
CA VAL A 143 1.04 -10.35 23.49
C VAL A 143 0.91 -10.80 24.96
N THR A 144 1.65 -10.11 25.86
CA THR A 144 1.71 -10.42 27.30
C THR A 144 0.36 -10.13 27.98
N ASP A 145 0.29 -10.37 29.31
CA ASP A 145 -0.95 -10.21 30.10
C ASP A 145 -1.52 -8.79 29.96
N ALA A 146 -0.66 -7.77 30.08
CA ALA A 146 -1.05 -6.34 29.97
C ALA A 146 -1.62 -6.01 28.56
N ASP A 147 -1.13 -6.74 27.55
CA ASP A 147 -1.53 -6.52 26.14
C ASP A 147 -2.88 -7.20 25.84
N VAL A 148 -3.08 -8.41 26.39
CA VAL A 148 -4.34 -9.15 26.27
C VAL A 148 -5.44 -8.38 27.01
N ASP A 149 -5.17 -8.05 28.28
CA ASP A 149 -6.06 -7.21 29.13
C ASP A 149 -6.34 -5.86 28.47
N GLY A 150 -5.29 -5.27 27.85
CA GLY A 150 -5.42 -4.00 27.13
C GLY A 150 -6.37 -4.09 25.94
N MET A 151 -6.24 -5.16 25.14
CA MET A 151 -7.11 -5.41 23.96
C MET A 151 -8.56 -5.63 24.41
N LEU A 152 -8.74 -6.47 25.45
CA LEU A 152 -10.07 -6.79 26.03
C LEU A 152 -10.74 -5.51 26.56
N ASP A 153 -9.92 -4.64 27.19
CA ASP A 153 -10.35 -3.34 27.73
C ASP A 153 -10.84 -2.40 26.61
N THR A 154 -10.09 -2.36 25.49
CA THR A 154 -10.46 -1.56 24.30
C THR A 154 -11.80 -2.04 23.71
N LEU A 155 -11.95 -3.38 23.57
CA LEU A 155 -13.18 -4.03 23.08
C LEU A 155 -14.37 -3.64 23.97
N ARG A 156 -14.17 -3.74 25.30
CA ARG A 156 -15.19 -3.41 26.31
C ARG A 156 -15.44 -1.89 26.40
N LYS A 157 -14.45 -1.05 26.02
CA LYS A 157 -14.61 0.42 25.98
C LYS A 157 -15.49 0.84 24.78
N GLN A 158 -15.35 0.11 23.67
CA GLN A 158 -16.13 0.36 22.44
C GLN A 158 -17.53 -0.27 22.52
N GLN A 159 -17.67 -1.35 23.32
CA GLN A 159 -18.97 -2.01 23.59
C GLN A 159 -19.57 -1.52 24.92
N ALA A 160 -18.97 -0.46 25.51
CA ALA A 160 -19.34 0.05 26.84
C ALA A 160 -20.75 0.66 26.88
N THR A 161 -21.57 0.14 27.81
CA THR A 161 -22.91 0.66 28.09
C THR A 161 -22.79 2.04 28.77
N TRP A 162 -23.34 3.08 28.13
CA TRP A 162 -23.28 4.45 28.67
C TRP A 162 -24.39 4.61 29.73
N LYS A 163 -24.00 4.37 30.99
CA LYS A 163 -24.91 4.42 32.15
C LYS A 163 -25.01 5.88 32.64
N GLU A 164 -26.14 6.55 32.37
CA GLU A 164 -26.36 7.94 32.80
C GLU A 164 -26.38 8.02 34.33
N LYS A 165 -25.26 8.50 34.89
CA LYS A 165 -25.01 8.50 36.33
C LYS A 165 -24.86 9.93 36.88
N ASP A 166 -24.67 10.00 38.20
CA ASP A 166 -24.56 11.27 38.96
C ASP A 166 -23.58 11.06 40.13
N GLY A 167 -22.89 12.14 40.54
CA GLY A 167 -22.01 12.10 41.72
C GLY A 167 -20.56 12.44 41.41
N ALA A 168 -19.99 11.83 40.36
CA ALA A 168 -18.58 12.07 39.97
C ALA A 168 -18.35 11.78 38.48
N VAL A 169 -17.67 12.71 37.77
CA VAL A 169 -17.13 12.46 36.42
C VAL A 169 -15.78 11.72 36.57
N GLU A 170 -15.52 10.71 35.72
CA GLU A 170 -14.21 10.02 35.65
C GLU A 170 -13.40 10.55 34.45
N ALA A 171 -12.17 10.04 34.33
CA ALA A 171 -11.18 10.57 33.38
C ALA A 171 -11.44 10.13 31.93
N GLU A 172 -12.18 9.03 31.75
CA GLU A 172 -12.42 8.42 30.42
C GLU A 172 -13.93 8.21 30.17
N ASP A 173 -14.77 8.95 30.92
CA ASP A 173 -16.25 8.81 30.83
C ASP A 173 -16.82 9.53 29.59
N ARG A 174 -18.16 9.59 29.57
CA ARG A 174 -18.95 10.46 28.70
C ARG A 174 -19.75 11.42 29.58
N VAL A 175 -20.15 12.56 29.02
CA VAL A 175 -20.94 13.62 29.70
C VAL A 175 -21.93 14.24 28.71
N THR A 176 -22.76 15.18 29.20
CA THR A 176 -23.67 15.97 28.35
C THR A 176 -23.64 17.42 28.86
N ILE A 177 -23.31 18.38 27.96
CA ILE A 177 -23.12 19.81 28.30
C ILE A 177 -24.01 20.70 27.41
N ASP A 178 -24.21 21.96 27.84
CA ASP A 178 -24.46 23.09 26.92
C ASP A 178 -23.28 24.04 27.14
N PHE A 179 -22.32 24.11 26.20
CA PHE A 179 -21.14 24.99 26.40
C PHE A 179 -21.42 26.34 25.73
N THR A 180 -21.13 27.45 26.42
CA THR A 180 -21.57 28.80 26.01
C THR A 180 -20.46 29.84 26.30
N GLY A 181 -19.64 30.17 25.29
CA GLY A 181 -18.56 31.13 25.48
C GLY A 181 -17.93 31.65 24.20
N SER A 182 -16.92 32.54 24.36
CA SER A 182 -16.24 33.22 23.25
C SER A 182 -14.79 32.74 23.10
N VAL A 183 -14.33 32.58 21.84
CA VAL A 183 -12.96 32.16 21.51
C VAL A 183 -12.08 33.41 21.36
N ASP A 184 -10.91 33.45 22.07
CA ASP A 184 -9.96 34.60 22.01
C ASP A 184 -10.58 35.89 22.61
N GLY A 185 -11.68 35.71 23.37
CA GLY A 185 -12.46 36.83 23.89
C GLY A 185 -13.26 37.54 22.82
N GLU A 186 -13.70 36.79 21.80
CA GLU A 186 -14.53 37.30 20.69
C GLU A 186 -15.51 36.20 20.23
N GLU A 187 -16.70 36.63 19.75
CA GLU A 187 -17.75 35.71 19.30
C GLU A 187 -17.40 35.06 17.94
N PHE A 188 -16.65 33.95 17.99
CA PHE A 188 -16.44 33.05 16.84
C PHE A 188 -17.53 31.98 16.83
N GLU A 189 -17.68 31.26 15.69
CA GLU A 189 -18.60 30.13 15.58
C GLU A 189 -18.00 28.93 16.35
N GLY A 190 -18.84 27.96 16.73
CA GLY A 190 -18.40 26.87 17.61
C GLY A 190 -18.23 27.32 19.06
N GLY A 191 -18.82 28.50 19.37
CA GLY A 191 -18.86 29.03 20.73
C GLY A 191 -19.94 28.38 21.58
N LYS A 192 -20.92 27.76 20.91
CA LYS A 192 -22.03 27.09 21.58
C LYS A 192 -22.50 25.85 20.80
N ALA A 193 -22.78 24.77 21.57
CA ALA A 193 -23.54 23.59 21.10
C ALA A 193 -24.30 23.01 22.31
N SER A 194 -25.63 22.86 22.16
CA SER A 194 -26.51 22.30 23.20
C SER A 194 -26.53 20.77 23.08
N ASP A 195 -26.50 20.08 24.25
CA ASP A 195 -26.42 18.62 24.35
C ASP A 195 -25.16 18.11 23.63
N PHE A 196 -24.05 18.80 23.93
CA PHE A 196 -22.71 18.41 23.52
C PHE A 196 -22.29 17.21 24.38
N VAL A 197 -22.51 16.01 23.83
CA VAL A 197 -22.31 14.76 24.55
C VAL A 197 -20.90 14.22 24.25
N LEU A 198 -19.90 14.76 24.98
CA LEU A 198 -18.47 14.43 24.77
C LEU A 198 -18.06 13.18 25.57
N ALA A 199 -17.12 12.40 25.02
CA ALA A 199 -16.42 11.34 25.74
C ALA A 199 -14.97 11.78 25.93
N MET A 200 -14.51 11.85 27.19
CA MET A 200 -13.13 12.23 27.55
C MET A 200 -12.21 11.00 27.56
N GLY A 201 -10.89 11.24 27.62
CA GLY A 201 -9.90 10.16 27.69
C GLY A 201 -9.22 9.96 26.35
N GLN A 202 -10.03 9.88 25.29
CA GLN A 202 -9.54 9.86 23.91
C GLN A 202 -9.70 11.26 23.30
N GLY A 203 -8.74 11.65 22.42
CA GLY A 203 -8.68 13.03 21.90
C GLY A 203 -9.72 13.33 20.81
N ARG A 204 -10.95 13.60 21.26
CA ARG A 204 -12.05 14.11 20.41
C ARG A 204 -12.29 15.61 20.68
N MET A 205 -11.31 16.24 21.35
CA MET A 205 -11.43 17.61 21.89
C MET A 205 -10.06 18.08 22.45
N ILE A 206 -9.93 19.42 22.66
CA ILE A 206 -8.74 20.07 23.27
C ILE A 206 -8.34 19.39 24.61
N PRO A 207 -7.06 18.95 24.77
CA PRO A 207 -6.50 18.58 26.09
C PRO A 207 -6.53 19.80 27.04
N GLY A 208 -7.35 19.72 28.08
CA GLY A 208 -7.64 20.86 28.97
C GLY A 208 -9.13 21.16 29.02
N PHE A 209 -9.81 21.05 27.85
CA PHE A 209 -11.28 21.20 27.77
C PHE A 209 -11.94 20.01 28.45
N GLU A 210 -11.49 18.80 28.06
CA GLU A 210 -12.02 17.56 28.63
C GLU A 210 -11.73 17.47 30.13
N ASP A 211 -10.54 17.96 30.53
CA ASP A 211 -10.08 17.95 31.93
C ASP A 211 -10.90 18.91 32.79
N GLY A 212 -11.30 20.05 32.19
CA GLY A 212 -12.17 21.01 32.86
C GLY A 212 -13.49 20.39 33.30
N ILE A 213 -14.00 19.46 32.48
CA ILE A 213 -15.21 18.68 32.75
C ILE A 213 -14.94 17.64 33.86
N LYS A 214 -13.82 16.90 33.67
CA LYS A 214 -13.37 15.80 34.56
C LYS A 214 -13.14 16.28 36.01
N GLY A 215 -12.82 17.57 36.18
CA GLY A 215 -12.61 18.17 37.49
C GLY A 215 -13.91 18.52 38.24
N HIS A 216 -15.05 17.95 37.80
CA HIS A 216 -16.39 18.21 38.40
C HIS A 216 -17.18 16.90 38.51
N LYS A 217 -18.49 16.97 38.86
CA LYS A 217 -19.24 15.79 39.33
C LYS A 217 -20.38 15.35 38.39
N ALA A 218 -21.46 16.16 38.24
CA ALA A 218 -22.58 15.78 37.34
C ALA A 218 -23.33 16.98 36.73
N GLY A 219 -23.96 17.78 37.62
CA GLY A 219 -25.01 18.74 37.24
C GLY A 219 -24.70 20.14 37.72
N GLU A 220 -23.52 20.64 37.34
CA GLU A 220 -23.03 21.95 37.78
C GLU A 220 -22.46 22.76 36.59
N GLU A 221 -22.75 24.07 36.57
CA GLU A 221 -22.24 24.99 35.55
C GLU A 221 -20.95 25.68 36.06
N PHE A 222 -20.02 25.90 35.13
CA PHE A 222 -18.72 26.55 35.39
C PHE A 222 -18.17 27.12 34.07
N THR A 223 -16.98 27.74 34.10
CA THR A 223 -16.38 28.38 32.90
C THR A 223 -14.86 28.12 32.88
N ILE A 224 -14.38 27.35 31.89
CA ILE A 224 -12.95 26.97 31.81
C ILE A 224 -12.24 27.75 30.68
N ASP A 225 -10.98 28.14 30.96
CA ASP A 225 -10.06 28.76 30.00
C ASP A 225 -9.32 27.66 29.24
N VAL A 226 -9.61 27.49 27.95
CA VAL A 226 -8.94 26.49 27.10
C VAL A 226 -8.05 27.19 26.07
N THR A 227 -6.76 26.91 26.16
CA THR A 227 -5.81 27.28 25.13
C THR A 227 -5.84 26.18 24.04
N PHE A 228 -6.46 26.51 22.89
CA PHE A 228 -6.43 25.65 21.70
C PHE A 228 -4.99 25.13 21.40
N PRO A 229 -4.85 23.87 20.91
CA PRO A 229 -3.54 23.20 20.79
C PRO A 229 -2.60 23.89 19.77
N GLU A 230 -1.35 24.15 20.19
CA GLU A 230 -0.28 24.65 19.30
C GLU A 230 0.15 23.58 18.28
N GLU A 231 -0.31 22.34 18.52
CA GLU A 231 -0.10 21.20 17.63
C GLU A 231 -0.97 21.37 16.37
N TYR A 232 -2.15 21.97 16.57
CA TYR A 232 -3.15 22.18 15.53
C TYR A 232 -2.70 23.30 14.56
N HIS A 233 -2.88 23.04 13.26
CA HIS A 233 -2.37 23.91 12.17
C HIS A 233 -3.35 25.00 11.78
N ALA A 234 -4.55 25.02 12.41
CA ALA A 234 -5.50 26.12 12.26
C ALA A 234 -4.89 27.39 12.85
N GLU A 235 -4.35 28.25 11.98
CA GLU A 235 -3.51 29.40 12.37
C GLU A 235 -4.29 30.40 13.25
N ASN A 236 -5.56 30.65 12.90
CA ASN A 236 -6.42 31.61 13.63
C ASN A 236 -7.01 30.99 14.92
N LEU A 237 -6.77 29.68 15.15
CA LEU A 237 -7.28 28.98 16.35
C LEU A 237 -6.15 28.58 17.30
N LYS A 238 -4.96 28.27 16.78
CA LYS A 238 -3.85 27.71 17.58
C LYS A 238 -3.40 28.70 18.68
N GLY A 239 -3.46 28.23 19.94
CA GLY A 239 -3.04 29.03 21.10
C GLY A 239 -4.08 30.03 21.58
N LYS A 240 -5.28 30.02 20.99
CA LYS A 240 -6.36 30.95 21.36
C LYS A 240 -7.00 30.51 22.69
N ALA A 241 -6.93 31.40 23.69
CA ALA A 241 -7.50 31.16 25.01
C ALA A 241 -9.00 31.50 24.99
N ALA A 242 -9.80 30.46 24.71
CA ALA A 242 -11.26 30.54 24.70
C ALA A 242 -11.82 30.34 26.12
N LYS A 243 -12.96 30.97 26.39
CA LYS A 243 -13.62 30.92 27.71
C LYS A 243 -15.06 30.40 27.52
N PHE A 244 -15.26 29.08 27.71
CA PHE A 244 -16.56 28.43 27.51
C PHE A 244 -17.24 28.16 28.86
N ALA A 245 -18.47 28.67 29.03
CA ALA A 245 -19.29 28.35 30.19
C ALA A 245 -19.89 26.95 30.00
N ILE A 246 -19.18 25.96 30.55
CA ILE A 246 -19.56 24.55 30.49
C ILE A 246 -20.76 24.32 31.41
N ASN A 247 -21.95 24.14 30.83
CA ASN A 247 -23.15 23.81 31.61
C ASN A 247 -23.19 22.29 31.71
N LEU A 248 -22.36 21.72 32.61
CA LEU A 248 -22.26 20.26 32.78
C LEU A 248 -23.58 19.75 33.34
N LYS A 249 -24.41 19.18 32.45
CA LYS A 249 -25.77 18.75 32.76
C LYS A 249 -25.76 17.35 33.38
N LYS A 250 -25.22 16.38 32.62
CA LYS A 250 -25.27 14.95 32.97
C LYS A 250 -23.92 14.28 32.77
N VAL A 251 -23.81 13.05 33.28
CA VAL A 251 -22.66 12.15 33.06
C VAL A 251 -23.21 10.79 32.59
N GLU A 252 -22.48 10.14 31.70
CA GLU A 252 -22.74 8.76 31.28
C GLU A 252 -21.44 7.96 31.42
N GLU A 253 -21.38 7.10 32.43
CA GLU A 253 -20.25 6.19 32.66
C GLU A 253 -20.13 5.22 31.48
N ARG A 254 -18.90 5.04 30.95
CA ARG A 254 -18.64 3.98 29.97
C ARG A 254 -18.45 2.65 30.71
N GLU A 255 -19.54 2.19 31.33
CA GLU A 255 -19.56 0.95 32.10
C GLU A 255 -19.35 -0.23 31.14
N LEU A 256 -18.14 -0.83 31.22
CA LEU A 256 -17.74 -1.95 30.36
C LEU A 256 -18.76 -3.10 30.50
N PRO A 257 -19.19 -3.75 29.37
CA PRO A 257 -20.24 -4.80 29.41
C PRO A 257 -19.73 -6.09 30.06
N GLU A 258 -20.61 -7.10 30.16
CA GLU A 258 -20.32 -8.36 30.88
C GLU A 258 -19.25 -9.19 30.16
N LEU A 259 -18.85 -10.30 30.79
CA LEU A 259 -17.98 -11.32 30.17
C LEU A 259 -18.79 -12.65 30.08
N THR A 260 -20.12 -12.47 29.99
CA THR A 260 -21.11 -13.55 29.73
C THR A 260 -20.84 -14.17 28.34
N ALA A 261 -21.38 -15.41 28.11
CA ALA A 261 -21.32 -16.13 26.82
C ALA A 261 -21.65 -15.20 25.63
N GLU A 262 -22.76 -14.46 25.80
CA GLU A 262 -23.32 -13.51 24.81
C GLU A 262 -22.31 -12.42 24.38
N PHE A 263 -21.27 -12.18 25.18
CA PHE A 263 -20.20 -11.22 24.86
C PHE A 263 -18.95 -11.96 24.36
N ILE A 264 -18.43 -12.88 25.21
CA ILE A 264 -17.14 -13.55 25.00
C ILE A 264 -17.09 -14.33 23.66
N LYS A 265 -18.20 -15.00 23.29
CA LYS A 265 -18.27 -15.76 22.03
C LYS A 265 -18.93 -14.94 20.91
N ARG A 266 -19.33 -13.68 21.22
CA ARG A 266 -19.84 -12.71 20.18
C ARG A 266 -18.67 -12.36 19.23
N PHE A 267 -17.45 -12.50 19.78
CA PHE A 267 -16.18 -12.40 19.04
C PHE A 267 -15.89 -13.69 18.21
N GLY A 268 -16.91 -14.56 18.04
CA GLY A 268 -16.80 -15.73 17.18
C GLY A 268 -16.05 -16.90 17.80
N VAL A 269 -15.72 -16.77 19.10
CA VAL A 269 -14.91 -17.77 19.84
C VAL A 269 -15.76 -19.01 20.16
N GLU A 270 -15.20 -20.22 19.96
CA GLU A 270 -15.88 -21.49 20.26
C GLU A 270 -15.90 -21.75 21.77
N ASP A 271 -14.80 -21.41 22.47
CA ASP A 271 -14.66 -21.67 23.91
C ASP A 271 -15.34 -20.56 24.73
N GLY A 272 -16.13 -20.98 25.72
CA GLY A 272 -16.85 -20.05 26.60
C GLY A 272 -16.04 -19.56 27.78
N SER A 273 -14.95 -20.28 28.10
CA SER A 273 -14.05 -19.92 29.21
C SER A 273 -13.19 -18.71 28.82
N VAL A 274 -12.86 -17.87 29.83
CA VAL A 274 -12.14 -16.60 29.65
C VAL A 274 -10.82 -16.81 28.90
N GLU A 275 -10.08 -17.83 29.36
CA GLU A 275 -8.80 -18.26 28.79
C GLU A 275 -8.89 -18.54 27.27
N GLY A 276 -10.09 -18.94 26.79
CA GLY A 276 -10.32 -19.18 25.37
C GLY A 276 -10.36 -17.89 24.56
N LEU A 277 -10.92 -16.80 25.16
CA LEU A 277 -10.96 -15.48 24.51
C LEU A 277 -9.57 -14.88 24.54
N ARG A 278 -8.87 -15.08 25.67
CA ARG A 278 -7.49 -14.60 25.85
C ARG A 278 -6.51 -15.37 24.95
N ALA A 279 -6.86 -16.64 24.64
CA ALA A 279 -6.06 -17.47 23.72
C ALA A 279 -6.30 -17.02 22.28
N GLU A 280 -7.56 -16.69 21.96
CA GLU A 280 -7.96 -16.21 20.64
C GLU A 280 -7.33 -14.82 20.36
N VAL A 281 -7.32 -13.97 21.42
CA VAL A 281 -6.68 -12.65 21.40
C VAL A 281 -5.15 -12.82 21.26
N ARG A 282 -4.58 -13.79 21.99
CA ARG A 282 -3.14 -14.11 21.92
C ARG A 282 -2.72 -14.42 20.47
N LYS A 283 -3.35 -15.45 19.86
CA LYS A 283 -2.99 -15.96 18.53
C LYS A 283 -3.29 -14.95 17.41
N ASN A 284 -4.43 -14.22 17.50
CA ASN A 284 -4.82 -13.24 16.44
C ASN A 284 -4.00 -11.95 16.53
N MET A 285 -3.70 -11.49 17.76
CA MET A 285 -2.82 -10.32 17.94
C MET A 285 -1.40 -10.67 17.50
N GLU A 286 -0.94 -11.93 17.76
CA GLU A 286 0.38 -12.43 17.28
C GLU A 286 0.41 -12.60 15.74
N ARG A 287 -0.77 -12.93 15.19
CA ARG A 287 -1.01 -13.05 13.74
C ARG A 287 -0.72 -11.70 13.06
N GLU A 288 -1.30 -10.63 13.61
CA GLU A 288 -1.05 -9.24 13.17
C GLU A 288 0.31 -8.68 13.69
N LEU A 289 0.83 -9.27 14.80
CA LEU A 289 2.06 -8.81 15.48
C LEU A 289 3.30 -9.04 14.61
N LYS A 290 3.56 -10.32 14.27
CA LYS A 290 4.74 -10.73 13.47
C LYS A 290 4.81 -9.94 12.16
N SER A 291 3.60 -9.68 11.62
CA SER A 291 3.37 -8.91 10.41
C SER A 291 3.83 -7.45 10.56
N ALA A 292 3.32 -6.75 11.59
CA ALA A 292 3.65 -5.33 11.82
C ALA A 292 5.10 -5.13 12.36
N ILE A 293 5.68 -6.19 12.99
CA ILE A 293 7.11 -6.22 13.36
C ILE A 293 7.95 -6.39 12.09
N ARG A 294 7.43 -7.18 11.14
CA ARG A 294 8.10 -7.40 9.85
C ARG A 294 8.12 -6.07 9.07
N ASN A 295 7.03 -5.30 9.19
CA ASN A 295 6.93 -3.93 8.67
C ASN A 295 7.97 -3.02 9.35
N ARG A 296 8.07 -3.10 10.69
CA ARG A 296 9.07 -2.34 11.49
C ARG A 296 10.52 -2.56 10.96
N VAL A 297 10.96 -3.83 11.01
CA VAL A 297 12.33 -4.23 10.68
C VAL A 297 12.65 -3.88 9.22
N LYS A 298 11.73 -4.23 8.31
CA LYS A 298 11.89 -3.97 6.87
C LYS A 298 11.91 -2.47 6.58
N SER A 299 10.98 -1.70 7.19
CA SER A 299 10.83 -0.25 6.89
C SER A 299 12.07 0.53 7.30
N GLN A 300 12.65 0.20 8.48
CA GLN A 300 13.90 0.82 8.93
C GLN A 300 15.09 0.41 8.04
N ALA A 301 15.11 -0.86 7.61
CA ALA A 301 16.14 -1.38 6.70
C ALA A 301 16.09 -0.71 5.32
N ILE A 302 14.86 -0.52 4.79
CA ILE A 302 14.61 0.03 3.45
C ILE A 302 14.86 1.55 3.45
N GLU A 303 14.39 2.22 4.51
CA GLU A 303 14.59 3.66 4.70
C GLU A 303 16.08 3.96 4.83
N GLY A 304 16.78 3.11 5.61
CA GLY A 304 18.23 3.22 5.77
C GLY A 304 18.99 2.93 4.47
N LEU A 305 18.50 1.94 3.70
CA LEU A 305 19.05 1.57 2.36
C LEU A 305 19.08 2.81 1.46
N VAL A 306 17.91 3.42 1.24
CA VAL A 306 17.79 4.60 0.38
C VAL A 306 18.56 5.81 0.97
N LYS A 307 18.43 6.01 2.29
CA LYS A 307 19.04 7.16 3.01
C LYS A 307 20.58 7.14 2.89
N ALA A 308 21.17 5.92 2.88
CA ALA A 308 22.62 5.73 2.81
C ALA A 308 23.10 5.40 1.38
N ASN A 309 22.18 5.34 0.38
CA ASN A 309 22.55 4.94 -1.01
C ASN A 309 21.84 5.79 -2.07
N ASP A 310 22.51 6.02 -3.19
CA ASP A 310 21.92 6.63 -4.39
C ASP A 310 22.47 5.91 -5.62
N ILE A 311 21.58 5.62 -6.58
CA ILE A 311 21.91 4.85 -7.79
C ILE A 311 21.31 5.55 -9.02
N ASP A 312 22.01 5.45 -10.16
CA ASP A 312 21.47 5.82 -11.47
C ASP A 312 20.24 4.97 -11.80
N VAL A 313 19.07 5.47 -11.40
CA VAL A 313 17.80 4.82 -11.67
C VAL A 313 17.32 5.21 -13.09
N PRO A 314 17.20 4.23 -14.03
CA PRO A 314 16.60 4.47 -15.35
C PRO A 314 15.18 5.09 -15.24
N ALA A 315 15.01 6.25 -15.92
CA ALA A 315 13.75 7.01 -15.93
C ALA A 315 12.57 6.17 -16.38
N ALA A 316 12.79 5.28 -17.37
CA ALA A 316 11.77 4.38 -17.94
C ALA A 316 11.08 3.53 -16.85
N LEU A 317 11.91 3.01 -15.92
CA LEU A 317 11.43 2.24 -14.75
C LEU A 317 10.51 3.09 -13.86
N ILE A 318 10.94 4.34 -13.62
CA ILE A 318 10.23 5.28 -12.74
C ILE A 318 8.85 5.63 -13.35
N ASP A 319 8.85 5.95 -14.67
CA ASP A 319 7.62 6.22 -15.46
C ASP A 319 6.61 5.07 -15.32
N SER A 320 7.13 3.83 -15.49
CA SER A 320 6.33 2.59 -15.36
C SER A 320 5.67 2.50 -13.97
N GLU A 321 6.49 2.59 -12.91
CA GLU A 321 6.03 2.41 -11.52
C GLU A 321 5.11 3.57 -11.07
N ILE A 322 5.34 4.79 -11.62
CA ILE A 322 4.47 5.97 -11.40
C ILE A 322 3.07 5.66 -11.93
N ASP A 323 3.03 5.19 -13.20
CA ASP A 323 1.78 4.86 -13.90
C ASP A 323 0.98 3.79 -13.11
N VAL A 324 1.69 2.75 -12.61
CA VAL A 324 1.10 1.69 -11.77
C VAL A 324 0.48 2.30 -10.49
N LEU A 325 1.25 3.18 -9.81
CA LEU A 325 0.82 3.86 -8.58
C LEU A 325 -0.36 4.82 -8.83
N ARG A 326 -0.44 5.39 -10.05
CA ARG A 326 -1.54 6.30 -10.43
C ARG A 326 -2.81 5.50 -10.70
N ARG A 327 -2.67 4.32 -11.32
CA ARG A 327 -3.82 3.42 -11.59
C ARG A 327 -4.37 2.86 -10.28
N GLN A 328 -3.46 2.54 -9.34
CA GLN A 328 -3.80 2.07 -7.99
C GLN A 328 -4.48 3.19 -7.17
N ALA A 329 -4.01 4.43 -7.36
CA ALA A 329 -4.58 5.61 -6.68
C ALA A 329 -6.00 5.90 -7.20
N ALA A 330 -6.12 5.96 -8.54
CA ALA A 330 -7.40 6.20 -9.24
C ALA A 330 -8.41 5.07 -8.95
N GLN A 331 -7.88 3.85 -8.74
CA GLN A 331 -8.67 2.68 -8.31
C GLN A 331 -9.27 2.92 -6.91
N ARG A 332 -8.53 3.65 -6.06
CA ARG A 332 -8.97 3.98 -4.69
C ARG A 332 -9.90 5.20 -4.71
N PHE A 333 -9.71 6.09 -5.70
CA PHE A 333 -10.57 7.27 -5.90
C PHE A 333 -11.60 6.98 -7.00
N GLY A 334 -12.64 6.20 -6.63
CA GLY A 334 -13.77 5.92 -7.51
C GLY A 334 -13.59 4.73 -8.45
N GLY A 335 -12.33 4.35 -8.75
CA GLY A 335 -12.06 3.34 -9.78
C GLY A 335 -12.09 3.96 -11.17
N ASN A 336 -11.39 5.09 -11.29
CA ASN A 336 -11.33 5.89 -12.53
C ASN A 336 -10.57 5.13 -13.62
N GLU A 337 -11.29 4.75 -14.68
CA GLU A 337 -10.76 3.94 -15.78
C GLU A 337 -9.76 4.76 -16.63
N LYS A 338 -8.46 4.60 -16.28
CA LYS A 338 -7.31 5.17 -17.04
C LYS A 338 -7.18 6.71 -16.89
N GLN A 339 -8.09 7.34 -16.10
CA GLN A 339 -7.99 8.78 -15.72
C GLN A 339 -6.72 9.02 -14.87
N ALA A 340 -6.18 7.90 -14.33
CA ALA A 340 -4.87 7.80 -13.69
C ALA A 340 -3.77 8.64 -14.37
N LEU A 341 -3.77 8.62 -15.73
CA LEU A 341 -2.78 9.34 -16.58
C LEU A 341 -2.70 10.84 -16.23
N GLU A 342 -3.85 11.43 -15.86
CA GLU A 342 -3.98 12.85 -15.48
C GLU A 342 -3.29 13.17 -14.14
N LEU A 343 -3.31 12.20 -13.18
CA LEU A 343 -2.85 12.42 -11.79
C LEU A 343 -1.38 12.94 -11.76
N PRO A 344 -1.10 14.14 -11.11
CA PRO A 344 0.23 14.81 -11.14
C PRO A 344 1.42 13.89 -10.80
N ARG A 345 2.37 13.77 -11.75
CA ARG A 345 3.54 12.87 -11.67
C ARG A 345 4.36 13.12 -10.40
N GLU A 346 4.46 14.40 -10.00
CA GLU A 346 5.25 14.84 -8.83
C GLU A 346 4.59 14.47 -7.48
N LEU A 347 3.45 13.76 -7.50
CA LEU A 347 2.86 13.13 -6.29
C LEU A 347 3.29 11.64 -6.18
N PHE A 348 3.78 11.09 -7.30
CA PHE A 348 4.16 9.66 -7.42
C PHE A 348 5.63 9.50 -7.78
N GLU A 349 6.29 10.60 -8.17
CA GLU A 349 7.70 10.63 -8.62
C GLU A 349 8.64 10.06 -7.55
N GLU A 350 8.48 10.60 -6.32
CA GLU A 350 9.33 10.26 -5.18
C GLU A 350 9.13 8.81 -4.73
N GLN A 351 7.86 8.41 -4.50
CA GLN A 351 7.52 7.07 -3.98
C GLN A 351 7.83 5.96 -5.01
N ALA A 352 7.61 6.24 -6.31
CA ALA A 352 7.94 5.29 -7.37
C ALA A 352 9.45 5.09 -7.42
N LYS A 353 10.21 6.21 -7.60
CA LYS A 353 11.67 6.16 -7.66
C LYS A 353 12.24 5.53 -6.38
N ARG A 354 11.58 5.75 -5.22
CA ARG A 354 11.90 5.07 -3.96
C ARG A 354 11.84 3.55 -4.15
N ARG A 355 10.71 3.05 -4.71
CA ARG A 355 10.47 1.60 -4.88
C ARG A 355 11.44 0.99 -5.92
N VAL A 356 11.87 1.80 -6.90
CA VAL A 356 12.84 1.35 -7.92
C VAL A 356 14.28 1.34 -7.36
N VAL A 357 14.62 2.36 -6.51
CA VAL A 357 15.91 2.42 -5.79
C VAL A 357 16.06 1.15 -4.94
N VAL A 358 14.98 0.82 -4.21
CA VAL A 358 14.90 -0.41 -3.39
C VAL A 358 15.11 -1.66 -4.26
N GLY A 359 14.48 -1.68 -5.45
CA GLY A 359 14.58 -2.82 -6.37
C GLY A 359 15.98 -2.99 -6.96
N LEU A 360 16.70 -1.87 -7.14
CA LEU A 360 18.08 -1.87 -7.68
C LEU A 360 19.10 -2.22 -6.57
N LEU A 361 18.88 -1.70 -5.34
CA LEU A 361 19.75 -1.94 -4.18
C LEU A 361 19.66 -3.42 -3.79
N LEU A 362 18.43 -3.89 -3.53
CA LEU A 362 18.14 -5.30 -3.22
C LEU A 362 18.52 -6.20 -4.40
N GLY A 363 18.34 -5.71 -5.64
CA GLY A 363 18.74 -6.44 -6.85
C GLY A 363 20.25 -6.69 -6.91
N GLU A 364 21.02 -5.71 -6.42
CA GLU A 364 22.48 -5.85 -6.31
C GLU A 364 22.84 -6.82 -5.19
N VAL A 365 22.16 -6.70 -4.02
CA VAL A 365 22.34 -7.62 -2.87
C VAL A 365 22.09 -9.08 -3.32
N ILE A 366 21.09 -9.22 -4.21
CA ILE A 366 20.75 -10.49 -4.86
C ILE A 366 21.96 -11.02 -5.64
N ARG A 367 22.43 -10.26 -6.66
CA ARG A 367 23.53 -10.72 -7.54
C ARG A 367 24.82 -11.03 -6.72
N THR A 368 25.24 -10.03 -5.91
CA THR A 368 26.40 -10.12 -5.01
C THR A 368 26.39 -11.40 -4.14
N ASN A 369 25.26 -11.64 -3.44
CA ASN A 369 25.12 -12.79 -2.51
C ASN A 369 24.37 -13.97 -3.18
N GLU A 370 24.29 -13.96 -4.55
CA GLU A 370 23.61 -14.99 -5.40
C GLU A 370 22.24 -15.48 -4.85
N LEU A 371 21.45 -14.54 -4.28
CA LEU A 371 20.15 -14.83 -3.63
C LEU A 371 19.06 -15.24 -4.66
N LYS A 372 17.97 -15.83 -4.13
CA LYS A 372 16.82 -16.31 -4.93
C LYS A 372 15.54 -16.30 -4.07
N ALA A 373 14.36 -16.08 -4.71
CA ALA A 373 13.06 -16.10 -4.02
C ALA A 373 12.76 -17.52 -3.53
N ASP A 374 12.98 -17.75 -2.23
CA ASP A 374 12.95 -19.08 -1.63
C ASP A 374 11.49 -19.62 -1.60
N GLU A 375 11.17 -20.51 -2.55
CA GLU A 375 9.82 -21.06 -2.74
C GLU A 375 9.33 -21.88 -1.53
N GLU A 376 10.27 -22.39 -0.72
CA GLU A 376 9.94 -23.11 0.52
C GLU A 376 9.55 -22.10 1.64
N ARG A 377 10.06 -20.86 1.52
CA ARG A 377 9.72 -19.76 2.45
C ARG A 377 8.36 -19.17 2.06
N VAL A 378 8.12 -19.08 0.73
CA VAL A 378 6.81 -18.70 0.18
C VAL A 378 5.75 -19.67 0.72
N LYS A 379 5.99 -20.98 0.47
CA LYS A 379 5.11 -22.06 0.92
C LYS A 379 4.98 -22.10 2.45
N GLY A 380 6.09 -21.78 3.16
CA GLY A 380 6.07 -21.66 4.62
C GLY A 380 5.02 -20.65 5.10
N LEU A 381 5.06 -19.47 4.47
CA LEU A 381 4.11 -18.37 4.75
C LEU A 381 2.67 -18.74 4.31
N ILE A 382 2.54 -19.50 3.21
CA ILE A 382 1.24 -20.00 2.71
C ILE A 382 0.58 -20.88 3.78
N GLU A 383 1.35 -21.83 4.33
CA GLU A 383 0.83 -22.76 5.34
C GLU A 383 0.55 -22.07 6.67
N GLU A 384 1.38 -21.08 7.09
CA GLU A 384 1.11 -20.30 8.33
C GLU A 384 -0.22 -19.53 8.21
N MET A 385 -0.43 -18.96 7.01
CA MET A 385 -1.64 -18.20 6.67
C MET A 385 -2.90 -19.13 6.61
N ALA A 386 -2.72 -20.31 6.02
CA ALA A 386 -3.80 -21.28 5.81
C ALA A 386 -4.09 -22.13 7.06
N SER A 387 -3.09 -22.21 7.98
CA SER A 387 -3.20 -22.92 9.28
C SER A 387 -4.32 -22.35 10.14
N ALA A 388 -4.64 -21.08 9.88
CA ALA A 388 -5.67 -20.34 10.59
C ALA A 388 -7.10 -20.78 10.19
N TYR A 389 -7.25 -21.45 9.04
CA TYR A 389 -8.57 -21.89 8.54
C TYR A 389 -8.76 -23.40 8.74
N GLU A 390 -10.03 -23.80 8.83
CA GLU A 390 -10.44 -25.19 9.10
C GLU A 390 -10.00 -26.12 7.96
N ASP A 391 -10.13 -25.61 6.72
CA ASP A 391 -9.64 -26.27 5.50
C ASP A 391 -8.65 -25.33 4.78
N PRO A 392 -7.31 -25.62 4.84
CA PRO A 392 -6.29 -24.86 4.09
C PRO A 392 -6.49 -24.91 2.56
N LYS A 393 -6.95 -26.07 2.07
CA LYS A 393 -6.97 -26.40 0.62
C LYS A 393 -7.69 -25.33 -0.23
N GLU A 394 -8.90 -24.94 0.20
CA GLU A 394 -9.72 -23.93 -0.48
C GLU A 394 -9.08 -22.53 -0.41
N VAL A 395 -8.26 -22.30 0.63
CA VAL A 395 -7.58 -21.01 0.84
C VAL A 395 -6.41 -20.91 -0.14
N ILE A 396 -5.70 -22.04 -0.36
CA ILE A 396 -4.63 -22.14 -1.38
C ILE A 396 -5.21 -21.85 -2.79
N GLU A 397 -6.36 -22.50 -3.12
CA GLU A 397 -7.07 -22.32 -4.41
C GLU A 397 -7.43 -20.83 -4.62
N PHE A 398 -8.19 -20.28 -3.65
CA PHE A 398 -8.62 -18.86 -3.60
C PHE A 398 -7.43 -17.90 -3.80
N TYR A 399 -6.34 -18.20 -3.09
CA TYR A 399 -5.15 -17.35 -3.04
C TYR A 399 -4.43 -17.30 -4.39
N SER A 400 -4.18 -18.47 -4.99
CA SER A 400 -3.51 -18.58 -6.29
C SER A 400 -4.37 -17.99 -7.43
N LYS A 401 -5.70 -17.94 -7.21
CA LYS A 401 -6.66 -17.28 -8.13
C LYS A 401 -6.77 -15.77 -7.81
N ASN A 402 -6.24 -15.36 -6.65
CA ASN A 402 -6.15 -13.94 -6.27
C ASN A 402 -4.65 -13.59 -6.37
N LYS A 403 -4.20 -13.58 -7.64
CA LYS A 403 -2.78 -13.70 -8.02
C LYS A 403 -1.96 -12.46 -7.63
N GLU A 404 -2.65 -11.35 -7.34
CA GLU A 404 -2.01 -10.11 -6.86
C GLU A 404 -1.23 -10.38 -5.55
N LEU A 405 -1.81 -11.25 -4.70
CA LEU A 405 -1.23 -11.65 -3.41
C LEU A 405 -0.23 -12.81 -3.58
N MET A 406 -0.50 -13.73 -4.54
CA MET A 406 0.35 -14.92 -4.77
C MET A 406 1.76 -14.49 -5.25
N ASP A 407 1.79 -13.58 -6.24
CA ASP A 407 3.03 -12.94 -6.73
C ASP A 407 3.70 -12.15 -5.60
N ASN A 408 2.88 -11.36 -4.86
CA ASN A 408 3.33 -10.52 -3.74
C ASN A 408 4.09 -11.38 -2.70
N MET A 409 3.57 -12.60 -2.42
CA MET A 409 4.13 -13.51 -1.39
C MET A 409 5.51 -14.06 -1.80
N ARG A 410 5.69 -14.31 -3.11
CA ARG A 410 6.99 -14.72 -3.66
C ARG A 410 7.99 -13.55 -3.54
N ASN A 411 7.46 -12.33 -3.80
CA ASN A 411 8.21 -11.09 -3.61
C ASN A 411 8.48 -10.83 -2.12
N VAL A 412 7.60 -11.30 -1.20
CA VAL A 412 7.81 -11.16 0.27
C VAL A 412 9.06 -11.96 0.66
N ALA A 413 9.06 -13.27 0.30
CA ALA A 413 10.17 -14.19 0.57
C ALA A 413 11.51 -13.64 0.07
N LEU A 414 11.48 -13.13 -1.18
CA LEU A 414 12.65 -12.51 -1.82
C LEU A 414 13.13 -11.27 -1.06
N GLU A 415 12.22 -10.31 -0.81
CA GLU A 415 12.54 -9.02 -0.17
C GLU A 415 13.06 -9.24 1.25
N GLU A 416 12.52 -10.25 1.94
CA GLU A 416 12.98 -10.66 3.27
C GLU A 416 14.45 -11.09 3.20
N GLN A 417 14.75 -12.08 2.34
CA GLN A 417 16.12 -12.64 2.20
C GLN A 417 17.13 -11.54 1.76
N ALA A 418 16.69 -10.68 0.84
CA ALA A 418 17.51 -9.59 0.30
C ALA A 418 17.81 -8.53 1.36
N VAL A 419 16.81 -8.20 2.18
CA VAL A 419 16.95 -7.26 3.31
C VAL A 419 17.79 -7.91 4.44
N GLU A 420 17.62 -9.22 4.69
CA GLU A 420 18.33 -9.94 5.78
C GLU A 420 19.82 -10.08 5.49
N ALA A 421 20.17 -10.18 4.21
CA ALA A 421 21.57 -10.14 3.76
C ALA A 421 22.20 -8.75 4.04
N VAL A 422 21.35 -7.71 4.16
CA VAL A 422 21.79 -6.36 4.57
C VAL A 422 21.75 -6.24 6.11
N LEU A 423 20.78 -6.95 6.76
CA LEU A 423 20.59 -6.94 8.23
C LEU A 423 21.77 -7.62 8.96
N ALA A 424 22.38 -8.61 8.27
CA ALA A 424 23.63 -9.24 8.72
C ALA A 424 24.75 -8.19 8.90
N LYS A 425 24.71 -7.15 8.04
CA LYS A 425 25.67 -6.04 8.04
C LYS A 425 25.16 -4.84 8.87
N ALA A 426 23.82 -4.71 8.95
CA ALA A 426 23.14 -3.53 9.53
C ALA A 426 22.99 -3.66 11.05
N LYS A 427 22.82 -2.49 11.70
CA LYS A 427 22.71 -2.37 13.17
C LYS A 427 21.31 -2.80 13.65
N VAL A 428 21.10 -4.11 13.76
CA VAL A 428 19.85 -4.70 14.26
C VAL A 428 19.88 -4.72 15.81
N THR A 429 19.51 -3.59 16.43
CA THR A 429 19.44 -3.45 17.89
C THR A 429 18.15 -4.10 18.43
N GLU A 430 18.31 -5.34 18.93
CA GLU A 430 17.22 -6.17 19.44
C GLU A 430 16.97 -5.85 20.92
N LYS A 431 15.70 -5.62 21.28
CA LYS A 431 15.29 -5.43 22.69
C LYS A 431 13.89 -6.02 22.91
N GLU A 432 13.68 -6.66 24.08
CA GLU A 432 12.40 -7.31 24.44
C GLU A 432 11.43 -6.29 25.07
N THR A 433 10.15 -6.33 24.64
CA THR A 433 9.14 -5.31 24.99
C THR A 433 7.72 -5.86 24.68
N THR A 434 6.68 -5.05 24.98
CA THR A 434 5.26 -5.45 24.87
C THR A 434 4.58 -4.83 23.62
N PHE A 435 3.29 -5.23 23.37
CA PHE A 435 2.51 -4.85 22.16
C PHE A 435 2.23 -3.33 22.12
N ASN A 436 2.37 -2.68 23.29
CA ASN A 436 2.32 -1.20 23.44
C ASN A 436 3.34 -0.52 22.51
N GLU A 437 4.53 -1.13 22.40
CA GLU A 437 5.63 -0.70 21.50
C GLU A 437 5.12 -0.57 20.03
N LEU A 438 4.34 -1.57 19.62
CA LEU A 438 3.91 -1.73 18.23
C LEU A 438 2.84 -0.70 17.84
N MET A 439 1.85 -0.48 18.73
CA MET A 439 0.66 0.34 18.41
C MET A 439 0.93 1.84 18.57
N ASN A 440 1.87 2.19 19.47
CA ASN A 440 2.25 3.60 19.73
C ASN A 440 3.23 4.14 18.66
N GLN A 441 3.07 3.66 17.41
CA GLN A 441 3.89 4.06 16.25
C GLN A 441 3.00 4.80 15.26
N GLN A 442 2.88 6.12 15.44
CA GLN A 442 2.25 6.99 14.44
C GLN A 442 3.33 7.42 13.43
N ALA A 443 3.72 6.44 12.60
CA ALA A 443 4.82 6.56 11.64
C ALA A 443 4.64 5.49 10.54
N ALA B 3 -0.92 52.04 -17.70
CA ALA B 3 -0.98 52.21 -16.23
C ALA B 3 0.06 51.30 -15.56
N ARG B 4 1.12 51.92 -14.98
CA ARG B 4 2.18 51.20 -14.24
C ARG B 4 1.84 51.11 -12.74
N ALA B 5 2.68 50.33 -12.02
CA ALA B 5 2.66 50.22 -10.55
C ALA B 5 1.31 49.69 -10.05
N ASP B 6 1.03 48.45 -10.42
CA ASP B 6 -0.20 47.73 -10.06
C ASP B 6 0.18 46.36 -9.45
N VAL B 7 0.07 46.25 -8.12
CA VAL B 7 0.36 45.02 -7.36
C VAL B 7 -0.95 44.40 -6.84
N THR B 8 -1.20 43.14 -7.22
CA THR B 8 -2.30 42.34 -6.65
C THR B 8 -2.00 42.01 -5.17
N LEU B 9 -3.02 42.17 -4.29
CA LEU B 9 -2.89 41.97 -2.84
C LEU B 9 -4.26 41.53 -2.29
N GLY B 10 -4.26 40.50 -1.43
CA GLY B 10 -5.49 39.96 -0.84
C GLY B 10 -5.20 39.19 0.44
N GLY B 11 -5.91 38.06 0.63
CA GLY B 11 -5.69 37.22 1.80
C GLY B 11 -6.72 36.08 1.92
N GLY B 12 -6.25 34.88 2.33
CA GLY B 12 -7.12 33.72 2.53
C GLY B 12 -7.92 33.83 3.83
N ALA B 13 -9.27 33.86 3.70
CA ALA B 13 -10.18 34.03 4.85
C ALA B 13 -10.25 32.76 5.71
N LYS B 14 -9.28 32.65 6.63
CA LYS B 14 -9.16 31.53 7.58
C LYS B 14 -10.03 31.77 8.83
N THR B 15 -11.01 30.88 9.04
CA THR B 15 -12.01 30.98 10.12
C THR B 15 -11.92 29.75 11.06
N PHE B 16 -12.92 29.57 11.95
CA PHE B 16 -12.95 28.47 12.92
C PHE B 16 -12.93 27.11 12.16
N ALA B 17 -11.74 26.47 12.16
CA ALA B 17 -11.42 25.29 11.31
C ALA B 17 -12.32 24.08 11.60
N GLU B 18 -12.05 23.35 12.70
CA GLU B 18 -12.84 22.16 13.10
C GLU B 18 -13.59 22.44 14.41
N THR B 19 -14.91 22.23 14.35
CA THR B 19 -15.76 22.23 15.53
C THR B 19 -15.88 20.79 16.03
N ALA B 20 -15.03 20.42 17.02
CA ALA B 20 -15.00 19.07 17.59
C ALA B 20 -16.30 18.78 18.36
N THR B 21 -17.33 18.35 17.60
CA THR B 21 -18.68 18.09 18.11
C THR B 21 -18.87 16.59 18.38
N ALA B 22 -19.52 16.26 19.50
CA ALA B 22 -19.74 14.88 19.94
C ALA B 22 -21.19 14.72 20.40
N GLY B 23 -21.79 13.56 20.08
CA GLY B 23 -23.19 13.28 20.39
C GLY B 23 -23.50 11.80 20.27
N GLU B 24 -23.83 11.15 21.40
CA GLU B 24 -24.15 9.70 21.45
C GLU B 24 -25.62 9.45 21.00
N TRP B 25 -26.40 10.55 20.85
CA TRP B 25 -27.81 10.51 20.39
C TRP B 25 -27.95 11.32 19.08
N GLN B 26 -29.23 11.52 18.63
CA GLN B 26 -29.62 12.40 17.50
C GLN B 26 -29.13 11.84 16.15
N GLY B 27 -27.84 12.04 15.85
CA GLY B 27 -27.24 11.67 14.55
C GLY B 27 -27.26 10.18 14.27
N LYS B 28 -27.45 9.36 15.32
CA LYS B 28 -27.59 7.89 15.22
C LYS B 28 -28.95 7.55 14.57
N THR B 29 -29.00 7.68 13.24
CA THR B 29 -30.24 7.53 12.46
C THR B 29 -30.21 6.24 11.60
N LEU B 30 -31.01 5.23 11.99
CA LEU B 30 -31.16 3.97 11.22
C LEU B 30 -32.06 4.19 9.98
N ARG B 31 -32.81 5.32 9.98
CA ARG B 31 -33.66 5.76 8.84
C ARG B 31 -32.86 5.75 7.52
N GLU B 32 -31.55 6.07 7.64
CA GLU B 32 -30.64 6.19 6.51
C GLU B 32 -30.51 4.87 5.74
N GLN B 33 -30.22 3.75 6.46
CA GLN B 33 -29.98 2.43 5.82
C GLN B 33 -31.27 1.81 5.26
N ALA B 34 -32.43 2.32 5.73
CA ALA B 34 -33.74 1.88 5.22
C ALA B 34 -33.96 2.40 3.79
N GLN B 35 -33.65 3.68 3.60
CA GLN B 35 -33.74 4.35 2.28
C GLN B 35 -32.50 4.05 1.42
N ALA B 36 -31.40 3.63 2.08
CA ALA B 36 -30.15 3.22 1.40
C ALA B 36 -30.17 1.72 1.05
N ARG B 37 -31.38 1.12 1.08
CA ARG B 37 -31.69 -0.26 0.68
C ARG B 37 -30.65 -1.29 1.20
N GLY B 38 -30.36 -1.18 2.52
CA GLY B 38 -29.34 -2.00 3.17
C GLY B 38 -29.66 -3.50 3.12
N TYR B 39 -28.95 -4.23 2.20
CA TYR B 39 -29.02 -5.70 2.03
C TYR B 39 -30.37 -6.09 1.36
N GLN B 40 -30.36 -6.27 0.03
CA GLN B 40 -31.58 -6.53 -0.79
C GLN B 40 -31.57 -7.93 -1.45
N LEU B 41 -32.44 -8.10 -2.46
CA LEU B 41 -32.50 -9.29 -3.33
C LEU B 41 -31.16 -9.60 -4.04
N VAL B 42 -31.07 -10.84 -4.60
CA VAL B 42 -29.86 -11.43 -5.24
C VAL B 42 -28.66 -11.59 -4.27
N SER B 43 -28.94 -11.32 -2.97
CA SER B 43 -28.01 -11.53 -1.85
C SER B 43 -28.80 -11.85 -0.58
N ASP B 44 -30.14 -11.74 -0.67
CA ASP B 44 -31.08 -11.96 0.43
C ASP B 44 -31.01 -13.40 0.95
N ALA B 45 -30.98 -14.35 -0.01
CA ALA B 45 -30.96 -15.79 0.30
C ALA B 45 -29.57 -16.26 0.75
N ALA B 46 -28.53 -15.40 0.56
CA ALA B 46 -27.16 -15.66 1.07
C ALA B 46 -27.15 -15.71 2.59
N SER B 47 -28.05 -14.89 3.22
CA SER B 47 -28.27 -14.86 4.69
C SER B 47 -26.97 -14.48 5.46
N LEU B 48 -26.09 -13.69 4.77
CA LEU B 48 -24.70 -13.41 5.20
C LEU B 48 -23.90 -14.74 5.11
N ASN B 49 -23.36 -15.01 3.90
CA ASN B 49 -22.50 -16.18 3.64
C ASN B 49 -21.03 -15.79 3.81
N SER B 50 -20.65 -14.66 3.17
CA SER B 50 -19.28 -14.09 3.24
C SER B 50 -18.21 -15.06 2.61
N VAL B 51 -18.69 -16.10 1.86
CA VAL B 51 -17.91 -17.26 1.35
C VAL B 51 -17.03 -17.97 2.41
N THR B 52 -17.26 -17.65 3.69
CA THR B 52 -16.49 -18.13 4.84
C THR B 52 -17.47 -18.79 5.83
N GLU B 53 -18.25 -19.75 5.27
CA GLU B 53 -19.34 -20.46 5.95
C GLU B 53 -20.49 -19.48 6.30
N ALA B 54 -20.39 -18.82 7.49
CA ALA B 54 -21.30 -17.73 7.88
C ALA B 54 -20.50 -16.43 7.94
N ASN B 55 -19.53 -16.38 8.87
CA ASN B 55 -18.58 -15.24 9.00
C ASN B 55 -17.14 -15.74 9.28
N GLN B 56 -17.04 -16.99 9.80
CA GLN B 56 -15.74 -17.67 10.18
C GLN B 56 -15.08 -16.93 11.39
N GLN B 57 -13.99 -17.49 11.94
CA GLN B 57 -13.23 -16.84 13.02
C GLN B 57 -12.55 -15.56 12.48
N LYS B 58 -13.22 -14.43 12.68
CA LYS B 58 -12.69 -13.09 12.35
C LYS B 58 -11.43 -12.78 13.21
N PRO B 59 -10.45 -11.96 12.69
CA PRO B 59 -9.15 -11.68 13.38
C PRO B 59 -9.26 -10.88 14.70
N LEU B 60 -10.50 -10.54 15.14
CA LEU B 60 -10.78 -9.72 16.35
C LEU B 60 -10.32 -8.27 16.13
N LEU B 61 -8.99 -8.04 16.15
CA LEU B 61 -8.40 -6.72 15.86
C LEU B 61 -8.26 -6.52 14.34
N GLY B 62 -7.56 -7.44 13.65
CA GLY B 62 -7.36 -7.40 12.20
C GLY B 62 -6.83 -6.07 11.67
N LEU B 63 -7.76 -5.25 11.13
CA LEU B 63 -7.47 -3.93 10.51
C LEU B 63 -6.88 -2.92 11.52
N PHE B 64 -6.96 -3.26 12.83
CA PHE B 64 -6.33 -2.49 13.92
C PHE B 64 -4.79 -2.45 13.75
N ALA B 65 -4.22 -3.51 13.14
CA ALA B 65 -2.80 -3.54 12.74
C ALA B 65 -2.70 -3.62 11.20
N ASP B 66 -3.27 -4.70 10.60
CA ASP B 66 -3.36 -4.87 9.13
C ASP B 66 -4.44 -5.92 8.75
N GLY B 67 -4.31 -7.17 9.25
CA GLY B 67 -5.30 -8.22 8.99
C GLY B 67 -4.76 -9.37 8.15
N ASN B 68 -3.90 -10.21 8.76
CA ASN B 68 -3.32 -11.41 8.10
C ASN B 68 -4.35 -12.53 8.02
N MET B 69 -5.17 -12.65 9.08
CA MET B 69 -6.20 -13.71 9.20
C MET B 69 -7.19 -13.73 7.98
N PRO B 70 -7.83 -12.58 7.57
CA PRO B 70 -8.72 -12.55 6.36
C PRO B 70 -7.95 -12.62 5.01
N VAL B 71 -6.63 -12.97 5.07
CA VAL B 71 -5.78 -13.24 3.89
C VAL B 71 -5.62 -11.96 3.02
N ARG B 72 -5.05 -10.93 3.65
CA ARG B 72 -4.73 -9.63 3.01
C ARG B 72 -3.38 -9.11 3.53
N TRP B 73 -3.13 -9.38 4.84
CA TRP B 73 -1.83 -9.19 5.56
C TRP B 73 -1.15 -7.81 5.34
N LEU B 74 0.07 -7.68 5.89
CA LEU B 74 0.89 -6.45 5.81
C LEU B 74 1.08 -5.93 4.37
N GLY B 75 1.18 -6.87 3.40
CA GLY B 75 1.38 -6.52 1.99
C GLY B 75 2.69 -5.77 1.73
N PRO B 76 3.88 -6.41 1.99
CA PRO B 76 5.17 -5.73 1.90
C PRO B 76 5.75 -5.82 0.47
N LYS B 77 5.10 -5.10 -0.43
CA LYS B 77 5.41 -5.08 -1.85
C LYS B 77 6.27 -3.83 -2.16
N ALA B 78 7.59 -4.02 -2.29
CA ALA B 78 8.52 -2.96 -2.79
C ALA B 78 8.34 -2.75 -4.31
N THR B 79 7.48 -3.60 -4.90
CA THR B 79 6.89 -3.43 -6.24
C THR B 79 7.90 -3.75 -7.35
N TYR B 80 8.84 -2.83 -7.61
CA TYR B 80 9.86 -3.04 -8.65
C TYR B 80 10.86 -4.14 -8.24
N HIS B 81 10.85 -5.26 -9.00
CA HIS B 81 11.85 -6.35 -8.88
C HIS B 81 12.10 -6.94 -10.29
N GLY B 82 13.17 -6.46 -10.96
CA GLY B 82 13.49 -6.88 -12.33
C GLY B 82 14.62 -7.90 -12.38
N ASN B 83 14.52 -8.96 -11.54
CA ASN B 83 15.52 -10.04 -11.46
C ASN B 83 14.90 -11.26 -10.74
N ILE B 84 15.53 -12.46 -10.92
CA ILE B 84 15.09 -13.75 -10.28
C ILE B 84 13.80 -14.30 -10.92
N ASP B 85 13.58 -15.64 -10.75
CA ASP B 85 12.40 -16.40 -11.21
C ASP B 85 12.63 -16.84 -12.67
N LYS B 86 13.05 -15.86 -13.50
CA LYS B 86 13.69 -16.11 -14.80
C LYS B 86 14.44 -14.82 -15.23
N PRO B 87 15.75 -14.66 -14.82
CA PRO B 87 16.61 -13.55 -15.32
C PRO B 87 17.01 -13.80 -16.79
N ALA B 88 16.17 -13.32 -17.71
CA ALA B 88 16.34 -13.51 -19.16
C ALA B 88 17.49 -12.63 -19.69
N VAL B 89 18.72 -13.12 -19.50
CA VAL B 89 19.96 -12.46 -19.93
C VAL B 89 21.12 -13.47 -19.84
N THR B 90 22.00 -13.46 -20.85
CA THR B 90 23.20 -14.32 -20.85
C THR B 90 24.28 -13.68 -19.96
N CYS B 91 24.28 -14.07 -18.67
CA CYS B 91 25.23 -13.54 -17.67
C CYS B 91 26.49 -14.43 -17.64
N THR B 92 26.42 -15.56 -16.88
CA THR B 92 27.47 -16.61 -16.78
C THR B 92 28.93 -16.04 -16.73
N PRO B 93 29.37 -15.46 -15.57
CA PRO B 93 30.72 -14.88 -15.41
C PRO B 93 31.82 -15.98 -15.28
N MET A 12 26.48 -7.06 -40.01
CA MET A 12 25.45 -6.04 -39.67
C MET A 12 26.15 -4.73 -39.23
N GLN A 13 25.89 -3.63 -39.96
CA GLN A 13 26.47 -2.31 -39.67
C GLN A 13 25.76 -1.69 -38.45
N VAL A 14 26.47 -1.69 -37.30
CA VAL A 14 25.94 -1.19 -36.02
C VAL A 14 26.83 -0.08 -35.44
N SER A 15 26.24 0.77 -34.59
CA SER A 15 26.96 1.84 -33.87
C SER A 15 26.14 2.26 -32.63
N VAL A 16 26.75 2.13 -31.42
CA VAL A 16 26.11 2.48 -30.15
C VAL A 16 26.52 3.90 -29.73
N GLU A 17 25.54 4.72 -29.32
CA GLU A 17 25.76 6.10 -28.84
C GLU A 17 25.16 6.24 -27.44
N THR A 18 26.00 6.58 -26.45
CA THR A 18 25.54 6.82 -25.06
C THR A 18 24.83 8.21 -25.00
N THR A 19 23.53 8.20 -25.32
CA THR A 19 22.72 9.42 -25.49
C THR A 19 22.31 10.00 -24.13
N GLN A 20 21.55 9.22 -23.35
CA GLN A 20 21.04 9.64 -22.02
C GLN A 20 21.62 8.70 -20.95
N GLY A 21 22.96 8.52 -21.01
CA GLY A 21 23.71 7.76 -20.00
C GLY A 21 23.39 6.27 -20.03
N LEU A 22 22.29 5.89 -19.35
CA LEU A 22 21.76 4.53 -19.34
C LEU A 22 21.12 4.23 -20.70
N GLY A 23 20.45 5.25 -21.27
CA GLY A 23 19.87 5.19 -22.61
C GLY A 23 20.94 5.16 -23.69
N ARG A 24 20.93 4.10 -24.51
CA ARG A 24 21.92 3.86 -25.57
C ARG A 24 21.22 3.69 -26.92
N ARG A 25 21.55 4.56 -27.87
CA ARG A 25 21.05 4.53 -29.25
C ARG A 25 21.94 3.62 -30.11
N VAL A 26 21.52 2.35 -30.32
CA VAL A 26 22.23 1.42 -31.20
C VAL A 26 21.62 1.48 -32.61
N THR A 27 22.27 2.27 -33.48
CA THR A 27 21.94 2.37 -34.91
C THR A 27 22.32 1.07 -35.64
N ILE A 28 21.33 0.37 -36.21
CA ILE A 28 21.54 -0.87 -36.97
C ILE A 28 21.12 -0.65 -38.45
N THR A 29 21.88 -1.24 -39.37
CA THR A 29 21.57 -1.21 -40.81
C THR A 29 21.45 -2.66 -41.33
N ILE A 30 20.25 -3.00 -41.79
CA ILE A 30 19.92 -4.29 -42.42
C ILE A 30 20.27 -4.20 -43.91
N ALA A 31 20.95 -5.24 -44.43
CA ALA A 31 21.42 -5.27 -45.83
C ALA A 31 20.24 -5.31 -46.81
N ALA A 32 20.46 -4.74 -48.01
CA ALA A 32 19.47 -4.65 -49.10
C ALA A 32 18.86 -6.02 -49.45
N ASP A 33 19.74 -7.04 -49.51
CA ASP A 33 19.36 -8.43 -49.81
C ASP A 33 18.68 -9.10 -48.60
N SER A 34 19.08 -8.69 -47.38
CA SER A 34 18.54 -9.25 -46.11
C SER A 34 17.09 -8.79 -45.88
N ILE A 35 16.74 -7.61 -46.43
CA ILE A 35 15.35 -7.12 -46.47
C ILE A 35 14.52 -8.04 -47.38
N GLU A 36 15.04 -8.25 -48.60
CA GLU A 36 14.39 -9.10 -49.62
C GLU A 36 14.25 -10.56 -49.14
N THR A 37 15.23 -11.00 -48.33
CA THR A 37 15.21 -12.32 -47.68
C THR A 37 14.03 -12.39 -46.71
N ALA A 38 13.90 -11.36 -45.86
CA ALA A 38 12.92 -11.32 -44.75
C ALA A 38 11.48 -11.19 -45.26
N VAL A 39 11.28 -10.38 -46.33
CA VAL A 39 9.97 -10.19 -46.97
C VAL A 39 9.50 -11.53 -47.57
N LYS A 40 10.42 -12.19 -48.29
CA LYS A 40 10.18 -13.51 -48.93
C LYS A 40 10.02 -14.63 -47.87
N SER A 41 10.75 -14.50 -46.75
CA SER A 41 10.71 -15.47 -45.63
C SER A 41 9.36 -15.42 -44.93
N GLU A 42 8.69 -14.26 -45.00
CA GLU A 42 7.35 -14.08 -44.46
C GLU A 42 6.30 -14.61 -45.44
N LEU A 43 6.51 -14.33 -46.73
CA LEU A 43 5.56 -14.70 -47.82
C LEU A 43 5.51 -16.21 -48.07
N VAL A 44 6.62 -16.92 -47.80
CA VAL A 44 6.64 -18.40 -47.91
C VAL A 44 5.83 -19.04 -46.76
N ASN A 45 5.75 -18.31 -45.61
CA ASN A 45 4.89 -18.69 -44.48
C ASN A 45 3.42 -18.51 -44.90
N VAL A 46 3.11 -17.30 -45.41
CA VAL A 46 1.75 -16.89 -45.83
C VAL A 46 1.22 -17.82 -46.95
N ALA A 47 2.13 -18.30 -47.81
CA ALA A 47 1.80 -19.25 -48.89
C ALA A 47 1.22 -20.55 -48.31
N LYS A 48 1.88 -21.11 -47.29
CA LYS A 48 1.46 -22.37 -46.65
C LYS A 48 0.38 -22.14 -45.57
N LYS A 49 0.29 -20.90 -45.09
CA LYS A 49 -0.64 -20.50 -44.02
C LYS A 49 -2.07 -20.39 -44.57
N VAL A 50 -2.17 -19.75 -45.74
CA VAL A 50 -3.46 -19.54 -46.44
C VAL A 50 -3.67 -20.67 -47.50
N ARG A 51 -2.68 -21.60 -47.58
CA ARG A 51 -2.72 -22.81 -48.45
C ARG A 51 -2.76 -22.44 -49.94
N ILE A 52 -2.06 -21.35 -50.30
CA ILE A 52 -1.91 -20.89 -51.69
C ILE A 52 -0.64 -21.52 -52.34
N ASP A 53 0.18 -22.19 -51.50
CA ASP A 53 1.43 -22.87 -51.94
C ASP A 53 1.16 -24.01 -52.95
N GLY A 54 -0.03 -24.62 -52.85
CA GLY A 54 -0.44 -25.69 -53.78
C GLY A 54 -0.92 -25.13 -55.13
N PHE A 55 -1.29 -23.83 -55.14
CA PHE A 55 -1.63 -23.09 -56.38
C PHE A 55 -0.34 -22.56 -57.04
N ARG A 56 0.77 -22.52 -56.27
CA ARG A 56 2.09 -22.23 -56.83
C ARG A 56 2.51 -23.40 -57.75
N LYS A 57 2.45 -23.13 -59.05
CA LYS A 57 2.79 -24.08 -60.11
C LYS A 57 4.31 -24.30 -60.22
N GLY A 58 5.07 -23.30 -59.74
CA GLY A 58 6.53 -23.30 -59.84
C GLY A 58 7.00 -22.85 -61.22
N LYS A 59 6.04 -22.46 -62.09
CA LYS A 59 6.31 -21.92 -63.43
C LYS A 59 6.94 -20.53 -63.29
N VAL A 60 6.28 -19.69 -62.48
CA VAL A 60 6.71 -18.31 -62.23
C VAL A 60 7.69 -18.29 -61.05
N PRO A 61 8.92 -17.69 -61.22
CA PRO A 61 9.97 -17.70 -60.17
C PRO A 61 9.54 -16.94 -58.90
N MET A 62 9.98 -17.46 -57.74
CA MET A 62 9.60 -16.97 -56.41
C MET A 62 10.17 -15.56 -56.14
N ASN A 63 11.36 -15.28 -56.69
CA ASN A 63 12.09 -14.01 -56.44
C ASN A 63 11.33 -12.79 -57.00
N ILE A 64 10.69 -12.97 -58.17
CA ILE A 64 9.94 -11.89 -58.85
C ILE A 64 8.59 -11.65 -58.15
N VAL A 65 7.88 -12.73 -57.79
CA VAL A 65 6.56 -12.63 -57.15
C VAL A 65 6.65 -12.16 -55.69
N ALA A 66 7.79 -12.44 -55.02
CA ALA A 66 7.99 -12.08 -53.60
C ALA A 66 7.95 -10.56 -53.40
N GLN A 67 8.88 -9.86 -54.04
CA GLN A 67 8.95 -8.38 -54.01
C GLN A 67 7.66 -7.72 -54.54
N ARG A 68 6.98 -8.39 -55.50
CA ARG A 68 5.76 -7.85 -56.17
C ARG A 68 4.45 -8.39 -55.55
N TYR A 69 4.57 -9.11 -54.41
CA TYR A 69 3.42 -9.39 -53.49
C TYR A 69 3.74 -8.88 -52.07
N GLY A 70 4.98 -8.39 -51.89
CA GLY A 70 5.46 -7.92 -50.59
C GLY A 70 4.89 -6.56 -50.19
N ALA A 71 4.19 -5.90 -51.14
CA ALA A 71 3.55 -4.59 -50.96
C ALA A 71 2.51 -4.60 -49.81
N SER A 72 1.97 -5.80 -49.51
CA SER A 72 1.04 -6.01 -48.38
C SER A 72 1.81 -6.12 -47.04
N VAL A 73 2.85 -6.96 -47.03
CA VAL A 73 3.63 -7.26 -45.82
C VAL A 73 4.76 -6.19 -45.62
N ARG A 74 4.47 -5.17 -44.80
CA ARG A 74 5.33 -3.98 -44.64
C ARG A 74 5.90 -3.89 -43.22
N GLN A 75 5.06 -3.42 -42.26
CA GLN A 75 5.45 -3.21 -40.84
C GLN A 75 5.76 -4.55 -40.16
N ASP A 76 5.23 -5.62 -40.74
CA ASP A 76 5.43 -6.99 -40.26
C ASP A 76 6.93 -7.32 -40.34
N VAL A 77 7.51 -7.06 -41.54
CA VAL A 77 8.93 -7.28 -41.83
C VAL A 77 9.81 -6.35 -40.99
N LEU A 78 9.45 -5.05 -40.98
CA LEU A 78 10.21 -4.00 -40.29
C LEU A 78 10.32 -4.29 -38.78
N GLY A 79 9.15 -4.49 -38.14
CA GLY A 79 9.06 -4.79 -36.71
C GLY A 79 9.80 -6.08 -36.34
N ASP A 80 9.59 -7.13 -37.15
CA ASP A 80 10.21 -8.46 -36.94
C ASP A 80 11.74 -8.39 -36.97
N LEU A 81 12.27 -7.63 -37.94
CA LEU A 81 13.71 -7.44 -38.10
C LEU A 81 14.30 -6.59 -36.98
N MET A 82 13.65 -5.46 -36.64
CA MET A 82 14.12 -4.54 -35.57
C MET A 82 14.15 -5.24 -34.21
N SER A 83 13.20 -6.18 -34.02
CA SER A 83 13.07 -6.98 -32.79
C SER A 83 14.17 -8.06 -32.73
N ARG A 84 14.35 -8.80 -33.83
CA ARG A 84 15.34 -9.90 -33.92
C ARG A 84 16.78 -9.37 -33.88
N ASN A 85 17.02 -8.20 -34.48
CA ASN A 85 18.35 -7.54 -34.46
C ASN A 85 18.64 -6.94 -33.07
N PHE A 86 17.58 -6.53 -32.35
CA PHE A 86 17.69 -6.00 -30.97
C PHE A 86 18.16 -7.09 -30.00
N ILE A 87 17.42 -8.21 -29.96
CA ILE A 87 17.72 -9.33 -29.05
C ILE A 87 19.07 -9.97 -29.40
N ASP A 88 19.36 -10.06 -30.71
CA ASP A 88 20.63 -10.61 -31.23
C ASP A 88 21.82 -9.71 -30.83
N ALA A 89 21.59 -8.38 -30.85
CA ALA A 89 22.61 -7.37 -30.49
C ALA A 89 22.99 -7.47 -29.00
N ILE A 90 21.99 -7.44 -28.10
CA ILE A 90 22.24 -7.42 -26.63
C ILE A 90 22.89 -8.72 -26.13
N ILE A 91 22.68 -9.83 -26.86
CA ILE A 91 23.30 -11.14 -26.57
C ILE A 91 24.82 -11.11 -26.89
N LYS A 92 25.18 -10.69 -28.12
CA LYS A 92 26.58 -10.72 -28.60
C LYS A 92 27.43 -9.61 -27.94
N GLU A 93 26.79 -8.45 -27.67
CA GLU A 93 27.45 -7.28 -27.07
C GLU A 93 27.44 -7.36 -25.54
N LYS A 94 26.69 -8.35 -24.99
CA LYS A 94 26.60 -8.62 -23.53
C LYS A 94 26.03 -7.42 -22.76
N ILE A 95 25.03 -6.77 -23.37
CA ILE A 95 24.32 -5.64 -22.76
C ILE A 95 23.12 -6.16 -21.95
N ASN A 96 22.96 -5.64 -20.72
CA ASN A 96 21.80 -5.94 -19.85
C ASN A 96 20.81 -4.75 -19.91
N PRO A 97 19.79 -4.81 -20.83
CA PRO A 97 18.90 -3.66 -21.10
C PRO A 97 17.82 -3.42 -20.01
N ALA A 98 17.10 -2.30 -20.18
CA ALA A 98 16.08 -1.83 -19.23
C ALA A 98 15.11 -0.88 -19.97
N GLY A 99 13.97 -0.58 -19.30
CA GLY A 99 12.96 0.32 -19.86
C GLY A 99 12.20 -0.32 -21.03
N ALA A 100 12.29 0.30 -22.22
CA ALA A 100 11.62 -0.18 -23.45
C ALA A 100 12.48 0.16 -24.68
N PRO A 101 12.61 -0.78 -25.69
CA PRO A 101 13.37 -0.54 -26.93
C PRO A 101 12.67 0.50 -27.84
N THR A 102 13.24 1.71 -27.91
CA THR A 102 12.65 2.82 -28.70
C THR A 102 13.12 2.72 -30.17
N TYR A 103 12.27 2.15 -31.01
CA TYR A 103 12.56 1.94 -32.44
C TYR A 103 12.52 3.28 -33.20
N VAL A 104 13.68 3.68 -33.72
CA VAL A 104 13.88 4.94 -34.44
C VAL A 104 14.05 4.63 -35.94
N PRO A 105 12.96 4.64 -36.77
CA PRO A 105 13.05 4.38 -38.22
C PRO A 105 13.80 5.53 -38.95
N GLY A 106 15.10 5.29 -39.25
CA GLY A 106 15.92 6.25 -39.99
C GLY A 106 15.35 6.55 -41.36
N GLU A 107 15.43 5.55 -42.26
CA GLU A 107 14.81 5.59 -43.59
C GLU A 107 14.78 4.18 -44.22
N TYR A 108 13.59 3.80 -44.72
CA TYR A 108 13.36 2.52 -45.41
C TYR A 108 13.32 2.75 -46.91
N LYS A 109 14.01 1.87 -47.67
CA LYS A 109 14.12 1.96 -49.13
C LYS A 109 13.83 0.58 -49.77
N LEU A 110 13.30 0.63 -51.00
CA LEU A 110 13.00 -0.56 -51.82
C LEU A 110 14.23 -0.91 -52.67
N GLY A 111 14.79 -2.10 -52.44
CA GLY A 111 15.98 -2.58 -53.16
C GLY A 111 17.28 -2.15 -52.52
N GLU A 112 17.24 -1.05 -51.73
CA GLU A 112 18.38 -0.55 -50.94
C GLU A 112 18.22 -0.98 -49.46
N ASP A 113 19.20 -0.60 -48.63
CA ASP A 113 19.31 -1.01 -47.21
C ASP A 113 18.28 -0.27 -46.31
N PHE A 114 18.10 -0.79 -45.08
CA PHE A 114 17.22 -0.17 -44.05
C PHE A 114 18.06 0.29 -42.85
N THR A 115 18.21 1.60 -42.69
CA THR A 115 18.86 2.21 -41.52
C THR A 115 17.80 2.58 -40.48
N TYR A 116 18.09 2.25 -39.22
CA TYR A 116 17.26 2.61 -38.07
C TYR A 116 18.14 2.60 -36.80
N SER A 117 17.52 2.84 -35.63
CA SER A 117 18.17 2.77 -34.32
C SER A 117 17.23 2.13 -33.30
N VAL A 118 17.79 1.68 -32.17
CA VAL A 118 17.01 1.21 -31.01
C VAL A 118 17.59 1.88 -29.75
N GLU A 119 16.85 2.87 -29.21
CA GLU A 119 17.23 3.58 -27.96
C GLU A 119 16.63 2.85 -26.75
N PHE A 120 17.42 1.99 -26.12
CA PHE A 120 17.01 1.23 -24.92
C PHE A 120 17.97 1.58 -23.78
N GLU A 121 17.45 1.56 -22.54
CA GLU A 121 18.23 1.87 -21.33
C GLU A 121 18.95 0.62 -20.82
N VAL A 122 19.77 0.77 -19.76
CA VAL A 122 20.52 -0.35 -19.14
C VAL A 122 20.40 -0.30 -17.60
N TYR A 123 20.54 -1.47 -16.96
CA TYR A 123 20.69 -1.58 -15.49
C TYR A 123 22.17 -1.38 -15.12
N PRO A 124 22.54 -0.26 -14.41
CA PRO A 124 23.94 -0.01 -14.00
C PRO A 124 24.35 -0.81 -12.74
N GLU A 125 25.67 -0.89 -12.48
CA GLU A 125 26.23 -1.58 -11.31
C GLU A 125 25.99 -0.71 -10.05
N VAL A 126 25.20 -1.23 -9.12
CA VAL A 126 24.70 -0.50 -7.95
C VAL A 126 25.78 -0.42 -6.86
N GLU A 127 26.34 0.79 -6.67
CA GLU A 127 27.39 1.06 -5.69
C GLU A 127 26.83 0.95 -4.25
N LEU A 128 27.20 -0.14 -3.56
CA LEU A 128 26.83 -0.39 -2.17
C LEU A 128 28.04 -0.19 -1.24
N GLN A 129 27.82 0.63 -0.22
CA GLN A 129 28.79 0.96 0.82
C GLN A 129 28.04 1.52 2.05
N GLY A 130 28.68 1.50 3.22
CA GLY A 130 28.04 1.92 4.47
C GLY A 130 26.95 0.97 4.92
N LEU A 131 27.02 -0.29 4.42
CA LEU A 131 26.02 -1.33 4.70
C LEU A 131 26.06 -1.76 6.18
N GLU A 132 27.26 -1.61 6.78
CA GLU A 132 27.50 -1.86 8.20
C GLU A 132 27.04 -0.64 9.05
N ALA A 133 26.85 0.52 8.39
CA ALA A 133 26.43 1.78 9.06
C ALA A 133 24.89 1.87 9.18
N ILE A 134 24.19 1.02 8.39
CA ILE A 134 22.73 0.88 8.44
C ILE A 134 22.30 0.30 9.81
N GLU A 135 21.38 1.00 10.49
CA GLU A 135 20.97 0.68 11.87
C GLU A 135 19.44 0.50 11.91
N VAL A 136 19.01 -0.77 11.92
CA VAL A 136 17.60 -1.18 11.93
C VAL A 136 17.16 -1.46 13.37
N GLU A 137 15.95 -1.03 13.72
CA GLU A 137 15.39 -1.21 15.06
C GLU A 137 14.63 -2.54 15.12
N LYS A 138 14.77 -3.24 16.25
CA LYS A 138 14.25 -4.59 16.47
C LYS A 138 13.42 -4.60 17.78
N PRO A 139 12.07 -4.42 17.66
CA PRO A 139 11.18 -4.45 18.81
C PRO A 139 10.75 -5.90 19.13
N ILE A 140 11.48 -6.53 20.07
CA ILE A 140 11.08 -7.82 20.65
C ILE A 140 9.86 -7.60 21.55
N VAL A 141 8.69 -7.93 20.99
CA VAL A 141 7.40 -7.68 21.60
C VAL A 141 6.60 -8.99 21.67
N GLU A 142 5.75 -9.11 22.70
CA GLU A 142 4.70 -10.14 22.79
C GLU A 142 3.46 -9.54 23.45
N VAL A 143 2.33 -10.25 23.30
CA VAL A 143 1.03 -9.80 23.86
C VAL A 143 0.90 -10.34 25.30
N THR A 144 1.57 -9.63 26.24
CA THR A 144 1.62 -10.03 27.68
C THR A 144 0.23 -9.88 28.30
N ASP A 145 0.05 -10.35 29.55
CA ASP A 145 -1.26 -10.28 30.26
C ASP A 145 -1.74 -8.84 30.46
N ALA A 146 -0.79 -7.89 30.50
CA ALA A 146 -1.11 -6.44 30.55
C ALA A 146 -1.78 -6.00 29.24
N ASP A 147 -1.27 -6.52 28.12
CA ASP A 147 -1.77 -6.22 26.77
C ASP A 147 -3.10 -6.95 26.50
N VAL A 148 -3.23 -8.18 27.01
CA VAL A 148 -4.45 -8.98 26.88
C VAL A 148 -5.59 -8.30 27.65
N ASP A 149 -5.34 -7.98 28.94
CA ASP A 149 -6.33 -7.27 29.79
C ASP A 149 -6.65 -5.89 29.22
N GLY A 150 -5.63 -5.19 28.71
CA GLY A 150 -5.80 -3.88 28.07
C GLY A 150 -6.67 -3.95 26.82
N MET A 151 -6.43 -4.98 25.98
CA MET A 151 -7.16 -5.16 24.69
C MET A 151 -8.62 -5.55 24.94
N LEU A 152 -8.83 -6.44 25.94
CA LEU A 152 -10.18 -6.87 26.36
C LEU A 152 -10.97 -5.67 26.90
N ASP A 153 -10.31 -4.86 27.74
CA ASP A 153 -10.87 -3.63 28.31
C ASP A 153 -11.30 -2.67 27.20
N THR A 154 -10.42 -2.49 26.20
CA THR A 154 -10.66 -1.61 25.05
C THR A 154 -11.88 -2.06 24.22
N LEU A 155 -11.92 -3.36 23.83
CA LEU A 155 -13.01 -3.90 22.98
C LEU A 155 -14.36 -3.93 23.75
N ARG A 156 -14.30 -4.06 25.08
CA ARG A 156 -15.51 -3.98 25.95
C ARG A 156 -15.99 -2.52 26.09
N LYS A 157 -15.05 -1.55 26.07
CA LYS A 157 -15.40 -0.11 26.02
C LYS A 157 -15.86 0.28 24.60
N GLN A 158 -15.40 -0.50 23.62
CA GLN A 158 -15.72 -0.32 22.18
C GLN A 158 -17.05 -1.04 21.83
N GLN A 159 -17.48 -1.98 22.71
CA GLN A 159 -18.83 -2.62 22.64
C GLN A 159 -19.69 -2.27 23.86
N ALA A 160 -19.38 -1.13 24.51
CA ALA A 160 -20.09 -0.69 25.73
C ALA A 160 -21.41 0.04 25.41
N THR A 161 -22.18 0.32 26.47
CA THR A 161 -23.50 0.94 26.38
C THR A 161 -23.60 2.10 27.40
N TRP A 162 -24.14 3.25 26.96
CA TRP A 162 -24.18 4.47 27.76
C TRP A 162 -25.29 4.40 28.81
N LYS A 163 -24.90 4.67 30.07
CA LYS A 163 -25.76 4.57 31.25
C LYS A 163 -25.54 5.84 32.09
N GLU A 164 -26.57 6.69 32.18
CA GLU A 164 -26.56 7.87 33.07
C GLU A 164 -26.26 7.45 34.52
N LYS A 165 -25.09 7.86 35.03
CA LYS A 165 -24.61 7.51 36.36
C LYS A 165 -24.50 8.76 37.25
N ASP A 166 -24.22 8.53 38.54
CA ASP A 166 -24.13 9.62 39.54
C ASP A 166 -22.65 9.96 39.86
N GLY A 167 -22.27 11.20 39.53
CA GLY A 167 -21.13 11.89 40.13
C GLY A 167 -19.76 11.23 40.02
N ALA A 168 -19.38 10.79 38.82
CA ALA A 168 -18.02 10.28 38.57
C ALA A 168 -17.61 10.44 37.11
N VAL A 169 -17.02 11.59 36.75
CA VAL A 169 -16.50 11.81 35.39
C VAL A 169 -15.13 11.12 35.26
N GLU A 170 -15.15 9.90 34.70
CA GLU A 170 -13.94 9.15 34.33
C GLU A 170 -13.37 9.68 32.98
N ALA A 171 -12.40 8.97 32.41
CA ALA A 171 -11.60 9.48 31.29
C ALA A 171 -12.29 9.32 29.92
N GLU A 172 -13.14 8.30 29.79
CA GLU A 172 -13.68 7.83 28.49
C GLU A 172 -15.23 7.92 28.44
N ASP A 173 -15.84 8.68 29.35
CA ASP A 173 -17.32 8.75 29.47
C ASP A 173 -17.94 9.68 28.43
N ARG A 174 -19.26 9.79 28.49
CA ARG A 174 -20.02 10.85 27.85
C ARG A 174 -20.43 11.86 28.92
N VAL A 175 -20.35 13.15 28.60
CA VAL A 175 -20.76 14.23 29.50
C VAL A 175 -21.66 15.19 28.72
N THR A 176 -22.78 15.58 29.34
CA THR A 176 -23.70 16.57 28.77
C THR A 176 -23.54 17.89 29.55
N ILE A 177 -23.28 18.99 28.83
CA ILE A 177 -23.06 20.33 29.40
C ILE A 177 -23.99 21.36 28.73
N ASP A 178 -24.22 22.51 29.38
CA ASP A 178 -24.53 23.76 28.67
C ASP A 178 -23.32 24.68 28.91
N PHE A 179 -22.45 24.86 27.90
CA PHE A 179 -21.23 25.68 28.09
C PHE A 179 -21.50 27.07 27.52
N THR A 180 -21.33 28.09 28.37
CA THR A 180 -21.63 29.49 28.03
C THR A 180 -20.40 30.35 28.32
N GLY A 181 -19.75 30.89 27.28
CA GLY A 181 -18.54 31.70 27.50
C GLY A 181 -18.06 32.44 26.28
N SER A 182 -16.84 32.99 26.40
CA SER A 182 -16.23 33.81 25.37
C SER A 182 -14.77 33.36 25.14
N VAL A 183 -14.38 33.24 23.86
CA VAL A 183 -13.02 32.85 23.47
C VAL A 183 -12.16 34.10 23.35
N ASP A 184 -11.08 34.17 24.16
CA ASP A 184 -10.16 35.35 24.25
C ASP A 184 -10.89 36.61 24.86
N GLY A 185 -12.13 36.38 25.36
CA GLY A 185 -12.96 37.46 25.91
C GLY A 185 -14.02 37.97 24.93
N GLU A 186 -14.05 37.42 23.70
CA GLU A 186 -15.08 37.73 22.68
C GLU A 186 -15.75 36.43 22.22
N GLU A 187 -17.00 36.51 21.73
CA GLU A 187 -17.78 35.32 21.32
C GLU A 187 -17.63 35.08 19.80
N PHE A 188 -17.16 33.86 19.45
CA PHE A 188 -16.98 33.40 18.06
C PHE A 188 -17.88 32.15 17.86
N GLU A 189 -17.56 31.28 16.87
CA GLU A 189 -18.21 29.98 16.77
C GLU A 189 -17.67 29.09 17.91
N GLY A 190 -18.51 28.19 18.45
CA GLY A 190 -18.13 27.34 19.57
C GLY A 190 -17.95 28.11 20.87
N GLY A 191 -18.57 29.31 20.95
CA GLY A 191 -18.56 30.13 22.17
C GLY A 191 -19.60 29.66 23.19
N LYS A 192 -20.63 28.96 22.68
CA LYS A 192 -21.77 28.51 23.48
C LYS A 192 -22.52 27.38 22.75
N ALA A 193 -22.90 26.33 23.51
CA ALA A 193 -23.79 25.25 23.02
C ALA A 193 -24.46 24.57 24.22
N SER A 194 -25.79 24.41 24.11
CA SER A 194 -26.60 23.70 25.11
C SER A 194 -26.59 22.20 24.79
N ASP A 195 -26.61 21.37 25.85
CA ASP A 195 -26.65 19.90 25.76
C ASP A 195 -25.49 19.35 24.92
N PHE A 196 -24.33 20.01 25.06
CA PHE A 196 -23.09 19.61 24.42
C PHE A 196 -22.67 18.22 24.93
N VAL A 197 -22.90 17.21 24.09
CA VAL A 197 -22.60 15.82 24.39
C VAL A 197 -21.16 15.50 23.93
N LEU A 198 -20.28 15.28 24.92
CA LEU A 198 -18.87 14.96 24.71
C LEU A 198 -18.58 13.52 25.13
N ALA A 199 -18.38 12.62 24.15
CA ALA A 199 -17.78 11.30 24.40
C ALA A 199 -16.25 11.50 24.49
N MET A 200 -15.79 11.81 25.73
CA MET A 200 -14.36 12.06 26.03
C MET A 200 -13.54 10.76 25.96
N GLY A 201 -12.21 10.91 26.09
CA GLY A 201 -11.27 9.80 25.90
C GLY A 201 -10.92 9.59 24.44
N GLN A 202 -11.65 10.26 23.54
CA GLN A 202 -11.43 10.24 22.10
C GLN A 202 -11.15 11.67 21.63
N GLY A 203 -10.41 11.82 20.51
CA GLY A 203 -9.99 13.14 20.00
C GLY A 203 -11.08 13.86 19.19
N ARG A 204 -12.26 14.02 19.82
CA ARG A 204 -13.41 14.75 19.25
C ARG A 204 -13.44 16.22 19.74
N MET A 205 -12.61 16.52 20.77
CA MET A 205 -12.49 17.87 21.38
C MET A 205 -11.01 18.19 21.59
N ILE A 206 -10.71 19.43 22.05
CA ILE A 206 -9.36 19.82 22.48
C ILE A 206 -9.00 19.11 23.82
N PRO A 207 -7.80 18.43 23.90
CA PRO A 207 -7.26 17.91 25.18
C PRO A 207 -7.12 19.06 26.22
N GLY A 208 -7.66 18.83 27.43
CA GLY A 208 -7.70 19.86 28.47
C GLY A 208 -9.12 20.27 28.82
N PHE A 209 -9.99 20.31 27.79
CA PHE A 209 -11.43 20.63 27.96
C PHE A 209 -12.10 19.51 28.77
N GLU A 210 -11.91 18.28 28.29
CA GLU A 210 -12.45 17.09 28.95
C GLU A 210 -11.87 16.92 30.37
N ASP A 211 -10.58 17.26 30.53
CA ASP A 211 -9.85 17.13 31.82
C ASP A 211 -10.36 18.17 32.83
N GLY A 212 -10.79 19.33 32.32
CA GLY A 212 -11.43 20.36 33.15
C GLY A 212 -12.76 19.87 33.74
N ILE A 213 -13.43 18.98 32.99
CA ILE A 213 -14.68 18.32 33.41
C ILE A 213 -14.37 17.18 34.43
N LYS A 214 -13.26 16.46 34.18
CA LYS A 214 -12.84 15.27 34.95
C LYS A 214 -12.35 15.59 36.37
N GLY A 215 -12.12 16.90 36.64
CA GLY A 215 -11.85 17.39 38.00
C GLY A 215 -13.13 17.54 38.84
N HIS A 216 -14.30 17.34 38.19
CA HIS A 216 -15.64 17.59 38.78
C HIS A 216 -16.50 16.30 38.66
N LYS A 217 -17.74 16.30 39.23
CA LYS A 217 -18.51 15.04 39.39
C LYS A 217 -19.77 14.92 38.50
N ALA A 218 -20.81 15.75 38.69
CA ALA A 218 -22.10 15.55 37.95
C ALA A 218 -22.88 16.83 37.59
N GLY A 219 -23.30 17.60 38.61
CA GLY A 219 -24.34 18.64 38.42
C GLY A 219 -23.94 20.01 38.96
N GLU A 220 -22.77 20.50 38.51
CA GLU A 220 -22.13 21.71 39.07
C GLU A 220 -21.62 22.64 37.94
N GLU A 221 -22.01 23.93 37.99
CA GLU A 221 -21.51 24.95 37.05
C GLU A 221 -20.14 25.47 37.53
N PHE A 222 -19.15 25.43 36.63
CA PHE A 222 -17.81 25.94 36.87
C PHE A 222 -17.28 26.62 35.61
N THR A 223 -16.07 27.17 35.69
CA THR A 223 -15.40 27.83 34.55
C THR A 223 -14.00 27.26 34.36
N ILE A 224 -13.69 26.80 33.14
CA ILE A 224 -12.36 26.31 32.77
C ILE A 224 -11.81 27.15 31.60
N ASP A 225 -10.48 27.23 31.53
CA ASP A 225 -9.76 28.00 30.49
C ASP A 225 -9.07 27.01 29.55
N VAL A 226 -9.59 26.91 28.32
CA VAL A 226 -9.01 26.03 27.28
C VAL A 226 -8.16 26.84 26.30
N THR A 227 -6.85 26.63 26.39
CA THR A 227 -5.88 27.26 25.52
C THR A 227 -5.74 26.42 24.25
N PHE A 228 -6.52 26.82 23.22
CA PHE A 228 -6.48 26.24 21.86
C PHE A 228 -5.05 26.03 21.36
N PRO A 229 -4.78 24.93 20.61
CA PRO A 229 -3.45 24.59 20.14
C PRO A 229 -3.07 25.38 18.88
N GLU A 230 -1.80 25.30 18.51
CA GLU A 230 -1.28 25.79 17.21
C GLU A 230 -1.69 24.83 16.07
N GLU A 231 -2.32 23.71 16.45
CA GLU A 231 -2.76 22.64 15.55
C GLU A 231 -4.18 22.94 15.04
N TYR A 232 -4.87 23.89 15.71
CA TYR A 232 -6.25 24.24 15.43
C TYR A 232 -6.35 25.02 14.12
N HIS A 233 -7.21 24.52 13.21
CA HIS A 233 -7.37 25.05 11.83
C HIS A 233 -7.97 26.46 11.81
N ALA A 234 -8.62 26.85 12.91
CA ALA A 234 -9.09 28.21 13.13
C ALA A 234 -7.88 29.13 13.30
N GLU A 235 -7.50 29.81 12.21
CA GLU A 235 -6.32 30.70 12.15
C GLU A 235 -6.40 31.84 13.19
N ASN A 236 -7.58 32.46 13.25
CA ASN A 236 -7.86 33.56 14.20
C ASN A 236 -8.01 33.04 15.65
N LEU A 237 -8.30 31.73 15.80
CA LEU A 237 -8.68 31.14 17.11
C LEU A 237 -7.77 29.97 17.54
N LYS A 238 -6.61 29.83 16.89
CA LYS A 238 -5.53 28.97 17.38
C LYS A 238 -4.73 29.76 18.43
N GLY A 239 -4.27 29.07 19.48
CA GLY A 239 -3.48 29.69 20.56
C GLY A 239 -4.31 30.51 21.55
N LYS A 240 -5.62 30.68 21.29
CA LYS A 240 -6.52 31.49 22.15
C LYS A 240 -6.91 30.73 23.42
N ALA A 241 -7.44 31.45 24.41
CA ALA A 241 -7.83 30.89 25.72
C ALA A 241 -9.31 31.23 25.99
N ALA A 242 -10.18 30.22 25.86
CA ALA A 242 -11.63 30.38 26.01
C ALA A 242 -12.08 30.09 27.44
N LYS A 243 -12.93 30.97 27.97
CA LYS A 243 -13.44 30.90 29.34
C LYS A 243 -14.92 30.48 29.28
N PHE A 244 -15.17 29.16 29.43
CA PHE A 244 -16.54 28.60 29.33
C PHE A 244 -17.09 28.27 30.72
N ALA A 245 -18.28 28.83 31.02
CA ALA A 245 -19.06 28.43 32.19
C ALA A 245 -19.74 27.08 31.88
N ILE A 246 -19.00 26.01 32.20
CA ILE A 246 -19.42 24.63 32.01
C ILE A 246 -20.54 24.29 32.99
N ASN A 247 -21.78 24.21 32.49
CA ASN A 247 -22.93 23.79 33.32
C ASN A 247 -22.97 22.27 33.24
N LEU A 248 -22.18 21.62 34.10
CA LEU A 248 -22.06 20.16 34.14
C LEU A 248 -23.43 19.57 34.47
N LYS A 249 -24.13 19.02 33.46
CA LYS A 249 -25.50 18.52 33.64
C LYS A 249 -25.47 17.06 34.11
N LYS A 250 -24.99 16.16 33.24
CA LYS A 250 -25.01 14.70 33.47
C LYS A 250 -23.71 14.03 33.06
N VAL A 251 -23.53 12.79 33.58
CA VAL A 251 -22.46 11.88 33.18
C VAL A 251 -23.12 10.56 32.77
N GLU A 252 -22.62 9.95 31.70
CA GLU A 252 -23.14 8.68 31.16
C GLU A 252 -21.96 7.76 30.87
N GLU A 253 -21.85 6.70 31.69
CA GLU A 253 -20.78 5.70 31.64
C GLU A 253 -20.95 4.79 30.45
N ARG A 254 -19.85 4.51 29.74
CA ARG A 254 -19.81 3.43 28.76
C ARG A 254 -19.66 2.09 29.54
N GLU A 255 -20.78 1.62 30.11
CA GLU A 255 -20.83 0.40 30.91
C GLU A 255 -20.57 -0.82 30.01
N LEU A 256 -19.55 -1.59 30.38
CA LEU A 256 -19.04 -2.74 29.60
C LEU A 256 -20.15 -3.81 29.39
N PRO A 257 -20.18 -4.54 28.23
CA PRO A 257 -21.24 -5.54 27.92
C PRO A 257 -21.07 -6.84 28.70
N GLU A 258 -21.86 -7.86 28.35
CA GLU A 258 -21.70 -9.22 28.89
C GLU A 258 -20.47 -9.90 28.28
N LEU A 259 -20.08 -11.01 28.90
CA LEU A 259 -19.12 -11.97 28.34
C LEU A 259 -19.72 -13.39 28.49
N THR A 260 -21.08 -13.42 28.47
CA THR A 260 -21.87 -14.65 28.49
C THR A 260 -21.65 -15.42 27.16
N ALA A 261 -21.89 -16.75 27.17
CA ALA A 261 -21.60 -17.66 26.04
C ALA A 261 -22.09 -17.09 24.69
N GLU A 262 -23.38 -16.69 24.64
CA GLU A 262 -24.02 -16.12 23.41
C GLU A 262 -23.23 -14.92 22.82
N PHE A 263 -22.54 -14.17 23.69
CA PHE A 263 -21.64 -13.09 23.27
C PHE A 263 -20.30 -13.72 22.84
N ILE A 264 -19.50 -14.11 23.84
CA ILE A 264 -18.07 -14.44 23.71
C ILE A 264 -17.78 -15.52 22.61
N LYS A 265 -18.63 -16.55 22.51
CA LYS A 265 -18.41 -17.67 21.57
C LYS A 265 -18.75 -17.27 20.13
N ARG A 266 -19.78 -16.41 19.99
CA ARG A 266 -20.39 -16.08 18.68
C ARG A 266 -19.49 -15.11 17.89
N PHE A 267 -18.52 -14.53 18.62
CA PHE A 267 -17.43 -13.74 18.03
C PHE A 267 -16.19 -14.63 17.75
N GLY A 268 -16.40 -15.95 17.56
CA GLY A 268 -15.40 -16.85 16.97
C GLY A 268 -14.63 -17.72 17.97
N VAL A 269 -15.12 -17.80 19.22
CA VAL A 269 -14.44 -18.55 20.30
C VAL A 269 -15.30 -19.78 20.70
N GLU A 270 -15.09 -20.91 19.98
CA GLU A 270 -15.92 -22.16 20.06
C GLU A 270 -16.34 -22.51 21.50
N ASP A 271 -15.35 -22.60 22.39
CA ASP A 271 -15.58 -22.76 23.83
C ASP A 271 -15.48 -21.37 24.48
N GLY A 272 -16.62 -20.86 25.00
CA GLY A 272 -16.72 -19.46 25.44
C GLY A 272 -16.20 -19.22 26.86
N SER A 273 -14.98 -19.72 27.17
CA SER A 273 -14.31 -19.49 28.46
C SER A 273 -13.43 -18.26 28.36
N VAL A 274 -13.40 -17.46 29.43
CA VAL A 274 -12.65 -16.19 29.49
C VAL A 274 -11.15 -16.43 29.17
N GLU A 275 -10.57 -17.43 29.87
CA GLU A 275 -9.16 -17.86 29.65
C GLU A 275 -8.93 -18.31 28.19
N GLY A 276 -10.01 -18.80 27.53
CA GLY A 276 -9.94 -19.22 26.13
C GLY A 276 -9.93 -18.03 25.21
N LEU A 277 -10.61 -16.94 25.64
CA LEU A 277 -10.69 -15.68 24.89
C LEU A 277 -9.33 -14.97 24.99
N ARG A 278 -8.69 -15.08 26.17
CA ARG A 278 -7.36 -14.51 26.44
C ARG A 278 -6.29 -15.17 25.54
N ALA A 279 -6.38 -16.50 25.42
CA ALA A 279 -5.49 -17.29 24.56
C ALA A 279 -5.74 -16.99 23.06
N GLU A 280 -7.03 -16.79 22.72
CA GLU A 280 -7.46 -16.43 21.34
C GLU A 280 -6.89 -15.05 20.95
N VAL A 281 -7.00 -14.10 21.90
CA VAL A 281 -6.47 -12.73 21.73
C VAL A 281 -4.95 -12.78 21.59
N ARG A 282 -4.28 -13.61 22.42
CA ARG A 282 -2.83 -13.82 22.37
C ARG A 282 -2.38 -14.24 20.94
N LYS A 283 -2.93 -15.35 20.42
CA LYS A 283 -2.50 -15.94 19.12
C LYS A 283 -2.86 -15.03 17.92
N ASN A 284 -4.08 -14.43 17.93
CA ASN A 284 -4.52 -13.54 16.81
C ASN A 284 -3.67 -12.25 16.78
N MET A 285 -3.46 -11.66 17.96
CA MET A 285 -2.71 -10.40 18.08
C MET A 285 -1.19 -10.61 17.90
N GLU A 286 -0.67 -11.86 18.09
CA GLU A 286 0.73 -12.19 17.74
C GLU A 286 0.91 -12.46 16.23
N ARG A 287 -0.18 -12.87 15.56
CA ARG A 287 -0.19 -13.02 14.09
C ARG A 287 -0.15 -11.62 13.45
N GLU A 288 -0.94 -10.70 14.05
CA GLU A 288 -0.91 -9.25 13.76
C GLU A 288 0.49 -8.67 14.10
N LEU A 289 0.99 -9.04 15.28
CA LEU A 289 2.24 -8.53 15.85
C LEU A 289 3.46 -8.89 15.01
N LYS A 290 3.55 -10.14 14.53
CA LYS A 290 4.71 -10.58 13.75
C LYS A 290 4.74 -9.84 12.39
N SER A 291 3.54 -9.55 11.84
CA SER A 291 3.40 -8.73 10.61
C SER A 291 3.83 -7.27 10.92
N ALA A 292 3.48 -6.78 12.12
CA ALA A 292 3.88 -5.44 12.61
C ALA A 292 5.41 -5.30 12.64
N ILE A 293 6.06 -6.25 13.34
CA ILE A 293 7.53 -6.28 13.50
C ILE A 293 8.22 -6.52 12.15
N ARG A 294 7.62 -7.37 11.28
CA ARG A 294 8.24 -7.77 10.01
C ARG A 294 8.27 -6.59 9.01
N ASN A 295 7.14 -5.88 8.92
CA ASN A 295 6.98 -4.70 8.04
C ASN A 295 7.75 -3.51 8.63
N ARG A 296 7.87 -3.47 9.98
CA ARG A 296 8.67 -2.47 10.71
C ARG A 296 10.17 -2.60 10.32
N VAL A 297 10.70 -3.83 10.49
CA VAL A 297 12.11 -4.17 10.17
C VAL A 297 12.39 -3.96 8.66
N LYS A 298 11.45 -4.40 7.80
CA LYS A 298 11.57 -4.26 6.33
C LYS A 298 11.68 -2.77 5.95
N SER A 299 10.76 -1.95 6.48
CA SER A 299 10.67 -0.51 6.14
C SER A 299 11.90 0.27 6.63
N GLN A 300 12.39 -0.05 7.84
CA GLN A 300 13.56 0.65 8.45
C GLN A 300 14.88 0.21 7.82
N ALA A 301 14.96 -1.07 7.41
CA ALA A 301 16.14 -1.60 6.70
C ALA A 301 16.27 -0.95 5.32
N ILE A 302 15.13 -0.84 4.63
CA ILE A 302 15.03 -0.16 3.33
C ILE A 302 15.29 1.35 3.49
N GLU A 303 14.75 1.93 4.57
CA GLU A 303 14.95 3.35 4.90
C GLU A 303 16.45 3.66 4.99
N GLY A 304 17.15 2.85 5.80
CA GLY A 304 18.59 3.00 6.04
C GLY A 304 19.44 2.63 4.82
N LEU A 305 18.99 1.64 4.03
CA LEU A 305 19.73 1.13 2.85
C LEU A 305 19.77 2.23 1.77
N VAL A 306 18.58 2.78 1.47
CA VAL A 306 18.43 3.89 0.51
C VAL A 306 19.16 5.14 1.04
N LYS A 307 18.98 5.41 2.35
CA LYS A 307 19.61 6.55 3.06
C LYS A 307 21.15 6.51 2.95
N ALA A 308 21.70 5.29 2.96
CA ALA A 308 23.16 5.05 2.82
C ALA A 308 23.58 4.92 1.34
N ASN A 309 22.62 4.60 0.43
CA ASN A 309 22.95 4.20 -0.97
C ASN A 309 21.83 4.63 -1.93
N ASP A 310 22.18 5.53 -2.86
CA ASP A 310 21.28 5.92 -3.98
C ASP A 310 21.82 5.36 -5.29
N ILE A 311 20.89 4.98 -6.19
CA ILE A 311 21.22 4.50 -7.54
C ILE A 311 20.26 5.18 -8.54
N ASP A 312 20.80 5.75 -9.62
CA ASP A 312 20.00 6.40 -10.67
C ASP A 312 19.33 5.34 -11.54
N VAL A 313 18.00 5.26 -11.39
CA VAL A 313 17.15 4.29 -12.07
C VAL A 313 16.92 4.71 -13.55
N PRO A 314 16.81 3.74 -14.51
CA PRO A 314 16.28 4.00 -15.87
C PRO A 314 14.92 4.76 -15.82
N ALA A 315 14.84 5.86 -16.59
CA ALA A 315 13.72 6.82 -16.56
C ALA A 315 12.36 6.17 -16.84
N ALA A 316 12.34 5.17 -17.74
CA ALA A 316 11.10 4.48 -18.15
C ALA A 316 10.55 3.56 -17.03
N LEU A 317 11.44 3.03 -16.18
CA LEU A 317 11.04 2.21 -14.99
C LEU A 317 10.36 3.12 -13.95
N ILE A 318 10.98 4.29 -13.74
CA ILE A 318 10.44 5.35 -12.86
C ILE A 318 9.07 5.78 -13.37
N ASP A 319 9.00 5.98 -14.70
CA ASP A 319 7.79 6.46 -15.41
C ASP A 319 6.63 5.46 -15.27
N SER A 320 6.97 4.16 -15.35
CA SER A 320 6.01 3.06 -15.13
C SER A 320 5.45 3.13 -13.69
N GLU A 321 6.36 3.32 -12.71
CA GLU A 321 5.97 3.49 -11.29
C GLU A 321 5.16 4.78 -11.07
N ILE A 322 5.46 5.86 -11.83
CA ILE A 322 4.68 7.13 -11.78
C ILE A 322 3.23 6.84 -12.16
N ASP A 323 3.07 6.09 -13.27
CA ASP A 323 1.75 5.71 -13.79
C ASP A 323 0.96 4.89 -12.75
N VAL A 324 1.63 3.87 -12.17
CA VAL A 324 1.03 3.01 -11.12
C VAL A 324 0.56 3.88 -9.92
N LEU A 325 1.39 4.84 -9.52
CA LEU A 325 1.12 5.73 -8.36
C LEU A 325 -0.01 6.74 -8.64
N ARG A 326 -0.10 7.21 -9.90
CA ARG A 326 -1.16 8.15 -10.34
C ARG A 326 -2.50 7.44 -10.34
N ARG A 327 -2.49 6.18 -10.82
CA ARG A 327 -3.70 5.34 -10.90
C ARG A 327 -4.07 4.78 -9.51
N GLN A 328 -3.07 4.62 -8.62
CA GLN A 328 -3.27 4.19 -7.22
C GLN A 328 -3.98 5.30 -6.43
N ALA A 329 -3.52 6.55 -6.64
CA ALA A 329 -4.12 7.75 -6.06
C ALA A 329 -5.55 7.93 -6.60
N ALA A 330 -5.66 7.84 -7.94
CA ALA A 330 -6.94 7.97 -8.68
C ALA A 330 -7.98 6.93 -8.24
N GLN A 331 -7.48 5.72 -7.94
CA GLN A 331 -8.32 4.58 -7.47
C GLN A 331 -8.98 4.92 -6.12
N ARG A 332 -8.32 5.78 -5.32
CA ARG A 332 -8.83 6.23 -4.02
C ARG A 332 -9.73 7.47 -4.18
N PHE A 333 -9.31 8.38 -5.08
CA PHE A 333 -10.03 9.64 -5.35
C PHE A 333 -10.96 9.44 -6.57
N GLY A 334 -12.17 8.92 -6.29
CA GLY A 334 -13.21 8.71 -7.31
C GLY A 334 -13.18 7.33 -7.95
N GLY A 335 -11.97 6.81 -8.23
CA GLY A 335 -11.78 5.58 -9.00
C GLY A 335 -11.55 5.88 -10.48
N ASN A 336 -10.76 6.95 -10.73
CA ASN A 336 -10.48 7.46 -12.08
C ASN A 336 -9.66 6.45 -12.91
N GLU A 337 -10.16 6.12 -14.10
CA GLU A 337 -9.56 5.13 -14.99
C GLU A 337 -8.52 5.77 -15.91
N LYS A 338 -7.25 5.83 -15.44
CA LYS A 338 -6.04 6.09 -16.29
C LYS A 338 -5.96 7.51 -16.91
N GLN A 339 -7.01 8.35 -16.72
CA GLN A 339 -6.99 9.77 -17.11
C GLN A 339 -6.08 10.54 -16.11
N ALA A 340 -5.79 9.87 -14.98
CA ALA A 340 -4.78 10.27 -13.98
C ALA A 340 -3.35 10.36 -14.58
N LEU A 341 -3.19 9.97 -15.85
CA LEU A 341 -1.99 10.24 -16.68
C LEU A 341 -1.57 11.74 -16.60
N GLU A 342 -2.59 12.61 -16.45
CA GLU A 342 -2.42 14.08 -16.39
C GLU A 342 -1.99 14.57 -14.97
N LEU A 343 -2.04 13.67 -13.95
CA LEU A 343 -1.59 14.01 -12.55
C LEU A 343 -0.08 14.39 -12.53
N PRO A 344 0.32 15.36 -11.63
CA PRO A 344 1.69 15.97 -11.63
C PRO A 344 2.85 14.94 -11.48
N ARG A 345 3.66 14.81 -12.56
CA ARG A 345 4.80 13.88 -12.66
C ARG A 345 5.68 13.87 -11.40
N GLU A 346 6.26 15.06 -11.08
CA GLU A 346 7.23 15.23 -9.96
C GLU A 346 6.63 14.85 -8.59
N LEU A 347 5.29 14.87 -8.48
CA LEU A 347 4.59 14.53 -7.22
C LEU A 347 4.80 13.02 -6.95
N PHE A 348 4.83 12.24 -8.04
CA PHE A 348 4.93 10.78 -8.00
C PHE A 348 6.33 10.26 -8.38
N GLU A 349 7.11 11.09 -9.11
CA GLU A 349 8.40 10.67 -9.71
C GLU A 349 9.50 10.42 -8.67
N GLU A 350 9.49 11.23 -7.61
CA GLU A 350 10.47 11.15 -6.51
C GLU A 350 10.34 9.79 -5.76
N GLN A 351 9.12 9.53 -5.26
CA GLN A 351 8.79 8.27 -4.55
C GLN A 351 8.88 7.04 -5.50
N ALA A 352 8.50 7.24 -6.79
CA ALA A 352 8.57 6.19 -7.84
C ALA A 352 10.00 5.67 -7.99
N LYS A 353 10.92 6.62 -8.34
CA LYS A 353 12.36 6.35 -8.48
C LYS A 353 12.86 5.60 -7.25
N ARG A 354 12.48 6.11 -6.07
CA ARG A 354 12.90 5.55 -4.77
C ARG A 354 12.41 4.10 -4.61
N ARG A 355 11.20 3.79 -5.13
CA ARG A 355 10.63 2.42 -5.06
C ARG A 355 11.47 1.46 -5.91
N VAL A 356 11.89 1.93 -7.09
CA VAL A 356 12.75 1.12 -7.98
C VAL A 356 14.18 1.03 -7.39
N VAL A 357 14.61 2.10 -6.68
CA VAL A 357 15.93 2.14 -5.98
C VAL A 357 15.99 1.02 -4.94
N VAL A 358 14.89 0.83 -4.18
CA VAL A 358 14.73 -0.32 -3.27
C VAL A 358 15.08 -1.64 -3.99
N GLY A 359 14.47 -1.81 -5.17
CA GLY A 359 14.63 -3.00 -5.98
C GLY A 359 16.03 -3.20 -6.55
N LEU A 360 16.71 -2.10 -6.90
CA LEU A 360 18.07 -2.15 -7.50
C LEU A 360 19.13 -2.44 -6.42
N LEU A 361 18.97 -1.81 -5.22
CA LEU A 361 19.86 -2.04 -4.07
C LEU A 361 19.76 -3.52 -3.64
N LEU A 362 18.51 -3.96 -3.37
CA LEU A 362 18.22 -5.35 -2.96
C LEU A 362 18.60 -6.35 -4.06
N GLY A 363 18.42 -5.95 -5.33
CA GLY A 363 18.80 -6.78 -6.50
C GLY A 363 20.30 -7.02 -6.56
N GLU A 364 21.05 -5.95 -6.25
CA GLU A 364 22.51 -6.01 -6.17
C GLU A 364 22.95 -6.93 -5.02
N VAL A 365 22.27 -6.81 -3.86
CA VAL A 365 22.49 -7.68 -2.69
C VAL A 365 22.20 -9.15 -3.05
N ILE A 366 21.14 -9.36 -3.85
CA ILE A 366 20.74 -10.70 -4.31
C ILE A 366 21.83 -11.33 -5.18
N ARG A 367 22.42 -10.53 -6.09
CA ARG A 367 23.52 -11.01 -6.95
C ARG A 367 24.75 -11.36 -6.10
N THR A 368 25.13 -10.42 -5.21
CA THR A 368 26.28 -10.55 -4.30
C THR A 368 26.16 -11.80 -3.39
N ASN A 369 24.93 -12.11 -2.94
CA ASN A 369 24.63 -13.26 -2.05
C ASN A 369 23.98 -14.43 -2.81
N GLU A 370 23.96 -14.35 -4.18
CA GLU A 370 23.28 -15.33 -5.10
C GLU A 370 21.98 -15.97 -4.51
N LEU A 371 20.97 -15.11 -4.32
CA LEU A 371 19.70 -15.51 -3.65
C LEU A 371 18.66 -16.05 -4.64
N LYS A 372 17.70 -16.81 -4.09
CA LYS A 372 16.60 -17.45 -4.82
C LYS A 372 15.37 -17.53 -3.89
N ALA A 373 14.16 -17.32 -4.44
CA ALA A 373 12.90 -17.38 -3.66
C ALA A 373 12.69 -18.82 -3.11
N ASP A 374 12.79 -18.94 -1.77
CA ASP A 374 12.86 -20.25 -1.08
C ASP A 374 11.46 -20.88 -0.96
N GLU A 375 11.25 -22.00 -1.67
CA GLU A 375 9.96 -22.73 -1.73
C GLU A 375 9.43 -23.19 -0.35
N GLU A 376 10.34 -23.46 0.60
CA GLU A 376 9.96 -23.87 1.96
C GLU A 376 9.46 -22.63 2.75
N ARG A 377 10.01 -21.45 2.42
CA ARG A 377 9.60 -20.17 3.05
C ARG A 377 8.27 -19.72 2.46
N VAL A 378 8.10 -20.01 1.15
CA VAL A 378 6.85 -19.85 0.42
C VAL A 378 5.74 -20.64 1.14
N LYS A 379 5.96 -21.96 1.32
CA LYS A 379 5.05 -22.86 2.06
C LYS A 379 4.68 -22.31 3.47
N GLY A 380 5.73 -21.91 4.21
CA GLY A 380 5.58 -21.37 5.57
C GLY A 380 4.62 -20.19 5.64
N LEU A 381 4.98 -19.12 4.90
CA LEU A 381 4.23 -17.84 4.90
C LEU A 381 2.78 -18.07 4.39
N ILE A 382 2.65 -18.90 3.32
CA ILE A 382 1.33 -19.29 2.74
C ILE A 382 0.40 -19.78 3.85
N GLU A 383 0.80 -20.89 4.50
CA GLU A 383 -0.08 -21.62 5.44
C GLU A 383 -0.33 -20.84 6.74
N GLU A 384 0.66 -20.03 7.18
CA GLU A 384 0.52 -19.19 8.38
C GLU A 384 -0.53 -18.07 8.17
N MET A 385 -0.50 -17.44 6.98
CA MET A 385 -1.50 -16.39 6.63
C MET A 385 -2.85 -17.04 6.24
N ALA A 386 -2.76 -18.27 5.72
CA ALA A 386 -3.93 -19.09 5.32
C ALA A 386 -4.70 -19.60 6.55
N SER A 387 -3.97 -19.72 7.68
CA SER A 387 -4.53 -20.08 9.00
C SER A 387 -5.52 -19.01 9.55
N ALA A 388 -5.72 -17.91 8.80
CA ALA A 388 -6.80 -16.93 9.07
C ALA A 388 -8.19 -17.57 8.82
N TYR A 389 -8.23 -18.49 7.84
CA TYR A 389 -9.47 -19.22 7.45
C TYR A 389 -9.54 -20.58 8.14
N GLU A 390 -10.71 -21.23 8.05
CA GLU A 390 -11.00 -22.51 8.72
C GLU A 390 -10.15 -23.64 8.10
N ASP A 391 -10.06 -23.63 6.76
CA ASP A 391 -9.21 -24.54 5.97
C ASP A 391 -8.13 -23.74 5.22
N PRO A 392 -6.82 -23.89 5.59
CA PRO A 392 -5.71 -23.23 4.87
C PRO A 392 -5.52 -23.74 3.43
N LYS A 393 -5.89 -25.01 3.18
CA LYS A 393 -5.55 -25.72 1.92
C LYS A 393 -6.26 -25.13 0.69
N GLU A 394 -7.47 -24.56 0.89
CA GLU A 394 -8.19 -23.84 -0.19
C GLU A 394 -7.54 -22.46 -0.45
N VAL A 395 -6.71 -21.97 0.50
CA VAL A 395 -5.90 -20.75 0.30
C VAL A 395 -4.60 -21.12 -0.45
N ILE A 396 -4.05 -22.33 -0.19
CA ILE A 396 -2.96 -22.92 -1.03
C ILE A 396 -3.46 -22.99 -2.50
N GLU A 397 -4.71 -23.46 -2.66
CA GLU A 397 -5.39 -23.48 -3.97
C GLU A 397 -5.55 -22.05 -4.51
N PHE A 398 -6.03 -21.12 -3.66
CA PHE A 398 -6.24 -19.70 -4.03
C PHE A 398 -4.91 -19.02 -4.43
N TYR A 399 -3.78 -19.52 -3.90
CA TYR A 399 -2.44 -19.10 -4.35
C TYR A 399 -2.23 -19.58 -5.78
N SER A 400 -2.28 -20.91 -5.98
CA SER A 400 -2.00 -21.54 -7.29
C SER A 400 -3.08 -21.19 -8.37
N LYS A 401 -4.19 -20.55 -7.95
CA LYS A 401 -5.27 -20.11 -8.87
C LYS A 401 -5.27 -18.57 -9.02
N ASN A 402 -4.46 -17.87 -8.21
CA ASN A 402 -4.30 -16.40 -8.29
C ASN A 402 -2.80 -16.09 -8.37
N LYS A 403 -2.30 -15.86 -9.59
CA LYS A 403 -0.87 -15.62 -9.87
C LYS A 403 -0.37 -14.31 -9.24
N GLU A 404 -1.32 -13.40 -8.94
CA GLU A 404 -1.07 -12.11 -8.27
C GLU A 404 -0.66 -12.36 -6.80
N LEU A 405 -1.25 -13.42 -6.21
CA LEU A 405 -0.96 -13.87 -4.85
C LEU A 405 0.43 -14.55 -4.82
N MET A 406 0.67 -15.41 -5.83
CA MET A 406 1.98 -16.11 -6.03
C MET A 406 3.11 -15.11 -6.33
N ASP A 407 2.74 -14.01 -7.02
CA ASP A 407 3.67 -12.91 -7.35
C ASP A 407 4.24 -12.33 -6.06
N ASN A 408 3.35 -11.77 -5.22
CA ASN A 408 3.76 -11.10 -3.97
C ASN A 408 4.22 -12.13 -2.90
N MET A 409 3.93 -13.42 -3.10
CA MET A 409 4.54 -14.50 -2.29
C MET A 409 6.04 -14.57 -2.55
N ARG A 410 6.42 -14.58 -3.83
CA ARG A 410 7.83 -14.55 -4.26
C ARG A 410 8.46 -13.21 -3.87
N ASN A 411 7.68 -12.10 -3.96
CA ASN A 411 8.15 -10.74 -3.61
C ASN A 411 8.57 -10.66 -2.15
N VAL A 412 7.63 -10.94 -1.22
CA VAL A 412 7.87 -10.82 0.22
C VAL A 412 8.99 -11.78 0.68
N ALA A 413 8.93 -13.06 0.24
CA ALA A 413 9.95 -14.09 0.60
C ALA A 413 11.36 -13.66 0.15
N LEU A 414 11.44 -13.16 -1.10
CA LEU A 414 12.70 -12.73 -1.71
C LEU A 414 13.23 -11.43 -1.09
N GLU A 415 12.30 -10.53 -0.72
CA GLU A 415 12.62 -9.29 0.01
C GLU A 415 13.15 -9.62 1.39
N GLU A 416 12.58 -10.66 2.02
CA GLU A 416 13.01 -11.14 3.36
C GLU A 416 14.46 -11.61 3.27
N GLN A 417 14.77 -12.43 2.27
CA GLN A 417 16.15 -12.92 2.01
C GLN A 417 17.12 -11.76 1.70
N ALA A 418 16.69 -10.85 0.81
CA ALA A 418 17.52 -9.75 0.28
C ALA A 418 17.80 -8.69 1.37
N VAL A 419 16.83 -8.49 2.26
CA VAL A 419 16.95 -7.56 3.40
C VAL A 419 17.80 -8.20 4.51
N GLU A 420 17.53 -9.47 4.85
CA GLU A 420 18.27 -10.20 5.91
C GLU A 420 19.74 -10.46 5.52
N ALA A 421 20.01 -10.49 4.21
CA ALA A 421 21.38 -10.53 3.68
C ALA A 421 22.13 -9.22 3.98
N VAL A 422 21.36 -8.11 4.11
CA VAL A 422 21.91 -6.80 4.52
C VAL A 422 21.97 -6.73 6.05
N LEU A 423 20.97 -7.32 6.75
CA LEU A 423 20.88 -7.32 8.24
C LEU A 423 22.04 -8.10 8.87
N ALA A 424 22.46 -9.17 8.19
CA ALA A 424 23.64 -9.98 8.60
C ALA A 424 24.94 -9.14 8.55
N LYS A 425 24.89 -8.01 7.83
CA LYS A 425 25.99 -7.05 7.68
C LYS A 425 25.73 -5.74 8.47
N ALA A 426 24.43 -5.41 8.69
CA ALA A 426 23.99 -4.11 9.25
C ALA A 426 23.69 -4.24 10.74
N LYS A 427 23.84 -3.12 11.47
CA LYS A 427 23.59 -3.06 12.93
C LYS A 427 22.07 -3.21 13.18
N VAL A 428 21.70 -4.06 14.14
CA VAL A 428 20.30 -4.33 14.51
C VAL A 428 20.14 -4.08 16.02
N THR A 429 19.77 -2.83 16.37
CA THR A 429 19.56 -2.42 17.77
C THR A 429 18.21 -2.97 18.27
N GLU A 430 18.17 -3.44 19.53
CA GLU A 430 17.03 -4.22 20.05
C GLU A 430 16.46 -3.60 21.34
N LYS A 431 15.13 -3.67 21.49
CA LYS A 431 14.45 -3.44 22.78
C LYS A 431 13.38 -4.51 23.00
N GLU A 432 13.08 -4.77 24.28
CA GLU A 432 12.00 -5.69 24.69
C GLU A 432 10.87 -4.88 25.35
N THR A 433 9.65 -4.93 24.77
CA THR A 433 8.53 -4.08 25.23
C THR A 433 7.17 -4.74 24.95
N THR A 434 6.09 -4.06 25.38
CA THR A 434 4.71 -4.57 25.32
C THR A 434 4.05 -4.35 23.93
N PHE A 435 2.94 -5.07 23.70
CA PHE A 435 2.19 -5.04 22.43
C PHE A 435 1.52 -3.67 22.20
N ASN A 436 0.98 -3.09 23.29
CA ASN A 436 0.33 -1.76 23.28
C ASN A 436 1.31 -0.71 22.73
N GLU A 437 2.59 -0.82 23.15
CA GLU A 437 3.67 0.08 22.70
C GLU A 437 3.79 0.10 21.16
N LEU A 438 3.82 -1.09 20.54
CA LEU A 438 4.02 -1.24 19.09
C LEU A 438 2.70 -0.98 18.32
N MET A 439 1.55 -1.05 19.03
CA MET A 439 0.22 -0.73 18.45
C MET A 439 0.03 0.78 18.27
N ASN A 440 0.80 1.58 19.02
CA ASN A 440 0.72 3.05 18.99
C ASN A 440 1.50 3.64 17.79
N GLN A 441 1.39 3.01 16.61
CA GLN A 441 2.03 3.48 15.36
C GLN A 441 0.97 4.08 14.43
N GLN A 442 0.31 5.15 14.91
CA GLN A 442 -0.65 5.93 14.10
C GLN A 442 0.14 6.90 13.19
N ALA A 443 1.11 7.58 13.80
CA ALA A 443 1.97 8.56 13.13
C ALA A 443 3.40 8.44 13.72
N ALA B 3 -16.58 36.17 -21.00
CA ALA B 3 -17.72 35.28 -21.31
C ALA B 3 -17.97 34.31 -20.15
N ARG B 4 -16.98 33.42 -19.87
CA ARG B 4 -17.09 32.39 -18.81
C ARG B 4 -15.80 32.35 -17.97
N ALA B 5 -15.95 32.09 -16.67
CA ALA B 5 -14.82 31.97 -15.72
C ALA B 5 -14.46 30.50 -15.53
N ASP B 6 -13.18 30.15 -15.77
CA ASP B 6 -12.67 28.79 -15.54
C ASP B 6 -12.66 28.46 -14.03
N VAL B 7 -12.46 29.52 -13.22
CA VAL B 7 -12.49 29.46 -11.76
C VAL B 7 -13.93 29.23 -11.28
N THR B 8 -14.13 28.12 -10.56
CA THR B 8 -15.45 27.66 -10.11
C THR B 8 -15.57 27.84 -8.58
N LEU B 9 -16.75 28.30 -8.13
CA LEU B 9 -17.05 28.65 -6.72
C LEU B 9 -16.21 29.86 -6.25
N GLY B 10 -14.97 29.60 -5.78
CA GLY B 10 -14.13 30.64 -5.19
C GLY B 10 -14.63 31.04 -3.80
N GLY B 11 -14.49 30.11 -2.84
CA GLY B 11 -14.88 30.33 -1.44
C GLY B 11 -13.88 31.20 -0.67
N GLY B 12 -14.26 31.62 0.55
CA GLY B 12 -13.48 32.57 1.35
C GLY B 12 -12.49 31.91 2.31
N ALA B 13 -11.98 32.71 3.26
CA ALA B 13 -11.06 32.24 4.32
C ALA B 13 -11.69 32.53 5.70
N LYS B 14 -10.93 32.21 6.80
CA LYS B 14 -11.38 32.29 8.21
C LYS B 14 -12.41 31.17 8.49
N THR B 15 -12.04 30.20 9.37
CA THR B 15 -12.79 28.95 9.54
C THR B 15 -12.69 28.43 11.00
N PHE B 16 -13.77 28.55 11.80
CA PHE B 16 -13.88 27.81 13.08
C PHE B 16 -14.85 26.64 12.84
N ALA B 17 -14.40 25.71 11.96
CA ALA B 17 -15.22 24.56 11.52
C ALA B 17 -15.49 23.60 12.69
N GLU B 18 -14.48 23.48 13.56
CA GLU B 18 -14.52 22.62 14.73
C GLU B 18 -15.11 23.38 15.92
N THR B 19 -16.45 23.31 16.05
CA THR B 19 -17.16 23.63 17.31
C THR B 19 -16.79 22.55 18.38
N ALA B 20 -16.24 21.43 17.87
CA ALA B 20 -15.74 20.28 18.65
C ALA B 20 -16.91 19.48 19.24
N THR B 21 -18.08 19.60 18.55
CA THR B 21 -19.25 18.76 18.80
C THR B 21 -18.86 17.29 18.57
N ALA B 22 -18.86 16.50 19.65
CA ALA B 22 -18.42 15.11 19.63
C ALA B 22 -19.44 14.17 18.96
N GLY B 23 -20.54 14.75 18.41
CA GLY B 23 -21.66 13.96 17.91
C GLY B 23 -22.29 13.19 19.05
N GLU B 24 -22.29 11.85 18.92
CA GLU B 24 -22.79 10.90 19.93
C GLU B 24 -24.28 11.16 20.20
N TRP B 25 -24.58 12.19 21.04
CA TRP B 25 -25.93 12.67 21.39
C TRP B 25 -26.85 11.58 21.94
N GLN B 26 -27.31 11.76 23.21
CA GLN B 26 -28.29 10.88 23.84
C GLN B 26 -29.56 10.76 22.96
N GLY B 27 -30.10 9.53 22.87
CA GLY B 27 -31.27 9.22 22.04
C GLY B 27 -32.42 10.19 22.25
N LYS B 28 -32.71 10.48 23.55
CA LYS B 28 -33.64 11.56 24.06
C LYS B 28 -35.06 11.56 23.42
N THR B 29 -35.38 10.49 22.67
CA THR B 29 -36.62 10.40 21.89
C THR B 29 -37.14 8.95 21.93
N LEU B 30 -38.47 8.79 21.82
CA LEU B 30 -39.13 7.47 21.84
C LEU B 30 -38.77 6.64 20.58
N ARG B 31 -38.44 7.34 19.47
CA ARG B 31 -38.08 6.70 18.18
C ARG B 31 -36.78 5.87 18.29
N GLU B 32 -35.76 6.43 18.97
CA GLU B 32 -34.45 5.77 19.16
C GLU B 32 -34.51 4.72 20.29
N GLN B 33 -35.59 4.80 21.08
CA GLN B 33 -35.85 3.91 22.22
C GLN B 33 -36.89 2.81 21.85
N ALA B 34 -37.34 2.79 20.57
CA ALA B 34 -38.46 1.94 20.09
C ALA B 34 -38.26 0.42 20.40
N GLN B 35 -37.40 -0.26 19.62
CA GLN B 35 -37.04 -1.68 19.86
C GLN B 35 -35.65 -1.71 20.52
N ALA B 36 -34.59 -1.55 19.71
CA ALA B 36 -33.23 -1.30 20.19
C ALA B 36 -32.79 0.08 19.71
N ARG B 37 -32.47 0.16 18.39
CA ARG B 37 -31.87 1.35 17.75
C ARG B 37 -30.63 1.86 18.52
N GLY B 38 -30.85 2.87 19.41
CA GLY B 38 -29.78 3.56 20.12
C GLY B 38 -28.71 4.09 19.17
N TYR B 39 -27.60 3.31 19.05
CA TYR B 39 -26.43 3.65 18.24
C TYR B 39 -26.00 2.40 17.48
N GLN B 40 -25.34 2.60 16.31
CA GLN B 40 -24.86 1.50 15.48
C GLN B 40 -23.66 0.81 16.17
N LEU B 41 -23.99 -0.25 16.94
CA LEU B 41 -23.01 -1.02 17.71
C LEU B 41 -23.06 -2.48 17.26
N VAL B 42 -22.09 -2.86 16.41
CA VAL B 42 -22.01 -4.20 15.80
C VAL B 42 -20.54 -4.55 15.53
N SER B 43 -20.07 -5.64 16.18
CA SER B 43 -18.66 -6.13 16.11
C SER B 43 -17.71 -5.19 16.88
N ASP B 44 -17.57 -3.94 16.40
CA ASP B 44 -16.82 -2.87 17.09
C ASP B 44 -17.41 -1.50 16.70
N ALA B 45 -17.11 -0.46 17.50
CA ALA B 45 -17.66 0.91 17.31
C ALA B 45 -16.63 1.91 16.74
N ALA B 46 -15.37 1.46 16.61
CA ALA B 46 -14.28 2.30 16.02
C ALA B 46 -14.40 2.30 14.49
N SER B 47 -14.99 1.22 13.95
CA SER B 47 -15.25 1.06 12.52
C SER B 47 -16.53 0.24 12.32
N LEU B 48 -16.98 0.20 11.06
CA LEU B 48 -18.13 -0.60 10.61
C LEU B 48 -17.73 -2.10 10.44
N ASN B 49 -16.41 -2.36 10.57
CA ASN B 49 -15.78 -3.71 10.57
C ASN B 49 -15.73 -4.32 9.15
N SER B 50 -14.84 -5.32 8.97
CA SER B 50 -14.66 -6.08 7.72
C SER B 50 -16.01 -6.64 7.20
N VAL B 51 -16.82 -7.16 8.14
CA VAL B 51 -18.24 -7.50 7.90
C VAL B 51 -19.08 -6.89 9.03
N THR B 52 -20.17 -6.22 8.64
CA THR B 52 -21.14 -5.62 9.56
C THR B 52 -22.09 -6.71 10.11
N GLU B 53 -21.55 -7.51 11.04
CA GLU B 53 -22.29 -8.62 11.66
C GLU B 53 -21.57 -9.08 12.95
N ALA B 54 -22.33 -9.05 14.06
CA ALA B 54 -21.87 -9.52 15.39
C ALA B 54 -22.16 -11.02 15.59
N ASN B 55 -23.08 -11.55 14.75
CA ASN B 55 -23.50 -12.97 14.75
C ASN B 55 -22.67 -13.81 13.77
N GLN B 56 -21.57 -13.25 13.24
CA GLN B 56 -20.70 -13.93 12.27
C GLN B 56 -19.57 -14.67 13.02
N GLN B 57 -19.37 -15.94 12.64
CA GLN B 57 -18.18 -16.72 13.02
C GLN B 57 -16.95 -16.06 12.35
N LYS B 58 -16.22 -15.28 13.13
CA LYS B 58 -15.08 -14.48 12.65
C LYS B 58 -14.20 -14.11 13.87
N PRO B 59 -12.98 -13.49 13.68
CA PRO B 59 -12.28 -12.80 14.81
C PRO B 59 -13.19 -11.68 15.39
N LEU B 60 -13.33 -11.67 16.74
CA LEU B 60 -14.15 -10.69 17.50
C LEU B 60 -13.92 -9.25 17.00
N LEU B 61 -12.65 -8.90 16.93
CA LEU B 61 -12.15 -7.57 16.59
C LEU B 61 -12.14 -7.32 15.07
N GLY B 62 -11.74 -6.09 14.68
CA GLY B 62 -11.48 -5.75 13.28
C GLY B 62 -10.02 -6.03 12.89
N LEU B 63 -9.57 -5.43 11.76
CA LEU B 63 -8.18 -5.60 11.27
C LEU B 63 -7.22 -4.71 12.06
N PHE B 64 -7.73 -3.52 12.45
CA PHE B 64 -7.00 -2.51 13.27
C PHE B 64 -5.72 -1.99 12.59
N ALA B 65 -4.60 -2.75 12.67
CA ALA B 65 -3.26 -2.27 12.28
C ALA B 65 -2.89 -2.69 10.84
N ASP B 66 -2.71 -4.01 10.59
CA ASP B 66 -2.22 -4.49 9.26
C ASP B 66 -2.73 -5.91 8.92
N GLY B 67 -3.05 -6.70 9.97
CA GLY B 67 -3.44 -8.11 9.82
C GLY B 67 -4.74 -8.32 9.04
N ASN B 68 -4.62 -8.42 7.71
CA ASN B 68 -5.75 -8.68 6.82
C ASN B 68 -6.14 -10.17 6.87
N MET B 69 -7.22 -10.46 7.61
CA MET B 69 -7.85 -11.80 7.63
C MET B 69 -8.32 -12.21 6.20
N PRO B 70 -8.98 -11.30 5.39
CA PRO B 70 -9.13 -11.51 3.93
C PRO B 70 -7.75 -11.35 3.24
N VAL B 71 -7.21 -12.49 2.74
CA VAL B 71 -5.83 -12.56 2.20
C VAL B 71 -5.69 -11.85 0.82
N ARG B 72 -5.53 -10.52 0.88
CA ARG B 72 -5.21 -9.69 -0.29
C ARG B 72 -3.80 -9.05 -0.06
N TRP B 73 -3.02 -9.72 0.83
CA TRP B 73 -1.57 -9.52 1.05
C TRP B 73 -1.18 -8.36 2.00
N LEU B 74 0.13 -8.39 2.31
CA LEU B 74 0.86 -7.44 3.14
C LEU B 74 2.29 -7.25 2.55
N GLY B 75 2.93 -6.12 2.89
CA GLY B 75 4.33 -5.83 2.50
C GLY B 75 4.61 -5.98 1.00
N PRO B 76 3.96 -5.16 0.12
CA PRO B 76 3.86 -5.42 -1.34
C PRO B 76 5.17 -5.22 -2.16
N LYS B 77 4.98 -5.14 -3.49
CA LYS B 77 6.04 -5.08 -4.54
C LYS B 77 7.21 -4.13 -4.20
N ALA B 78 8.39 -4.74 -3.99
CA ALA B 78 9.70 -4.07 -4.01
C ALA B 78 10.68 -4.89 -4.90
N THR B 79 10.11 -5.88 -5.62
CA THR B 79 10.85 -6.79 -6.49
C THR B 79 11.11 -6.14 -7.87
N TYR B 80 12.21 -5.39 -7.93
CA TYR B 80 12.74 -4.78 -9.18
C TYR B 80 14.20 -5.18 -9.33
N HIS B 81 14.41 -6.50 -9.41
CA HIS B 81 15.74 -7.14 -9.37
C HIS B 81 16.17 -7.63 -10.77
N GLY B 82 15.44 -7.19 -11.82
CA GLY B 82 15.70 -7.63 -13.20
C GLY B 82 15.06 -8.99 -13.52
N ASN B 83 14.10 -9.42 -12.66
CA ASN B 83 13.39 -10.73 -12.73
C ASN B 83 14.38 -11.90 -12.61
N ILE B 84 14.57 -12.42 -11.38
CA ILE B 84 15.47 -13.58 -11.14
C ILE B 84 14.66 -14.90 -11.04
N ASP B 85 13.37 -14.85 -11.48
CA ASP B 85 12.43 -16.00 -11.45
C ASP B 85 12.96 -17.14 -12.33
N LYS B 86 13.72 -18.04 -11.70
CA LYS B 86 14.46 -19.12 -12.36
C LYS B 86 14.85 -20.15 -11.27
N PRO B 87 14.82 -21.50 -11.57
CA PRO B 87 15.34 -22.54 -10.63
C PRO B 87 16.75 -22.21 -10.10
N ALA B 88 16.97 -22.52 -8.82
CA ALA B 88 18.20 -22.15 -8.08
C ALA B 88 19.47 -22.70 -8.76
N VAL B 89 20.53 -21.87 -8.75
CA VAL B 89 21.87 -22.25 -9.23
C VAL B 89 22.51 -23.29 -8.29
N THR B 90 23.67 -23.83 -8.70
CA THR B 90 24.39 -24.87 -7.93
C THR B 90 24.84 -24.32 -6.55
N CYS B 91 23.97 -24.54 -5.54
CA CYS B 91 24.13 -24.01 -4.18
C CYS B 91 25.15 -24.85 -3.40
N THR B 92 26.43 -24.58 -3.67
CA THR B 92 27.57 -25.33 -3.13
C THR B 92 28.48 -24.36 -2.34
N PRO B 93 28.16 -24.09 -1.03
CA PRO B 93 28.91 -23.13 -0.19
C PRO B 93 30.06 -23.81 0.62
N MET A 12 28.20 -5.69 -37.46
CA MET A 12 26.95 -5.18 -38.07
C MET A 12 26.90 -3.65 -38.01
N GLN A 13 26.13 -3.03 -38.91
CA GLN A 13 25.99 -1.57 -38.97
C GLN A 13 25.06 -1.08 -37.84
N VAL A 14 25.68 -0.64 -36.73
CA VAL A 14 24.98 -0.12 -35.53
C VAL A 14 25.69 1.14 -35.03
N SER A 15 24.95 1.96 -34.26
CA SER A 15 25.48 3.20 -33.66
C SER A 15 24.96 3.32 -32.22
N VAL A 16 25.69 2.67 -31.29
CA VAL A 16 25.34 2.70 -29.86
C VAL A 16 25.84 4.02 -29.22
N GLU A 17 24.92 4.75 -28.57
CA GLU A 17 25.20 6.03 -27.92
C GLU A 17 24.78 5.97 -26.45
N THR A 18 25.76 5.77 -25.55
CA THR A 18 25.54 5.81 -24.10
C THR A 18 25.41 7.30 -23.68
N THR A 19 24.21 7.86 -23.92
CA THR A 19 23.94 9.29 -23.84
C THR A 19 23.94 9.78 -22.37
N GLN A 20 23.24 9.05 -21.50
CA GLN A 20 23.09 9.42 -20.08
C GLN A 20 23.38 8.21 -19.19
N GLY A 21 24.40 7.42 -19.59
CA GLY A 21 24.82 6.22 -18.84
C GLY A 21 23.85 5.06 -19.02
N LEU A 22 22.69 5.18 -18.36
CA LEU A 22 21.60 4.21 -18.44
C LEU A 22 20.99 4.26 -19.85
N GLY A 23 20.61 5.48 -20.28
CA GLY A 23 20.03 5.71 -21.60
C GLY A 23 21.01 5.44 -22.73
N ARG A 24 20.68 4.47 -23.60
CA ARG A 24 21.51 4.06 -24.74
C ARG A 24 20.65 3.98 -26.01
N ARG A 25 21.03 4.77 -27.04
CA ARG A 25 20.46 4.70 -28.38
C ARG A 25 21.29 3.75 -29.25
N VAL A 26 20.82 2.52 -29.45
CA VAL A 26 21.44 1.59 -30.41
C VAL A 26 20.72 1.74 -31.76
N THR A 27 21.25 2.66 -32.59
CA THR A 27 20.75 2.91 -33.95
C THR A 27 21.21 1.79 -34.90
N ILE A 28 20.39 0.74 -35.02
CA ILE A 28 20.64 -0.41 -35.89
C ILE A 28 20.19 -0.09 -37.33
N THR A 29 21.03 -0.42 -38.31
CA THR A 29 20.66 -0.38 -39.73
C THR A 29 20.73 -1.81 -40.28
N ILE A 30 19.56 -2.36 -40.63
CA ILE A 30 19.43 -3.70 -41.24
C ILE A 30 19.83 -3.61 -42.72
N ALA A 31 20.78 -4.46 -43.13
CA ALA A 31 21.27 -4.53 -44.52
C ALA A 31 20.12 -4.83 -45.50
N ALA A 32 20.07 -4.11 -46.64
CA ALA A 32 18.99 -4.19 -47.63
C ALA A 32 18.85 -5.61 -48.21
N ASP A 33 19.99 -6.28 -48.38
CA ASP A 33 20.07 -7.67 -48.80
C ASP A 33 19.45 -8.61 -47.74
N SER A 34 19.69 -8.29 -46.46
CA SER A 34 19.21 -9.08 -45.32
C SER A 34 17.71 -8.82 -45.05
N ILE A 35 17.23 -7.60 -45.42
CA ILE A 35 15.80 -7.26 -45.42
C ILE A 35 15.12 -8.16 -46.46
N GLU A 36 15.68 -8.16 -47.68
CA GLU A 36 15.16 -8.92 -48.82
C GLU A 36 15.05 -10.43 -48.52
N THR A 37 16.10 -10.97 -47.89
CA THR A 37 16.20 -12.41 -47.56
C THR A 37 15.13 -12.79 -46.52
N ALA A 38 15.04 -12.01 -45.44
CA ALA A 38 14.14 -12.28 -44.30
C ALA A 38 12.66 -12.04 -44.67
N VAL A 39 12.39 -11.01 -45.50
CA VAL A 39 11.04 -10.76 -46.03
C VAL A 39 10.61 -11.93 -46.92
N LYS A 40 11.49 -12.33 -47.86
CA LYS A 40 11.21 -13.44 -48.81
C LYS A 40 10.94 -14.77 -48.07
N SER A 41 11.68 -14.98 -46.96
CA SER A 41 11.50 -16.15 -46.08
C SER A 41 10.16 -16.08 -45.33
N GLU A 42 9.70 -14.84 -45.06
CA GLU A 42 8.42 -14.60 -44.39
C GLU A 42 7.25 -14.67 -45.40
N LEU A 43 7.53 -14.37 -46.68
CA LEU A 43 6.51 -14.34 -47.75
C LEU A 43 6.02 -15.74 -48.10
N VAL A 44 6.95 -16.71 -48.06
CA VAL A 44 6.63 -18.10 -48.31
C VAL A 44 5.81 -18.69 -47.13
N ASN A 45 6.00 -18.12 -45.90
CA ASN A 45 5.19 -18.47 -44.71
C ASN A 45 3.74 -18.02 -44.93
N VAL A 46 3.58 -16.77 -45.42
CA VAL A 46 2.26 -16.18 -45.74
C VAL A 46 1.60 -16.97 -46.90
N ALA A 47 2.42 -17.34 -47.90
CA ALA A 47 1.95 -18.04 -49.11
C ALA A 47 1.39 -19.43 -48.75
N LYS A 48 2.09 -20.14 -47.85
CA LYS A 48 1.66 -21.48 -47.38
C LYS A 48 0.41 -21.37 -46.52
N LYS A 49 0.40 -20.37 -45.62
CA LYS A 49 -0.70 -20.14 -44.66
C LYS A 49 -2.04 -19.84 -45.36
N VAL A 50 -1.99 -18.94 -46.37
CA VAL A 50 -3.18 -18.54 -47.16
C VAL A 50 -3.39 -19.55 -48.34
N ARG A 51 -2.44 -20.51 -48.50
CA ARG A 51 -2.47 -21.63 -49.48
C ARG A 51 -2.16 -21.17 -50.93
N ILE A 52 -1.70 -19.90 -51.07
CA ILE A 52 -1.32 -19.29 -52.38
C ILE A 52 -0.09 -20.00 -53.01
N ASP A 53 0.70 -20.69 -52.15
CA ASP A 53 1.91 -21.44 -52.56
C ASP A 53 1.57 -22.50 -53.64
N GLY A 54 0.42 -23.18 -53.45
CA GLY A 54 -0.06 -24.19 -54.39
C GLY A 54 -0.64 -23.57 -55.67
N PHE A 55 -1.26 -22.38 -55.51
CA PHE A 55 -1.86 -21.63 -56.62
C PHE A 55 -0.77 -20.95 -57.48
N ARG A 56 0.43 -20.75 -56.90
CA ARG A 56 1.61 -20.30 -57.64
C ARG A 56 2.18 -21.51 -58.41
N LYS A 57 1.90 -21.56 -59.72
CA LYS A 57 2.11 -22.76 -60.56
C LYS A 57 3.56 -22.88 -61.11
N GLY A 58 4.48 -22.08 -60.55
CA GLY A 58 5.92 -22.16 -60.90
C GLY A 58 6.30 -21.26 -62.08
N LYS A 59 5.30 -20.67 -62.74
CA LYS A 59 5.50 -19.73 -63.87
C LYS A 59 6.15 -18.43 -63.35
N VAL A 60 5.70 -17.99 -62.19
CA VAL A 60 6.22 -16.78 -61.51
C VAL A 60 7.07 -17.23 -60.30
N PRO A 61 8.45 -17.20 -60.40
CA PRO A 61 9.35 -17.53 -59.26
C PRO A 61 9.19 -16.56 -58.06
N MET A 62 9.76 -16.99 -56.92
CA MET A 62 9.59 -16.32 -55.60
C MET A 62 10.20 -14.90 -55.57
N ASN A 63 11.22 -14.65 -56.41
CA ASN A 63 11.88 -13.32 -56.48
C ASN A 63 10.95 -12.25 -57.11
N ILE A 64 10.13 -12.66 -58.08
CA ILE A 64 9.18 -11.77 -58.76
C ILE A 64 8.00 -11.43 -57.83
N VAL A 65 7.45 -12.46 -57.13
CA VAL A 65 6.35 -12.24 -56.15
C VAL A 65 6.86 -11.50 -54.89
N ALA A 66 8.20 -11.50 -54.67
CA ALA A 66 8.82 -10.80 -53.53
C ALA A 66 8.70 -9.27 -53.67
N GLN A 67 8.97 -8.78 -54.89
CA GLN A 67 8.95 -7.33 -55.21
C GLN A 67 7.56 -6.87 -55.69
N ARG A 68 6.58 -7.79 -55.73
CA ARG A 68 5.18 -7.47 -56.13
C ARG A 68 4.22 -7.68 -54.95
N TYR A 69 4.01 -8.97 -54.59
CA TYR A 69 3.06 -9.36 -53.53
C TYR A 69 3.63 -9.02 -52.14
N GLY A 70 4.96 -9.15 -52.02
CA GLY A 70 5.67 -8.84 -50.78
C GLY A 70 5.97 -7.36 -50.60
N ALA A 71 5.78 -6.60 -51.69
CA ALA A 71 6.00 -5.13 -51.70
C ALA A 71 5.01 -4.39 -50.77
N SER A 72 3.86 -5.03 -50.52
CA SER A 72 2.79 -4.48 -49.68
C SER A 72 3.08 -4.65 -48.16
N VAL A 73 3.88 -5.68 -47.81
CA VAL A 73 4.12 -6.06 -46.40
C VAL A 73 5.57 -5.72 -45.95
N ARG A 74 6.35 -5.06 -46.83
CA ARG A 74 7.76 -4.66 -46.54
C ARG A 74 7.86 -3.85 -45.24
N GLN A 75 6.94 -2.88 -45.10
CA GLN A 75 6.75 -2.04 -43.90
C GLN A 75 6.56 -2.90 -42.63
N ASP A 76 5.72 -3.93 -42.77
CA ASP A 76 5.22 -4.73 -41.64
C ASP A 76 6.24 -5.77 -41.16
N VAL A 77 7.01 -6.36 -42.10
CA VAL A 77 8.06 -7.35 -41.77
C VAL A 77 9.19 -6.69 -40.95
N LEU A 78 9.39 -5.36 -41.16
CA LEU A 78 10.36 -4.55 -40.39
C LEU A 78 10.10 -4.68 -38.87
N GLY A 79 8.83 -4.84 -38.47
CA GLY A 79 8.45 -5.06 -37.07
C GLY A 79 9.04 -6.35 -36.49
N ASP A 80 9.02 -7.42 -37.31
CA ASP A 80 9.64 -8.72 -36.97
C ASP A 80 11.18 -8.60 -36.94
N LEU A 81 11.72 -7.79 -37.87
CA LEU A 81 13.17 -7.61 -38.03
C LEU A 81 13.77 -6.86 -36.83
N MET A 82 13.08 -5.81 -36.35
CA MET A 82 13.50 -5.01 -35.18
C MET A 82 13.51 -5.88 -33.91
N SER A 83 12.51 -6.79 -33.82
CA SER A 83 12.40 -7.76 -32.73
C SER A 83 13.62 -8.72 -32.73
N ARG A 84 13.84 -9.37 -33.89
CA ARG A 84 14.92 -10.36 -34.08
C ARG A 84 16.22 -9.69 -34.59
N ASN A 85 16.46 -8.43 -34.20
CA ASN A 85 17.79 -7.76 -34.31
C ASN A 85 18.17 -7.22 -32.92
N PHE A 86 17.17 -6.66 -32.20
CA PHE A 86 17.36 -6.07 -30.86
C PHE A 86 17.79 -7.15 -29.84
N ILE A 87 17.02 -8.25 -29.79
CA ILE A 87 17.22 -9.34 -28.80
C ILE A 87 18.59 -10.03 -29.05
N ASP A 88 19.00 -10.10 -30.32
CA ASP A 88 20.30 -10.65 -30.74
C ASP A 88 21.43 -9.74 -30.20
N ALA A 89 21.29 -8.43 -30.51
CA ALA A 89 22.30 -7.40 -30.22
C ALA A 89 22.63 -7.32 -28.72
N ILE A 90 21.59 -7.19 -27.88
CA ILE A 90 21.77 -6.99 -26.41
C ILE A 90 22.44 -8.21 -25.73
N ILE A 91 22.20 -9.43 -26.25
CA ILE A 91 22.77 -10.66 -25.66
C ILE A 91 24.27 -10.81 -26.04
N LYS A 92 24.61 -10.61 -27.33
CA LYS A 92 25.98 -10.82 -27.84
C LYS A 92 26.94 -9.70 -27.36
N GLU A 93 26.41 -8.48 -27.18
CA GLU A 93 27.22 -7.31 -26.73
C GLU A 93 27.25 -7.20 -25.20
N LYS A 94 26.46 -8.07 -24.52
CA LYS A 94 26.37 -8.15 -23.04
C LYS A 94 25.82 -6.84 -22.43
N ILE A 95 24.56 -6.58 -22.77
CA ILE A 95 23.76 -5.45 -22.30
C ILE A 95 22.60 -6.00 -21.47
N ASN A 96 22.36 -5.43 -20.28
CA ASN A 96 21.24 -5.82 -19.40
C ASN A 96 20.17 -4.72 -19.43
N PRO A 97 19.18 -4.76 -20.40
CA PRO A 97 18.22 -3.64 -20.63
C PRO A 97 17.17 -3.51 -19.51
N ALA A 98 16.51 -2.35 -19.48
CA ALA A 98 15.55 -1.99 -18.43
C ALA A 98 14.59 -0.90 -18.96
N GLY A 99 13.40 -0.83 -18.35
CA GLY A 99 12.41 0.19 -18.69
C GLY A 99 11.56 -0.18 -19.88
N ALA A 100 11.83 0.44 -21.03
CA ALA A 100 11.06 0.26 -22.26
C ALA A 100 11.97 0.56 -23.48
N PRO A 101 12.09 -0.39 -24.46
CA PRO A 101 12.88 -0.14 -25.69
C PRO A 101 12.10 0.77 -26.67
N THR A 102 12.55 2.03 -26.77
CA THR A 102 11.87 3.06 -27.59
C THR A 102 12.31 2.92 -29.06
N TYR A 103 11.57 2.12 -29.82
CA TYR A 103 11.82 1.94 -31.26
C TYR A 103 11.39 3.21 -32.02
N VAL A 104 12.38 3.97 -32.48
CA VAL A 104 12.19 5.15 -33.35
C VAL A 104 12.57 4.75 -34.79
N PRO A 105 11.60 4.27 -35.64
CA PRO A 105 11.87 3.84 -37.03
C PRO A 105 12.38 5.02 -37.89
N GLY A 106 13.58 4.85 -38.47
CA GLY A 106 14.16 5.85 -39.36
C GLY A 106 13.49 5.86 -40.72
N GLU A 107 13.88 6.85 -41.53
CA GLU A 107 13.33 7.07 -42.89
C GLU A 107 13.61 5.86 -43.83
N TYR A 108 12.70 4.86 -43.80
CA TYR A 108 12.82 3.63 -44.62
C TYR A 108 12.55 3.95 -46.10
N LYS A 109 13.60 3.84 -46.90
CA LYS A 109 13.52 3.93 -48.37
C LYS A 109 13.52 2.50 -48.95
N LEU A 110 12.40 2.15 -49.62
CA LEU A 110 12.18 0.82 -50.20
C LEU A 110 13.17 0.54 -51.35
N GLY A 111 13.93 -0.55 -51.21
CA GLY A 111 15.00 -0.90 -52.16
C GLY A 111 16.38 -0.73 -51.54
N GLU A 112 16.43 0.05 -50.45
CA GLU A 112 17.64 0.23 -49.63
C GLU A 112 17.35 -0.17 -48.17
N ASP A 113 18.30 0.16 -47.28
CA ASP A 113 18.38 -0.35 -45.90
C ASP A 113 17.33 0.27 -44.97
N PHE A 114 17.18 -0.30 -43.75
CA PHE A 114 16.28 0.20 -42.70
C PHE A 114 17.07 0.58 -41.44
N THR A 115 17.31 1.88 -41.28
CA THR A 115 17.88 2.46 -40.06
C THR A 115 16.75 2.71 -39.04
N TYR A 116 17.05 2.52 -37.74
CA TYR A 116 16.12 2.80 -36.63
C TYR A 116 16.89 2.90 -35.30
N SER A 117 16.47 3.84 -34.45
CA SER A 117 17.13 4.18 -33.17
C SER A 117 16.34 3.61 -31.99
N VAL A 118 16.89 2.56 -31.33
CA VAL A 118 16.26 1.97 -30.13
C VAL A 118 16.86 2.59 -28.86
N GLU A 119 16.11 3.50 -28.22
CA GLU A 119 16.53 4.19 -26.99
C GLU A 119 15.93 3.51 -25.77
N PHE A 120 16.75 2.71 -25.10
CA PHE A 120 16.37 1.95 -23.89
C PHE A 120 17.41 2.21 -22.79
N GLU A 121 16.98 2.08 -21.54
CA GLU A 121 17.87 2.17 -20.37
C GLU A 121 18.34 0.78 -19.97
N VAL A 122 19.22 0.72 -18.97
CA VAL A 122 19.82 -0.53 -18.47
C VAL A 122 19.77 -0.58 -16.95
N TYR A 123 19.86 -1.81 -16.39
CA TYR A 123 20.09 -2.02 -14.96
C TYR A 123 21.55 -1.61 -14.64
N PRO A 124 21.76 -0.54 -13.82
CA PRO A 124 23.12 -0.06 -13.51
C PRO A 124 23.80 -0.95 -12.47
N GLU A 125 25.14 -0.89 -12.43
CA GLU A 125 25.92 -1.49 -11.34
C GLU A 125 25.65 -0.66 -10.06
N VAL A 126 24.79 -1.21 -9.20
CA VAL A 126 24.27 -0.51 -8.03
C VAL A 126 25.36 -0.39 -6.96
N GLU A 127 25.65 0.85 -6.58
CA GLU A 127 26.72 1.18 -5.64
C GLU A 127 26.22 0.99 -4.19
N LEU A 128 26.58 -0.15 -3.59
CA LEU A 128 26.29 -0.42 -2.17
C LEU A 128 27.42 0.12 -1.30
N GLN A 129 27.05 0.80 -0.22
CA GLN A 129 27.98 1.37 0.77
C GLN A 129 27.21 1.70 2.04
N GLY A 130 27.96 1.86 3.15
CA GLY A 130 27.37 2.24 4.44
C GLY A 130 26.46 1.17 5.03
N LEU A 131 26.53 -0.08 4.51
CA LEU A 131 25.62 -1.18 4.91
C LEU A 131 25.86 -1.61 6.37
N GLU A 132 27.09 -1.37 6.86
CA GLU A 132 27.44 -1.58 8.28
C GLU A 132 27.05 -0.35 9.12
N ALA A 133 26.97 0.83 8.46
CA ALA A 133 26.63 2.11 9.11
C ALA A 133 25.12 2.19 9.38
N ILE A 134 24.33 1.47 8.54
CA ILE A 134 22.86 1.35 8.69
C ILE A 134 22.53 0.74 10.07
N GLU A 135 21.82 1.51 10.90
CA GLU A 135 21.42 1.07 12.25
C GLU A 135 19.92 0.79 12.24
N VAL A 136 19.57 -0.51 12.27
CA VAL A 136 18.17 -0.98 12.22
C VAL A 136 17.70 -1.29 13.65
N GLU A 137 16.46 -0.91 14.00
CA GLU A 137 15.92 -1.13 15.35
C GLU A 137 14.93 -2.32 15.36
N LYS A 138 15.32 -3.37 16.07
CA LYS A 138 14.50 -4.56 16.30
C LYS A 138 13.84 -4.46 17.70
N PRO A 139 12.48 -4.33 17.77
CA PRO A 139 11.74 -4.38 19.04
C PRO A 139 11.29 -5.82 19.39
N ILE A 140 11.91 -6.40 20.43
CA ILE A 140 11.44 -7.65 21.07
C ILE A 140 10.10 -7.37 21.78
N VAL A 141 9.01 -7.71 21.08
CA VAL A 141 7.65 -7.53 21.59
C VAL A 141 6.97 -8.90 21.67
N GLU A 142 6.16 -9.08 22.72
CA GLU A 142 5.18 -10.16 22.83
C GLU A 142 3.86 -9.55 23.30
N VAL A 143 2.74 -10.28 23.11
CA VAL A 143 1.47 -9.88 23.69
C VAL A 143 1.45 -10.37 25.14
N THR A 144 2.07 -9.58 26.04
CA THR A 144 2.16 -9.93 27.48
C THR A 144 0.76 -9.97 28.09
N ASP A 145 0.59 -10.60 29.25
CA ASP A 145 -0.72 -10.65 29.94
C ASP A 145 -1.20 -9.24 30.35
N ALA A 146 -0.25 -8.31 30.52
CA ALA A 146 -0.53 -6.88 30.68
C ALA A 146 -1.15 -6.31 29.39
N ASP A 147 -0.59 -6.73 28.23
CA ASP A 147 -1.12 -6.34 26.91
C ASP A 147 -2.48 -7.01 26.62
N VAL A 148 -2.68 -8.25 27.12
CA VAL A 148 -3.92 -9.01 26.92
C VAL A 148 -5.06 -8.32 27.68
N ASP A 149 -4.85 -8.08 28.99
CA ASP A 149 -5.84 -7.39 29.85
C ASP A 149 -6.07 -5.94 29.38
N GLY A 150 -5.01 -5.27 28.91
CA GLY A 150 -5.11 -3.94 28.33
C GLY A 150 -5.98 -3.93 27.06
N MET A 151 -5.78 -4.96 26.22
CA MET A 151 -6.53 -5.14 24.96
C MET A 151 -8.00 -5.47 25.25
N LEU A 152 -8.24 -6.33 26.27
CA LEU A 152 -9.59 -6.74 26.69
C LEU A 152 -10.36 -5.50 27.20
N ASP A 153 -9.68 -4.68 28.02
CA ASP A 153 -10.20 -3.39 28.54
C ASP A 153 -10.65 -2.49 27.37
N THR A 154 -9.75 -2.33 26.37
CA THR A 154 -10.00 -1.51 25.18
C THR A 154 -11.24 -2.00 24.40
N LEU A 155 -11.30 -3.33 24.13
CA LEU A 155 -12.42 -3.98 23.42
C LEU A 155 -13.76 -3.74 24.16
N ARG A 156 -13.70 -3.84 25.50
CA ARG A 156 -14.86 -3.63 26.38
C ARG A 156 -15.29 -2.15 26.37
N LYS A 157 -14.33 -1.22 26.27
CA LYS A 157 -14.63 0.23 26.22
C LYS A 157 -15.17 0.67 24.85
N GLN A 158 -14.78 -0.06 23.79
CA GLN A 158 -15.31 0.15 22.42
C GLN A 158 -16.73 -0.43 22.31
N GLN A 159 -16.95 -1.58 22.95
CA GLN A 159 -18.25 -2.29 22.95
C GLN A 159 -18.97 -2.09 24.31
N ALA A 160 -18.79 -0.89 24.90
CA ALA A 160 -19.39 -0.55 26.21
C ALA A 160 -20.78 0.06 26.06
N THR A 161 -21.69 -0.32 26.97
CA THR A 161 -23.05 0.22 27.05
C THR A 161 -23.01 1.60 27.74
N TRP A 162 -23.57 2.62 27.07
CA TRP A 162 -23.62 4.00 27.60
C TRP A 162 -24.72 4.09 28.66
N LYS A 163 -24.44 4.84 29.73
CA LYS A 163 -25.29 4.88 30.94
C LYS A 163 -25.17 6.25 31.61
N GLU A 164 -26.30 6.97 31.70
CA GLU A 164 -26.41 8.27 32.40
C GLU A 164 -26.03 8.10 33.89
N LYS A 165 -24.81 8.54 34.23
CA LYS A 165 -24.26 8.44 35.59
C LYS A 165 -24.16 9.83 36.25
N ASP A 166 -23.64 9.83 37.49
CA ASP A 166 -23.47 11.02 38.33
C ASP A 166 -22.42 10.71 39.40
N GLY A 167 -21.63 11.72 39.81
CA GLY A 167 -20.68 11.56 40.93
C GLY A 167 -19.23 11.88 40.60
N ALA A 168 -18.67 11.33 39.50
CA ALA A 168 -17.25 11.59 39.12
C ALA A 168 -17.01 11.41 37.60
N VAL A 169 -16.52 12.47 36.91
CA VAL A 169 -16.10 12.38 35.48
C VAL A 169 -14.75 11.64 35.39
N GLU A 170 -14.64 10.77 34.38
CA GLU A 170 -13.42 9.98 34.08
C GLU A 170 -12.71 10.57 32.84
N ALA A 171 -11.72 9.84 32.29
CA ALA A 171 -10.84 10.35 31.22
C ALA A 171 -11.41 10.08 29.81
N GLU A 172 -12.24 9.04 29.68
CA GLU A 172 -12.70 8.53 28.36
C GLU A 172 -14.23 8.59 28.21
N ASP A 173 -14.91 9.29 29.14
CA ASP A 173 -16.40 9.33 29.19
C ASP A 173 -17.05 10.10 28.02
N ARG A 174 -18.40 10.10 28.04
CA ARG A 174 -19.24 10.86 27.11
C ARG A 174 -20.00 11.94 27.91
N VAL A 175 -19.53 13.18 27.89
CA VAL A 175 -20.06 14.27 28.74
C VAL A 175 -20.90 15.28 27.94
N THR A 176 -22.14 15.52 28.43
CA THR A 176 -23.08 16.51 27.89
C THR A 176 -22.87 17.89 28.57
N ILE A 177 -22.75 18.96 27.75
CA ILE A 177 -22.66 20.37 28.21
C ILE A 177 -23.58 21.26 27.33
N ASP A 178 -23.88 22.47 27.82
CA ASP A 178 -24.19 23.65 26.97
C ASP A 178 -23.06 24.66 27.27
N PHE A 179 -22.14 24.88 26.32
CA PHE A 179 -21.00 25.79 26.57
C PHE A 179 -21.30 27.16 25.95
N THR A 180 -21.25 28.23 26.77
CA THR A 180 -21.67 29.58 26.37
C THR A 180 -20.64 30.64 26.82
N GLY A 181 -19.68 30.95 25.95
CA GLY A 181 -18.70 32.02 26.18
C GLY A 181 -18.26 32.67 24.89
N SER A 182 -16.93 32.81 24.70
CA SER A 182 -16.33 33.45 23.52
C SER A 182 -14.92 32.90 23.28
N VAL A 183 -14.26 33.38 22.20
CA VAL A 183 -12.88 33.04 21.86
C VAL A 183 -12.03 34.30 22.05
N ASP A 184 -10.93 34.18 22.83
CA ASP A 184 -9.95 35.27 23.14
C ASP A 184 -10.60 36.53 23.78
N GLY A 185 -11.86 36.41 24.23
CA GLY A 185 -12.63 37.54 24.77
C GLY A 185 -13.66 38.07 23.80
N GLU A 186 -13.40 37.90 22.49
CA GLU A 186 -14.26 38.45 21.44
C GLU A 186 -15.45 37.49 21.16
N GLU A 187 -16.66 38.05 21.21
CA GLU A 187 -17.90 37.30 20.96
C GLU A 187 -18.03 37.00 19.46
N PHE A 188 -17.64 35.79 19.08
CA PHE A 188 -17.59 35.34 17.69
C PHE A 188 -18.27 33.95 17.60
N GLU A 189 -18.22 33.32 16.41
CA GLU A 189 -18.72 31.95 16.18
C GLU A 189 -17.91 30.97 17.07
N GLY A 190 -18.54 29.86 17.47
CA GLY A 190 -17.92 28.87 18.37
C GLY A 190 -18.10 29.19 19.84
N GLY A 191 -18.79 30.32 20.12
CA GLY A 191 -19.03 30.79 21.49
C GLY A 191 -20.25 30.15 22.15
N LYS A 192 -21.03 29.37 21.40
CA LYS A 192 -22.27 28.76 21.91
C LYS A 192 -22.55 27.44 21.19
N ALA A 193 -22.90 26.39 21.96
CA ALA A 193 -23.41 25.12 21.41
C ALA A 193 -24.17 24.36 22.50
N SER A 194 -25.41 23.95 22.19
CA SER A 194 -26.29 23.21 23.10
C SER A 194 -26.25 21.71 22.79
N ASP A 195 -26.36 20.89 23.86
CA ASP A 195 -26.23 19.43 23.82
C ASP A 195 -24.91 18.99 23.18
N PHE A 196 -23.83 19.68 23.59
CA PHE A 196 -22.46 19.33 23.22
C PHE A 196 -22.04 18.09 24.03
N VAL A 197 -22.13 16.91 23.40
CA VAL A 197 -21.82 15.65 24.06
C VAL A 197 -20.56 15.04 23.44
N LEU A 198 -19.41 15.24 24.12
CA LEU A 198 -18.09 14.77 23.70
C LEU A 198 -17.76 13.43 24.37
N ALA A 199 -17.52 12.38 23.56
CA ALA A 199 -16.83 11.17 24.05
C ALA A 199 -15.32 11.49 24.08
N MET A 200 -14.87 12.03 25.24
CA MET A 200 -13.47 12.45 25.48
C MET A 200 -12.49 11.25 25.42
N GLY A 201 -11.18 11.57 25.36
CA GLY A 201 -10.16 10.58 25.03
C GLY A 201 -9.90 10.52 23.53
N GLN A 202 -10.98 10.71 22.73
CA GLN A 202 -10.92 10.82 21.27
C GLN A 202 -10.61 12.27 20.87
N GLY A 203 -9.78 12.45 19.83
CA GLY A 203 -9.44 13.77 19.31
C GLY A 203 -10.52 14.33 18.36
N ARG A 204 -11.67 14.69 18.94
CA ARG A 204 -12.79 15.37 18.22
C ARG A 204 -13.07 16.74 18.85
N MET A 205 -12.09 17.20 19.65
CA MET A 205 -12.12 18.47 20.41
C MET A 205 -10.69 18.79 20.91
N ILE A 206 -10.46 20.06 21.32
CA ILE A 206 -9.20 20.55 21.88
C ILE A 206 -8.66 19.61 22.99
N PRO A 207 -7.40 19.08 22.86
CA PRO A 207 -6.71 18.43 23.98
C PRO A 207 -6.51 19.44 25.14
N GLY A 208 -7.22 19.23 26.25
CA GLY A 208 -7.26 20.17 27.37
C GLY A 208 -8.67 20.62 27.72
N PHE A 209 -9.56 20.75 26.70
CA PHE A 209 -10.99 21.12 26.92
C PHE A 209 -11.66 20.07 27.83
N GLU A 210 -11.38 18.79 27.51
CA GLU A 210 -11.92 17.65 28.26
C GLU A 210 -11.43 17.66 29.72
N ASP A 211 -10.19 18.09 29.94
CA ASP A 211 -9.56 18.09 31.28
C ASP A 211 -10.23 19.09 32.23
N GLY A 212 -10.76 20.19 31.67
CA GLY A 212 -11.58 21.13 32.41
C GLY A 212 -12.81 20.47 33.03
N ILE A 213 -13.34 19.46 32.32
CA ILE A 213 -14.48 18.65 32.76
C ILE A 213 -14.01 17.54 33.74
N LYS A 214 -12.86 16.92 33.40
CA LYS A 214 -12.31 15.74 34.10
C LYS A 214 -11.95 16.04 35.57
N GLY A 215 -11.72 17.32 35.88
CA GLY A 215 -11.56 17.78 37.27
C GLY A 215 -12.91 18.19 37.90
N HIS A 216 -13.99 17.45 37.56
CA HIS A 216 -15.37 17.70 38.05
C HIS A 216 -16.16 16.38 38.13
N LYS A 217 -17.49 16.45 38.41
CA LYS A 217 -18.27 15.26 38.81
C LYS A 217 -19.35 14.82 37.79
N ALA A 218 -20.38 15.64 37.59
CA ALA A 218 -21.46 15.32 36.63
C ALA A 218 -22.11 16.57 36.01
N GLY A 219 -22.55 17.51 36.88
CA GLY A 219 -23.50 18.54 36.47
C GLY A 219 -23.39 19.85 37.23
N GLU A 220 -22.17 20.36 37.38
CA GLU A 220 -21.92 21.69 37.99
C GLU A 220 -21.86 22.79 36.90
N GLU A 221 -21.42 24.02 37.28
CA GLU A 221 -21.24 25.14 36.36
C GLU A 221 -19.88 25.84 36.63
N PHE A 222 -19.09 26.02 35.56
CA PHE A 222 -17.72 26.63 35.63
C PHE A 222 -17.35 27.25 34.28
N THR A 223 -16.13 27.79 34.19
CA THR A 223 -15.61 28.45 32.97
C THR A 223 -14.10 28.17 32.84
N ILE A 224 -13.68 27.57 31.71
CA ILE A 224 -12.27 27.15 31.50
C ILE A 224 -11.63 27.90 30.31
N ASP A 225 -10.36 28.29 30.49
CA ASP A 225 -9.53 28.93 29.46
C ASP A 225 -8.86 27.85 28.61
N VAL A 226 -9.46 27.51 27.48
CA VAL A 226 -8.90 26.51 26.54
C VAL A 226 -7.98 27.18 25.53
N THR A 227 -6.70 26.82 25.62
CA THR A 227 -5.67 27.30 24.72
C THR A 227 -5.64 26.38 23.48
N PHE A 228 -6.33 26.82 22.42
CA PHE A 228 -6.33 26.13 21.10
C PHE A 228 -4.90 25.77 20.63
N PRO A 229 -4.72 24.57 20.01
CA PRO A 229 -3.39 24.05 19.60
C PRO A 229 -2.87 24.70 18.31
N GLU A 230 -1.53 24.64 18.13
CA GLU A 230 -0.86 24.98 16.85
C GLU A 230 -1.12 23.87 15.80
N GLU A 231 -1.62 22.72 16.29
CA GLU A 231 -1.99 21.56 15.46
C GLU A 231 -3.21 21.89 14.62
N TYR A 232 -4.09 22.70 15.23
CA TYR A 232 -5.35 23.14 14.64
C TYR A 232 -5.05 24.05 13.42
N HIS A 233 -5.65 23.70 12.27
CA HIS A 233 -5.33 24.31 10.95
C HIS A 233 -6.08 25.64 10.74
N ALA A 234 -6.73 26.12 11.79
CA ALA A 234 -7.36 27.44 11.81
C ALA A 234 -6.34 28.51 12.21
N GLU A 235 -6.06 29.46 11.31
CA GLU A 235 -5.29 30.67 11.63
C GLU A 235 -6.02 31.47 12.74
N ASN A 236 -7.37 31.49 12.64
CA ASN A 236 -8.24 32.23 13.57
C ASN A 236 -8.26 31.61 14.98
N LEU A 237 -7.79 30.36 15.14
CA LEU A 237 -7.83 29.63 16.43
C LEU A 237 -6.45 29.30 16.99
N LYS A 238 -5.43 29.07 16.13
CA LYS A 238 -4.09 28.63 16.59
C LYS A 238 -3.50 29.60 17.66
N GLY A 239 -3.42 29.12 18.91
CA GLY A 239 -2.85 29.89 20.04
C GLY A 239 -3.83 30.87 20.69
N LYS A 240 -5.15 30.65 20.50
CA LYS A 240 -6.20 31.46 21.17
C LYS A 240 -6.55 30.86 22.53
N ALA A 241 -7.03 31.70 23.46
CA ALA A 241 -7.48 31.27 24.79
C ALA A 241 -8.97 31.62 24.97
N ALA A 242 -9.83 30.65 24.68
CA ALA A 242 -11.29 30.81 24.74
C ALA A 242 -11.82 30.46 26.13
N LYS A 243 -12.78 31.26 26.62
CA LYS A 243 -13.42 31.04 27.93
C LYS A 243 -14.90 30.76 27.68
N PHE A 244 -15.31 29.50 27.90
CA PHE A 244 -16.70 29.06 27.71
C PHE A 244 -17.34 28.74 29.06
N ALA A 245 -18.57 29.25 29.31
CA ALA A 245 -19.32 28.89 30.51
C ALA A 245 -19.86 27.48 30.32
N ILE A 246 -19.10 26.53 30.85
CA ILE A 246 -19.41 25.11 30.81
C ILE A 246 -20.62 24.86 31.73
N ASN A 247 -21.81 24.73 31.12
CA ASN A 247 -23.02 24.38 31.86
C ASN A 247 -23.09 22.87 31.84
N LEU A 248 -22.24 22.26 32.71
CA LEU A 248 -22.03 20.83 32.75
C LEU A 248 -23.36 20.16 33.11
N LYS A 249 -23.90 19.36 32.19
CA LYS A 249 -25.25 18.77 32.32
C LYS A 249 -25.18 17.38 32.94
N LYS A 250 -24.72 16.41 32.13
CA LYS A 250 -24.71 14.97 32.50
C LYS A 250 -23.45 14.32 31.99
N VAL A 251 -23.23 13.08 32.44
CA VAL A 251 -22.18 12.20 31.92
C VAL A 251 -22.81 10.84 31.63
N GLU A 252 -22.46 10.25 30.51
CA GLU A 252 -22.73 8.85 30.22
C GLU A 252 -21.43 8.06 30.33
N GLU A 253 -21.40 7.18 31.33
CA GLU A 253 -20.33 6.21 31.51
C GLU A 253 -20.36 5.21 30.36
N ARG A 254 -19.18 4.85 29.84
CA ARG A 254 -19.04 3.69 28.98
C ARG A 254 -18.94 2.44 29.89
N GLU A 255 -20.12 2.04 30.43
CA GLU A 255 -20.23 0.89 31.33
C GLU A 255 -19.83 -0.39 30.58
N LEU A 256 -18.75 -1.02 31.06
CA LEU A 256 -18.15 -2.20 30.43
C LEU A 256 -19.18 -3.35 30.38
N PRO A 257 -19.30 -4.05 29.21
CA PRO A 257 -20.40 -5.01 28.95
C PRO A 257 -20.29 -6.30 29.79
N GLU A 258 -21.13 -7.29 29.42
CA GLU A 258 -21.17 -8.60 30.08
C GLU A 258 -19.90 -9.42 29.79
N LEU A 259 -19.76 -10.52 30.53
CA LEU A 259 -18.73 -11.54 30.31
C LEU A 259 -19.43 -12.91 30.12
N THR A 260 -20.79 -12.87 30.03
CA THR A 260 -21.66 -14.05 29.84
C THR A 260 -21.21 -14.88 28.61
N ALA A 261 -21.43 -16.21 28.70
CA ALA A 261 -21.07 -17.19 27.64
C ALA A 261 -21.52 -16.71 26.26
N GLU A 262 -22.81 -16.29 26.19
CA GLU A 262 -23.47 -15.85 24.94
C GLU A 262 -22.88 -14.53 24.39
N PHE A 263 -22.21 -13.73 25.26
CA PHE A 263 -21.54 -12.49 24.86
C PHE A 263 -20.18 -12.82 24.25
N ILE A 264 -19.32 -13.47 25.06
CA ILE A 264 -17.91 -13.75 24.71
C ILE A 264 -17.79 -14.72 23.50
N LYS A 265 -18.79 -15.63 23.33
CA LYS A 265 -18.79 -16.58 22.20
C LYS A 265 -19.30 -15.92 20.89
N ARG A 266 -19.82 -14.67 20.99
CA ARG A 266 -20.40 -13.95 19.83
C ARG A 266 -19.31 -13.55 18.79
N PHE A 267 -18.03 -13.72 19.19
CA PHE A 267 -16.87 -13.56 18.30
C PHE A 267 -16.52 -14.89 17.59
N GLY A 268 -17.44 -15.87 17.67
CA GLY A 268 -17.27 -17.17 16.99
C GLY A 268 -16.50 -18.19 17.82
N VAL A 269 -16.49 -17.99 19.16
CA VAL A 269 -15.77 -18.88 20.12
C VAL A 269 -16.67 -20.10 20.46
N GLU A 270 -16.03 -21.26 20.75
CA GLU A 270 -16.72 -22.54 21.07
C GLU A 270 -17.68 -22.39 22.27
N ASP A 271 -17.19 -21.77 23.34
CA ASP A 271 -17.93 -21.66 24.61
C ASP A 271 -17.60 -20.31 25.29
N GLY A 272 -17.95 -20.18 26.58
CA GLY A 272 -17.78 -18.94 27.33
C GLY A 272 -16.53 -18.87 28.19
N SER A 273 -15.47 -19.62 27.81
CA SER A 273 -14.20 -19.63 28.55
C SER A 273 -13.38 -18.37 28.24
N VAL A 274 -13.11 -17.55 29.29
CA VAL A 274 -12.25 -16.33 29.20
C VAL A 274 -10.87 -16.70 28.67
N GLU A 275 -10.33 -17.81 29.21
CA GLU A 275 -9.05 -18.41 28.78
C GLU A 275 -9.05 -18.74 27.28
N GLY A 276 -10.26 -19.02 26.71
CA GLY A 276 -10.41 -19.26 25.27
C GLY A 276 -10.25 -17.97 24.47
N LEU A 277 -10.74 -16.85 25.04
CA LEU A 277 -10.66 -15.52 24.40
C LEU A 277 -9.22 -15.01 24.49
N ARG A 278 -8.55 -15.32 25.61
CA ARG A 278 -7.15 -14.93 25.85
C ARG A 278 -6.19 -15.79 25.01
N ALA A 279 -6.59 -17.05 24.76
CA ALA A 279 -5.86 -17.96 23.87
C ALA A 279 -6.07 -17.54 22.40
N GLU A 280 -7.26 -17.00 22.10
CA GLU A 280 -7.59 -16.46 20.79
C GLU A 280 -6.77 -15.17 20.50
N VAL A 281 -6.67 -14.30 21.54
CA VAL A 281 -5.80 -13.10 21.54
C VAL A 281 -4.33 -13.53 21.33
N ARG A 282 -3.91 -14.59 22.05
CA ARG A 282 -2.56 -15.16 21.96
C ARG A 282 -2.20 -15.51 20.49
N LYS A 283 -2.93 -16.48 19.91
CA LYS A 283 -2.65 -17.03 18.57
C LYS A 283 -2.79 -16.00 17.44
N ASN A 284 -3.86 -15.16 17.50
CA ASN A 284 -4.15 -14.18 16.42
C ASN A 284 -3.24 -12.95 16.52
N MET A 285 -3.19 -12.34 17.72
CA MET A 285 -2.52 -11.03 17.92
C MET A 285 -0.98 -11.19 17.88
N GLU A 286 -0.44 -12.40 18.24
CA GLU A 286 1.01 -12.66 18.08
C GLU A 286 1.38 -13.01 16.63
N ARG A 287 0.44 -13.60 15.87
CA ARG A 287 0.62 -13.84 14.42
C ARG A 287 0.66 -12.49 13.67
N GLU A 288 -0.21 -11.58 14.12
CA GLU A 288 -0.29 -10.20 13.66
C GLU A 288 0.98 -9.42 14.07
N LEU A 289 1.42 -9.68 15.32
CA LEU A 289 2.63 -9.09 15.91
C LEU A 289 3.89 -9.44 15.11
N LYS A 290 4.00 -10.71 14.66
CA LYS A 290 5.14 -11.16 13.85
C LYS A 290 5.28 -10.29 12.60
N SER A 291 4.12 -10.04 11.94
CA SER A 291 4.03 -9.18 10.75
C SER A 291 4.39 -7.72 11.09
N ALA A 292 3.90 -7.24 12.25
CA ALA A 292 4.17 -5.87 12.73
C ALA A 292 5.68 -5.60 12.90
N ILE A 293 6.37 -6.51 13.66
CA ILE A 293 7.82 -6.43 13.91
C ILE A 293 8.62 -6.65 12.61
N ARG A 294 8.10 -7.54 11.74
CA ARG A 294 8.75 -7.88 10.46
C ARG A 294 8.80 -6.65 9.54
N ASN A 295 7.66 -5.93 9.47
CA ASN A 295 7.49 -4.74 8.62
C ASN A 295 8.10 -3.49 9.28
N ARG A 296 8.25 -3.54 10.62
CA ARG A 296 8.98 -2.52 11.40
C ARG A 296 10.48 -2.53 10.99
N VAL A 297 11.12 -3.71 11.19
CA VAL A 297 12.53 -3.95 10.83
C VAL A 297 12.75 -3.76 9.32
N LYS A 298 11.76 -4.20 8.50
CA LYS A 298 11.75 -4.02 7.04
C LYS A 298 11.86 -2.52 6.68
N SER A 299 10.90 -1.71 7.17
CA SER A 299 10.78 -0.28 6.81
C SER A 299 12.01 0.53 7.25
N GLN A 300 12.58 0.19 8.43
CA GLN A 300 13.77 0.87 8.97
C GLN A 300 15.05 0.47 8.22
N ALA A 301 15.13 -0.80 7.79
CA ALA A 301 16.25 -1.30 6.98
C ALA A 301 16.23 -0.64 5.59
N ILE A 302 15.03 -0.52 5.01
CA ILE A 302 14.79 0.13 3.72
C ILE A 302 15.13 1.64 3.81
N GLU A 303 14.74 2.25 4.94
CA GLU A 303 15.01 3.65 5.25
C GLU A 303 16.53 3.91 5.22
N GLY A 304 17.26 3.12 6.04
CA GLY A 304 18.71 3.21 6.16
C GLY A 304 19.43 2.88 4.85
N LEU A 305 18.84 1.93 4.06
CA LEU A 305 19.35 1.53 2.73
C LEU A 305 19.41 2.75 1.82
N VAL A 306 18.23 3.31 1.47
CA VAL A 306 18.14 4.47 0.55
C VAL A 306 18.98 5.65 1.08
N LYS A 307 18.85 5.89 2.40
CA LYS A 307 19.53 6.99 3.12
C LYS A 307 21.07 6.95 2.96
N ALA A 308 21.65 5.74 3.06
CA ALA A 308 23.12 5.55 2.97
C ALA A 308 23.58 5.16 1.56
N ASN A 309 22.63 4.95 0.62
CA ASN A 309 22.95 4.37 -0.72
C ASN A 309 22.26 5.16 -1.84
N ASP A 310 23.05 5.85 -2.66
CA ASP A 310 22.57 6.54 -3.87
C ASP A 310 22.76 5.64 -5.09
N ILE A 311 21.76 5.64 -5.97
CA ILE A 311 21.79 4.91 -7.26
C ILE A 311 21.03 5.73 -8.32
N ASP A 312 21.59 5.77 -9.54
CA ASP A 312 20.94 6.38 -10.70
C ASP A 312 19.82 5.45 -11.18
N VAL A 313 18.59 5.94 -11.06
CA VAL A 313 17.36 5.14 -11.22
C VAL A 313 16.79 5.29 -12.65
N PRO A 314 16.56 4.13 -13.39
CA PRO A 314 15.99 4.16 -14.77
C PRO A 314 14.57 4.79 -14.80
N ALA A 315 14.47 5.92 -15.52
CA ALA A 315 13.29 6.79 -15.59
C ALA A 315 12.02 6.03 -16.02
N ALA A 316 12.12 5.26 -17.12
CA ALA A 316 10.98 4.50 -17.69
C ALA A 316 10.31 3.57 -16.66
N LEU A 317 11.14 2.93 -15.82
CA LEU A 317 10.66 2.04 -14.74
C LEU A 317 9.94 2.82 -13.63
N ILE A 318 10.41 4.05 -13.37
CA ILE A 318 9.75 4.97 -12.45
C ILE A 318 8.34 5.29 -12.99
N ASP A 319 8.29 5.79 -14.25
CA ASP A 319 7.04 6.13 -14.99
C ASP A 319 6.01 4.98 -14.91
N SER A 320 6.51 3.74 -15.11
CA SER A 320 5.72 2.51 -14.99
C SER A 320 5.06 2.43 -13.60
N GLU A 321 5.91 2.39 -12.54
CA GLU A 321 5.47 2.29 -11.14
C GLU A 321 4.43 3.39 -10.78
N ILE A 322 4.73 4.64 -11.18
CA ILE A 322 3.89 5.82 -10.95
C ILE A 322 2.48 5.56 -11.49
N ASP A 323 2.39 5.29 -12.81
CA ASP A 323 1.10 5.18 -13.52
C ASP A 323 0.25 4.02 -12.99
N VAL A 324 0.90 2.88 -12.64
CA VAL A 324 0.23 1.73 -12.01
C VAL A 324 -0.42 2.16 -10.67
N LEU A 325 0.37 2.87 -9.83
CA LEU A 325 -0.09 3.39 -8.52
C LEU A 325 -1.18 4.47 -8.70
N ARG A 326 -1.13 5.21 -9.84
CA ARG A 326 -2.14 6.24 -10.16
C ARG A 326 -3.47 5.58 -10.46
N ARG A 327 -3.44 4.48 -11.26
CA ARG A 327 -4.66 3.75 -11.64
C ARG A 327 -5.33 3.12 -10.40
N GLN A 328 -4.48 2.52 -9.53
CA GLN A 328 -4.90 1.91 -8.26
C GLN A 328 -5.55 2.95 -7.32
N ALA A 329 -4.94 4.16 -7.29
CA ALA A 329 -5.41 5.27 -6.47
C ALA A 329 -6.76 5.79 -6.98
N ALA A 330 -6.79 6.14 -8.28
CA ALA A 330 -7.95 6.74 -8.96
C ALA A 330 -9.18 5.84 -8.92
N GLN A 331 -8.94 4.51 -8.98
CA GLN A 331 -9.97 3.48 -8.81
C GLN A 331 -10.77 3.70 -7.51
N ARG A 332 -10.05 4.09 -6.45
CA ARG A 332 -10.62 4.32 -5.11
C ARG A 332 -11.06 5.79 -4.98
N PHE A 333 -10.08 6.71 -5.04
CA PHE A 333 -10.29 8.16 -5.01
C PHE A 333 -10.96 8.63 -6.32
N GLY A 334 -12.29 8.83 -6.26
CA GLY A 334 -13.05 9.41 -7.36
C GLY A 334 -13.67 8.37 -8.29
N GLY A 335 -12.94 7.26 -8.53
CA GLY A 335 -13.40 6.18 -9.43
C GLY A 335 -13.05 6.45 -10.89
N ASN A 336 -11.87 7.07 -11.12
CA ASN A 336 -11.40 7.41 -12.47
C ASN A 336 -10.79 6.18 -13.17
N GLU A 337 -11.51 5.66 -14.18
CA GLU A 337 -11.11 4.45 -14.94
C GLU A 337 -9.96 4.77 -15.91
N LYS A 338 -8.71 4.65 -15.41
CA LYS A 338 -7.46 4.85 -16.20
C LYS A 338 -7.32 6.31 -16.75
N GLN A 339 -8.20 7.22 -16.26
CA GLN A 339 -8.08 8.67 -16.45
C GLN A 339 -6.92 9.20 -15.56
N ALA A 340 -6.47 8.30 -14.65
CA ALA A 340 -5.32 8.43 -13.76
C ALA A 340 -4.00 8.87 -14.46
N LEU A 341 -3.93 8.75 -15.79
CA LEU A 341 -2.80 9.26 -16.60
C LEU A 341 -2.54 10.77 -16.32
N GLU A 342 -3.62 11.49 -15.93
CA GLU A 342 -3.59 12.92 -15.57
C GLU A 342 -3.03 13.16 -14.14
N LEU A 343 -3.18 12.16 -13.22
CA LEU A 343 -2.87 12.33 -11.77
C LEU A 343 -1.42 12.84 -11.52
N PRO A 344 -1.24 13.81 -10.57
CA PRO A 344 0.08 14.47 -10.30
C PRO A 344 1.22 13.47 -9.96
N ARG A 345 2.13 13.35 -10.94
CA ARG A 345 3.25 12.38 -10.97
C ARG A 345 3.99 12.28 -9.63
N GLU A 346 4.46 13.44 -9.13
CA GLU A 346 5.32 13.55 -7.95
C GLU A 346 4.69 12.96 -6.68
N LEU A 347 3.34 12.89 -6.60
CA LEU A 347 2.65 12.33 -5.42
C LEU A 347 2.92 10.82 -5.32
N PHE A 348 3.05 10.17 -6.48
CA PHE A 348 3.19 8.72 -6.60
C PHE A 348 4.66 8.33 -6.76
N GLU A 349 5.44 9.23 -7.41
CA GLU A 349 6.87 9.02 -7.70
C GLU A 349 7.71 8.96 -6.42
N GLU A 350 7.23 9.68 -5.39
CA GLU A 350 7.85 9.75 -4.05
C GLU A 350 8.11 8.35 -3.47
N GLN A 351 7.13 7.44 -3.64
CA GLN A 351 7.27 6.02 -3.27
C GLN A 351 7.72 5.16 -4.47
N ALA A 352 7.26 5.53 -5.69
CA ALA A 352 7.44 4.71 -6.92
C ALA A 352 8.92 4.55 -7.26
N LYS A 353 9.59 5.71 -7.50
CA LYS A 353 11.03 5.76 -7.77
C LYS A 353 11.80 5.07 -6.64
N ARG A 354 11.32 5.29 -5.40
CA ARG A 354 11.92 4.71 -4.20
C ARG A 354 11.75 3.17 -4.17
N ARG A 355 10.66 2.64 -4.78
CA ARG A 355 10.44 1.17 -4.91
C ARG A 355 11.47 0.59 -5.86
N VAL A 356 11.73 1.34 -6.95
CA VAL A 356 12.78 1.00 -7.92
C VAL A 356 14.19 1.02 -7.23
N VAL A 357 14.43 2.05 -6.37
CA VAL A 357 15.68 2.19 -5.58
C VAL A 357 15.87 0.95 -4.68
N VAL A 358 14.80 0.56 -3.97
CA VAL A 358 14.78 -0.61 -3.07
C VAL A 358 15.07 -1.89 -3.86
N GLY A 359 14.45 -2.01 -5.04
CA GLY A 359 14.64 -3.16 -5.91
C GLY A 359 16.05 -3.23 -6.50
N LEU A 360 16.70 -2.06 -6.64
CA LEU A 360 18.11 -1.95 -7.09
C LEU A 360 19.09 -2.35 -5.95
N LEU A 361 18.84 -1.84 -4.73
CA LEU A 361 19.71 -2.05 -3.55
C LEU A 361 19.63 -3.51 -3.08
N LEU A 362 18.38 -3.95 -2.79
CA LEU A 362 18.08 -5.35 -2.47
C LEU A 362 18.43 -6.25 -3.65
N GLY A 363 18.25 -5.75 -4.88
CA GLY A 363 18.59 -6.48 -6.09
C GLY A 363 20.08 -6.74 -6.21
N GLU A 364 20.90 -5.77 -5.76
CA GLU A 364 22.36 -5.85 -5.83
C GLU A 364 22.92 -6.75 -4.71
N VAL A 365 22.35 -6.68 -3.48
CA VAL A 365 22.78 -7.57 -2.38
C VAL A 365 22.35 -9.04 -2.67
N ILE A 366 21.17 -9.18 -3.32
CA ILE A 366 20.70 -10.48 -3.84
C ILE A 366 21.66 -11.01 -4.91
N ARG A 367 22.05 -10.12 -5.84
CA ARG A 367 22.96 -10.43 -6.94
C ARG A 367 24.28 -11.00 -6.37
N THR A 368 24.88 -10.23 -5.43
CA THR A 368 26.11 -10.60 -4.70
C THR A 368 25.97 -11.97 -4.01
N ASN A 369 24.83 -12.16 -3.30
CA ASN A 369 24.55 -13.38 -2.50
C ASN A 369 23.77 -14.45 -3.29
N GLU A 370 23.69 -14.32 -4.65
CA GLU A 370 22.97 -15.27 -5.58
C GLU A 370 21.57 -15.72 -5.08
N LEU A 371 20.88 -14.80 -4.35
CA LEU A 371 19.55 -15.09 -3.73
C LEU A 371 18.44 -15.30 -4.77
N LYS A 372 17.39 -16.00 -4.31
CA LYS A 372 16.17 -16.28 -5.08
C LYS A 372 14.99 -16.43 -4.11
N ALA A 373 13.75 -16.36 -4.65
CA ALA A 373 12.54 -16.63 -3.85
C ALA A 373 12.55 -18.11 -3.44
N ASP A 374 12.99 -18.34 -2.19
CA ASP A 374 13.19 -19.68 -1.63
C ASP A 374 11.85 -20.43 -1.51
N GLU A 375 11.68 -21.40 -2.41
CA GLU A 375 10.43 -22.17 -2.55
C GLU A 375 10.02 -22.85 -1.25
N GLU A 376 11.00 -23.31 -0.47
CA GLU A 376 10.77 -23.95 0.83
C GLU A 376 10.19 -22.95 1.85
N ARG A 377 10.59 -21.66 1.75
CA ARG A 377 10.10 -20.60 2.65
C ARG A 377 8.67 -20.23 2.25
N VAL A 378 8.43 -20.13 0.93
CA VAL A 378 7.10 -19.88 0.35
C VAL A 378 6.14 -21.04 0.70
N LYS A 379 6.69 -22.28 0.73
CA LYS A 379 5.95 -23.50 1.14
C LYS A 379 5.48 -23.36 2.58
N GLY A 380 6.43 -23.02 3.48
CA GLY A 380 6.14 -22.79 4.89
C GLY A 380 4.99 -21.82 5.12
N LEU A 381 5.14 -20.62 4.51
CA LEU A 381 4.17 -19.53 4.58
C LEU A 381 2.76 -20.01 4.12
N ILE A 382 2.66 -20.48 2.84
CA ILE A 382 1.39 -20.89 2.21
C ILE A 382 0.67 -21.97 3.05
N GLU A 383 1.37 -23.08 3.35
CA GLU A 383 0.75 -24.28 3.96
C GLU A 383 0.29 -24.03 5.40
N GLU A 384 1.16 -23.40 6.22
CA GLU A 384 0.85 -23.13 7.65
C GLU A 384 -0.30 -22.11 7.78
N MET A 385 -0.29 -21.12 6.89
CA MET A 385 -1.37 -20.11 6.78
C MET A 385 -2.67 -20.75 6.27
N ALA A 386 -2.55 -21.69 5.31
CA ALA A 386 -3.69 -22.36 4.66
C ALA A 386 -4.38 -23.33 5.63
N SER A 387 -3.59 -23.89 6.55
CA SER A 387 -4.06 -24.80 7.60
C SER A 387 -5.08 -24.10 8.54
N ALA A 388 -5.03 -22.76 8.60
CA ALA A 388 -5.95 -21.93 9.41
C ALA A 388 -7.28 -21.63 8.67
N TYR A 389 -7.39 -22.06 7.40
CA TYR A 389 -8.64 -21.95 6.61
C TYR A 389 -9.45 -23.26 6.68
N GLU A 390 -10.62 -23.27 6.01
CA GLU A 390 -11.59 -24.39 6.07
C GLU A 390 -10.96 -25.64 5.44
N ASP A 391 -10.65 -25.54 4.13
CA ASP A 391 -9.87 -26.55 3.41
C ASP A 391 -8.61 -25.88 2.88
N PRO A 392 -7.40 -26.24 3.41
CA PRO A 392 -6.12 -25.64 2.98
C PRO A 392 -5.88 -25.74 1.46
N LYS A 393 -6.03 -26.97 0.93
CA LYS A 393 -5.52 -27.34 -0.40
C LYS A 393 -6.22 -26.57 -1.52
N GLU A 394 -7.53 -26.31 -1.37
CA GLU A 394 -8.29 -25.52 -2.35
C GLU A 394 -7.95 -24.02 -2.25
N VAL A 395 -7.45 -23.57 -1.08
CA VAL A 395 -6.97 -22.18 -0.91
C VAL A 395 -5.62 -22.06 -1.62
N ILE A 396 -4.81 -23.14 -1.56
CA ILE A 396 -3.52 -23.25 -2.27
C ILE A 396 -3.76 -23.25 -3.81
N GLU A 397 -4.84 -23.95 -4.26
CA GLU A 397 -5.25 -23.96 -5.69
C GLU A 397 -5.64 -22.54 -6.13
N PHE A 398 -6.61 -21.96 -5.39
CA PHE A 398 -7.12 -20.58 -5.59
C PHE A 398 -5.97 -19.56 -5.63
N TYR A 399 -4.96 -19.81 -4.77
CA TYR A 399 -3.80 -18.96 -4.61
C TYR A 399 -2.93 -18.99 -5.88
N SER A 400 -2.54 -20.21 -6.30
CA SER A 400 -1.66 -20.42 -7.45
C SER A 400 -2.34 -20.01 -8.80
N LYS A 401 -3.69 -20.05 -8.81
CA LYS A 401 -4.49 -19.56 -9.95
C LYS A 401 -4.50 -18.01 -9.97
N ASN A 402 -4.31 -17.39 -8.80
CA ASN A 402 -4.19 -15.93 -8.69
C ASN A 402 -2.70 -15.59 -8.62
N LYS A 403 -2.03 -15.67 -9.79
CA LYS A 403 -0.57 -15.51 -9.92
C LYS A 403 -0.06 -14.16 -9.38
N GLU A 404 -0.95 -13.15 -9.35
CA GLU A 404 -0.66 -11.82 -8.80
C GLU A 404 -0.31 -11.90 -7.30
N LEU A 405 -1.09 -12.72 -6.58
CA LEU A 405 -0.98 -12.89 -5.13
C LEU A 405 0.02 -14.03 -4.77
N MET A 406 0.09 -15.04 -5.66
CA MET A 406 1.04 -16.15 -5.55
C MET A 406 2.47 -15.59 -5.63
N ASP A 407 2.63 -14.60 -6.54
CA ASP A 407 3.85 -13.80 -6.68
C ASP A 407 4.15 -13.08 -5.36
N ASN A 408 3.12 -12.37 -4.82
CA ASN A 408 3.24 -11.56 -3.56
C ASN A 408 3.84 -12.41 -2.41
N MET A 409 3.39 -13.67 -2.27
CA MET A 409 3.90 -14.59 -1.22
C MET A 409 5.38 -14.94 -1.44
N ARG A 410 5.77 -15.12 -2.71
CA ARG A 410 7.18 -15.37 -3.09
C ARG A 410 8.03 -14.11 -2.84
N ASN A 411 7.39 -12.94 -3.00
CA ASN A 411 8.02 -11.63 -2.77
C ASN A 411 8.24 -11.40 -1.27
N VAL A 412 7.34 -11.97 -0.42
CA VAL A 412 7.53 -11.97 1.04
C VAL A 412 8.86 -12.67 1.36
N ALA A 413 8.97 -13.95 0.95
CA ALA A 413 10.16 -14.80 1.16
C ALA A 413 11.45 -14.13 0.63
N LEU A 414 11.32 -13.56 -0.58
CA LEU A 414 12.43 -12.93 -1.32
C LEU A 414 12.94 -11.67 -0.62
N GLU A 415 12.03 -10.75 -0.28
CA GLU A 415 12.37 -9.51 0.43
C GLU A 415 12.84 -9.79 1.87
N GLU A 416 12.35 -10.89 2.48
CA GLU A 416 12.81 -11.32 3.80
C GLU A 416 14.31 -11.63 3.74
N GLN A 417 14.70 -12.53 2.83
CA GLN A 417 16.12 -12.94 2.65
C GLN A 417 16.99 -11.75 2.16
N ALA A 418 16.40 -10.90 1.31
CA ALA A 418 17.10 -9.72 0.71
C ALA A 418 17.48 -8.70 1.80
N VAL A 419 16.50 -8.33 2.63
CA VAL A 419 16.68 -7.41 3.75
C VAL A 419 17.63 -8.02 4.81
N GLU A 420 17.45 -9.33 5.10
CA GLU A 420 18.29 -10.08 6.08
C GLU A 420 19.76 -10.14 5.63
N ALA A 421 19.99 -10.16 4.31
CA ALA A 421 21.34 -10.09 3.72
C ALA A 421 22.01 -8.74 4.05
N VAL A 422 21.20 -7.68 4.27
CA VAL A 422 21.68 -6.36 4.69
C VAL A 422 21.77 -6.30 6.23
N LEU A 423 20.81 -6.97 6.92
CA LEU A 423 20.70 -6.96 8.40
C LEU A 423 21.94 -7.61 9.05
N ALA A 424 22.40 -8.72 8.44
CA ALA A 424 23.62 -9.45 8.85
C ALA A 424 24.88 -8.55 8.79
N LYS A 425 24.81 -7.49 7.98
CA LYS A 425 25.88 -6.49 7.81
C LYS A 425 25.59 -5.23 8.65
N ALA A 426 24.29 -4.94 8.90
CA ALA A 426 23.83 -3.70 9.56
C ALA A 426 23.81 -3.85 11.10
N LYS A 427 23.89 -2.70 11.81
CA LYS A 427 23.79 -2.64 13.28
C LYS A 427 22.31 -2.80 13.68
N VAL A 428 21.85 -4.05 13.77
CA VAL A 428 20.48 -4.36 14.21
C VAL A 428 20.46 -4.36 15.74
N THR A 429 20.23 -3.15 16.32
CA THR A 429 20.11 -2.98 17.77
C THR A 429 18.80 -3.59 18.25
N GLU A 430 18.81 -4.24 19.41
CA GLU A 430 17.68 -5.06 19.85
C GLU A 430 17.24 -4.60 21.25
N LYS A 431 16.05 -4.01 21.32
CA LYS A 431 15.47 -3.50 22.58
C LYS A 431 14.10 -4.15 22.80
N GLU A 432 13.70 -4.29 24.06
CA GLU A 432 12.39 -4.92 24.41
C GLU A 432 11.32 -3.84 24.63
N THR A 433 10.06 -4.18 24.36
CA THR A 433 8.90 -3.30 24.61
C THR A 433 7.57 -4.09 24.50
N THR A 434 6.50 -3.51 25.07
CA THR A 434 5.15 -4.12 25.09
C THR A 434 4.39 -3.81 23.78
N PHE A 435 3.33 -4.60 23.51
CA PHE A 435 2.50 -4.47 22.29
C PHE A 435 1.75 -3.15 22.30
N ASN A 436 1.17 -2.76 23.47
CA ASN A 436 0.46 -1.49 23.62
C ASN A 436 1.38 -0.31 23.28
N GLU A 437 2.63 -0.38 23.76
CA GLU A 437 3.65 0.65 23.46
C GLU A 437 4.00 0.65 21.95
N LEU A 438 3.99 -0.55 21.32
CA LEU A 438 4.26 -0.72 19.88
C LEU A 438 3.09 -0.15 19.02
N MET A 439 1.88 -0.07 19.62
CA MET A 439 0.71 0.57 18.99
C MET A 439 0.74 2.09 19.25
N ASN A 440 1.29 2.50 20.41
CA ASN A 440 1.39 3.91 20.83
C ASN A 440 2.52 4.66 20.09
N GLN A 441 2.90 4.19 18.88
CA GLN A 441 3.98 4.77 18.08
C GLN A 441 3.44 5.92 17.22
N GLN A 442 3.11 7.02 17.90
CA GLN A 442 2.67 8.28 17.26
C GLN A 442 3.86 9.23 17.07
N ALA A 443 4.95 8.97 17.82
CA ALA A 443 6.22 9.73 17.74
C ALA A 443 7.24 8.93 16.90
N ALA B 3 6.56 59.51 14.04
CA ALA B 3 5.56 60.51 13.60
C ALA B 3 4.36 59.81 12.95
N ARG B 4 4.65 58.92 11.97
CA ARG B 4 3.63 58.08 11.31
C ARG B 4 3.09 57.05 12.31
N ALA B 5 1.90 57.35 12.88
CA ALA B 5 1.24 56.52 13.90
C ALA B 5 0.61 55.27 13.24
N ASP B 6 1.46 54.24 13.00
CA ASP B 6 1.07 52.95 12.36
C ASP B 6 0.44 53.14 10.96
N VAL B 7 -0.07 52.05 10.36
CA VAL B 7 -0.90 52.12 9.15
C VAL B 7 -2.38 52.28 9.58
N THR B 8 -3.12 53.17 8.91
CA THR B 8 -4.55 53.37 9.15
C THR B 8 -5.33 52.24 8.43
N LEU B 9 -5.28 51.07 9.06
CA LEU B 9 -5.81 49.80 8.55
C LEU B 9 -5.80 48.82 9.73
N GLY B 10 -4.67 48.82 10.46
CA GLY B 10 -4.49 47.97 11.64
C GLY B 10 -4.31 46.50 11.28
N GLY B 11 -5.44 45.82 11.06
CA GLY B 11 -5.47 44.41 10.68
C GLY B 11 -6.84 44.00 10.15
N GLY B 12 -7.35 42.87 10.63
CA GLY B 12 -8.64 42.34 10.21
C GLY B 12 -9.09 41.19 11.09
N ALA B 13 -9.72 40.18 10.48
CA ALA B 13 -10.21 38.99 11.18
C ALA B 13 -10.33 37.81 10.21
N LYS B 14 -10.46 36.60 10.75
CA LYS B 14 -10.61 35.38 9.96
C LYS B 14 -11.83 34.60 10.48
N THR B 15 -12.63 34.04 9.55
CA THR B 15 -13.84 33.28 9.86
C THR B 15 -13.49 32.01 10.68
N PHE B 16 -14.36 31.67 11.64
CA PHE B 16 -14.16 30.51 12.55
C PHE B 16 -14.07 29.20 11.75
N ALA B 17 -13.34 28.20 12.30
CA ALA B 17 -13.11 26.91 11.62
C ALA B 17 -14.23 25.89 11.94
N GLU B 18 -15.49 26.39 12.02
CA GLU B 18 -16.70 25.59 12.35
C GLU B 18 -16.65 25.02 13.77
N THR B 19 -17.68 25.32 14.59
CA THR B 19 -17.78 24.80 15.96
C THR B 19 -17.71 23.27 15.95
N ALA B 20 -16.70 22.71 16.65
CA ALA B 20 -16.52 21.25 16.81
C ALA B 20 -17.47 20.72 17.90
N THR B 21 -18.76 21.05 17.74
CA THR B 21 -19.83 20.66 18.66
C THR B 21 -20.15 19.18 18.45
N ALA B 22 -19.44 18.32 19.19
CA ALA B 22 -19.71 16.88 19.23
C ALA B 22 -21.15 16.63 19.75
N GLY B 23 -21.88 15.74 19.07
CA GLY B 23 -23.28 15.47 19.38
C GLY B 23 -23.57 14.00 19.29
N GLU B 24 -23.09 13.28 20.30
CA GLU B 24 -23.17 11.82 20.38
C GLU B 24 -23.77 11.41 21.73
N TRP B 25 -25.09 11.13 21.78
CA TRP B 25 -25.76 10.64 23.00
C TRP B 25 -27.09 9.96 22.65
N GLN B 26 -27.56 9.11 23.58
CA GLN B 26 -28.81 8.31 23.39
C GLN B 26 -30.07 9.10 23.75
N GLY B 27 -29.92 10.42 24.04
CA GLY B 27 -31.02 11.29 24.38
C GLY B 27 -31.76 11.83 23.16
N LYS B 28 -32.30 10.88 22.37
CA LYS B 28 -33.20 11.13 21.22
C LYS B 28 -32.47 11.78 20.01
N THR B 29 -32.58 11.10 18.84
CA THR B 29 -31.84 11.45 17.61
C THR B 29 -32.36 12.76 16.97
N LEU B 30 -33.66 12.79 16.70
CA LEU B 30 -34.30 13.78 15.81
C LEU B 30 -34.36 15.21 16.43
N ARG B 31 -33.95 15.37 17.70
CA ARG B 31 -34.11 16.66 18.41
C ARG B 31 -33.15 17.75 17.88
N GLU B 32 -31.88 17.78 18.36
CA GLU B 32 -30.94 18.84 17.96
C GLU B 32 -29.93 18.32 16.91
N GLN B 33 -28.78 17.78 17.38
CA GLN B 33 -27.65 17.38 16.50
C GLN B 33 -27.42 15.87 16.40
N ALA B 34 -28.17 15.06 17.19
CA ALA B 34 -27.97 13.59 17.25
C ALA B 34 -28.44 12.88 15.95
N GLN B 35 -29.27 13.57 15.15
CA GLN B 35 -29.73 13.09 13.83
C GLN B 35 -28.63 13.29 12.77
N ALA B 36 -27.86 14.39 12.91
CA ALA B 36 -26.84 14.81 11.94
C ALA B 36 -25.81 13.70 11.65
N ARG B 37 -25.48 12.92 12.70
CA ARG B 37 -24.57 11.77 12.60
C ARG B 37 -24.70 10.87 13.83
N GLY B 38 -24.45 9.56 13.62
CA GLY B 38 -24.49 8.54 14.67
C GLY B 38 -25.39 7.38 14.29
N TYR B 39 -25.37 6.31 15.14
CA TYR B 39 -26.29 5.16 15.07
C TYR B 39 -26.08 4.31 13.79
N GLN B 40 -26.60 4.80 12.65
CA GLN B 40 -26.57 4.09 11.36
C GLN B 40 -25.13 4.04 10.79
N LEU B 41 -24.26 4.98 11.22
CA LEU B 41 -22.84 5.02 10.82
C LEU B 41 -22.10 3.74 11.30
N VAL B 42 -21.84 2.82 10.37
CA VAL B 42 -21.12 1.56 10.64
C VAL B 42 -19.59 1.83 10.71
N SER B 43 -18.84 0.97 11.42
CA SER B 43 -17.41 1.15 11.67
C SER B 43 -16.55 0.71 10.46
N ASP B 44 -16.18 -0.59 10.40
CA ASP B 44 -15.20 -1.12 9.42
C ASP B 44 -15.85 -1.27 8.04
N ALA B 45 -17.14 -1.68 8.01
CA ALA B 45 -17.89 -1.95 6.77
C ALA B 45 -18.20 -0.66 5.98
N ALA B 46 -17.86 0.51 6.56
CA ALA B 46 -17.90 1.83 5.88
C ALA B 46 -16.70 2.02 4.94
N SER B 47 -15.79 1.03 4.89
CA SER B 47 -14.60 1.04 4.04
C SER B 47 -14.18 -0.41 3.67
N LEU B 48 -13.50 -1.10 4.61
CA LEU B 48 -13.03 -2.51 4.43
C LEU B 48 -13.77 -3.41 5.42
N ASN B 49 -14.60 -4.34 4.91
CA ASN B 49 -15.34 -5.32 5.73
C ASN B 49 -14.37 -6.35 6.34
N SER B 50 -13.73 -5.97 7.46
CA SER B 50 -12.64 -6.73 8.09
C SER B 50 -13.10 -8.07 8.69
N VAL B 51 -14.37 -8.11 9.15
CA VAL B 51 -14.91 -9.24 9.93
C VAL B 51 -15.29 -10.41 8.98
N THR B 52 -14.26 -11.08 8.43
CA THR B 52 -14.41 -12.19 7.48
C THR B 52 -13.92 -13.49 8.14
N GLU B 53 -14.89 -14.24 8.72
CA GLU B 53 -14.62 -15.44 9.52
C GLU B 53 -14.34 -16.67 8.62
N ALA B 54 -13.04 -16.97 8.45
CA ALA B 54 -12.59 -18.15 7.69
C ALA B 54 -12.55 -19.39 8.59
N ASN B 55 -12.03 -19.21 9.81
CA ASN B 55 -11.86 -20.31 10.80
C ASN B 55 -13.06 -20.37 11.79
N GLN B 56 -14.19 -19.71 11.40
CA GLN B 56 -15.42 -19.51 12.23
C GLN B 56 -15.25 -18.37 13.25
N GLN B 57 -14.09 -18.31 13.94
CA GLN B 57 -13.75 -17.17 14.80
C GLN B 57 -13.61 -15.89 13.94
N LYS B 58 -14.52 -14.94 14.19
CA LYS B 58 -14.59 -13.65 13.50
C LYS B 58 -13.35 -12.82 13.87
N PRO B 59 -12.51 -12.37 12.85
CA PRO B 59 -11.12 -11.82 13.04
C PRO B 59 -10.86 -11.10 14.39
N LEU B 60 -10.57 -11.93 15.40
CA LEU B 60 -10.32 -11.50 16.77
C LEU B 60 -8.86 -11.01 16.82
N LEU B 61 -8.66 -9.72 16.43
CA LEU B 61 -7.34 -9.07 16.32
C LEU B 61 -6.51 -9.64 15.13
N GLY B 62 -7.23 -10.31 14.18
CA GLY B 62 -6.61 -10.86 12.96
C GLY B 62 -6.33 -9.81 11.89
N LEU B 63 -6.83 -8.58 12.14
CA LEU B 63 -6.55 -7.38 11.31
C LEU B 63 -6.35 -6.20 12.28
N PHE B 64 -5.48 -6.39 13.28
CA PHE B 64 -5.20 -5.38 14.31
C PHE B 64 -4.06 -4.43 13.88
N ALA B 65 -3.24 -4.88 12.89
CA ALA B 65 -2.14 -4.08 12.34
C ALA B 65 -2.16 -4.18 10.80
N ASP B 66 -1.52 -5.23 10.24
CA ASP B 66 -1.39 -5.42 8.79
C ASP B 66 -2.58 -6.22 8.24
N GLY B 67 -2.95 -7.29 8.97
CA GLY B 67 -4.06 -8.15 8.57
C GLY B 67 -3.62 -9.27 7.64
N ASN B 68 -3.06 -10.33 8.24
CA ASN B 68 -2.62 -11.53 7.49
C ASN B 68 -3.77 -12.57 7.44
N MET B 69 -4.96 -12.21 7.99
CA MET B 69 -6.17 -13.07 7.96
C MET B 69 -6.89 -13.02 6.57
N PRO B 70 -7.22 -11.80 5.95
CA PRO B 70 -7.84 -11.74 4.61
C PRO B 70 -6.83 -12.13 3.50
N VAL B 71 -7.30 -12.94 2.52
CA VAL B 71 -6.43 -13.50 1.46
C VAL B 71 -5.98 -12.42 0.46
N ARG B 72 -4.94 -11.66 0.88
CA ARG B 72 -4.34 -10.56 0.10
C ARG B 72 -3.04 -10.12 0.79
N TRP B 73 -3.15 -9.80 2.13
CA TRP B 73 -2.02 -9.43 3.05
C TRP B 73 -0.93 -8.49 2.45
N LEU B 74 0.13 -8.22 3.27
CA LEU B 74 1.31 -7.40 2.93
C LEU B 74 0.94 -6.10 2.19
N GLY B 75 0.89 -6.15 0.84
CA GLY B 75 0.56 -5.00 0.00
C GLY B 75 1.80 -4.43 -0.69
N PRO B 76 2.52 -3.42 -0.07
CA PRO B 76 3.74 -2.84 -0.67
C PRO B 76 4.96 -3.79 -0.57
N LYS B 77 5.04 -4.72 -1.54
CA LYS B 77 6.24 -5.53 -1.77
C LYS B 77 7.19 -4.73 -2.70
N ALA B 78 8.48 -5.08 -2.71
CA ALA B 78 9.48 -4.38 -3.52
C ALA B 78 9.66 -5.12 -4.84
N THR B 79 10.25 -6.31 -4.73
CA THR B 79 10.69 -7.16 -5.84
C THR B 79 11.50 -6.36 -6.86
N TYR B 80 10.92 -6.04 -8.07
CA TYR B 80 11.60 -5.35 -9.18
C TYR B 80 12.73 -6.24 -9.79
N HIS B 81 13.67 -6.68 -8.94
CA HIS B 81 14.64 -7.74 -9.24
C HIS B 81 13.91 -9.10 -9.54
N GLY B 82 13.39 -9.22 -10.77
CA GLY B 82 12.76 -10.46 -11.22
C GLY B 82 13.78 -11.42 -11.83
N ASN B 83 13.28 -12.59 -12.30
CA ASN B 83 14.05 -13.65 -13.02
C ASN B 83 15.29 -14.20 -12.25
N ILE B 84 15.48 -13.77 -10.99
CA ILE B 84 16.58 -14.23 -10.13
C ILE B 84 16.24 -15.61 -9.52
N ASP B 85 14.92 -15.85 -9.38
CA ASP B 85 14.37 -17.10 -8.88
C ASP B 85 14.45 -18.19 -9.96
N LYS B 86 15.61 -18.88 -9.94
CA LYS B 86 15.94 -20.01 -10.83
C LYS B 86 14.84 -21.12 -10.86
N PRO B 87 14.23 -21.55 -9.67
CA PRO B 87 13.07 -22.49 -9.62
C PRO B 87 11.99 -22.24 -10.71
N ALA B 88 11.71 -20.95 -11.00
CA ALA B 88 10.79 -20.56 -12.08
C ALA B 88 11.48 -20.82 -13.42
N VAL B 89 11.20 -21.99 -14.01
CA VAL B 89 11.74 -22.42 -15.31
C VAL B 89 11.16 -21.53 -16.42
N THR B 90 11.99 -20.63 -16.97
CA THR B 90 11.60 -19.78 -18.11
C THR B 90 11.65 -20.58 -19.43
N CYS B 91 10.97 -20.08 -20.46
CA CYS B 91 10.91 -20.73 -21.79
C CYS B 91 12.19 -20.42 -22.58
N THR B 92 12.56 -19.12 -22.60
CA THR B 92 13.69 -18.57 -23.38
C THR B 92 13.47 -18.72 -24.91
N PRO B 93 13.47 -17.59 -25.70
CA PRO B 93 13.30 -17.62 -27.18
C PRO B 93 14.35 -18.52 -27.87
N MET A 12 26.62 -6.56 -38.71
CA MET A 12 25.49 -5.65 -38.42
C MET A 12 26.03 -4.29 -37.96
N GLN A 13 25.68 -3.21 -38.69
CA GLN A 13 26.09 -1.84 -38.37
C GLN A 13 25.39 -1.36 -37.08
N VAL A 14 26.16 -1.21 -35.99
CA VAL A 14 25.64 -0.78 -34.68
C VAL A 14 26.36 0.50 -34.23
N SER A 15 25.62 1.42 -33.58
CA SER A 15 26.14 2.69 -33.09
C SER A 15 25.32 3.18 -31.89
N VAL A 16 25.88 2.98 -30.67
CA VAL A 16 25.24 3.39 -29.41
C VAL A 16 25.51 4.89 -29.15
N GLU A 17 24.44 5.65 -28.89
CA GLU A 17 24.50 7.08 -28.61
C GLU A 17 23.92 7.34 -27.22
N THR A 18 24.80 7.24 -26.20
CA THR A 18 24.45 7.52 -24.80
C THR A 18 24.07 9.01 -24.64
N THR A 19 22.76 9.28 -24.73
CA THR A 19 22.22 10.63 -24.61
C THR A 19 22.26 11.11 -23.15
N GLN A 20 21.73 10.27 -22.24
CA GLN A 20 21.73 10.56 -20.79
C GLN A 20 21.97 9.25 -20.01
N GLY A 21 23.27 8.89 -19.89
CA GLY A 21 23.74 7.79 -19.02
C GLY A 21 23.13 6.43 -19.36
N LEU A 22 21.96 6.18 -18.77
CA LEU A 22 21.16 4.97 -19.00
C LEU A 22 20.53 5.04 -20.40
N GLY A 23 19.92 6.20 -20.70
CA GLY A 23 19.29 6.46 -22.00
C GLY A 23 20.27 6.39 -23.16
N ARG A 24 20.35 5.21 -23.77
CA ARG A 24 21.24 4.92 -24.90
C ARG A 24 20.44 4.63 -26.18
N ARG A 25 20.92 5.21 -27.29
CA ARG A 25 20.31 5.07 -28.62
C ARG A 25 21.11 4.06 -29.45
N VAL A 26 20.73 2.79 -29.40
CA VAL A 26 21.37 1.73 -30.20
C VAL A 26 20.81 1.77 -31.63
N THR A 27 21.44 2.63 -32.44
CA THR A 27 21.12 2.80 -33.86
C THR A 27 21.74 1.65 -34.68
N ILE A 28 20.87 0.82 -35.28
CA ILE A 28 21.31 -0.32 -36.12
C ILE A 28 20.84 -0.09 -37.57
N THR A 29 21.74 -0.33 -38.54
CA THR A 29 21.42 -0.33 -39.97
C THR A 29 21.66 -1.74 -40.53
N ILE A 30 20.59 -2.45 -40.90
CA ILE A 30 20.66 -3.80 -41.48
C ILE A 30 21.00 -3.71 -42.98
N ALA A 31 21.76 -4.70 -43.49
CA ALA A 31 22.19 -4.77 -44.90
C ALA A 31 20.98 -4.94 -45.85
N ALA A 32 20.99 -4.14 -46.94
CA ALA A 32 19.90 -4.07 -47.96
C ALA A 32 19.44 -5.46 -48.45
N ASP A 33 20.43 -6.32 -48.72
CA ASP A 33 20.22 -7.71 -49.17
C ASP A 33 19.53 -8.56 -48.09
N SER A 34 20.01 -8.42 -46.84
CA SER A 34 19.52 -9.20 -45.69
C SER A 34 18.05 -8.87 -45.36
N ILE A 35 17.70 -7.58 -45.57
CA ILE A 35 16.34 -7.05 -45.42
C ILE A 35 15.43 -7.69 -46.46
N GLU A 36 15.81 -7.52 -47.74
CA GLU A 36 15.01 -7.97 -48.90
C GLU A 36 14.80 -9.51 -48.88
N THR A 37 15.78 -10.24 -48.30
CA THR A 37 15.68 -11.69 -48.10
C THR A 37 14.64 -12.02 -47.01
N ALA A 38 14.73 -11.31 -45.86
CA ALA A 38 13.84 -11.53 -44.71
C ALA A 38 12.38 -11.21 -45.06
N VAL A 39 12.18 -10.17 -45.90
CA VAL A 39 10.87 -9.77 -46.38
C VAL A 39 10.31 -10.86 -47.32
N LYS A 40 11.13 -11.27 -48.30
CA LYS A 40 10.71 -12.20 -49.38
C LYS A 40 10.33 -13.59 -48.84
N SER A 41 11.09 -14.02 -47.82
CA SER A 41 10.85 -15.29 -47.13
C SER A 41 9.60 -15.19 -46.22
N GLU A 42 9.19 -13.94 -45.89
CA GLU A 42 7.96 -13.66 -45.13
C GLU A 42 6.75 -13.53 -46.08
N LEU A 43 7.02 -13.15 -47.36
CA LEU A 43 5.98 -12.99 -48.41
C LEU A 43 5.42 -14.35 -48.83
N VAL A 44 6.31 -15.36 -48.93
CA VAL A 44 5.91 -16.73 -49.27
C VAL A 44 5.13 -17.38 -48.09
N ASN A 45 5.40 -16.91 -46.84
CA ASN A 45 4.67 -17.37 -45.64
C ASN A 45 3.18 -16.98 -45.70
N VAL A 46 2.90 -15.80 -46.28
CA VAL A 46 1.52 -15.34 -46.54
C VAL A 46 0.83 -16.30 -47.53
N ALA A 47 1.60 -16.70 -48.57
CA ALA A 47 1.13 -17.62 -49.62
C ALA A 47 0.87 -19.05 -49.05
N LYS A 48 1.67 -19.47 -48.05
CA LYS A 48 1.51 -20.80 -47.39
C LYS A 48 0.18 -20.86 -46.61
N LYS A 49 -0.07 -19.78 -45.85
CA LYS A 49 -1.24 -19.65 -44.96
C LYS A 49 -2.56 -19.65 -45.76
N VAL A 50 -2.60 -18.80 -46.80
CA VAL A 50 -3.80 -18.64 -47.67
C VAL A 50 -3.84 -19.77 -48.74
N ARG A 51 -2.74 -20.55 -48.81
CA ARG A 51 -2.56 -21.70 -49.72
C ARG A 51 -2.46 -21.28 -51.21
N ILE A 52 -2.05 -20.03 -51.43
CA ILE A 52 -1.68 -19.50 -52.77
C ILE A 52 -0.41 -20.24 -53.28
N ASP A 53 0.36 -20.83 -52.34
CA ASP A 53 1.57 -21.64 -52.65
C ASP A 53 1.19 -22.93 -53.41
N GLY A 54 0.03 -23.52 -53.07
CA GLY A 54 -0.48 -24.72 -53.77
C GLY A 54 -0.94 -24.41 -55.18
N PHE A 55 -1.39 -23.16 -55.38
CA PHE A 55 -1.76 -22.62 -56.70
C PHE A 55 -0.52 -22.12 -57.45
N ARG A 56 0.57 -21.82 -56.70
CA ARG A 56 1.87 -21.45 -57.27
C ARG A 56 2.64 -22.70 -57.70
N LYS A 57 2.83 -22.84 -59.02
CA LYS A 57 3.58 -23.96 -59.62
C LYS A 57 5.11 -23.77 -59.47
N GLY A 58 5.51 -22.51 -59.14
CA GLY A 58 6.92 -22.15 -58.97
C GLY A 58 7.65 -22.01 -60.29
N LYS A 59 6.89 -21.65 -61.35
CA LYS A 59 7.42 -21.49 -62.72
C LYS A 59 7.99 -20.07 -62.88
N VAL A 60 7.17 -19.06 -62.53
CA VAL A 60 7.61 -17.65 -62.46
C VAL A 60 8.51 -17.47 -61.22
N PRO A 61 9.71 -16.81 -61.36
CA PRO A 61 10.61 -16.50 -60.21
C PRO A 61 9.90 -15.70 -59.09
N MET A 62 10.30 -15.97 -57.85
CA MET A 62 9.72 -15.35 -56.65
C MET A 62 10.02 -13.84 -56.62
N ASN A 63 11.30 -13.49 -56.88
CA ASN A 63 11.83 -12.11 -56.72
C ASN A 63 11.03 -11.05 -57.52
N ILE A 64 10.55 -11.44 -58.70
CA ILE A 64 9.77 -10.58 -59.61
C ILE A 64 8.44 -10.17 -58.95
N VAL A 65 7.65 -11.18 -58.56
CA VAL A 65 6.29 -10.98 -58.01
C VAL A 65 6.33 -10.55 -56.53
N ALA A 66 7.43 -10.86 -55.84
CA ALA A 66 7.58 -10.63 -54.39
C ALA A 66 7.66 -9.13 -54.06
N GLN A 67 8.62 -8.46 -54.71
CA GLN A 67 8.92 -7.03 -54.45
C GLN A 67 7.74 -6.12 -54.84
N ARG A 68 6.94 -6.58 -55.84
CA ARG A 68 5.81 -5.82 -56.39
C ARG A 68 4.56 -5.96 -55.49
N TYR A 69 4.01 -7.18 -55.42
CA TYR A 69 2.74 -7.46 -54.72
C TYR A 69 2.92 -7.45 -53.19
N GLY A 70 4.17 -7.67 -52.73
CA GLY A 70 4.52 -7.63 -51.31
C GLY A 70 4.92 -6.24 -50.82
N ALA A 71 4.65 -5.20 -51.64
CA ALA A 71 4.89 -3.79 -51.28
C ALA A 71 4.07 -3.37 -50.04
N SER A 72 2.94 -4.05 -49.84
CA SER A 72 2.04 -3.87 -48.69
C SER A 72 2.65 -4.48 -47.41
N VAL A 73 3.27 -5.65 -47.55
CA VAL A 73 3.76 -6.47 -46.43
C VAL A 73 5.14 -5.96 -45.92
N ARG A 74 5.76 -4.99 -46.65
CA ARG A 74 7.02 -4.32 -46.22
C ARG A 74 6.85 -3.69 -44.81
N GLN A 75 5.61 -3.21 -44.56
CA GLN A 75 5.17 -2.62 -43.29
C GLN A 75 5.29 -3.64 -42.14
N ASP A 76 4.83 -4.87 -42.42
CA ASP A 76 4.73 -5.95 -41.42
C ASP A 76 6.12 -6.43 -40.97
N VAL A 77 7.09 -6.39 -41.92
CA VAL A 77 8.46 -6.88 -41.68
C VAL A 77 9.33 -5.80 -40.97
N LEU A 78 8.79 -4.57 -40.76
CA LEU A 78 9.48 -3.51 -39.98
C LEU A 78 9.77 -3.99 -38.55
N GLY A 79 8.68 -4.41 -37.87
CA GLY A 79 8.75 -4.90 -36.49
C GLY A 79 9.54 -6.19 -36.38
N ASP A 80 9.54 -6.98 -37.46
CA ASP A 80 10.32 -8.20 -37.58
C ASP A 80 11.83 -7.90 -37.51
N LEU A 81 12.28 -7.01 -38.40
CA LEU A 81 13.69 -6.62 -38.54
C LEU A 81 14.22 -5.97 -37.24
N MET A 82 13.39 -5.09 -36.65
CA MET A 82 13.74 -4.37 -35.41
C MET A 82 13.88 -5.34 -34.23
N SER A 83 12.83 -6.13 -33.98
CA SER A 83 12.76 -7.01 -32.79
C SER A 83 13.80 -8.14 -32.82
N ARG A 84 13.97 -8.80 -34.00
CA ARG A 84 14.88 -9.96 -34.14
C ARG A 84 16.36 -9.55 -34.05
N ASN A 85 16.67 -8.32 -34.48
CA ASN A 85 18.04 -7.76 -34.35
C ASN A 85 18.23 -7.03 -33.00
N PHE A 86 17.11 -6.70 -32.32
CA PHE A 86 17.14 -6.04 -31.00
C PHE A 86 17.57 -7.06 -29.92
N ILE A 87 16.77 -8.14 -29.78
CA ILE A 87 17.05 -9.23 -28.82
C ILE A 87 18.44 -9.82 -29.08
N ASP A 88 18.80 -9.91 -30.37
CA ASP A 88 20.13 -10.35 -30.82
C ASP A 88 21.25 -9.45 -30.28
N ALA A 89 21.10 -8.13 -30.53
CA ALA A 89 22.12 -7.12 -30.20
C ALA A 89 22.37 -7.01 -28.69
N ILE A 90 21.28 -7.01 -27.89
CA ILE A 90 21.38 -6.80 -26.43
C ILE A 90 22.11 -7.96 -25.71
N ILE A 91 22.02 -9.19 -26.28
CA ILE A 91 22.68 -10.39 -25.72
C ILE A 91 24.21 -10.30 -25.92
N LYS A 92 24.62 -10.11 -27.18
CA LYS A 92 26.06 -10.09 -27.56
C LYS A 92 26.78 -8.86 -27.00
N GLU A 93 26.07 -7.72 -26.93
CA GLU A 93 26.62 -6.45 -26.41
C GLU A 93 26.40 -6.31 -24.90
N LYS A 94 25.72 -7.30 -24.29
CA LYS A 94 25.48 -7.38 -22.82
C LYS A 94 24.57 -6.24 -22.30
N ILE A 95 23.94 -5.52 -23.25
CA ILE A 95 23.02 -4.42 -22.96
C ILE A 95 21.73 -4.98 -22.35
N ASN A 96 21.23 -4.35 -21.27
CA ASN A 96 20.01 -4.79 -20.60
C ASN A 96 18.97 -3.64 -20.62
N PRO A 97 17.98 -3.66 -21.56
CA PRO A 97 16.98 -2.57 -21.74
C PRO A 97 16.01 -2.45 -20.54
N ALA A 98 15.39 -1.26 -20.39
CA ALA A 98 14.46 -0.95 -19.29
C ALA A 98 13.01 -1.34 -19.65
N GLY A 99 12.87 -2.49 -20.32
CA GLY A 99 11.56 -3.00 -20.75
C GLY A 99 11.15 -2.44 -22.09
N ALA A 100 10.77 -1.15 -22.10
CA ALA A 100 10.23 -0.46 -23.28
C ALA A 100 11.35 0.17 -24.15
N PRO A 101 11.62 -0.38 -25.39
CA PRO A 101 12.55 0.23 -26.36
C PRO A 101 11.82 1.08 -27.44
N THR A 102 12.15 2.38 -27.52
CA THR A 102 11.55 3.29 -28.52
C THR A 102 12.30 3.19 -29.87
N TYR A 103 11.74 2.40 -30.80
CA TYR A 103 12.28 2.24 -32.16
C TYR A 103 11.95 3.48 -32.99
N VAL A 104 12.97 4.25 -33.38
CA VAL A 104 12.84 5.43 -34.27
C VAL A 104 13.46 5.09 -35.64
N PRO A 105 12.65 4.55 -36.62
CA PRO A 105 13.16 4.15 -37.96
C PRO A 105 13.61 5.37 -38.78
N GLY A 106 14.94 5.60 -38.82
CA GLY A 106 15.54 6.71 -39.58
C GLY A 106 15.22 6.64 -41.07
N GLU A 107 15.16 5.40 -41.60
CA GLU A 107 14.80 5.13 -43.00
C GLU A 107 14.49 3.64 -43.21
N TYR A 108 13.48 3.36 -44.05
CA TYR A 108 13.23 2.04 -44.63
C TYR A 108 12.89 2.25 -46.10
N LYS A 109 13.44 1.41 -46.98
CA LYS A 109 13.29 1.55 -48.44
C LYS A 109 13.14 0.15 -49.07
N LEU A 110 12.44 0.10 -50.23
CA LEU A 110 12.20 -1.14 -51.00
C LEU A 110 13.54 -1.68 -51.54
N GLY A 111 13.98 -2.84 -51.01
CA GLY A 111 15.23 -3.49 -51.45
C GLY A 111 16.50 -2.87 -50.88
N GLU A 112 16.36 -1.75 -50.16
CA GLU A 112 17.48 -0.93 -49.67
C GLU A 112 17.54 -0.97 -48.12
N ASP A 113 18.46 -0.16 -47.55
CA ASP A 113 18.86 -0.28 -46.13
C ASP A 113 17.79 0.26 -45.15
N PHE A 114 17.84 -0.26 -43.91
CA PHE A 114 16.88 0.06 -42.84
C PHE A 114 17.68 0.47 -41.59
N THR A 115 17.77 1.80 -41.38
CA THR A 115 18.35 2.40 -40.18
C THR A 115 17.23 2.65 -39.16
N TYR A 116 17.47 2.32 -37.87
CA TYR A 116 16.50 2.52 -36.79
C TYR A 116 17.23 2.75 -35.45
N SER A 117 17.05 3.97 -34.92
CA SER A 117 17.60 4.40 -33.63
C SER A 117 16.71 3.91 -32.48
N VAL A 118 17.11 2.79 -31.85
CA VAL A 118 16.38 2.22 -30.70
C VAL A 118 16.81 2.93 -29.40
N GLU A 119 16.04 3.95 -29.01
CA GLU A 119 16.29 4.76 -27.81
C GLU A 119 15.59 4.14 -26.59
N PHE A 120 16.38 3.70 -25.61
CA PHE A 120 15.89 3.10 -24.36
C PHE A 120 16.93 3.30 -23.26
N GLU A 121 16.51 3.16 -22.01
CA GLU A 121 17.42 3.18 -20.86
C GLU A 121 17.94 1.77 -20.57
N VAL A 122 19.17 1.69 -20.05
CA VAL A 122 19.80 0.42 -19.62
C VAL A 122 19.71 0.31 -18.09
N TYR A 123 19.78 -0.94 -17.58
CA TYR A 123 19.80 -1.22 -16.14
C TYR A 123 21.23 -1.11 -15.60
N PRO A 124 21.53 -0.09 -14.74
CA PRO A 124 22.87 0.11 -14.18
C PRO A 124 23.12 -0.77 -12.94
N GLU A 125 24.38 -1.18 -12.76
CA GLU A 125 24.85 -1.87 -11.56
C GLU A 125 24.96 -0.86 -10.41
N VAL A 126 24.57 -1.30 -9.21
CA VAL A 126 24.51 -0.45 -8.01
C VAL A 126 25.76 -0.68 -7.15
N GLU A 127 26.59 0.35 -6.98
CA GLU A 127 27.71 0.33 -6.03
C GLU A 127 27.22 0.84 -4.67
N LEU A 128 26.89 -0.10 -3.77
CA LEU A 128 26.41 0.20 -2.42
C LEU A 128 27.58 0.66 -1.53
N GLN A 129 27.30 1.64 -0.66
CA GLN A 129 28.27 2.21 0.28
C GLN A 129 27.89 1.85 1.74
N GLY A 130 28.72 1.00 2.38
CA GLY A 130 28.66 0.69 3.82
C GLY A 130 27.29 0.37 4.38
N LEU A 131 26.75 -0.82 4.02
CA LEU A 131 25.43 -1.29 4.52
C LEU A 131 25.47 -1.53 6.06
N GLU A 132 26.68 -1.55 6.63
CA GLU A 132 26.92 -1.66 8.08
C GLU A 132 26.44 -0.40 8.80
N ALA A 133 26.55 0.77 8.12
CA ALA A 133 26.20 2.10 8.71
C ALA A 133 24.70 2.21 9.01
N ILE A 134 23.89 1.38 8.32
CA ILE A 134 22.43 1.30 8.50
C ILE A 134 22.12 0.74 9.91
N GLU A 135 21.65 1.60 10.82
CA GLU A 135 21.32 1.20 12.20
C GLU A 135 19.82 0.93 12.32
N VAL A 136 19.44 -0.35 12.33
CA VAL A 136 18.05 -0.81 12.39
C VAL A 136 17.69 -1.14 13.85
N GLU A 137 16.53 -0.67 14.33
CA GLU A 137 16.06 -0.98 15.70
C GLU A 137 15.13 -2.20 15.64
N LYS A 138 15.39 -3.17 16.52
CA LYS A 138 14.67 -4.45 16.58
C LYS A 138 13.99 -4.57 17.95
N PRO A 139 12.65 -4.36 18.03
CA PRO A 139 11.91 -4.52 19.28
C PRO A 139 11.46 -5.99 19.48
N ILE A 140 12.13 -6.68 20.42
CA ILE A 140 11.69 -7.99 20.93
C ILE A 140 10.38 -7.78 21.71
N VAL A 141 9.28 -7.84 20.98
CA VAL A 141 7.94 -7.62 21.52
C VAL A 141 7.27 -8.97 21.76
N GLU A 142 6.56 -9.10 22.89
CA GLU A 142 5.60 -10.17 23.09
C GLU A 142 4.25 -9.57 23.48
N VAL A 143 3.15 -10.25 23.09
CA VAL A 143 1.81 -9.89 23.54
C VAL A 143 1.58 -10.54 24.89
N THR A 144 1.91 -9.81 25.97
CA THR A 144 1.72 -10.28 27.35
C THR A 144 0.23 -10.33 27.71
N ASP A 145 -0.08 -10.95 28.86
CA ASP A 145 -1.46 -10.93 29.42
C ASP A 145 -1.90 -9.50 29.76
N ALA A 146 -0.93 -8.60 29.96
CA ALA A 146 -1.19 -7.15 30.13
C ALA A 146 -1.73 -6.56 28.80
N ASP A 147 -1.06 -6.91 27.68
CA ASP A 147 -1.48 -6.48 26.33
C ASP A 147 -2.86 -7.08 25.96
N VAL A 148 -3.08 -8.36 26.35
CA VAL A 148 -4.35 -9.06 26.10
C VAL A 148 -5.50 -8.43 26.90
N ASP A 149 -5.25 -8.12 28.19
CA ASP A 149 -6.23 -7.40 29.05
C ASP A 149 -6.50 -5.99 28.51
N GLY A 150 -5.46 -5.38 27.91
CA GLY A 150 -5.60 -4.09 27.23
C GLY A 150 -6.59 -4.17 26.06
N MET A 151 -6.45 -5.23 25.25
CA MET A 151 -7.34 -5.48 24.11
C MET A 151 -8.79 -5.75 24.57
N LEU A 152 -8.96 -6.64 25.58
CA LEU A 152 -10.29 -7.00 26.13
C LEU A 152 -11.01 -5.76 26.72
N ASP A 153 -10.21 -4.93 27.43
CA ASP A 153 -10.62 -3.62 27.97
C ASP A 153 -11.19 -2.72 26.86
N THR A 154 -10.40 -2.59 25.77
CA THR A 154 -10.75 -1.78 24.59
C THR A 154 -12.02 -2.31 23.90
N LEU A 155 -12.18 -3.67 23.87
CA LEU A 155 -13.35 -4.33 23.27
C LEU A 155 -14.62 -3.94 24.05
N ARG A 156 -14.54 -3.98 25.39
CA ARG A 156 -15.67 -3.63 26.27
C ARG A 156 -15.97 -2.12 26.25
N LYS A 157 -14.93 -1.28 26.03
CA LYS A 157 -15.10 0.19 25.93
C LYS A 157 -15.58 0.62 24.54
N GLN A 158 -15.33 -0.21 23.52
CA GLN A 158 -15.80 0.02 22.14
C GLN A 158 -17.27 -0.41 22.02
N GLN A 159 -17.57 -1.60 22.59
CA GLN A 159 -18.92 -2.20 22.57
C GLN A 159 -19.77 -1.70 23.77
N ALA A 160 -19.29 -0.63 24.42
CA ALA A 160 -19.99 0.01 25.54
C ALA A 160 -21.22 0.80 25.07
N THR A 161 -22.16 1.00 25.99
CA THR A 161 -23.44 1.69 25.71
C THR A 161 -23.52 2.93 26.61
N TRP A 162 -23.79 4.11 26.02
CA TRP A 162 -23.86 5.37 26.78
C TRP A 162 -25.16 5.43 27.59
N LYS A 163 -25.00 5.63 28.91
CA LYS A 163 -26.07 5.54 29.90
C LYS A 163 -26.02 6.81 30.77
N GLU A 164 -27.07 7.62 30.68
CA GLU A 164 -27.20 8.90 31.39
C GLU A 164 -27.11 8.70 32.92
N LYS A 165 -26.23 9.47 33.56
CA LYS A 165 -25.96 9.41 35.00
C LYS A 165 -25.79 10.83 35.59
N ASP A 166 -25.52 10.87 36.90
CA ASP A 166 -25.40 12.12 37.67
C ASP A 166 -24.42 11.91 38.84
N GLY A 167 -23.55 12.90 39.09
CA GLY A 167 -22.72 12.93 40.30
C GLY A 167 -21.26 12.60 40.05
N ALA A 168 -20.89 12.20 38.82
CA ALA A 168 -19.51 11.81 38.50
C ALA A 168 -19.18 11.99 37.01
N VAL A 169 -18.02 12.62 36.72
CA VAL A 169 -17.38 12.60 35.39
C VAL A 169 -16.10 11.74 35.49
N GLU A 170 -15.90 10.84 34.52
CA GLU A 170 -14.68 10.02 34.36
C GLU A 170 -13.88 10.57 33.17
N ALA A 171 -12.79 9.88 32.82
CA ALA A 171 -11.84 10.34 31.79
C ALA A 171 -12.35 10.06 30.36
N GLU A 172 -13.29 9.12 30.21
CA GLU A 172 -13.71 8.59 28.90
C GLU A 172 -15.25 8.74 28.67
N ASP A 173 -15.93 9.56 29.48
CA ASP A 173 -17.42 9.67 29.42
C ASP A 173 -17.94 10.58 28.29
N ARG A 174 -19.29 10.62 28.18
CA ARG A 174 -20.05 11.44 27.22
C ARG A 174 -20.79 12.53 28.00
N VAL A 175 -20.26 13.74 28.00
CA VAL A 175 -20.81 14.87 28.77
C VAL A 175 -21.57 15.85 27.86
N THR A 176 -22.81 16.19 28.24
CA THR A 176 -23.64 17.18 27.53
C THR A 176 -23.54 18.55 28.27
N ILE A 177 -23.08 19.60 27.55
CA ILE A 177 -22.90 20.96 28.11
C ILE A 177 -23.44 22.04 27.15
N ASP A 178 -23.85 23.17 27.72
CA ASP A 178 -24.06 24.41 26.94
C ASP A 178 -22.94 25.38 27.34
N PHE A 179 -21.96 25.60 26.46
CA PHE A 179 -20.84 26.51 26.77
C PHE A 179 -21.01 27.79 25.96
N THR A 180 -20.88 28.93 26.64
CA THR A 180 -21.02 30.27 26.04
C THR A 180 -19.82 31.11 26.46
N GLY A 181 -19.08 31.66 25.50
CA GLY A 181 -17.90 32.45 25.80
C GLY A 181 -17.28 33.14 24.60
N SER A 182 -16.12 33.74 24.83
CA SER A 182 -15.39 34.56 23.85
C SER A 182 -13.94 34.08 23.75
N VAL A 183 -13.44 33.97 22.52
CA VAL A 183 -12.07 33.52 22.24
C VAL A 183 -11.17 34.76 22.05
N ASP A 184 -10.02 34.77 22.75
CA ASP A 184 -9.02 35.88 22.70
C ASP A 184 -9.58 37.20 23.32
N GLY A 185 -10.77 37.12 23.95
CA GLY A 185 -11.41 38.26 24.61
C GLY A 185 -12.68 38.77 23.91
N GLU A 186 -12.87 38.40 22.63
CA GLU A 186 -14.01 38.89 21.80
C GLU A 186 -14.77 37.70 21.18
N GLU A 187 -16.01 37.98 20.73
CA GLU A 187 -16.95 36.96 20.21
C GLU A 187 -16.53 36.46 18.81
N PHE A 188 -16.45 35.12 18.68
CA PHE A 188 -16.16 34.42 17.40
C PHE A 188 -17.09 33.20 17.28
N GLU A 189 -16.94 32.42 16.18
CA GLU A 189 -17.69 31.15 16.01
C GLU A 189 -17.01 30.09 16.86
N GLY A 190 -17.77 29.05 17.26
CA GLY A 190 -17.23 28.03 18.14
C GLY A 190 -17.18 28.47 19.61
N GLY A 191 -17.46 29.78 19.87
CA GLY A 191 -17.49 30.34 21.22
C GLY A 191 -18.70 29.87 22.01
N LYS A 192 -19.70 29.36 21.29
CA LYS A 192 -20.95 28.84 21.88
C LYS A 192 -21.38 27.57 21.13
N ALA A 193 -21.83 26.56 21.89
CA ALA A 193 -22.46 25.36 21.35
C ALA A 193 -23.37 24.74 22.43
N SER A 194 -24.67 24.65 22.12
CA SER A 194 -25.68 24.08 23.02
C SER A 194 -25.67 22.55 22.92
N ASP A 195 -25.82 21.88 24.08
CA ASP A 195 -25.95 20.42 24.20
C ASP A 195 -24.71 19.68 23.64
N PHE A 196 -23.57 20.38 23.63
CA PHE A 196 -22.29 19.87 23.12
C PHE A 196 -21.91 18.56 23.81
N VAL A 197 -22.09 17.46 23.09
CA VAL A 197 -21.75 16.13 23.55
C VAL A 197 -20.26 15.87 23.32
N LEU A 198 -19.49 16.03 24.40
CA LEU A 198 -18.07 15.70 24.44
C LEU A 198 -17.91 14.26 24.95
N ALA A 199 -17.81 13.31 24.01
CA ALA A 199 -17.32 11.97 24.33
C ALA A 199 -15.80 12.06 24.49
N MET A 200 -15.35 12.35 25.71
CA MET A 200 -13.92 12.52 26.07
C MET A 200 -13.19 11.16 26.14
N GLY A 201 -11.88 11.20 26.47
CA GLY A 201 -11.02 10.01 26.45
C GLY A 201 -10.49 9.69 25.06
N GLN A 202 -10.72 10.64 24.14
CA GLN A 202 -10.28 10.56 22.74
C GLN A 202 -10.05 12.00 22.24
N GLY A 203 -9.02 12.18 21.38
CA GLY A 203 -8.57 13.52 20.98
C GLY A 203 -9.43 14.16 19.88
N ARG A 204 -10.68 14.48 20.23
CA ARG A 204 -11.61 15.23 19.36
C ARG A 204 -11.77 16.69 19.85
N MET A 205 -11.02 17.04 20.91
CA MET A 205 -11.09 18.37 21.55
C MET A 205 -9.71 18.74 22.14
N ILE A 206 -9.53 20.02 22.45
CA ILE A 206 -8.32 20.55 23.11
C ILE A 206 -8.14 19.93 24.53
N PRO A 207 -6.93 19.33 24.84
CA PRO A 207 -6.59 18.88 26.22
C PRO A 207 -6.61 20.06 27.21
N GLY A 208 -7.43 19.94 28.27
CA GLY A 208 -7.70 21.03 29.21
C GLY A 208 -9.17 21.38 29.26
N PHE A 209 -9.84 21.30 28.09
CA PHE A 209 -11.29 21.57 27.97
C PHE A 209 -12.08 20.47 28.68
N GLU A 210 -11.73 19.20 28.37
CA GLU A 210 -12.38 18.04 29.00
C GLU A 210 -12.03 17.95 30.48
N ASP A 211 -10.79 18.34 30.82
CA ASP A 211 -10.27 18.31 32.21
C ASP A 211 -10.98 19.38 33.07
N GLY A 212 -11.43 20.45 32.41
CA GLY A 212 -12.30 21.44 33.05
C GLY A 212 -13.61 20.82 33.54
N ILE A 213 -14.17 19.93 32.71
CA ILE A 213 -15.38 19.15 33.02
C ILE A 213 -15.08 18.05 34.08
N LYS A 214 -13.90 17.42 33.94
CA LYS A 214 -13.48 16.27 34.78
C LYS A 214 -13.13 16.65 36.22
N GLY A 215 -13.07 17.97 36.51
CA GLY A 215 -12.95 18.48 37.88
C GLY A 215 -14.31 18.68 38.56
N HIS A 216 -15.39 18.43 37.80
CA HIS A 216 -16.79 18.67 38.24
C HIS A 216 -17.62 17.39 38.04
N LYS A 217 -18.90 17.40 38.47
CA LYS A 217 -19.68 16.13 38.64
C LYS A 217 -20.77 15.89 37.57
N ALA A 218 -21.82 16.73 37.50
CA ALA A 218 -22.95 16.51 36.55
C ALA A 218 -23.61 17.79 36.03
N GLY A 219 -24.16 18.59 36.95
CA GLY A 219 -25.10 19.66 36.62
C GLY A 219 -24.78 20.97 37.31
N GLU A 220 -23.52 21.42 37.18
CA GLU A 220 -23.02 22.62 37.86
C GLU A 220 -22.28 23.54 36.86
N GLU A 221 -22.69 24.81 36.78
CA GLU A 221 -22.07 25.78 35.84
C GLU A 221 -20.73 26.30 36.40
N PHE A 222 -19.80 26.55 35.49
CA PHE A 222 -18.48 27.14 35.78
C PHE A 222 -17.93 27.81 34.52
N THR A 223 -16.72 28.37 34.63
CA THR A 223 -16.00 28.95 33.48
C THR A 223 -14.56 28.45 33.50
N ILE A 224 -14.09 27.92 32.36
CA ILE A 224 -12.69 27.49 32.20
C ILE A 224 -11.99 28.37 31.17
N ASP A 225 -10.75 28.72 31.51
CA ASP A 225 -9.82 29.40 30.61
C ASP A 225 -8.99 28.31 29.93
N VAL A 226 -9.31 28.00 28.67
CA VAL A 226 -8.49 27.09 27.83
C VAL A 226 -7.47 27.93 27.06
N THR A 227 -6.32 27.34 26.75
CA THR A 227 -5.34 27.91 25.82
C THR A 227 -5.07 26.90 24.71
N PHE A 228 -5.65 27.19 23.52
CA PHE A 228 -5.47 26.39 22.29
C PHE A 228 -3.97 26.09 22.02
N PRO A 229 -3.64 24.82 21.66
CA PRO A 229 -2.24 24.34 21.55
C PRO A 229 -1.55 24.81 20.25
N GLU A 230 -0.23 24.68 20.24
CA GLU A 230 0.60 24.84 19.03
C GLU A 230 0.46 23.60 18.11
N GLU A 231 -0.15 22.54 18.67
CA GLU A 231 -0.51 21.30 17.94
C GLU A 231 -1.64 21.60 16.94
N TYR A 232 -2.51 22.53 17.38
CA TYR A 232 -3.67 22.99 16.63
C TYR A 232 -3.19 23.83 15.43
N HIS A 233 -3.49 23.33 14.22
CA HIS A 233 -2.91 23.85 12.96
C HIS A 233 -3.68 25.08 12.42
N ALA A 234 -4.67 25.55 13.18
CA ALA A 234 -5.39 26.79 12.86
C ALA A 234 -4.51 28.02 13.15
N GLU A 235 -4.34 28.87 12.13
CA GLU A 235 -3.44 30.04 12.15
C GLU A 235 -3.84 31.06 13.23
N ASN A 236 -5.15 31.31 13.33
CA ASN A 236 -5.71 32.29 14.27
C ASN A 236 -5.86 31.70 15.68
N LEU A 237 -6.01 30.36 15.82
CA LEU A 237 -6.24 29.70 17.13
C LEU A 237 -4.94 29.31 17.85
N LYS A 238 -3.85 29.09 17.09
CA LYS A 238 -2.59 28.55 17.63
C LYS A 238 -2.02 29.43 18.78
N GLY A 239 -2.28 29.01 20.04
CA GLY A 239 -1.83 29.74 21.23
C GLY A 239 -2.76 30.89 21.64
N LYS A 240 -4.09 30.69 21.47
CA LYS A 240 -5.11 31.64 21.97
C LYS A 240 -5.73 31.15 23.28
N ALA A 241 -6.10 32.09 24.16
CA ALA A 241 -6.81 31.79 25.42
C ALA A 241 -8.28 32.22 25.32
N ALA A 242 -9.19 31.25 25.51
CA ALA A 242 -10.64 31.46 25.43
C ALA A 242 -11.31 31.15 26.78
N LYS A 243 -12.32 31.96 27.12
CA LYS A 243 -13.12 31.79 28.35
C LYS A 243 -14.49 31.22 27.95
N PHE A 244 -14.81 30.00 28.41
CA PHE A 244 -16.11 29.34 28.11
C PHE A 244 -16.87 29.07 29.40
N ALA A 245 -18.08 29.65 29.54
CA ALA A 245 -18.97 29.38 30.67
C ALA A 245 -19.67 28.03 30.43
N ILE A 246 -19.00 26.96 30.91
CA ILE A 246 -19.46 25.58 30.75
C ILE A 246 -20.67 25.33 31.67
N ASN A 247 -21.88 25.30 31.08
CA ASN A 247 -23.10 24.91 31.79
C ASN A 247 -23.16 23.40 31.74
N LEU A 248 -22.51 22.77 32.72
CA LEU A 248 -22.48 21.31 32.87
C LEU A 248 -23.90 20.82 33.14
N LYS A 249 -24.43 19.92 32.31
CA LYS A 249 -25.85 19.47 32.38
C LYS A 249 -25.93 17.99 32.75
N LYS A 250 -25.40 17.13 31.85
CA LYS A 250 -25.46 15.67 31.99
C LYS A 250 -24.08 15.06 31.79
N VAL A 251 -23.93 13.84 32.30
CA VAL A 251 -22.78 12.96 32.04
C VAL A 251 -23.36 11.60 31.68
N GLU A 252 -22.74 10.86 30.77
CA GLU A 252 -23.24 9.57 30.32
C GLU A 252 -22.08 8.56 30.29
N GLU A 253 -22.20 7.54 31.14
CA GLU A 253 -21.20 6.50 31.32
C GLU A 253 -21.21 5.54 30.15
N ARG A 254 -20.02 5.20 29.63
CA ARG A 254 -19.88 4.07 28.74
C ARG A 254 -20.01 2.78 29.58
N GLU A 255 -21.27 2.32 29.72
CA GLU A 255 -21.57 1.07 30.46
C GLU A 255 -20.92 -0.12 29.73
N LEU A 256 -19.81 -0.59 30.30
CA LEU A 256 -18.99 -1.66 29.74
C LEU A 256 -19.72 -3.00 29.90
N PRO A 257 -20.14 -3.68 28.80
CA PRO A 257 -20.91 -4.93 28.90
C PRO A 257 -20.00 -6.07 29.36
N GLU A 258 -20.62 -7.10 29.91
CA GLU A 258 -19.90 -8.26 30.46
C GLU A 258 -19.60 -9.23 29.33
N LEU A 259 -18.73 -10.22 29.61
CA LEU A 259 -18.38 -11.27 28.65
C LEU A 259 -19.44 -12.39 28.72
N THR A 260 -20.68 -11.99 28.38
CA THR A 260 -21.88 -12.86 28.37
C THR A 260 -21.72 -13.95 27.29
N ALA A 261 -22.46 -15.08 27.42
CA ALA A 261 -22.38 -16.22 26.48
C ALA A 261 -22.50 -15.74 25.01
N GLU A 262 -23.54 -14.93 24.75
CA GLU A 262 -23.82 -14.34 23.42
C GLU A 262 -22.69 -13.39 22.94
N PHE A 263 -21.95 -12.77 23.88
CA PHE A 263 -20.90 -11.78 23.59
C PHE A 263 -19.57 -12.49 23.24
N ILE A 264 -19.15 -13.46 24.09
CA ILE A 264 -17.93 -14.25 23.85
C ILE A 264 -18.11 -15.17 22.63
N LYS A 265 -19.37 -15.53 22.33
CA LYS A 265 -19.73 -16.30 21.12
C LYS A 265 -19.49 -15.46 19.84
N ARG A 266 -19.50 -14.11 19.98
CA ARG A 266 -19.31 -13.18 18.86
C ARG A 266 -17.86 -13.26 18.32
N PHE A 267 -16.95 -13.78 19.18
CA PHE A 267 -15.54 -13.99 18.84
C PHE A 267 -15.28 -15.46 18.42
N GLY A 268 -16.37 -16.25 18.27
CA GLY A 268 -16.29 -17.64 17.81
C GLY A 268 -16.43 -18.66 18.93
N VAL A 269 -15.86 -18.31 20.11
CA VAL A 269 -15.74 -19.22 21.27
C VAL A 269 -17.12 -19.74 21.73
N GLU A 270 -17.30 -21.08 21.68
CA GLU A 270 -18.60 -21.78 21.88
C GLU A 270 -19.28 -21.45 23.21
N ASP A 271 -18.49 -21.48 24.28
CA ASP A 271 -18.97 -21.26 25.65
C ASP A 271 -18.25 -20.05 26.29
N GLY A 272 -18.52 -19.81 27.58
CA GLY A 272 -18.07 -18.61 28.28
C GLY A 272 -16.75 -18.75 29.00
N SER A 273 -15.86 -19.68 28.57
CA SER A 273 -14.51 -19.80 29.15
C SER A 273 -13.64 -18.64 28.67
N VAL A 274 -13.36 -17.70 29.60
CA VAL A 274 -12.67 -16.43 29.31
C VAL A 274 -11.23 -16.69 28.83
N GLU A 275 -10.51 -17.57 29.55
CA GLU A 275 -9.15 -18.00 29.16
C GLU A 275 -9.16 -18.78 27.83
N GLY A 276 -10.36 -19.22 27.37
CA GLY A 276 -10.53 -19.77 26.03
C GLY A 276 -10.46 -18.67 24.98
N LEU A 277 -11.05 -17.50 25.33
CA LEU A 277 -11.02 -16.31 24.46
C LEU A 277 -9.62 -15.71 24.47
N ARG A 278 -8.95 -15.76 25.64
CA ARG A 278 -7.58 -15.24 25.80
C ARG A 278 -6.58 -16.06 24.99
N ALA A 279 -6.81 -17.39 24.92
CA ALA A 279 -5.98 -18.32 24.13
C ALA A 279 -6.20 -18.10 22.63
N GLU A 280 -7.48 -17.87 22.25
CA GLU A 280 -7.89 -17.54 20.87
C GLU A 280 -7.17 -16.24 20.39
N VAL A 281 -7.40 -15.14 21.15
CA VAL A 281 -6.75 -13.83 20.97
C VAL A 281 -5.23 -14.01 20.85
N ARG A 282 -4.63 -14.75 21.80
CA ARG A 282 -3.17 -14.94 21.89
C ARG A 282 -2.59 -15.63 20.64
N LYS A 283 -3.22 -16.72 20.15
CA LYS A 283 -2.66 -17.48 19.00
C LYS A 283 -2.76 -16.64 17.70
N ASN A 284 -3.83 -15.82 17.58
CA ASN A 284 -3.93 -14.83 16.49
C ASN A 284 -2.90 -13.69 16.69
N MET A 285 -2.71 -13.28 17.96
CA MET A 285 -1.87 -12.14 18.33
C MET A 285 -0.39 -12.40 18.03
N GLU A 286 0.04 -13.66 18.18
CA GLU A 286 1.44 -14.06 17.89
C GLU A 286 1.72 -14.06 16.37
N ARG A 287 0.69 -14.36 15.57
CA ARG A 287 0.74 -14.28 14.10
C ARG A 287 0.90 -12.81 13.66
N GLU A 288 0.04 -11.93 14.20
CA GLU A 288 0.14 -10.47 13.97
C GLU A 288 1.47 -9.92 14.53
N LEU A 289 1.88 -10.45 15.70
CA LEU A 289 3.06 -9.98 16.44
C LEU A 289 4.33 -10.14 15.62
N LYS A 290 4.60 -11.40 15.20
CA LYS A 290 5.79 -11.75 14.41
C LYS A 290 5.84 -10.95 13.11
N SER A 291 4.67 -10.85 12.45
CA SER A 291 4.51 -10.14 11.17
C SER A 291 4.74 -8.62 11.34
N ALA A 292 4.28 -8.06 12.47
CA ALA A 292 4.38 -6.62 12.75
C ALA A 292 5.83 -6.21 13.10
N ILE A 293 6.50 -7.05 13.93
CA ILE A 293 7.94 -6.90 14.27
C ILE A 293 8.78 -7.05 12.99
N ARG A 294 8.36 -8.00 12.13
CA ARG A 294 9.03 -8.31 10.86
C ARG A 294 9.04 -7.06 9.97
N ASN A 295 7.83 -6.54 9.70
CA ASN A 295 7.60 -5.36 8.85
C ASN A 295 8.20 -4.09 9.47
N ARG A 296 8.26 -4.04 10.82
CA ARG A 296 8.90 -2.94 11.58
C ARG A 296 10.41 -2.87 11.26
N VAL A 297 11.15 -3.92 11.67
CA VAL A 297 12.61 -4.05 11.45
C VAL A 297 12.96 -3.90 9.95
N LYS A 298 12.10 -4.47 9.11
CA LYS A 298 12.26 -4.52 7.66
C LYS A 298 12.09 -3.12 7.02
N SER A 299 11.06 -2.37 7.46
CA SER A 299 10.78 -1.03 6.91
C SER A 299 11.88 -0.03 7.31
N GLN A 300 12.44 -0.21 8.52
CA GLN A 300 13.59 0.57 9.01
C GLN A 300 14.87 0.25 8.21
N ALA A 301 15.02 -1.04 7.85
CA ALA A 301 16.13 -1.51 7.00
C ALA A 301 16.05 -0.90 5.60
N ILE A 302 14.82 -0.86 5.04
CA ILE A 302 14.54 -0.28 3.71
C ILE A 302 14.80 1.23 3.71
N GLU A 303 14.27 1.91 4.73
CA GLU A 303 14.42 3.36 4.92
C GLU A 303 15.91 3.74 5.02
N GLY A 304 16.61 3.03 5.91
CA GLY A 304 18.03 3.25 6.15
C GLY A 304 18.89 2.90 4.94
N LEU A 305 18.47 1.87 4.17
CA LEU A 305 19.17 1.43 2.94
C LEU A 305 19.17 2.58 1.92
N VAL A 306 17.97 3.03 1.54
CA VAL A 306 17.82 4.08 0.51
C VAL A 306 18.46 5.41 0.98
N LYS A 307 18.24 5.75 2.26
CA LYS A 307 18.82 6.94 2.91
C LYS A 307 20.35 6.95 2.78
N ALA A 308 20.96 5.79 3.01
CA ALA A 308 22.42 5.62 2.93
C ALA A 308 22.91 5.33 1.49
N ASN A 309 21.98 4.96 0.56
CA ASN A 309 22.36 4.41 -0.77
C ASN A 309 21.44 4.96 -1.88
N ASP A 310 21.94 5.93 -2.65
CA ASP A 310 21.26 6.47 -3.85
C ASP A 310 21.78 5.74 -5.11
N ILE A 311 20.94 5.65 -6.16
CA ILE A 311 21.29 4.99 -7.44
C ILE A 311 20.55 5.67 -8.61
N ASP A 312 21.18 5.67 -9.79
CA ASP A 312 20.58 6.08 -11.06
C ASP A 312 19.44 5.10 -11.42
N VAL A 313 18.22 5.62 -11.47
CA VAL A 313 16.99 4.83 -11.66
C VAL A 313 16.46 5.03 -13.09
N PRO A 314 16.13 3.92 -13.86
CA PRO A 314 15.45 4.03 -15.16
C PRO A 314 14.03 4.65 -15.00
N ALA A 315 13.82 5.80 -15.67
CA ALA A 315 12.55 6.53 -15.65
C ALA A 315 11.38 5.69 -16.20
N ALA A 316 11.68 4.70 -17.04
CA ALA A 316 10.68 3.76 -17.59
C ALA A 316 9.91 3.06 -16.47
N LEU A 317 10.67 2.53 -15.47
CA LEU A 317 10.10 1.83 -14.30
C LEU A 317 9.34 2.81 -13.39
N ILE A 318 9.90 4.04 -13.24
CA ILE A 318 9.28 5.10 -12.42
C ILE A 318 7.86 5.37 -12.94
N ASP A 319 7.79 5.72 -14.24
CA ASP A 319 6.52 5.99 -14.96
C ASP A 319 5.53 4.82 -14.88
N SER A 320 6.04 3.57 -15.03
CA SER A 320 5.23 2.35 -14.88
C SER A 320 4.53 2.33 -13.51
N GLU A 321 5.34 2.48 -12.45
CA GLU A 321 4.86 2.45 -11.05
C GLU A 321 3.95 3.65 -10.72
N ILE A 322 4.22 4.82 -11.36
CA ILE A 322 3.37 6.02 -11.20
C ILE A 322 1.96 5.71 -11.70
N ASP A 323 1.87 5.13 -12.94
CA ASP A 323 0.58 4.84 -13.59
C ASP A 323 -0.20 3.77 -12.81
N VAL A 324 0.52 2.76 -12.29
CA VAL A 324 -0.07 1.72 -11.41
C VAL A 324 -0.69 2.40 -10.16
N LEU A 325 0.07 3.31 -9.53
CA LEU A 325 -0.38 4.06 -8.34
C LEU A 325 -1.52 5.06 -8.67
N ARG A 326 -1.55 5.59 -9.92
CA ARG A 326 -2.58 6.55 -10.35
C ARG A 326 -3.92 5.83 -10.53
N ARG A 327 -3.87 4.62 -11.11
CA ARG A 327 -5.07 3.78 -11.31
C ARG A 327 -5.55 3.19 -9.97
N GLN A 328 -4.58 2.83 -9.10
CA GLN A 328 -4.84 2.26 -7.76
C GLN A 328 -5.48 3.32 -6.83
N ALA A 329 -5.04 4.58 -7.00
CA ALA A 329 -5.63 5.74 -6.31
C ALA A 329 -7.02 6.02 -6.87
N ALA A 330 -7.11 6.03 -8.23
CA ALA A 330 -8.36 6.28 -8.96
C ALA A 330 -9.44 5.25 -8.60
N GLN A 331 -9.00 4.02 -8.30
CA GLN A 331 -9.88 2.91 -7.85
C GLN A 331 -10.76 3.34 -6.65
N ARG A 332 -10.21 4.25 -5.82
CA ARG A 332 -10.91 4.81 -4.65
C ARG A 332 -11.44 6.23 -4.95
N PHE A 333 -10.68 6.98 -5.75
CA PHE A 333 -10.94 8.41 -6.04
C PHE A 333 -11.46 8.55 -7.49
N GLY A 334 -12.80 8.65 -7.63
CA GLY A 334 -13.44 8.83 -8.93
C GLY A 334 -13.81 7.51 -9.61
N GLY A 335 -12.82 6.63 -9.81
CA GLY A 335 -12.98 5.37 -10.54
C GLY A 335 -12.77 5.58 -12.03
N ASN A 336 -11.58 6.14 -12.38
CA ASN A 336 -11.29 6.64 -13.74
C ASN A 336 -10.24 5.77 -14.45
N GLU A 337 -10.63 5.20 -15.62
CA GLU A 337 -9.78 4.38 -16.49
C GLU A 337 -8.89 5.27 -17.36
N LYS A 338 -7.59 5.38 -16.98
CA LYS A 338 -6.53 6.11 -17.71
C LYS A 338 -6.68 7.66 -17.68
N GLN A 339 -7.85 8.19 -17.25
CA GLN A 339 -8.01 9.64 -16.94
C GLN A 339 -7.12 10.00 -15.74
N ALA A 340 -6.84 8.98 -14.92
CA ALA A 340 -5.92 9.03 -13.78
C ALA A 340 -4.49 9.45 -14.19
N LEU A 341 -4.14 9.34 -15.49
CA LEU A 341 -2.87 9.83 -16.08
C LEU A 341 -2.61 11.31 -15.68
N GLU A 342 -3.70 12.09 -15.62
CA GLU A 342 -3.67 13.54 -15.30
C GLU A 342 -3.45 13.81 -13.79
N LEU A 343 -3.63 12.77 -12.92
CA LEU A 343 -3.42 12.92 -11.45
C LEU A 343 -1.95 13.35 -11.16
N PRO A 344 -1.74 14.40 -10.28
CA PRO A 344 -0.43 15.06 -10.04
C PRO A 344 0.74 14.08 -9.79
N ARG A 345 1.63 14.00 -10.80
CA ARG A 345 2.68 12.98 -10.96
C ARG A 345 3.52 12.78 -9.69
N GLU A 346 3.98 13.91 -9.10
CA GLU A 346 4.92 13.91 -7.96
C GLU A 346 4.32 13.27 -6.69
N LEU A 347 2.96 13.20 -6.60
CA LEU A 347 2.28 12.51 -5.47
C LEU A 347 2.55 11.00 -5.52
N PHE A 348 2.73 10.50 -6.75
CA PHE A 348 2.91 9.07 -7.03
C PHE A 348 4.39 8.74 -7.27
N GLU A 349 5.13 9.70 -7.86
CA GLU A 349 6.54 9.51 -8.25
C GLU A 349 7.46 9.44 -7.03
N GLU A 350 7.14 10.30 -6.03
CA GLU A 350 7.88 10.38 -4.76
C GLU A 350 8.07 8.99 -4.11
N GLN A 351 6.98 8.20 -4.14
CA GLN A 351 6.92 6.85 -3.56
C GLN A 351 7.25 5.77 -4.62
N ALA A 352 6.86 6.01 -5.90
CA ALA A 352 7.05 5.04 -7.01
C ALA A 352 8.54 4.82 -7.25
N LYS A 353 9.22 5.93 -7.62
CA LYS A 353 10.67 5.96 -7.84
C LYS A 353 11.41 5.40 -6.63
N ARG A 354 10.92 5.77 -5.42
CA ARG A 354 11.45 5.29 -4.13
C ARG A 354 11.42 3.75 -4.07
N ARG A 355 10.30 3.14 -4.55
CA ARG A 355 10.13 1.66 -4.57
C ARG A 355 11.08 1.02 -5.59
N VAL A 356 11.30 1.73 -6.72
CA VAL A 356 12.23 1.27 -7.76
C VAL A 356 13.70 1.35 -7.25
N VAL A 357 14.00 2.38 -6.41
CA VAL A 357 15.33 2.52 -5.77
C VAL A 357 15.55 1.33 -4.84
N VAL A 358 14.53 1.05 -3.98
CA VAL A 358 14.51 -0.13 -3.08
C VAL A 358 14.78 -1.42 -3.87
N GLY A 359 14.15 -1.53 -5.05
CA GLY A 359 14.29 -2.69 -5.92
C GLY A 359 15.69 -2.87 -6.50
N LEU A 360 16.31 -1.74 -6.94
CA LEU A 360 17.68 -1.75 -7.51
C LEU A 360 18.72 -2.10 -6.43
N LEU A 361 18.57 -1.48 -5.24
CA LEU A 361 19.48 -1.68 -4.09
C LEU A 361 19.42 -3.15 -3.63
N LEU A 362 18.20 -3.63 -3.32
CA LEU A 362 17.95 -5.03 -2.88
C LEU A 362 18.30 -6.04 -3.99
N GLY A 363 18.08 -5.63 -5.26
CA GLY A 363 18.42 -6.47 -6.42
C GLY A 363 19.92 -6.69 -6.54
N GLU A 364 20.68 -5.64 -6.19
CA GLU A 364 22.14 -5.72 -6.11
C GLU A 364 22.58 -6.60 -4.92
N VAL A 365 21.96 -6.38 -3.74
CA VAL A 365 22.23 -7.18 -2.53
C VAL A 365 21.99 -8.68 -2.82
N ILE A 366 20.92 -8.93 -3.59
CA ILE A 366 20.53 -10.25 -4.06
C ILE A 366 21.65 -10.87 -4.92
N ARG A 367 22.09 -10.12 -5.96
CA ARG A 367 23.09 -10.63 -6.93
C ARG A 367 24.44 -10.89 -6.21
N THR A 368 24.89 -9.89 -5.45
CA THR A 368 26.15 -9.93 -4.66
C THR A 368 26.14 -11.11 -3.64
N ASN A 369 24.97 -11.38 -3.06
CA ASN A 369 24.81 -12.47 -2.06
C ASN A 369 24.15 -13.73 -2.68
N GLU A 370 24.10 -13.78 -4.03
CA GLU A 370 23.58 -14.93 -4.86
C GLU A 370 22.28 -15.57 -4.31
N LEU A 371 21.37 -14.71 -3.81
CA LEU A 371 20.10 -15.13 -3.17
C LEU A 371 19.11 -15.77 -4.17
N LYS A 372 18.15 -16.55 -3.63
CA LYS A 372 17.06 -17.18 -4.40
C LYS A 372 15.86 -17.47 -3.48
N ALA A 373 14.63 -17.36 -4.02
CA ALA A 373 13.40 -17.66 -3.25
C ALA A 373 13.40 -19.14 -2.84
N ASP A 374 13.64 -19.42 -1.55
CA ASP A 374 13.66 -20.78 -1.02
C ASP A 374 12.23 -21.34 -0.97
N GLU A 375 11.92 -22.28 -1.88
CA GLU A 375 10.57 -22.85 -2.04
C GLU A 375 10.09 -23.58 -0.78
N GLU A 376 11.06 -24.03 0.03
CA GLU A 376 10.80 -24.67 1.33
C GLU A 376 10.32 -23.64 2.37
N ARG A 377 10.84 -22.39 2.22
CA ARG A 377 10.46 -21.25 3.08
C ARG A 377 9.08 -20.73 2.66
N VAL A 378 8.85 -20.68 1.33
CA VAL A 378 7.55 -20.33 0.72
C VAL A 378 6.48 -21.30 1.27
N LYS A 379 6.81 -22.60 1.21
CA LYS A 379 6.01 -23.69 1.80
C LYS A 379 5.70 -23.42 3.27
N GLY A 380 6.76 -23.12 4.06
CA GLY A 380 6.62 -22.82 5.49
C GLY A 380 5.56 -21.74 5.78
N LEU A 381 5.72 -20.58 5.11
CA LEU A 381 4.79 -19.43 5.20
C LEU A 381 3.32 -19.85 4.89
N ILE A 382 3.15 -20.52 3.71
CA ILE A 382 1.83 -20.96 3.21
C ILE A 382 1.12 -21.87 4.22
N GLU A 383 1.88 -22.84 4.78
CA GLU A 383 1.34 -23.88 5.68
C GLU A 383 1.01 -23.32 7.07
N GLU A 384 1.83 -22.36 7.55
CA GLU A 384 1.56 -21.62 8.81
C GLU A 384 0.22 -20.88 8.72
N MET A 385 0.02 -20.24 7.56
CA MET A 385 -1.21 -19.51 7.25
C MET A 385 -2.39 -20.50 7.00
N ALA A 386 -2.08 -21.63 6.33
CA ALA A 386 -3.07 -22.65 5.92
C ALA A 386 -3.54 -23.48 7.11
N SER A 387 -2.71 -23.51 8.17
CA SER A 387 -3.02 -24.16 9.47
C SER A 387 -4.27 -23.56 10.13
N ALA A 388 -4.66 -22.34 9.71
CA ALA A 388 -5.88 -21.66 10.20
C ALA A 388 -7.16 -22.32 9.65
N TYR A 389 -7.03 -23.13 8.58
CA TYR A 389 -8.11 -24.01 8.09
C TYR A 389 -7.93 -25.41 8.68
N GLU A 390 -8.93 -26.29 8.47
CA GLU A 390 -8.88 -27.72 8.88
C GLU A 390 -7.97 -28.52 7.93
N ASP A 391 -7.70 -27.97 6.73
CA ASP A 391 -6.86 -28.64 5.71
C ASP A 391 -5.89 -27.63 5.09
N PRO A 392 -4.54 -27.84 5.25
CA PRO A 392 -3.51 -27.00 4.58
C PRO A 392 -3.31 -27.38 3.10
N LYS A 393 -3.47 -28.68 2.80
CA LYS A 393 -3.04 -29.28 1.52
C LYS A 393 -3.68 -28.61 0.29
N GLU A 394 -5.01 -28.44 0.36
CA GLU A 394 -5.81 -27.83 -0.73
C GLU A 394 -5.54 -26.31 -0.83
N VAL A 395 -4.95 -25.72 0.22
CA VAL A 395 -4.60 -24.30 0.24
C VAL A 395 -3.25 -24.10 -0.46
N ILE A 396 -2.32 -25.03 -0.23
CA ILE A 396 -1.01 -25.06 -0.93
C ILE A 396 -1.25 -25.31 -2.43
N GLU A 397 -2.25 -26.18 -2.72
CA GLU A 397 -2.72 -26.45 -4.08
C GLU A 397 -3.49 -25.23 -4.64
N PHE A 398 -4.23 -24.50 -3.77
CA PHE A 398 -4.89 -23.22 -4.15
C PHE A 398 -3.85 -22.21 -4.65
N TYR A 399 -2.70 -22.16 -3.95
CA TYR A 399 -1.57 -21.33 -4.37
C TYR A 399 -1.03 -21.81 -5.73
N SER A 400 -0.71 -23.11 -5.87
CA SER A 400 -0.14 -23.66 -7.13
C SER A 400 -1.15 -23.55 -8.31
N LYS A 401 -2.46 -23.41 -8.00
CA LYS A 401 -3.54 -23.25 -9.01
C LYS A 401 -3.92 -21.75 -9.19
N ASN A 402 -3.42 -20.88 -8.30
CA ASN A 402 -3.62 -19.41 -8.38
C ASN A 402 -2.26 -18.75 -8.16
N LYS A 403 -1.48 -18.65 -9.25
CA LYS A 403 -0.09 -18.21 -9.21
C LYS A 403 0.04 -16.69 -8.94
N GLU A 404 -1.11 -16.00 -8.82
CA GLU A 404 -1.14 -14.58 -8.45
C GLU A 404 -0.77 -14.43 -6.95
N LEU A 405 -1.45 -15.22 -6.08
CA LEU A 405 -1.15 -15.22 -4.63
C LEU A 405 0.10 -16.10 -4.33
N MET A 406 0.36 -17.11 -5.20
CA MET A 406 1.56 -17.97 -5.06
C MET A 406 2.82 -17.13 -5.29
N ASP A 407 2.81 -16.31 -6.38
CA ASP A 407 3.88 -15.34 -6.67
C ASP A 407 4.09 -14.41 -5.49
N ASN A 408 2.97 -13.87 -4.95
CA ASN A 408 2.99 -12.92 -3.82
C ASN A 408 3.76 -13.51 -2.61
N MET A 409 3.31 -14.68 -2.14
CA MET A 409 3.84 -15.32 -0.91
C MET A 409 5.30 -15.79 -1.12
N ARG A 410 5.61 -16.18 -2.36
CA ARG A 410 6.97 -16.61 -2.78
C ARG A 410 7.92 -15.42 -2.77
N ASN A 411 7.41 -14.29 -3.31
CA ASN A 411 8.13 -13.02 -3.39
C ASN A 411 8.26 -12.41 -1.99
N VAL A 412 7.35 -12.76 -1.06
CA VAL A 412 7.45 -12.37 0.37
C VAL A 412 8.61 -13.11 1.06
N ALA A 413 8.75 -14.43 0.80
CA ALA A 413 9.90 -15.24 1.29
C ALA A 413 11.23 -14.62 0.82
N LEU A 414 11.24 -14.29 -0.48
CA LEU A 414 12.39 -13.68 -1.16
C LEU A 414 12.58 -12.21 -0.74
N GLU A 415 11.48 -11.53 -0.37
CA GLU A 415 11.48 -10.12 0.09
C GLU A 415 12.23 -10.03 1.42
N GLU A 416 11.83 -10.92 2.34
CA GLU A 416 12.46 -11.09 3.65
C GLU A 416 13.96 -11.35 3.48
N GLN A 417 14.29 -12.41 2.70
CA GLN A 417 15.68 -12.86 2.47
C GLN A 417 16.55 -11.72 1.89
N ALA A 418 15.99 -10.99 0.91
CA ALA A 418 16.66 -9.86 0.24
C ALA A 418 17.07 -8.79 1.26
N VAL A 419 16.13 -8.45 2.15
CA VAL A 419 16.36 -7.45 3.21
C VAL A 419 17.25 -8.01 4.35
N GLU A 420 17.15 -9.33 4.64
CA GLU A 420 17.90 -10.01 5.73
C GLU A 420 19.38 -10.09 5.39
N ALA A 421 19.68 -10.15 4.08
CA ALA A 421 21.05 -10.05 3.58
C ALA A 421 21.66 -8.66 3.88
N VAL A 422 20.80 -7.63 4.01
CA VAL A 422 21.22 -6.27 4.42
C VAL A 422 21.33 -6.22 5.95
N LEU A 423 20.37 -6.87 6.64
CA LEU A 423 20.29 -6.94 8.13
C LEU A 423 21.50 -7.70 8.72
N ALA A 424 22.02 -8.68 7.96
CA ALA A 424 23.21 -9.47 8.33
C ALA A 424 24.47 -8.58 8.34
N LYS A 425 24.42 -7.46 7.61
CA LYS A 425 25.53 -6.50 7.49
C LYS A 425 25.27 -5.27 8.39
N ALA A 426 24.00 -4.88 8.49
CA ALA A 426 23.54 -3.63 9.12
C ALA A 426 23.51 -3.76 10.65
N LYS A 427 23.80 -2.66 11.35
CA LYS A 427 23.76 -2.59 12.82
C LYS A 427 22.31 -2.72 13.33
N VAL A 428 21.84 -3.96 13.43
CA VAL A 428 20.52 -4.27 13.99
C VAL A 428 20.64 -4.28 15.53
N THR A 429 20.40 -3.11 16.14
CA THR A 429 20.30 -2.96 17.60
C THR A 429 18.96 -3.56 18.07
N GLU A 430 18.89 -3.95 19.36
CA GLU A 430 17.78 -4.80 19.85
C GLU A 430 17.43 -4.45 21.30
N LYS A 431 16.12 -4.39 21.61
CA LYS A 431 15.63 -4.20 23.00
C LYS A 431 14.27 -4.90 23.17
N GLU A 432 13.93 -5.24 24.42
CA GLU A 432 12.64 -5.91 24.77
C GLU A 432 11.57 -4.86 25.11
N THR A 433 10.30 -5.11 24.71
CA THR A 433 9.16 -4.20 24.98
C THR A 433 7.79 -4.91 24.78
N THR A 434 6.68 -4.18 25.07
CA THR A 434 5.29 -4.71 25.01
C THR A 434 4.62 -4.36 23.66
N PHE A 435 3.48 -5.04 23.38
CA PHE A 435 2.73 -4.90 22.10
C PHE A 435 2.13 -3.49 21.94
N ASN A 436 1.83 -2.83 23.07
CA ASN A 436 1.36 -1.43 23.08
C ASN A 436 2.39 -0.51 22.39
N GLU A 437 3.68 -0.70 22.73
CA GLU A 437 4.79 0.05 22.12
C GLU A 437 4.84 -0.17 20.59
N LEU A 438 4.81 -1.47 20.20
CA LEU A 438 4.95 -1.92 18.79
C LEU A 438 3.99 -1.19 17.83
N MET A 439 2.72 -1.03 18.26
CA MET A 439 1.66 -0.42 17.44
C MET A 439 1.62 1.11 17.57
N ASN A 440 1.93 1.64 18.77
CA ASN A 440 1.89 3.10 19.06
C ASN A 440 3.20 3.80 18.62
N GLN A 441 3.59 3.57 17.35
CA GLN A 441 4.76 4.22 16.72
C GLN A 441 4.36 4.71 15.31
N GLN A 442 3.76 5.91 15.24
CA GLN A 442 3.30 6.53 13.98
C GLN A 442 4.31 7.57 13.48
N ALA A 443 5.07 8.16 14.42
CA ALA A 443 6.11 9.14 14.11
C ALA A 443 7.43 8.42 13.75
N ALA B 3 -5.22 28.05 -11.14
CA ALA B 3 -5.12 27.73 -12.57
C ALA B 3 -5.63 26.31 -12.83
N ARG B 4 -6.88 26.20 -13.34
CA ARG B 4 -7.52 24.91 -13.68
C ARG B 4 -8.83 25.16 -14.47
N ALA B 5 -9.72 26.00 -13.90
CA ALA B 5 -11.03 26.32 -14.52
C ALA B 5 -11.48 27.75 -14.15
N ASP B 6 -11.21 28.71 -15.07
CA ASP B 6 -11.54 30.15 -14.92
C ASP B 6 -10.74 30.79 -13.75
N VAL B 7 -11.26 30.63 -12.51
CA VAL B 7 -10.70 31.28 -11.32
C VAL B 7 -10.97 30.40 -10.08
N THR B 8 -10.08 30.47 -9.08
CA THR B 8 -10.19 29.74 -7.81
C THR B 8 -9.99 30.71 -6.65
N LEU B 9 -10.42 30.29 -5.43
CA LEU B 9 -10.24 31.05 -4.17
C LEU B 9 -10.92 32.44 -4.21
N GLY B 10 -10.51 33.36 -3.31
CA GLY B 10 -11.07 34.71 -3.24
C GLY B 10 -12.13 34.85 -2.15
N GLY B 11 -12.84 33.74 -1.88
CA GLY B 11 -13.87 33.68 -0.83
C GLY B 11 -13.76 32.42 0.00
N GLY B 12 -14.33 32.46 1.22
CA GLY B 12 -14.32 31.31 2.14
C GLY B 12 -12.94 31.09 2.78
N ALA B 13 -12.12 32.16 2.81
CA ALA B 13 -10.72 32.10 3.31
C ALA B 13 -10.60 32.83 4.65
N LYS B 14 -9.52 32.47 5.40
CA LYS B 14 -9.18 33.04 6.72
C LYS B 14 -10.20 32.58 7.81
N THR B 15 -10.74 31.35 7.63
CA THR B 15 -11.73 30.75 8.55
C THR B 15 -11.12 30.52 9.96
N PHE B 16 -12.00 30.43 10.98
CA PHE B 16 -11.62 30.22 12.39
C PHE B 16 -10.84 28.90 12.53
N ALA B 17 -11.56 27.77 12.32
CA ALA B 17 -10.98 26.41 12.19
C ALA B 17 -12.13 25.42 11.99
N GLU B 18 -12.84 25.20 13.10
CA GLU B 18 -13.92 24.23 13.27
C GLU B 18 -14.33 24.25 14.75
N THR B 19 -13.31 24.57 15.60
CA THR B 19 -13.39 24.62 17.06
C THR B 19 -13.61 23.19 17.61
N ALA B 20 -12.78 22.27 17.08
CA ALA B 20 -12.66 20.86 17.50
C ALA B 20 -13.88 20.03 17.07
N THR B 21 -15.03 20.28 17.74
CA THR B 21 -16.31 19.57 17.57
C THR B 21 -16.15 18.03 17.68
N ALA B 22 -16.57 17.47 18.82
CA ALA B 22 -16.37 16.05 19.17
C ALA B 22 -17.37 15.10 18.45
N GLY B 23 -18.11 15.63 17.45
CA GLY B 23 -19.11 14.85 16.71
C GLY B 23 -20.24 14.39 17.62
N GLU B 24 -20.61 13.09 17.49
CA GLU B 24 -21.59 12.40 18.35
C GLU B 24 -23.06 12.82 18.09
N TRP B 25 -23.28 14.07 17.67
CA TRP B 25 -24.54 14.50 17.03
C TRP B 25 -24.46 14.18 15.52
N GLN B 26 -24.27 12.87 15.23
CA GLN B 26 -23.94 12.36 13.89
C GLN B 26 -22.57 12.92 13.44
N GLY B 27 -21.48 12.21 13.82
CA GLY B 27 -20.18 12.45 13.20
C GLY B 27 -20.17 11.90 11.78
N LYS B 28 -20.67 10.66 11.67
CA LYS B 28 -21.00 10.01 10.40
C LYS B 28 -22.07 8.96 10.68
N THR B 29 -23.23 9.04 9.97
CA THR B 29 -24.44 8.22 10.23
C THR B 29 -25.10 8.62 11.58
N LEU B 30 -26.43 8.87 11.57
CA LEU B 30 -27.16 9.33 12.78
C LEU B 30 -27.14 8.26 13.88
N ARG B 31 -27.18 6.99 13.46
CA ARG B 31 -27.23 5.84 14.40
C ARG B 31 -25.87 5.60 15.11
N GLU B 32 -24.82 6.35 14.72
CA GLU B 32 -23.51 6.37 15.41
C GLU B 32 -23.66 6.93 16.85
N GLN B 33 -24.67 7.83 17.02
CA GLN B 33 -24.87 8.71 18.18
C GLN B 33 -24.66 8.02 19.56
N ALA B 34 -25.68 7.31 20.08
CA ALA B 34 -25.69 6.90 21.49
C ALA B 34 -25.54 5.37 21.68
N GLN B 35 -26.66 4.64 21.56
CA GLN B 35 -26.72 3.21 21.96
C GLN B 35 -26.56 2.29 20.75
N ALA B 36 -26.90 2.83 19.56
CA ALA B 36 -26.88 2.08 18.29
C ALA B 36 -25.43 1.91 17.75
N ARG B 37 -24.51 2.83 18.16
CA ARG B 37 -23.04 2.64 18.05
C ARG B 37 -22.55 2.57 16.56
N GLY B 38 -23.40 2.99 15.64
CA GLY B 38 -23.12 2.93 14.20
C GLY B 38 -24.37 2.61 13.41
N TYR B 39 -25.17 1.65 13.93
CA TYR B 39 -26.38 1.16 13.26
C TYR B 39 -27.21 0.31 14.24
N GLN B 40 -26.57 -0.77 14.72
CA GLN B 40 -27.16 -1.79 15.62
C GLN B 40 -28.31 -2.57 14.91
N LEU B 41 -29.59 -2.24 15.24
CA LEU B 41 -30.79 -3.04 14.90
C LEU B 41 -30.72 -4.49 15.49
N VAL B 42 -31.84 -5.22 15.40
CA VAL B 42 -31.90 -6.64 15.84
C VAL B 42 -31.45 -7.57 14.69
N SER B 43 -31.61 -7.08 13.43
CA SER B 43 -31.19 -7.79 12.20
C SER B 43 -29.69 -8.19 12.26
N ASP B 44 -29.45 -9.47 12.57
CA ASP B 44 -28.10 -9.99 12.89
C ASP B 44 -28.11 -11.53 12.87
N ALA B 45 -26.93 -12.13 12.71
CA ALA B 45 -26.72 -13.58 12.58
C ALA B 45 -26.58 -14.30 13.96
N ALA B 46 -27.07 -13.69 15.04
CA ALA B 46 -26.95 -14.22 16.43
C ALA B 46 -27.56 -15.63 16.60
N SER B 47 -28.77 -15.85 16.04
CA SER B 47 -29.44 -17.16 16.10
C SER B 47 -28.81 -18.12 15.07
N LEU B 48 -29.03 -17.84 13.77
CA LEU B 48 -28.43 -18.60 12.66
C LEU B 48 -27.16 -17.85 12.21
N ASN B 49 -25.98 -18.40 12.55
CA ASN B 49 -24.69 -17.72 12.32
C ASN B 49 -24.32 -17.65 10.83
N SER B 50 -24.32 -18.82 10.14
CA SER B 50 -24.02 -18.94 8.69
C SER B 50 -22.67 -18.25 8.32
N VAL B 51 -21.68 -18.44 9.20
CA VAL B 51 -20.34 -17.81 9.11
C VAL B 51 -19.36 -18.64 8.25
N THR B 52 -19.85 -19.77 7.69
CA THR B 52 -19.05 -20.78 6.97
C THR B 52 -18.00 -21.40 7.91
N GLU B 53 -18.41 -22.51 8.57
CA GLU B 53 -17.60 -23.22 9.61
C GLU B 53 -16.25 -23.71 9.04
N ALA B 54 -16.29 -24.18 7.78
CA ALA B 54 -15.11 -24.71 7.06
C ALA B 54 -14.05 -23.63 6.78
N ASN B 55 -14.51 -22.37 6.62
CA ASN B 55 -13.66 -21.20 6.29
C ASN B 55 -13.30 -20.44 7.60
N GLN B 56 -13.21 -21.20 8.72
CA GLN B 56 -12.96 -20.69 10.09
C GLN B 56 -14.19 -19.93 10.59
N GLN B 57 -14.73 -20.38 11.75
CA GLN B 57 -16.03 -19.94 12.28
C GLN B 57 -16.06 -18.41 12.46
N LYS B 58 -15.23 -17.90 13.38
CA LYS B 58 -15.11 -16.45 13.58
C LYS B 58 -13.72 -16.10 14.16
N PRO B 59 -12.75 -15.67 13.31
CA PRO B 59 -11.52 -15.02 13.77
C PRO B 59 -11.80 -13.54 14.15
N LEU B 60 -10.98 -12.98 15.06
CA LEU B 60 -11.14 -11.59 15.53
C LEU B 60 -9.84 -10.80 15.27
N LEU B 61 -8.79 -11.04 16.10
CA LEU B 61 -7.50 -10.31 16.07
C LEU B 61 -7.71 -8.79 16.30
N GLY B 62 -8.13 -8.08 15.25
CA GLY B 62 -8.36 -6.63 15.29
C GLY B 62 -8.25 -6.03 13.89
N LEU B 63 -8.31 -4.70 13.81
CA LEU B 63 -8.21 -3.94 12.54
C LEU B 63 -6.74 -3.56 12.27
N PHE B 64 -5.83 -4.51 12.56
CA PHE B 64 -4.37 -4.33 12.41
C PHE B 64 -3.92 -4.75 10.99
N ALA B 65 -2.59 -4.95 10.81
CA ALA B 65 -1.98 -5.12 9.47
C ALA B 65 -2.19 -6.54 8.90
N ASP B 66 -1.62 -7.56 9.55
CA ASP B 66 -1.61 -8.95 9.06
C ASP B 66 -2.96 -9.64 9.28
N GLY B 67 -3.55 -9.38 10.45
CA GLY B 67 -4.73 -10.11 10.93
C GLY B 67 -6.02 -9.78 10.19
N ASN B 68 -6.19 -10.44 9.05
CA ASN B 68 -7.41 -10.38 8.22
C ASN B 68 -8.04 -11.80 8.22
N MET B 69 -7.36 -12.71 7.48
CA MET B 69 -7.69 -14.15 7.35
C MET B 69 -6.63 -14.80 6.44
N PRO B 70 -6.49 -16.16 6.47
CA PRO B 70 -5.73 -16.90 5.43
C PRO B 70 -6.29 -16.69 4.00
N VAL B 71 -5.40 -16.86 3.00
CA VAL B 71 -5.63 -16.64 1.55
C VAL B 71 -6.15 -15.21 1.24
N ARG B 72 -5.27 -14.37 0.63
CA ARG B 72 -5.52 -12.94 0.26
C ARG B 72 -5.52 -12.07 1.54
N TRP B 73 -5.22 -10.75 1.41
CA TRP B 73 -4.40 -9.92 2.38
C TRP B 73 -2.91 -9.79 1.93
N LEU B 74 -2.10 -9.08 2.76
CA LEU B 74 -0.62 -9.03 2.67
C LEU B 74 -0.12 -8.48 1.32
N GLY B 75 0.11 -7.16 1.24
CA GLY B 75 0.63 -6.53 0.03
C GLY B 75 1.70 -5.46 0.28
N PRO B 76 2.84 -5.76 0.98
CA PRO B 76 3.97 -4.83 1.14
C PRO B 76 5.04 -5.08 0.05
N LYS B 77 4.53 -5.33 -1.17
CA LYS B 77 5.28 -5.94 -2.27
C LYS B 77 6.03 -4.86 -3.08
N ALA B 78 7.20 -4.46 -2.55
CA ALA B 78 8.15 -3.58 -3.27
C ALA B 78 8.81 -4.40 -4.40
N THR B 79 9.49 -5.46 -3.93
CA THR B 79 9.98 -6.58 -4.74
C THR B 79 10.96 -6.14 -5.87
N TYR B 80 10.53 -6.23 -7.16
CA TYR B 80 11.48 -6.15 -8.32
C TYR B 80 12.54 -7.31 -8.24
N HIS B 81 12.21 -8.35 -7.45
CA HIS B 81 13.08 -9.52 -7.18
C HIS B 81 12.84 -10.62 -8.24
N GLY B 82 12.12 -10.27 -9.33
CA GLY B 82 11.85 -11.18 -10.45
C GLY B 82 13.08 -11.46 -11.31
N ASN B 83 14.23 -10.80 -10.98
CA ASN B 83 15.55 -11.08 -11.59
C ASN B 83 15.98 -12.54 -11.33
N ILE B 84 15.49 -13.11 -10.21
CA ILE B 84 15.74 -14.51 -9.83
C ILE B 84 14.68 -15.43 -10.46
N ASP B 85 13.49 -15.52 -9.80
CA ASP B 85 12.38 -16.43 -10.16
C ASP B 85 12.82 -17.95 -10.16
N LYS B 86 13.98 -18.23 -9.56
CA LYS B 86 14.59 -19.58 -9.53
C LYS B 86 13.90 -20.47 -8.50
N PRO B 87 13.35 -21.67 -8.90
CA PRO B 87 12.75 -22.63 -7.96
C PRO B 87 13.83 -23.33 -7.12
N ALA B 88 14.04 -22.85 -5.88
CA ALA B 88 15.05 -23.40 -4.97
C ALA B 88 14.70 -24.84 -4.57
N VAL B 89 15.27 -25.79 -5.32
CA VAL B 89 15.11 -27.22 -5.09
C VAL B 89 15.90 -27.66 -3.84
N THR B 90 15.41 -28.74 -3.19
CA THR B 90 16.13 -29.42 -2.10
C THR B 90 17.52 -29.89 -2.59
N CYS B 91 18.56 -29.62 -1.79
CA CYS B 91 19.96 -29.95 -2.14
C CYS B 91 20.19 -31.48 -2.12
N THR B 92 19.93 -32.11 -3.27
CA THR B 92 20.07 -33.56 -3.44
C THR B 92 20.77 -33.85 -4.80
N PRO B 93 21.77 -34.79 -4.86
CA PRO B 93 22.48 -35.14 -6.11
C PRO B 93 21.58 -36.00 -7.06
N MET A 12 26.06 -7.21 -39.80
CA MET A 12 25.05 -6.53 -38.96
C MET A 12 25.54 -5.12 -38.59
N GLN A 13 24.96 -4.10 -39.26
CA GLN A 13 25.28 -2.69 -39.00
C GLN A 13 24.56 -2.24 -37.69
N VAL A 14 25.24 -2.49 -36.57
CA VAL A 14 24.75 -2.15 -35.22
C VAL A 14 25.75 -1.18 -34.54
N SER A 15 25.23 -0.13 -33.90
CA SER A 15 26.05 0.90 -33.24
C SER A 15 25.30 1.41 -32.01
N VAL A 16 25.98 1.43 -30.85
CA VAL A 16 25.35 1.74 -29.56
C VAL A 16 25.88 3.08 -28.97
N GLU A 17 25.08 4.13 -29.12
CA GLU A 17 25.33 5.46 -28.51
C GLU A 17 24.74 5.52 -27.09
N THR A 18 25.18 6.51 -26.30
CA THR A 18 24.62 6.79 -24.97
C THR A 18 23.95 8.17 -25.00
N THR A 19 22.61 8.18 -24.96
CA THR A 19 21.81 9.40 -25.05
C THR A 19 21.73 10.11 -23.67
N GLN A 20 21.40 9.33 -22.61
CA GLN A 20 21.25 9.89 -21.25
C GLN A 20 21.50 8.77 -20.19
N GLY A 21 22.79 8.37 -20.07
CA GLY A 21 23.23 7.37 -19.08
C GLY A 21 22.64 5.98 -19.28
N LEU A 22 21.44 5.77 -18.71
CA LEU A 22 20.65 4.53 -18.89
C LEU A 22 20.17 4.45 -20.34
N GLY A 23 19.78 5.61 -20.88
CA GLY A 23 19.37 5.75 -22.28
C GLY A 23 20.47 5.36 -23.25
N ARG A 24 20.36 4.15 -23.80
CA ARG A 24 21.32 3.57 -24.75
C ARG A 24 20.61 3.28 -26.08
N ARG A 25 21.11 3.91 -27.15
CA ARG A 25 20.56 3.82 -28.51
C ARG A 25 21.38 2.83 -29.36
N VAL A 26 20.89 1.60 -29.53
CA VAL A 26 21.47 0.66 -30.52
C VAL A 26 20.81 0.91 -31.89
N THR A 27 21.41 1.83 -32.66
CA THR A 27 20.99 2.11 -34.03
C THR A 27 21.42 0.96 -34.95
N ILE A 28 20.45 0.13 -35.33
CA ILE A 28 20.64 -1.00 -36.25
C ILE A 28 20.16 -0.58 -37.66
N THR A 29 20.70 -1.20 -38.69
CA THR A 29 20.28 -1.00 -40.08
C THR A 29 20.08 -2.35 -40.76
N ILE A 30 18.83 -2.66 -41.17
CA ILE A 30 18.50 -3.82 -42.01
C ILE A 30 19.15 -3.63 -43.39
N ALA A 31 19.94 -4.64 -43.81
CA ALA A 31 20.66 -4.63 -45.09
C ALA A 31 19.68 -4.61 -46.28
N ALA A 32 20.13 -3.98 -47.39
CA ALA A 32 19.35 -3.87 -48.64
C ALA A 32 18.96 -5.25 -49.20
N ASP A 33 19.90 -6.19 -49.11
CA ASP A 33 19.72 -7.58 -49.55
C ASP A 33 18.66 -8.31 -48.71
N SER A 34 18.52 -7.88 -47.44
CA SER A 34 17.52 -8.45 -46.51
C SER A 34 16.11 -7.83 -46.77
N ILE A 35 16.10 -6.58 -47.27
CA ILE A 35 14.87 -5.88 -47.72
C ILE A 35 14.34 -6.51 -49.04
N GLU A 36 15.18 -7.36 -49.66
CA GLU A 36 14.78 -8.22 -50.79
C GLU A 36 14.40 -9.64 -50.28
N THR A 37 15.38 -10.35 -49.70
CA THR A 37 15.32 -11.80 -49.49
C THR A 37 14.35 -12.20 -48.36
N ALA A 38 14.24 -11.37 -47.30
CA ALA A 38 13.31 -11.64 -46.18
C ALA A 38 11.86 -11.43 -46.61
N VAL A 39 11.63 -10.47 -47.54
CA VAL A 39 10.31 -10.23 -48.16
C VAL A 39 9.92 -11.40 -49.08
N LYS A 40 10.93 -11.89 -49.81
CA LYS A 40 10.81 -13.04 -50.72
C LYS A 40 10.40 -14.31 -49.93
N SER A 41 11.11 -14.53 -48.81
CA SER A 41 10.90 -15.67 -47.90
C SER A 41 9.64 -15.46 -47.02
N GLU A 42 9.12 -14.21 -47.02
CA GLU A 42 7.85 -13.87 -46.36
C GLU A 42 6.66 -14.25 -47.27
N LEU A 43 6.86 -14.08 -48.58
CA LEU A 43 5.83 -14.34 -49.61
C LEU A 43 5.58 -15.83 -49.81
N VAL A 44 6.60 -16.67 -49.56
CA VAL A 44 6.45 -18.13 -49.61
C VAL A 44 5.70 -18.63 -48.35
N ASN A 45 5.77 -17.85 -47.24
CA ASN A 45 4.94 -18.07 -46.03
C ASN A 45 3.45 -17.84 -46.39
N VAL A 46 3.20 -16.74 -47.11
CA VAL A 46 1.86 -16.37 -47.59
C VAL A 46 1.35 -17.42 -48.61
N ALA A 47 2.28 -17.89 -49.46
CA ALA A 47 2.00 -18.89 -50.51
C ALA A 47 1.59 -20.24 -49.92
N LYS A 48 2.29 -20.68 -48.85
CA LYS A 48 1.99 -21.96 -48.18
C LYS A 48 0.68 -21.88 -47.39
N LYS A 49 0.40 -20.70 -46.82
CA LYS A 49 -0.80 -20.42 -46.02
C LYS A 49 -2.08 -20.49 -46.89
N VAL A 50 -2.04 -19.77 -48.03
CA VAL A 50 -3.16 -19.72 -49.01
C VAL A 50 -3.06 -20.92 -50.01
N ARG A 51 -2.02 -21.77 -49.79
CA ARG A 51 -1.78 -23.06 -50.51
C ARG A 51 -1.27 -22.84 -51.96
N ILE A 52 -1.04 -21.56 -52.32
CA ILE A 52 -0.58 -21.12 -53.66
C ILE A 52 0.72 -21.84 -54.10
N ASP A 53 1.58 -22.15 -53.11
CA ASP A 53 2.90 -22.80 -53.34
C ASP A 53 2.77 -24.12 -54.12
N GLY A 54 1.68 -24.87 -53.84
CA GLY A 54 1.43 -26.18 -54.43
C GLY A 54 0.59 -26.14 -55.70
N PHE A 55 -0.01 -24.98 -56.00
CA PHE A 55 -0.81 -24.78 -57.24
C PHE A 55 0.00 -24.05 -58.32
N ARG A 56 0.93 -23.20 -57.88
CA ARG A 56 1.76 -22.37 -58.77
C ARG A 56 2.77 -23.27 -59.51
N LYS A 57 2.77 -23.18 -60.83
CA LYS A 57 3.65 -23.98 -61.72
C LYS A 57 5.13 -23.62 -61.51
N GLY A 58 5.36 -22.33 -61.18
CA GLY A 58 6.71 -21.78 -61.03
C GLY A 58 7.33 -21.45 -62.37
N LYS A 59 6.47 -21.23 -63.39
CA LYS A 59 6.89 -20.83 -64.74
C LYS A 59 7.36 -19.37 -64.72
N VAL A 60 6.54 -18.52 -64.09
CA VAL A 60 6.82 -17.09 -63.96
C VAL A 60 7.88 -16.88 -62.85
N PRO A 61 8.98 -16.11 -63.11
CA PRO A 61 10.03 -15.81 -62.10
C PRO A 61 9.44 -15.25 -60.79
N MET A 62 9.66 -16.00 -59.69
CA MET A 62 9.14 -15.69 -58.34
C MET A 62 9.58 -14.28 -57.89
N ASN A 63 10.85 -13.94 -58.17
CA ASN A 63 11.47 -12.66 -57.72
C ASN A 63 10.87 -11.43 -58.45
N ILE A 64 10.53 -11.61 -59.74
CA ILE A 64 9.98 -10.54 -60.59
C ILE A 64 8.53 -10.21 -60.17
N VAL A 65 7.82 -11.18 -59.57
CA VAL A 65 6.49 -10.94 -58.97
C VAL A 65 6.61 -10.73 -57.44
N ALA A 66 7.78 -11.05 -56.86
CA ALA A 66 8.04 -10.86 -55.40
C ALA A 66 8.20 -9.39 -55.05
N GLN A 67 8.79 -8.62 -55.98
CA GLN A 67 8.96 -7.17 -55.84
C GLN A 67 7.58 -6.46 -55.89
N ARG A 68 6.60 -7.12 -56.54
CA ARG A 68 5.23 -6.61 -56.73
C ARG A 68 4.36 -6.94 -55.49
N TYR A 69 4.13 -8.25 -55.27
CA TYR A 69 3.29 -8.78 -54.18
C TYR A 69 3.86 -8.44 -52.79
N GLY A 70 5.20 -8.35 -52.72
CA GLY A 70 5.89 -8.04 -51.48
C GLY A 70 5.82 -6.59 -51.06
N ALA A 71 5.36 -5.71 -51.98
CA ALA A 71 5.26 -4.26 -51.73
C ALA A 71 4.19 -3.92 -50.67
N SER A 72 3.18 -4.80 -50.51
CA SER A 72 2.13 -4.65 -49.49
C SER A 72 2.64 -5.15 -48.13
N VAL A 73 3.18 -6.38 -48.11
CA VAL A 73 3.66 -7.04 -46.90
C VAL A 73 5.11 -6.59 -46.54
N ARG A 74 5.19 -5.52 -45.73
CA ARG A 74 6.47 -4.96 -45.23
C ARG A 74 6.54 -5.08 -43.70
N GLN A 75 5.36 -4.99 -43.03
CA GLN A 75 5.24 -4.98 -41.55
C GLN A 75 5.77 -6.28 -40.92
N ASP A 76 5.45 -7.41 -41.56
CA ASP A 76 5.90 -8.74 -41.09
C ASP A 76 7.41 -8.89 -41.25
N VAL A 77 7.94 -8.33 -42.35
CA VAL A 77 9.37 -8.37 -42.67
C VAL A 77 10.18 -7.56 -41.64
N LEU A 78 9.81 -6.28 -41.48
CA LEU A 78 10.47 -5.33 -40.57
C LEU A 78 10.26 -5.75 -39.11
N GLY A 79 9.01 -6.09 -38.77
CA GLY A 79 8.64 -6.50 -37.39
C GLY A 79 9.44 -7.69 -36.87
N ASP A 80 9.79 -8.60 -37.80
CA ASP A 80 10.64 -9.77 -37.51
C ASP A 80 12.13 -9.35 -37.38
N LEU A 81 12.66 -8.70 -38.43
CA LEU A 81 14.09 -8.39 -38.56
C LEU A 81 14.55 -7.39 -37.47
N MET A 82 13.73 -6.37 -37.18
CA MET A 82 14.03 -5.37 -36.12
C MET A 82 14.16 -6.03 -34.74
N SER A 83 13.27 -7.02 -34.50
CA SER A 83 13.22 -7.76 -33.23
C SER A 83 14.45 -8.69 -33.08
N ARG A 84 14.80 -9.41 -34.16
CA ARG A 84 15.87 -10.42 -34.14
C ARG A 84 17.26 -9.78 -34.20
N ASN A 85 17.45 -8.79 -35.08
CA ASN A 85 18.70 -7.98 -35.15
C ASN A 85 19.01 -7.32 -33.79
N PHE A 86 17.94 -6.99 -33.04
CA PHE A 86 18.06 -6.41 -31.71
C PHE A 86 18.54 -7.44 -30.67
N ILE A 87 17.83 -8.58 -30.57
CA ILE A 87 18.11 -9.59 -29.52
C ILE A 87 19.50 -10.25 -29.74
N ASP A 88 19.82 -10.58 -30.99
CA ASP A 88 21.14 -11.16 -31.35
C ASP A 88 22.29 -10.17 -31.07
N ALA A 89 21.99 -8.85 -31.23
CA ALA A 89 22.95 -7.79 -30.90
C ALA A 89 23.20 -7.74 -29.38
N ILE A 90 22.13 -7.57 -28.59
CA ILE A 90 22.25 -7.35 -27.12
C ILE A 90 22.79 -8.59 -26.39
N ILE A 91 22.63 -9.80 -26.99
CA ILE A 91 23.21 -11.05 -26.45
C ILE A 91 24.75 -11.02 -26.56
N LYS A 92 25.27 -10.69 -27.76
CA LYS A 92 26.74 -10.66 -28.01
C LYS A 92 27.39 -9.44 -27.34
N GLU A 93 26.61 -8.35 -27.16
CA GLU A 93 27.07 -7.12 -26.50
C GLU A 93 26.88 -7.19 -24.98
N LYS A 94 26.13 -8.25 -24.52
CA LYS A 94 25.84 -8.50 -23.09
C LYS A 94 25.05 -7.32 -22.46
N ILE A 95 24.23 -6.66 -23.29
CA ILE A 95 23.32 -5.57 -22.88
C ILE A 95 21.94 -6.15 -22.51
N ASN A 96 21.45 -5.86 -21.28
CA ASN A 96 20.12 -6.30 -20.82
C ASN A 96 19.20 -5.06 -20.63
N PRO A 97 18.23 -4.81 -21.59
CA PRO A 97 17.28 -3.66 -21.53
C PRO A 97 16.33 -3.63 -20.29
N ALA A 98 15.50 -2.58 -20.25
CA ALA A 98 14.54 -2.32 -19.16
C ALA A 98 13.34 -1.53 -19.71
N GLY A 99 12.13 -1.87 -19.23
CA GLY A 99 10.89 -1.19 -19.62
C GLY A 99 10.41 -1.62 -21.01
N ALA A 100 10.84 -0.88 -22.05
CA ALA A 100 10.46 -1.10 -23.45
C ALA A 100 11.46 -0.40 -24.40
N PRO A 101 11.90 -1.07 -25.53
CA PRO A 101 12.78 -0.46 -26.53
C PRO A 101 11.99 0.39 -27.56
N THR A 102 12.33 1.69 -27.65
CA THR A 102 11.73 2.63 -28.59
C THR A 102 12.41 2.49 -29.97
N TYR A 103 11.83 1.66 -30.85
CA TYR A 103 12.30 1.51 -32.24
C TYR A 103 11.91 2.77 -33.02
N VAL A 104 12.83 3.72 -33.11
CA VAL A 104 12.65 4.97 -33.88
C VAL A 104 13.14 4.73 -35.32
N PRO A 105 12.24 4.59 -36.35
CA PRO A 105 12.64 4.42 -37.76
C PRO A 105 13.33 5.68 -38.30
N GLY A 106 14.56 5.52 -38.81
CA GLY A 106 15.28 6.59 -39.49
C GLY A 106 14.60 6.96 -40.80
N GLU A 107 14.53 5.97 -41.70
CA GLU A 107 13.86 6.08 -43.01
C GLU A 107 13.81 4.70 -43.69
N TYR A 108 12.72 4.45 -44.43
CA TYR A 108 12.51 3.17 -45.12
C TYR A 108 12.28 3.42 -46.62
N LYS A 109 13.19 2.89 -47.46
CA LYS A 109 13.05 2.91 -48.92
C LYS A 109 12.90 1.47 -49.43
N LEU A 110 12.19 1.32 -50.55
CA LEU A 110 12.03 0.04 -51.25
C LEU A 110 13.33 -0.29 -52.00
N GLY A 111 14.22 -1.03 -51.32
CA GLY A 111 15.50 -1.45 -51.89
C GLY A 111 16.68 -0.96 -51.06
N GLU A 112 16.72 0.35 -50.74
CA GLU A 112 17.79 0.95 -49.91
C GLU A 112 17.59 0.59 -48.42
N ASP A 113 18.72 0.50 -47.71
CA ASP A 113 18.85 -0.03 -46.33
C ASP A 113 17.98 0.74 -45.31
N PHE A 114 17.32 0.00 -44.40
CA PHE A 114 16.41 0.56 -43.38
C PHE A 114 17.17 0.81 -42.07
N THR A 115 17.59 2.06 -41.86
CA THR A 115 18.18 2.51 -40.59
C THR A 115 17.06 2.79 -39.57
N TYR A 116 17.29 2.42 -38.29
CA TYR A 116 16.36 2.65 -37.19
C TYR A 116 17.14 2.67 -35.85
N SER A 117 16.97 3.76 -35.09
CA SER A 117 17.61 3.98 -33.78
C SER A 117 16.74 3.36 -32.66
N VAL A 118 17.15 2.19 -32.15
CA VAL A 118 16.44 1.53 -31.03
C VAL A 118 16.93 2.15 -29.71
N GLU A 119 16.24 3.17 -29.24
CA GLU A 119 16.54 3.86 -27.99
C GLU A 119 15.79 3.19 -26.82
N PHE A 120 16.53 2.54 -25.94
CA PHE A 120 15.98 1.88 -24.74
C PHE A 120 16.81 2.30 -23.53
N GLU A 121 16.51 1.71 -22.37
CA GLU A 121 17.31 1.86 -21.14
C GLU A 121 17.63 0.49 -20.57
N VAL A 122 18.54 0.44 -19.58
CA VAL A 122 19.06 -0.82 -19.01
C VAL A 122 19.01 -0.79 -17.46
N TYR A 123 19.03 -1.99 -16.85
CA TYR A 123 19.22 -2.14 -15.38
C TYR A 123 20.69 -1.83 -15.03
N PRO A 124 20.99 -0.75 -14.24
CA PRO A 124 22.38 -0.35 -13.93
C PRO A 124 23.04 -1.27 -12.87
N GLU A 125 24.38 -1.24 -12.84
CA GLU A 125 25.16 -1.86 -11.75
C GLU A 125 25.01 -0.95 -10.52
N VAL A 126 24.64 -1.54 -9.38
CA VAL A 126 24.17 -0.81 -8.20
C VAL A 126 25.26 -0.72 -7.10
N GLU A 127 25.34 0.45 -6.43
CA GLU A 127 26.32 0.72 -5.37
C GLU A 127 25.83 0.21 -4.01
N LEU A 128 26.47 -0.85 -3.51
CA LEU A 128 26.26 -1.35 -2.14
C LEU A 128 27.24 -0.62 -1.19
N GLN A 129 26.73 0.41 -0.50
CA GLN A 129 27.56 1.32 0.32
C GLN A 129 26.78 1.71 1.59
N GLY A 130 27.46 1.73 2.74
CA GLY A 130 26.87 2.13 4.01
C GLY A 130 25.92 1.10 4.60
N LEU A 131 26.04 -0.17 4.12
CA LEU A 131 25.20 -1.28 4.56
C LEU A 131 25.45 -1.62 6.05
N GLU A 132 26.64 -1.23 6.54
CA GLU A 132 27.04 -1.37 7.94
C GLU A 132 26.46 -0.20 8.79
N ALA A 133 26.19 0.94 8.13
CA ALA A 133 25.69 2.15 8.82
C ALA A 133 24.21 2.02 9.20
N ILE A 134 23.54 1.01 8.63
CA ILE A 134 22.10 0.73 8.87
C ILE A 134 21.93 0.13 10.28
N GLU A 135 21.73 1.01 11.28
CA GLU A 135 21.46 0.60 12.67
C GLU A 135 19.95 0.37 12.84
N VAL A 136 19.52 -0.90 12.76
CA VAL A 136 18.11 -1.29 12.84
C VAL A 136 17.76 -1.59 14.30
N GLU A 137 16.87 -0.78 14.89
CA GLU A 137 16.36 -0.98 16.25
C GLU A 137 15.26 -2.05 16.20
N LYS A 138 15.60 -3.28 16.59
CA LYS A 138 14.66 -4.41 16.64
C LYS A 138 14.05 -4.52 18.05
N PRO A 139 12.74 -4.18 18.24
CA PRO A 139 12.07 -4.37 19.53
C PRO A 139 11.39 -5.76 19.62
N ILE A 140 11.82 -6.58 20.61
CA ILE A 140 11.10 -7.80 21.01
C ILE A 140 9.83 -7.37 21.76
N VAL A 141 8.81 -7.05 20.97
CA VAL A 141 7.49 -6.64 21.47
C VAL A 141 6.72 -7.89 21.89
N GLU A 142 6.36 -8.01 23.17
CA GLU A 142 5.58 -9.14 23.70
C GLU A 142 4.22 -8.63 24.21
N VAL A 143 3.21 -9.51 24.18
CA VAL A 143 1.90 -9.22 24.78
C VAL A 143 1.87 -9.82 26.19
N THR A 144 2.20 -8.99 27.22
CA THR A 144 2.20 -9.41 28.64
C THR A 144 0.76 -9.64 29.14
N ASP A 145 0.61 -10.17 30.37
CA ASP A 145 -0.71 -10.32 31.04
C ASP A 145 -1.48 -8.99 31.07
N ALA A 146 -0.73 -7.92 31.36
CA ALA A 146 -1.23 -6.55 31.39
C ALA A 146 -1.71 -6.08 30.01
N ASP A 147 -0.97 -6.48 28.96
CA ASP A 147 -1.30 -6.10 27.57
C ASP A 147 -2.48 -6.92 27.01
N VAL A 148 -2.65 -8.17 27.51
CA VAL A 148 -3.78 -9.04 27.13
C VAL A 148 -5.07 -8.46 27.69
N ASP A 149 -5.12 -8.28 29.02
CA ASP A 149 -6.29 -7.70 29.71
C ASP A 149 -6.42 -6.20 29.44
N GLY A 150 -5.32 -5.56 29.02
CA GLY A 150 -5.36 -4.18 28.52
C GLY A 150 -6.09 -4.09 27.19
N MET A 151 -5.79 -5.07 26.29
CA MET A 151 -6.47 -5.19 24.98
C MET A 151 -7.96 -5.53 25.17
N LEU A 152 -8.24 -6.46 26.12
CA LEU A 152 -9.62 -6.90 26.45
C LEU A 152 -10.44 -5.71 26.97
N ASP A 153 -9.83 -4.97 27.92
CA ASP A 153 -10.41 -3.76 28.54
C ASP A 153 -10.75 -2.71 27.47
N THR A 154 -9.78 -2.46 26.57
CA THR A 154 -9.92 -1.48 25.48
C THR A 154 -11.07 -1.86 24.51
N LEU A 155 -11.07 -3.12 24.00
CA LEU A 155 -12.07 -3.56 23.00
C LEU A 155 -13.49 -3.62 23.61
N ARG A 156 -13.54 -3.93 24.93
CA ARG A 156 -14.81 -3.90 25.68
C ARG A 156 -15.27 -2.45 25.93
N LYS A 157 -14.33 -1.51 26.04
CA LYS A 157 -14.65 -0.05 26.12
C LYS A 157 -15.02 0.54 24.75
N GLN A 158 -14.55 -0.11 23.66
CA GLN A 158 -14.94 0.26 22.28
C GLN A 158 -16.35 -0.26 21.97
N GLN A 159 -16.66 -1.47 22.46
CA GLN A 159 -17.99 -2.12 22.28
C GLN A 159 -18.84 -1.98 23.57
N ALA A 160 -18.58 -0.91 24.33
CA ALA A 160 -19.25 -0.66 25.63
C ALA A 160 -20.65 -0.06 25.46
N THR A 161 -21.48 -0.26 26.50
CA THR A 161 -22.84 0.28 26.56
C THR A 161 -22.80 1.66 27.23
N TRP A 162 -23.27 2.70 26.50
CA TRP A 162 -23.33 4.07 27.02
C TRP A 162 -24.53 4.21 27.98
N LYS A 163 -24.22 4.14 29.26
CA LYS A 163 -25.17 4.24 30.36
C LYS A 163 -25.17 5.68 30.88
N GLU A 164 -26.30 6.39 30.74
CA GLU A 164 -26.46 7.76 31.27
C GLU A 164 -26.45 7.69 32.81
N LYS A 165 -25.45 8.33 33.43
CA LYS A 165 -25.13 8.17 34.85
C LYS A 165 -25.07 9.52 35.59
N ASP A 166 -24.70 9.43 36.88
CA ASP A 166 -24.62 10.55 37.83
C ASP A 166 -23.55 10.23 38.88
N GLY A 167 -22.82 11.25 39.36
CA GLY A 167 -21.88 11.10 40.49
C GLY A 167 -20.45 11.48 40.17
N ALA A 168 -19.96 11.13 38.96
CA ALA A 168 -18.60 11.50 38.52
C ALA A 168 -18.50 11.50 36.99
N VAL A 169 -17.65 12.38 36.42
CA VAL A 169 -17.27 12.34 34.99
C VAL A 169 -15.89 11.66 34.85
N GLU A 170 -15.78 10.58 34.05
CA GLU A 170 -14.49 9.90 33.79
C GLU A 170 -13.88 10.39 32.47
N ALA A 171 -12.65 9.91 32.18
CA ALA A 171 -11.74 10.53 31.18
C ALA A 171 -12.11 10.26 29.72
N GLU A 172 -12.97 9.27 29.48
CA GLU A 172 -13.27 8.76 28.13
C GLU A 172 -14.79 8.72 27.86
N ASP A 173 -15.59 9.26 28.80
CA ASP A 173 -17.06 9.16 28.73
C ASP A 173 -17.67 10.20 27.76
N ARG A 174 -18.92 9.97 27.38
CA ARG A 174 -19.70 10.91 26.56
C ARG A 174 -20.46 11.88 27.47
N VAL A 175 -20.01 13.11 27.50
CA VAL A 175 -20.62 14.21 28.26
C VAL A 175 -21.48 15.08 27.32
N THR A 176 -22.58 15.62 27.85
CA THR A 176 -23.43 16.61 27.15
C THR A 176 -23.47 17.90 27.99
N ILE A 177 -23.08 19.04 27.37
CA ILE A 177 -23.03 20.37 28.06
C ILE A 177 -23.60 21.48 27.16
N ASP A 178 -23.99 22.60 27.79
CA ASP A 178 -24.22 23.88 27.09
C ASP A 178 -23.12 24.83 27.57
N PHE A 179 -22.12 25.16 26.73
CA PHE A 179 -21.00 26.03 27.18
C PHE A 179 -21.05 27.39 26.48
N THR A 180 -21.06 28.46 27.30
CA THR A 180 -21.32 29.83 26.88
C THR A 180 -20.31 30.80 27.51
N GLY A 181 -19.31 31.27 26.73
CA GLY A 181 -18.33 32.23 27.21
C GLY A 181 -17.68 33.00 26.08
N SER A 182 -16.76 33.89 26.46
CA SER A 182 -16.01 34.77 25.53
C SER A 182 -14.60 34.23 25.32
N VAL A 183 -14.19 34.09 24.05
CA VAL A 183 -12.81 33.72 23.67
C VAL A 183 -12.01 35.01 23.42
N ASP A 184 -11.04 35.27 24.29
CA ASP A 184 -10.12 36.45 24.19
C ASP A 184 -10.92 37.78 24.33
N GLY A 185 -12.05 37.69 25.07
CA GLY A 185 -12.92 38.84 25.31
C GLY A 185 -13.96 39.06 24.21
N GLU A 186 -14.10 38.09 23.30
CA GLU A 186 -15.09 38.15 22.19
C GLU A 186 -15.77 36.79 22.00
N GLU A 187 -17.10 36.80 21.87
CA GLU A 187 -17.90 35.58 21.69
C GLU A 187 -17.96 35.19 20.20
N PHE A 188 -17.14 34.19 19.82
CA PHE A 188 -17.15 33.58 18.47
C PHE A 188 -18.22 32.45 18.40
N GLU A 189 -18.29 31.76 17.24
CA GLU A 189 -18.97 30.44 17.11
C GLU A 189 -18.34 29.45 18.13
N GLY A 190 -19.11 28.51 18.68
CA GLY A 190 -18.60 27.61 19.72
C GLY A 190 -18.60 28.27 21.10
N GLY A 191 -18.37 29.61 21.13
CA GLY A 191 -18.56 30.44 22.32
C GLY A 191 -19.92 30.26 22.94
N LYS A 192 -20.93 29.93 22.11
CA LYS A 192 -22.23 29.41 22.56
C LYS A 192 -22.51 28.11 21.81
N ALA A 193 -22.64 27.00 22.55
CA ALA A 193 -22.93 25.69 21.97
C ALA A 193 -23.76 24.88 22.96
N SER A 194 -24.97 24.47 22.55
CA SER A 194 -25.88 23.67 23.38
C SER A 194 -25.81 22.19 22.96
N ASP A 195 -25.93 21.30 23.98
CA ASP A 195 -25.94 19.83 23.82
C ASP A 195 -24.64 19.32 23.16
N PHE A 196 -23.53 20.02 23.45
CA PHE A 196 -22.17 19.65 22.98
C PHE A 196 -21.81 18.26 23.53
N VAL A 197 -22.05 17.25 22.70
CA VAL A 197 -21.81 15.84 23.03
C VAL A 197 -20.32 15.52 22.83
N LEU A 198 -19.53 15.72 23.90
CA LEU A 198 -18.09 15.46 23.92
C LEU A 198 -17.81 14.05 24.46
N ALA A 199 -17.59 13.09 23.55
CA ALA A 199 -16.99 11.79 23.91
C ALA A 199 -15.49 12.03 24.14
N MET A 200 -15.15 12.44 25.38
CA MET A 200 -13.81 12.96 25.76
C MET A 200 -12.71 11.86 25.73
N GLY A 201 -11.48 12.28 26.11
CA GLY A 201 -10.28 11.46 25.91
C GLY A 201 -9.71 11.63 24.52
N GLN A 202 -10.21 12.66 23.79
CA GLN A 202 -9.78 12.97 22.42
C GLN A 202 -9.05 14.33 22.42
N GLY A 203 -7.86 14.39 21.80
CA GLY A 203 -7.03 15.60 21.79
C GLY A 203 -7.38 16.59 20.67
N ARG A 204 -8.67 16.71 20.35
CA ARG A 204 -9.19 17.63 19.31
C ARG A 204 -9.54 18.97 19.96
N MET A 205 -10.24 18.86 21.10
CA MET A 205 -10.55 19.99 21.99
C MET A 205 -9.30 20.33 22.82
N ILE A 206 -9.31 21.54 23.41
CA ILE A 206 -8.30 22.04 24.35
C ILE A 206 -8.03 21.00 25.46
N PRO A 207 -6.76 20.51 25.63
CA PRO A 207 -6.37 19.71 26.80
C PRO A 207 -6.54 20.58 28.07
N GLY A 208 -7.47 20.19 28.96
CA GLY A 208 -7.88 21.01 30.11
C GLY A 208 -9.37 21.30 30.10
N PHE A 209 -9.95 21.54 28.89
CA PHE A 209 -11.40 21.80 28.74
C PHE A 209 -12.22 20.62 29.28
N GLU A 210 -11.86 19.40 28.84
CA GLU A 210 -12.53 18.17 29.28
C GLU A 210 -12.30 17.93 30.78
N ASP A 211 -11.07 18.26 31.26
CA ASP A 211 -10.66 18.03 32.67
C ASP A 211 -11.43 18.95 33.63
N GLY A 212 -11.82 20.14 33.12
CA GLY A 212 -12.67 21.07 33.87
C GLY A 212 -14.05 20.49 34.14
N ILE A 213 -14.57 19.76 33.14
CA ILE A 213 -15.83 19.01 33.23
C ILE A 213 -15.68 17.81 34.22
N LYS A 214 -14.52 17.14 34.12
CA LYS A 214 -14.21 15.90 34.87
C LYS A 214 -14.03 16.16 36.38
N GLY A 215 -13.81 17.43 36.76
CA GLY A 215 -13.79 17.82 38.18
C GLY A 215 -15.19 17.98 38.77
N HIS A 216 -16.23 17.65 37.98
CA HIS A 216 -17.66 17.75 38.37
C HIS A 216 -18.38 16.43 38.06
N LYS A 217 -19.72 16.37 38.26
CA LYS A 217 -20.43 15.07 38.37
C LYS A 217 -21.44 14.76 37.23
N ALA A 218 -22.57 15.50 37.15
CA ALA A 218 -23.62 15.23 36.11
C ALA A 218 -24.40 16.49 35.68
N GLY A 219 -25.07 17.15 36.64
CA GLY A 219 -26.07 18.20 36.33
C GLY A 219 -25.83 19.52 37.06
N GLU A 220 -24.61 20.09 36.93
CA GLU A 220 -24.24 21.35 37.64
C GLU A 220 -23.56 22.36 36.70
N GLU A 221 -23.92 23.65 36.85
CA GLU A 221 -23.32 24.75 36.07
C GLU A 221 -22.02 25.22 36.75
N PHE A 222 -21.03 25.59 35.93
CA PHE A 222 -19.74 26.14 36.39
C PHE A 222 -19.06 26.88 35.22
N THR A 223 -17.86 27.39 35.48
CA THR A 223 -17.02 28.06 34.45
C THR A 223 -15.60 27.50 34.52
N ILE A 224 -14.91 27.42 33.37
CA ILE A 224 -13.50 26.95 33.30
C ILE A 224 -12.63 27.95 32.51
N ASP A 225 -11.39 28.15 33.02
CA ASP A 225 -10.37 28.98 32.38
C ASP A 225 -9.54 28.10 31.44
N VAL A 226 -9.88 28.12 30.15
CA VAL A 226 -9.14 27.39 29.09
C VAL A 226 -8.20 28.34 28.34
N THR A 227 -7.17 27.76 27.73
CA THR A 227 -6.31 28.42 26.76
C THR A 227 -6.03 27.43 25.62
N PHE A 228 -6.61 27.75 24.45
CA PHE A 228 -6.44 27.01 23.18
C PHE A 228 -4.96 26.68 22.88
N PRO A 229 -4.68 25.48 22.30
CA PRO A 229 -3.32 24.97 22.15
C PRO A 229 -2.62 25.50 20.88
N GLU A 230 -1.30 25.28 20.82
CA GLU A 230 -0.51 25.50 19.59
C GLU A 230 -0.68 24.30 18.63
N GLU A 231 -1.49 23.32 19.06
CA GLU A 231 -1.91 22.18 18.24
C GLU A 231 -2.99 22.64 17.26
N TYR A 232 -3.72 23.68 17.66
CA TYR A 232 -4.80 24.28 16.88
C TYR A 232 -4.21 25.12 15.73
N HIS A 233 -4.65 24.82 14.49
CA HIS A 233 -4.13 25.43 13.25
C HIS A 233 -5.04 26.56 12.75
N ALA A 234 -5.95 27.06 13.61
CA ALA A 234 -6.71 28.29 13.35
C ALA A 234 -6.00 29.42 14.10
N GLU A 235 -5.39 30.37 13.36
CA GLU A 235 -4.59 31.48 13.93
C GLU A 235 -5.41 32.34 14.91
N ASN A 236 -6.65 32.63 14.51
CA ASN A 236 -7.62 33.43 15.30
C ASN A 236 -8.04 32.74 16.61
N LEU A 237 -7.76 31.43 16.74
CA LEU A 237 -8.19 30.62 17.90
C LEU A 237 -7.01 30.13 18.74
N LYS A 238 -5.87 29.86 18.10
CA LYS A 238 -4.72 29.22 18.78
C LYS A 238 -4.08 30.21 19.78
N GLY A 239 -3.71 29.69 20.97
CA GLY A 239 -3.10 30.51 22.04
C GLY A 239 -4.08 31.47 22.72
N LYS A 240 -5.37 31.46 22.32
CA LYS A 240 -6.41 32.34 22.90
C LYS A 240 -6.92 31.75 24.22
N ALA A 241 -7.22 32.61 25.20
CA ALA A 241 -7.78 32.18 26.49
C ALA A 241 -9.27 32.54 26.57
N ALA A 242 -10.10 31.57 26.96
CA ALA A 242 -11.56 31.74 27.06
C ALA A 242 -12.07 31.29 28.43
N LYS A 243 -13.25 31.79 28.82
CA LYS A 243 -13.94 31.37 30.06
C LYS A 243 -15.39 30.99 29.70
N PHE A 244 -15.62 29.68 29.51
CA PHE A 244 -16.93 29.14 29.11
C PHE A 244 -17.73 28.72 30.34
N ALA A 245 -18.99 29.21 30.43
CA ALA A 245 -19.96 28.78 31.44
C ALA A 245 -20.52 27.40 31.05
N ILE A 246 -19.84 26.35 31.54
CA ILE A 246 -20.17 24.95 31.27
C ILE A 246 -21.41 24.53 32.09
N ASN A 247 -22.56 24.48 31.42
CA ASN A 247 -23.79 23.91 31.98
C ASN A 247 -23.72 22.39 31.79
N LEU A 248 -23.13 21.70 32.78
CA LEU A 248 -23.00 20.24 32.75
C LEU A 248 -24.39 19.61 32.90
N LYS A 249 -24.82 18.83 31.89
CA LYS A 249 -26.21 18.32 31.79
C LYS A 249 -26.23 16.81 32.05
N LYS A 250 -25.47 16.08 31.23
CA LYS A 250 -25.45 14.61 31.20
C LYS A 250 -24.02 14.10 31.16
N VAL A 251 -23.89 12.82 31.55
CA VAL A 251 -22.66 12.02 31.41
C VAL A 251 -23.11 10.61 31.04
N GLU A 252 -22.37 9.93 30.16
CA GLU A 252 -22.67 8.55 29.76
C GLU A 252 -21.39 7.72 29.85
N GLU A 253 -21.36 6.86 30.87
CA GLU A 253 -20.27 5.91 31.10
C GLU A 253 -20.22 4.89 29.98
N ARG A 254 -19.03 4.65 29.44
CA ARG A 254 -18.81 3.53 28.55
C ARG A 254 -18.61 2.26 29.41
N GLU A 255 -19.70 1.85 30.09
CA GLU A 255 -19.68 0.70 30.99
C GLU A 255 -19.41 -0.58 30.21
N LEU A 256 -18.49 -1.41 30.74
CA LEU A 256 -18.10 -2.69 30.14
C LEU A 256 -19.36 -3.52 29.84
N PRO A 257 -19.52 -4.05 28.58
CA PRO A 257 -20.77 -4.69 28.12
C PRO A 257 -20.95 -6.09 28.73
N GLU A 258 -21.91 -6.86 28.19
CA GLU A 258 -22.09 -8.25 28.58
C GLU A 258 -20.82 -9.09 28.30
N LEU A 259 -20.67 -10.16 29.06
CA LEU A 259 -19.64 -11.19 28.87
C LEU A 259 -20.34 -12.55 28.70
N THR A 260 -21.69 -12.49 28.53
CA THR A 260 -22.57 -13.65 28.26
C THR A 260 -22.03 -14.46 27.06
N ALA A 261 -22.11 -15.81 27.18
CA ALA A 261 -21.55 -16.78 26.22
C ALA A 261 -21.83 -16.40 24.75
N GLU A 262 -23.12 -16.10 24.47
CA GLU A 262 -23.61 -15.79 23.10
C GLU A 262 -23.14 -14.42 22.58
N PHE A 263 -22.72 -13.54 23.50
CA PHE A 263 -22.14 -12.22 23.14
C PHE A 263 -20.64 -12.36 22.82
N ILE A 264 -19.89 -12.93 23.77
CA ILE A 264 -18.42 -13.08 23.66
C ILE A 264 -18.02 -14.04 22.50
N LYS A 265 -18.89 -15.03 22.17
CA LYS A 265 -18.65 -15.92 21.01
C LYS A 265 -18.99 -15.24 19.67
N ARG A 266 -19.76 -14.11 19.73
CA ARG A 266 -20.25 -13.41 18.53
C ARG A 266 -19.09 -12.76 17.76
N PHE A 267 -17.95 -12.58 18.46
CA PHE A 267 -16.71 -12.05 17.87
C PHE A 267 -16.00 -13.08 16.96
N GLY A 268 -16.45 -14.36 17.02
CA GLY A 268 -15.96 -15.40 16.10
C GLY A 268 -15.30 -16.56 16.84
N VAL A 269 -15.98 -17.06 17.89
CA VAL A 269 -15.54 -18.23 18.68
C VAL A 269 -16.72 -19.23 18.78
N GLU A 270 -16.40 -20.53 18.93
CA GLU A 270 -17.42 -21.61 19.04
C GLU A 270 -18.07 -21.59 20.42
N ASP A 271 -17.21 -21.49 21.44
CA ASP A 271 -17.62 -21.38 22.84
C ASP A 271 -17.00 -20.11 23.43
N GLY A 272 -17.84 -19.13 23.77
CA GLY A 272 -17.39 -17.88 24.34
C GLY A 272 -16.98 -18.04 25.82
N SER A 273 -15.84 -18.71 26.05
CA SER A 273 -15.22 -18.82 27.38
C SER A 273 -14.15 -17.74 27.48
N VAL A 274 -14.05 -17.09 28.65
CA VAL A 274 -13.09 -15.98 28.87
C VAL A 274 -11.64 -16.45 28.60
N GLU A 275 -11.32 -17.64 29.17
CA GLU A 275 -10.05 -18.36 28.93
C GLU A 275 -9.82 -18.62 27.42
N GLY A 276 -10.94 -18.86 26.70
CA GLY A 276 -10.91 -19.15 25.26
C GLY A 276 -10.80 -17.88 24.45
N LEU A 277 -11.20 -16.73 25.06
CA LEU A 277 -11.12 -15.42 24.41
C LEU A 277 -9.68 -14.94 24.48
N ARG A 278 -9.02 -15.18 25.63
CA ARG A 278 -7.59 -14.86 25.80
C ARG A 278 -6.73 -15.73 24.87
N ALA A 279 -7.12 -17.00 24.66
CA ALA A 279 -6.42 -17.94 23.76
C ALA A 279 -6.63 -17.56 22.28
N GLU A 280 -7.86 -17.11 21.96
CA GLU A 280 -8.25 -16.63 20.62
C GLU A 280 -7.43 -15.36 20.26
N VAL A 281 -7.52 -14.35 21.16
CA VAL A 281 -6.74 -13.10 21.10
C VAL A 281 -5.24 -13.39 21.05
N ARG A 282 -4.79 -14.39 21.82
CA ARG A 282 -3.37 -14.78 21.89
C ARG A 282 -2.87 -15.23 20.50
N LYS A 283 -3.50 -16.28 19.95
CA LYS A 283 -3.03 -16.92 18.71
C LYS A 283 -3.16 -15.97 17.50
N ASN A 284 -4.24 -15.15 17.47
CA ASN A 284 -4.51 -14.20 16.37
C ASN A 284 -3.54 -13.01 16.43
N MET A 285 -3.39 -12.42 17.63
CA MET A 285 -2.61 -11.18 17.82
C MET A 285 -1.11 -11.44 17.98
N GLU A 286 -0.68 -12.71 18.22
CA GLU A 286 0.77 -13.07 18.16
C GLU A 286 1.21 -13.22 16.69
N ARG A 287 0.27 -13.67 15.85
CA ARG A 287 0.48 -13.74 14.41
C ARG A 287 0.54 -12.31 13.84
N GLU A 288 -0.42 -11.47 14.27
CA GLU A 288 -0.48 -10.04 13.94
C GLU A 288 0.74 -9.29 14.55
N LEU A 289 1.18 -9.73 15.75
CA LEU A 289 2.33 -9.15 16.48
C LEU A 289 3.62 -9.34 15.68
N LYS A 290 3.98 -10.61 15.41
CA LYS A 290 5.23 -10.97 14.71
C LYS A 290 5.23 -10.38 13.29
N SER A 291 4.03 -10.28 12.69
CA SER A 291 3.82 -9.68 11.37
C SER A 291 4.15 -8.18 11.39
N ALA A 292 3.68 -7.49 12.45
CA ALA A 292 3.90 -6.04 12.63
C ALA A 292 5.35 -5.73 13.09
N ILE A 293 5.98 -6.66 13.85
CA ILE A 293 7.42 -6.58 14.24
C ILE A 293 8.28 -6.79 12.98
N ARG A 294 7.79 -7.67 12.11
CA ARG A 294 8.44 -7.97 10.83
C ARG A 294 8.42 -6.73 9.93
N ASN A 295 7.24 -6.07 9.89
CA ASN A 295 7.04 -4.80 9.15
C ASN A 295 7.85 -3.65 9.77
N ARG A 296 8.03 -3.69 11.11
CA ARG A 296 8.84 -2.71 11.87
C ARG A 296 10.33 -2.78 11.44
N VAL A 297 10.93 -3.97 11.62
CA VAL A 297 12.33 -4.24 11.25
C VAL A 297 12.56 -4.00 9.74
N LYS A 298 11.58 -4.43 8.92
CA LYS A 298 11.61 -4.25 7.45
C LYS A 298 11.65 -2.76 7.09
N SER A 299 10.70 -1.96 7.63
CA SER A 299 10.57 -0.52 7.28
C SER A 299 11.83 0.28 7.66
N GLN A 300 12.38 0.00 8.87
CA GLN A 300 13.62 0.62 9.36
C GLN A 300 14.81 0.25 8.46
N ALA A 301 14.88 -1.04 8.09
CA ALA A 301 15.92 -1.57 7.21
C ALA A 301 15.90 -0.89 5.84
N ILE A 302 14.70 -0.84 5.22
CA ILE A 302 14.47 -0.24 3.88
C ILE A 302 14.89 1.24 3.87
N GLU A 303 14.35 2.01 4.84
CA GLU A 303 14.57 3.44 4.96
C GLU A 303 16.06 3.76 5.15
N GLY A 304 16.68 3.08 6.14
CA GLY A 304 18.09 3.25 6.47
C GLY A 304 19.03 2.81 5.33
N LEU A 305 18.60 1.77 4.60
CA LEU A 305 19.34 1.20 3.45
C LEU A 305 19.49 2.28 2.38
N VAL A 306 18.34 2.74 1.86
CA VAL A 306 18.30 3.71 0.77
C VAL A 306 18.99 5.03 1.18
N LYS A 307 18.75 5.43 2.45
CA LYS A 307 19.33 6.63 3.07
C LYS A 307 20.88 6.57 3.08
N ALA A 308 21.43 5.36 3.31
CA ALA A 308 22.88 5.11 3.34
C ALA A 308 23.46 4.80 1.94
N ASN A 309 22.59 4.67 0.91
CA ASN A 309 22.98 4.19 -0.45
C ASN A 309 22.63 5.20 -1.55
N ASP A 310 23.22 4.99 -2.74
CA ASP A 310 23.00 5.84 -3.95
C ASP A 310 22.91 4.93 -5.19
N ILE A 311 21.83 5.08 -5.97
CA ILE A 311 21.70 4.47 -7.32
C ILE A 311 20.60 5.16 -8.13
N ASP A 312 20.83 5.32 -9.44
CA ASP A 312 19.84 5.83 -10.40
C ASP A 312 19.06 4.69 -11.01
N VAL A 313 17.87 5.04 -11.47
CA VAL A 313 16.94 4.11 -12.11
C VAL A 313 16.67 4.56 -13.54
N PRO A 314 16.57 3.60 -14.53
CA PRO A 314 16.02 3.90 -15.88
C PRO A 314 14.60 4.50 -15.79
N ALA A 315 14.39 5.62 -16.50
CA ALA A 315 13.12 6.38 -16.51
C ALA A 315 11.92 5.51 -16.87
N ALA A 316 12.15 4.42 -17.62
CA ALA A 316 11.11 3.45 -18.01
C ALA A 316 10.47 2.79 -16.77
N LEU A 317 11.32 2.30 -15.85
CA LEU A 317 10.88 1.62 -14.61
C LEU A 317 10.22 2.63 -13.66
N ILE A 318 10.79 3.86 -13.62
CA ILE A 318 10.25 4.97 -12.82
C ILE A 318 8.83 5.28 -13.28
N ASP A 319 8.66 5.43 -14.61
CA ASP A 319 7.37 5.73 -15.27
C ASP A 319 6.33 4.64 -15.00
N SER A 320 6.80 3.37 -14.97
CA SER A 320 5.95 2.22 -14.60
C SER A 320 5.35 2.41 -13.19
N GLU A 321 6.26 2.66 -12.21
CA GLU A 321 5.88 2.87 -10.80
C GLU A 321 5.02 4.14 -10.61
N ILE A 322 5.38 5.24 -11.33
CA ILE A 322 4.62 6.51 -11.34
C ILE A 322 3.18 6.24 -11.74
N ASP A 323 3.04 5.49 -12.87
CA ASP A 323 1.74 5.20 -13.48
C ASP A 323 0.86 4.39 -12.53
N VAL A 324 1.44 3.35 -11.89
CA VAL A 324 0.74 2.51 -10.89
C VAL A 324 0.25 3.37 -9.70
N LEU A 325 1.13 4.27 -9.23
CA LEU A 325 0.81 5.22 -8.13
C LEU A 325 -0.25 6.24 -8.57
N ARG A 326 -0.28 6.57 -9.89
CA ARG A 326 -1.26 7.50 -10.49
C ARG A 326 -2.63 6.81 -10.64
N ARG A 327 -2.63 5.48 -10.88
CA ARG A 327 -3.87 4.67 -10.96
C ARG A 327 -4.52 4.61 -9.58
N GLN A 328 -3.70 4.25 -8.56
CA GLN A 328 -4.11 4.14 -7.16
C GLN A 328 -4.59 5.50 -6.61
N ALA A 329 -3.94 6.58 -7.08
CA ALA A 329 -4.30 7.96 -6.72
C ALA A 329 -5.64 8.35 -7.37
N ALA A 330 -5.76 8.11 -8.70
CA ALA A 330 -6.97 8.44 -9.48
C ALA A 330 -8.22 7.73 -8.91
N GLN A 331 -7.98 6.51 -8.38
CA GLN A 331 -8.97 5.71 -7.64
C GLN A 331 -9.44 6.49 -6.39
N ARG A 332 -8.47 7.08 -5.66
CA ARG A 332 -8.75 7.85 -4.42
C ARG A 332 -9.27 9.27 -4.75
N PHE A 333 -9.01 9.71 -5.98
CA PHE A 333 -9.37 11.05 -6.48
C PHE A 333 -10.83 11.07 -7.00
N GLY A 334 -11.52 9.91 -6.91
CA GLY A 334 -12.93 9.79 -7.32
C GLY A 334 -13.13 8.79 -8.45
N GLY A 335 -12.09 7.97 -8.73
CA GLY A 335 -12.15 6.95 -9.79
C GLY A 335 -12.22 7.56 -11.19
N ASN A 336 -11.53 8.70 -11.37
CA ASN A 336 -11.57 9.51 -12.60
C ASN A 336 -10.95 8.76 -13.78
N GLU A 337 -11.66 8.83 -14.94
CA GLU A 337 -11.33 8.12 -16.20
C GLU A 337 -9.94 8.48 -16.72
N LYS A 338 -8.93 7.72 -16.23
CA LYS A 338 -7.55 7.76 -16.72
C LYS A 338 -6.92 9.17 -16.66
N GLN A 339 -7.47 10.02 -15.75
CA GLN A 339 -6.91 11.36 -15.42
C GLN A 339 -5.62 11.18 -14.56
N ALA A 340 -5.34 9.89 -14.23
CA ALA A 340 -4.09 9.43 -13.64
C ALA A 340 -2.85 10.10 -14.28
N LEU A 341 -2.73 9.95 -15.61
CA LEU A 341 -1.60 10.48 -16.40
C LEU A 341 -1.43 12.02 -16.24
N GLU A 342 -2.56 12.72 -16.02
CA GLU A 342 -2.58 14.19 -15.83
C GLU A 342 -2.09 14.56 -14.41
N LEU A 343 -2.32 13.67 -13.41
CA LEU A 343 -1.96 13.93 -12.00
C LEU A 343 -0.43 14.21 -11.88
N PRO A 344 -0.01 15.29 -11.11
CA PRO A 344 1.38 15.83 -11.13
C PRO A 344 2.49 14.77 -10.93
N ARG A 345 3.23 14.48 -12.04
CA ARG A 345 4.23 13.40 -12.15
C ARG A 345 5.19 13.34 -10.95
N GLU A 346 5.78 14.51 -10.59
CA GLU A 346 6.81 14.61 -9.54
C GLU A 346 6.30 14.18 -8.16
N LEU A 347 4.96 14.33 -7.91
CA LEU A 347 4.33 13.88 -6.63
C LEU A 347 4.40 12.34 -6.50
N PHE A 348 4.54 11.67 -7.66
CA PHE A 348 4.61 10.21 -7.75
C PHE A 348 6.04 9.75 -8.04
N GLU A 349 6.82 10.58 -8.76
CA GLU A 349 8.18 10.22 -9.24
C GLU A 349 9.18 10.15 -8.08
N GLU A 350 9.06 11.11 -7.16
CA GLU A 350 9.94 11.22 -5.98
C GLU A 350 9.92 9.91 -5.16
N GLN A 351 8.71 9.35 -4.99
CA GLN A 351 8.50 8.08 -4.27
C GLN A 351 8.65 6.85 -5.21
N ALA A 352 8.34 7.03 -6.52
CA ALA A 352 8.39 5.92 -7.50
C ALA A 352 9.83 5.45 -7.69
N LYS A 353 10.70 6.40 -8.13
CA LYS A 353 12.13 6.15 -8.29
C LYS A 353 12.73 5.61 -6.99
N ARG A 354 12.27 6.16 -5.84
CA ARG A 354 12.68 5.74 -4.50
C ARG A 354 12.36 4.24 -4.29
N ARG A 355 11.16 3.81 -4.76
CA ARG A 355 10.68 2.40 -4.66
C ARG A 355 11.58 1.47 -5.50
N VAL A 356 11.91 1.90 -6.74
CA VAL A 356 12.76 1.11 -7.65
C VAL A 356 14.20 1.07 -7.13
N VAL A 357 14.64 2.20 -6.49
CA VAL A 357 15.99 2.32 -5.88
C VAL A 357 16.14 1.23 -4.81
N VAL A 358 15.09 1.06 -3.95
CA VAL A 358 15.06 -0.05 -2.98
C VAL A 358 15.20 -1.41 -3.71
N GLY A 359 14.41 -1.56 -4.80
CA GLY A 359 14.37 -2.81 -5.59
C GLY A 359 15.69 -3.13 -6.29
N LEU A 360 16.50 -2.09 -6.60
CA LEU A 360 17.81 -2.24 -7.25
C LEU A 360 18.90 -2.54 -6.20
N LEU A 361 18.83 -1.88 -5.02
CA LEU A 361 19.76 -2.10 -3.89
C LEU A 361 19.64 -3.53 -3.37
N LEU A 362 18.38 -3.93 -3.13
CA LEU A 362 18.02 -5.29 -2.72
C LEU A 362 18.27 -6.27 -3.86
N GLY A 363 18.00 -5.85 -5.11
CA GLY A 363 18.28 -6.68 -6.30
C GLY A 363 19.77 -6.96 -6.47
N GLU A 364 20.61 -5.99 -6.03
CA GLU A 364 22.06 -6.09 -6.11
C GLU A 364 22.62 -7.01 -5.02
N VAL A 365 22.20 -6.80 -3.75
CA VAL A 365 22.63 -7.66 -2.63
C VAL A 365 22.16 -9.12 -2.87
N ILE A 366 21.01 -9.24 -3.57
CA ILE A 366 20.52 -10.52 -4.08
C ILE A 366 21.56 -11.12 -5.04
N ARG A 367 21.90 -10.40 -6.14
CA ARG A 367 22.81 -10.92 -7.18
C ARG A 367 24.17 -11.35 -6.57
N THR A 368 24.73 -10.45 -5.75
CA THR A 368 25.98 -10.68 -5.01
C THR A 368 25.90 -11.95 -4.13
N ASN A 369 24.76 -12.10 -3.41
CA ASN A 369 24.51 -13.27 -2.51
C ASN A 369 23.66 -14.36 -3.23
N GLU A 370 23.65 -14.33 -4.60
CA GLU A 370 22.97 -15.34 -5.48
C GLU A 370 21.57 -15.79 -4.98
N LEU A 371 20.76 -14.81 -4.52
CA LEU A 371 19.44 -15.07 -3.92
C LEU A 371 18.34 -15.27 -4.98
N LYS A 372 17.27 -15.95 -4.53
CA LYS A 372 16.03 -16.17 -5.27
C LYS A 372 14.90 -16.40 -4.24
N ALA A 373 13.65 -16.55 -4.72
CA ALA A 373 12.52 -16.88 -3.84
C ALA A 373 12.70 -18.31 -3.33
N ASP A 374 13.03 -18.44 -2.03
CA ASP A 374 13.39 -19.72 -1.42
C ASP A 374 12.12 -20.54 -1.12
N GLU A 375 11.93 -21.65 -1.87
CA GLU A 375 10.71 -22.49 -1.81
C GLU A 375 10.46 -23.07 -0.41
N GLU A 376 11.54 -23.36 0.32
CA GLU A 376 11.46 -23.84 1.70
C GLU A 376 10.89 -22.74 2.63
N ARG A 377 11.25 -21.47 2.35
CA ARG A 377 10.78 -20.33 3.15
C ARG A 377 9.29 -20.09 2.87
N VAL A 378 8.94 -20.06 1.56
CA VAL A 378 7.56 -19.90 1.08
C VAL A 378 6.65 -20.97 1.73
N LYS A 379 7.11 -22.24 1.65
CA LYS A 379 6.40 -23.42 2.16
C LYS A 379 6.32 -23.40 3.70
N GLY A 380 7.37 -22.85 4.36
CA GLY A 380 7.38 -22.70 5.82
C GLY A 380 6.32 -21.72 6.31
N LEU A 381 6.18 -20.62 5.56
CA LEU A 381 5.14 -19.61 5.79
C LEU A 381 3.75 -20.15 5.42
N ILE A 382 3.70 -21.08 4.43
CA ILE A 382 2.48 -21.83 4.06
C ILE A 382 2.07 -22.77 5.22
N GLU A 383 3.07 -23.32 5.94
CA GLU A 383 2.83 -24.15 7.15
C GLU A 383 2.24 -23.30 8.29
N GLU A 384 2.80 -22.08 8.47
CA GLU A 384 2.28 -21.12 9.47
C GLU A 384 0.83 -20.70 9.14
N MET A 385 0.54 -20.51 7.83
CA MET A 385 -0.80 -20.18 7.31
C MET A 385 -1.79 -21.34 7.56
N ALA A 386 -1.32 -22.54 7.26
CA ALA A 386 -2.10 -23.78 7.32
C ALA A 386 -2.58 -24.03 8.76
N SER A 387 -1.61 -24.01 9.69
CA SER A 387 -1.82 -24.21 11.12
C SER A 387 -2.68 -23.08 11.73
N ALA A 388 -2.63 -21.89 11.09
CA ALA A 388 -3.43 -20.71 11.50
C ALA A 388 -4.93 -20.88 11.16
N TYR A 389 -5.24 -21.84 10.25
CA TYR A 389 -6.62 -22.11 9.83
C TYR A 389 -7.05 -23.51 10.29
N GLU A 390 -8.33 -23.81 10.02
CA GLU A 390 -9.02 -25.01 10.53
C GLU A 390 -8.41 -26.28 9.91
N ASP A 391 -8.40 -26.30 8.57
CA ASP A 391 -7.79 -27.39 7.79
C ASP A 391 -6.67 -26.82 6.91
N PRO A 392 -5.40 -27.30 7.05
CA PRO A 392 -4.29 -26.98 6.13
C PRO A 392 -4.63 -27.20 4.64
N LYS A 393 -4.99 -28.45 4.33
CA LYS A 393 -4.97 -29.04 2.97
C LYS A 393 -5.75 -28.19 1.94
N GLU A 394 -7.01 -27.90 2.27
CA GLU A 394 -7.93 -27.16 1.38
C GLU A 394 -7.47 -25.71 1.17
N VAL A 395 -6.75 -25.13 2.19
CA VAL A 395 -6.28 -23.74 2.12
C VAL A 395 -5.07 -23.65 1.19
N ILE A 396 -4.17 -24.65 1.32
CA ILE A 396 -2.94 -24.74 0.51
C ILE A 396 -3.30 -24.89 -1.00
N GLU A 397 -4.31 -25.73 -1.28
CA GLU A 397 -4.85 -25.91 -2.65
C GLU A 397 -5.53 -24.62 -3.17
N PHE A 398 -6.44 -24.05 -2.36
CA PHE A 398 -7.12 -22.75 -2.61
C PHE A 398 -6.10 -21.63 -2.94
N TYR A 399 -4.97 -21.71 -2.24
CA TYR A 399 -3.89 -20.73 -2.30
C TYR A 399 -3.14 -20.83 -3.64
N SER A 400 -2.55 -22.02 -3.90
CA SER A 400 -1.65 -22.27 -5.04
C SER A 400 -2.35 -22.06 -6.39
N LYS A 401 -3.68 -22.31 -6.42
CA LYS A 401 -4.52 -22.07 -7.61
C LYS A 401 -4.65 -20.56 -7.90
N ASN A 402 -4.64 -19.74 -6.84
CA ASN A 402 -4.61 -18.29 -6.99
C ASN A 402 -3.15 -17.87 -7.25
N LYS A 403 -2.75 -17.98 -8.53
CA LYS A 403 -1.37 -17.70 -9.02
C LYS A 403 -0.92 -16.29 -8.66
N GLU A 404 -1.90 -15.37 -8.65
CA GLU A 404 -1.70 -13.97 -8.28
C GLU A 404 -1.10 -13.86 -6.86
N LEU A 405 -1.55 -14.74 -5.96
CA LEU A 405 -1.14 -14.76 -4.56
C LEU A 405 0.07 -15.70 -4.34
N MET A 406 0.17 -16.76 -5.17
CA MET A 406 1.24 -17.77 -5.10
C MET A 406 2.61 -17.13 -5.47
N ASP A 407 2.65 -16.46 -6.65
CA ASP A 407 3.82 -15.67 -7.09
C ASP A 407 4.12 -14.54 -6.09
N ASN A 408 3.04 -13.86 -5.65
CA ASN A 408 3.10 -12.74 -4.69
C ASN A 408 3.87 -13.14 -3.42
N MET A 409 3.53 -14.34 -2.90
CA MET A 409 4.14 -14.89 -1.67
C MET A 409 5.63 -15.15 -1.85
N ARG A 410 5.98 -15.64 -3.05
CA ARG A 410 7.37 -15.90 -3.42
C ARG A 410 8.15 -14.57 -3.53
N ASN A 411 7.45 -13.51 -4.00
CA ASN A 411 8.00 -12.14 -4.08
C ASN A 411 8.17 -11.55 -2.66
N VAL A 412 7.26 -11.92 -1.72
CA VAL A 412 7.35 -11.51 -0.30
C VAL A 412 8.58 -12.17 0.35
N ALA A 413 8.68 -13.51 0.22
CA ALA A 413 9.78 -14.32 0.78
C ALA A 413 11.15 -13.84 0.25
N LEU A 414 11.16 -13.55 -1.07
CA LEU A 414 12.32 -12.99 -1.77
C LEU A 414 12.69 -11.60 -1.22
N GLU A 415 11.67 -10.73 -1.06
CA GLU A 415 11.82 -9.36 -0.54
C GLU A 415 12.48 -9.40 0.86
N GLU A 416 11.98 -10.35 1.67
CA GLU A 416 12.41 -10.56 3.07
C GLU A 416 13.88 -11.00 3.14
N GLN A 417 14.22 -12.02 2.32
CA GLN A 417 15.59 -12.58 2.27
C GLN A 417 16.59 -11.55 1.69
N ALA A 418 16.09 -10.71 0.77
CA ALA A 418 16.87 -9.60 0.19
C ALA A 418 17.27 -8.60 1.28
N VAL A 419 16.27 -8.19 2.09
CA VAL A 419 16.45 -7.31 3.25
C VAL A 419 17.46 -7.92 4.25
N GLU A 420 17.24 -9.21 4.61
CA GLU A 420 18.03 -9.91 5.64
C GLU A 420 19.48 -10.19 5.18
N ALA A 421 19.70 -10.22 3.86
CA ALA A 421 21.06 -10.28 3.29
C ALA A 421 21.84 -8.98 3.61
N VAL A 422 21.09 -7.86 3.73
CA VAL A 422 21.66 -6.57 4.10
C VAL A 422 21.77 -6.47 5.64
N LEU A 423 20.78 -7.07 6.35
CA LEU A 423 20.74 -7.10 7.83
C LEU A 423 21.92 -7.89 8.42
N ALA A 424 22.34 -8.95 7.69
CA ALA A 424 23.53 -9.75 8.02
C ALA A 424 24.83 -8.90 7.94
N LYS A 425 24.76 -7.80 7.19
CA LYS A 425 25.87 -6.81 7.05
C LYS A 425 25.60 -5.55 7.89
N ALA A 426 24.33 -5.36 8.30
CA ALA A 426 23.88 -4.20 9.07
C ALA A 426 24.05 -4.42 10.57
N LYS A 427 23.79 -3.37 11.35
CA LYS A 427 23.83 -3.41 12.82
C LYS A 427 22.41 -3.46 13.36
N VAL A 428 21.84 -4.66 13.38
CA VAL A 428 20.50 -4.90 13.92
C VAL A 428 20.60 -5.07 15.43
N THR A 429 20.50 -3.94 16.16
CA THR A 429 20.44 -3.94 17.63
C THR A 429 19.05 -4.45 18.06
N GLU A 430 18.92 -4.88 19.33
CA GLU A 430 17.71 -5.53 19.81
C GLU A 430 17.47 -5.19 21.29
N LYS A 431 16.23 -4.80 21.62
CA LYS A 431 15.83 -4.54 23.02
C LYS A 431 14.47 -5.21 23.28
N GLU A 432 14.29 -5.74 24.51
CA GLU A 432 13.04 -6.40 24.94
C GLU A 432 12.07 -5.36 25.52
N THR A 433 10.79 -5.44 25.12
CA THR A 433 9.78 -4.39 25.39
C THR A 433 8.36 -5.00 25.36
N THR A 434 7.37 -4.23 25.87
CA THR A 434 5.95 -4.66 25.94
C THR A 434 5.19 -4.30 24.64
N PHE A 435 3.90 -4.71 24.58
CA PHE A 435 3.00 -4.48 23.43
C PHE A 435 2.70 -2.98 23.22
N ASN A 436 2.96 -2.18 24.28
CA ASN A 436 2.83 -0.72 24.26
C ASN A 436 3.73 -0.11 23.17
N GLU A 437 4.92 -0.73 22.98
CA GLU A 437 5.93 -0.30 21.98
C GLU A 437 5.31 -0.20 20.57
N LEU A 438 4.61 -1.28 20.18
CA LEU A 438 4.09 -1.45 18.82
C LEU A 438 3.01 -0.40 18.49
N MET A 439 2.05 -0.25 19.41
CA MET A 439 0.82 0.53 19.18
C MET A 439 1.05 2.04 19.33
N ASN A 440 1.96 2.44 20.23
CA ASN A 440 2.25 3.86 20.54
C ASN A 440 3.21 4.48 19.50
N GLN A 441 3.04 4.10 18.21
CA GLN A 441 3.85 4.61 17.08
C GLN A 441 2.89 5.12 16.00
N GLN A 442 2.38 6.33 16.21
CA GLN A 442 1.50 7.04 15.27
C GLN A 442 2.33 7.53 14.05
N ALA A 443 3.64 7.71 14.27
CA ALA A 443 4.63 7.98 13.22
C ALA A 443 6.02 7.53 13.74
N ALA B 3 -21.71 38.27 -23.59
CA ALA B 3 -20.87 38.94 -22.57
C ALA B 3 -19.86 37.92 -21.99
N ARG B 4 -18.58 38.08 -22.35
CA ARG B 4 -17.48 37.21 -21.86
C ARG B 4 -17.06 37.61 -20.43
N ALA B 5 -16.08 36.87 -19.88
CA ALA B 5 -15.56 37.08 -18.51
C ALA B 5 -16.70 36.94 -17.49
N ASP B 6 -17.16 35.69 -17.32
CA ASP B 6 -18.29 35.33 -16.45
C ASP B 6 -18.04 35.82 -15.01
N VAL B 7 -19.08 36.40 -14.38
CA VAL B 7 -19.00 36.94 -13.01
C VAL B 7 -18.75 35.79 -12.01
N THR B 8 -17.50 35.66 -11.56
CA THR B 8 -17.08 34.65 -10.59
C THR B 8 -16.39 35.37 -9.41
N LEU B 9 -17.22 35.83 -8.46
CA LEU B 9 -16.78 36.56 -7.27
C LEU B 9 -16.43 35.55 -6.15
N GLY B 10 -15.14 35.19 -6.04
CA GLY B 10 -14.63 34.34 -4.96
C GLY B 10 -14.61 35.07 -3.62
N GLY B 11 -14.65 34.31 -2.52
CA GLY B 11 -14.64 34.90 -1.17
C GLY B 11 -14.78 33.87 -0.06
N GLY B 12 -14.20 34.19 1.10
CA GLY B 12 -14.29 33.36 2.30
C GLY B 12 -14.26 34.19 3.57
N ALA B 13 -14.44 33.54 4.73
CA ALA B 13 -14.51 34.20 6.05
C ALA B 13 -13.59 33.50 7.07
N LYS B 14 -12.93 34.31 7.91
CA LYS B 14 -12.08 33.82 9.01
C LYS B 14 -12.83 33.95 10.33
N THR B 15 -13.34 32.82 10.82
CA THR B 15 -14.09 32.73 12.09
C THR B 15 -13.70 31.43 12.82
N PHE B 16 -14.34 31.18 13.98
CA PHE B 16 -14.13 29.97 14.79
C PHE B 16 -14.53 28.72 13.97
N ALA B 17 -13.76 27.63 14.14
CA ALA B 17 -13.90 26.39 13.37
C ALA B 17 -15.09 25.54 13.91
N GLU B 18 -16.32 26.01 13.59
CA GLU B 18 -17.64 25.37 13.92
C GLU B 18 -17.65 24.52 15.22
N THR B 19 -17.80 25.19 16.39
CA THR B 19 -17.97 24.52 17.72
C THR B 19 -16.70 23.72 18.16
N ALA B 20 -15.59 23.91 17.40
CA ALA B 20 -14.27 23.25 17.60
C ALA B 20 -14.28 21.77 17.18
N THR B 21 -15.10 20.96 17.85
CA THR B 21 -15.04 19.49 17.74
C THR B 21 -16.33 18.85 18.29
N ALA B 22 -16.29 17.50 18.50
CA ALA B 22 -17.33 16.73 19.19
C ALA B 22 -18.67 16.74 18.42
N GLY B 23 -19.81 16.85 19.13
CA GLY B 23 -21.13 16.75 18.51
C GLY B 23 -21.58 15.29 18.47
N GLU B 24 -20.79 14.46 17.74
CA GLU B 24 -20.88 12.98 17.79
C GLU B 24 -22.23 12.43 17.26
N TRP B 25 -23.06 13.30 16.62
CA TRP B 25 -24.36 12.90 16.01
C TRP B 25 -24.11 12.33 14.58
N GLN B 26 -23.17 11.39 14.50
CA GLN B 26 -22.68 10.82 13.23
C GLN B 26 -22.28 9.33 13.45
N GLY B 27 -22.58 8.81 14.68
CA GLY B 27 -22.26 7.42 15.04
C GLY B 27 -23.35 6.43 14.62
N LYS B 28 -23.10 5.13 14.93
CA LYS B 28 -23.97 3.97 14.56
C LYS B 28 -23.93 3.73 13.04
N THR B 29 -24.54 4.66 12.31
CA THR B 29 -24.62 4.67 10.84
C THR B 29 -23.45 5.51 10.25
N LEU B 30 -23.58 5.96 8.98
CA LEU B 30 -22.63 6.88 8.33
C LEU B 30 -22.77 8.27 9.01
N ARG B 31 -23.79 9.07 8.62
CA ARG B 31 -24.05 10.39 9.24
C ARG B 31 -25.30 10.38 10.17
N GLU B 32 -26.48 10.69 9.60
CA GLU B 32 -27.77 10.67 10.31
C GLU B 32 -28.64 9.50 9.82
N GLN B 33 -28.07 8.65 8.95
CA GLN B 33 -28.81 7.64 8.16
C GLN B 33 -29.42 6.48 9.03
N ALA B 34 -29.27 6.58 10.38
CA ALA B 34 -29.78 5.60 11.35
C ALA B 34 -31.31 5.48 11.32
N GLN B 35 -32.00 6.58 10.95
CA GLN B 35 -33.48 6.60 10.82
C GLN B 35 -33.94 5.73 9.64
N ALA B 36 -33.01 5.49 8.69
CA ALA B 36 -33.27 4.67 7.49
C ALA B 36 -33.02 3.16 7.75
N ARG B 37 -33.07 2.75 9.04
CA ARG B 37 -32.96 1.32 9.45
C ARG B 37 -34.08 0.45 8.82
N GLY B 38 -33.89 -0.87 8.88
CA GLY B 38 -34.77 -1.85 8.22
C GLY B 38 -34.13 -2.38 6.95
N TYR B 39 -33.81 -1.45 6.02
CA TYR B 39 -33.28 -1.76 4.68
C TYR B 39 -31.78 -1.38 4.57
N GLN B 40 -31.07 -1.41 5.71
CA GLN B 40 -29.60 -1.23 5.75
C GLN B 40 -28.90 -2.60 5.57
N LEU B 41 -27.57 -2.54 5.32
CA LEU B 41 -26.69 -3.72 5.06
C LEU B 41 -26.96 -4.33 3.65
N VAL B 42 -28.18 -4.92 3.47
CA VAL B 42 -28.67 -5.56 2.21
C VAL B 42 -27.62 -6.47 1.52
N SER B 43 -26.86 -7.19 2.37
CA SER B 43 -25.82 -8.14 1.94
C SER B 43 -26.42 -9.39 1.28
N ASP B 44 -25.54 -10.21 0.66
CA ASP B 44 -25.87 -11.50 -0.01
C ASP B 44 -26.66 -11.28 -1.32
N ALA B 45 -26.68 -10.02 -1.80
CA ALA B 45 -27.31 -9.63 -3.08
C ALA B 45 -26.48 -10.13 -4.27
N ALA B 46 -25.14 -10.18 -4.08
CA ALA B 46 -24.19 -10.76 -5.06
C ALA B 46 -23.67 -12.12 -4.56
N SER B 47 -24.43 -12.74 -3.64
CA SER B 47 -24.14 -14.05 -3.03
C SER B 47 -22.79 -14.03 -2.26
N LEU B 48 -22.68 -13.09 -1.30
CA LEU B 48 -21.57 -13.04 -0.32
C LEU B 48 -22.04 -12.31 0.94
N ASN B 49 -21.65 -12.82 2.11
CA ASN B 49 -22.08 -12.29 3.40
C ASN B 49 -21.09 -11.24 3.91
N SER B 50 -21.60 -10.13 4.48
CA SER B 50 -20.79 -9.03 5.02
C SER B 50 -20.31 -9.38 6.45
N VAL B 51 -19.27 -10.21 6.51
CA VAL B 51 -18.73 -10.75 7.79
C VAL B 51 -17.16 -10.73 7.77
N THR B 52 -16.59 -10.27 6.62
CA THR B 52 -15.13 -10.13 6.35
C THR B 52 -14.32 -11.43 6.71
N GLU B 53 -14.93 -12.58 6.40
CA GLU B 53 -14.30 -13.91 6.58
C GLU B 53 -13.29 -14.16 5.42
N ALA B 54 -12.19 -14.85 5.75
CA ALA B 54 -11.18 -15.27 4.76
C ALA B 54 -11.24 -16.79 4.60
N ASN B 55 -10.87 -17.50 5.69
CA ASN B 55 -11.02 -18.95 5.81
C ASN B 55 -11.53 -19.26 7.23
N GLN B 56 -10.91 -18.61 8.23
CA GLN B 56 -11.38 -18.66 9.62
C GLN B 56 -12.72 -17.91 9.75
N GLN B 57 -13.59 -18.39 10.66
CA GLN B 57 -14.96 -17.90 10.92
C GLN B 57 -15.07 -16.36 10.85
N LYS B 58 -14.32 -15.71 11.76
CA LYS B 58 -14.20 -14.24 11.81
C LYS B 58 -12.74 -13.88 12.14
N PRO B 59 -12.29 -12.63 11.79
CA PRO B 59 -10.93 -12.15 12.17
C PRO B 59 -10.82 -11.78 13.68
N LEU B 60 -11.97 -11.84 14.40
CA LEU B 60 -12.08 -11.54 15.85
C LEU B 60 -12.07 -10.02 16.12
N LEU B 61 -10.92 -9.35 15.88
CA LEU B 61 -10.73 -7.92 16.22
C LEU B 61 -10.69 -7.03 14.94
N GLY B 62 -9.67 -7.21 14.06
CA GLY B 62 -9.57 -6.45 12.80
C GLY B 62 -8.13 -6.03 12.46
N LEU B 63 -8.02 -4.93 11.71
CA LEU B 63 -6.74 -4.33 11.25
C LEU B 63 -6.15 -3.48 12.41
N PHE B 64 -5.98 -4.12 13.59
CA PHE B 64 -5.58 -3.44 14.81
C PHE B 64 -4.10 -3.01 14.74
N ALA B 65 -3.23 -3.94 14.34
CA ALA B 65 -1.78 -3.70 14.19
C ALA B 65 -1.30 -4.11 12.78
N ASP B 66 -2.02 -5.05 12.14
CA ASP B 66 -1.66 -5.56 10.81
C ASP B 66 -2.93 -5.99 10.05
N GLY B 67 -3.62 -7.00 10.60
CA GLY B 67 -4.81 -7.56 9.96
C GLY B 67 -5.09 -8.98 10.43
N ASN B 68 -4.82 -9.23 11.74
CA ASN B 68 -5.01 -10.55 12.44
C ASN B 68 -4.16 -11.65 11.79
N MET B 69 -4.71 -12.21 10.69
CA MET B 69 -4.10 -13.29 9.90
C MET B 69 -4.88 -13.39 8.57
N PRO B 70 -4.52 -12.56 7.54
CA PRO B 70 -5.10 -12.67 6.20
C PRO B 70 -4.22 -13.49 5.21
N VAL B 71 -4.88 -14.13 4.23
CA VAL B 71 -4.18 -14.70 3.05
C VAL B 71 -3.72 -13.58 2.10
N ARG B 72 -4.22 -12.35 2.32
CA ARG B 72 -3.78 -11.12 1.59
C ARG B 72 -2.41 -10.60 2.12
N TRP B 73 -2.00 -11.10 3.32
CA TRP B 73 -0.64 -10.94 3.91
C TRP B 73 -0.31 -9.54 4.43
N LEU B 74 0.80 -9.49 5.19
CA LEU B 74 1.36 -8.28 5.82
C LEU B 74 1.80 -7.23 4.77
N GLY B 75 2.56 -7.70 3.77
CA GLY B 75 3.13 -6.85 2.73
C GLY B 75 3.19 -7.59 1.41
N PRO B 76 2.03 -7.73 0.70
CA PRO B 76 1.95 -8.45 -0.58
C PRO B 76 2.76 -7.73 -1.69
N LYS B 77 4.03 -8.17 -1.87
CA LYS B 77 5.08 -7.45 -2.65
C LYS B 77 5.46 -6.12 -1.92
N ALA B 78 6.58 -5.49 -2.33
CA ALA B 78 6.99 -4.20 -1.76
C ALA B 78 7.59 -3.27 -2.82
N THR B 79 8.65 -3.76 -3.51
CA THR B 79 9.45 -2.92 -4.41
C THR B 79 9.22 -3.27 -5.90
N TYR B 80 10.06 -4.17 -6.47
CA TYR B 80 10.05 -4.49 -7.91
C TYR B 80 11.07 -5.61 -8.18
N HIS B 81 12.40 -5.24 -8.17
CA HIS B 81 13.57 -6.11 -8.51
C HIS B 81 13.68 -6.40 -10.04
N GLY B 82 12.54 -6.75 -10.68
CA GLY B 82 12.48 -7.06 -12.12
C GLY B 82 12.42 -8.56 -12.39
N ASN B 83 11.88 -9.31 -11.40
CA ASN B 83 11.89 -10.79 -11.36
C ASN B 83 13.31 -11.34 -11.57
N ILE B 84 14.12 -11.24 -10.52
CA ILE B 84 15.49 -11.77 -10.49
C ILE B 84 15.48 -13.30 -10.22
N ASP B 85 14.37 -13.77 -9.61
CA ASP B 85 14.19 -15.16 -9.19
C ASP B 85 14.19 -16.10 -10.42
N LYS B 86 13.00 -16.23 -11.07
CA LYS B 86 12.81 -17.01 -12.31
C LYS B 86 13.49 -18.42 -12.20
N PRO B 87 12.79 -19.42 -11.54
CA PRO B 87 13.41 -20.67 -10.96
C PRO B 87 14.64 -21.21 -11.73
N ALA B 88 15.83 -20.91 -11.20
CA ALA B 88 17.12 -21.17 -11.87
C ALA B 88 18.19 -21.60 -10.85
N VAL B 89 19.26 -22.23 -11.36
CA VAL B 89 20.41 -22.67 -10.54
C VAL B 89 21.50 -21.58 -10.53
N THR B 90 22.41 -21.64 -9.53
CA THR B 90 23.58 -20.77 -9.46
C THR B 90 24.51 -21.03 -10.68
N CYS B 91 24.78 -19.96 -11.45
CA CYS B 91 25.59 -20.03 -12.69
C CYS B 91 27.06 -20.35 -12.39
N THR B 92 27.58 -19.80 -11.29
CA THR B 92 28.95 -20.09 -10.83
C THR B 92 28.88 -20.48 -9.33
N PRO B 93 28.70 -21.80 -9.02
CA PRO B 93 28.69 -22.30 -7.62
C PRO B 93 30.12 -22.42 -7.05
#